data_6B3M
#
_entry.id   6B3M
#
_cell.length_a   174.582
_cell.length_b   205.368
_cell.length_c   222.265
_cell.angle_alpha   90.00
_cell.angle_beta   90.00
_cell.angle_gamma   90.00
#
_symmetry.space_group_name_H-M   'P 21 21 21'
#
loop_
_entity.id
_entity.type
_entity.pdbx_description
1 polymer 'Hemagglutinin HA1'
2 polymer 'Hemagglutinin HA2'
3 polymer '70-1F02 Fab Heavy Chain'
4 polymer '70-1F02 Fab Light Chain'
5 branched alpha-D-mannopyranose-(1-3)-alpha-D-mannopyranose-(1-4)-2-acetamido-2-deoxy-beta-D-glucopyranose-(1-4)-2-acetamido-2-deoxy-beta-D-glucopyranose
6 branched alpha-D-mannopyranose-(1-4)-2-acetamido-2-deoxy-beta-D-glucopyranose-(1-4)-2-acetamido-2-deoxy-beta-D-glucopyranose
7 branched 2-acetamido-2-deoxy-beta-D-glucopyranose-(1-4)-2-acetamido-2-deoxy-beta-D-glucopyranose
8 branched alpha-D-mannopyranose-(1-3)-[alpha-D-mannopyranose-(1-6)]alpha-D-mannopyranose-(1-4)-2-acetamido-2-deoxy-beta-D-glucopyranose-(1-4)-2-acetamido-2-deoxy-beta-D-glucopyranose
9 branched alpha-D-mannopyranose-(1-3)-[beta-D-mannopyranose-(1-6)]alpha-D-mannopyranose-(1-4)-2-acetamido-2-deoxy-beta-D-glucopyranose-(1-4)-2-acetamido-2-deoxy-beta-D-glucopyranose
10 branched beta-D-mannopyranose-(1-4)-alpha-D-mannopyranose-(1-4)-2-acetamido-2-deoxy-beta-D-glucopyranose-(1-4)-2-acetamido-2-deoxy-beta-D-glucopyranose
11 non-polymer 2-acetamido-2-deoxy-beta-D-glucopyranose
12 non-polymer beta-D-mannopyranose
#
loop_
_entity_poly.entity_id
_entity_poly.type
_entity_poly.pdbx_seq_one_letter_code
_entity_poly.pdbx_strand_id
1 'polypeptide(L)'
;DQICIGYHANNSTEQVDTIMEKNVTVTHAQDILEKKHNGKLCDLDGVKPLILRDCSVAGWLLGNPMCDEFINVPEWSYIV
EKANPVNDLCYPGDFNDYEELKHLLSRINHFEKIQIIPKSSWSSHEASLGVSSACPYQGKSSFFRNVVWLIKKNSTYPTI
KRSYNNTNQEDLLVLWGIHHPNDAAEQTKLYQNPTTYISVGTSTLNQRLVPRIATRSKVNGQSGRMEFFWTILKPNDAIN
FESNGNFIAPEYAYKIVKKGDSTIMKSELEYGNCNTKCQTPMGAINSSMPFHNIHPLTIGECPKYVKSNRLVLATGLRNS
PQRERRRKKR
;
A,E,G,K,Q,S
2 'polypeptide(L)'
;GLFGAIAGFIEGGWQGMVDGWYGYHHSNEQGSGYAADKESTQKAIDGVTNKVNSIIDKMNTQFEAVGREFNNLERRIENL
NKKMEDGFLDVWTYNAELLVLMENERTLDFHDSNVKNLYDKVRLQLRDNAKELGNGCFEFYHKCDNECMESVRNGTYDYP
QYSEEARLKREEISSGRLVPR
;
B,F,H,L,R,T
3 'polypeptide(L)'
;QVQLVQSGAEVKKPGSSVKVSCRASGGIFRSNAISWVRQAPGQGLEWMGNIIAVFGTANYAQKFQGRVTITADESTSTAY
MELSSLRSEDTAVYYCARGPYYYGNSHLDFWGQGTMVTVSSASTKGPSVFPLAPSSWMGNGTAALGCLVKDYFPEPVTVS
WNSGALTSGVHTFPAVLQSSGLYSLSSVVTVPSSSLGTQTYICNVNHKPSNTKVDKKVEPK
;
C,I,M,O,V,Y
4 'polypeptide(L)'
;EIVLTQSPGTLSLSPGERATLSCRASQSVSSNYLAWFQQKPGQAPRLLIYGASNRATGIPDRFSGSGSGTDFTLAISRLE
PEDFAVYYCQQYGTSPRTFGQGTKVEIKRTVAAPSVFIFPPSDEQLKSGTASVVCLLNNFYPREAKVQWKVDNALQSGNS
QESVTEQDSKDSTYSLSSTLTLSKADYEKHKVYACEVTHQGLSSPVTKSFNRGEC
;
P,U,J,D,W,N
#
loop_
_chem_comp.id
_chem_comp.type
_chem_comp.name
_chem_comp.formula
BMA D-saccharide, beta linking beta-D-mannopyranose 'C6 H12 O6'
MAN D-saccharide, alpha linking alpha-D-mannopyranose 'C6 H12 O6'
NAG D-saccharide, beta linking 2-acetamido-2-deoxy-beta-D-glucopyranose 'C8 H15 N O6'
#
# COMPACT_ATOMS: atom_id res chain seq x y z
N ASP A 1 9.71 20.33 44.13
CA ASP A 1 8.94 20.09 42.89
C ASP A 1 9.70 19.18 41.93
N GLN A 2 8.98 18.34 41.18
CA GLN A 2 9.58 17.37 40.23
C GLN A 2 8.84 17.20 38.90
N ILE A 3 9.61 17.02 37.81
CA ILE A 3 9.10 16.68 36.47
C ILE A 3 9.95 15.58 35.87
N CYS A 4 9.30 14.47 35.56
CA CYS A 4 9.97 13.25 35.15
C CYS A 4 9.38 12.79 33.81
N ILE A 5 10.25 12.28 32.92
CA ILE A 5 9.94 11.88 31.53
C ILE A 5 9.76 10.37 31.41
N GLY A 6 8.88 9.96 30.50
CA GLY A 6 8.75 8.55 30.15
C GLY A 6 7.86 8.28 28.96
N TYR A 7 7.55 7.00 28.77
CA TYR A 7 6.93 6.49 27.56
C TYR A 7 5.77 5.57 27.87
N HIS A 8 4.81 5.53 26.96
CA HIS A 8 3.55 4.79 27.12
C HIS A 8 3.79 3.31 27.32
N ALA A 9 2.82 2.65 27.92
CA ALA A 9 2.73 1.20 27.89
C ALA A 9 1.33 0.84 28.35
N ASN A 10 0.76 -0.19 27.76
CA ASN A 10 -0.61 -0.59 28.07
C ASN A 10 -0.66 -2.09 28.32
N ASN A 11 -1.81 -2.72 28.08
CA ASN A 11 -2.01 -4.13 28.34
C ASN A 11 -1.94 -5.02 27.09
N SER A 12 -1.20 -4.62 26.06
CA SER A 12 -1.13 -5.41 24.83
C SER A 12 -0.23 -6.60 24.96
N THR A 13 -0.60 -7.66 24.26
CA THR A 13 0.13 -8.90 24.24
C THR A 13 0.91 -9.12 22.93
N GLU A 14 0.63 -8.33 21.88
CA GLU A 14 1.13 -8.64 20.52
C GLU A 14 2.64 -8.62 20.41
N GLN A 15 3.21 -9.81 20.32
CA GLN A 15 4.64 -10.01 20.13
C GLN A 15 5.03 -9.80 18.67
N VAL A 16 6.24 -9.29 18.49
CA VAL A 16 6.80 -8.97 17.18
C VAL A 16 8.24 -9.37 17.19
N ASP A 17 8.67 -10.15 16.20
CA ASP A 17 10.08 -10.47 16.05
C ASP A 17 10.86 -9.30 15.50
N THR A 18 12.10 -9.15 15.96
CA THR A 18 13.07 -8.26 15.33
C THR A 18 14.34 -9.04 15.02
N ILE A 19 15.26 -8.39 14.33
CA ILE A 19 16.46 -9.03 13.83
C ILE A 19 17.33 -9.50 15.01
N MET A 20 17.45 -8.66 16.04
CA MET A 20 18.33 -8.95 17.19
C MET A 20 17.64 -9.55 18.42
N GLU A 21 16.34 -9.38 18.52
CA GLU A 21 15.54 -9.94 19.60
C GLU A 21 14.39 -10.72 19.01
N LYS A 22 13.98 -11.82 19.64
CA LYS A 22 12.77 -12.53 19.23
C LYS A 22 11.68 -12.42 20.28
N ASN A 23 10.43 -12.58 19.88
CA ASN A 23 9.27 -12.51 20.81
C ASN A 23 9.33 -11.28 21.71
N VAL A 24 9.17 -10.10 21.11
CA VAL A 24 9.20 -8.85 21.89
C VAL A 24 7.81 -8.31 21.98
N THR A 25 7.36 -8.06 23.21
CA THR A 25 5.99 -7.63 23.45
C THR A 25 5.88 -6.13 23.18
N VAL A 26 5.01 -5.76 22.24
CA VAL A 26 4.94 -4.38 21.74
C VAL A 26 3.54 -3.79 21.83
N THR A 27 3.50 -2.48 22.12
CA THR A 27 2.28 -1.69 22.36
C THR A 27 1.20 -1.77 21.30
N HIS A 28 1.61 -1.59 20.04
CA HIS A 28 0.71 -1.66 18.88
C HIS A 28 1.39 -2.35 17.69
N ALA A 29 0.64 -2.63 16.64
CA ALA A 29 1.16 -3.42 15.53
C ALA A 29 0.26 -3.40 14.32
N GLN A 30 0.79 -3.92 13.22
CA GLN A 30 0.09 -4.03 11.95
C GLN A 30 0.42 -5.35 11.26
N ASP A 31 -0.61 -6.08 10.84
CA ASP A 31 -0.45 -7.30 10.04
C ASP A 31 -0.21 -6.90 8.59
N ILE A 32 0.74 -7.57 7.93
CA ILE A 32 1.05 -7.35 6.52
C ILE A 32 0.65 -8.55 5.68
N LEU A 33 0.21 -9.63 6.29
CA LEU A 33 0.03 -10.87 5.57
C LEU A 33 -1.45 -11.21 5.53
N GLU A 34 -1.94 -11.48 4.32
CA GLU A 34 -3.34 -11.83 4.13
C GLU A 34 -3.57 -13.32 4.30
N LYS A 35 -4.30 -13.69 5.35
CA LYS A 35 -4.39 -15.06 5.78
C LYS A 35 -5.73 -15.69 5.47
N LYS A 36 -6.69 -14.88 5.02
CA LYS A 36 -8.09 -15.29 5.03
C LYS A 36 -8.69 -15.27 3.63
N HIS A 37 -9.67 -16.14 3.40
CA HIS A 37 -10.36 -16.22 2.12
C HIS A 37 -11.83 -16.55 2.33
N ASN A 38 -12.69 -16.08 1.41
CA ASN A 38 -14.15 -16.25 1.53
C ASN A 38 -14.65 -17.64 1.12
N GLY A 39 -13.78 -18.39 0.48
CA GLY A 39 -13.99 -19.80 0.24
C GLY A 39 -15.06 -20.11 -0.80
N LYS A 40 -15.30 -19.18 -1.72
CA LYS A 40 -16.31 -19.36 -2.73
C LYS A 40 -15.87 -18.53 -3.92
N LEU A 41 -15.75 -19.13 -5.10
CA LEU A 41 -15.13 -18.45 -6.23
C LEU A 41 -16.07 -17.50 -6.93
N CYS A 42 -15.50 -16.36 -7.34
CA CYS A 42 -16.23 -15.13 -7.61
C CYS A 42 -15.87 -14.53 -8.95
N ASP A 43 -16.52 -13.41 -9.27
CA ASP A 43 -16.28 -12.67 -10.50
C ASP A 43 -14.92 -11.98 -10.45
N LEU A 44 -14.30 -11.80 -11.62
CA LEU A 44 -13.14 -10.91 -11.77
C LEU A 44 -13.56 -9.63 -12.45
N ASP A 45 -13.77 -8.58 -11.66
CA ASP A 45 -14.18 -7.28 -12.20
C ASP A 45 -15.41 -7.44 -13.09
N GLY A 46 -16.48 -7.90 -12.48
CA GLY A 46 -17.79 -8.00 -13.10
C GLY A 46 -18.01 -9.11 -14.12
N VAL A 47 -17.02 -9.99 -14.28
CA VAL A 47 -17.06 -10.98 -15.33
C VAL A 47 -17.26 -12.40 -14.75
N LYS A 48 -18.35 -13.03 -15.19
CA LYS A 48 -18.78 -14.32 -14.69
C LYS A 48 -17.74 -15.34 -15.20
N PRO A 49 -17.12 -16.13 -14.31
CA PRO A 49 -16.32 -17.22 -14.82
C PRO A 49 -17.16 -18.37 -15.37
N LEU A 50 -16.62 -19.07 -16.36
CA LEU A 50 -17.29 -20.19 -16.98
C LEU A 50 -17.11 -21.45 -16.11
N ILE A 51 -18.15 -21.86 -15.39
CA ILE A 51 -18.07 -23.00 -14.49
C ILE A 51 -18.63 -24.25 -15.16
N LEU A 52 -17.79 -25.28 -15.27
CA LEU A 52 -18.20 -26.54 -15.84
C LEU A 52 -18.15 -27.60 -14.73
N ARG A 53 -19.32 -28.09 -14.36
CA ARG A 53 -19.44 -28.91 -13.18
C ARG A 53 -18.99 -30.34 -13.57
N ASP A 54 -19.87 -31.08 -14.24
CA ASP A 54 -19.68 -32.49 -14.55
C ASP A 54 -19.19 -32.62 -15.99
N CYS A 55 -18.59 -31.55 -16.52
CA CYS A 55 -18.25 -31.48 -17.92
C CYS A 55 -16.89 -30.83 -18.09
N SER A 56 -16.17 -31.25 -19.11
CA SER A 56 -14.86 -30.69 -19.48
C SER A 56 -15.08 -29.74 -20.63
N VAL A 57 -13.99 -29.11 -21.08
CA VAL A 57 -14.04 -28.17 -22.20
C VAL A 57 -14.35 -28.89 -23.50
N ALA A 58 -13.67 -30.02 -23.73
CA ALA A 58 -13.89 -30.81 -24.92
C ALA A 58 -15.38 -31.19 -25.09
N GLY A 59 -15.97 -31.72 -24.03
CA GLY A 59 -17.38 -32.14 -24.03
C GLY A 59 -18.39 -31.02 -24.12
N TRP A 60 -17.93 -29.81 -23.78
CA TRP A 60 -18.75 -28.61 -23.83
C TRP A 60 -18.79 -27.97 -25.21
N LEU A 61 -17.65 -27.96 -25.90
CA LEU A 61 -17.58 -27.49 -27.29
C LEU A 61 -18.36 -28.41 -28.24
N LEU A 62 -18.18 -29.69 -28.05
CA LEU A 62 -18.95 -30.69 -28.77
C LEU A 62 -20.22 -30.89 -27.94
N GLY A 63 -21.18 -31.65 -28.46
CA GLY A 63 -22.48 -31.77 -27.79
C GLY A 63 -22.61 -32.99 -26.90
N ASN A 64 -21.80 -33.08 -25.84
CA ASN A 64 -21.86 -34.26 -24.99
C ASN A 64 -23.25 -34.34 -24.39
N PRO A 65 -23.97 -35.44 -24.62
CA PRO A 65 -25.33 -35.53 -24.09
C PRO A 65 -25.45 -35.55 -22.55
N MET A 66 -24.49 -36.17 -21.87
CA MET A 66 -24.61 -36.42 -20.42
C MET A 66 -24.58 -35.15 -19.57
N CYS A 67 -23.73 -34.18 -19.95
CA CYS A 67 -23.81 -32.82 -19.42
C CYS A 67 -24.66 -32.00 -20.40
N ASP A 68 -24.94 -30.74 -20.07
CA ASP A 68 -25.79 -29.87 -20.93
C ASP A 68 -25.03 -28.67 -21.51
N GLU A 69 -25.36 -28.33 -22.76
CA GLU A 69 -24.74 -27.19 -23.47
C GLU A 69 -25.70 -25.99 -23.53
N PHE A 70 -26.50 -25.85 -22.46
CA PHE A 70 -27.43 -24.73 -22.30
C PHE A 70 -26.72 -23.45 -21.83
N ILE A 71 -25.43 -23.55 -21.50
CA ILE A 71 -24.65 -22.41 -21.07
C ILE A 71 -24.51 -21.44 -22.26
N ASN A 72 -25.41 -20.47 -22.31
CA ASN A 72 -25.34 -19.38 -23.28
C ASN A 72 -24.80 -18.12 -22.60
N VAL A 73 -23.67 -18.25 -21.90
CA VAL A 73 -22.93 -17.12 -21.37
C VAL A 73 -22.03 -16.67 -22.51
N PRO A 74 -22.10 -15.37 -22.90
CA PRO A 74 -21.38 -14.90 -24.10
C PRO A 74 -20.04 -14.23 -23.77
N GLU A 75 -19.59 -14.30 -22.52
CA GLU A 75 -18.40 -13.59 -22.10
C GLU A 75 -17.88 -14.12 -20.75
N TRP A 76 -16.58 -14.35 -20.61
CA TRP A 76 -16.02 -14.84 -19.34
C TRP A 76 -14.54 -14.49 -19.12
N SER A 77 -14.10 -14.66 -17.87
CA SER A 77 -12.75 -14.31 -17.39
C SER A 77 -11.79 -15.48 -17.22
N TYR A 78 -12.31 -16.60 -16.74
CA TYR A 78 -11.52 -17.80 -16.60
C TYR A 78 -12.45 -18.99 -16.55
N ILE A 79 -11.93 -20.15 -16.88
CA ILE A 79 -12.67 -21.37 -16.86
C ILE A 79 -12.41 -22.14 -15.56
N VAL A 80 -13.40 -22.91 -15.12
CA VAL A 80 -13.29 -23.72 -13.92
C VAL A 80 -13.74 -25.15 -14.18
N GLU A 81 -12.78 -26.04 -14.43
CA GLU A 81 -13.08 -27.48 -14.50
C GLU A 81 -12.93 -28.04 -13.11
N LYS A 82 -13.20 -29.32 -12.98
CA LYS A 82 -12.84 -30.07 -11.78
C LYS A 82 -11.66 -30.99 -12.09
N ALA A 83 -11.09 -31.54 -11.03
CA ALA A 83 -9.90 -32.41 -11.12
C ALA A 83 -10.00 -33.39 -12.28
N ASN A 84 -10.91 -34.36 -12.15
CA ASN A 84 -11.29 -35.28 -13.21
C ASN A 84 -12.78 -35.06 -13.47
N PRO A 85 -13.12 -34.32 -14.57
CA PRO A 85 -14.53 -34.12 -14.90
C PRO A 85 -15.13 -35.41 -15.44
N VAL A 86 -16.35 -35.72 -15.02
CA VAL A 86 -16.92 -37.05 -15.27
C VAL A 86 -17.24 -37.33 -16.75
N ASN A 87 -17.48 -36.28 -17.54
CA ASN A 87 -17.80 -36.41 -18.97
C ASN A 87 -16.84 -35.64 -19.89
N ASP A 88 -15.70 -36.27 -20.22
CA ASP A 88 -14.73 -35.70 -21.17
C ASP A 88 -15.22 -35.97 -22.60
N LEU A 89 -15.33 -37.25 -22.94
CA LEU A 89 -15.75 -37.67 -24.28
C LEU A 89 -16.52 -38.97 -24.15
N CYS A 90 -17.81 -38.96 -24.51
CA CYS A 90 -18.62 -40.17 -24.45
C CYS A 90 -18.02 -41.26 -25.36
N TYR A 91 -17.76 -40.89 -26.62
CA TYR A 91 -17.05 -41.75 -27.57
C TYR A 91 -15.56 -41.48 -27.40
N PRO A 92 -14.77 -42.49 -26.98
CA PRO A 92 -13.39 -42.27 -26.61
C PRO A 92 -12.53 -41.82 -27.77
N GLY A 93 -11.49 -41.08 -27.45
CA GLY A 93 -10.58 -40.62 -28.46
C GLY A 93 -9.56 -39.65 -27.94
N ASP A 94 -9.28 -38.64 -28.75
CA ASP A 94 -8.19 -37.70 -28.53
C ASP A 94 -8.60 -36.37 -29.17
N PHE A 95 -8.07 -35.27 -28.64
CA PHE A 95 -8.32 -33.92 -29.14
C PHE A 95 -6.94 -33.34 -29.45
N ASN A 96 -6.79 -32.73 -30.64
CA ASN A 96 -5.47 -32.27 -31.12
C ASN A 96 -5.21 -30.81 -30.73
N ASP A 97 -4.06 -30.56 -30.10
CA ASP A 97 -3.70 -29.25 -29.49
C ASP A 97 -4.73 -28.77 -28.47
N TYR A 98 -5.29 -29.72 -27.70
CA TYR A 98 -6.39 -29.47 -26.73
C TYR A 98 -6.02 -28.44 -25.70
N GLU A 99 -4.77 -28.48 -25.29
CA GLU A 99 -4.29 -27.64 -24.21
C GLU A 99 -4.19 -26.23 -24.73
N GLU A 100 -3.74 -26.07 -25.96
CA GLU A 100 -3.63 -24.73 -26.54
C GLU A 100 -4.96 -24.11 -26.86
N LEU A 101 -5.90 -24.93 -27.26
CA LEU A 101 -7.27 -24.47 -27.49
C LEU A 101 -7.89 -24.09 -26.17
N LYS A 102 -7.59 -24.86 -25.13
CA LYS A 102 -8.01 -24.53 -23.76
C LYS A 102 -7.54 -23.13 -23.38
N HIS A 103 -6.27 -22.84 -23.62
CA HIS A 103 -5.72 -21.53 -23.29
C HIS A 103 -6.37 -20.43 -24.12
N LEU A 104 -6.63 -20.71 -25.39
CA LEU A 104 -7.29 -19.75 -26.28
C LEU A 104 -8.68 -19.39 -25.80
N LEU A 105 -9.44 -20.40 -25.39
CA LEU A 105 -10.81 -20.22 -24.94
C LEU A 105 -10.92 -19.78 -23.49
N SER A 106 -9.81 -19.69 -22.77
CA SER A 106 -9.83 -19.36 -21.35
C SER A 106 -10.47 -18.02 -21.02
N ARG A 107 -10.30 -17.04 -21.92
CA ARG A 107 -10.84 -15.68 -21.69
C ARG A 107 -11.36 -15.06 -22.98
N ILE A 108 -12.68 -14.97 -23.07
CA ILE A 108 -13.33 -14.55 -24.28
C ILE A 108 -14.15 -13.32 -24.03
N ASN A 109 -14.23 -12.49 -25.05
CA ASN A 109 -15.00 -11.28 -25.00
C ASN A 109 -16.41 -11.49 -25.55
N HIS A 110 -16.54 -12.07 -26.75
CA HIS A 110 -17.86 -12.29 -27.39
C HIS A 110 -17.97 -13.72 -27.96
N PHE A 111 -19.12 -14.36 -27.72
CA PHE A 111 -19.24 -15.80 -27.92
C PHE A 111 -20.67 -16.23 -28.20
N GLU A 112 -20.89 -16.91 -29.32
CA GLU A 112 -22.21 -17.50 -29.66
C GLU A 112 -22.11 -18.64 -30.70
N LYS A 113 -23.06 -19.55 -30.65
CA LYS A 113 -23.10 -20.73 -31.51
C LYS A 113 -23.75 -20.34 -32.85
N ILE A 114 -23.27 -20.91 -33.97
CA ILE A 114 -23.81 -20.60 -35.33
C ILE A 114 -24.02 -21.85 -36.21
N GLN A 115 -25.08 -21.83 -37.03
CA GLN A 115 -25.30 -22.86 -38.07
C GLN A 115 -24.36 -22.61 -39.25
N ILE A 116 -23.49 -23.58 -39.54
CA ILE A 116 -22.61 -23.54 -40.72
C ILE A 116 -23.25 -24.39 -41.82
N ILE A 117 -23.55 -25.64 -41.52
CA ILE A 117 -24.28 -26.53 -42.43
C ILE A 117 -25.21 -27.46 -41.65
N PRO A 118 -26.54 -27.37 -41.87
CA PRO A 118 -27.44 -28.14 -41.00
C PRO A 118 -27.39 -29.66 -41.24
N LYS A 119 -28.05 -30.38 -40.34
CA LYS A 119 -28.21 -31.83 -40.45
C LYS A 119 -29.02 -32.20 -41.70
N SER A 120 -30.00 -31.35 -42.02
CA SER A 120 -30.91 -31.52 -43.14
C SER A 120 -30.24 -31.57 -44.52
N SER A 121 -29.17 -30.79 -44.69
CA SER A 121 -28.53 -30.61 -46.00
C SER A 121 -27.78 -31.83 -46.56
N TRP A 122 -27.53 -32.84 -45.73
CA TRP A 122 -26.91 -34.09 -46.18
C TRP A 122 -27.96 -35.05 -46.74
N SER A 123 -28.27 -34.88 -48.02
CA SER A 123 -29.29 -35.68 -48.71
C SER A 123 -28.70 -36.96 -49.31
N SER A 124 -27.53 -36.83 -49.93
CA SER A 124 -26.83 -37.98 -50.52
C SER A 124 -26.21 -38.95 -49.48
N HIS A 125 -26.07 -38.50 -48.22
CA HIS A 125 -25.51 -39.33 -47.13
C HIS A 125 -26.42 -39.35 -45.89
N GLU A 126 -26.46 -40.51 -45.23
CA GLU A 126 -27.40 -40.76 -44.12
C GLU A 126 -26.87 -40.25 -42.78
N ALA A 127 -27.41 -39.13 -42.34
CA ALA A 127 -27.00 -38.46 -41.09
C ALA A 127 -27.90 -38.80 -39.90
N SER A 128 -29.04 -39.44 -40.15
CA SER A 128 -29.99 -39.76 -39.10
C SER A 128 -29.41 -40.81 -38.14
N LEU A 129 -29.39 -42.09 -38.55
CA LEU A 129 -28.84 -43.16 -37.71
C LEU A 129 -27.31 -43.13 -37.84
N GLY A 130 -26.71 -42.18 -37.13
CA GLY A 130 -25.27 -42.03 -37.04
C GLY A 130 -24.90 -41.88 -35.57
N VAL A 131 -25.11 -42.95 -34.82
CA VAL A 131 -24.80 -43.03 -33.38
C VAL A 131 -24.19 -44.39 -33.06
N SER A 132 -23.92 -44.64 -31.78
CA SER A 132 -23.65 -46.00 -31.31
C SER A 132 -23.87 -46.13 -29.81
N SER A 133 -23.84 -47.38 -29.35
CA SER A 133 -24.07 -47.73 -27.95
C SER A 133 -22.97 -47.17 -27.05
N ALA A 134 -23.12 -45.91 -26.64
CA ALA A 134 -22.07 -45.20 -25.93
C ALA A 134 -22.54 -43.92 -25.26
N CYS A 135 -23.18 -43.04 -26.03
CA CYS A 135 -23.61 -41.70 -25.53
C CYS A 135 -25.14 -41.65 -25.33
N PRO A 136 -25.63 -41.87 -24.09
CA PRO A 136 -27.08 -41.88 -23.85
C PRO A 136 -27.68 -40.50 -23.58
N TYR A 137 -28.63 -40.06 -24.41
CA TYR A 137 -29.30 -38.78 -24.21
C TYR A 137 -30.43 -38.89 -23.17
N GLN A 138 -31.48 -39.66 -23.49
CA GLN A 138 -32.62 -39.88 -22.56
C GLN A 138 -32.84 -41.36 -22.32
N GLY A 139 -31.73 -42.11 -22.22
CA GLY A 139 -31.72 -43.57 -22.27
C GLY A 139 -31.30 -44.08 -23.65
N LYS A 140 -31.96 -43.59 -24.70
CA LYS A 140 -31.79 -44.09 -26.06
C LYS A 140 -30.46 -43.63 -26.69
N SER A 141 -29.85 -44.51 -27.49
CA SER A 141 -28.49 -44.29 -28.04
C SER A 141 -28.40 -43.02 -28.89
N SER A 142 -27.51 -42.11 -28.49
CA SER A 142 -27.29 -40.84 -29.18
C SER A 142 -25.79 -40.64 -29.48
N PHE A 143 -25.45 -39.42 -29.92
CA PHE A 143 -24.07 -39.03 -30.29
C PHE A 143 -23.91 -37.52 -30.06
N PHE A 144 -22.68 -37.03 -30.18
CA PHE A 144 -22.34 -35.59 -30.08
C PHE A 144 -23.28 -34.70 -30.88
N ARG A 145 -23.99 -33.85 -30.16
CA ARG A 145 -25.04 -32.99 -30.72
C ARG A 145 -24.54 -31.73 -31.48
N ASN A 146 -23.23 -31.53 -31.60
CA ASN A 146 -22.65 -30.43 -32.41
C ASN A 146 -21.77 -30.87 -33.60
N VAL A 147 -21.72 -32.17 -33.86
CA VAL A 147 -21.00 -32.71 -35.02
C VAL A 147 -21.76 -33.97 -35.51
N VAL A 148 -21.88 -34.11 -36.83
CA VAL A 148 -22.71 -35.15 -37.46
C VAL A 148 -21.82 -36.29 -37.93
N TRP A 149 -22.25 -37.54 -37.66
CA TRP A 149 -21.54 -38.74 -38.10
C TRP A 149 -22.17 -39.32 -39.38
N LEU A 150 -21.37 -39.36 -40.45
CA LEU A 150 -21.89 -39.68 -41.79
C LEU A 150 -21.78 -41.17 -42.15
N ILE A 151 -22.86 -41.73 -42.73
CA ILE A 151 -23.00 -43.14 -43.09
C ILE A 151 -23.44 -43.26 -44.58
N LYS A 152 -23.12 -44.39 -45.21
CA LYS A 152 -23.51 -44.67 -46.61
C LYS A 152 -25.03 -44.73 -46.80
N LYS A 153 -25.51 -44.34 -47.98
CA LYS A 153 -26.93 -44.51 -48.34
C LYS A 153 -27.11 -45.69 -49.28
N ASN A 154 -28.23 -46.41 -49.12
CA ASN A 154 -28.57 -47.62 -49.89
C ASN A 154 -27.41 -48.64 -49.75
N SER A 155 -26.37 -48.54 -50.58
CA SER A 155 -25.09 -49.24 -50.34
C SER A 155 -23.91 -48.61 -51.09
N THR A 156 -23.93 -47.28 -51.27
CA THR A 156 -22.87 -46.53 -51.97
C THR A 156 -22.57 -45.26 -51.16
N TYR A 157 -21.30 -44.87 -51.15
CA TYR A 157 -20.82 -43.68 -50.43
C TYR A 157 -20.25 -42.63 -51.39
N PRO A 158 -21.07 -41.62 -51.76
CA PRO A 158 -20.57 -40.54 -52.64
C PRO A 158 -19.44 -39.74 -52.00
N THR A 159 -18.54 -39.21 -52.82
CA THR A 159 -17.47 -38.32 -52.36
C THR A 159 -18.06 -36.95 -52.02
N ILE A 160 -17.83 -36.49 -50.80
CA ILE A 160 -18.30 -35.17 -50.33
C ILE A 160 -17.33 -34.09 -50.78
N LYS A 161 -17.87 -32.92 -51.08
CA LYS A 161 -17.05 -31.78 -51.51
C LYS A 161 -17.85 -30.50 -51.33
N ARG A 162 -17.81 -29.95 -50.12
CA ARG A 162 -18.52 -28.70 -49.79
C ARG A 162 -17.55 -27.71 -49.16
N SER A 163 -18.02 -26.49 -48.89
CA SER A 163 -17.18 -25.44 -48.25
C SER A 163 -18.02 -24.34 -47.58
N TYR A 164 -17.36 -23.46 -46.82
CA TYR A 164 -18.02 -22.36 -46.09
C TYR A 164 -17.20 -21.07 -46.08
N ASN A 165 -17.66 -20.10 -46.87
CA ASN A 165 -17.12 -18.72 -46.79
C ASN A 165 -17.71 -18.04 -45.58
N ASN A 166 -16.89 -17.23 -44.93
CA ASN A 166 -17.29 -16.55 -43.70
C ASN A 166 -17.93 -15.20 -44.00
N THR A 167 -19.25 -15.22 -44.18
CA THR A 167 -20.05 -13.99 -44.34
C THR A 167 -20.05 -13.14 -43.06
N ASN A 168 -19.90 -13.80 -41.89
CA ASN A 168 -19.80 -13.09 -40.60
C ASN A 168 -18.50 -12.32 -40.56
N GLN A 169 -18.53 -11.21 -39.81
CA GLN A 169 -17.39 -10.28 -39.65
C GLN A 169 -16.59 -10.52 -38.35
N GLU A 170 -17.23 -11.12 -37.34
CA GLU A 170 -16.51 -11.59 -36.18
C GLU A 170 -15.71 -12.83 -36.57
N ASP A 171 -14.62 -13.07 -35.86
CA ASP A 171 -13.79 -14.24 -36.12
C ASP A 171 -14.49 -15.51 -35.60
N LEU A 172 -14.25 -16.68 -36.23
CA LEU A 172 -14.84 -17.95 -35.74
C LEU A 172 -13.89 -19.15 -35.83
N LEU A 173 -14.22 -20.21 -35.10
CA LEU A 173 -13.47 -21.46 -35.17
C LEU A 173 -14.40 -22.61 -35.50
N VAL A 174 -13.85 -23.59 -36.23
CA VAL A 174 -14.58 -24.78 -36.63
C VAL A 174 -13.90 -25.96 -35.99
N LEU A 175 -14.70 -26.98 -35.72
CA LEU A 175 -14.21 -28.23 -35.18
C LEU A 175 -14.64 -29.35 -36.10
N TRP A 176 -13.80 -30.37 -36.26
CA TRP A 176 -14.19 -31.58 -37.00
C TRP A 176 -13.37 -32.76 -36.47
N GLY A 177 -13.49 -33.92 -37.13
CA GLY A 177 -12.68 -35.07 -36.75
C GLY A 177 -12.68 -36.26 -37.70
N ILE A 178 -12.25 -37.40 -37.18
CA ILE A 178 -12.16 -38.65 -37.94
C ILE A 178 -12.63 -39.83 -37.08
N HIS A 179 -13.42 -40.74 -37.65
CA HIS A 179 -13.73 -42.03 -37.02
C HIS A 179 -12.69 -43.07 -37.43
N HIS A 180 -11.96 -43.60 -36.45
CA HIS A 180 -10.98 -44.66 -36.67
C HIS A 180 -11.64 -46.01 -36.41
N PRO A 181 -11.73 -46.89 -37.42
CA PRO A 181 -12.39 -48.18 -37.18
C PRO A 181 -11.52 -49.20 -36.46
N ASN A 182 -12.15 -50.25 -35.97
CA ASN A 182 -11.45 -51.35 -35.31
C ASN A 182 -10.75 -52.29 -36.32
N ASP A 183 -11.42 -52.68 -37.41
CA ASP A 183 -10.85 -53.55 -38.47
C ASP A 183 -11.40 -53.29 -39.89
N ALA A 184 -10.77 -53.92 -40.89
CA ALA A 184 -11.19 -53.78 -42.29
C ALA A 184 -12.63 -54.28 -42.58
N ALA A 185 -13.15 -55.16 -41.72
CA ALA A 185 -14.55 -55.61 -41.80
C ALA A 185 -15.56 -54.51 -41.43
N GLU A 186 -15.22 -53.70 -40.43
CA GLU A 186 -16.07 -52.55 -40.05
C GLU A 186 -15.93 -51.37 -41.02
N GLN A 187 -14.83 -51.34 -41.79
CA GLN A 187 -14.68 -50.38 -42.90
C GLN A 187 -15.78 -50.52 -43.94
N THR A 188 -15.99 -51.74 -44.41
CA THR A 188 -17.02 -52.02 -45.42
C THR A 188 -18.46 -52.12 -44.85
N LYS A 189 -18.64 -52.14 -43.52
CA LYS A 189 -19.99 -52.14 -42.90
C LYS A 189 -20.61 -50.74 -42.86
N LEU A 190 -19.85 -49.77 -42.36
CA LEU A 190 -20.33 -48.39 -42.26
C LEU A 190 -20.22 -47.68 -43.59
N TYR A 191 -19.07 -47.83 -44.24
CA TYR A 191 -18.77 -47.16 -45.50
C TYR A 191 -18.53 -48.20 -46.56
N GLN A 192 -18.42 -47.74 -47.80
CA GLN A 192 -18.19 -48.64 -48.92
C GLN A 192 -16.89 -48.24 -49.59
N ASN A 193 -15.84 -48.10 -48.79
CA ASN A 193 -14.54 -47.74 -49.32
C ASN A 193 -13.48 -48.50 -48.55
N PRO A 194 -12.39 -48.93 -49.22
CA PRO A 194 -11.24 -49.47 -48.49
C PRO A 194 -10.28 -48.37 -48.02
N THR A 195 -9.70 -47.62 -48.97
CA THR A 195 -8.83 -46.48 -48.65
C THR A 195 -9.67 -45.20 -48.65
N THR A 196 -9.35 -44.31 -47.72
CA THR A 196 -10.13 -43.10 -47.47
C THR A 196 -9.21 -41.91 -47.21
N TYR A 197 -9.66 -40.73 -47.62
CA TYR A 197 -8.94 -39.46 -47.39
C TYR A 197 -9.92 -38.40 -46.92
N ILE A 198 -9.48 -37.58 -45.96
CA ILE A 198 -10.20 -36.38 -45.48
C ILE A 198 -9.24 -35.21 -45.51
N SER A 199 -9.57 -34.22 -46.34
CA SER A 199 -8.70 -33.08 -46.55
C SER A 199 -9.45 -31.81 -46.22
N VAL A 200 -8.75 -30.93 -45.50
CA VAL A 200 -9.28 -29.62 -45.13
C VAL A 200 -8.30 -28.55 -45.57
N GLY A 201 -8.87 -27.45 -46.06
CA GLY A 201 -8.14 -26.33 -46.62
C GLY A 201 -8.67 -24.97 -46.20
N THR A 202 -7.76 -24.11 -45.76
CA THR A 202 -8.03 -22.72 -45.37
C THR A 202 -6.80 -21.92 -45.79
N SER A 203 -6.88 -20.59 -45.73
CA SER A 203 -5.72 -19.71 -45.98
C SER A 203 -4.40 -20.19 -45.37
N THR A 204 -4.47 -20.71 -44.15
CA THR A 204 -3.27 -21.25 -43.46
C THR A 204 -3.19 -22.76 -43.58
N LEU A 205 -4.25 -23.42 -43.12
CA LEU A 205 -4.23 -24.85 -42.87
C LEU A 205 -4.10 -25.64 -44.16
N ASN A 206 -3.48 -26.81 -44.05
CA ASN A 206 -3.27 -27.68 -45.19
C ASN A 206 -3.01 -29.10 -44.71
N GLN A 207 -4.07 -29.90 -44.65
CA GLN A 207 -3.99 -31.26 -44.09
C GLN A 207 -4.66 -32.32 -44.95
N ARG A 208 -4.16 -33.54 -44.80
CA ARG A 208 -4.61 -34.72 -45.53
C ARG A 208 -4.52 -35.86 -44.52
N LEU A 209 -5.68 -36.28 -44.01
CA LEU A 209 -5.73 -37.23 -42.90
C LEU A 209 -6.23 -38.60 -43.35
N VAL A 210 -5.49 -39.64 -42.98
CA VAL A 210 -5.82 -41.02 -43.33
C VAL A 210 -6.20 -41.75 -42.03
N PRO A 211 -7.35 -42.46 -42.01
CA PRO A 211 -7.70 -43.18 -40.80
C PRO A 211 -6.77 -44.38 -40.55
N ARG A 212 -6.36 -44.54 -39.29
CA ARG A 212 -5.55 -45.65 -38.84
C ARG A 212 -6.44 -46.82 -38.43
N ILE A 213 -6.11 -48.00 -38.91
CA ILE A 213 -6.81 -49.22 -38.52
C ILE A 213 -5.82 -50.01 -37.65
N ALA A 214 -6.27 -50.47 -36.49
CA ALA A 214 -5.44 -51.22 -35.53
C ALA A 214 -6.29 -51.83 -34.41
N THR A 215 -5.81 -52.93 -33.82
CA THR A 215 -6.54 -53.60 -32.73
C THR A 215 -6.40 -52.72 -31.48
N ARG A 216 -7.53 -52.37 -30.88
CA ARG A 216 -7.58 -51.46 -29.72
C ARG A 216 -7.96 -52.24 -28.48
N SER A 217 -8.20 -51.53 -27.38
CA SER A 217 -8.98 -52.07 -26.26
C SER A 217 -10.30 -51.30 -26.16
N LYS A 218 -11.30 -51.95 -25.58
CA LYS A 218 -12.65 -51.39 -25.47
C LYS A 218 -12.68 -50.32 -24.36
N VAL A 219 -13.34 -49.20 -24.65
CA VAL A 219 -13.62 -48.17 -23.64
C VAL A 219 -15.03 -47.62 -23.85
N ASN A 220 -15.78 -47.51 -22.76
CA ASN A 220 -17.19 -47.07 -22.77
C ASN A 220 -18.05 -47.79 -23.83
N GLY A 221 -17.70 -49.05 -24.10
CA GLY A 221 -18.33 -49.83 -25.16
C GLY A 221 -17.44 -49.97 -26.38
N GLN A 222 -17.30 -48.88 -27.14
CA GLN A 222 -16.77 -48.94 -28.51
C GLN A 222 -15.23 -48.96 -28.53
N SER A 223 -14.67 -49.75 -29.47
CA SER A 223 -13.22 -50.08 -29.49
C SER A 223 -12.41 -49.03 -30.22
N GLY A 224 -12.88 -48.65 -31.40
CA GLY A 224 -12.23 -47.64 -32.22
C GLY A 224 -12.32 -46.23 -31.62
N ARG A 225 -11.45 -45.34 -32.10
CA ARG A 225 -11.27 -43.99 -31.54
C ARG A 225 -11.85 -42.89 -32.44
N MET A 226 -11.81 -41.65 -31.93
CA MET A 226 -12.41 -40.47 -32.56
C MET A 226 -11.53 -39.21 -32.40
N GLU A 227 -10.59 -39.01 -33.32
CA GLU A 227 -9.65 -37.85 -33.26
C GLU A 227 -10.31 -36.58 -33.78
N PHE A 228 -10.38 -35.55 -32.95
CA PHE A 228 -10.89 -34.23 -33.34
C PHE A 228 -9.78 -33.26 -33.63
N PHE A 229 -10.11 -32.21 -34.39
CA PHE A 229 -9.15 -31.20 -34.80
C PHE A 229 -9.89 -29.85 -34.80
N TRP A 230 -9.12 -28.77 -35.01
CA TRP A 230 -9.67 -27.40 -35.04
C TRP A 230 -8.69 -26.41 -35.65
N THR A 231 -9.23 -25.34 -36.25
CA THR A 231 -8.51 -24.06 -36.46
C THR A 231 -9.49 -22.91 -36.42
N ILE A 232 -8.93 -21.70 -36.44
CA ILE A 232 -9.72 -20.47 -36.42
C ILE A 232 -9.70 -19.84 -37.81
N LEU A 233 -10.90 -19.55 -38.32
CA LEU A 233 -11.12 -19.07 -39.68
C LEU A 233 -11.20 -17.57 -39.62
N LYS A 234 -10.41 -16.90 -40.47
CA LYS A 234 -10.38 -15.42 -40.51
C LYS A 234 -11.75 -14.85 -40.88
N PRO A 235 -12.00 -13.57 -40.54
CA PRO A 235 -13.34 -13.00 -40.80
C PRO A 235 -13.79 -13.02 -42.27
N ASN A 236 -12.82 -12.91 -43.19
CA ASN A 236 -13.06 -12.85 -44.62
C ASN A 236 -12.27 -13.98 -45.32
N ASP A 237 -12.64 -15.23 -45.04
CA ASP A 237 -12.00 -16.40 -45.64
C ASP A 237 -12.92 -17.64 -45.68
N ALA A 238 -12.54 -18.61 -46.52
CA ALA A 238 -13.30 -19.86 -46.72
C ALA A 238 -12.55 -21.10 -46.26
N ILE A 239 -13.24 -21.95 -45.52
CA ILE A 239 -12.80 -23.31 -45.25
C ILE A 239 -13.39 -24.28 -46.30
N ASN A 240 -12.55 -25.15 -46.85
CA ASN A 240 -12.95 -26.08 -47.91
C ASN A 240 -12.70 -27.51 -47.47
N PHE A 241 -13.71 -28.36 -47.56
CA PHE A 241 -13.60 -29.77 -47.16
C PHE A 241 -13.63 -30.69 -48.39
N GLU A 242 -13.15 -31.92 -48.20
CA GLU A 242 -13.27 -32.98 -49.21
C GLU A 242 -13.04 -34.32 -48.51
N SER A 243 -13.98 -35.26 -48.65
CA SER A 243 -13.93 -36.56 -47.96
C SER A 243 -14.47 -37.75 -48.77
N ASN A 244 -13.70 -38.83 -48.76
CA ASN A 244 -14.13 -40.11 -49.33
C ASN A 244 -14.97 -40.90 -48.32
N GLY A 245 -14.71 -40.70 -47.03
CA GLY A 245 -15.47 -41.37 -45.96
C GLY A 245 -14.78 -41.21 -44.61
N ASN A 246 -15.10 -42.08 -43.65
CA ASN A 246 -14.52 -42.07 -42.30
C ASN A 246 -14.46 -40.67 -41.67
N PHE A 247 -15.54 -39.90 -41.83
CA PHE A 247 -15.52 -38.46 -41.55
C PHE A 247 -16.67 -38.02 -40.66
N ILE A 248 -16.42 -37.02 -39.81
CA ILE A 248 -17.45 -36.39 -38.96
C ILE A 248 -17.44 -34.88 -39.07
N ALA A 249 -18.41 -34.35 -39.82
CA ALA A 249 -18.44 -32.94 -40.20
C ALA A 249 -19.14 -32.08 -39.15
N PRO A 250 -18.78 -30.78 -39.10
CA PRO A 250 -19.41 -29.85 -38.15
C PRO A 250 -20.86 -29.50 -38.51
N GLU A 251 -21.72 -29.44 -37.51
CA GLU A 251 -23.06 -28.83 -37.67
C GLU A 251 -22.94 -27.38 -37.23
N TYR A 252 -22.60 -27.19 -35.96
CA TYR A 252 -22.45 -25.85 -35.37
C TYR A 252 -20.98 -25.47 -35.27
N ALA A 253 -20.74 -24.18 -35.12
CA ALA A 253 -19.40 -23.61 -34.85
C ALA A 253 -19.56 -22.27 -34.12
N TYR A 254 -18.49 -21.81 -33.48
CA TYR A 254 -18.55 -20.70 -32.52
C TYR A 254 -17.93 -19.39 -33.02
N LYS A 255 -18.56 -18.27 -32.69
CA LYS A 255 -18.01 -16.92 -32.90
C LYS A 255 -17.12 -16.54 -31.72
N ILE A 256 -15.87 -16.20 -32.02
CA ILE A 256 -14.86 -15.86 -31.00
C ILE A 256 -14.33 -14.46 -31.24
N VAL A 257 -14.41 -13.61 -30.23
CA VAL A 257 -13.63 -12.36 -30.18
C VAL A 257 -12.73 -12.45 -28.96
N LYS A 258 -11.44 -12.68 -29.21
CA LYS A 258 -10.46 -12.85 -28.16
C LYS A 258 -9.75 -11.53 -27.85
N LYS A 259 -9.61 -11.26 -26.55
CA LYS A 259 -8.83 -10.14 -26.04
C LYS A 259 -8.31 -10.54 -24.65
N GLY A 260 -7.01 -10.76 -24.57
CA GLY A 260 -6.39 -11.15 -23.32
C GLY A 260 -6.52 -12.63 -23.05
N ASP A 261 -5.68 -13.10 -22.12
CA ASP A 261 -5.54 -14.53 -21.79
C ASP A 261 -5.69 -14.72 -20.29
N SER A 262 -6.01 -15.94 -19.88
CA SER A 262 -6.04 -16.27 -18.47
C SER A 262 -5.72 -17.76 -18.38
N THR A 263 -6.49 -18.54 -17.63
CA THR A 263 -6.30 -19.98 -17.61
C THR A 263 -7.47 -20.77 -17.04
N ILE A 264 -7.25 -22.07 -16.89
CA ILE A 264 -8.26 -22.96 -16.41
C ILE A 264 -7.92 -23.30 -14.98
N MET A 265 -8.61 -22.64 -14.05
CA MET A 265 -8.40 -22.87 -12.64
C MET A 265 -9.02 -24.20 -12.23
N LYS A 266 -8.26 -25.00 -11.51
CA LYS A 266 -8.76 -26.27 -11.06
C LYS A 266 -9.25 -26.17 -9.63
N SER A 267 -10.57 -26.18 -9.48
CA SER A 267 -11.21 -26.15 -8.15
C SER A 267 -12.52 -26.90 -8.13
N GLU A 268 -12.84 -27.45 -6.98
CA GLU A 268 -14.07 -28.19 -6.77
C GLU A 268 -15.25 -27.26 -6.51
N LEU A 269 -14.98 -26.05 -6.01
CA LEU A 269 -16.04 -25.13 -5.60
C LEU A 269 -17.01 -24.70 -6.70
N GLU A 270 -18.12 -24.09 -6.24
CA GLU A 270 -19.17 -23.53 -7.09
C GLU A 270 -19.33 -22.04 -6.77
N TYR A 271 -20.01 -21.33 -7.67
CA TYR A 271 -20.15 -19.86 -7.70
C TYR A 271 -20.70 -19.27 -6.41
N GLY A 272 -20.06 -18.22 -5.88
CA GLY A 272 -20.52 -17.52 -4.67
C GLY A 272 -21.19 -16.16 -4.80
N ASN A 273 -21.67 -15.82 -6.02
CA ASN A 273 -22.40 -14.57 -6.33
C ASN A 273 -21.82 -13.31 -5.65
N CYS A 274 -20.55 -13.08 -5.92
CA CYS A 274 -19.80 -11.98 -5.34
C CYS A 274 -18.86 -11.42 -6.43
N ASN A 275 -17.87 -10.60 -6.02
CA ASN A 275 -16.86 -10.01 -6.92
C ASN A 275 -15.57 -9.72 -6.17
N THR A 276 -14.44 -10.18 -6.72
CA THR A 276 -13.10 -9.87 -6.18
C THR A 276 -12.12 -9.47 -7.25
N LYS A 277 -11.02 -8.92 -6.77
CA LYS A 277 -9.94 -8.47 -7.61
C LYS A 277 -9.01 -9.61 -7.92
N CYS A 278 -9.04 -10.67 -7.13
CA CYS A 278 -8.36 -11.90 -7.54
C CYS A 278 -8.89 -13.18 -6.89
N GLN A 279 -8.54 -14.32 -7.49
CA GLN A 279 -9.13 -15.61 -7.20
C GLN A 279 -8.10 -16.68 -6.94
N THR A 280 -8.51 -17.67 -6.17
CA THR A 280 -7.72 -18.85 -5.86
C THR A 280 -8.65 -20.05 -5.74
N PRO A 281 -8.18 -21.24 -6.08
CA PRO A 281 -8.96 -22.46 -5.88
C PRO A 281 -9.58 -22.65 -4.49
N MET A 282 -8.88 -22.21 -3.44
CA MET A 282 -9.38 -22.29 -2.06
C MET A 282 -10.55 -21.33 -1.91
N GLY A 283 -10.31 -20.08 -2.25
CA GLY A 283 -11.33 -19.05 -2.13
C GLY A 283 -11.06 -17.82 -2.97
N ALA A 284 -11.30 -16.65 -2.38
CA ALA A 284 -10.99 -15.39 -3.03
C ALA A 284 -10.33 -14.47 -2.02
N ILE A 285 -9.50 -13.55 -2.51
CA ILE A 285 -8.70 -12.72 -1.63
C ILE A 285 -9.02 -11.26 -1.85
N ASN A 286 -8.90 -10.49 -0.76
CA ASN A 286 -9.13 -9.04 -0.81
C ASN A 286 -8.03 -8.29 -1.50
N SER A 287 -6.77 -8.55 -1.11
CA SER A 287 -5.59 -8.02 -1.83
C SER A 287 -5.28 -6.52 -1.60
N SER A 288 -5.48 -6.06 -0.38
CA SER A 288 -5.07 -4.73 0.05
C SER A 288 -3.61 -4.80 0.43
N MET A 289 -3.29 -5.70 1.37
CA MET A 289 -1.94 -5.90 1.87
C MET A 289 -1.09 -6.63 0.78
N PRO A 290 0.25 -6.62 0.89
CA PRO A 290 1.08 -7.07 -0.20
C PRO A 290 1.56 -8.52 -0.18
N PHE A 291 1.24 -9.31 0.83
CA PHE A 291 1.61 -10.75 0.78
C PHE A 291 0.42 -11.65 1.17
N HIS A 292 0.34 -12.84 0.56
CA HIS A 292 -0.64 -13.84 1.02
C HIS A 292 0.00 -15.20 1.16
N ASN A 293 -0.74 -16.12 1.77
CA ASN A 293 -0.23 -17.47 2.01
C ASN A 293 -1.31 -18.49 1.79
N ILE A 294 -2.21 -18.17 0.86
CA ILE A 294 -3.39 -18.95 0.62
C ILE A 294 -3.12 -20.11 -0.31
N HIS A 295 -2.85 -19.81 -1.57
CA HIS A 295 -2.61 -20.86 -2.55
C HIS A 295 -1.68 -20.33 -3.58
N PRO A 296 -0.78 -21.16 -4.06
CA PRO A 296 0.19 -20.62 -5.00
C PRO A 296 -0.43 -20.22 -6.34
N LEU A 297 -1.37 -21.00 -6.89
CA LEU A 297 -1.88 -20.68 -8.23
C LEU A 297 -3.18 -19.87 -8.29
N THR A 298 -3.00 -18.59 -8.58
CA THR A 298 -4.03 -17.58 -8.46
C THR A 298 -4.36 -17.01 -9.82
N ILE A 299 -5.48 -16.33 -9.90
CA ILE A 299 -5.91 -15.66 -11.12
C ILE A 299 -6.23 -14.24 -10.77
N GLY A 300 -5.49 -13.32 -11.35
CA GLY A 300 -5.78 -11.88 -11.21
C GLY A 300 -4.65 -11.11 -10.54
N GLU A 301 -5.01 -9.91 -10.06
CA GLU A 301 -4.07 -8.98 -9.42
C GLU A 301 -3.85 -9.34 -7.96
N CYS A 302 -3.30 -10.53 -7.72
CA CYS A 302 -3.09 -10.95 -6.36
C CYS A 302 -1.81 -10.31 -5.81
N PRO A 303 -1.66 -10.27 -4.47
CA PRO A 303 -0.39 -9.90 -3.87
C PRO A 303 0.62 -11.01 -4.11
N LYS A 304 1.73 -10.99 -3.38
CA LYS A 304 2.83 -11.95 -3.64
C LYS A 304 2.70 -13.18 -2.71
N TYR A 305 2.75 -14.39 -3.31
CA TYR A 305 2.59 -15.62 -2.55
C TYR A 305 3.86 -15.87 -1.80
N VAL A 306 3.73 -16.05 -0.49
CA VAL A 306 4.84 -16.18 0.42
C VAL A 306 4.64 -17.38 1.32
N LYS A 307 5.67 -18.20 1.51
CA LYS A 307 5.54 -19.36 2.40
C LYS A 307 5.91 -18.95 3.82
N SER A 308 4.99 -18.26 4.48
CA SER A 308 5.15 -17.93 5.90
C SER A 308 3.81 -17.69 6.59
N ASN A 309 3.80 -17.88 7.90
CA ASN A 309 2.58 -17.83 8.68
C ASN A 309 2.36 -16.49 9.32
N ARG A 310 3.42 -15.72 9.51
CA ARG A 310 3.35 -14.47 10.27
C ARG A 310 4.25 -13.42 9.64
N LEU A 311 3.68 -12.24 9.36
CA LEU A 311 4.46 -11.05 9.01
C LEU A 311 3.86 -9.88 9.72
N VAL A 312 4.30 -9.64 10.95
CA VAL A 312 3.71 -8.58 11.75
C VAL A 312 4.74 -7.51 11.97
N LEU A 313 4.25 -6.28 11.85
CA LEU A 313 5.09 -5.12 11.79
C LEU A 313 4.88 -4.31 13.04
N ALA A 314 5.97 -3.73 13.53
CA ALA A 314 5.93 -3.01 14.78
C ALA A 314 5.55 -1.60 14.48
N THR A 315 4.71 -1.04 15.35
CA THR A 315 4.30 0.36 15.28
C THR A 315 4.57 1.10 16.59
N GLY A 316 4.09 0.55 17.71
CA GLY A 316 4.34 1.11 19.06
C GLY A 316 5.77 0.89 19.55
N LEU A 317 5.95 0.72 20.86
CA LEU A 317 7.29 0.46 21.45
C LEU A 317 7.25 -0.67 22.50
N ARG A 318 8.39 -0.98 23.11
CA ARG A 318 8.44 -2.06 24.09
C ARG A 318 7.46 -1.88 25.29
N ASN A 319 6.61 -2.87 25.47
CA ASN A 319 5.64 -2.86 26.54
C ASN A 319 6.29 -3.52 27.75
N SER A 320 6.33 -2.79 28.87
CA SER A 320 6.98 -3.30 30.10
C SER A 320 5.91 -3.59 31.16
N PRO A 321 5.90 -4.80 31.76
CA PRO A 321 4.95 -5.07 32.85
C PRO A 321 5.63 -5.02 34.22
N GLY B 1 17.50 -1.01 23.90
CA GLY B 1 17.53 0.42 23.44
C GLY B 1 18.88 0.84 22.88
N LEU B 2 18.87 1.35 21.66
CA LEU B 2 20.09 1.89 21.05
C LEU B 2 20.48 3.21 21.67
N PHE B 3 19.48 4.07 21.92
CA PHE B 3 19.77 5.39 22.44
C PHE B 3 19.78 5.44 23.96
N GLY B 4 19.49 4.29 24.59
CA GLY B 4 19.64 4.13 26.03
C GLY B 4 18.53 4.80 26.79
N ALA B 5 17.36 4.82 26.15
CA ALA B 5 16.21 5.49 26.68
C ALA B 5 15.39 4.43 27.38
N ILE B 6 14.82 3.53 26.60
CA ILE B 6 13.69 2.74 27.07
C ILE B 6 14.11 1.56 27.93
N ALA B 7 14.96 0.69 27.41
CA ALA B 7 15.55 -0.35 28.26
C ALA B 7 16.47 0.26 29.33
N GLY B 8 17.12 1.37 28.97
CA GLY B 8 18.23 1.97 29.74
C GLY B 8 17.81 2.79 30.93
N PHE B 9 18.09 4.10 30.90
CA PHE B 9 17.93 4.91 32.09
C PHE B 9 16.49 5.21 32.54
N ILE B 10 15.50 4.97 31.68
CA ILE B 10 14.10 5.08 32.07
C ILE B 10 13.50 3.69 32.27
N GLU B 11 13.95 3.01 33.33
CA GLU B 11 13.57 1.60 33.58
C GLU B 11 12.05 1.51 33.70
N GLY B 12 11.39 0.89 32.71
CA GLY B 12 9.93 0.72 32.68
C GLY B 12 9.19 1.94 32.12
N GLY B 13 7.91 1.73 31.78
CA GLY B 13 7.08 2.76 31.16
C GLY B 13 5.83 3.10 31.95
N TRP B 14 5.48 4.38 32.00
CA TRP B 14 4.29 4.85 32.71
C TRP B 14 3.03 4.23 32.10
N GLN B 15 2.31 3.40 32.87
CA GLN B 15 1.09 2.79 32.38
C GLN B 15 -0.14 3.68 32.52
N GLY B 16 -0.08 4.63 33.44
CA GLY B 16 -1.17 5.58 33.68
C GLY B 16 -1.31 6.67 32.62
N MET B 17 -0.26 6.94 31.88
CA MET B 17 -0.36 7.80 30.69
C MET B 17 -1.04 7.02 29.57
N VAL B 18 -2.16 7.53 29.06
CA VAL B 18 -2.84 6.89 27.93
C VAL B 18 -3.26 7.91 26.88
N ASP B 19 -2.54 9.04 26.80
CA ASP B 19 -2.82 10.06 25.77
C ASP B 19 -1.92 9.90 24.55
N GLY B 20 -0.64 9.63 24.80
CA GLY B 20 0.38 9.53 23.75
C GLY B 20 1.43 8.46 24.03
N TRP B 21 2.49 8.46 23.22
CA TRP B 21 3.58 7.51 23.38
C TRP B 21 4.62 8.01 24.31
N TYR B 22 4.88 9.31 24.29
CA TYR B 22 5.93 9.91 25.12
C TYR B 22 5.32 10.99 26.03
N GLY B 23 5.86 11.15 27.24
CA GLY B 23 5.33 12.20 28.13
C GLY B 23 5.91 12.40 29.53
N TYR B 24 5.22 13.23 30.30
CA TYR B 24 5.74 13.79 31.54
C TYR B 24 4.92 13.44 32.78
N HIS B 25 5.58 13.45 33.95
CA HIS B 25 4.93 13.20 35.26
C HIS B 25 5.29 14.32 36.21
N HIS B 26 4.35 15.25 36.39
CA HIS B 26 4.53 16.35 37.35
C HIS B 26 4.05 15.94 38.74
N SER B 27 4.82 16.34 39.77
CA SER B 27 4.42 16.21 41.20
C SER B 27 4.84 17.45 41.99
N ASN B 28 4.04 18.51 41.88
CA ASN B 28 4.28 19.81 42.52
C ASN B 28 3.31 20.02 43.70
N GLU B 29 3.30 21.23 44.26
CA GLU B 29 2.48 21.56 45.43
C GLU B 29 0.96 21.34 45.25
N GLN B 30 0.45 21.57 44.04
CA GLN B 30 -0.99 21.43 43.74
C GLN B 30 -1.48 19.98 43.66
N GLY B 31 -0.62 19.09 43.17
CA GLY B 31 -0.92 17.67 43.11
C GLY B 31 0.01 16.95 42.15
N SER B 32 -0.25 15.65 41.96
CA SER B 32 0.47 14.85 40.95
C SER B 32 -0.42 14.58 39.74
N GLY B 33 0.19 14.09 38.67
CA GLY B 33 -0.52 13.81 37.42
C GLY B 33 0.39 13.56 36.23
N TYR B 34 -0.09 12.74 35.29
CA TYR B 34 0.58 12.49 34.01
C TYR B 34 0.04 13.46 32.97
N ALA B 35 0.87 13.77 31.99
CA ALA B 35 0.49 14.64 30.90
C ALA B 35 1.36 14.33 29.67
N ALA B 36 0.72 13.86 28.59
CA ALA B 36 1.47 13.39 27.42
C ALA B 36 1.78 14.50 26.44
N ASP B 37 2.98 14.43 25.84
CA ASP B 37 3.41 15.39 24.81
C ASP B 37 2.86 14.95 23.47
N LYS B 38 1.81 15.60 23.04
CA LYS B 38 1.08 15.17 21.86
C LYS B 38 1.84 15.54 20.58
N GLU B 39 2.64 16.60 20.61
CA GLU B 39 3.28 17.08 19.39
C GLU B 39 4.38 16.16 18.88
N SER B 40 5.20 15.64 19.78
CA SER B 40 6.26 14.69 19.41
C SER B 40 5.70 13.32 19.08
N THR B 41 4.66 12.92 19.80
CA THR B 41 3.94 11.69 19.50
C THR B 41 3.32 11.71 18.11
N GLN B 42 2.83 12.87 17.69
CA GLN B 42 2.19 12.99 16.36
C GLN B 42 3.18 12.77 15.25
N LYS B 43 4.40 13.27 15.41
CA LYS B 43 5.46 13.12 14.40
C LYS B 43 5.91 11.71 14.27
N ALA B 44 5.94 11.01 15.39
CA ALA B 44 6.23 9.58 15.41
C ALA B 44 5.16 8.82 14.64
N ILE B 45 3.89 9.10 14.92
CA ILE B 45 2.82 8.38 14.25
C ILE B 45 2.82 8.74 12.76
N ASP B 46 3.02 10.01 12.44
CA ASP B 46 3.12 10.43 11.04
C ASP B 46 4.22 9.62 10.34
N GLY B 47 5.34 9.44 11.03
CA GLY B 47 6.45 8.62 10.52
C GLY B 47 6.11 7.16 10.35
N VAL B 48 5.65 6.51 11.41
CA VAL B 48 5.29 5.10 11.35
C VAL B 48 4.17 4.87 10.33
N THR B 49 3.15 5.71 10.31
CA THR B 49 2.06 5.58 9.33
C THR B 49 2.65 5.60 7.94
N ASN B 50 3.69 6.40 7.74
CA ASN B 50 4.35 6.49 6.46
C ASN B 50 5.30 5.33 6.10
N LYS B 51 5.92 4.70 7.09
CA LYS B 51 6.73 3.50 6.85
C LYS B 51 5.83 2.42 6.28
N VAL B 52 4.79 2.11 7.03
CA VAL B 52 3.89 1.02 6.72
C VAL B 52 3.25 1.26 5.36
N ASN B 53 2.80 2.50 5.12
CA ASN B 53 2.33 2.90 3.80
C ASN B 53 3.39 2.60 2.73
N SER B 54 4.62 3.05 2.96
CA SER B 54 5.67 2.89 1.95
C SER B 54 6.00 1.43 1.63
N ILE B 55 5.92 0.54 2.62
CA ILE B 55 6.19 -0.88 2.38
C ILE B 55 5.12 -1.58 1.55
N ILE B 56 3.90 -1.06 1.57
CA ILE B 56 2.81 -1.61 0.76
C ILE B 56 2.69 -0.90 -0.60
N ASP B 57 2.71 0.43 -0.55
CA ASP B 57 2.49 1.28 -1.71
C ASP B 57 3.52 1.09 -2.83
N LYS B 58 4.76 0.76 -2.48
CA LYS B 58 5.84 0.60 -3.48
C LYS B 58 5.76 -0.66 -4.29
N MET B 59 5.03 -1.65 -3.79
CA MET B 59 4.91 -2.89 -4.51
C MET B 59 3.72 -2.95 -5.44
N ASN B 60 3.00 -1.82 -5.58
CA ASN B 60 1.84 -1.64 -6.51
C ASN B 60 1.97 -2.36 -7.88
N THR B 61 3.20 -2.60 -8.31
CA THR B 61 3.49 -3.44 -9.46
C THR B 61 3.05 -4.84 -9.09
N GLN B 62 1.82 -5.15 -9.51
CA GLN B 62 1.26 -6.49 -9.67
C GLN B 62 0.22 -6.49 -10.80
N PHE B 63 0.15 -7.56 -11.58
CA PHE B 63 -0.75 -7.65 -12.76
C PHE B 63 -1.65 -8.90 -12.74
N GLU B 64 -2.13 -9.31 -13.91
CA GLU B 64 -2.63 -10.65 -14.11
C GLU B 64 -1.63 -11.79 -13.83
N ALA B 65 -2.24 -12.95 -13.63
CA ALA B 65 -1.53 -14.14 -13.24
C ALA B 65 -2.34 -15.43 -13.55
N VAL B 66 -1.69 -16.58 -13.36
CA VAL B 66 -2.24 -17.92 -13.63
C VAL B 66 -1.61 -19.10 -12.79
N GLY B 67 -2.09 -20.32 -13.06
CA GLY B 67 -1.51 -21.59 -12.59
C GLY B 67 -1.07 -22.53 -13.72
N ARG B 68 -1.19 -23.85 -13.51
CA ARG B 68 -0.45 -24.85 -14.31
C ARG B 68 -1.25 -25.65 -15.36
N GLU B 69 -0.61 -25.89 -16.51
CA GLU B 69 -1.31 -25.98 -17.82
C GLU B 69 -0.56 -26.73 -18.95
N PHE B 70 0.14 -27.80 -18.61
CA PHE B 70 0.87 -28.64 -19.59
C PHE B 70 0.52 -30.11 -19.42
N ASN B 71 0.60 -30.85 -20.53
CA ASN B 71 0.28 -32.29 -20.57
C ASN B 71 1.50 -33.13 -20.16
N ASN B 72 1.28 -34.41 -19.88
CA ASN B 72 2.37 -35.25 -19.36
C ASN B 72 3.35 -35.75 -20.44
N LEU B 73 3.25 -35.23 -21.67
CA LEU B 73 4.33 -35.33 -22.66
C LEU B 73 5.14 -34.05 -22.79
N GLU B 74 4.94 -33.12 -21.85
CA GLU B 74 5.75 -31.89 -21.76
C GLU B 74 6.12 -31.63 -20.31
N ARG B 75 6.54 -32.65 -19.59
CA ARG B 75 6.84 -32.54 -18.16
C ARG B 75 8.07 -31.68 -17.91
N ARG B 76 8.95 -31.57 -18.92
CA ARG B 76 10.16 -30.75 -18.86
C ARG B 76 9.86 -29.27 -18.73
N ILE B 77 8.90 -28.81 -19.51
CA ILE B 77 8.45 -27.41 -19.47
C ILE B 77 7.67 -27.17 -18.19
N GLU B 78 6.91 -28.16 -17.71
CA GLU B 78 6.16 -28.04 -16.45
C GLU B 78 7.13 -27.92 -15.28
N ASN B 79 8.28 -28.58 -15.40
CA ASN B 79 9.36 -28.47 -14.42
C ASN B 79 10.02 -27.11 -14.50
N LEU B 80 10.14 -26.53 -15.68
CA LEU B 80 10.61 -25.14 -15.80
C LEU B 80 9.65 -24.12 -15.16
N ASN B 81 8.36 -24.38 -15.22
CA ASN B 81 7.40 -23.55 -14.53
C ASN B 81 7.67 -23.64 -13.05
N LYS B 82 7.71 -24.86 -12.53
CA LYS B 82 7.94 -25.11 -11.09
C LYS B 82 9.20 -24.42 -10.58
N LYS B 83 10.28 -24.47 -11.35
CA LYS B 83 11.55 -23.85 -10.95
C LYS B 83 11.40 -22.35 -10.74
N MET B 84 10.69 -21.71 -11.65
CA MET B 84 10.49 -20.28 -11.62
C MET B 84 9.56 -19.93 -10.47
N GLU B 85 8.47 -20.66 -10.37
CA GLU B 85 7.43 -20.37 -9.39
C GLU B 85 7.93 -20.61 -7.97
N ASP B 86 8.58 -21.75 -7.77
CA ASP B 86 9.29 -22.00 -6.51
C ASP B 86 10.38 -20.95 -6.28
N GLY B 87 11.13 -20.61 -7.32
CA GLY B 87 12.17 -19.58 -7.21
C GLY B 87 11.69 -18.24 -6.64
N PHE B 88 10.54 -17.76 -7.13
CA PHE B 88 10.01 -16.47 -6.66
C PHE B 88 9.51 -16.55 -5.25
N LEU B 89 8.75 -17.59 -4.98
CA LEU B 89 8.36 -17.92 -3.63
C LEU B 89 9.53 -17.89 -2.63
N ASP B 90 10.70 -18.36 -3.04
CA ASP B 90 11.86 -18.34 -2.16
C ASP B 90 12.28 -16.90 -1.94
N VAL B 91 12.37 -16.12 -3.02
CA VAL B 91 12.86 -14.74 -2.95
C VAL B 91 11.95 -13.88 -2.13
N TRP B 92 10.68 -13.88 -2.47
CA TRP B 92 9.69 -13.06 -1.77
C TRP B 92 9.52 -13.41 -0.30
N THR B 93 9.55 -14.69 0.02
CA THR B 93 9.50 -15.07 1.40
C THR B 93 10.68 -14.51 2.13
N TYR B 94 11.88 -14.75 1.60
CA TYR B 94 13.09 -14.24 2.23
C TYR B 94 13.10 -12.72 2.39
N ASN B 95 12.79 -12.02 1.31
CA ASN B 95 12.81 -10.56 1.30
C ASN B 95 11.76 -10.05 2.25
N ALA B 96 10.60 -10.69 2.27
CA ALA B 96 9.56 -10.21 3.16
C ALA B 96 10.01 -10.48 4.60
N GLU B 97 10.26 -11.74 4.91
CA GLU B 97 10.61 -12.11 6.28
C GLU B 97 11.68 -11.21 6.89
N LEU B 98 12.73 -10.91 6.13
CA LEU B 98 13.79 -10.03 6.61
C LEU B 98 13.42 -8.60 6.71
N LEU B 99 12.65 -8.12 5.75
CA LEU B 99 12.22 -6.73 5.77
C LEU B 99 11.49 -6.40 7.06
N VAL B 100 10.62 -7.30 7.47
CA VAL B 100 9.96 -7.15 8.73
C VAL B 100 11.00 -7.09 9.83
N LEU B 101 11.80 -8.13 9.98
CA LEU B 101 12.82 -8.14 11.03
C LEU B 101 13.69 -6.90 11.03
N MET B 102 14.01 -6.34 9.87
CA MET B 102 14.92 -5.19 9.84
C MET B 102 14.18 -3.92 10.22
N GLU B 103 13.05 -3.69 9.57
CA GLU B 103 12.27 -2.48 9.87
C GLU B 103 11.65 -2.49 11.25
N ASN B 104 11.57 -3.65 11.89
CA ASN B 104 11.10 -3.68 13.25
C ASN B 104 12.17 -3.27 14.22
N GLU B 105 13.44 -3.55 13.94
CA GLU B 105 14.45 -3.09 14.87
C GLU B 105 14.50 -1.59 14.83
N ARG B 106 14.59 -1.01 13.63
CA ARG B 106 14.73 0.45 13.51
C ARG B 106 13.50 1.24 13.99
N THR B 107 12.31 0.63 13.86
CA THR B 107 11.06 1.22 14.34
C THR B 107 11.12 1.34 15.85
N LEU B 108 11.56 0.30 16.55
CA LEU B 108 11.72 0.37 18.00
C LEU B 108 12.75 1.41 18.43
N ASP B 109 13.83 1.50 17.66
CA ASP B 109 14.93 2.44 17.95
C ASP B 109 14.55 3.88 17.65
N PHE B 110 13.72 4.10 16.64
CA PHE B 110 13.13 5.41 16.41
C PHE B 110 12.38 5.93 17.66
N HIS B 111 11.72 5.05 18.42
CA HIS B 111 11.06 5.46 19.64
C HIS B 111 12.04 5.83 20.72
N ASP B 112 13.01 4.96 20.98
CA ASP B 112 14.15 5.31 21.85
C ASP B 112 14.67 6.68 21.50
N SER B 113 14.94 6.91 20.22
CA SER B 113 15.47 8.19 19.74
C SER B 113 14.59 9.37 20.13
N ASN B 114 13.29 9.25 19.87
CA ASN B 114 12.36 10.31 20.23
C ASN B 114 12.31 10.61 21.74
N VAL B 115 12.41 9.56 22.56
CA VAL B 115 12.36 9.74 23.99
C VAL B 115 13.64 10.39 24.49
N LYS B 116 14.79 9.96 24.00
CA LYS B 116 16.05 10.57 24.45
C LYS B 116 16.15 12.02 24.01
N ASN B 117 15.56 12.36 22.86
CA ASN B 117 15.54 13.76 22.39
C ASN B 117 14.58 14.65 23.14
N LEU B 118 13.50 14.06 23.64
CA LEU B 118 12.56 14.78 24.47
C LEU B 118 13.18 15.12 25.83
N TYR B 119 13.74 14.11 26.52
CA TYR B 119 14.56 14.31 27.74
C TYR B 119 15.68 15.33 27.53
N ASP B 120 16.34 15.30 26.38
CA ASP B 120 17.38 16.29 26.06
C ASP B 120 16.82 17.70 25.83
N LYS B 121 15.60 17.81 25.28
CA LYS B 121 14.98 19.12 25.06
C LYS B 121 14.61 19.80 26.37
N VAL B 122 14.16 19.02 27.33
CA VAL B 122 13.92 19.51 28.68
C VAL B 122 15.24 19.89 29.37
N ARG B 123 16.20 18.99 29.33
CA ARG B 123 17.50 19.19 29.96
C ARG B 123 18.20 20.48 29.55
N LEU B 124 18.12 20.85 28.27
CA LEU B 124 18.82 22.04 27.77
C LEU B 124 18.16 23.37 28.13
N GLN B 125 16.85 23.37 28.33
CA GLN B 125 16.14 24.57 28.79
C GLN B 125 16.51 24.96 30.23
N LEU B 126 16.55 23.97 31.12
CA LEU B 126 16.84 24.20 32.54
C LEU B 126 18.19 23.58 32.91
N ARG B 127 19.24 24.37 32.81
CA ARG B 127 20.61 23.87 32.88
C ARG B 127 20.95 23.60 34.36
N ASP B 128 21.09 24.67 35.14
CA ASP B 128 21.39 24.57 36.58
C ASP B 128 20.18 24.86 37.48
N ASN B 129 19.02 25.10 36.86
CA ASN B 129 17.79 25.38 37.59
C ASN B 129 17.12 24.09 38.09
N ALA B 130 17.66 22.92 37.72
CA ALA B 130 17.18 21.64 38.24
C ALA B 130 18.32 20.62 38.35
N LYS B 131 17.99 19.49 38.95
CA LYS B 131 18.96 18.46 39.31
C LYS B 131 18.67 17.19 38.51
N GLU B 132 19.65 16.72 37.72
CA GLU B 132 19.53 15.44 36.97
C GLU B 132 19.54 14.23 37.89
N LEU B 133 18.39 13.63 38.12
CA LEU B 133 18.33 12.47 39.03
C LEU B 133 19.07 11.27 38.46
N GLY B 134 18.79 10.91 37.21
CA GLY B 134 19.36 9.68 36.61
C GLY B 134 18.34 8.57 36.36
N ASN B 135 17.19 8.68 37.02
CA ASN B 135 15.97 7.92 36.65
C ASN B 135 15.20 8.69 35.57
N GLY B 136 15.83 9.70 34.99
CA GLY B 136 15.24 10.46 33.93
C GLY B 136 14.30 11.52 34.48
N CYS B 137 14.47 11.90 35.75
CA CYS B 137 13.65 12.94 36.36
C CYS B 137 14.44 14.22 36.58
N PHE B 138 13.72 15.27 36.94
CA PHE B 138 14.31 16.57 37.24
C PHE B 138 13.75 17.20 38.52
N GLU B 139 14.57 17.24 39.57
CA GLU B 139 14.21 17.92 40.81
C GLU B 139 14.48 19.41 40.65
N PHE B 140 13.45 20.23 40.82
CA PHE B 140 13.60 21.68 40.81
C PHE B 140 14.21 22.21 42.10
N TYR B 141 15.10 23.20 41.95
CA TYR B 141 15.62 23.96 43.09
C TYR B 141 14.61 25.03 43.57
N HIS B 142 13.77 25.51 42.67
CA HIS B 142 12.77 26.55 42.99
C HIS B 142 11.35 26.00 42.90
N LYS B 143 10.41 26.75 43.44
CA LYS B 143 9.00 26.37 43.38
C LYS B 143 8.45 26.70 41.98
N CYS B 144 7.88 25.68 41.33
CA CYS B 144 7.29 25.80 39.99
C CYS B 144 5.87 25.19 39.99
N ASP B 145 4.87 26.07 39.98
CA ASP B 145 3.45 25.68 40.05
C ASP B 145 2.92 25.16 38.69
N ASN B 146 1.65 24.79 38.63
CA ASN B 146 1.04 24.25 37.40
C ASN B 146 1.09 25.21 36.19
N GLU B 147 0.98 26.52 36.43
CA GLU B 147 1.11 27.54 35.36
C GLU B 147 2.58 27.71 34.89
N CYS B 148 3.54 27.50 35.79
CA CYS B 148 4.98 27.52 35.46
C CYS B 148 5.38 26.33 34.57
N MET B 149 4.81 25.14 34.84
CA MET B 149 5.22 23.90 34.15
C MET B 149 4.74 23.73 32.71
N GLU B 150 3.63 24.38 32.36
CA GLU B 150 3.20 24.45 30.96
C GLU B 150 4.32 25.04 30.09
N SER B 151 5.11 25.96 30.66
CA SER B 151 6.25 26.57 29.97
C SER B 151 7.34 25.57 29.62
N VAL B 152 7.52 24.55 30.46
CA VAL B 152 8.49 23.49 30.20
C VAL B 152 8.03 22.59 29.05
N ARG B 153 6.78 22.14 29.13
CA ARG B 153 6.13 21.36 28.06
C ARG B 153 6.04 22.12 26.73
N ASN B 154 5.49 23.34 26.78
CA ASN B 154 5.39 24.24 25.62
C ASN B 154 6.79 24.53 25.07
N GLY B 155 7.76 24.66 25.98
CA GLY B 155 9.12 24.98 25.63
C GLY B 155 9.39 26.47 25.60
N THR B 156 8.69 27.21 26.46
CA THR B 156 8.83 28.68 26.57
C THR B 156 9.35 29.05 27.98
N TYR B 157 10.24 28.24 28.53
CA TYR B 157 10.68 28.38 29.92
C TYR B 157 11.79 29.43 30.05
N ASP B 158 11.54 30.43 30.90
CA ASP B 158 12.52 31.51 31.17
C ASP B 158 13.57 31.06 32.19
N TYR B 159 14.81 30.98 31.73
CA TYR B 159 15.94 30.83 32.63
C TYR B 159 16.12 32.04 33.58
N PRO B 160 16.12 33.29 33.04
CA PRO B 160 16.41 34.43 33.93
C PRO B 160 15.38 34.68 35.06
N GLN B 161 14.13 34.28 34.86
CA GLN B 161 13.06 34.49 35.87
C GLN B 161 13.33 33.78 37.20
N TYR B 162 13.78 32.53 37.13
CA TYR B 162 14.00 31.71 38.31
C TYR B 162 15.48 31.40 38.55
N SER B 163 16.39 32.27 38.08
CA SER B 163 17.82 32.01 38.15
C SER B 163 18.37 32.15 39.57
N GLU B 164 18.11 33.30 40.20
CA GLU B 164 18.61 33.58 41.57
C GLU B 164 18.01 32.69 42.67
N GLU B 165 16.77 32.22 42.44
CA GLU B 165 16.05 31.39 43.41
C GLU B 165 16.72 30.05 43.61
N ALA B 166 17.21 29.48 42.50
CA ALA B 166 17.91 28.21 42.50
C ALA B 166 19.37 28.35 42.89
N ARG B 167 20.06 29.30 42.26
CA ARG B 167 21.49 29.55 42.50
C ARG B 167 21.84 29.73 43.97
N LEU B 168 20.99 30.47 44.68
CA LEU B 168 21.20 30.74 46.10
C LEU B 168 20.54 29.67 47.01
N LYS B 169 19.71 28.79 46.43
CA LYS B 169 19.30 27.53 47.09
C LYS B 169 20.42 26.46 47.06
N ARG B 170 21.32 26.58 46.09
CA ARG B 170 22.40 25.60 45.85
C ARG B 170 23.50 25.61 46.93
N GLU B 171 23.90 26.81 47.36
CA GLU B 171 24.94 26.96 48.39
C GLU B 171 24.46 26.59 49.81
N GLU B 172 23.14 26.63 50.03
CA GLU B 172 22.52 26.28 51.32
C GLU B 172 22.76 24.80 51.68
N ILE B 173 22.64 23.94 50.67
CA ILE B 173 22.90 22.51 50.83
C ILE B 173 24.40 22.20 50.91
N SER B 174 25.21 22.88 50.09
CA SER B 174 26.66 22.69 50.12
C SER B 174 27.35 23.83 50.88
N GLN C 3 -13.92 9.82 1.12
CA GLN C 3 -12.96 9.13 2.03
C GLN C 3 -13.52 8.61 3.39
N LEU C 4 -14.65 9.14 3.85
CA LEU C 4 -15.33 8.58 5.03
C LEU C 4 -16.70 8.04 4.70
N VAL C 5 -17.11 6.96 5.37
CA VAL C 5 -18.37 6.29 5.06
C VAL C 5 -19.10 5.93 6.36
N GLN C 6 -20.41 6.16 6.36
CA GLN C 6 -21.23 5.89 7.52
C GLN C 6 -22.29 4.85 7.17
N SER C 7 -22.87 4.23 8.20
CA SER C 7 -23.94 3.22 8.06
C SER C 7 -25.24 3.80 7.49
N GLY C 8 -26.25 2.94 7.27
CA GLY C 8 -27.57 3.37 6.76
C GLY C 8 -28.51 3.91 7.83
N ALA C 9 -29.64 4.44 7.39
CA ALA C 9 -30.64 4.96 8.30
C ALA C 9 -31.22 3.84 9.17
N GLU C 10 -31.45 4.17 10.44
CA GLU C 10 -32.08 3.27 11.40
C GLU C 10 -33.20 4.01 12.14
N VAL C 11 -34.30 3.32 12.43
CA VAL C 11 -35.48 3.91 13.04
C VAL C 11 -35.80 3.18 14.35
N LYS C 12 -35.55 3.83 15.49
CA LYS C 12 -35.76 3.18 16.80
C LYS C 12 -36.89 3.82 17.63
N LYS C 13 -37.41 3.04 18.57
CA LYS C 13 -38.42 3.53 19.51
C LYS C 13 -37.71 4.27 20.65
N PRO C 14 -38.40 5.21 21.31
CA PRO C 14 -37.76 5.99 22.39
C PRO C 14 -37.41 5.16 23.62
N GLY C 15 -36.16 5.24 24.05
CA GLY C 15 -35.61 4.35 25.09
C GLY C 15 -34.63 3.34 24.52
N SER C 16 -34.97 2.81 23.34
CA SER C 16 -34.10 1.90 22.58
C SER C 16 -32.82 2.60 22.13
N SER C 17 -31.72 1.85 22.05
CA SER C 17 -30.37 2.39 21.74
C SER C 17 -29.96 2.19 20.28
N VAL C 18 -28.98 3.01 19.85
CA VAL C 18 -28.53 3.05 18.47
C VAL C 18 -27.02 3.14 18.36
N LYS C 19 -26.46 2.26 17.52
CA LYS C 19 -25.03 2.20 17.21
C LYS C 19 -24.80 2.58 15.74
N VAL C 20 -23.93 3.56 15.52
CA VAL C 20 -23.58 4.07 14.20
C VAL C 20 -22.09 3.96 13.93
N SER C 21 -21.75 3.48 12.73
CA SER C 21 -20.41 3.15 12.34
C SER C 21 -19.92 4.10 11.29
N CYS C 22 -18.75 4.67 11.52
CA CYS C 22 -18.04 5.52 10.56
C CYS C 22 -16.72 4.86 10.27
N ARG C 23 -16.62 4.24 9.11
CA ARG C 23 -15.38 3.60 8.65
C ARG C 23 -14.57 4.64 7.88
N ALA C 24 -13.44 5.01 8.46
CA ALA C 24 -12.49 5.90 7.81
C ALA C 24 -11.62 5.10 6.90
N SER C 25 -10.84 5.80 6.07
CA SER C 25 -9.95 5.13 5.12
C SER C 25 -8.93 6.09 4.51
N GLY C 26 -7.63 5.84 4.69
CA GLY C 26 -7.07 4.77 5.54
C GLY C 26 -6.97 3.39 4.91
N GLY C 27 -5.78 3.04 4.41
CA GLY C 27 -5.46 1.64 4.11
C GLY C 27 -5.13 0.78 5.33
N ILE C 28 -4.65 1.42 6.39
CA ILE C 28 -3.93 0.75 7.48
C ILE C 28 -4.63 1.06 8.77
N PHE C 29 -3.98 0.82 9.91
CA PHE C 29 -4.45 1.33 11.21
C PHE C 29 -4.56 2.84 11.18
N ARG C 30 -5.57 3.39 11.86
CA ARG C 30 -5.87 4.80 11.70
C ARG C 30 -4.92 5.68 12.52
N SER C 31 -4.76 6.86 11.95
CA SER C 31 -3.83 7.83 12.39
C SER C 31 -4.56 9.14 12.80
N ASN C 32 -5.89 9.11 12.77
CA ASN C 32 -6.70 10.33 12.87
C ASN C 32 -7.82 10.21 13.89
N ALA C 33 -8.06 11.27 14.63
CA ALA C 33 -9.04 11.21 15.68
C ALA C 33 -10.45 11.47 15.16
N ILE C 34 -11.31 10.46 15.15
CA ILE C 34 -12.66 10.68 14.70
C ILE C 34 -13.47 11.43 15.78
N SER C 35 -14.19 12.46 15.36
CA SER C 35 -15.18 13.16 16.18
C SER C 35 -16.57 12.94 15.63
N TRP C 36 -17.58 13.42 16.35
CA TRP C 36 -18.97 13.17 16.00
C TRP C 36 -19.79 14.43 16.18
N VAL C 37 -20.53 14.82 15.15
CA VAL C 37 -21.35 16.01 15.17
C VAL C 37 -22.74 15.72 14.63
N ARG C 38 -23.77 15.94 15.44
CA ARG C 38 -25.16 15.74 15.02
C ARG C 38 -25.84 17.05 14.59
N GLN C 39 -27.01 16.92 13.97
CA GLN C 39 -27.75 18.04 13.45
C GLN C 39 -29.26 17.76 13.28
N ALA C 40 -30.05 18.21 14.26
CA ALA C 40 -31.51 18.05 14.22
C ALA C 40 -32.06 18.92 13.11
N PRO C 41 -32.90 18.36 12.20
CA PRO C 41 -33.28 19.09 10.98
C PRO C 41 -33.66 20.57 11.22
N GLY C 42 -33.16 21.45 10.35
CA GLY C 42 -33.43 22.89 10.49
C GLY C 42 -32.37 23.58 11.32
N GLN C 43 -32.35 23.30 12.62
CA GLN C 43 -31.33 23.89 13.51
C GLN C 43 -29.90 23.45 13.12
N GLY C 44 -28.90 24.10 13.71
CA GLY C 44 -27.49 23.94 13.32
C GLY C 44 -26.76 22.75 13.94
N LEU C 45 -25.42 22.87 14.04
CA LEU C 45 -24.55 21.75 14.43
C LEU C 45 -24.26 21.68 15.93
N GLU C 46 -24.30 20.47 16.45
CA GLU C 46 -23.97 20.19 17.84
C GLU C 46 -22.91 19.10 17.89
N TRP C 47 -21.73 19.46 18.39
CA TRP C 47 -20.63 18.53 18.59
C TRP C 47 -20.98 17.57 19.70
N MET C 48 -20.55 16.32 19.59
CA MET C 48 -20.89 15.31 20.60
C MET C 48 -19.71 14.79 21.39
N GLY C 49 -18.75 14.21 20.68
CA GLY C 49 -17.59 13.56 21.29
C GLY C 49 -16.53 13.24 20.26
N ASN C 50 -15.28 13.16 20.69
CA ASN C 50 -14.16 12.78 19.84
C ASN C 50 -13.40 11.60 20.45
N ILE C 51 -12.75 10.80 19.60
CA ILE C 51 -12.05 9.57 20.01
C ILE C 51 -10.68 9.53 19.31
N ILE C 52 -9.61 9.69 20.09
CA ILE C 52 -8.24 9.71 19.51
C ILE C 52 -7.82 8.41 18.92
N ALA C 53 -6.86 8.50 18.00
CA ALA C 53 -6.54 7.39 17.11
C ALA C 53 -5.99 6.14 17.76
N VAL C 54 -4.77 6.22 18.26
CA VAL C 54 -3.97 5.02 18.49
C VAL C 54 -4.31 4.33 19.82
N PHE C 55 -4.80 5.12 20.78
CA PHE C 55 -4.94 4.68 22.16
C PHE C 55 -6.34 4.30 22.61
N GLY C 56 -7.34 4.86 21.92
CA GLY C 56 -8.74 4.48 22.10
C GLY C 56 -9.47 5.27 23.17
N THR C 57 -8.77 6.23 23.76
CA THR C 57 -9.36 7.06 24.82
C THR C 57 -10.32 8.10 24.20
N ALA C 58 -11.54 8.19 24.71
CA ALA C 58 -12.55 9.10 24.18
C ALA C 58 -12.69 10.30 25.09
N ASN C 59 -13.22 11.41 24.58
CA ASN C 59 -13.71 12.52 25.43
C ASN C 59 -15.08 12.91 24.95
N TYR C 60 -16.06 13.02 25.86
CA TYR C 60 -17.42 13.42 25.53
C TYR C 60 -17.73 14.81 26.09
N ALA C 61 -18.87 15.37 25.66
CA ALA C 61 -19.38 16.63 26.21
C ALA C 61 -20.13 16.40 27.50
N GLN C 62 -20.08 17.35 28.42
CA GLN C 62 -20.81 17.22 29.71
C GLN C 62 -22.33 17.18 29.54
N LYS C 63 -22.80 17.62 28.37
CA LYS C 63 -24.22 17.60 27.97
C LYS C 63 -24.80 16.18 27.85
N PHE C 64 -24.03 15.25 27.31
CA PHE C 64 -24.46 13.87 27.14
C PHE C 64 -23.87 12.98 28.24
N GLN C 65 -22.54 12.93 28.27
CA GLN C 65 -21.68 12.06 29.09
C GLN C 65 -22.22 10.67 29.45
N GLY C 66 -23.19 10.61 30.36
CA GLY C 66 -23.64 9.36 30.95
C GLY C 66 -24.39 8.41 30.04
N ARG C 67 -24.80 8.88 28.85
CA ARG C 67 -25.64 8.09 27.94
C ARG C 67 -25.13 7.94 26.50
N VAL C 68 -23.85 8.23 26.28
CA VAL C 68 -23.23 8.06 24.96
C VAL C 68 -21.82 7.50 25.11
N THR C 69 -21.48 6.54 24.26
CA THR C 69 -20.13 5.96 24.25
C THR C 69 -19.68 5.71 22.82
N ILE C 70 -18.43 6.08 22.52
CA ILE C 70 -17.81 5.92 21.18
C ILE C 70 -16.56 5.05 21.26
N THR C 71 -16.59 3.95 20.53
CA THR C 71 -15.54 2.96 20.54
C THR C 71 -14.75 3.07 19.24
N ALA C 72 -13.63 2.36 19.23
CA ALA C 72 -12.64 2.46 18.16
C ALA C 72 -12.04 1.09 17.86
N ASP C 73 -12.16 0.70 16.61
CA ASP C 73 -11.80 -0.63 16.15
C ASP C 73 -10.57 -0.38 15.25
N GLU C 74 -9.40 -0.80 15.71
CA GLU C 74 -8.15 -0.28 15.16
C GLU C 74 -7.76 -0.86 13.79
N SER C 75 -7.80 -2.19 13.67
CA SER C 75 -7.43 -2.88 12.42
C SER C 75 -8.10 -2.23 11.20
N THR C 76 -9.44 -2.28 11.13
CA THR C 76 -10.17 -1.76 9.98
C THR C 76 -10.27 -0.23 9.96
N SER C 77 -9.87 0.42 11.06
CA SER C 77 -9.83 1.89 11.17
C SER C 77 -11.25 2.49 11.19
N THR C 78 -12.13 1.88 11.96
CA THR C 78 -13.53 2.23 12.08
C THR C 78 -13.84 2.76 13.49
N ALA C 79 -14.58 3.85 13.56
CA ALA C 79 -15.10 4.35 14.80
C ALA C 79 -16.58 3.98 14.90
N TYR C 80 -17.07 3.86 16.14
CA TYR C 80 -18.46 3.56 16.39
C TYR C 80 -19.05 4.61 17.32
N MET C 81 -20.37 4.72 17.33
CA MET C 81 -21.08 5.67 18.19
C MET C 81 -22.38 5.08 18.77
N GLU C 82 -22.36 4.77 20.07
CA GLU C 82 -23.54 4.20 20.73
C GLU C 82 -24.22 5.28 21.58
N LEU C 83 -25.55 5.31 21.48
CA LEU C 83 -26.39 6.29 22.15
C LEU C 83 -27.51 5.59 22.95
N SER C 84 -27.70 6.01 24.20
CA SER C 84 -28.58 5.31 25.15
C SER C 84 -29.79 6.15 25.60
N SER C 85 -30.92 5.47 25.79
CA SER C 85 -32.19 6.10 26.23
C SER C 85 -32.54 7.28 25.33
N LEU C 86 -32.98 6.97 24.12
CA LEU C 86 -33.22 8.00 23.11
C LEU C 86 -34.56 8.70 23.32
N ARG C 87 -34.54 10.03 23.16
CA ARG C 87 -35.72 10.88 23.29
C ARG C 87 -36.27 11.23 21.91
N SER C 88 -37.37 11.97 21.88
CA SER C 88 -37.97 12.48 20.62
C SER C 88 -37.05 13.48 19.91
N GLU C 89 -36.33 14.28 20.70
CA GLU C 89 -35.47 15.37 20.18
C GLU C 89 -34.08 14.94 19.69
N ASP C 90 -33.66 13.72 20.04
CA ASP C 90 -32.44 13.09 19.48
C ASP C 90 -32.57 12.76 18.00
N THR C 91 -33.80 12.74 17.48
CA THR C 91 -34.08 12.63 16.04
C THR C 91 -33.26 13.63 15.26
N ALA C 92 -32.35 13.13 14.43
CA ALA C 92 -31.35 13.99 13.81
C ALA C 92 -30.57 13.30 12.70
N VAL C 93 -29.64 14.05 12.09
CA VAL C 93 -28.60 13.53 11.16
C VAL C 93 -27.25 13.57 11.87
N TYR C 94 -26.58 12.42 11.96
CA TYR C 94 -25.32 12.29 12.70
C TYR C 94 -24.15 12.15 11.74
N TYR C 95 -23.17 13.05 11.89
CA TYR C 95 -21.96 13.09 11.04
C TYR C 95 -20.74 12.71 11.85
N CYS C 96 -19.84 11.94 11.24
CA CYS C 96 -18.51 11.70 11.79
C CYS C 96 -17.53 12.53 11.00
N ALA C 97 -16.46 12.95 11.65
CA ALA C 97 -15.49 13.85 11.04
C ALA C 97 -14.15 13.55 11.62
N ARG C 98 -13.16 13.46 10.75
CA ARG C 98 -11.95 12.76 11.09
C ARG C 98 -10.86 13.66 11.65
N GLY C 99 -10.65 14.84 11.09
CA GLY C 99 -9.54 15.69 11.53
C GLY C 99 -8.12 15.21 11.19
N PRO C 100 -7.17 16.13 11.04
CA PRO C 100 -5.91 15.92 10.31
C PRO C 100 -4.89 15.10 11.06
N TYR C 101 -5.03 14.99 12.37
CA TYR C 101 -4.23 14.03 13.12
C TYR C 101 -4.91 13.64 14.42
N TYR C 102 -4.34 12.62 15.06
CA TYR C 102 -4.81 12.16 16.35
C TYR C 102 -4.61 13.32 17.34
N TYR C 103 -5.65 13.81 17.98
CA TYR C 103 -5.50 14.79 19.03
C TYR C 103 -6.70 14.84 19.96
N GLY C 104 -7.93 15.20 19.54
CA GLY C 104 -8.33 15.75 18.23
C GLY C 104 -8.61 17.25 18.32
N ASN C 105 -8.26 17.98 17.26
CA ASN C 105 -8.35 19.46 17.22
C ASN C 105 -9.07 19.96 15.93
N SER C 106 -8.44 20.54 14.89
CA SER C 106 -9.26 21.07 13.72
C SER C 106 -10.04 19.93 13.02
N HIS C 107 -10.99 20.24 12.12
CA HIS C 107 -11.57 19.19 11.23
C HIS C 107 -11.19 19.41 9.79
N ASP C 109 -11.50 18.44 8.93
CA ASP C 109 -11.07 18.50 7.50
C ASP C 109 -11.86 17.64 6.51
N PHE C 110 -12.14 16.41 6.90
CA PHE C 110 -12.88 15.48 6.08
C PHE C 110 -14.09 15.00 6.87
N TRP C 111 -15.25 15.20 6.29
CA TRP C 111 -16.52 14.96 6.93
C TRP C 111 -17.16 13.77 6.27
N GLY C 112 -18.00 13.06 7.00
CA GLY C 112 -18.66 11.87 6.50
C GLY C 112 -19.79 12.17 5.52
N GLN C 113 -20.80 11.31 5.56
CA GLN C 113 -21.98 11.48 4.75
C GLN C 113 -23.15 11.80 5.64
N GLY C 114 -23.35 10.99 6.68
CA GLY C 114 -24.42 11.18 7.65
C GLY C 114 -25.34 9.97 7.74
N THR C 115 -26.22 10.00 8.74
CA THR C 115 -27.13 8.90 9.03
C THR C 115 -28.42 9.43 9.67
N MET C 116 -29.55 9.29 8.97
CA MET C 116 -30.85 9.67 9.54
C MET C 116 -31.25 8.70 10.64
N VAL C 117 -31.54 9.24 11.83
CA VAL C 117 -32.04 8.44 12.96
C VAL C 117 -33.33 9.06 13.50
N THR C 118 -34.43 8.35 13.27
CA THR C 118 -35.75 8.83 13.63
C THR C 118 -36.18 8.13 14.93
N VAL C 119 -36.69 8.90 15.88
CA VAL C 119 -37.14 8.37 17.17
C VAL C 119 -38.56 8.89 17.43
N SER C 120 -39.57 8.22 16.87
CA SER C 120 -40.98 8.54 17.12
C SER C 120 -41.91 7.32 17.37
N SER C 121 -41.45 6.10 17.08
CA SER C 121 -42.23 4.87 17.30
C SER C 121 -43.53 4.84 16.49
N ALA C 122 -43.39 4.61 15.19
CA ALA C 122 -44.52 4.64 14.28
C ALA C 122 -44.41 3.52 13.28
N SER C 123 -45.57 3.09 12.78
CA SER C 123 -45.63 2.07 11.74
C SER C 123 -45.20 2.66 10.40
N THR C 124 -44.62 1.83 9.54
CA THR C 124 -44.25 2.21 8.17
C THR C 124 -45.49 2.21 7.24
N LYS C 125 -46.37 3.18 7.42
CA LYS C 125 -47.63 3.27 6.65
C LYS C 125 -47.37 4.09 5.38
N GLY C 126 -48.00 3.68 4.29
CA GLY C 126 -47.88 4.37 3.02
C GLY C 126 -48.54 5.75 3.03
N PRO C 127 -48.15 6.62 2.10
CA PRO C 127 -48.72 7.97 2.02
C PRO C 127 -50.05 8.03 1.26
N SER C 128 -51.06 8.65 1.87
CA SER C 128 -52.37 8.81 1.24
C SER C 128 -52.34 9.99 0.27
N VAL C 129 -52.36 9.71 -1.03
CA VAL C 129 -52.38 10.75 -2.08
C VAL C 129 -53.82 11.14 -2.45
N PHE C 130 -54.15 12.42 -2.25
CA PHE C 130 -55.51 12.94 -2.53
C PHE C 130 -55.47 14.05 -3.61
N PRO C 131 -56.42 14.01 -4.58
CA PRO C 131 -56.37 14.99 -5.67
C PRO C 131 -56.90 16.40 -5.30
N LEU C 132 -56.05 17.42 -5.42
CA LEU C 132 -56.45 18.83 -5.18
C LEU C 132 -56.85 19.53 -6.48
N ALA C 133 -57.89 20.37 -6.40
CA ALA C 133 -58.45 21.05 -7.57
C ALA C 133 -58.16 22.56 -7.58
N PRO C 134 -58.06 23.17 -8.78
CA PRO C 134 -57.83 24.62 -8.90
C PRO C 134 -59.10 25.48 -8.85
N SER C 135 -59.11 26.46 -7.95
CA SER C 135 -60.29 27.32 -7.67
C SER C 135 -60.22 28.64 -8.44
N SER C 136 -61.32 29.00 -9.11
CA SER C 136 -61.42 30.22 -9.92
C SER C 136 -62.36 31.18 -9.21
N GLY C 141 -55.08 33.65 -16.33
CA GLY C 141 -53.66 33.49 -16.59
C GLY C 141 -53.08 32.22 -16.02
N THR C 142 -52.30 32.36 -14.96
CA THR C 142 -51.53 31.26 -14.34
C THR C 142 -52.22 30.75 -13.07
N ALA C 143 -52.42 29.43 -13.00
CA ALA C 143 -53.06 28.75 -11.86
C ALA C 143 -52.14 27.68 -11.27
N ALA C 144 -52.52 27.15 -10.10
CA ALA C 144 -51.75 26.12 -9.38
C ALA C 144 -52.62 24.95 -8.92
N LEU C 145 -52.09 23.74 -9.09
CA LEU C 145 -52.76 22.48 -8.70
C LEU C 145 -51.73 21.41 -8.34
N GLY C 146 -52.07 20.50 -7.43
CA GLY C 146 -51.12 19.43 -7.07
C GLY C 146 -51.64 18.31 -6.21
N CYS C 147 -50.70 17.50 -5.74
CA CYS C 147 -50.98 16.28 -4.96
C CYS C 147 -50.73 16.52 -3.47
N LEU C 148 -51.73 16.20 -2.65
CA LEU C 148 -51.62 16.29 -1.19
C LEU C 148 -51.18 14.92 -0.65
N VAL C 149 -50.05 14.90 0.06
CA VAL C 149 -49.43 13.66 0.58
C VAL C 149 -49.39 13.66 2.10
N LYS C 150 -50.36 12.97 2.73
CA LYS C 150 -50.57 13.02 4.18
C LYS C 150 -50.37 11.67 4.84
N ASP C 151 -49.94 11.71 6.11
CA ASP C 151 -49.82 10.54 6.98
C ASP C 151 -48.97 9.42 6.40
N TYR C 152 -47.66 9.58 6.55
CA TYR C 152 -46.67 8.57 6.14
C TYR C 152 -45.46 8.61 7.09
N PHE C 153 -44.64 7.57 6.99
CA PHE C 153 -43.48 7.38 7.88
C PHE C 153 -42.53 6.33 7.28
N PRO C 154 -41.24 6.58 7.18
CA PRO C 154 -40.58 7.87 7.41
C PRO C 154 -39.99 8.37 6.06
N GLU C 155 -39.01 9.28 6.11
CA GLU C 155 -38.42 9.91 4.90
C GLU C 155 -37.67 8.91 4.03
N PRO C 156 -37.53 9.12 2.71
CA PRO C 156 -38.00 10.29 1.96
C PRO C 156 -39.24 10.01 1.10
N VAL C 157 -39.68 11.00 0.32
CA VAL C 157 -40.81 10.88 -0.58
C VAL C 157 -40.58 11.72 -1.86
N THR C 158 -39.90 11.13 -2.83
CA THR C 158 -39.67 11.81 -4.11
C THR C 158 -40.90 11.71 -5.02
N VAL C 159 -41.21 12.81 -5.72
CA VAL C 159 -42.43 12.92 -6.55
C VAL C 159 -42.13 13.20 -8.03
N SER C 160 -42.43 12.22 -8.90
CA SER C 160 -42.24 12.31 -10.35
C SER C 160 -43.53 12.77 -11.04
N TRP C 161 -43.59 14.06 -11.37
CA TRP C 161 -44.74 14.62 -12.11
C TRP C 161 -44.70 14.18 -13.58
N ASN C 162 -45.69 13.37 -13.98
CA ASN C 162 -45.79 12.77 -15.32
C ASN C 162 -44.53 11.96 -15.74
N SER C 163 -43.87 11.33 -14.76
CA SER C 163 -42.59 10.62 -14.95
C SER C 163 -41.49 11.51 -15.58
N GLY C 164 -41.34 12.73 -15.05
CA GLY C 164 -40.34 13.69 -15.53
C GLY C 164 -40.70 14.54 -16.75
N ALA C 165 -41.93 14.43 -17.23
CA ALA C 165 -42.40 15.17 -18.42
C ALA C 165 -42.72 16.64 -18.14
N LEU C 166 -43.20 16.92 -16.93
CA LEU C 166 -43.44 18.30 -16.45
C LEU C 166 -42.72 18.52 -15.12
N THR C 167 -41.55 19.16 -15.20
CA THR C 167 -40.70 19.45 -14.04
C THR C 167 -40.25 20.94 -13.88
N SER C 168 -40.83 21.86 -14.66
CA SER C 168 -40.52 23.31 -14.61
C SER C 168 -41.49 24.13 -13.73
N GLY C 169 -40.98 24.65 -12.62
CA GLY C 169 -41.79 25.37 -11.63
C GLY C 169 -42.36 24.52 -10.51
N VAL C 170 -41.88 23.27 -10.34
CA VAL C 170 -42.36 22.38 -9.27
C VAL C 170 -41.63 22.71 -7.97
N HIS C 171 -42.40 22.85 -6.89
CA HIS C 171 -41.87 23.16 -5.57
C HIS C 171 -42.29 22.07 -4.59
N THR C 172 -41.35 21.22 -4.17
CA THR C 172 -41.59 20.19 -3.17
C THR C 172 -41.18 20.73 -1.80
N PHE C 173 -42.17 20.87 -0.92
CA PHE C 173 -41.97 21.43 0.41
C PHE C 173 -41.43 20.36 1.34
N PRO C 174 -40.49 20.70 2.24
CA PRO C 174 -40.09 19.77 3.31
C PRO C 174 -41.23 19.51 4.32
N ALA C 175 -41.33 18.27 4.79
CA ALA C 175 -42.47 17.84 5.63
C ALA C 175 -42.43 18.40 7.06
N VAL C 176 -43.45 18.04 7.84
CA VAL C 176 -43.53 18.40 9.25
C VAL C 176 -44.07 17.26 10.10
N LEU C 177 -43.58 17.15 11.33
CA LEU C 177 -44.08 16.19 12.31
C LEU C 177 -45.37 16.74 12.91
N GLN C 178 -46.45 15.98 12.79
CA GLN C 178 -47.75 16.34 13.39
C GLN C 178 -47.79 16.02 14.88
N SER C 179 -48.79 16.55 15.58
CA SER C 179 -49.10 16.14 16.96
C SER C 179 -49.38 14.63 17.01
N SER C 180 -50.05 14.14 15.97
CA SER C 180 -50.25 12.70 15.71
C SER C 180 -48.93 11.90 15.70
N GLY C 181 -47.89 12.48 15.12
CA GLY C 181 -46.55 11.86 15.07
C GLY C 181 -46.26 11.21 13.72
N LEU C 182 -46.78 11.82 12.66
CA LEU C 182 -46.67 11.31 11.29
C LEU C 182 -46.27 12.47 10.38
N TYR C 183 -45.45 12.16 9.39
CA TYR C 183 -44.95 13.17 8.44
C TYR C 183 -46.03 13.51 7.43
N SER C 184 -45.97 14.73 6.89
CA SER C 184 -46.94 15.20 5.90
C SER C 184 -46.43 16.44 5.17
N LEU C 185 -46.52 16.44 3.84
CA LEU C 185 -46.08 17.57 3.00
C LEU C 185 -46.99 17.81 1.81
N SER C 186 -46.78 18.95 1.14
CA SER C 186 -47.51 19.28 -0.08
C SER C 186 -46.56 19.39 -1.28
N SER C 187 -47.11 19.38 -2.49
CA SER C 187 -46.35 19.62 -3.73
C SER C 187 -47.25 20.20 -4.81
N VAL C 188 -46.79 21.29 -5.43
CA VAL C 188 -47.57 22.08 -6.37
C VAL C 188 -46.76 22.52 -7.59
N VAL C 189 -47.46 22.86 -8.66
CA VAL C 189 -46.84 23.25 -9.93
C VAL C 189 -47.70 24.32 -10.61
N THR C 190 -47.05 25.38 -11.10
CA THR C 190 -47.73 26.45 -11.83
C THR C 190 -47.78 26.11 -13.32
N VAL C 191 -48.96 26.25 -13.93
CA VAL C 191 -49.18 25.92 -15.35
C VAL C 191 -50.19 26.91 -15.97
N PRO C 192 -50.02 27.28 -17.27
CA PRO C 192 -51.03 28.13 -17.92
C PRO C 192 -52.41 27.49 -18.10
N SER C 193 -53.45 28.32 -18.21
CA SER C 193 -54.82 27.83 -18.47
C SER C 193 -55.02 27.25 -19.88
N SER C 194 -54.06 27.46 -20.79
CA SER C 194 -54.04 26.87 -22.13
C SER C 194 -54.17 25.35 -22.16
N SER C 195 -53.60 24.69 -21.15
CA SER C 195 -53.65 23.22 -21.03
C SER C 195 -54.09 22.78 -19.61
N LEU C 196 -55.18 23.37 -19.12
CA LEU C 196 -55.79 23.01 -17.82
C LEU C 196 -56.77 21.87 -17.99
N GLY C 197 -57.71 22.04 -18.91
CA GLY C 197 -58.67 21.00 -19.26
C GLY C 197 -58.32 20.28 -20.56
N THR C 198 -57.02 20.11 -20.84
CA THR C 198 -56.53 19.42 -22.06
C THR C 198 -55.54 18.29 -21.73
N GLN C 199 -54.41 18.65 -21.11
CA GLN C 199 -53.37 17.69 -20.67
C GLN C 199 -53.64 17.29 -19.21
N THR C 200 -54.07 16.03 -19.00
CA THR C 200 -54.31 15.50 -17.65
C THR C 200 -52.96 15.26 -16.96
N TYR C 201 -52.79 15.85 -15.77
CA TYR C 201 -51.55 15.75 -14.99
C TYR C 201 -51.70 14.78 -13.83
N ILE C 202 -50.78 13.81 -13.77
CA ILE C 202 -50.82 12.71 -12.80
C ILE C 202 -49.45 12.63 -12.13
N CYS C 203 -49.41 12.52 -10.80
CA CYS C 203 -48.15 12.42 -10.04
C CYS C 203 -47.87 11.00 -9.56
N ASN C 204 -46.58 10.66 -9.50
CA ASN C 204 -46.09 9.34 -9.05
C ASN C 204 -45.37 9.48 -7.71
N VAL C 205 -46.11 9.28 -6.61
CA VAL C 205 -45.53 9.30 -5.28
C VAL C 205 -44.87 7.93 -5.04
N ASN C 206 -43.64 7.93 -4.51
CA ASN C 206 -42.84 6.73 -4.36
C ASN C 206 -42.93 6.11 -2.95
N HIS C 207 -42.30 6.75 -1.97
CA HIS C 207 -42.10 6.17 -0.62
C HIS C 207 -41.43 4.80 -0.67
N LYS C 208 -40.12 4.81 -0.44
CA LYS C 208 -39.31 3.60 -0.58
C LYS C 208 -39.56 2.56 0.52
N PRO C 209 -39.63 2.95 1.82
CA PRO C 209 -39.72 1.93 2.90
C PRO C 209 -41.03 1.14 3.07
N SER C 210 -42.09 1.48 2.32
CA SER C 210 -43.30 0.64 2.24
C SER C 210 -43.58 0.04 0.84
N ASN C 211 -42.87 0.52 -0.20
CA ASN C 211 -43.12 0.16 -1.62
C ASN C 211 -44.49 0.61 -2.17
N THR C 212 -45.08 1.65 -1.56
CA THR C 212 -46.45 2.08 -1.88
C THR C 212 -46.49 2.86 -3.20
N LYS C 213 -46.95 2.19 -4.26
CA LYS C 213 -47.09 2.78 -5.59
C LYS C 213 -48.58 2.92 -5.94
N VAL C 214 -49.13 4.10 -5.62
CA VAL C 214 -50.51 4.47 -5.99
C VAL C 214 -50.50 5.88 -6.61
N ASP C 215 -50.73 5.96 -7.92
CA ASP C 215 -50.82 7.24 -8.65
C ASP C 215 -52.19 7.90 -8.42
N LYS C 216 -52.33 9.15 -8.86
CA LYS C 216 -53.60 9.87 -8.71
C LYS C 216 -53.80 10.98 -9.75
N LYS C 217 -54.92 10.87 -10.51
CA LYS C 217 -55.33 11.86 -11.51
C LYS C 217 -55.69 13.18 -10.82
N VAL C 218 -55.45 14.30 -11.52
CA VAL C 218 -55.79 15.63 -11.03
C VAL C 218 -56.71 16.33 -12.04
N GLU C 219 -57.95 16.61 -11.62
CA GLU C 219 -58.97 17.18 -12.50
C GLU C 219 -59.65 18.40 -11.84
N PRO C 220 -60.14 19.36 -12.67
CA PRO C 220 -60.98 20.44 -12.13
C PRO C 220 -62.43 19.97 -11.85
N LYS C 221 -63.05 20.52 -10.81
CA LYS C 221 -64.37 20.07 -10.33
C LYS C 221 -65.50 20.35 -11.33
N ASP D 1 10.18 25.58 -52.39
CA ASP D 1 9.16 25.33 -51.32
C ASP D 1 8.82 26.66 -50.63
N GLN D 2 7.56 26.82 -50.22
CA GLN D 2 7.04 28.04 -49.56
C GLN D 2 5.99 27.78 -48.48
N ILE D 3 5.94 28.65 -47.46
CA ILE D 3 4.79 28.80 -46.53
C ILE D 3 4.40 30.25 -46.38
N CYS D 4 3.16 30.54 -46.73
CA CYS D 4 2.66 31.89 -46.78
C CYS D 4 1.40 32.01 -45.89
N ILE D 5 1.31 33.14 -45.15
CA ILE D 5 0.22 33.41 -44.18
C ILE D 5 -0.82 34.36 -44.78
N GLY D 6 -2.08 34.17 -44.41
CA GLY D 6 -3.13 35.12 -44.74
C GLY D 6 -4.42 34.91 -43.96
N TYR D 7 -5.50 35.53 -44.45
CA TYR D 7 -6.75 35.65 -43.71
C TYR D 7 -7.95 35.30 -44.57
N HIS D 8 -9.00 34.80 -43.94
CA HIS D 8 -10.21 34.31 -44.60
C HIS D 8 -10.89 35.40 -45.41
N ALA D 9 -11.67 34.98 -46.39
CA ALA D 9 -12.64 35.86 -47.04
C ALA D 9 -13.59 34.96 -47.80
N ASN D 10 -14.87 35.33 -47.84
CA ASN D 10 -15.88 34.51 -48.49
C ASN D 10 -16.74 35.38 -49.40
N ASN D 11 -18.00 34.96 -49.62
CA ASN D 11 -18.91 35.63 -50.52
C ASN D 11 -19.94 36.55 -49.82
N SER D 12 -19.63 37.07 -48.63
CA SER D 12 -20.62 37.88 -47.91
C SER D 12 -20.72 39.27 -48.44
N THR D 13 -21.94 39.82 -48.37
CA THR D 13 -22.22 41.15 -48.81
C THR D 13 -22.42 42.14 -47.65
N GLU D 14 -22.58 41.65 -46.42
CA GLU D 14 -23.02 42.50 -45.29
C GLU D 14 -22.04 43.60 -44.96
N GLN D 15 -22.45 44.83 -45.32
CA GLN D 15 -21.72 46.04 -45.02
C GLN D 15 -21.96 46.47 -43.57
N VAL D 16 -20.94 47.08 -42.99
CA VAL D 16 -20.96 47.54 -41.60
C VAL D 16 -20.24 48.86 -41.55
N ASP D 17 -20.86 49.85 -40.93
CA ASP D 17 -20.21 51.15 -40.72
C ASP D 17 -19.19 51.06 -39.60
N THR D 18 -18.08 51.78 -39.76
CA THR D 18 -17.14 52.01 -38.65
C THR D 18 -16.91 53.51 -38.50
N ILE D 19 -16.17 53.88 -37.46
CA ILE D 19 -16.00 55.26 -37.09
C ILE D 19 -15.22 56.00 -38.20
N MET D 20 -14.19 55.36 -38.76
CA MET D 20 -13.35 56.01 -39.76
C MET D 20 -13.68 55.71 -41.22
N GLU D 21 -14.36 54.59 -41.44
CA GLU D 21 -14.77 54.16 -42.79
C GLU D 21 -16.27 53.92 -42.77
N LYS D 22 -16.97 54.19 -43.85
CA LYS D 22 -18.39 53.84 -43.97
C LYS D 22 -18.59 52.78 -45.04
N ASN D 23 -19.68 52.01 -44.94
CA ASN D 23 -20.00 50.95 -45.92
C ASN D 23 -18.81 50.02 -46.20
N VAL D 24 -18.41 49.26 -45.20
CA VAL D 24 -17.28 48.34 -45.32
C VAL D 24 -17.80 46.94 -45.38
N THR D 25 -17.42 46.20 -46.42
CA THR D 25 -17.93 44.86 -46.66
C THR D 25 -17.18 43.86 -45.75
N VAL D 26 -17.92 43.18 -44.90
CA VAL D 26 -17.34 42.35 -43.84
C VAL D 26 -17.83 40.91 -43.87
N THR D 27 -16.92 39.99 -43.53
CA THR D 27 -17.14 38.54 -43.56
C THR D 27 -18.34 38.00 -42.82
N HIS D 28 -18.50 38.44 -41.58
CA HIS D 28 -19.62 38.05 -40.71
C HIS D 28 -20.10 39.24 -39.86
N ALA D 29 -21.22 39.07 -39.17
CA ALA D 29 -21.82 40.21 -38.46
C ALA D 29 -22.92 39.79 -37.53
N GLN D 30 -23.36 40.75 -36.71
CA GLN D 30 -24.42 40.55 -35.74
C GLN D 30 -25.31 41.79 -35.66
N ASP D 31 -26.62 41.60 -35.74
CA ASP D 31 -27.59 42.68 -35.55
C ASP D 31 -27.79 42.91 -34.05
N ILE D 32 -27.86 44.16 -33.64
CA ILE D 32 -28.10 44.56 -32.26
C ILE D 32 -29.47 45.22 -32.10
N LEU D 33 -30.18 45.45 -33.20
CA LEU D 33 -31.36 46.27 -33.14
C LEU D 33 -32.55 45.41 -33.46
N GLU D 34 -33.58 45.48 -32.59
CA GLU D 34 -34.80 44.72 -32.76
C GLU D 34 -35.79 45.48 -33.64
N LYS D 35 -36.04 44.94 -34.83
CA LYS D 35 -36.76 45.66 -35.86
C LYS D 35 -38.16 45.11 -36.06
N LYS D 36 -38.48 43.99 -35.43
CA LYS D 36 -39.63 43.19 -35.84
C LYS D 36 -40.60 43.03 -34.68
N HIS D 37 -41.88 42.92 -35.03
CA HIS D 37 -42.95 42.75 -34.06
C HIS D 37 -44.03 41.85 -34.64
N ASN D 38 -44.71 41.11 -33.76
CA ASN D 38 -45.73 40.11 -34.17
C ASN D 38 -47.08 40.73 -34.52
N GLY D 39 -47.23 42.01 -34.18
CA GLY D 39 -48.34 42.82 -34.66
C GLY D 39 -49.69 42.44 -34.08
N LYS D 40 -49.69 41.86 -32.88
CA LYS D 40 -50.92 41.46 -32.24
C LYS D 40 -50.63 41.50 -30.75
N LEU D 41 -51.44 42.23 -29.98
CA LEU D 41 -51.10 42.50 -28.58
C LEU D 41 -51.44 41.35 -27.66
N CYS D 42 -50.55 41.11 -26.70
CA CYS D 42 -50.41 39.85 -25.99
C CYS D 42 -50.39 40.03 -24.50
N ASP D 43 -50.27 38.90 -23.80
CA ASP D 43 -50.21 38.86 -22.33
C ASP D 43 -48.87 39.39 -21.85
N LEU D 44 -48.87 39.99 -20.66
CA LEU D 44 -47.63 40.29 -19.93
C LEU D 44 -47.42 39.31 -18.80
N ASP D 45 -46.58 38.30 -19.02
CA ASP D 45 -46.30 37.28 -18.01
C ASP D 45 -47.61 36.68 -17.50
N GLY D 46 -48.33 36.06 -18.42
CA GLY D 46 -49.53 35.30 -18.11
C GLY D 46 -50.79 36.09 -17.81
N VAL D 47 -50.74 37.41 -17.94
CA VAL D 47 -51.83 38.26 -17.51
C VAL D 47 -52.56 38.89 -18.69
N LYS D 48 -53.85 38.61 -18.76
CA LYS D 48 -54.72 39.02 -19.88
C LYS D 48 -54.87 40.55 -19.77
N PRO D 49 -54.55 41.30 -20.82
CA PRO D 49 -54.88 42.73 -20.76
C PRO D 49 -56.38 43.00 -20.96
N LEU D 50 -56.86 44.06 -20.34
CA LEU D 50 -58.25 44.46 -20.43
C LEU D 50 -58.49 45.22 -21.76
N ILE D 51 -59.13 44.57 -22.72
CA ILE D 51 -59.35 45.18 -24.03
C ILE D 51 -60.77 45.74 -24.11
N LEU D 52 -60.87 47.04 -24.37
CA LEU D 52 -62.16 47.71 -24.52
C LEU D 52 -62.26 48.19 -25.96
N ARG D 53 -63.16 47.59 -26.72
CA ARG D 53 -63.21 47.81 -28.16
C ARG D 53 -63.93 49.15 -28.39
N ASP D 54 -65.27 49.14 -28.26
CA ASP D 54 -66.09 50.31 -28.60
C ASP D 54 -66.42 51.10 -27.33
N CYS D 55 -65.60 50.93 -26.31
CA CYS D 55 -65.92 51.43 -24.99
C CYS D 55 -64.69 52.03 -24.33
N SER D 56 -64.90 53.04 -23.50
CA SER D 56 -63.84 53.68 -22.71
C SER D 56 -63.93 53.15 -21.29
N VAL D 57 -63.01 53.61 -20.43
CA VAL D 57 -62.97 53.18 -19.04
C VAL D 57 -64.17 53.70 -18.28
N ALA D 58 -64.50 54.98 -18.48
CA ALA D 58 -65.66 55.59 -17.83
C ALA D 58 -66.94 54.79 -18.10
N GLY D 59 -67.19 54.49 -19.37
CA GLY D 59 -68.39 53.75 -19.79
C GLY D 59 -68.41 52.29 -19.37
N TRP D 60 -67.24 51.76 -19.04
CA TRP D 60 -67.08 50.39 -18.57
C TRP D 60 -67.32 50.23 -17.08
N LEU D 61 -66.88 51.20 -16.29
CA LEU D 61 -67.15 51.22 -14.84
C LEU D 61 -68.63 51.44 -14.56
N LEU D 62 -69.21 52.38 -15.28
CA LEU D 62 -70.64 52.62 -15.24
C LEU D 62 -71.23 51.67 -16.28
N GLY D 63 -72.54 51.57 -16.35
CA GLY D 63 -73.19 50.54 -17.21
C GLY D 63 -73.61 51.07 -18.56
N ASN D 64 -72.66 51.52 -19.39
CA ASN D 64 -73.03 52.08 -20.69
C ASN D 64 -73.74 50.98 -21.49
N PRO D 65 -74.98 51.24 -21.90
CA PRO D 65 -75.73 50.20 -22.62
C PRO D 65 -75.15 49.81 -23.98
N MET D 66 -74.57 50.77 -24.72
CA MET D 66 -74.18 50.53 -26.12
C MET D 66 -73.03 49.54 -26.29
N CYS D 67 -72.05 49.59 -25.39
CA CYS D 67 -71.05 48.52 -25.24
C CYS D 67 -71.55 47.58 -24.15
N ASP D 68 -70.84 46.47 -23.92
CA ASP D 68 -71.28 45.46 -22.92
C ASP D 68 -70.30 45.32 -21.74
N GLU D 69 -70.86 45.12 -20.54
CA GLU D 69 -70.09 44.94 -19.30
C GLU D 69 -70.08 43.46 -18.88
N PHE D 70 -70.05 42.57 -19.88
CA PHE D 70 -69.92 41.13 -19.68
C PHE D 70 -68.47 40.70 -19.38
N ILE D 71 -67.52 41.64 -19.49
CA ILE D 71 -66.12 41.37 -19.21
C ILE D 71 -65.99 41.09 -17.72
N ASN D 72 -66.05 39.81 -17.35
CA ASN D 72 -65.79 39.37 -15.97
C ASN D 72 -64.37 38.81 -15.83
N VAL D 73 -63.39 39.58 -16.32
CA VAL D 73 -61.98 39.23 -16.13
C VAL D 73 -61.62 39.84 -14.76
N PRO D 74 -61.07 39.02 -13.84
CA PRO D 74 -60.80 39.46 -12.47
C PRO D 74 -59.37 39.91 -12.21
N GLU D 75 -58.57 40.08 -13.27
CA GLU D 75 -57.16 40.41 -13.13
C GLU D 75 -56.58 40.86 -14.46
N TRP D 76 -55.81 41.94 -14.47
CA TRP D 76 -55.17 42.40 -15.71
C TRP D 76 -53.88 43.21 -15.52
N SER D 77 -53.13 43.35 -16.62
CA SER D 77 -51.82 44.02 -16.66
C SER D 77 -51.79 45.44 -17.18
N TYR D 78 -52.60 45.70 -18.18
CA TYR D 78 -52.74 47.03 -18.74
C TYR D 78 -54.07 47.13 -19.47
N ILE D 79 -54.56 48.33 -19.63
CA ILE D 79 -55.81 48.55 -20.31
C ILE D 79 -55.53 48.97 -21.77
N VAL D 80 -56.46 48.67 -22.66
CA VAL D 80 -56.36 49.03 -24.06
C VAL D 80 -57.62 49.70 -24.56
N GLU D 81 -57.64 51.02 -24.62
CA GLU D 81 -58.72 51.77 -25.28
C GLU D 81 -58.37 51.91 -26.74
N LYS D 82 -59.25 52.55 -27.49
CA LYS D 82 -58.89 53.04 -28.83
C LYS D 82 -58.72 54.56 -28.82
N ALA D 83 -58.18 55.08 -29.90
CA ALA D 83 -57.91 56.52 -30.07
C ALA D 83 -59.05 57.37 -29.53
N ASN D 84 -60.19 57.33 -30.24
CA ASN D 84 -61.45 57.93 -29.79
C ASN D 84 -62.46 56.79 -29.66
N PRO D 85 -62.73 56.32 -28.42
CA PRO D 85 -63.71 55.23 -28.26
C PRO D 85 -65.12 55.77 -28.47
N VAL D 86 -65.94 55.00 -29.17
CA VAL D 86 -67.24 55.51 -29.64
C VAL D 86 -68.26 55.78 -28.52
N ASN D 87 -68.12 55.09 -27.38
CA ASN D 87 -69.04 55.24 -26.24
C ASN D 87 -68.32 55.61 -24.93
N ASP D 88 -68.06 56.91 -24.74
CA ASP D 88 -67.47 57.44 -23.49
C ASP D 88 -68.58 57.55 -22.45
N LEU D 89 -69.57 58.39 -22.74
CA LEU D 89 -70.68 58.66 -21.84
C LEU D 89 -71.91 58.92 -22.68
N CYS D 90 -72.93 58.07 -22.56
CA CYS D 90 -74.17 58.26 -23.31
C CYS D 90 -74.83 59.57 -22.89
N TYR D 91 -74.98 59.77 -21.58
CA TYR D 91 -75.43 61.05 -21.02
C TYR D 91 -74.20 61.91 -20.79
N PRO D 92 -74.11 63.07 -21.47
CA PRO D 92 -72.87 63.84 -21.48
C PRO D 92 -72.53 64.40 -20.11
N GLY D 93 -71.25 64.61 -19.90
CA GLY D 93 -70.79 65.11 -18.63
C GLY D 93 -69.29 65.09 -18.50
N ASP D 94 -68.87 64.77 -17.29
CA ASP D 94 -67.48 64.88 -16.87
C ASP D 94 -67.26 63.86 -15.75
N PHE D 95 -66.02 63.41 -15.60
CA PHE D 95 -65.62 62.46 -14.55
C PHE D 95 -64.49 63.15 -13.78
N ASN D 96 -64.55 63.15 -12.44
CA ASN D 96 -63.60 63.91 -11.60
C ASN D 96 -62.38 63.06 -11.21
N ASP D 97 -61.19 63.60 -11.48
CA ASP D 97 -59.91 62.86 -11.36
C ASP D 97 -59.88 61.58 -12.20
N TYR D 98 -60.47 61.65 -13.40
CA TYR D 98 -60.63 60.49 -14.32
C TYR D 98 -59.34 59.88 -14.69
N GLU D 99 -58.33 60.72 -14.86
CA GLU D 99 -57.04 60.28 -15.34
C GLU D 99 -56.35 59.53 -14.22
N GLU D 100 -56.50 60.01 -12.99
CA GLU D 100 -55.87 59.36 -11.84
C GLU D 100 -56.52 58.04 -11.52
N LEU D 101 -57.84 57.97 -11.71
CA LEU D 101 -58.58 56.73 -11.52
C LEU D 101 -58.19 55.75 -12.60
N LYS D 102 -57.99 56.25 -13.81
CA LYS D 102 -57.47 55.46 -14.92
C LYS D 102 -56.16 54.80 -14.55
N HIS D 103 -55.25 55.58 -14.00
CA HIS D 103 -53.94 55.05 -13.60
C HIS D 103 -54.08 54.02 -12.49
N LEU D 104 -54.99 54.28 -11.55
CA LEU D 104 -55.22 53.36 -10.43
C LEU D 104 -55.74 52.01 -10.92
N LEU D 105 -56.67 52.05 -11.86
CA LEU D 105 -57.29 50.84 -12.39
C LEU D 105 -56.49 50.18 -13.49
N SER D 106 -55.38 50.78 -13.89
CA SER D 106 -54.58 50.24 -15.01
C SER D 106 -54.07 48.82 -14.78
N ARG D 107 -53.75 48.49 -13.53
CA ARG D 107 -53.20 47.18 -13.18
C ARG D 107 -53.71 46.64 -11.86
N ILE D 108 -54.57 45.65 -11.95
CA ILE D 108 -55.30 45.14 -10.83
C ILE D 108 -54.98 43.68 -10.64
N ASN D 109 -54.97 43.28 -9.38
CA ASN D 109 -54.73 41.92 -9.01
C ASN D 109 -56.03 41.12 -8.86
N HIS D 110 -56.99 41.66 -8.08
CA HIS D 110 -58.28 40.97 -7.82
C HIS D 110 -59.46 41.96 -7.99
N PHE D 111 -60.51 41.49 -8.68
CA PHE D 111 -61.53 42.39 -9.18
C PHE D 111 -62.87 41.66 -9.37
N GLU D 112 -63.93 42.19 -8.74
CA GLU D 112 -65.30 41.72 -8.98
C GLU D 112 -66.36 42.77 -8.60
N LYS D 113 -67.51 42.68 -9.24
CA LYS D 113 -68.64 43.59 -9.03
C LYS D 113 -69.43 43.13 -7.80
N ILE D 114 -69.94 44.06 -6.99
CA ILE D 114 -70.70 43.73 -5.74
C ILE D 114 -71.98 44.58 -5.58
N GLN D 115 -73.03 43.98 -5.03
CA GLN D 115 -74.25 44.69 -4.62
C GLN D 115 -73.99 45.45 -3.31
N ILE D 116 -74.11 46.77 -3.35
CA ILE D 116 -74.02 47.61 -2.14
C ILE D 116 -75.42 47.91 -1.65
N ILE D 117 -76.25 48.49 -2.54
CA ILE D 117 -77.66 48.72 -2.27
C ILE D 117 -78.47 48.51 -3.56
N PRO D 118 -79.40 47.52 -3.56
CA PRO D 118 -80.10 47.21 -4.81
C PRO D 118 -81.06 48.30 -5.27
N LYS D 119 -81.56 48.14 -6.50
CA LYS D 119 -82.57 49.02 -7.08
C LYS D 119 -83.88 48.91 -6.29
N SER D 120 -84.18 47.70 -5.80
CA SER D 120 -85.39 47.40 -5.05
C SER D 120 -85.55 48.18 -3.74
N SER D 121 -84.44 48.45 -3.06
CA SER D 121 -84.47 49.04 -1.72
C SER D 121 -84.93 50.51 -1.64
N TRP D 122 -85.00 51.21 -2.78
CA TRP D 122 -85.52 52.57 -2.85
C TRP D 122 -87.05 52.57 -2.96
N SER D 123 -87.72 52.49 -1.80
CA SER D 123 -89.18 52.42 -1.71
C SER D 123 -89.79 53.83 -1.67
N SER D 124 -89.19 54.70 -0.87
CA SER D 124 -89.63 56.09 -0.76
C SER D 124 -89.36 56.96 -2.00
N HIS D 125 -88.46 56.51 -2.88
CA HIS D 125 -88.12 57.25 -4.12
C HIS D 125 -88.20 56.37 -5.37
N GLU D 126 -88.64 56.96 -6.49
CA GLU D 126 -88.94 56.22 -7.72
C GLU D 126 -87.71 55.99 -8.59
N ALA D 127 -87.21 54.76 -8.56
CA ALA D 127 -86.01 54.36 -9.30
C ALA D 127 -86.30 53.72 -10.66
N SER D 128 -87.57 53.39 -10.93
CA SER D 128 -87.93 52.70 -12.15
C SER D 128 -87.74 53.62 -13.38
N LEU D 129 -88.66 54.54 -13.61
CA LEU D 129 -88.54 55.49 -14.73
C LEU D 129 -87.57 56.61 -14.33
N GLY D 130 -86.29 56.27 -14.42
CA GLY D 130 -85.20 57.21 -14.21
C GLY D 130 -84.23 57.08 -15.37
N VAL D 131 -84.68 57.48 -16.55
CA VAL D 131 -83.87 57.47 -17.79
C VAL D 131 -84.15 58.74 -18.59
N SER D 132 -83.55 58.85 -19.78
CA SER D 132 -83.98 59.86 -20.75
C SER D 132 -83.54 59.48 -22.16
N SER D 133 -84.07 60.23 -23.13
CA SER D 133 -83.82 60.02 -24.55
C SER D 133 -82.34 60.28 -24.89
N ALA D 134 -81.52 59.24 -24.71
CA ALA D 134 -80.07 59.38 -24.83
C ALA D 134 -79.34 58.05 -24.92
N CYS D 135 -79.59 57.15 -23.96
CA CYS D 135 -78.89 55.85 -23.87
C CYS D 135 -79.79 54.69 -24.29
N PRO D 136 -79.73 54.23 -25.56
CA PRO D 136 -80.60 53.13 -26.01
C PRO D 136 -80.04 51.74 -25.71
N TYR D 137 -80.79 50.93 -24.97
CA TYR D 137 -80.37 49.55 -24.70
C TYR D 137 -80.73 48.60 -25.84
N GLN D 138 -82.04 48.40 -26.07
CA GLN D 138 -82.54 47.56 -27.16
C GLN D 138 -83.53 48.36 -28.02
N GLY D 139 -83.17 49.63 -28.26
CA GLY D 139 -84.05 50.60 -28.90
C GLY D 139 -84.69 51.54 -27.90
N LYS D 140 -85.32 50.98 -26.87
CA LYS D 140 -86.09 51.74 -25.87
C LYS D 140 -85.17 52.49 -24.89
N SER D 141 -85.60 53.68 -24.47
CA SER D 141 -84.80 54.60 -23.65
C SER D 141 -84.36 53.97 -22.32
N SER D 142 -83.05 53.93 -22.12
CA SER D 142 -82.43 53.37 -20.91
C SER D 142 -81.43 54.37 -20.30
N PHE D 143 -80.66 53.90 -19.31
CA PHE D 143 -79.67 54.70 -18.58
C PHE D 143 -78.56 53.77 -18.06
N PHE D 144 -77.48 54.37 -17.53
CA PHE D 144 -76.36 53.63 -16.91
C PHE D 144 -76.82 52.52 -15.97
N ARG D 145 -76.48 51.29 -16.34
CA ARG D 145 -76.91 50.08 -15.64
C ARG D 145 -76.17 49.76 -14.32
N ASN D 146 -75.22 50.60 -13.90
CA ASN D 146 -74.54 50.44 -12.59
C ASN D 146 -74.72 51.59 -11.59
N VAL D 147 -75.56 52.55 -11.94
CA VAL D 147 -75.91 53.68 -11.06
C VAL D 147 -77.38 54.06 -11.32
N VAL D 148 -78.13 54.32 -10.24
CA VAL D 148 -79.58 54.54 -10.32
C VAL D 148 -79.87 56.04 -10.27
N TRP D 149 -80.78 56.50 -11.13
CA TRP D 149 -81.21 57.91 -11.17
C TRP D 149 -82.53 58.10 -10.41
N LEU D 150 -82.49 58.91 -9.34
CA LEU D 150 -83.61 59.03 -8.41
C LEU D 150 -84.57 60.17 -8.75
N ILE D 151 -85.88 59.85 -8.66
CA ILE D 151 -86.99 60.76 -9.00
C ILE D 151 -87.99 60.81 -7.81
N LYS D 152 -88.73 61.92 -7.70
CA LYS D 152 -89.77 62.11 -6.68
C LYS D 152 -90.90 61.09 -6.77
N LYS D 153 -91.51 60.73 -5.65
CA LYS D 153 -92.70 59.87 -5.62
C LYS D 153 -93.95 60.71 -5.36
N ASN D 154 -95.05 60.34 -6.02
CA ASN D 154 -96.33 61.06 -5.97
C ASN D 154 -96.09 62.54 -6.38
N SER D 155 -95.71 63.38 -5.43
CA SER D 155 -95.18 64.73 -5.74
C SER D 155 -94.34 65.32 -4.58
N THR D 156 -93.63 64.48 -3.84
CA THR D 156 -92.78 64.90 -2.71
C THR D 156 -91.47 64.11 -2.79
N TYR D 157 -90.36 64.76 -2.42
CA TYR D 157 -89.01 64.18 -2.45
C TYR D 157 -88.41 64.09 -1.03
N PRO D 158 -88.52 62.91 -0.37
CA PRO D 158 -87.92 62.74 0.96
C PRO D 158 -86.41 62.91 0.95
N THR D 159 -85.86 63.38 2.07
CA THR D 159 -84.40 63.48 2.25
C THR D 159 -83.84 62.07 2.50
N ILE D 160 -82.87 61.67 1.67
CA ILE D 160 -82.20 60.36 1.79
C ILE D 160 -81.11 60.44 2.84
N LYS D 161 -80.91 59.33 3.56
CA LYS D 161 -79.88 59.24 4.58
C LYS D 161 -79.59 57.77 4.84
N ARG D 162 -78.71 57.20 4.01
CA ARG D 162 -78.31 55.80 4.15
C ARG D 162 -76.78 55.70 4.18
N SER D 163 -76.26 54.51 4.46
CA SER D 163 -74.80 54.28 4.55
C SER D 163 -74.42 52.81 4.33
N TYR D 164 -73.11 52.56 4.21
CA TYR D 164 -72.57 51.19 3.92
C TYR D 164 -71.25 50.92 4.65
N ASN D 165 -71.32 50.09 5.69
CA ASN D 165 -70.11 49.55 6.34
C ASN D 165 -69.57 48.44 5.44
N ASN D 166 -68.25 48.36 5.39
CA ASN D 166 -67.57 47.40 4.56
C ASN D 166 -67.31 46.10 5.33
N THR D 167 -68.28 45.19 5.26
CA THR D 167 -68.14 43.83 5.82
C THR D 167 -67.07 43.02 5.07
N ASN D 168 -66.87 43.33 3.78
CA ASN D 168 -65.82 42.69 2.98
C ASN D 168 -64.45 43.10 3.50
N GLN D 169 -63.48 42.20 3.34
CA GLN D 169 -62.09 42.38 3.81
C GLN D 169 -61.12 42.86 2.72
N GLU D 170 -61.46 42.61 1.46
CA GLU D 170 -60.75 43.23 0.35
C GLU D 170 -61.15 44.70 0.28
N ASP D 171 -60.28 45.53 -0.26
CA ASP D 171 -60.55 46.95 -0.41
C ASP D 171 -61.56 47.16 -1.55
N LEU D 172 -62.38 48.23 -1.50
CA LEU D 172 -63.31 48.55 -2.61
C LEU D 172 -63.43 50.05 -2.91
N LEU D 173 -63.96 50.37 -4.08
CA LEU D 173 -64.26 51.75 -4.46
C LEU D 173 -65.72 51.91 -4.83
N VAL D 174 -66.25 53.09 -4.54
CA VAL D 174 -67.61 53.44 -4.86
C VAL D 174 -67.57 54.57 -5.85
N LEU D 175 -68.59 54.63 -6.69
CA LEU D 175 -68.78 55.69 -7.65
C LEU D 175 -70.14 56.30 -7.44
N TRP D 176 -70.25 57.61 -7.61
CA TRP D 176 -71.54 58.29 -7.59
C TRP D 176 -71.48 59.54 -8.45
N GLY D 177 -72.54 60.36 -8.44
CA GLY D 177 -72.50 61.63 -9.15
C GLY D 177 -73.62 62.60 -8.86
N ILE D 178 -73.78 63.57 -9.76
CA ILE D 178 -74.79 64.62 -9.66
C ILE D 178 -75.43 64.87 -11.03
N HIS D 179 -76.76 65.01 -11.07
CA HIS D 179 -77.46 65.53 -12.26
C HIS D 179 -77.56 67.04 -12.20
N HIS D 180 -76.95 67.72 -13.17
CA HIS D 180 -77.03 69.17 -13.28
C HIS D 180 -78.16 69.53 -14.23
N PRO D 181 -79.19 70.27 -13.74
CA PRO D 181 -80.30 70.59 -14.64
C PRO D 181 -80.02 71.75 -15.58
N ASN D 182 -80.88 71.88 -16.59
CA ASN D 182 -80.78 72.98 -17.55
C ASN D 182 -81.31 74.31 -16.98
N ASP D 183 -82.47 74.30 -16.31
CA ASP D 183 -83.07 75.50 -15.68
C ASP D 183 -83.91 75.21 -14.41
N ALA D 184 -84.31 76.28 -13.71
CA ALA D 184 -85.12 76.16 -12.49
C ALA D 184 -86.50 75.50 -12.72
N ALA D 185 -87.00 75.54 -13.95
CA ALA D 185 -88.24 74.84 -14.33
C ALA D 185 -88.09 73.31 -14.31
N GLU D 186 -86.95 72.80 -14.77
CA GLU D 186 -86.65 71.37 -14.73
C GLU D 186 -86.27 70.89 -13.31
N GLN D 187 -85.87 71.81 -12.45
CA GLN D 187 -85.67 71.51 -11.02
C GLN D 187 -86.95 71.01 -10.35
N THR D 188 -88.03 71.76 -10.52
CA THR D 188 -89.32 71.40 -9.94
C THR D 188 -90.09 70.30 -10.72
N LYS D 189 -89.64 69.93 -11.93
CA LYS D 189 -90.26 68.82 -12.70
C LYS D 189 -89.83 67.44 -12.20
N LEU D 190 -88.51 67.25 -12.09
CA LEU D 190 -87.95 65.97 -11.64
C LEU D 190 -88.04 65.85 -10.13
N TYR D 191 -87.65 66.92 -9.42
CA TYR D 191 -87.59 66.93 -7.97
C TYR D 191 -88.52 68.01 -7.47
N GLN D 192 -88.71 68.04 -6.16
CA GLN D 192 -89.58 69.02 -5.55
C GLN D 192 -88.77 69.84 -4.56
N ASN D 193 -87.64 70.34 -5.02
CA ASN D 193 -86.78 71.16 -4.18
C ASN D 193 -86.20 72.28 -5.03
N PRO D 194 -86.02 73.48 -4.44
CA PRO D 194 -85.25 74.53 -5.12
C PRO D 194 -83.73 74.40 -4.87
N THR D 195 -83.31 74.50 -3.60
CA THR D 195 -81.92 74.33 -3.21
C THR D 195 -81.70 72.88 -2.78
N THR D 196 -80.54 72.33 -3.14
CA THR D 196 -80.22 70.92 -2.95
C THR D 196 -78.78 70.74 -2.49
N TYR D 197 -78.55 69.71 -1.67
CA TYR D 197 -77.21 69.35 -1.19
C TYR D 197 -77.01 67.85 -1.28
N ILE D 198 -75.81 67.42 -1.69
CA ILE D 198 -75.37 66.02 -1.69
C ILE D 198 -74.04 65.93 -0.97
N SER D 199 -74.03 65.21 0.15
CA SER D 199 -72.86 65.15 1.01
C SER D 199 -72.46 63.71 1.20
N VAL D 200 -71.15 63.45 1.09
CA VAL D 200 -70.57 62.13 1.27
C VAL D 200 -69.47 62.21 2.32
N GLY D 201 -69.41 61.16 3.14
CA GLY D 201 -68.52 61.08 4.28
C GLY D 201 -67.90 59.69 4.46
N THR D 202 -66.59 59.69 4.66
CA THR D 202 -65.78 58.48 4.92
C THR D 202 -64.67 58.93 5.88
N SER D 203 -63.92 57.98 6.44
CA SER D 203 -62.73 58.29 7.25
C SER D 203 -61.84 59.42 6.70
N THR D 204 -61.66 59.44 5.39
CA THR D 204 -60.87 60.47 4.70
C THR D 204 -61.75 61.57 4.13
N LEU D 205 -62.67 61.16 3.25
CA LEU D 205 -63.39 62.08 2.38
C LEU D 205 -64.30 63.00 3.17
N ASN D 206 -64.50 64.20 2.64
CA ASN D 206 -65.41 65.14 3.25
C ASN D 206 -65.86 66.19 2.23
N GLN D 207 -67.00 65.94 1.59
CA GLN D 207 -67.49 66.82 0.51
C GLN D 207 -68.96 67.21 0.64
N ARG D 208 -69.29 68.35 0.04
CA ARG D 208 -70.62 68.95 0.04
C ARG D 208 -70.80 69.54 -1.35
N LEU D 209 -71.62 68.90 -2.17
CA LEU D 209 -71.75 69.28 -3.57
C LEU D 209 -73.10 69.92 -3.87
N VAL D 210 -73.08 71.07 -4.53
CA VAL D 210 -74.29 71.81 -4.92
C VAL D 210 -74.40 71.75 -6.45
N PRO D 211 -75.58 71.39 -6.98
CA PRO D 211 -75.73 71.37 -8.43
C PRO D 211 -75.73 72.78 -9.03
N ARG D 212 -75.00 72.93 -10.14
CA ARG D 212 -74.92 74.17 -10.91
C ARG D 212 -76.03 74.22 -11.94
N ILE D 213 -76.75 75.33 -12.00
CA ILE D 213 -77.78 75.56 -12.99
C ILE D 213 -77.23 76.62 -13.94
N ALA D 214 -77.29 76.37 -15.25
CA ALA D 214 -76.77 77.28 -16.29
C ALA D 214 -77.22 76.83 -17.69
N THR D 215 -77.30 77.79 -18.62
CA THR D 215 -77.70 77.48 -20.00
C THR D 215 -76.53 76.76 -20.68
N ARG D 216 -76.81 75.59 -21.24
CA ARG D 216 -75.79 74.72 -21.86
C ARG D 216 -75.95 74.72 -23.37
N SER D 217 -75.21 73.85 -24.04
CA SER D 217 -75.54 73.44 -25.41
C SER D 217 -75.94 71.96 -25.38
N LYS D 218 -76.73 71.56 -26.37
CA LYS D 218 -77.25 70.20 -26.47
C LYS D 218 -76.15 69.26 -26.96
N VAL D 219 -76.06 68.08 -26.34
CA VAL D 219 -75.18 67.00 -26.82
C VAL D 219 -75.89 65.67 -26.61
N ASN D 220 -75.86 64.82 -27.65
CA ASN D 220 -76.53 63.52 -27.66
C ASN D 220 -78.01 63.59 -27.20
N GLY D 221 -78.65 64.73 -27.47
CA GLY D 221 -80.00 64.99 -26.99
C GLY D 221 -80.03 65.97 -25.82
N GLN D 222 -79.60 65.50 -24.65
CA GLN D 222 -79.90 66.21 -23.40
C GLN D 222 -78.89 67.34 -23.12
N SER D 223 -79.39 68.45 -22.55
CA SER D 223 -78.63 69.71 -22.42
C SER D 223 -77.78 69.73 -21.17
N GLY D 224 -78.39 69.37 -20.05
CA GLY D 224 -77.71 69.35 -18.75
C GLY D 224 -76.66 68.25 -18.65
N ARG D 225 -75.75 68.37 -17.68
CA ARG D 225 -74.58 67.49 -17.53
C ARG D 225 -74.71 66.52 -16.35
N MET D 226 -73.73 65.63 -16.24
CA MET D 226 -73.70 64.53 -15.25
C MET D 226 -72.30 64.30 -14.67
N GLU D 227 -71.94 65.03 -13.61
CA GLU D 227 -70.62 64.93 -12.97
C GLU D 227 -70.53 63.74 -12.06
N PHE D 228 -69.59 62.83 -12.32
CA PHE D 228 -69.31 61.66 -11.46
C PHE D 228 -68.14 61.90 -10.54
N PHE D 229 -68.08 61.13 -9.46
CA PHE D 229 -67.03 61.23 -8.45
C PHE D 229 -66.73 59.83 -7.93
N TRP D 230 -65.67 59.71 -7.13
CA TRP D 230 -65.21 58.41 -6.59
C TRP D 230 -64.22 58.58 -5.44
N THR D 231 -64.21 57.59 -4.54
CA THR D 231 -63.04 57.31 -3.67
C THR D 231 -62.99 55.82 -3.35
N ILE D 232 -61.91 55.42 -2.68
CA ILE D 232 -61.70 54.05 -2.26
C ILE D 232 -61.94 53.93 -0.76
N LEU D 233 -62.78 52.96 -0.40
CA LEU D 233 -63.22 52.75 0.97
C LEU D 233 -62.34 51.69 1.60
N LYS D 234 -61.78 51.98 2.76
CA LYS D 234 -60.90 51.04 3.48
C LYS D 234 -61.63 49.75 3.83
N PRO D 235 -60.88 48.65 4.06
CA PRO D 235 -61.53 47.36 4.31
C PRO D 235 -62.49 47.32 5.52
N ASN D 236 -62.18 48.13 6.54
CA ASN D 236 -62.96 48.16 7.77
C ASN D 236 -63.43 49.59 8.06
N ASP D 237 -64.28 50.12 7.17
CA ASP D 237 -64.82 51.50 7.30
C ASP D 237 -66.18 51.66 6.61
N ALA D 238 -66.89 52.73 6.99
CA ALA D 238 -68.22 53.05 6.45
C ALA D 238 -68.25 54.35 5.63
N ILE D 239 -68.89 54.25 4.47
CA ILE D 239 -69.27 55.43 3.68
C ILE D 239 -70.71 55.85 4.06
N ASN D 240 -70.90 57.16 4.29
CA ASN D 240 -72.21 57.69 4.70
C ASN D 240 -72.65 58.73 3.66
N PHE D 241 -73.87 58.58 3.16
CA PHE D 241 -74.46 59.53 2.21
C PHE D 241 -75.57 60.35 2.86
N GLU D 242 -75.87 61.49 2.23
CA GLU D 242 -77.03 62.32 2.62
C GLU D 242 -77.38 63.24 1.44
N SER D 243 -78.63 63.19 0.98
CA SER D 243 -79.06 63.94 -0.20
C SER D 243 -80.49 64.51 -0.12
N ASN D 244 -80.62 65.78 -0.50
CA ASN D 244 -81.92 66.43 -0.64
C ASN D 244 -82.52 66.15 -2.03
N GLY D 245 -81.66 65.93 -3.03
CA GLY D 245 -82.09 65.62 -4.40
C GLY D 245 -80.96 65.74 -5.39
N ASN D 246 -81.30 65.89 -6.67
CA ASN D 246 -80.30 66.05 -7.76
C ASN D 246 -79.16 65.02 -7.67
N PHE D 247 -79.49 63.77 -7.37
CA PHE D 247 -78.49 62.77 -6.97
C PHE D 247 -78.64 61.47 -7.75
N ILE D 248 -77.50 60.81 -8.00
CA ILE D 248 -77.46 59.49 -8.65
C ILE D 248 -76.59 58.51 -7.86
N ALA D 249 -77.27 57.61 -7.14
CA ALA D 249 -76.62 56.73 -6.18
C ALA D 249 -76.11 55.45 -6.83
N PRO D 250 -75.08 54.83 -6.23
CA PRO D 250 -74.53 53.58 -6.73
C PRO D 250 -75.44 52.39 -6.50
N GLU D 251 -75.55 51.50 -7.50
CA GLU D 251 -76.14 50.18 -7.31
C GLU D 251 -75.00 49.22 -7.00
N TYR D 252 -74.10 49.07 -7.97
CA TYR D 252 -72.95 48.19 -7.86
C TYR D 252 -71.70 48.99 -7.54
N ALA D 253 -70.70 48.29 -7.00
CA ALA D 253 -69.36 48.83 -6.76
C ALA D 253 -68.35 47.69 -6.78
N TYR D 254 -67.08 48.04 -6.95
CA TYR D 254 -66.03 47.07 -7.31
C TYR D 254 -65.05 46.76 -6.18
N LYS D 255 -64.67 45.48 -6.06
CA LYS D 255 -63.59 45.04 -5.18
C LYS D 255 -62.24 45.19 -5.87
N ILE D 256 -61.32 45.94 -5.24
CA ILE D 256 -60.00 46.24 -5.80
C ILE D 256 -58.91 45.76 -4.87
N VAL D 257 -58.01 44.93 -5.38
CA VAL D 257 -56.73 44.67 -4.72
C VAL D 257 -55.64 45.12 -5.70
N LYS D 258 -55.02 46.26 -5.39
CA LYS D 258 -54.01 46.87 -6.24
C LYS D 258 -52.61 46.45 -5.84
N LYS D 259 -51.81 46.11 -6.86
CA LYS D 259 -50.38 45.80 -6.69
C LYS D 259 -49.65 46.19 -7.96
N GLY D 260 -48.87 47.25 -7.89
CA GLY D 260 -48.15 47.74 -9.05
C GLY D 260 -49.02 48.57 -9.97
N ASP D 261 -48.33 49.31 -10.85
CA ASP D 261 -48.97 50.28 -11.75
C ASP D 261 -48.55 50.01 -13.19
N SER D 262 -49.33 50.48 -14.15
CA SER D 262 -48.95 50.40 -15.55
C SER D 262 -49.59 51.59 -16.23
N THR D 263 -50.25 51.39 -17.36
CA THR D 263 -51.01 52.47 -17.99
C THR D 263 -52.00 52.00 -19.06
N ILE D 264 -52.60 52.96 -19.75
CA ILE D 264 -53.60 52.70 -20.74
C ILE D 264 -52.93 52.86 -22.10
N MET D 265 -52.61 51.74 -22.71
CA MET D 265 -52.00 51.73 -24.01
C MET D 265 -53.03 52.06 -25.08
N LYS D 266 -52.68 52.96 -25.98
CA LYS D 266 -53.60 53.32 -27.03
C LYS D 266 -53.25 52.55 -28.31
N SER D 267 -54.06 51.54 -28.63
CA SER D 267 -53.89 50.72 -29.84
C SER D 267 -55.21 50.29 -30.44
N GLU D 268 -55.20 50.15 -31.76
CA GLU D 268 -56.38 49.72 -32.49
C GLU D 268 -56.55 48.20 -32.45
N LEU D 269 -55.45 47.47 -32.25
CA LEU D 269 -55.45 46.01 -32.39
C LEU D 269 -56.34 45.28 -31.36
N GLU D 270 -56.52 43.98 -31.64
CA GLU D 270 -57.23 43.03 -30.78
C GLU D 270 -56.28 41.87 -30.42
N TYR D 271 -56.72 41.09 -29.43
CA TYR D 271 -55.94 40.04 -28.74
C TYR D 271 -55.39 38.97 -29.68
N GLY D 272 -54.10 38.65 -29.54
CA GLY D 272 -53.44 37.59 -30.35
C GLY D 272 -53.14 36.24 -29.68
N ASN D 273 -53.78 35.94 -28.55
CA ASN D 273 -53.62 34.68 -27.79
C ASN D 273 -52.18 34.17 -27.66
N CYS D 274 -51.32 35.05 -27.14
CA CYS D 274 -49.89 34.74 -27.02
C CYS D 274 -49.37 35.30 -25.68
N ASN D 275 -48.04 35.40 -25.52
CA ASN D 275 -47.42 35.95 -24.30
C ASN D 275 -46.04 36.55 -24.61
N THR D 276 -45.83 37.79 -24.18
CA THR D 276 -44.50 38.46 -24.29
C THR D 276 -44.10 39.14 -23.01
N LYS D 277 -42.83 39.52 -22.99
CA LYS D 277 -42.21 40.20 -21.88
C LYS D 277 -42.42 41.68 -21.99
N CYS D 278 -42.75 42.17 -23.19
CA CYS D 278 -43.21 43.56 -23.31
C CYS D 278 -44.05 43.84 -24.56
N GLN D 279 -44.76 44.98 -24.51
CA GLN D 279 -45.82 45.28 -25.47
C GLN D 279 -45.65 46.68 -26.05
N THR D 280 -46.18 46.83 -27.26
CA THR D 280 -46.23 48.10 -27.96
C THR D 280 -47.54 48.17 -28.76
N PRO D 281 -48.10 49.37 -28.93
CA PRO D 281 -49.26 49.54 -29.79
C PRO D 281 -49.19 48.88 -31.18
N MET D 282 -48.01 48.89 -31.80
CA MET D 282 -47.81 48.28 -33.12
C MET D 282 -47.92 46.79 -32.97
N GLY D 283 -47.14 46.22 -32.06
CA GLY D 283 -47.17 44.78 -31.84
C GLY D 283 -46.58 44.37 -30.49
N ALA D 284 -45.79 43.30 -30.49
CA ALA D 284 -45.11 42.85 -29.28
C ALA D 284 -43.67 42.51 -29.62
N ILE D 285 -42.78 42.64 -28.64
CA ILE D 285 -41.35 42.52 -28.88
C ILE D 285 -40.77 41.39 -28.06
N ASN D 286 -39.76 40.72 -28.62
CA ASN D 286 -39.03 39.67 -27.92
C ASN D 286 -38.14 40.18 -26.82
N SER D 287 -37.32 41.18 -27.12
CA SER D 287 -36.50 41.90 -26.10
C SER D 287 -35.26 41.13 -25.58
N SER D 288 -34.60 40.41 -26.49
CA SER D 288 -33.31 39.78 -26.20
C SER D 288 -32.23 40.83 -26.35
N MET D 289 -32.18 41.42 -27.53
CA MET D 289 -31.19 42.44 -27.88
C MET D 289 -31.53 43.77 -27.16
N PRO D 290 -30.59 44.72 -27.06
CA PRO D 290 -30.77 45.86 -26.18
C PRO D 290 -31.34 47.13 -26.79
N PHE D 291 -31.61 47.19 -28.09
CA PHE D 291 -32.27 48.38 -28.64
C PHE D 291 -33.44 48.01 -29.56
N HIS D 292 -34.49 48.84 -29.59
CA HIS D 292 -35.56 48.67 -30.60
C HIS D 292 -35.92 49.98 -31.25
N ASN D 293 -36.70 49.90 -32.32
CA ASN D 293 -37.09 51.07 -33.07
C ASN D 293 -38.55 50.99 -33.49
N ILE D 294 -39.34 50.33 -32.66
CA ILE D 294 -40.70 50.01 -32.99
C ILE D 294 -41.63 51.16 -32.67
N HIS D 295 -41.81 51.42 -31.39
CA HIS D 295 -42.71 52.48 -30.97
C HIS D 295 -42.22 53.05 -29.69
N PRO D 296 -42.32 54.36 -29.54
CA PRO D 296 -41.77 54.92 -28.32
C PRO D 296 -42.50 54.50 -27.06
N LEU D 297 -43.84 54.44 -27.07
CA LEU D 297 -44.58 54.13 -25.82
C LEU D 297 -44.95 52.67 -25.59
N THR D 298 -44.18 52.03 -24.73
CA THR D 298 -44.19 50.60 -24.53
C THR D 298 -44.66 50.28 -23.12
N ILE D 299 -45.03 49.03 -22.91
CA ILE D 299 -45.44 48.56 -21.59
C ILE D 299 -44.64 47.32 -21.28
N GLY D 300 -43.84 47.41 -20.21
CA GLY D 300 -43.09 46.24 -19.72
C GLY D 300 -41.57 46.42 -19.78
N GLU D 301 -40.87 45.29 -19.70
CA GLU D 301 -39.39 45.28 -19.68
C GLU D 301 -38.83 45.35 -21.08
N CYS D 302 -39.08 46.46 -21.77
CA CYS D 302 -38.60 46.57 -23.14
C CYS D 302 -37.10 46.99 -23.13
N PRO D 303 -36.41 46.78 -24.26
CA PRO D 303 -35.09 47.36 -24.45
C PRO D 303 -35.20 48.86 -24.61
N LYS D 304 -34.13 49.51 -25.04
CA LYS D 304 -34.11 50.99 -25.13
C LYS D 304 -34.54 51.49 -26.52
N TYR D 305 -35.51 52.43 -26.55
CA TYR D 305 -36.06 52.94 -27.81
C TYR D 305 -35.04 53.87 -28.41
N VAL D 306 -34.66 53.61 -29.65
CA VAL D 306 -33.63 54.33 -30.33
C VAL D 306 -34.11 54.76 -31.71
N LYS D 307 -33.86 56.00 -32.11
CA LYS D 307 -34.27 56.47 -33.42
C LYS D 307 -33.19 56.17 -34.45
N SER D 308 -33.13 54.90 -34.85
CA SER D 308 -32.25 54.49 -35.95
C SER D 308 -32.71 53.21 -36.62
N ASN D 309 -32.31 53.01 -37.86
CA ASN D 309 -32.76 51.89 -38.66
C ASN D 309 -31.79 50.74 -38.66
N ARG D 310 -30.53 51.01 -38.36
CA ARG D 310 -29.48 49.99 -38.47
C ARG D 310 -28.48 50.12 -37.32
N LEU D 311 -28.24 49.00 -36.63
CA LEU D 311 -27.13 48.89 -35.70
C LEU D 311 -26.49 47.56 -35.87
N VAL D 312 -25.53 47.49 -36.78
CA VAL D 312 -24.91 46.21 -37.10
C VAL D 312 -23.48 46.22 -36.65
N LEU D 313 -23.09 45.10 -36.06
CA LEU D 313 -21.84 44.97 -35.36
C LEU D 313 -20.96 44.03 -36.12
N ALA D 314 -19.68 44.34 -36.14
CA ALA D 314 -18.74 43.57 -36.93
C ALA D 314 -18.24 42.44 -36.07
N THR D 315 -18.10 41.28 -36.70
CA THR D 315 -17.52 40.09 -36.08
C THR D 315 -16.33 39.56 -36.89
N GLY D 316 -16.51 39.35 -38.19
CA GLY D 316 -15.44 38.92 -39.11
C GLY D 316 -14.43 40.00 -39.42
N LEU D 317 -13.86 40.00 -40.62
CA LEU D 317 -12.88 41.03 -41.07
C LEU D 317 -13.17 41.51 -42.50
N ARG D 318 -12.34 42.40 -43.01
CA ARG D 318 -12.56 42.96 -44.36
C ARG D 318 -12.60 41.87 -45.47
N ASN D 319 -13.70 41.85 -46.20
CA ASN D 319 -13.86 40.92 -47.29
C ASN D 319 -13.31 41.57 -48.55
N SER D 320 -12.35 40.91 -49.19
CA SER D 320 -11.72 41.46 -50.41
C SER D 320 -12.12 40.59 -51.62
N PRO D 321 -12.69 41.18 -52.69
CA PRO D 321 -13.18 40.33 -53.79
C PRO D 321 -12.27 40.41 -55.01
N GLY E 1 -6.00 48.89 -42.37
CA GLY E 1 -5.33 48.08 -41.30
C GLY E 1 -4.42 48.91 -40.39
N LEU E 2 -4.63 48.81 -39.09
CA LEU E 2 -3.76 49.46 -38.12
C LEU E 2 -2.42 48.79 -38.02
N PHE E 3 -2.43 47.47 -38.03
CA PHE E 3 -1.20 46.71 -37.86
C PHE E 3 -0.51 46.41 -39.17
N GLY E 4 -1.15 46.80 -40.29
CA GLY E 4 -0.53 46.72 -41.60
C GLY E 4 -0.51 45.30 -42.12
N ALA E 5 -1.55 44.57 -41.72
CA ALA E 5 -1.68 43.19 -42.07
C ALA E 5 -2.56 43.14 -43.30
N ILE E 6 -3.84 43.47 -43.11
CA ILE E 6 -4.86 43.08 -44.04
C ILE E 6 -4.93 43.97 -45.27
N ALA E 7 -5.11 45.26 -45.09
CA ALA E 7 -4.97 46.18 -46.23
C ALA E 7 -3.54 46.21 -46.75
N GLY E 8 -2.58 46.06 -45.82
CA GLY E 8 -1.14 46.32 -46.05
C GLY E 8 -0.40 45.23 -46.79
N PHE E 9 0.57 44.59 -46.12
CA PHE E 9 1.47 43.70 -46.84
C PHE E 9 0.87 42.37 -47.32
N ILE E 10 -0.30 41.99 -46.82
CA ILE E 10 -1.01 40.82 -47.33
C ILE E 10 -2.17 41.26 -48.22
N GLU E 11 -1.84 41.82 -49.39
CA GLU E 11 -2.84 42.39 -50.29
C GLU E 11 -3.85 41.29 -50.69
N GLY E 12 -5.08 41.42 -50.21
CA GLY E 12 -6.14 40.42 -50.48
C GLY E 12 -6.13 39.22 -49.55
N GLY E 13 -7.24 38.49 -49.51
CA GLY E 13 -7.44 37.40 -48.53
C GLY E 13 -7.78 36.08 -49.16
N TRP E 14 -7.17 34.98 -48.66
CA TRP E 14 -7.32 33.65 -49.30
C TRP E 14 -8.81 33.22 -49.18
N GLN E 15 -9.49 33.07 -50.32
CA GLN E 15 -10.89 32.66 -50.34
C GLN E 15 -11.08 31.16 -50.27
N GLY E 16 -10.04 30.39 -50.62
CA GLY E 16 -10.10 28.94 -50.57
C GLY E 16 -10.03 28.33 -49.18
N MET E 17 -9.48 29.07 -48.23
CA MET E 17 -9.54 28.69 -46.82
C MET E 17 -10.93 28.93 -46.30
N VAL E 18 -11.59 27.89 -45.80
CA VAL E 18 -12.92 28.05 -45.19
C VAL E 18 -13.02 27.28 -43.87
N ASP E 19 -11.90 27.10 -43.18
CA ASP E 19 -11.86 26.38 -41.89
C ASP E 19 -11.89 27.37 -40.72
N GLY E 20 -11.12 28.44 -40.85
CA GLY E 20 -10.97 29.47 -39.82
C GLY E 20 -10.82 30.87 -40.39
N TRP E 21 -10.45 31.82 -39.54
CA TRP E 21 -10.23 33.19 -39.96
C TRP E 21 -8.84 33.43 -40.42
N TYR E 22 -7.88 32.81 -39.77
CA TYR E 22 -6.47 33.01 -40.07
C TYR E 22 -5.79 31.69 -40.44
N GLY E 23 -4.82 31.72 -41.35
CA GLY E 23 -4.14 30.49 -41.75
C GLY E 23 -3.01 30.51 -42.75
N TYR E 24 -2.63 29.30 -43.17
CA TYR E 24 -1.42 29.07 -43.94
C TYR E 24 -1.68 28.47 -45.32
N HIS E 25 -0.74 28.74 -46.24
CA HIS E 25 -0.75 28.14 -47.59
C HIS E 25 0.59 27.49 -47.86
N HIS E 26 0.63 26.16 -47.70
CA HIS E 26 1.85 25.40 -48.00
C HIS E 26 1.89 24.99 -49.47
N SER E 27 3.07 25.10 -50.09
CA SER E 27 3.34 24.59 -51.45
C SER E 27 4.74 23.97 -51.52
N ASN E 28 4.83 22.72 -51.06
CA ASN E 28 6.07 21.95 -51.00
C ASN E 28 6.07 20.85 -52.08
N GLU E 29 7.06 19.97 -52.03
CA GLU E 29 7.21 18.90 -53.04
C GLU E 29 6.03 17.94 -53.19
N GLN E 30 5.34 17.65 -52.08
CA GLN E 30 4.18 16.72 -52.08
C GLN E 30 2.92 17.30 -52.73
N GLY E 31 2.71 18.60 -52.57
CA GLY E 31 1.59 19.29 -53.21
C GLY E 31 1.34 20.63 -52.56
N SER E 32 0.28 21.31 -53.02
CA SER E 32 -0.19 22.55 -52.41
C SER E 32 -1.46 22.29 -51.57
N GLY E 33 -1.82 23.29 -50.77
CA GLY E 33 -3.00 23.19 -49.92
C GLY E 33 -3.09 24.30 -48.87
N TYR E 34 -4.34 24.67 -48.54
CA TYR E 34 -4.61 25.58 -47.44
C TYR E 34 -4.81 24.78 -46.16
N ALA E 35 -4.45 25.40 -45.05
CA ALA E 35 -4.62 24.78 -43.74
C ALA E 35 -4.77 25.88 -42.69
N ALA E 36 -5.95 25.96 -42.07
CA ALA E 36 -6.27 27.05 -41.15
C ALA E 36 -5.81 26.76 -39.74
N ASP E 37 -5.31 27.80 -39.05
CA ASP E 37 -4.84 27.69 -37.67
C ASP E 37 -6.03 27.88 -36.77
N LYS E 38 -6.52 26.77 -36.23
CA LYS E 38 -7.75 26.78 -35.47
C LYS E 38 -7.56 27.36 -34.08
N GLU E 39 -6.35 27.26 -33.53
CA GLU E 39 -6.12 27.70 -32.15
C GLU E 39 -6.19 29.22 -31.98
N SER E 40 -5.60 29.95 -32.91
CA SER E 40 -5.64 31.42 -32.88
C SER E 40 -7.02 31.96 -33.27
N THR E 41 -7.65 31.29 -34.21
CA THR E 41 -9.02 31.60 -34.60
C THR E 41 -9.99 31.42 -33.46
N GLN E 42 -9.77 30.42 -32.61
CA GLN E 42 -10.67 30.16 -31.48
C GLN E 42 -10.61 31.28 -30.46
N LYS E 43 -9.43 31.82 -30.23
CA LYS E 43 -9.23 32.92 -29.26
C LYS E 43 -9.87 34.18 -29.73
N ALA E 44 -9.82 34.41 -31.03
CA ALA E 44 -10.52 35.53 -31.64
C ALA E 44 -12.01 35.40 -31.44
N ILE E 45 -12.57 34.24 -31.73
CA ILE E 45 -14.00 34.05 -31.60
C ILE E 45 -14.39 34.12 -30.13
N ASP E 46 -13.60 33.53 -29.25
CA ASP E 46 -13.86 33.64 -27.81
C ASP E 46 -13.91 35.11 -27.41
N GLY E 47 -13.00 35.91 -27.94
CA GLY E 47 -12.99 37.36 -27.73
C GLY E 47 -14.21 38.08 -28.27
N VAL E 48 -14.46 37.93 -29.56
CA VAL E 48 -15.61 38.58 -30.19
C VAL E 48 -16.92 38.12 -29.54
N THR E 49 -17.07 36.83 -29.29
CA THR E 49 -18.28 36.32 -28.63
C THR E 49 -18.47 37.04 -27.31
N ASN E 50 -17.37 37.34 -26.64
CA ASN E 50 -17.41 38.04 -25.37
C ASN E 50 -17.69 39.57 -25.46
N LYS E 51 -17.25 40.21 -26.54
CA LYS E 51 -17.57 41.62 -26.75
C LYS E 51 -19.06 41.77 -26.88
N VAL E 52 -19.61 41.03 -27.83
CA VAL E 52 -21.01 41.14 -28.19
C VAL E 52 -21.88 40.79 -26.98
N ASN E 53 -21.50 39.73 -26.27
CA ASN E 53 -22.14 39.41 -24.99
C ASN E 53 -22.10 40.60 -24.04
N SER E 54 -20.92 41.18 -23.86
CA SER E 54 -20.77 42.28 -22.90
C SER E 54 -21.59 43.53 -23.26
N ILE E 55 -21.75 43.82 -24.54
CA ILE E 55 -22.57 44.98 -24.95
C ILE E 55 -24.07 44.79 -24.70
N ILE E 56 -24.54 43.56 -24.65
CA ILE E 56 -25.93 43.28 -24.34
C ILE E 56 -26.16 43.02 -22.84
N ASP E 57 -25.31 42.18 -22.28
CA ASP E 57 -25.44 41.72 -20.90
C ASP E 57 -25.35 42.85 -19.85
N LYS E 58 -24.58 43.91 -20.13
CA LYS E 58 -24.40 45.01 -19.18
C LYS E 58 -25.59 45.93 -19.05
N MET E 59 -26.47 45.91 -20.06
CA MET E 59 -27.62 46.78 -20.02
C MET E 59 -28.83 46.14 -19.39
N ASN E 60 -28.68 44.89 -18.87
CA ASN E 60 -29.73 44.13 -18.12
C ASN E 60 -30.62 45.00 -17.19
N THR E 61 -30.09 46.13 -16.71
CA THR E 61 -30.87 47.12 -16.01
C THR E 61 -31.88 47.68 -17.00
N GLN E 62 -33.07 47.08 -16.93
CA GLN E 62 -34.33 47.63 -17.43
C GLN E 62 -35.47 47.10 -16.55
N PHE E 63 -36.48 47.95 -16.32
CA PHE E 63 -37.64 47.62 -15.46
C PHE E 63 -39.01 47.82 -16.14
N GLU E 64 -40.05 47.98 -15.34
CA GLU E 64 -41.29 48.55 -15.82
C GLU E 64 -41.22 49.95 -16.43
N ALA E 65 -42.24 50.22 -17.23
CA ALA E 65 -42.22 51.36 -18.13
C ALA E 65 -43.62 51.62 -18.74
N VAL E 66 -43.78 52.82 -19.32
CA VAL E 66 -45.05 53.33 -19.87
C VAL E 66 -44.90 54.44 -20.98
N GLY E 67 -46.04 54.93 -21.45
CA GLY E 67 -46.19 56.14 -22.29
C GLY E 67 -47.07 57.24 -21.65
N ARG E 68 -47.97 57.88 -22.41
CA ARG E 68 -48.49 59.22 -22.11
C ARG E 68 -49.95 59.30 -21.62
N GLU E 69 -50.21 60.27 -20.73
CA GLU E 69 -51.25 60.14 -19.70
C GLU E 69 -51.92 61.41 -19.14
N PHE E 70 -51.87 62.55 -19.85
CA PHE E 70 -52.34 63.83 -19.30
C PHE E 70 -53.32 64.54 -20.22
N ASN E 71 -54.23 65.30 -19.62
CA ASN E 71 -55.29 66.02 -20.38
C ASN E 71 -54.78 67.38 -20.86
N ASN E 72 -55.53 68.01 -21.77
CA ASN E 72 -55.06 69.26 -22.38
C ASN E 72 -55.25 70.51 -21.48
N LEU E 73 -55.64 70.33 -20.22
CA LEU E 73 -55.50 71.37 -19.19
C LEU E 73 -54.30 71.14 -18.28
N GLU E 74 -53.42 70.22 -18.66
CA GLU E 74 -52.14 70.00 -17.96
C GLU E 74 -51.00 69.82 -18.97
N ARG E 75 -50.97 70.68 -19.97
CA ARG E 75 -50.02 70.55 -21.08
C ARG E 75 -48.59 70.82 -20.64
N ARG E 76 -48.42 71.56 -19.54
CA ARG E 76 -47.09 71.86 -18.98
C ARG E 76 -46.36 70.61 -18.49
N ILE E 77 -47.10 69.75 -17.79
CA ILE E 77 -46.56 68.49 -17.29
C ILE E 77 -46.35 67.53 -18.46
N GLU E 78 -47.22 67.57 -19.47
CA GLU E 78 -47.07 66.71 -20.66
C GLU E 78 -45.83 67.12 -21.43
N ASN E 79 -45.49 68.41 -21.40
CA ASN E 79 -44.27 68.92 -22.00
C ASN E 79 -43.06 68.49 -21.20
N LEU E 80 -43.17 68.41 -19.87
CA LEU E 80 -42.08 67.83 -19.06
C LEU E 80 -41.83 66.35 -19.36
N ASN E 81 -42.88 65.61 -19.67
CA ASN E 81 -42.72 64.23 -20.06
C ASN E 81 -41.94 64.21 -21.35
N LYS E 82 -42.41 64.95 -22.35
CA LYS E 82 -41.78 65.00 -23.69
C LYS E 82 -40.30 65.32 -23.60
N LYS E 83 -39.94 66.30 -22.77
CA LYS E 83 -38.53 66.71 -22.64
C LYS E 83 -37.66 65.56 -22.20
N MET E 84 -38.15 64.82 -21.22
CA MET E 84 -37.41 63.71 -20.65
C MET E 84 -37.34 62.58 -21.64
N GLU E 85 -38.48 62.25 -22.23
CA GLU E 85 -38.60 61.09 -23.13
C GLU E 85 -37.79 61.32 -24.41
N ASP E 86 -37.93 62.51 -24.99
CA ASP E 86 -37.08 62.91 -26.11
C ASP E 86 -35.63 62.95 -25.67
N GLY E 87 -35.35 63.48 -24.48
CA GLY E 87 -33.99 63.52 -23.94
C GLY E 87 -33.28 62.18 -23.92
N PHE E 88 -33.95 61.14 -23.46
CA PHE E 88 -33.34 59.80 -23.36
C PHE E 88 -33.14 59.20 -24.72
N LEU E 89 -34.16 59.29 -25.54
CA LEU E 89 -34.04 58.94 -26.95
C LEU E 89 -32.81 59.56 -27.62
N ASP E 90 -32.48 60.79 -27.29
CA ASP E 90 -31.30 61.43 -27.87
C ASP E 90 -30.06 60.73 -27.35
N VAL E 91 -29.99 60.51 -26.04
CA VAL E 91 -28.80 59.95 -25.40
C VAL E 91 -28.54 58.54 -25.87
N TRP E 92 -29.55 57.70 -25.78
CA TRP E 92 -29.41 56.30 -26.16
C TRP E 92 -29.11 56.10 -27.64
N THR E 93 -29.73 56.88 -28.50
CA THR E 93 -29.41 56.81 -29.89
C THR E 93 -27.97 57.15 -30.11
N TYR E 94 -27.54 58.29 -29.58
CA TYR E 94 -26.15 58.71 -29.73
C TYR E 94 -25.16 57.70 -29.20
N ASN E 95 -25.39 57.24 -27.97
CA ASN E 95 -24.47 56.30 -27.32
C ASN E 95 -24.47 55.01 -28.06
N ALA E 96 -25.63 54.56 -28.53
CA ALA E 96 -25.66 53.31 -29.24
C ALA E 96 -24.93 53.51 -30.57
N GLU E 97 -25.41 54.44 -31.38
CA GLU E 97 -24.83 54.65 -32.70
C GLU E 97 -23.32 54.71 -32.70
N LEU E 98 -22.75 55.45 -31.76
CA LEU E 98 -21.29 55.56 -31.65
C LEU E 98 -20.63 54.34 -31.15
N LEU E 99 -21.23 53.67 -30.19
CA LEU E 99 -20.65 52.45 -29.63
C LEU E 99 -20.40 51.44 -30.73
N VAL E 100 -21.38 51.29 -31.61
CA VAL E 100 -21.21 50.45 -32.75
C VAL E 100 -20.02 50.94 -33.55
N LEU E 101 -20.07 52.17 -34.04
CA LEU E 101 -18.97 52.71 -34.83
C LEU E 101 -17.61 52.55 -34.16
N MET E 102 -17.53 52.65 -32.84
CA MET E 102 -16.22 52.56 -32.17
C MET E 102 -15.77 51.12 -32.08
N GLU E 103 -16.65 50.27 -31.57
CA GLU E 103 -16.32 48.85 -31.42
C GLU E 103 -16.19 48.14 -32.75
N ASN E 104 -16.67 48.71 -33.83
CA ASN E 104 -16.44 48.12 -35.12
C ASN E 104 -15.08 48.43 -35.65
N GLU E 105 -14.51 49.59 -35.33
CA GLU E 105 -13.16 49.84 -35.80
C GLU E 105 -12.23 48.88 -35.09
N ARG E 106 -12.31 48.82 -33.76
CA ARG E 106 -11.38 48.00 -32.98
C ARG E 106 -11.52 46.49 -33.24
N THR E 107 -12.75 46.04 -33.56
CA THR E 107 -13.01 44.65 -33.92
C THR E 107 -12.25 44.29 -35.18
N LEU E 108 -12.30 45.16 -36.18
CA LEU E 108 -11.55 44.92 -37.43
C LEU E 108 -10.04 44.92 -37.19
N ASP E 109 -9.59 45.81 -36.31
CA ASP E 109 -8.18 45.95 -35.98
C ASP E 109 -7.65 44.81 -35.13
N PHE E 110 -8.50 44.27 -34.27
CA PHE E 110 -8.17 43.04 -33.56
C PHE E 110 -7.82 41.89 -34.53
N HIS E 111 -8.46 41.82 -35.69
CA HIS E 111 -8.12 40.79 -36.69
C HIS E 111 -6.77 41.07 -37.31
N ASP E 112 -6.56 42.30 -37.80
CA ASP E 112 -5.23 42.74 -38.22
C ASP E 112 -4.19 42.31 -37.21
N SER E 113 -4.42 42.61 -35.95
CA SER E 113 -3.48 42.28 -34.87
C SER E 113 -3.17 40.80 -34.82
N ASN E 114 -4.20 39.97 -34.83
CA ASN E 114 -4.01 38.52 -34.80
C ASN E 114 -3.23 37.99 -35.99
N VAL E 115 -3.45 38.55 -37.17
CA VAL E 115 -2.76 38.10 -38.36
C VAL E 115 -1.31 38.53 -38.33
N LYS E 116 -1.01 39.76 -37.93
CA LYS E 116 0.38 40.20 -37.87
C LYS E 116 1.15 39.44 -36.80
N ASN E 117 0.49 39.04 -35.73
CA ASN E 117 1.14 38.22 -34.69
C ASN E 117 1.38 36.78 -35.09
N LEU E 118 0.52 36.26 -35.94
CA LEU E 118 0.71 34.93 -36.49
C LEU E 118 1.91 34.88 -37.43
N TYR E 119 1.94 35.79 -38.41
CA TYR E 119 3.13 36.02 -39.27
C TYR E 119 4.41 36.25 -38.46
N ASP E 120 4.32 36.99 -37.37
CA ASP E 120 5.48 37.20 -36.48
C ASP E 120 5.87 35.94 -35.71
N LYS E 121 4.92 35.08 -35.38
CA LYS E 121 5.23 33.83 -34.66
C LYS E 121 5.98 32.85 -35.53
N VAL E 122 5.63 32.82 -36.82
CA VAL E 122 6.36 32.03 -37.81
C VAL E 122 7.75 32.63 -38.03
N ARG E 123 7.81 33.94 -38.27
CA ARG E 123 9.06 34.64 -38.54
C ARG E 123 10.13 34.42 -37.47
N LEU E 124 9.75 34.40 -36.19
CA LEU E 124 10.71 34.26 -35.10
C LEU E 124 11.27 32.86 -34.91
N GLN E 125 10.51 31.83 -35.28
CA GLN E 125 10.99 30.44 -35.24
C GLN E 125 12.11 30.18 -36.27
N LEU E 126 11.91 30.65 -37.49
CA LEU E 126 12.86 30.43 -38.59
C LEU E 126 13.52 31.76 -39.01
N ARG E 127 14.65 32.06 -38.38
CA ARG E 127 15.24 33.39 -38.47
C ARG E 127 15.95 33.53 -39.82
N ASP E 128 17.05 32.80 -40.00
CA ASP E 128 17.81 32.79 -41.27
C ASP E 128 17.58 31.52 -42.10
N ASN E 129 16.71 30.64 -41.63
CA ASN E 129 16.34 29.41 -42.32
C ASN E 129 15.33 29.66 -43.45
N ALA E 130 14.81 30.89 -43.56
CA ALA E 130 13.95 31.27 -44.67
C ALA E 130 14.11 32.73 -45.06
N LYS E 131 13.45 33.09 -46.14
CA LYS E 131 13.60 34.41 -46.76
C LYS E 131 12.27 35.15 -46.69
N GLU E 132 12.24 36.32 -46.05
CA GLU E 132 11.02 37.17 -45.98
C GLU E 132 10.68 37.79 -47.32
N LEU E 133 9.68 37.25 -48.00
CA LEU E 133 9.41 37.69 -49.37
C LEU E 133 8.84 39.10 -49.38
N GLY E 134 7.84 39.38 -48.55
CA GLY E 134 7.22 40.71 -48.48
C GLY E 134 5.77 40.72 -48.94
N ASN E 135 5.34 39.65 -49.64
CA ASN E 135 3.90 39.34 -49.81
C ASN E 135 3.41 38.51 -48.63
N GLY E 136 4.19 38.47 -47.58
CA GLY E 136 3.84 37.76 -46.37
C GLY E 136 4.10 36.27 -46.49
N CYS E 137 5.00 35.91 -47.40
CA CYS E 137 5.40 34.50 -47.58
C CYS E 137 6.80 34.26 -47.06
N PHE E 138 7.16 32.99 -47.02
CA PHE E 138 8.48 32.54 -46.60
C PHE E 138 9.07 31.49 -47.55
N GLU E 139 10.11 31.88 -48.31
CA GLU E 139 10.86 30.95 -49.14
C GLU E 139 11.87 30.23 -48.25
N PHE E 140 11.78 28.91 -48.21
CA PHE E 140 12.73 28.09 -47.48
C PHE E 140 14.03 27.93 -48.27
N TYR E 141 15.15 27.96 -47.54
CA TYR E 141 16.46 27.61 -48.08
C TYR E 141 16.64 26.07 -48.13
N HIS E 142 15.97 25.35 -47.24
CA HIS E 142 16.05 23.88 -47.20
C HIS E 142 14.73 23.24 -47.58
N LYS E 143 14.78 21.95 -47.86
CA LYS E 143 13.58 21.17 -48.18
C LYS E 143 12.83 20.85 -46.88
N CYS E 144 11.55 21.24 -46.82
CA CYS E 144 10.67 20.98 -45.67
C CYS E 144 9.37 20.29 -46.14
N ASP E 145 9.26 18.99 -45.86
CA ASP E 145 8.12 18.16 -46.28
C ASP E 145 6.88 18.37 -45.41
N ASN E 146 5.79 17.66 -45.70
CA ASN E 146 4.53 17.79 -44.95
C ASN E 146 4.64 17.48 -43.44
N GLU E 147 5.50 16.53 -43.08
CA GLU E 147 5.76 16.24 -41.65
C GLU E 147 6.62 17.32 -40.94
N CYS E 148 7.50 17.98 -41.71
CA CYS E 148 8.29 19.12 -41.20
C CYS E 148 7.42 20.35 -40.93
N MET E 149 6.42 20.61 -41.78
CA MET E 149 5.59 21.85 -41.69
C MET E 149 4.56 21.88 -40.57
N GLU E 150 4.11 20.72 -40.11
CA GLU E 150 3.26 20.64 -38.92
C GLU E 150 3.98 21.26 -37.73
N SER E 151 5.32 21.15 -37.69
CA SER E 151 6.16 21.75 -36.65
C SER E 151 6.09 23.27 -36.63
N VAL E 152 5.93 23.88 -37.79
CA VAL E 152 5.77 25.33 -37.92
C VAL E 152 4.41 25.78 -37.36
N ARG E 153 3.35 25.11 -37.81
CA ARG E 153 1.99 25.33 -37.30
C ARG E 153 1.84 25.04 -35.80
N ASN E 154 2.28 23.86 -35.38
CA ASN E 154 2.31 23.45 -33.97
C ASN E 154 3.17 24.41 -33.15
N GLY E 155 4.25 24.86 -33.76
CA GLY E 155 5.20 25.77 -33.12
C GLY E 155 6.30 25.02 -32.39
N THR E 156 6.67 23.85 -32.91
CA THR E 156 7.73 23.00 -32.35
C THR E 156 8.91 22.87 -33.35
N TYR E 157 9.21 23.95 -34.08
CA TYR E 157 10.18 23.90 -35.17
C TYR E 157 11.61 24.02 -34.68
N ASP E 158 12.43 23.02 -35.01
CA ASP E 158 13.86 23.00 -34.60
C ASP E 158 14.70 23.85 -35.56
N TYR E 159 15.27 24.92 -35.02
CA TYR E 159 16.32 25.67 -35.70
C TYR E 159 17.58 24.83 -35.96
N PRO E 160 18.12 24.13 -34.92
CA PRO E 160 19.40 23.43 -35.13
C PRO E 160 19.36 22.27 -36.15
N GLN E 161 18.21 21.65 -36.34
CA GLN E 161 18.06 20.51 -37.28
C GLN E 161 18.38 20.88 -38.73
N TYR E 162 17.88 22.03 -39.17
CA TYR E 162 18.02 22.47 -40.56
C TYR E 162 18.92 23.70 -40.71
N SER E 163 19.85 23.90 -39.76
CA SER E 163 20.67 25.13 -39.74
C SER E 163 21.74 25.12 -40.83
N GLU E 164 22.55 24.06 -40.89
CA GLU E 164 23.64 23.96 -41.88
C GLU E 164 23.18 23.86 -43.34
N GLU E 165 21.98 23.30 -43.55
CA GLU E 165 21.42 23.08 -44.89
C GLU E 165 21.13 24.42 -45.59
N ALA E 166 20.61 25.36 -44.80
CA ALA E 166 20.29 26.70 -45.26
C ALA E 166 21.50 27.61 -45.31
N ARG E 167 22.26 27.63 -44.22
CA ARG E 167 23.47 28.47 -44.10
C ARG E 167 24.45 28.29 -45.26
N LEU E 168 24.64 27.05 -45.68
CA LEU E 168 25.53 26.74 -46.79
C LEU E 168 24.84 26.79 -48.18
N LYS E 169 23.50 26.88 -48.19
CA LYS E 169 22.74 27.28 -49.39
C LYS E 169 22.82 28.81 -49.66
N ARG E 170 23.08 29.57 -48.60
CA ARG E 170 23.07 31.04 -48.64
C ARG E 170 24.26 31.66 -49.39
N GLU E 171 25.45 31.10 -49.19
CA GLU E 171 26.68 31.57 -49.86
C GLU E 171 26.73 31.19 -51.35
N GLU E 172 25.98 30.16 -51.75
CA GLU E 172 25.92 29.70 -53.15
C GLU E 172 25.30 30.77 -54.07
N ILE E 173 24.26 31.41 -53.57
CA ILE E 173 23.59 32.51 -54.28
C ILE E 173 24.42 33.80 -54.17
N SER E 174 25.01 34.04 -53.00
CA SER E 174 25.86 35.21 -52.76
C SER E 174 27.23 35.08 -53.46
N SER E 175 27.28 35.45 -54.74
CA SER E 175 28.49 35.35 -55.56
C SER E 175 28.36 34.25 -56.61
N ASP F 1 32.13 36.79 23.91
CA ASP F 1 32.78 35.95 22.85
C ASP F 1 32.02 34.63 22.68
N GLN F 2 31.93 34.15 21.44
CA GLN F 2 31.14 32.94 21.09
C GLN F 2 31.79 32.05 20.00
N ILE F 3 31.57 30.74 20.11
CA ILE F 3 31.72 29.76 19.01
C ILE F 3 30.51 28.86 18.93
N CYS F 4 29.86 28.90 17.77
CA CYS F 4 28.62 28.20 17.54
C CYS F 4 28.79 27.27 16.32
N ILE F 5 28.19 26.07 16.40
CA ILE F 5 28.32 24.99 15.41
C ILE F 5 27.08 24.92 14.53
N GLY F 6 27.29 24.55 13.26
CA GLY F 6 26.16 24.24 12.38
C GLY F 6 26.52 23.41 11.16
N TYR F 7 25.54 23.34 10.26
CA TYR F 7 25.59 22.49 9.08
C TYR F 7 25.18 23.29 7.84
N HIS F 8 25.72 22.89 6.70
CA HIS F 8 25.54 23.60 5.43
C HIS F 8 24.08 23.65 5.02
N ALA F 9 23.75 24.62 4.18
CA ALA F 9 22.50 24.61 3.43
C ALA F 9 22.64 25.63 2.33
N ASN F 10 22.08 25.33 1.18
CA ASN F 10 22.19 26.22 0.02
C ASN F 10 20.83 26.43 -0.62
N ASN F 11 20.79 26.72 -1.90
CA ASN F 11 19.55 27.02 -2.62
C ASN F 11 19.03 25.86 -3.47
N SER F 12 19.32 24.61 -3.09
CA SER F 12 18.89 23.47 -3.90
C SER F 12 17.43 23.15 -3.67
N THR F 13 16.80 22.66 -4.74
CA THR F 13 15.40 22.31 -4.72
C THR F 13 15.17 20.80 -4.70
N GLU F 14 16.22 19.99 -4.96
CA GLU F 14 16.03 18.56 -5.18
C GLU F 14 15.48 17.81 -3.99
N GLN F 15 14.21 17.43 -4.14
CA GLN F 15 13.49 16.62 -3.16
C GLN F 15 13.87 15.14 -3.33
N VAL F 16 13.89 14.44 -2.19
CA VAL F 16 14.23 13.03 -2.12
C VAL F 16 13.29 12.38 -1.15
N ASP F 17 12.65 11.30 -1.57
CA ASP F 17 11.81 10.52 -0.67
C ASP F 17 12.67 9.68 0.27
N THR F 18 12.20 9.53 1.51
CA THR F 18 12.76 8.57 2.46
C THR F 18 11.62 7.71 3.01
N ILE F 19 12.00 6.71 3.80
CA ILE F 19 11.07 5.71 4.25
C ILE F 19 10.01 6.34 5.17
N MET F 20 10.45 7.25 6.06
CA MET F 20 9.54 7.88 7.02
C MET F 20 8.99 9.24 6.65
N GLU F 21 9.66 9.93 5.74
CA GLU F 21 9.25 11.26 5.27
C GLU F 21 9.19 11.21 3.75
N LYS F 22 8.26 11.92 3.12
CA LYS F 22 8.24 12.05 1.65
C LYS F 22 8.51 13.49 1.25
N ASN F 23 9.01 13.70 0.03
CA ASN F 23 9.30 15.05 -0.52
C ASN F 23 10.14 15.89 0.48
N VAL F 24 11.36 15.47 0.72
CA VAL F 24 12.26 16.17 1.64
C VAL F 24 13.31 16.90 0.85
N THR F 25 13.44 18.19 1.09
CA THR F 25 14.33 19.03 0.32
C THR F 25 15.76 18.86 0.80
N VAL F 26 16.66 18.42 -0.08
CA VAL F 26 18.02 18.03 0.29
C VAL F 26 19.08 18.74 -0.50
N THR F 27 20.21 19.03 0.17
CA THR F 27 21.34 19.80 -0.36
C THR F 27 21.94 19.32 -1.67
N HIS F 28 22.23 18.02 -1.73
CA HIS F 28 22.80 17.36 -2.90
C HIS F 28 22.20 15.97 -3.13
N ALA F 29 22.52 15.37 -4.28
CA ALA F 29 21.86 14.14 -4.66
C ALA F 29 22.54 13.45 -5.84
N GLN F 30 22.07 12.23 -6.12
CA GLN F 30 22.55 11.43 -7.22
C GLN F 30 21.39 10.64 -7.84
N ASP F 31 21.27 10.70 -9.17
CA ASP F 31 20.32 9.88 -9.92
C ASP F 31 20.91 8.48 -10.10
N ILE F 32 20.07 7.45 -9.92
CA ILE F 32 20.44 6.05 -10.10
C ILE F 32 19.74 5.45 -11.31
N LEU F 33 18.84 6.17 -11.95
CA LEU F 33 17.99 5.58 -12.95
C LEU F 33 18.33 6.17 -14.31
N GLU F 34 18.55 5.29 -15.28
CA GLU F 34 18.89 5.73 -16.65
C GLU F 34 17.61 5.94 -17.46
N LYS F 35 17.37 7.20 -17.83
CA LYS F 35 16.11 7.61 -18.40
C LYS F 35 16.19 7.87 -19.89
N LYS F 36 17.38 7.88 -20.45
CA LYS F 36 17.59 8.47 -21.77
C LYS F 36 18.17 7.47 -22.77
N HIS F 37 17.85 7.66 -24.04
CA HIS F 37 18.33 6.79 -25.12
C HIS F 37 18.59 7.61 -26.38
N ASN F 38 19.54 7.16 -27.21
CA ASN F 38 19.96 7.90 -28.41
C ASN F 38 19.03 7.72 -29.61
N GLY F 39 18.12 6.76 -29.48
CA GLY F 39 17.01 6.61 -30.41
C GLY F 39 17.39 6.15 -31.80
N LYS F 40 18.51 5.43 -31.91
CA LYS F 40 18.98 4.94 -33.21
C LYS F 40 19.80 3.70 -32.91
N LEU F 41 19.45 2.57 -33.54
CA LEU F 41 20.02 1.29 -33.13
C LEU F 41 21.39 1.05 -33.70
N CYS F 42 22.25 0.46 -32.87
CA CYS F 42 23.69 0.53 -32.98
C CYS F 42 24.35 -0.84 -32.92
N ASP F 43 25.67 -0.84 -33.05
CA ASP F 43 26.49 -2.05 -32.97
C ASP F 43 26.53 -2.58 -31.55
N LEU F 44 26.66 -3.90 -31.41
CA LEU F 44 27.00 -4.52 -30.12
C LEU F 44 28.45 -4.96 -30.12
N ASP F 45 29.31 -4.15 -29.50
CA ASP F 45 30.74 -4.45 -29.43
C ASP F 45 31.28 -4.74 -30.84
N GLY F 46 31.20 -3.72 -31.68
CA GLY F 46 31.78 -3.73 -33.01
C GLY F 46 31.06 -4.54 -34.08
N VAL F 47 29.91 -5.11 -33.75
CA VAL F 47 29.25 -6.04 -34.65
C VAL F 47 27.97 -5.45 -35.25
N LYS F 48 27.95 -5.39 -36.58
CA LYS F 48 26.88 -4.76 -37.34
C LYS F 48 25.64 -5.67 -37.16
N PRO F 49 24.51 -5.12 -36.71
CA PRO F 49 23.30 -5.92 -36.77
C PRO F 49 22.74 -6.07 -38.19
N LEU F 50 22.10 -7.21 -38.45
CA LEU F 50 21.51 -7.51 -39.73
C LEU F 50 20.15 -6.80 -39.86
N ILE F 51 20.06 -5.74 -40.65
CA ILE F 51 18.81 -4.99 -40.77
C ILE F 51 18.04 -5.41 -42.03
N LEU F 52 16.81 -5.88 -41.84
CA LEU F 52 15.94 -6.24 -42.94
C LEU F 52 14.76 -5.27 -42.97
N ARG F 53 14.70 -4.46 -44.02
CA ARG F 53 13.74 -3.36 -44.02
C ARG F 53 12.37 -3.93 -44.41
N ASP F 54 12.17 -4.20 -45.70
CA ASP F 54 10.88 -4.59 -46.26
C ASP F 54 10.85 -6.11 -46.45
N CYS F 55 11.68 -6.80 -45.68
CA CYS F 55 11.90 -8.22 -45.91
C CYS F 55 12.02 -8.93 -44.56
N SER F 56 11.54 -10.18 -44.55
CA SER F 56 11.63 -11.06 -43.39
C SER F 56 12.81 -11.98 -43.57
N VAL F 57 13.04 -12.82 -42.57
CA VAL F 57 14.15 -13.79 -42.60
C VAL F 57 13.90 -14.85 -43.66
N ALA F 58 12.69 -15.38 -43.69
CA ALA F 58 12.31 -16.39 -44.68
C ALA F 58 12.61 -15.91 -46.11
N GLY F 59 12.13 -14.72 -46.44
CA GLY F 59 12.31 -14.12 -47.76
C GLY F 59 13.74 -13.74 -48.11
N TRP F 60 14.57 -13.60 -47.08
CA TRP F 60 15.98 -13.26 -47.21
C TRP F 60 16.86 -14.48 -47.47
N LEU F 61 16.56 -15.58 -46.80
CA LEU F 61 17.26 -16.85 -47.05
C LEU F 61 16.96 -17.41 -48.44
N LEU F 62 15.68 -17.35 -48.81
CA LEU F 62 15.25 -17.71 -50.14
C LEU F 62 15.42 -16.41 -50.96
N GLY F 63 15.23 -16.49 -52.28
CA GLY F 63 15.47 -15.34 -53.13
C GLY F 63 14.24 -14.53 -53.46
N ASN F 64 13.60 -13.94 -52.44
CA ASN F 64 12.37 -13.18 -52.69
C ASN F 64 12.73 -12.03 -53.63
N PRO F 65 12.07 -11.96 -54.79
CA PRO F 65 12.40 -10.91 -55.75
C PRO F 65 12.12 -9.48 -55.27
N MET F 66 11.04 -9.28 -54.51
CA MET F 66 10.56 -7.92 -54.19
C MET F 66 11.51 -7.12 -53.29
N CYS F 67 12.12 -7.79 -52.31
CA CYS F 67 13.26 -7.25 -51.58
C CYS F 67 14.54 -7.75 -52.26
N ASP F 68 15.71 -7.32 -51.79
CA ASP F 68 17.00 -7.75 -52.38
C ASP F 68 17.87 -8.56 -51.41
N GLU F 69 18.58 -9.56 -51.92
CA GLU F 69 19.44 -10.44 -51.13
C GLU F 69 20.94 -10.09 -51.33
N PHE F 70 21.19 -8.80 -51.56
CA PHE F 70 22.53 -8.26 -51.79
C PHE F 70 23.32 -8.07 -50.48
N ILE F 71 22.68 -8.28 -49.35
CA ILE F 71 23.33 -8.14 -48.05
C ILE F 71 24.39 -9.24 -47.92
N ASN F 72 25.63 -8.89 -48.28
CA ASN F 72 26.79 -9.77 -48.09
C ASN F 72 27.58 -9.32 -46.85
N VAL F 73 26.87 -9.15 -45.73
CA VAL F 73 27.50 -8.97 -44.42
C VAL F 73 27.75 -10.39 -43.93
N PRO F 74 29.02 -10.71 -43.56
CA PRO F 74 29.39 -12.09 -43.19
C PRO F 74 29.38 -12.36 -41.69
N GLU F 75 28.86 -11.43 -40.89
CA GLU F 75 28.88 -11.55 -39.43
C GLU F 75 27.92 -10.57 -38.78
N TRP F 76 27.15 -11.03 -37.79
CA TRP F 76 26.22 -10.14 -37.07
C TRP F 76 25.87 -10.56 -35.65
N SER F 77 25.29 -9.63 -34.90
CA SER F 77 24.94 -9.78 -33.47
C SER F 77 23.48 -10.06 -33.17
N TYR F 78 22.60 -9.42 -33.93
CA TYR F 78 21.18 -9.64 -33.81
C TYR F 78 20.50 -9.21 -35.10
N ILE F 79 19.33 -9.74 -35.33
CA ILE F 79 18.57 -9.42 -36.51
C ILE F 79 17.52 -8.36 -36.17
N VAL F 80 17.14 -7.55 -37.16
CA VAL F 80 16.12 -6.52 -36.97
C VAL F 80 15.07 -6.59 -38.08
N GLU F 81 13.94 -7.23 -37.81
CA GLU F 81 12.80 -7.19 -38.71
C GLU F 81 11.96 -5.99 -38.35
N LYS F 82 10.88 -5.79 -39.11
CA LYS F 82 9.82 -4.87 -38.69
C LYS F 82 8.60 -5.66 -38.24
N ALA F 83 7.66 -4.94 -37.64
CA ALA F 83 6.45 -5.54 -37.04
C ALA F 83 5.84 -6.60 -37.93
N ASN F 84 5.27 -6.16 -39.06
CA ASN F 84 4.79 -7.03 -40.13
C ASN F 84 5.60 -6.65 -41.39
N PRO F 85 6.62 -7.45 -41.74
CA PRO F 85 7.45 -7.12 -42.91
C PRO F 85 6.66 -7.42 -44.19
N VAL F 86 6.77 -6.53 -45.16
CA VAL F 86 5.89 -6.57 -46.33
C VAL F 86 6.07 -7.78 -47.26
N ASN F 87 7.28 -8.37 -47.27
CA ASN F 87 7.59 -9.52 -48.14
C ASN F 87 8.09 -10.76 -47.38
N ASP F 88 7.16 -11.56 -46.86
CA ASP F 88 7.47 -12.82 -46.16
C ASP F 88 7.72 -13.90 -47.22
N LEU F 89 6.68 -14.20 -48.00
CA LEU F 89 6.75 -15.23 -49.02
C LEU F 89 5.85 -14.82 -50.17
N CYS F 90 6.45 -14.61 -51.35
CA CYS F 90 5.67 -14.23 -52.53
C CYS F 90 4.67 -15.32 -52.88
N TYR F 91 5.15 -16.57 -52.97
CA TYR F 91 4.30 -17.75 -53.16
C TYR F 91 3.89 -18.23 -51.76
N PRO F 92 2.58 -18.24 -51.47
CA PRO F 92 2.09 -18.53 -50.13
C PRO F 92 2.42 -19.93 -49.67
N GLY F 93 2.53 -20.08 -48.37
CA GLY F 93 2.91 -21.35 -47.79
C GLY F 93 3.35 -21.15 -46.35
N ASP F 94 4.35 -21.94 -45.97
CA ASP F 94 4.71 -22.15 -44.59
C ASP F 94 6.18 -22.59 -44.57
N PHE F 95 6.86 -22.32 -43.46
CA PHE F 95 8.27 -22.68 -43.25
C PHE F 95 8.31 -23.54 -41.98
N ASN F 96 9.00 -24.67 -42.03
CA ASN F 96 8.99 -25.66 -40.93
C ASN F 96 10.09 -25.41 -39.90
N ASP F 97 9.71 -25.30 -38.64
CA ASP F 97 10.61 -24.89 -37.53
C ASP F 97 11.23 -23.51 -37.76
N TYR F 98 10.45 -22.60 -38.34
CA TYR F 98 10.89 -21.26 -38.77
C TYR F 98 11.44 -20.46 -37.62
N GLU F 99 10.80 -20.62 -36.46
CA GLU F 99 11.15 -19.82 -35.32
C GLU F 99 12.47 -20.29 -34.77
N GLU F 100 12.69 -21.60 -34.79
CA GLU F 100 13.95 -22.16 -34.31
C GLU F 100 15.11 -21.86 -35.22
N LEU F 101 14.85 -21.82 -36.51
CA LEU F 101 15.86 -21.44 -37.48
C LEU F 101 16.17 -19.97 -37.31
N LYS F 102 15.14 -19.17 -37.04
CA LYS F 102 15.32 -17.76 -36.71
C LYS F 102 16.29 -17.57 -35.56
N HIS F 103 16.07 -18.33 -34.49
CA HIS F 103 16.94 -18.24 -33.32
C HIS F 103 18.36 -18.69 -33.66
N LEU F 104 18.48 -19.73 -34.48
CA LEU F 104 19.80 -20.23 -34.89
C LEU F 104 20.58 -19.18 -35.66
N LEU F 105 19.89 -18.51 -36.58
CA LEU F 105 20.53 -17.52 -37.43
C LEU F 105 20.64 -16.14 -36.79
N SER F 106 20.11 -15.98 -35.58
CA SER F 106 20.12 -14.68 -34.93
C SER F 106 21.51 -14.08 -34.70
N ARG F 107 22.49 -14.94 -34.45
CA ARG F 107 23.86 -14.50 -34.16
C ARG F 107 24.91 -15.42 -34.77
N ILE F 108 25.55 -14.92 -35.82
CA ILE F 108 26.44 -15.72 -36.61
C ILE F 108 27.82 -15.11 -36.60
N ASN F 109 28.80 -15.98 -36.67
CA ASN F 109 30.18 -15.58 -36.71
C ASN F 109 30.70 -15.47 -38.16
N HIS F 110 30.48 -16.51 -38.97
CA HIS F 110 30.94 -16.53 -40.37
C HIS F 110 29.84 -17.02 -41.34
N PHE F 111 29.68 -16.31 -42.46
CA PHE F 111 28.50 -16.47 -43.30
C PHE F 111 28.77 -16.11 -44.76
N GLU F 112 28.49 -17.04 -45.68
CA GLU F 112 28.55 -16.77 -47.12
C GLU F 112 27.73 -17.78 -47.95
N LYS F 113 27.29 -17.34 -49.14
CA LYS F 113 26.46 -18.13 -50.03
C LYS F 113 27.35 -19.05 -50.87
N ILE F 114 26.89 -20.28 -51.16
CA ILE F 114 27.67 -21.28 -51.96
C ILE F 114 26.82 -22.01 -53.02
N GLN F 115 27.43 -22.30 -54.17
CA GLN F 115 26.84 -23.18 -55.20
C GLN F 115 26.93 -24.64 -54.75
N ILE F 116 25.78 -25.29 -54.60
CA ILE F 116 25.72 -26.72 -54.31
C ILE F 116 25.47 -27.47 -55.62
N ILE F 117 24.40 -27.12 -56.31
CA ILE F 117 24.11 -27.65 -57.65
C ILE F 117 23.48 -26.56 -58.53
N PRO F 118 24.15 -26.19 -59.64
CA PRO F 118 23.65 -25.05 -60.42
C PRO F 118 22.32 -25.33 -61.15
N LYS F 119 21.75 -24.27 -61.69
CA LYS F 119 20.55 -24.35 -62.52
C LYS F 119 20.83 -25.14 -63.80
N SER F 120 22.04 -24.99 -64.32
CA SER F 120 22.50 -25.63 -65.56
C SER F 120 22.50 -27.16 -65.52
N SER F 121 22.80 -27.74 -64.37
CA SER F 121 22.98 -29.19 -64.24
C SER F 121 21.73 -30.06 -64.40
N TRP F 122 20.55 -29.45 -64.35
CA TRP F 122 19.29 -30.16 -64.58
C TRP F 122 18.98 -30.28 -66.09
N SER F 123 19.53 -31.32 -66.71
CA SER F 123 19.40 -31.55 -68.15
C SER F 123 18.15 -32.37 -68.48
N SER F 124 17.92 -33.42 -67.69
CA SER F 124 16.77 -34.31 -67.89
C SER F 124 15.41 -33.67 -67.47
N HIS F 125 15.45 -32.58 -66.69
CA HIS F 125 14.25 -31.86 -66.23
C HIS F 125 14.33 -30.35 -66.52
N GLU F 126 13.18 -29.74 -66.81
CA GLU F 126 13.11 -28.35 -67.27
C GLU F 126 13.07 -27.36 -66.10
N ALA F 127 14.20 -26.71 -65.87
CA ALA F 127 14.37 -25.74 -64.79
C ALA F 127 14.19 -24.29 -65.23
N SER F 128 14.11 -24.05 -66.53
CA SER F 128 13.95 -22.71 -67.08
C SER F 128 12.57 -22.12 -66.70
N LEU F 129 11.51 -22.56 -67.39
CA LEU F 129 10.16 -22.00 -67.16
C LEU F 129 9.56 -22.69 -65.93
N GLY F 130 10.01 -22.24 -64.76
CA GLY F 130 9.55 -22.76 -63.48
C GLY F 130 9.18 -21.59 -62.58
N VAL F 131 8.14 -20.86 -62.96
CA VAL F 131 7.62 -19.72 -62.21
C VAL F 131 6.08 -19.75 -62.22
N SER F 132 5.46 -18.72 -61.64
CA SER F 132 4.05 -18.47 -61.86
C SER F 132 3.69 -17.02 -61.52
N SER F 133 2.46 -16.65 -61.90
CA SER F 133 1.92 -15.31 -61.72
C SER F 133 1.77 -14.96 -60.24
N ALA F 134 2.85 -14.49 -59.63
CA ALA F 134 2.89 -14.30 -58.18
C ALA F 134 4.06 -13.47 -57.69
N CYS F 135 5.28 -13.85 -58.10
CA CYS F 135 6.52 -13.16 -57.67
C CYS F 135 7.12 -12.30 -58.80
N PRO F 136 6.82 -10.98 -58.82
CA PRO F 136 7.33 -10.12 -59.90
C PRO F 136 8.73 -9.57 -59.65
N TYR F 137 9.69 -9.87 -60.54
CA TYR F 137 11.04 -9.31 -60.39
C TYR F 137 11.15 -7.90 -60.97
N GLN F 138 10.99 -7.77 -62.29
CA GLN F 138 11.04 -6.46 -62.98
C GLN F 138 9.77 -6.29 -63.83
N GLY F 139 8.64 -6.67 -63.23
CA GLY F 139 7.35 -6.72 -63.92
C GLY F 139 6.96 -8.15 -64.29
N LYS F 140 7.85 -8.83 -65.00
CA LYS F 140 7.57 -10.16 -65.55
C LYS F 140 7.64 -11.25 -64.47
N SER F 141 6.79 -12.27 -64.60
CA SER F 141 6.64 -13.39 -63.67
C SER F 141 7.95 -14.12 -63.38
N SER F 142 8.33 -14.12 -62.11
CA SER F 142 9.56 -14.76 -61.61
C SER F 142 9.24 -15.69 -60.43
N PHE F 143 10.29 -16.19 -59.78
CA PHE F 143 10.20 -17.11 -58.64
C PHE F 143 11.43 -16.94 -57.75
N PHE F 144 11.41 -17.56 -56.56
CA PHE F 144 12.53 -17.58 -55.62
C PHE F 144 13.87 -17.86 -56.27
N ARG F 145 14.75 -16.87 -56.19
CA ARG F 145 16.06 -16.89 -56.85
C ARG F 145 17.15 -17.74 -56.17
N ASN F 146 16.84 -18.43 -55.07
CA ASN F 146 17.78 -19.38 -54.41
C ASN F 146 17.31 -20.85 -54.37
N VAL F 147 16.20 -21.14 -55.01
CA VAL F 147 15.67 -22.50 -55.10
C VAL F 147 14.96 -22.66 -56.48
N VAL F 148 15.17 -23.79 -57.12
CA VAL F 148 14.72 -24.03 -58.49
C VAL F 148 13.45 -24.87 -58.49
N TRP F 149 12.47 -24.50 -59.29
CA TRP F 149 11.19 -25.25 -59.41
C TRP F 149 11.22 -26.17 -60.65
N LEU F 150 11.11 -27.47 -60.42
CA LEU F 150 11.32 -28.49 -61.46
C LEU F 150 10.02 -28.92 -62.17
N ILE F 151 10.09 -29.01 -63.50
CA ILE F 151 8.97 -29.33 -64.41
C ILE F 151 9.37 -30.49 -65.34
N LYS F 152 8.39 -31.24 -65.84
CA LYS F 152 8.61 -32.36 -66.79
C LYS F 152 9.21 -31.88 -68.13
N LYS F 153 10.01 -32.74 -68.76
CA LYS F 153 10.51 -32.44 -70.12
C LYS F 153 9.73 -33.24 -71.16
N ASN F 154 9.46 -32.58 -72.28
CA ASN F 154 8.66 -33.14 -73.39
C ASN F 154 7.28 -33.57 -72.86
N SER F 155 7.16 -34.78 -72.31
CA SER F 155 5.98 -35.18 -71.52
C SER F 155 6.26 -36.37 -70.57
N THR F 156 7.48 -36.47 -70.06
CA THR F 156 7.88 -37.53 -69.11
C THR F 156 8.70 -36.89 -68.00
N TYR F 157 8.53 -37.41 -66.78
CA TYR F 157 9.24 -36.92 -65.58
C TYR F 157 10.15 -38.01 -64.99
N PRO F 158 11.45 -37.99 -65.33
CA PRO F 158 12.39 -38.97 -64.76
C PRO F 158 12.51 -38.85 -63.24
N THR F 159 12.80 -39.96 -62.57
CA THR F 159 13.08 -39.96 -61.12
C THR F 159 14.46 -39.37 -60.87
N ILE F 160 14.53 -38.33 -60.04
CA ILE F 160 15.80 -37.68 -59.67
C ILE F 160 16.47 -38.46 -58.55
N LYS F 161 17.80 -38.48 -58.58
CA LYS F 161 18.58 -39.15 -57.53
C LYS F 161 20.00 -38.58 -57.55
N ARG F 162 20.16 -37.45 -56.84
CA ARG F 162 21.47 -36.80 -56.72
C ARG F 162 21.83 -36.58 -55.25
N SER F 163 23.05 -36.10 -54.99
CA SER F 163 23.53 -35.89 -53.60
C SER F 163 24.71 -34.92 -53.54
N TYR F 164 25.08 -34.51 -52.32
CA TYR F 164 26.16 -33.53 -52.08
C TYR F 164 26.98 -33.84 -50.82
N ASN F 165 28.22 -34.32 -51.01
CA ASN F 165 29.20 -34.44 -49.93
C ASN F 165 29.74 -33.06 -49.65
N ASN F 166 30.00 -32.80 -48.37
CA ASN F 166 30.48 -31.52 -47.92
C ASN F 166 32.02 -31.49 -47.91
N THR F 167 32.58 -31.09 -49.06
CA THR F 167 34.02 -30.85 -49.20
C THR F 167 34.49 -29.67 -48.34
N ASN F 168 33.59 -28.71 -48.09
CA ASN F 168 33.89 -27.57 -47.21
C ASN F 168 34.04 -28.05 -45.78
N GLN F 169 34.87 -27.34 -45.02
CA GLN F 169 35.20 -27.66 -43.62
C GLN F 169 34.39 -26.87 -42.59
N GLU F 170 33.89 -25.71 -42.99
CA GLU F 170 32.92 -24.97 -42.19
C GLU F 170 31.58 -25.71 -42.28
N ASP F 171 30.76 -25.57 -41.25
CA ASP F 171 29.44 -26.18 -41.23
C ASP F 171 28.50 -25.43 -42.20
N LEU F 172 27.50 -26.11 -42.78
CA LEU F 172 26.50 -25.43 -43.65
C LEU F 172 25.07 -25.95 -43.47
N LEU F 173 24.11 -25.17 -43.94
CA LEU F 173 22.71 -25.57 -43.97
C LEU F 173 22.14 -25.51 -45.38
N VAL F 174 21.20 -26.40 -45.65
CA VAL F 174 20.52 -26.49 -46.94
C VAL F 174 19.06 -26.22 -46.68
N LEU F 175 18.40 -25.67 -47.70
CA LEU F 175 16.98 -25.42 -47.67
C LEU F 175 16.34 -26.09 -48.87
N TRP F 176 15.13 -26.62 -48.70
CA TRP F 176 14.37 -27.17 -49.84
C TRP F 176 12.89 -27.07 -49.53
N GLY F 177 12.04 -27.65 -50.38
CA GLY F 177 10.60 -27.70 -50.09
C GLY F 177 9.76 -28.59 -50.98
N ILE F 178 8.45 -28.36 -50.95
CA ILE F 178 7.47 -29.12 -51.73
C ILE F 178 6.42 -28.18 -52.33
N HIS F 179 6.06 -28.39 -53.60
CA HIS F 179 4.88 -27.74 -54.19
C HIS F 179 3.63 -28.60 -53.97
N HIS F 180 2.65 -28.05 -53.27
CA HIS F 180 1.37 -28.71 -53.06
C HIS F 180 0.38 -28.23 -54.12
N PRO F 181 -0.13 -29.15 -54.96
CA PRO F 181 -1.06 -28.69 -56.01
C PRO F 181 -2.48 -28.48 -55.51
N ASN F 182 -3.28 -27.81 -56.34
CA ASN F 182 -4.69 -27.59 -56.06
C ASN F 182 -5.57 -28.83 -56.28
N ASP F 183 -5.39 -29.54 -57.40
CA ASP F 183 -6.17 -30.78 -57.72
C ASP F 183 -5.40 -31.83 -58.55
N ALA F 184 -5.99 -33.01 -58.69
CA ALA F 184 -5.37 -34.11 -59.48
C ALA F 184 -5.17 -33.76 -60.96
N ALA F 185 -5.94 -32.80 -61.48
CA ALA F 185 -5.77 -32.30 -62.85
C ALA F 185 -4.47 -31.49 -63.03
N GLU F 186 -4.11 -30.68 -62.02
CA GLU F 186 -2.85 -29.93 -62.05
C GLU F 186 -1.63 -30.82 -61.74
N GLN F 187 -1.87 -31.99 -61.12
CA GLN F 187 -0.82 -33.01 -60.94
C GLN F 187 -0.25 -33.48 -62.28
N THR F 188 -1.14 -33.88 -63.18
CA THR F 188 -0.75 -34.35 -64.50
C THR F 188 -0.38 -33.23 -65.51
N LYS F 189 -0.65 -31.95 -65.19
CA LYS F 189 -0.25 -30.81 -66.05
C LYS F 189 1.23 -30.46 -65.89
N LEU F 190 1.66 -30.28 -64.65
CA LEU F 190 3.06 -29.92 -64.35
C LEU F 190 3.97 -31.13 -64.43
N TYR F 191 3.52 -32.22 -63.80
CA TYR F 191 4.30 -33.46 -63.71
C TYR F 191 3.52 -34.56 -64.37
N GLN F 192 4.15 -35.72 -64.52
CA GLN F 192 3.49 -36.86 -65.16
C GLN F 192 3.46 -38.01 -64.16
N ASN F 193 2.99 -37.72 -62.96
CA ASN F 193 2.89 -38.73 -61.92
C ASN F 193 1.62 -38.51 -61.13
N PRO F 194 0.96 -39.60 -60.69
CA PRO F 194 -0.16 -39.45 -59.74
C PRO F 194 0.33 -39.39 -58.28
N THR F 195 0.97 -40.46 -57.81
CA THR F 195 1.57 -40.52 -56.47
C THR F 195 3.04 -40.11 -56.59
N THR F 196 3.50 -39.35 -55.59
CA THR F 196 4.83 -38.76 -55.57
C THR F 196 5.47 -38.87 -54.19
N TYR F 197 6.79 -39.02 -54.17
CA TYR F 197 7.57 -39.08 -52.93
C TYR F 197 8.82 -38.20 -53.07
N ILE F 198 9.15 -37.48 -51.99
CA ILE F 198 10.40 -36.70 -51.87
C ILE F 198 11.07 -37.10 -50.56
N SER F 199 12.25 -37.69 -50.70
CA SER F 199 12.97 -38.22 -49.56
C SER F 199 14.34 -37.57 -49.47
N VAL F 200 14.68 -37.18 -48.25
CA VAL F 200 15.98 -36.58 -47.94
C VAL F 200 16.64 -37.36 -46.82
N GLY F 201 17.95 -37.53 -46.98
CA GLY F 201 18.76 -38.35 -46.09
C GLY F 201 20.10 -37.70 -45.76
N THR F 202 20.42 -37.68 -44.46
CA THR F 202 21.67 -37.20 -43.90
C THR F 202 22.00 -38.10 -42.72
N SER F 203 23.20 -37.99 -42.15
CA SER F 203 23.57 -38.70 -40.91
C SER F 203 22.47 -38.72 -39.83
N THR F 204 21.78 -37.59 -39.67
CA THR F 204 20.69 -37.46 -38.70
C THR F 204 19.33 -37.64 -39.36
N LEU F 205 19.06 -36.80 -40.37
CA LEU F 205 17.73 -36.65 -40.92
C LEU F 205 17.25 -37.91 -41.61
N ASN F 206 15.94 -38.10 -41.58
CA ASN F 206 15.31 -39.22 -42.28
C ASN F 206 13.84 -38.91 -42.49
N GLN F 207 13.54 -38.34 -43.68
CA GLN F 207 12.17 -37.95 -44.02
C GLN F 207 11.69 -38.46 -45.37
N ARG F 208 10.37 -38.59 -45.45
CA ARG F 208 9.64 -39.08 -46.61
C ARG F 208 8.38 -38.21 -46.66
N LEU F 209 8.36 -37.28 -47.61
CA LEU F 209 7.30 -36.29 -47.68
C LEU F 209 6.39 -36.52 -48.87
N VAL F 210 5.08 -36.52 -48.60
CA VAL F 210 4.05 -36.75 -49.61
C VAL F 210 3.28 -35.44 -49.79
N PRO F 211 3.11 -34.96 -51.05
CA PRO F 211 2.33 -33.75 -51.23
C PRO F 211 0.84 -33.99 -50.94
N ARG F 212 0.23 -33.05 -50.24
CA ARG F 212 -1.19 -33.04 -49.93
C ARG F 212 -1.96 -32.34 -51.03
N ILE F 213 -3.03 -32.98 -51.48
CA ILE F 213 -3.90 -32.38 -52.49
C ILE F 213 -5.21 -32.07 -51.73
N ALA F 214 -5.71 -30.84 -51.89
CA ALA F 214 -6.95 -30.38 -51.22
C ALA F 214 -7.39 -29.03 -51.79
N THR F 215 -8.71 -28.75 -51.74
CA THR F 215 -9.25 -27.48 -52.23
C THR F 215 -8.85 -26.38 -51.25
N ARG F 216 -8.21 -25.33 -51.76
CA ARG F 216 -7.67 -24.23 -50.96
C ARG F 216 -8.50 -22.97 -51.16
N SER F 217 -8.01 -21.87 -50.61
CA SER F 217 -8.43 -20.54 -51.04
C SER F 217 -7.24 -19.85 -51.71
N LYS F 218 -7.56 -18.91 -52.59
CA LYS F 218 -6.54 -18.19 -53.37
C LYS F 218 -5.86 -17.14 -52.49
N VAL F 219 -4.53 -17.05 -52.59
CA VAL F 219 -3.75 -15.99 -51.95
C VAL F 219 -2.62 -15.55 -52.88
N ASN F 220 -2.46 -14.24 -53.02
CA ASN F 220 -1.46 -13.64 -53.94
C ASN F 220 -1.50 -14.22 -55.36
N GLY F 221 -2.69 -14.65 -55.79
CA GLY F 221 -2.88 -15.35 -57.04
C GLY F 221 -3.09 -16.85 -56.86
N GLN F 222 -2.02 -17.56 -56.52
CA GLN F 222 -1.98 -19.01 -56.64
C GLN F 222 -2.63 -19.72 -55.44
N SER F 223 -3.32 -20.83 -55.70
CA SER F 223 -4.19 -21.52 -54.72
C SER F 223 -3.41 -22.48 -53.85
N GLY F 224 -2.60 -23.31 -54.49
CA GLY F 224 -1.76 -24.28 -53.80
C GLY F 224 -0.63 -23.65 -52.99
N ARG F 225 -0.08 -24.42 -52.04
CA ARG F 225 0.92 -23.94 -51.07
C ARG F 225 2.34 -24.46 -51.36
N MET F 226 3.30 -23.96 -50.56
CA MET F 226 4.72 -24.23 -50.75
C MET F 226 5.47 -24.43 -49.41
N GLU F 227 5.48 -25.66 -48.90
CA GLU F 227 6.14 -25.96 -47.60
C GLU F 227 7.64 -26.11 -47.76
N PHE F 228 8.40 -25.29 -47.03
CA PHE F 228 9.87 -25.39 -47.00
C PHE F 228 10.37 -26.13 -45.78
N PHE F 229 11.60 -26.63 -45.88
CA PHE F 229 12.24 -27.40 -44.82
C PHE F 229 13.72 -27.04 -44.80
N TRP F 230 14.43 -27.53 -43.78
CA TRP F 230 15.86 -27.26 -43.60
C TRP F 230 16.49 -28.22 -42.58
N THR F 231 17.79 -28.48 -42.75
CA THR F 231 18.68 -28.93 -41.67
C THR F 231 20.09 -28.44 -41.90
N ILE F 232 20.94 -28.67 -40.90
CA ILE F 232 22.35 -28.31 -40.96
C ILE F 232 23.19 -29.57 -41.18
N LEU F 233 24.04 -29.50 -42.19
CA LEU F 233 24.86 -30.62 -42.64
C LEU F 233 26.22 -30.50 -41.99
N LYS F 234 26.66 -31.60 -41.35
CA LYS F 234 27.97 -31.62 -40.68
C LYS F 234 29.12 -31.36 -41.65
N PRO F 235 30.28 -30.90 -41.14
CA PRO F 235 31.39 -30.54 -42.03
C PRO F 235 31.88 -31.67 -42.95
N ASN F 236 31.79 -32.91 -42.46
CA ASN F 236 32.28 -34.08 -43.20
C ASN F 236 31.15 -35.10 -43.36
N ASP F 237 30.10 -34.71 -44.09
CA ASP F 237 28.93 -35.58 -44.33
C ASP F 237 28.21 -35.24 -45.64
N ALA F 238 27.39 -36.19 -46.11
CA ALA F 238 26.63 -36.06 -47.35
C ALA F 238 25.12 -36.02 -47.14
N ILE F 239 24.48 -35.07 -47.82
CA ILE F 239 23.02 -35.04 -47.98
C ILE F 239 22.65 -35.76 -49.28
N ASN F 240 21.65 -36.64 -49.21
CA ASN F 240 21.19 -37.44 -50.36
C ASN F 240 19.72 -37.14 -50.62
N PHE F 241 19.38 -36.81 -51.86
CA PHE F 241 18.00 -36.55 -52.26
C PHE F 241 17.47 -37.67 -53.15
N GLU F 242 16.15 -37.76 -53.24
CA GLU F 242 15.47 -38.67 -54.18
C GLU F 242 14.03 -38.19 -54.35
N SER F 243 13.63 -37.92 -55.60
CA SER F 243 12.29 -37.35 -55.88
C SER F 243 11.62 -37.91 -57.15
N ASN F 244 10.36 -38.27 -57.01
CA ASN F 244 9.51 -38.65 -58.13
C ASN F 244 8.90 -37.41 -58.81
N GLY F 245 8.71 -36.34 -58.04
CA GLY F 245 8.17 -35.08 -58.56
C GLY F 245 7.75 -34.14 -57.45
N ASN F 246 6.89 -33.17 -57.76
CA ASN F 246 6.35 -32.19 -56.78
C ASN F 246 7.44 -31.59 -55.88
N PHE F 247 8.58 -31.24 -56.47
CA PHE F 247 9.80 -30.94 -55.68
C PHE F 247 10.44 -29.63 -56.11
N ILE F 248 11.04 -28.93 -55.12
CA ILE F 248 11.81 -27.70 -55.37
C ILE F 248 13.19 -27.76 -54.71
N ALA F 249 14.20 -28.00 -55.52
CA ALA F 249 15.56 -28.28 -55.06
C ALA F 249 16.37 -27.00 -54.85
N PRO F 250 17.37 -27.07 -53.95
CA PRO F 250 18.26 -25.93 -53.70
C PRO F 250 19.21 -25.62 -54.84
N GLU F 251 19.42 -24.35 -55.12
CA GLU F 251 20.54 -23.91 -55.97
C GLU F 251 21.68 -23.54 -55.04
N TYR F 252 21.44 -22.53 -54.21
CA TYR F 252 22.44 -22.03 -53.27
C TYR F 252 22.16 -22.55 -51.86
N ALA F 253 23.19 -22.48 -51.02
CA ALA F 253 23.09 -22.78 -49.59
C ALA F 253 24.20 -22.04 -48.84
N TYR F 254 24.04 -21.91 -47.53
CA TYR F 254 24.85 -20.99 -46.72
C TYR F 254 25.86 -21.68 -45.80
N LYS F 255 27.05 -21.09 -45.67
CA LYS F 255 28.06 -21.50 -44.68
C LYS F 255 27.78 -20.82 -43.36
N ILE F 256 27.65 -21.61 -42.30
CA ILE F 256 27.33 -21.13 -40.95
C ILE F 256 28.41 -21.54 -39.97
N VAL F 257 29.00 -20.58 -39.27
CA VAL F 257 29.77 -20.84 -38.05
C VAL F 257 29.08 -20.14 -36.90
N LYS F 258 28.41 -20.92 -36.07
CA LYS F 258 27.62 -20.39 -34.97
C LYS F 258 28.41 -20.38 -33.66
N LYS F 259 28.31 -19.26 -32.95
CA LYS F 259 28.86 -19.10 -31.61
C LYS F 259 28.02 -18.11 -30.84
N GLY F 260 27.28 -18.62 -29.86
CA GLY F 260 26.40 -17.77 -29.07
C GLY F 260 25.08 -17.51 -29.77
N ASP F 261 24.12 -17.05 -28.96
CA ASP F 261 22.73 -16.85 -29.39
C ASP F 261 22.30 -15.42 -29.04
N SER F 262 21.27 -14.93 -29.71
CA SER F 262 20.67 -13.64 -29.37
C SER F 262 19.22 -13.72 -29.76
N THR F 263 18.69 -12.73 -30.47
CA THR F 263 17.32 -12.83 -30.99
C THR F 263 16.99 -11.82 -32.09
N ILE F 264 15.72 -11.79 -32.47
CA ILE F 264 15.25 -10.93 -33.51
C ILE F 264 14.52 -9.78 -32.86
N MET F 265 15.20 -8.64 -32.77
CA MET F 265 14.63 -7.46 -32.17
C MET F 265 13.61 -6.83 -33.11
N LYS F 266 12.44 -6.52 -32.57
CA LYS F 266 11.43 -5.90 -33.39
C LYS F 266 11.44 -4.40 -33.18
N SER F 267 11.94 -3.69 -34.21
CA SER F 267 11.98 -2.22 -34.20
C SER F 267 11.82 -1.65 -35.60
N GLU F 268 11.23 -0.47 -35.65
CA GLU F 268 11.02 0.23 -36.91
C GLU F 268 12.28 0.98 -37.36
N LEU F 269 13.15 1.33 -36.41
CA LEU F 269 14.31 2.18 -36.71
C LEU F 269 15.32 1.60 -37.71
N GLU F 270 16.21 2.49 -38.15
CA GLU F 270 17.33 2.17 -39.05
C GLU F 270 18.66 2.55 -38.37
N TYR F 271 19.75 2.05 -38.94
CA TYR F 271 21.12 2.08 -38.39
C TYR F 271 21.62 3.50 -38.08
N GLY F 272 22.18 3.72 -36.89
CA GLY F 272 22.74 5.02 -36.48
C GLY F 272 24.28 5.20 -36.47
N ASN F 273 25.01 4.31 -37.15
CA ASN F 273 26.49 4.32 -37.23
C ASN F 273 27.22 4.67 -35.93
N CYS F 274 26.92 3.89 -34.90
CA CYS F 274 27.48 4.10 -33.57
C CYS F 274 27.84 2.73 -32.94
N ASN F 275 28.07 2.70 -31.62
CA ASN F 275 28.36 1.46 -30.88
C ASN F 275 27.94 1.59 -29.42
N THR F 276 27.16 0.60 -28.93
CA THR F 276 26.78 0.53 -27.52
C THR F 276 26.95 -0.86 -26.94
N LYS F 277 26.88 -0.88 -25.61
CA LYS F 277 26.99 -2.09 -24.85
C LYS F 277 25.68 -2.81 -24.75
N CYS F 278 24.58 -2.09 -24.98
CA CYS F 278 23.29 -2.76 -25.15
C CYS F 278 22.24 -1.95 -25.93
N GLN F 279 21.21 -2.66 -26.38
CA GLN F 279 20.25 -2.15 -27.35
C GLN F 279 18.82 -2.35 -26.90
N THR F 280 17.96 -1.48 -27.40
CA THR F 280 16.53 -1.55 -27.20
C THR F 280 15.81 -1.07 -28.46
N PRO F 281 14.64 -1.60 -28.76
CA PRO F 281 13.83 -1.09 -29.88
C PRO F 281 13.66 0.44 -29.96
N MET F 282 13.52 1.09 -28.80
CA MET F 282 13.37 2.55 -28.74
C MET F 282 14.67 3.19 -29.17
N GLY F 283 15.76 2.80 -28.52
CA GLY F 283 17.07 3.35 -28.82
C GLY F 283 18.22 2.49 -28.34
N ALA F 284 19.25 3.12 -27.79
CA ALA F 284 20.38 2.42 -27.22
C ALA F 284 20.74 3.07 -25.89
N ILE F 285 21.31 2.28 -24.99
CA ILE F 285 21.53 2.73 -23.62
C ILE F 285 23.00 2.69 -23.28
N ASN F 286 23.42 3.65 -22.46
CA ASN F 286 24.79 3.71 -21.96
C ASN F 286 25.10 2.63 -20.94
N SER F 287 24.25 2.47 -19.93
CA SER F 287 24.34 1.33 -18.98
C SER F 287 25.46 1.47 -17.92
N SER F 288 25.65 2.68 -17.43
CA SER F 288 26.58 2.96 -16.33
C SER F 288 25.88 2.65 -15.04
N MET F 289 24.75 3.31 -14.81
CA MET F 289 23.93 3.15 -13.60
C MET F 289 23.19 1.79 -13.69
N PRO F 290 22.64 1.30 -12.57
CA PRO F 290 22.12 -0.05 -12.51
C PRO F 290 20.62 -0.25 -12.80
N PHE F 291 19.85 0.78 -13.04
CA PHE F 291 18.44 0.58 -13.43
C PHE F 291 18.07 1.42 -14.66
N HIS F 292 17.18 0.91 -15.51
CA HIS F 292 16.61 1.72 -16.58
C HIS F 292 15.10 1.57 -16.67
N ASN F 293 14.47 2.43 -17.45
CA ASN F 293 13.02 2.42 -17.59
C ASN F 293 12.60 2.66 -19.02
N ILE F 294 13.45 2.20 -19.93
CA ILE F 294 13.29 2.49 -21.34
C ILE F 294 12.33 1.54 -22.01
N HIS F 295 12.73 0.29 -22.13
CA HIS F 295 11.90 -0.71 -22.79
C HIS F 295 12.21 -2.03 -22.17
N PRO F 296 11.19 -2.86 -22.01
CA PRO F 296 11.47 -4.11 -21.33
C PRO F 296 12.36 -5.04 -22.12
N LEU F 297 12.19 -5.15 -23.44
CA LEU F 297 12.93 -6.17 -24.20
C LEU F 297 14.19 -5.68 -24.91
N THR F 298 15.33 -6.00 -24.29
CA THR F 298 16.61 -5.44 -24.61
C THR F 298 17.54 -6.54 -25.09
N ILE F 299 18.63 -6.14 -25.71
CA ILE F 299 19.64 -7.07 -26.21
C ILE F 299 20.97 -6.60 -25.68
N GLY F 300 21.61 -7.42 -24.86
CA GLY F 300 22.98 -7.15 -24.39
C GLY F 300 23.10 -7.01 -22.88
N GLU F 301 24.19 -6.39 -22.44
CA GLU F 301 24.52 -6.21 -21.01
C GLU F 301 23.80 -5.00 -20.46
N CYS F 302 22.48 -5.01 -20.46
CA CYS F 302 21.73 -3.87 -19.99
C CYS F 302 21.65 -3.92 -18.45
N PRO F 303 21.34 -2.77 -17.82
CA PRO F 303 21.00 -2.77 -16.40
C PRO F 303 19.64 -3.42 -16.20
N LYS F 304 19.06 -3.27 -15.01
CA LYS F 304 17.79 -3.93 -14.70
C LYS F 304 16.57 -3.06 -15.00
N TYR F 305 15.59 -3.63 -15.74
CA TYR F 305 14.41 -2.89 -16.18
C TYR F 305 13.50 -2.74 -14.98
N VAL F 306 13.14 -1.51 -14.68
CA VAL F 306 12.37 -1.17 -13.51
C VAL F 306 11.21 -0.28 -13.90
N LYS F 307 10.00 -0.57 -13.38
CA LYS F 307 8.84 0.24 -13.68
C LYS F 307 8.74 1.38 -12.67
N SER F 308 9.57 2.39 -12.86
CA SER F 308 9.48 3.62 -12.06
C SER F 308 10.11 4.82 -12.79
N ASN F 309 9.69 6.02 -12.41
CA ASN F 309 10.17 7.22 -13.06
C ASN F 309 11.31 7.89 -12.36
N ARG F 310 11.48 7.62 -11.07
CA ARG F 310 12.47 8.36 -10.26
C ARG F 310 13.12 7.41 -9.26
N LEU F 311 14.45 7.42 -9.26
CA LEU F 311 15.22 6.79 -8.20
C LEU F 311 16.34 7.69 -7.83
N VAL F 312 16.09 8.57 -6.87
CA VAL F 312 17.08 9.57 -6.51
C VAL F 312 17.58 9.29 -5.12
N LEU F 313 18.88 9.43 -4.99
CA LEU F 313 19.58 9.02 -3.81
C LEU F 313 20.11 10.23 -3.11
N ALA F 314 20.06 10.19 -1.79
CA ALA F 314 20.42 11.36 -1.00
C ALA F 314 21.87 11.29 -0.73
N THR F 315 22.53 12.45 -0.80
CA THR F 315 23.95 12.60 -0.47
C THR F 315 24.17 13.67 0.60
N GLY F 316 23.63 14.86 0.37
CA GLY F 316 23.73 15.99 1.34
C GLY F 316 22.83 15.78 2.55
N LEU F 317 22.32 16.88 3.12
CA LEU F 317 21.42 16.80 4.29
C LEU F 317 20.20 17.75 4.15
N ARG F 318 19.34 17.82 5.17
CA ARG F 318 18.15 18.66 5.09
C ARG F 318 18.47 20.16 4.82
N ASN F 319 17.88 20.67 3.74
CA ASN F 319 18.02 22.06 3.40
C ASN F 319 16.92 22.83 4.11
N SER F 320 17.30 23.84 4.88
CA SER F 320 16.35 24.64 5.66
C SER F 320 16.25 26.07 5.07
N PRO F 321 15.02 26.56 4.77
CA PRO F 321 14.92 27.91 4.19
C PRO F 321 14.43 28.94 5.18
N GLY G 1 32.29 5.77 13.73
CA GLY G 1 31.31 5.64 14.85
C GLY G 1 30.10 6.53 14.71
N LEU G 2 28.90 5.95 14.74
CA LEU G 2 27.66 6.73 14.71
C LEU G 2 27.42 7.41 16.03
N PHE G 3 27.68 6.69 17.11
CA PHE G 3 27.41 7.23 18.45
C PHE G 3 28.61 7.97 19.04
N GLY G 4 29.72 7.98 18.31
CA GLY G 4 30.89 8.78 18.66
C GLY G 4 31.65 8.18 19.81
N ALA G 5 31.60 6.85 19.86
CA ALA G 5 32.26 6.10 20.89
C ALA G 5 33.62 5.71 20.36
N ILE G 6 33.63 4.82 19.38
CA ILE G 6 34.81 4.03 19.07
C ILE G 6 35.83 4.80 18.23
N ALA G 7 35.43 5.28 17.06
CA ALA G 7 36.31 6.17 16.30
C ALA G 7 36.50 7.50 17.05
N GLY G 8 35.46 7.93 17.77
CA GLY G 8 35.34 9.26 18.36
C GLY G 8 36.12 9.49 19.63
N PHE G 9 35.43 9.75 20.73
CA PHE G 9 36.13 10.21 21.94
C PHE G 9 36.96 9.14 22.69
N ILE G 10 36.76 7.87 22.37
CA ILE G 10 37.62 6.81 22.94
C ILE G 10 38.61 6.32 21.89
N GLU G 11 39.56 7.19 21.49
CA GLU G 11 40.48 6.86 20.39
C GLU G 11 41.27 5.57 20.72
N GLY G 12 40.98 4.48 20.01
CA GLY G 12 41.63 3.17 20.25
C GLY G 12 40.98 2.34 21.36
N GLY G 13 41.25 1.03 21.35
CA GLY G 13 40.64 0.10 22.30
C GLY G 13 41.66 -0.66 23.15
N TRP G 14 41.32 -0.89 24.42
CA TRP G 14 42.20 -1.61 25.36
C TRP G 14 42.47 -3.03 24.85
N GLN G 15 43.73 -3.33 24.55
CA GLN G 15 44.11 -4.67 24.10
C GLN G 15 44.32 -5.67 25.26
N GLY G 16 44.63 -5.15 26.42
CA GLY G 16 44.85 -5.95 27.62
C GLY G 16 43.60 -6.56 28.25
N MET G 17 42.46 -5.97 27.99
CA MET G 17 41.16 -6.59 28.34
C MET G 17 40.88 -7.73 27.39
N VAL G 18 40.71 -8.94 27.91
CA VAL G 18 40.36 -10.10 27.06
C VAL G 18 39.24 -10.94 27.71
N ASP G 19 38.39 -10.29 28.50
CA ASP G 19 37.27 -11.00 29.16
C ASP G 19 35.97 -10.83 28.38
N GLY G 20 35.74 -9.59 27.91
CA GLY G 20 34.51 -9.21 27.19
C GLY G 20 34.79 -8.20 26.07
N TRP G 21 33.72 -7.63 25.52
CA TRP G 21 33.83 -6.64 24.48
C TRP G 21 33.95 -5.26 25.02
N TYR G 22 33.24 -4.99 26.11
CA TYR G 22 33.22 -3.66 26.71
C TYR G 22 33.71 -3.70 28.16
N GLY G 23 34.37 -2.64 28.64
CA GLY G 23 34.82 -2.63 30.04
C GLY G 23 35.59 -1.45 30.58
N TYR G 24 36.14 -1.66 31.77
CA TYR G 24 36.69 -0.60 32.62
C TYR G 24 38.18 -0.76 32.92
N HIS G 25 38.85 0.37 33.18
CA HIS G 25 40.26 0.40 33.59
C HIS G 25 40.39 1.22 34.86
N HIS G 26 40.51 0.54 36.00
CA HIS G 26 40.73 1.20 37.29
C HIS G 26 42.21 1.42 37.56
N SER G 27 42.56 2.60 38.08
CA SER G 27 43.92 2.93 38.57
C SER G 27 43.84 3.76 39.85
N ASN G 28 43.62 3.07 40.97
CA ASN G 28 43.50 3.69 42.30
C ASN G 28 44.75 3.41 43.14
N GLU G 29 44.69 3.77 44.43
CA GLU G 29 45.84 3.63 45.34
C GLU G 29 46.40 2.20 45.49
N GLN G 30 45.52 1.19 45.43
CA GLN G 30 45.92 -0.22 45.58
C GLN G 30 46.65 -0.81 44.37
N GLY G 31 46.28 -0.36 43.18
CA GLY G 31 46.93 -0.80 41.96
C GLY G 31 46.10 -0.48 40.73
N SER G 32 46.62 -0.86 39.56
CA SER G 32 45.90 -0.75 38.28
C SER G 32 45.41 -2.12 37.82
N GLY G 33 44.53 -2.11 36.83
CA GLY G 33 43.95 -3.35 36.30
C GLY G 33 42.73 -3.11 35.40
N TYR G 34 42.53 -4.01 34.44
CA TYR G 34 41.35 -4.03 33.58
C TYR G 34 40.31 -4.95 34.19
N ALA G 35 39.05 -4.68 33.90
CA ALA G 35 37.95 -5.48 34.39
C ALA G 35 36.74 -5.32 33.45
N ALA G 36 36.32 -6.40 32.80
CA ALA G 36 35.30 -6.33 31.75
C ALA G 36 33.89 -6.47 32.30
N ASP G 37 32.96 -5.72 31.72
CA ASP G 37 31.53 -5.77 32.09
C ASP G 37 30.88 -6.89 31.31
N LYS G 38 30.67 -8.00 31.98
CA LYS G 38 30.18 -9.21 31.32
C LYS G 38 28.70 -9.12 30.99
N GLU G 39 27.93 -8.36 31.75
CA GLU G 39 26.47 -8.34 31.57
C GLU G 39 26.03 -7.64 30.28
N SER G 40 26.67 -6.51 29.97
CA SER G 40 26.38 -5.77 28.72
C SER G 40 26.95 -6.49 27.51
N THR G 41 28.12 -7.10 27.68
CA THR G 41 28.73 -7.94 26.65
C THR G 41 27.84 -9.12 26.28
N GLN G 42 27.16 -9.69 27.27
CA GLN G 42 26.32 -10.86 27.03
C GLN G 42 25.12 -10.51 26.16
N LYS G 43 24.54 -9.33 26.38
CA LYS G 43 23.39 -8.88 25.61
C LYS G 43 23.74 -8.60 24.18
N ALA G 44 24.95 -8.08 23.98
CA ALA G 44 25.47 -7.89 22.65
C ALA G 44 25.63 -9.21 21.91
N ILE G 45 26.23 -10.19 22.58
CA ILE G 45 26.44 -11.47 21.93
C ILE G 45 25.09 -12.16 21.69
N ASP G 46 24.19 -12.08 22.67
CA ASP G 46 22.84 -12.64 22.47
C ASP G 46 22.20 -12.03 21.23
N GLY G 47 22.37 -10.71 21.07
CA GLY G 47 21.88 -10.01 19.88
C GLY G 47 22.53 -10.45 18.58
N VAL G 48 23.85 -10.37 18.51
CA VAL G 48 24.57 -10.75 17.30
C VAL G 48 24.31 -12.22 16.96
N THR G 49 24.36 -13.11 17.96
CA THR G 49 24.08 -14.53 17.72
C THR G 49 22.72 -14.67 17.06
N ASN G 50 21.78 -13.82 17.47
CA ASN G 50 20.44 -13.84 16.91
C ASN G 50 20.30 -13.22 15.50
N LYS G 51 21.10 -12.22 15.18
CA LYS G 51 21.11 -11.65 13.83
C LYS G 51 21.51 -12.71 12.84
N VAL G 52 22.67 -13.29 13.09
CA VAL G 52 23.28 -14.24 12.19
C VAL G 52 22.38 -15.44 12.03
N ASN G 53 21.81 -15.92 13.14
CA ASN G 53 20.78 -16.96 13.10
C ASN G 53 19.63 -16.55 12.18
N SER G 54 19.10 -15.34 12.40
CA SER G 54 17.93 -14.91 11.63
C SER G 54 18.21 -14.77 10.13
N ILE G 55 19.40 -14.38 9.73
CA ILE G 55 19.72 -14.27 8.31
C ILE G 55 19.82 -15.62 7.60
N ILE G 56 20.11 -16.68 8.33
CA ILE G 56 20.17 -18.02 7.75
C ILE G 56 18.84 -18.76 7.89
N ASP G 57 18.30 -18.72 9.11
CA ASP G 57 17.10 -19.48 9.47
C ASP G 57 15.84 -19.08 8.66
N LYS G 58 15.74 -17.80 8.27
CA LYS G 58 14.57 -17.32 7.53
C LYS G 58 14.51 -17.73 6.10
N MET G 59 15.63 -18.15 5.54
CA MET G 59 15.62 -18.61 4.17
C MET G 59 15.33 -20.08 3.97
N ASN G 60 15.09 -20.79 5.10
CA ASN G 60 14.71 -22.24 5.13
C ASN G 60 13.82 -22.73 3.96
N THR G 61 13.00 -21.81 3.42
CA THR G 61 12.28 -22.10 2.19
C THR G 61 13.28 -22.24 1.08
N GLN G 62 13.62 -23.52 0.84
CA GLN G 62 14.25 -24.02 -0.38
C GLN G 62 13.81 -25.47 -0.62
N PHE G 63 13.65 -25.87 -1.89
CA PHE G 63 13.13 -27.20 -2.26
C PHE G 63 14.05 -28.00 -3.20
N GLU G 64 13.48 -29.00 -3.88
CA GLU G 64 14.11 -29.57 -5.05
C GLU G 64 14.40 -28.58 -6.21
N ALA G 65 15.32 -29.05 -7.03
CA ALA G 65 16.00 -28.24 -8.02
C ALA G 65 16.82 -29.12 -8.99
N VAL G 66 17.26 -28.52 -10.11
CA VAL G 66 17.83 -29.25 -11.26
C VAL G 66 18.84 -28.46 -12.16
N GLY G 67 19.34 -29.15 -13.19
CA GLY G 67 20.11 -28.60 -14.31
C GLY G 67 19.47 -28.83 -15.68
N ARG G 68 20.27 -28.98 -16.76
CA ARG G 68 19.76 -28.72 -18.14
C ARG G 68 19.53 -29.91 -19.06
N GLU G 69 18.46 -29.80 -19.87
CA GLU G 69 17.73 -30.94 -20.43
C GLU G 69 16.91 -30.67 -21.73
N PHE G 70 17.43 -29.84 -22.63
CA PHE G 70 16.79 -29.60 -23.95
C PHE G 70 17.75 -29.81 -25.11
N ASN G 71 17.20 -30.31 -26.21
CA ASN G 71 17.99 -30.62 -27.43
C ASN G 71 18.14 -29.38 -28.30
N ASN G 72 19.03 -29.45 -29.30
CA ASN G 72 19.31 -28.28 -30.15
C ASN G 72 18.26 -28.02 -31.24
N LEU G 73 17.12 -28.70 -31.20
CA LEU G 73 15.90 -28.29 -31.92
C LEU G 73 14.88 -27.60 -31.01
N GLU G 74 15.29 -27.28 -29.78
CA GLU G 74 14.46 -26.51 -28.84
C GLU G 74 15.30 -25.42 -28.14
N ARG G 75 16.12 -24.72 -28.90
CA ARG G 75 17.09 -23.79 -28.32
C ARG G 75 16.41 -22.55 -27.73
N ARG G 76 15.20 -22.25 -28.22
CA ARG G 76 14.41 -21.12 -27.71
C ARG G 76 13.99 -21.29 -26.26
N ILE G 77 13.55 -22.51 -25.94
CA ILE G 77 13.15 -22.84 -24.57
C ILE G 77 14.39 -22.95 -23.69
N GLU G 78 15.51 -23.41 -24.23
CA GLU G 78 16.78 -23.49 -23.48
C GLU G 78 17.27 -22.09 -23.14
N ASN G 79 16.99 -21.14 -24.03
CA ASN G 79 17.29 -19.73 -23.78
C ASN G 79 16.35 -19.14 -22.73
N LEU G 80 15.11 -19.59 -22.70
CA LEU G 80 14.21 -19.20 -21.59
C LEU G 80 14.64 -19.74 -20.24
N ASN G 81 15.25 -20.92 -20.21
CA ASN G 81 15.81 -21.44 -18.97
C ASN G 81 16.91 -20.51 -18.55
N LYS G 82 17.85 -20.24 -19.45
CA LYS G 82 19.01 -19.37 -19.16
C LYS G 82 18.58 -18.02 -18.59
N LYS G 83 17.56 -17.42 -19.19
CA LYS G 83 17.08 -16.10 -18.75
C LYS G 83 16.64 -16.11 -17.30
N MET G 84 15.91 -17.15 -16.94
CA MET G 84 15.36 -17.30 -15.60
C MET G 84 16.48 -17.59 -14.63
N GLU G 85 17.34 -18.53 -15.00
CA GLU G 85 18.40 -19.01 -14.11
C GLU G 85 19.43 -17.92 -13.86
N ASP G 86 19.85 -17.26 -14.94
CA ASP G 86 20.71 -16.08 -14.81
C ASP G 86 19.97 -14.99 -14.04
N GLY G 87 18.70 -14.78 -14.32
CA GLY G 87 17.92 -13.78 -13.60
C GLY G 87 17.95 -13.91 -12.07
N PHE G 88 17.77 -15.14 -11.57
CA PHE G 88 17.74 -15.36 -10.12
C PHE G 88 19.12 -15.18 -9.52
N LEU G 89 20.10 -15.78 -10.17
CA LEU G 89 21.49 -15.54 -9.82
C LEU G 89 21.82 -14.04 -9.67
N ASP G 90 21.27 -13.19 -10.51
CA ASP G 90 21.52 -11.76 -10.41
C ASP G 90 20.88 -11.24 -9.12
N VAL G 91 19.62 -11.61 -8.88
CA VAL G 91 18.87 -11.11 -7.73
C VAL G 91 19.49 -11.52 -6.43
N TRP G 92 19.71 -12.82 -6.29
CA TRP G 92 20.28 -13.38 -5.06
C TRP G 92 21.69 -12.86 -4.75
N THR G 93 22.52 -12.72 -5.77
CA THR G 93 23.82 -12.17 -5.56
C THR G 93 23.70 -10.77 -5.04
N TYR G 94 22.92 -9.95 -5.73
CA TYR G 94 22.74 -8.56 -5.31
C TYR G 94 22.18 -8.43 -3.90
N ASN G 95 21.11 -9.17 -3.63
CA ASN G 95 20.45 -9.10 -2.32
C ASN G 95 21.38 -9.60 -1.26
N ALA G 96 22.14 -10.66 -1.56
CA ALA G 96 23.04 -11.16 -0.56
C ALA G 96 24.14 -10.13 -0.34
N GLU G 97 24.86 -9.79 -1.39
CA GLU G 97 25.99 -8.88 -1.27
C GLU G 97 25.67 -7.62 -0.46
N LEU G 98 24.51 -7.01 -0.73
CA LEU G 98 24.09 -5.83 -0.01
C LEU G 98 23.69 -6.08 1.41
N LEU G 99 22.99 -7.18 1.63
CA LEU G 99 22.53 -7.51 2.96
C LEU G 99 23.70 -7.58 3.94
N VAL G 100 24.77 -8.21 3.49
CA VAL G 100 25.96 -8.23 4.27
C VAL G 100 26.44 -6.81 4.53
N LEU G 101 26.71 -6.07 3.47
CA LEU G 101 27.17 -4.69 3.64
C LEU G 101 26.28 -3.86 4.55
N MET G 102 24.97 -4.07 4.53
CA MET G 102 24.06 -3.24 5.35
C MET G 102 24.11 -3.68 6.79
N GLU G 103 23.93 -4.98 7.01
CA GLU G 103 23.94 -5.50 8.39
C GLU G 103 25.32 -5.42 9.04
N ASN G 104 26.38 -5.24 8.26
CA ASN G 104 27.67 -5.04 8.85
C ASN G 104 27.87 -3.62 9.32
N GLU G 105 27.26 -2.64 8.69
CA GLU G 105 27.40 -1.28 9.20
C GLU G 105 26.69 -1.22 10.54
N ARG G 106 25.43 -1.67 10.58
CA ARG G 106 24.62 -1.57 11.80
C ARG G 106 25.18 -2.40 12.98
N THR G 107 25.81 -3.53 12.66
CA THR G 107 26.45 -4.39 13.66
C THR G 107 27.58 -3.63 14.32
N LEU G 108 28.41 -2.96 13.55
CA LEU G 108 29.49 -2.13 14.12
C LEU G 108 28.95 -0.98 14.97
N ASP G 109 27.86 -0.39 14.52
CA ASP G 109 27.23 0.74 15.21
C ASP G 109 26.50 0.32 16.47
N PHE G 110 25.95 -0.88 16.48
CA PHE G 110 25.43 -1.47 17.70
C PHE G 110 26.49 -1.54 18.82
N HIS G 111 27.75 -1.78 18.47
CA HIS G 111 28.83 -1.78 19.46
C HIS G 111 29.12 -0.37 19.96
N ASP G 112 29.30 0.57 19.05
CA ASP G 112 29.35 1.99 19.42
C ASP G 112 28.26 2.33 20.41
N SER G 113 27.03 1.95 20.07
CA SER G 113 25.87 2.23 20.92
C SER G 113 26.03 1.69 22.32
N ASN G 114 26.42 0.42 22.43
CA ASN G 114 26.62 -0.20 23.73
C ASN G 114 27.70 0.48 24.57
N VAL G 115 28.77 0.91 23.92
CA VAL G 115 29.85 1.55 24.63
C VAL G 115 29.44 2.95 25.10
N LYS G 116 28.78 3.72 24.26
CA LYS G 116 28.34 5.06 24.67
C LYS G 116 27.31 4.99 25.79
N ASN G 117 26.49 3.94 25.78
CA ASN G 117 25.50 3.75 26.87
C ASN G 117 26.12 3.30 28.19
N LEU G 118 27.20 2.56 28.10
CA LEU G 118 27.94 2.16 29.28
C LEU G 118 28.62 3.36 29.95
N TYR G 119 29.39 4.13 29.17
CA TYR G 119 29.94 5.43 29.60
C TYR G 119 28.87 6.36 30.17
N ASP G 120 27.69 6.40 29.55
CA ASP G 120 26.58 7.20 30.08
C ASP G 120 26.00 6.66 31.38
N LYS G 121 26.02 5.33 31.58
CA LYS G 121 25.52 4.73 32.81
C LYS G 121 26.40 5.06 34.01
N VAL G 122 27.71 5.10 33.77
CA VAL G 122 28.67 5.54 34.77
C VAL G 122 28.50 7.04 35.05
N ARG G 123 28.47 7.83 33.99
CA ARG G 123 28.35 9.29 34.10
C ARG G 123 27.16 9.75 34.92
N LEU G 124 26.01 9.09 34.79
CA LEU G 124 24.80 9.51 35.51
C LEU G 124 24.78 9.18 36.99
N GLN G 125 25.49 8.12 37.40
CA GLN G 125 25.63 7.78 38.82
C GLN G 125 26.44 8.82 39.61
N LEU G 126 27.57 9.22 39.04
CA LEU G 126 28.50 10.17 39.69
C LEU G 126 28.52 11.50 38.94
N ARG G 127 27.66 12.42 39.36
CA ARG G 127 27.38 13.61 38.58
C ARG G 127 28.52 14.61 38.76
N ASP G 128 28.62 15.18 39.96
CA ASP G 128 29.69 16.14 40.30
C ASP G 128 30.78 15.55 41.19
N ASN G 129 30.66 14.25 41.50
CA ASN G 129 31.64 13.53 42.31
C ASN G 129 32.88 13.12 41.50
N ALA G 130 32.86 13.35 40.18
CA ALA G 130 34.03 13.13 39.34
C ALA G 130 34.09 14.13 38.18
N LYS G 131 35.20 14.08 37.46
CA LYS G 131 35.53 15.06 36.43
C LYS G 131 35.57 14.36 35.07
N GLU G 132 34.75 14.80 34.12
CA GLU G 132 34.74 14.25 32.74
C GLU G 132 35.97 14.65 31.96
N LEU G 133 36.90 13.72 31.81
CA LEU G 133 38.20 14.08 31.18
C LEU G 133 38.01 14.39 29.70
N GLY G 134 37.32 13.52 28.97
CA GLY G 134 37.14 13.69 27.51
C GLY G 134 37.85 12.64 26.67
N ASN G 135 38.81 11.93 27.29
CA ASN G 135 39.31 10.64 26.75
C ASN G 135 38.42 9.49 27.22
N GLY G 136 37.27 9.83 27.75
CA GLY G 136 36.30 8.87 28.23
C GLY G 136 36.66 8.33 29.59
N CYS G 137 37.44 9.10 30.35
CA CYS G 137 37.82 8.71 31.71
C CYS G 137 37.11 9.56 32.74
N PHE G 138 37.24 9.15 34.00
CA PHE G 138 36.66 9.88 35.13
C PHE G 138 37.65 10.05 36.31
N GLU G 139 38.12 11.29 36.51
CA GLU G 139 38.97 11.62 37.66
C GLU G 139 38.06 11.85 38.87
N PHE G 140 38.28 11.07 39.92
CA PHE G 140 37.57 11.28 41.19
C PHE G 140 38.10 12.48 41.97
N TYR G 141 37.20 13.22 42.58
CA TYR G 141 37.54 14.26 43.55
C TYR G 141 37.88 13.67 44.94
N HIS G 142 37.30 12.52 45.26
CA HIS G 142 37.53 11.83 46.54
C HIS G 142 38.26 10.52 46.33
N LYS G 143 38.76 9.95 47.42
CA LYS G 143 39.44 8.66 47.38
C LYS G 143 38.40 7.54 47.29
N CYS G 144 38.53 6.69 46.26
CA CYS G 144 37.65 5.54 46.04
C CYS G 144 38.50 4.25 45.84
N ASP G 145 38.52 3.41 46.89
CA ASP G 145 39.31 2.18 46.93
C ASP G 145 38.67 1.04 46.13
N ASN G 146 39.31 -0.13 46.11
CA ASN G 146 38.80 -1.30 45.36
C ASN G 146 37.40 -1.77 45.78
N GLU G 147 37.07 -1.66 47.07
CA GLU G 147 35.72 -2.00 47.58
C GLU G 147 34.66 -0.93 47.18
N CYS G 148 35.08 0.33 47.04
CA CYS G 148 34.22 1.42 46.56
C CYS G 148 33.86 1.28 45.07
N MET G 149 34.82 0.81 44.26
CA MET G 149 34.64 0.75 42.79
C MET G 149 33.75 -0.38 42.27
N GLU G 150 33.64 -1.47 43.02
CA GLU G 150 32.67 -2.52 42.70
C GLU G 150 31.26 -1.92 42.63
N SER G 151 30.98 -0.90 43.46
CA SER G 151 29.71 -0.19 43.47
C SER G 151 29.40 0.53 42.17
N VAL G 152 30.44 1.02 41.49
CA VAL G 152 30.29 1.67 40.19
C VAL G 152 29.94 0.65 39.11
N ARG G 153 30.71 -0.44 39.05
CA ARG G 153 30.43 -1.58 38.15
C ARG G 153 29.07 -2.24 38.40
N ASN G 154 28.83 -2.61 39.66
CA ASN G 154 27.55 -3.20 40.10
C ASN G 154 26.40 -2.21 39.82
N GLY G 155 26.69 -0.92 39.99
CA GLY G 155 25.71 0.13 39.79
C GLY G 155 24.94 0.46 41.06
N THR G 156 25.60 0.31 42.22
CA THR G 156 25.02 0.58 43.53
C THR G 156 25.78 1.74 44.22
N TYR G 157 26.21 2.74 43.45
CA TYR G 157 27.09 3.79 43.96
C TYR G 157 26.31 4.88 44.70
N ASP G 158 26.66 5.13 45.95
CA ASP G 158 26.01 6.16 46.78
C ASP G 158 26.58 7.54 46.49
N TYR G 159 25.74 8.41 45.94
CA TYR G 159 26.03 9.83 45.83
C TYR G 159 26.18 10.51 47.21
N PRO G 160 25.22 10.31 48.14
CA PRO G 160 25.30 11.06 49.40
C PRO G 160 26.52 10.73 50.30
N GLN G 161 27.06 9.52 50.20
CA GLN G 161 28.22 9.10 51.01
C GLN G 161 29.47 9.94 50.79
N TYR G 162 29.77 10.24 49.52
CA TYR G 162 30.99 10.96 49.16
C TYR G 162 30.69 12.36 48.59
N SER G 163 29.56 12.95 48.98
CA SER G 163 29.12 14.23 48.39
C SER G 163 29.95 15.43 48.89
N GLU G 164 30.05 15.57 50.21
CA GLU G 164 30.79 16.70 50.82
C GLU G 164 32.31 16.64 50.59
N GLU G 165 32.86 15.44 50.42
CA GLU G 165 34.30 15.23 50.21
C GLU G 165 34.77 15.86 48.90
N ALA G 166 33.95 15.71 47.88
CA ALA G 166 34.21 16.24 46.54
C ALA G 166 33.85 17.71 46.43
N ARG G 167 32.63 18.04 46.86
CA ARG G 167 32.10 19.41 46.79
C ARG G 167 33.02 20.46 47.38
N LEU G 168 33.61 20.13 48.53
CA LEU G 168 34.51 21.02 49.26
C LEU G 168 35.99 20.83 48.81
N LYS G 169 36.29 19.78 48.04
CA LYS G 169 37.55 19.70 47.27
C LYS G 169 37.53 20.59 46.02
N ARG G 170 36.33 20.90 45.52
CA ARG G 170 36.14 21.65 44.27
C ARG G 170 36.50 23.14 44.36
N GLU G 171 36.12 23.77 45.48
CA GLU G 171 36.38 25.20 45.72
C GLU G 171 37.85 25.47 46.07
N GLU G 172 38.58 24.45 46.55
CA GLU G 172 40.00 24.56 46.89
C GLU G 172 40.86 24.89 45.67
N ILE G 173 40.55 24.21 44.56
CA ILE G 173 41.21 24.44 43.27
C ILE G 173 40.70 25.74 42.62
N SER G 174 39.40 26.00 42.74
CA SER G 174 38.78 27.23 42.22
C SER G 174 39.14 28.47 43.05
N SER G 175 40.31 29.06 42.76
CA SER G 175 40.79 30.23 43.49
C SER G 175 40.85 31.41 42.55
N GLN H 3 22.37 -32.77 21.38
CA GLN H 3 22.97 -31.45 21.02
C GLN H 3 24.50 -31.29 21.24
N LEU H 4 25.10 -32.08 22.13
CA LEU H 4 26.55 -32.12 22.29
C LEU H 4 27.10 -33.50 21.93
N VAL H 5 28.29 -33.54 21.34
CA VAL H 5 28.91 -34.78 20.90
C VAL H 5 30.38 -34.83 21.29
N GLN H 6 30.81 -35.99 21.79
CA GLN H 6 32.19 -36.16 22.21
C GLN H 6 32.83 -37.27 21.38
N SER H 7 34.17 -37.30 21.36
CA SER H 7 34.94 -38.32 20.62
C SER H 7 34.78 -39.74 21.21
N GLY H 8 35.41 -40.74 20.56
CA GLY H 8 35.34 -42.14 21.01
C GLY H 8 36.35 -42.50 22.09
N ALA H 9 36.24 -43.71 22.63
CA ALA H 9 37.14 -44.17 23.68
C ALA H 9 38.58 -44.28 23.15
N GLU H 10 39.53 -43.90 23.99
CA GLU H 10 40.96 -44.01 23.67
C GLU H 10 41.69 -44.63 24.89
N VAL H 11 42.70 -45.46 24.63
CA VAL H 11 43.42 -46.18 25.68
C VAL H 11 44.90 -45.82 25.61
N LYS H 12 45.40 -45.06 26.59
CA LYS H 12 46.82 -44.64 26.58
C LYS H 12 47.65 -45.22 27.72
N LYS H 13 48.96 -45.25 27.51
CA LYS H 13 49.90 -45.69 28.54
C LYS H 13 50.19 -44.51 29.48
N PRO H 14 50.58 -44.80 30.74
CA PRO H 14 50.81 -43.72 31.72
C PRO H 14 52.00 -42.85 31.39
N GLY H 15 51.79 -41.54 31.34
CA GLY H 15 52.79 -40.58 30.84
C GLY H 15 52.38 -39.99 29.50
N SER H 16 51.83 -40.85 28.63
CA SER H 16 51.27 -40.46 27.33
C SER H 16 50.08 -39.52 27.52
N SER H 17 49.88 -38.59 26.57
CA SER H 17 48.83 -37.54 26.64
C SER H 17 47.59 -37.87 25.82
N VAL H 18 46.48 -37.22 26.20
CA VAL H 18 45.16 -37.48 25.61
C VAL H 18 44.41 -36.20 25.31
N LYS H 19 43.92 -36.13 24.06
CA LYS H 19 43.11 -35.01 23.56
C LYS H 19 41.68 -35.50 23.28
N VAL H 20 40.71 -34.78 23.85
CA VAL H 20 39.28 -35.12 23.73
C VAL H 20 38.50 -33.93 23.19
N SER H 21 37.62 -34.20 22.23
CA SER H 21 36.91 -33.19 21.49
C SER H 21 35.44 -33.24 21.82
N CYS H 22 34.87 -32.10 22.16
CA CYS H 22 33.45 -31.92 22.38
C CYS H 22 32.96 -30.90 21.38
N ARG H 23 32.29 -31.37 20.34
CA ARG H 23 31.68 -30.48 19.32
C ARG H 23 30.27 -30.13 19.77
N ALA H 24 30.09 -28.86 20.09
CA ALA H 24 28.77 -28.31 20.40
C ALA H 24 28.07 -27.98 19.13
N SER H 25 26.78 -27.68 19.21
CA SER H 25 25.96 -27.39 18.03
C SER H 25 24.61 -26.78 18.37
N GLY H 26 24.31 -25.56 17.90
CA GLY H 26 25.23 -24.68 17.17
C GLY H 26 25.37 -24.92 15.67
N GLY H 27 24.67 -24.11 14.87
CA GLY H 27 25.03 -23.97 13.45
C GLY H 27 26.24 -23.07 13.20
N ILE H 28 26.51 -22.15 14.12
CA ILE H 28 27.32 -20.95 13.84
C ILE H 28 28.49 -20.94 14.79
N PHE H 29 29.21 -19.81 14.90
CA PHE H 29 30.19 -19.61 15.97
C PHE H 29 29.51 -19.71 17.32
N ARG H 30 30.22 -20.29 18.30
CA ARG H 30 29.58 -20.62 19.56
C ARG H 30 29.43 -19.41 20.46
N SER H 31 28.38 -19.52 21.27
CA SER H 31 27.92 -18.47 22.13
C SER H 31 27.96 -18.91 23.60
N ASN H 32 28.51 -20.10 23.86
CA ASN H 32 28.38 -20.76 25.17
C ASN H 32 29.72 -21.27 25.68
N ALA H 33 29.92 -21.15 26.98
CA ALA H 33 31.20 -21.50 27.54
C ALA H 33 31.24 -22.99 27.87
N ILE H 34 32.04 -23.76 27.15
CA ILE H 34 32.15 -25.17 27.45
C ILE H 34 33.00 -25.38 28.72
N SER H 35 32.51 -26.21 29.63
CA SER H 35 33.26 -26.68 30.79
C SER H 35 33.50 -28.18 30.68
N TRP H 36 34.29 -28.72 31.60
CA TRP H 36 34.69 -30.12 31.55
C TRP H 36 34.62 -30.75 32.93
N VAL H 37 33.91 -31.87 33.02
CA VAL H 37 33.76 -32.57 34.28
C VAL H 37 34.02 -34.06 34.12
N ARG H 38 35.00 -34.58 34.86
CA ARG H 38 35.34 -36.00 34.82
C ARG H 38 34.70 -36.79 35.97
N GLN H 39 34.77 -38.11 35.85
CA GLN H 39 34.15 -39.00 36.83
C GLN H 39 34.80 -40.40 36.85
N ALA H 40 35.70 -40.64 37.79
CA ALA H 40 36.36 -41.95 37.96
C ALA H 40 35.31 -42.94 38.44
N PRO H 41 35.18 -44.11 37.77
CA PRO H 41 34.03 -45.00 38.03
C PRO H 41 33.74 -45.21 39.53
N GLY H 42 32.47 -45.16 39.91
CA GLY H 42 32.07 -45.32 41.31
C GLY H 42 32.00 -43.99 42.03
N GLN H 43 33.16 -43.37 42.27
CA GLN H 43 33.20 -42.06 42.92
C GLN H 43 32.51 -40.97 42.08
N GLY H 44 32.31 -39.78 42.67
CA GLY H 44 31.44 -38.73 42.10
C GLY H 44 32.09 -37.83 41.05
N LEU H 45 31.54 -36.63 40.89
CA LEU H 45 31.97 -35.68 39.84
C LEU H 45 33.04 -34.70 40.28
N GLU H 46 34.02 -34.51 39.40
CA GLU H 46 35.12 -33.59 39.63
C GLU H 46 35.19 -32.63 38.44
N TRP H 47 34.93 -31.36 38.70
CA TRP H 47 35.05 -30.29 37.71
C TRP H 47 36.50 -30.09 37.36
N MET H 48 36.80 -29.77 36.11
CA MET H 48 38.20 -29.62 35.68
C MET H 48 38.56 -28.20 35.27
N GLY H 49 37.85 -27.70 34.26
CA GLY H 49 38.13 -26.40 33.67
C GLY H 49 37.01 -25.96 32.75
N ASN H 50 36.88 -24.65 32.60
CA ASN H 50 35.91 -24.06 31.67
C ASN H 50 36.61 -23.12 30.69
N ILE H 51 36.02 -22.96 29.51
CA ILE H 51 36.61 -22.16 28.42
C ILE H 51 35.51 -21.27 27.82
N ILE H 52 35.62 -19.95 28.03
CA ILE H 52 34.57 -19.02 27.54
C ILE H 52 34.51 -18.92 26.05
N ALA H 53 33.35 -18.51 25.57
CA ALA H 53 33.00 -18.64 24.17
C ALA H 53 33.85 -17.84 23.18
N VAL H 54 33.73 -16.53 23.21
CA VAL H 54 34.11 -15.73 22.06
C VAL H 54 35.60 -15.43 22.01
N PHE H 55 36.25 -15.42 23.16
CA PHE H 55 37.62 -14.91 23.30
C PHE H 55 38.70 -15.96 23.43
N GLY H 56 38.31 -17.16 23.89
CA GLY H 56 39.19 -18.32 23.93
C GLY H 56 39.98 -18.46 25.22
N THR H 57 39.74 -17.54 26.16
CA THR H 57 40.45 -17.56 27.44
C THR H 57 39.88 -18.67 28.34
N ALA H 58 40.74 -19.52 28.89
CA ALA H 58 40.33 -20.64 29.74
C ALA H 58 40.58 -20.31 31.20
N ASN H 59 39.89 -21.02 32.11
CA ASN H 59 40.25 -21.01 33.54
C ASN H 59 40.29 -22.46 34.01
N TYR H 60 41.37 -22.87 34.69
CA TYR H 60 41.51 -24.23 35.21
C TYR H 60 41.45 -24.25 36.73
N ALA H 61 41.36 -25.46 37.29
CA ALA H 61 41.41 -25.66 38.74
C ALA H 61 42.86 -25.71 39.22
N GLN H 62 43.09 -25.23 40.45
CA GLN H 62 44.44 -25.24 41.06
C GLN H 62 44.98 -26.69 41.24
N LYS H 63 44.08 -27.68 41.22
CA LYS H 63 44.43 -29.10 41.35
C LYS H 63 45.25 -29.63 40.17
N PHE H 64 44.90 -29.21 38.96
CA PHE H 64 45.60 -29.67 37.75
C PHE H 64 46.58 -28.62 37.26
N GLN H 65 46.04 -27.45 36.92
CA GLN H 65 46.73 -26.29 36.29
C GLN H 65 47.84 -26.61 35.28
N GLY H 66 49.00 -27.02 35.78
CA GLY H 66 50.20 -27.14 34.97
C GLY H 66 50.22 -28.26 33.94
N ARG H 67 49.26 -29.19 34.01
CA ARG H 67 49.25 -30.38 33.14
C ARG H 67 47.95 -30.62 32.35
N VAL H 68 47.10 -29.60 32.25
CA VAL H 68 45.87 -29.69 31.45
C VAL H 68 45.65 -28.38 30.69
N THR H 69 45.25 -28.48 29.43
CA THR H 69 44.94 -27.32 28.61
C THR H 69 43.73 -27.60 27.74
N ILE H 70 42.80 -26.63 27.67
CA ILE H 70 41.56 -26.73 26.86
C ILE H 70 41.49 -25.60 25.86
N THR H 71 41.43 -25.98 24.58
CA THR H 71 41.42 -25.05 23.47
C THR H 71 40.03 -24.96 22.89
N ALA H 72 39.86 -23.97 22.02
CA ALA H 72 38.57 -23.61 21.47
C ALA H 72 38.72 -23.23 20.00
N ASP H 73 37.94 -23.92 19.18
CA ASP H 73 37.98 -23.79 17.74
C ASP H 73 36.64 -23.14 17.37
N GLU H 74 36.70 -21.89 16.94
CA GLU H 74 35.49 -21.05 16.90
C GLU H 74 34.55 -21.36 15.73
N SER H 75 35.09 -21.47 14.51
CA SER H 75 34.30 -21.77 13.31
C SER H 75 33.32 -22.92 13.54
N THR H 76 33.84 -24.12 13.78
CA THR H 76 32.99 -25.31 13.95
C THR H 76 32.31 -25.39 15.33
N SER H 77 32.72 -24.52 16.25
CA SER H 77 32.13 -24.43 17.59
C SER H 77 32.46 -25.66 18.46
N THR H 78 33.73 -26.07 18.38
CA THR H 78 34.25 -27.25 19.06
C THR H 78 35.26 -26.87 20.15
N ALA H 79 35.12 -27.47 21.31
CA ALA H 79 36.09 -27.34 22.37
C ALA H 79 36.95 -28.59 22.41
N TYR H 80 38.18 -28.45 22.88
CA TYR H 80 39.10 -29.58 23.01
C TYR H 80 39.61 -29.64 24.44
N MET H 81 40.14 -30.79 24.83
CA MET H 81 40.68 -31.01 26.18
C MET H 81 41.94 -31.88 26.18
N GLU H 82 43.10 -31.25 26.40
CA GLU H 82 44.36 -31.98 26.42
C GLU H 82 44.85 -32.18 27.85
N LEU H 83 45.32 -33.40 28.13
CA LEU H 83 45.77 -33.81 29.45
C LEU H 83 47.18 -34.41 29.37
N SER H 84 48.06 -33.99 30.28
CA SER H 84 49.49 -34.32 30.21
C SER H 84 49.99 -35.16 31.39
N SER H 85 50.92 -36.08 31.11
CA SER H 85 51.50 -36.99 32.10
C SER H 85 50.42 -37.71 32.89
N LEU H 86 49.77 -38.67 32.23
CA LEU H 86 48.61 -39.36 32.82
C LEU H 86 49.01 -40.42 33.83
N ARG H 87 48.28 -40.47 34.93
CA ARG H 87 48.49 -41.44 36.01
C ARG H 87 47.47 -42.57 35.89
N SER H 88 47.57 -43.55 36.79
CA SER H 88 46.60 -44.66 36.88
C SER H 88 45.21 -44.17 37.29
N GLU H 89 45.16 -43.17 38.16
CA GLU H 89 43.90 -42.66 38.74
C GLU H 89 43.13 -41.65 37.84
N ASP H 90 43.78 -41.14 36.81
CA ASP H 90 43.12 -40.33 35.75
C ASP H 90 42.14 -41.15 34.91
N THR H 91 42.27 -42.48 34.96
CA THR H 91 41.29 -43.40 34.35
C THR H 91 39.88 -43.04 34.77
N ALA H 92 39.06 -42.65 33.81
CA ALA H 92 37.76 -42.05 34.12
C ALA H 92 36.84 -41.90 32.90
N VAL H 93 35.64 -41.36 33.14
CA VAL H 93 34.71 -40.89 32.09
C VAL H 93 34.68 -39.36 32.09
N TYR H 94 35.00 -38.75 30.95
CA TYR H 94 35.10 -37.29 30.86
C TYR H 94 33.91 -36.70 30.10
N TYR H 95 33.21 -35.75 30.74
CA TYR H 95 32.02 -35.09 30.19
C TYR H 95 32.33 -33.63 29.89
N CYS H 96 31.82 -33.14 28.77
CA CYS H 96 31.80 -31.71 28.48
C CYS H 96 30.39 -31.19 28.71
N ALA H 97 30.29 -29.94 29.10
CA ALA H 97 29.01 -29.37 29.47
C ALA H 97 29.03 -27.91 29.13
N ARG H 98 27.97 -27.47 28.49
CA ARG H 98 28.03 -26.21 27.76
C ARG H 98 27.65 -24.99 28.54
N GLY H 99 26.59 -25.05 29.34
CA GLY H 99 26.10 -23.85 30.05
C GLY H 99 25.46 -22.76 29.18
N PRO H 100 24.53 -21.98 29.76
CA PRO H 100 23.54 -21.22 29.01
C PRO H 100 24.07 -19.96 28.35
N TYR H 101 25.22 -19.49 28.81
CA TYR H 101 25.90 -18.42 28.07
C TYR H 101 27.40 -18.43 28.35
N TYR H 102 28.12 -17.63 27.58
CA TYR H 102 29.55 -17.46 27.76
C TYR H 102 29.74 -16.80 29.14
N TYR H 103 30.47 -17.44 30.04
CA TYR H 103 30.79 -16.80 31.32
C TYR H 103 32.01 -17.42 31.98
N GLY H 104 32.01 -18.70 32.40
CA GLY H 104 30.89 -19.66 32.46
C GLY H 104 30.43 -19.84 33.91
N ASN H 105 29.11 -20.04 34.08
CA ASN H 105 28.47 -20.13 35.40
C ASN H 105 27.52 -21.37 35.50
N SER H 106 26.18 -21.27 35.47
CA SER H 106 25.34 -22.53 35.66
C SER H 106 25.62 -23.57 34.53
N HIS H 107 25.14 -24.81 34.66
CA HIS H 107 25.16 -25.76 33.50
C HIS H 107 23.75 -26.08 33.08
N ASP H 109 23.62 -26.78 31.93
CA ASP H 109 22.29 -27.07 31.33
C ASP H 109 22.23 -28.24 30.35
N PHE H 110 23.20 -28.32 29.45
CA PHE H 110 23.25 -29.36 28.46
C PHE H 110 24.58 -30.09 28.57
N TRP H 111 24.50 -31.39 28.77
CA TRP H 111 25.65 -32.21 29.07
C TRP H 111 25.91 -33.10 27.88
N GLY H 112 27.17 -33.50 27.71
CA GLY H 112 27.59 -34.32 26.59
C GLY H 112 27.16 -35.78 26.66
N GLN H 113 28.01 -36.65 26.15
CA GLN H 113 27.79 -38.08 26.25
C GLN H 113 28.82 -38.68 27.16
N GLY H 114 30.10 -38.39 26.89
CA GLY H 114 31.23 -38.87 27.68
C GLY H 114 32.22 -39.65 26.84
N THR H 115 33.36 -39.95 27.45
CA THR H 115 34.46 -40.63 26.78
C THR H 115 35.28 -41.47 27.78
N MET H 116 35.26 -42.80 27.62
CA MET H 116 36.07 -43.67 28.48
C MET H 116 37.56 -43.53 28.12
N VAL H 117 38.38 -43.22 29.12
CA VAL H 117 39.83 -43.15 28.95
C VAL H 117 40.52 -44.02 29.99
N THR H 118 41.12 -45.11 29.52
CA THR H 118 41.77 -46.07 30.39
C THR H 118 43.29 -45.84 30.36
N VAL H 119 43.92 -45.80 31.54
CA VAL H 119 45.37 -45.61 31.66
C VAL H 119 45.94 -46.72 32.55
N SER H 120 46.21 -47.88 31.94
CA SER H 120 46.87 -49.01 32.64
C SER H 120 47.99 -49.71 31.86
N SER H 121 48.12 -49.46 30.54
CA SER H 121 49.14 -50.09 29.69
C SER H 121 49.04 -51.63 29.67
N ALA H 122 48.05 -52.12 28.96
CA ALA H 122 47.81 -53.56 28.87
C ALA H 122 47.48 -53.96 27.44
N SER H 123 47.73 -55.22 27.13
CA SER H 123 47.42 -55.78 25.82
C SER H 123 45.91 -55.99 25.69
N THR H 124 45.39 -55.86 24.46
CA THR H 124 43.98 -56.15 24.17
C THR H 124 43.74 -57.68 24.04
N LYS H 125 43.81 -58.39 25.16
CA LYS H 125 43.67 -59.85 25.16
C LYS H 125 42.18 -60.20 25.33
N GLY H 126 41.75 -61.25 24.64
CA GLY H 126 40.38 -61.72 24.73
C GLY H 126 40.05 -62.32 26.09
N PRO H 127 38.75 -62.40 26.44
CA PRO H 127 38.30 -62.94 27.71
C PRO H 127 38.22 -64.48 27.72
N SER H 128 38.85 -65.12 28.71
CA SER H 128 38.80 -66.58 28.86
C SER H 128 37.48 -66.98 29.51
N VAL H 129 36.58 -67.59 28.74
CA VAL H 129 35.28 -68.08 29.25
C VAL H 129 35.38 -69.53 29.74
N PHE H 130 35.10 -69.75 31.03
CA PHE H 130 35.17 -71.08 31.66
C PHE H 130 33.81 -71.52 32.21
N PRO H 131 33.44 -72.81 32.02
CA PRO H 131 32.11 -73.26 32.48
C PRO H 131 32.02 -73.55 33.99
N LEU H 132 31.12 -72.83 34.68
CA LEU H 132 30.85 -73.08 36.12
C LEU H 132 29.66 -74.03 36.32
N ALA H 133 29.78 -74.92 37.31
CA ALA H 133 28.75 -75.93 37.60
C ALA H 133 28.00 -75.64 38.90
N PRO H 134 26.73 -76.09 39.02
CA PRO H 134 25.94 -75.97 40.26
C PRO H 134 26.19 -77.12 41.26
N SER H 135 26.56 -76.77 42.50
CA SER H 135 26.97 -77.73 43.53
C SER H 135 25.83 -78.06 44.49
N SER H 136 25.62 -79.36 44.75
CA SER H 136 24.74 -79.83 45.83
C SER H 136 25.59 -80.30 47.03
N GLY H 141 15.05 -76.83 44.91
CA GLY H 141 14.26 -75.71 44.43
C GLY H 141 14.96 -74.90 43.35
N THR H 142 15.46 -73.72 43.74
CA THR H 142 16.11 -72.78 42.80
C THR H 142 17.64 -72.84 42.92
N ALA H 143 18.31 -73.00 41.78
CA ALA H 143 19.78 -73.06 41.70
C ALA H 143 20.32 -71.97 40.78
N ALA H 144 21.65 -71.79 40.81
CA ALA H 144 22.34 -70.77 39.99
C ALA H 144 23.56 -71.36 39.27
N LEU H 145 23.73 -70.99 38.00
CA LEU H 145 24.87 -71.43 37.16
C LEU H 145 25.19 -70.37 36.11
N GLY H 146 26.45 -70.27 35.71
CA GLY H 146 26.86 -69.20 34.80
C GLY H 146 28.28 -69.28 34.25
N CYS H 147 28.63 -68.23 33.51
CA CYS H 147 29.91 -68.14 32.79
C CYS H 147 30.90 -67.24 33.53
N LEU H 148 32.10 -67.76 33.76
CA LEU H 148 33.19 -66.99 34.39
C LEU H 148 34.04 -66.36 33.29
N VAL H 149 34.16 -65.03 33.33
CA VAL H 149 34.90 -64.25 32.30
C VAL H 149 36.10 -63.53 32.93
N LYS H 150 37.28 -64.11 32.76
CA LYS H 150 38.51 -63.66 33.45
C LYS H 150 39.57 -63.17 32.47
N ASP H 151 40.39 -62.22 32.95
CA ASP H 151 41.56 -61.72 32.24
C ASP H 151 41.25 -61.19 30.83
N TYR H 152 40.77 -59.95 30.78
CA TYR H 152 40.51 -59.25 29.52
C TYR H 152 40.74 -57.75 29.70
N PHE H 153 40.79 -57.05 28.57
CA PHE H 153 41.10 -55.61 28.52
C PHE H 153 40.71 -55.05 27.15
N PRO H 154 39.97 -53.94 27.05
CA PRO H 154 39.30 -53.26 28.16
C PRO H 154 37.77 -53.36 27.96
N GLU H 155 37.00 -52.47 28.60
CA GLU H 155 35.52 -52.50 28.56
C GLU H 155 34.98 -52.20 27.16
N PRO H 156 33.78 -52.68 26.80
CA PRO H 156 32.84 -53.45 27.63
C PRO H 156 32.81 -54.94 27.28
N VAL H 157 31.92 -55.68 27.94
CA VAL H 157 31.71 -57.11 27.69
C VAL H 157 30.24 -57.48 27.87
N THR H 158 29.46 -57.29 26.81
CA THR H 158 28.02 -57.61 26.82
C THR H 158 27.82 -59.12 26.61
N VAL H 159 26.87 -59.71 27.35
CA VAL H 159 26.63 -61.17 27.36
C VAL H 159 25.20 -61.55 26.94
N SER H 160 25.09 -62.22 25.79
CA SER H 160 23.80 -62.75 25.28
C SER H 160 23.58 -64.20 25.71
N TRP H 161 22.77 -64.39 26.76
CA TRP H 161 22.40 -65.74 27.21
C TRP H 161 21.41 -66.38 26.23
N ASN H 162 21.84 -67.45 25.56
CA ASN H 162 21.06 -68.17 24.53
C ASN H 162 20.58 -67.25 23.37
N SER H 163 21.38 -66.22 23.04
CA SER H 163 21.03 -65.20 22.04
C SER H 163 19.68 -64.50 22.36
N GLY H 164 19.51 -64.09 23.62
CA GLY H 164 18.29 -63.39 24.08
C GLY H 164 17.09 -64.26 24.45
N ALA H 165 17.25 -65.58 24.44
CA ALA H 165 16.15 -66.53 24.73
C ALA H 165 15.84 -66.65 26.22
N LEU H 166 16.88 -66.52 27.06
CA LEU H 166 16.73 -66.50 28.53
C LEU H 166 17.42 -65.25 29.09
N THR H 167 16.62 -64.23 29.38
CA THR H 167 17.10 -62.94 29.91
C THR H 167 16.40 -62.45 31.21
N SER H 168 15.55 -63.27 31.83
CA SER H 168 14.82 -62.91 33.08
C SER H 168 15.49 -63.41 34.36
N GLY H 169 16.01 -62.47 35.16
CA GLY H 169 16.77 -62.78 36.37
C GLY H 169 18.28 -62.89 36.18
N VAL H 170 18.80 -62.39 35.05
CA VAL H 170 20.25 -62.37 34.79
C VAL H 170 20.84 -61.13 35.45
N HIS H 171 21.94 -61.33 36.18
CA HIS H 171 22.62 -60.25 36.89
C HIS H 171 24.07 -60.20 36.41
N THR H 172 24.42 -59.17 35.64
CA THR H 172 25.78 -58.96 35.18
C THR H 172 26.48 -57.98 36.13
N PHE H 173 27.50 -58.48 36.82
CA PHE H 173 28.23 -57.72 37.83
C PHE H 173 29.26 -56.82 37.12
N PRO H 174 29.44 -55.59 37.61
CA PRO H 174 30.55 -54.75 37.14
C PRO H 174 31.93 -55.31 37.52
N ALA H 175 32.91 -55.17 36.61
CA ALA H 175 34.22 -55.80 36.77
C ALA H 175 35.09 -55.13 37.83
N VAL H 176 36.28 -55.71 38.04
CA VAL H 176 37.26 -55.17 38.98
C VAL H 176 38.68 -55.27 38.43
N LEU H 177 39.51 -54.28 38.77
CA LEU H 177 40.92 -54.29 38.41
C LEU H 177 41.67 -55.19 39.39
N GLN H 178 42.36 -56.19 38.86
CA GLN H 178 43.18 -57.11 39.67
C GLN H 178 44.53 -56.49 40.03
N SER H 179 45.24 -57.11 40.97
CA SER H 179 46.64 -56.78 41.26
C SER H 179 47.49 -56.98 39.99
N SER H 180 47.15 -58.02 39.23
CA SER H 180 47.69 -58.29 37.88
C SER H 180 47.52 -57.10 36.93
N GLY H 181 46.38 -56.42 37.00
CA GLY H 181 46.07 -55.25 36.17
C GLY H 181 45.20 -55.57 34.98
N LEU H 182 44.27 -56.49 35.16
CA LEU H 182 43.36 -56.97 34.11
C LEU H 182 41.95 -57.00 34.67
N TYR H 183 40.96 -56.71 33.82
CA TYR H 183 39.56 -56.69 34.24
C TYR H 183 39.03 -58.14 34.35
N SER H 184 38.04 -58.35 35.20
CA SER H 184 37.43 -59.66 35.40
C SER H 184 36.08 -59.55 36.10
N LEU H 185 35.06 -60.22 35.56
CA LEU H 185 33.71 -60.22 36.15
C LEU H 185 33.03 -61.58 36.06
N SER H 186 31.91 -61.70 36.77
CA SER H 186 31.07 -62.89 36.72
C SER H 186 29.67 -62.55 36.18
N SER H 187 28.91 -63.58 35.79
CA SER H 187 27.51 -63.43 35.38
C SER H 187 26.75 -64.73 35.63
N VAL H 188 25.58 -64.62 36.24
CA VAL H 188 24.79 -65.77 36.70
C VAL H 188 23.30 -65.57 36.45
N VAL H 189 22.57 -66.68 36.46
CA VAL H 189 21.12 -66.67 36.21
C VAL H 189 20.46 -67.74 37.09
N THR H 190 19.36 -67.36 37.74
CA THR H 190 18.59 -68.30 38.58
C THR H 190 17.54 -68.99 37.74
N VAL H 191 17.44 -70.32 37.87
CA VAL H 191 16.53 -71.16 37.08
C VAL H 191 16.03 -72.35 37.95
N PRO H 192 14.77 -72.80 37.75
CA PRO H 192 14.29 -73.99 38.50
C PRO H 192 15.02 -75.29 38.15
N SER H 193 15.00 -76.27 39.06
CA SER H 193 15.61 -77.59 38.83
C SER H 193 14.86 -78.44 37.77
N SER H 194 13.63 -78.03 37.41
CA SER H 194 12.84 -78.66 36.34
C SER H 194 13.56 -78.77 34.99
N SER H 195 14.39 -77.79 34.67
CA SER H 195 15.18 -77.79 33.43
C SER H 195 16.66 -77.47 33.69
N LEU H 196 17.26 -78.20 34.65
CA LEU H 196 18.69 -78.08 34.97
C LEU H 196 19.52 -79.02 34.11
N GLY H 197 19.14 -80.30 34.12
CA GLY H 197 19.75 -81.30 33.25
C GLY H 197 18.90 -81.64 32.03
N THR H 198 18.19 -80.65 31.48
CA THR H 198 17.32 -80.84 30.28
C THR H 198 17.63 -79.81 29.17
N GLN H 199 17.47 -78.53 29.48
CA GLN H 199 17.77 -77.43 28.56
C GLN H 199 19.21 -76.95 28.78
N THR H 200 20.09 -77.23 27.82
CA THR H 200 21.51 -76.79 27.90
C THR H 200 21.58 -75.28 27.65
N TYR H 201 22.20 -74.56 28.60
CA TYR H 201 22.34 -73.10 28.54
C TYR H 201 23.76 -72.72 28.15
N ILE H 202 23.88 -71.88 27.11
CA ILE H 202 25.16 -71.47 26.54
C ILE H 202 25.17 -69.95 26.42
N CYS H 203 26.27 -69.33 26.83
CA CYS H 203 26.41 -67.85 26.78
C CYS H 203 27.32 -67.40 25.64
N ASN H 204 27.00 -66.22 25.09
CA ASN H 204 27.74 -65.61 23.99
C ASN H 204 28.50 -64.36 24.46
N VAL H 205 29.76 -64.53 24.85
CA VAL H 205 30.59 -63.40 25.28
C VAL H 205 31.12 -62.70 24.01
N ASN H 206 31.03 -61.37 24.00
CA ASN H 206 31.39 -60.56 22.83
C ASN H 206 32.83 -60.02 22.87
N HIS H 207 33.08 -59.02 23.72
CA HIS H 207 34.33 -58.23 23.72
C HIS H 207 34.64 -57.64 22.34
N LYS H 208 34.28 -56.38 22.16
CA LYS H 208 34.40 -55.72 20.87
C LYS H 208 35.85 -55.44 20.42
N PRO H 209 36.72 -54.92 21.34
CA PRO H 209 38.07 -54.50 20.88
C PRO H 209 39.11 -55.60 20.50
N SER H 210 38.78 -56.88 20.71
CA SER H 210 39.59 -57.99 20.16
C SER H 210 38.86 -58.88 19.12
N ASN H 211 37.54 -58.71 18.99
CA ASN H 211 36.66 -59.57 18.16
C ASN H 211 36.57 -61.04 18.61
N THR H 212 36.82 -61.30 19.90
CA THR H 212 36.93 -62.68 20.42
C THR H 212 35.54 -63.31 20.59
N LYS H 213 35.19 -64.19 19.66
CA LYS H 213 33.91 -64.89 19.68
C LYS H 213 34.12 -66.39 19.97
N VAL H 214 34.06 -66.75 21.26
CA VAL H 214 34.15 -68.14 21.73
C VAL H 214 33.03 -68.40 22.75
N ASP H 215 32.05 -69.21 22.37
CA ASP H 215 30.93 -69.62 23.25
C ASP H 215 31.38 -70.73 24.22
N LYS H 216 30.52 -71.07 25.18
CA LYS H 216 30.83 -72.16 26.13
C LYS H 216 29.58 -72.80 26.75
N LYS H 217 29.46 -74.12 26.60
CA LYS H 217 28.38 -74.94 27.17
C LYS H 217 28.49 -74.94 28.71
N VAL H 218 27.35 -75.03 29.37
CA VAL H 218 27.27 -75.13 30.84
C VAL H 218 26.51 -76.38 31.24
N GLU H 219 27.21 -77.31 31.91
CA GLU H 219 26.63 -78.60 32.34
C GLU H 219 26.95 -78.87 33.82
N PRO H 220 26.09 -79.65 34.52
CA PRO H 220 26.44 -80.18 35.85
C PRO H 220 27.44 -81.37 35.76
N LYS H 221 28.34 -81.47 36.74
CA LYS H 221 29.44 -82.46 36.69
C LYS H 221 28.94 -83.91 36.82
N ASP I 1 42.87 8.96 41.76
CA ASP I 1 41.95 7.83 41.43
C ASP I 1 41.26 8.09 40.09
N GLN I 2 41.02 7.01 39.33
CA GLN I 2 40.37 7.05 38.01
C GLN I 2 39.47 5.83 37.72
N ILE I 3 38.40 6.04 36.92
CA ILE I 3 37.72 4.97 36.13
C ILE I 3 37.55 5.44 34.70
N CYS I 4 38.15 4.68 33.79
CA CYS I 4 38.06 4.96 32.37
C CYS I 4 37.48 3.73 31.65
N ILE I 5 36.60 3.99 30.67
CA ILE I 5 35.82 2.95 29.95
C ILE I 5 36.43 2.70 28.57
N GLY I 6 36.36 1.45 28.12
CA GLY I 6 36.73 1.12 26.74
C GLY I 6 36.21 -0.21 26.24
N TYR I 7 36.73 -0.61 25.08
CA TYR I 7 36.22 -1.73 24.31
C TYR I 7 37.34 -2.65 23.86
N HIS I 8 37.03 -3.92 23.70
CA HIS I 8 38.00 -4.99 23.40
C HIS I 8 38.72 -4.72 22.08
N ALA I 9 39.89 -5.31 21.95
CA ALA I 9 40.55 -5.42 20.67
C ALA I 9 41.64 -6.48 20.82
N ASN I 10 41.86 -7.26 19.79
CA ASN I 10 42.83 -8.34 19.85
C ASN I 10 43.72 -8.31 18.62
N ASN I 11 44.26 -9.46 18.23
CA ASN I 11 45.19 -9.58 17.13
C ASN I 11 44.57 -10.11 15.82
N SER I 12 43.26 -9.90 15.61
CA SER I 12 42.61 -10.45 14.41
C SER I 12 42.90 -9.63 13.18
N THR I 13 42.97 -10.32 12.05
CA THR I 13 43.19 -9.68 10.77
C THR I 13 41.94 -9.59 9.89
N GLU I 14 40.87 -10.31 10.26
CA GLU I 14 39.74 -10.55 9.33
C GLU I 14 39.00 -9.28 8.97
N GLN I 15 39.21 -8.87 7.73
CA GLN I 15 38.55 -7.70 7.15
C GLN I 15 37.13 -8.04 6.72
N VAL I 16 36.26 -7.04 6.82
CA VAL I 16 34.85 -7.15 6.48
C VAL I 16 34.43 -5.89 5.80
N ASP I 17 33.81 -6.00 4.64
CA ASP I 17 33.28 -4.83 3.93
C ASP I 17 31.98 -4.37 4.60
N THR I 18 31.78 -3.06 4.65
CA THR I 18 30.49 -2.47 5.03
C THR I 18 30.04 -1.49 3.95
N ILE I 19 28.83 -0.99 4.11
CA ILE I 19 28.20 -0.18 3.09
C ILE I 19 28.98 1.14 2.90
N MET I 20 29.44 1.74 4.01
CA MET I 20 30.13 3.03 3.93
C MET I 20 31.66 2.98 3.92
N GLU I 21 32.21 1.88 4.42
CA GLU I 21 33.65 1.65 4.46
C GLU I 21 33.96 0.32 3.82
N LYS I 22 35.11 0.19 3.18
CA LYS I 22 35.56 -1.13 2.66
C LYS I 22 36.81 -1.57 3.39
N ASN I 23 37.08 -2.88 3.41
CA ASN I 23 38.27 -3.46 4.06
C ASN I 23 38.46 -2.93 5.50
N VAL I 24 37.54 -3.27 6.39
CA VAL I 24 37.60 -2.83 7.77
C VAL I 24 37.99 -3.98 8.64
N THR I 25 39.04 -3.80 9.44
CA THR I 25 39.61 -4.86 10.25
C THR I 25 38.76 -5.05 11.51
N VAL I 26 38.21 -6.25 11.69
CA VAL I 26 37.21 -6.50 12.74
C VAL I 26 37.59 -7.66 13.63
N THR I 27 37.25 -7.53 14.92
CA THR I 27 37.60 -8.48 15.99
C THR I 27 37.23 -9.94 15.78
N HIS I 28 35.98 -10.16 15.38
CA HIS I 28 35.45 -11.49 15.09
C HIS I 28 34.52 -11.48 13.88
N ALA I 29 34.12 -12.65 13.41
CA ALA I 29 33.36 -12.72 12.15
C ALA I 29 32.74 -14.07 11.92
N GLN I 30 31.89 -14.13 10.90
CA GLN I 30 31.20 -15.34 10.49
C GLN I 30 31.09 -15.41 8.97
N ASP I 31 31.47 -16.54 8.39
CA ASP I 31 31.29 -16.81 6.96
C ASP I 31 29.84 -17.25 6.71
N ILE I 32 29.25 -16.73 5.64
CA ILE I 32 27.89 -17.07 5.23
C ILE I 32 27.89 -17.84 3.91
N LEU I 33 29.04 -18.01 3.29
CA LEU I 33 29.08 -18.52 1.93
C LEU I 33 29.76 -19.89 1.95
N GLU I 34 29.11 -20.87 1.35
CA GLU I 34 29.64 -22.23 1.28
C GLU I 34 30.54 -22.38 0.06
N LYS I 35 31.82 -22.59 0.31
CA LYS I 35 32.84 -22.52 -0.73
C LYS I 35 33.38 -23.88 -1.10
N LYS I 36 33.00 -24.92 -0.34
CA LYS I 36 33.72 -26.18 -0.38
C LYS I 36 32.80 -27.33 -0.75
N HIS I 37 33.40 -28.35 -1.39
CA HIS I 37 32.68 -29.54 -1.81
C HIS I 37 33.58 -30.76 -1.68
N ASN I 38 32.97 -31.92 -1.42
CA ASN I 38 33.71 -33.18 -1.18
C ASN I 38 34.19 -33.86 -2.45
N GLY I 39 33.68 -33.38 -3.58
CA GLY I 39 34.20 -33.74 -4.90
C GLY I 39 33.94 -35.16 -5.32
N LYS I 40 32.87 -35.75 -4.79
CA LYS I 40 32.54 -37.12 -5.12
C LYS I 40 31.02 -37.23 -4.93
N LEU I 41 30.31 -37.66 -5.96
CA LEU I 41 28.85 -37.57 -5.96
C LEU I 41 28.19 -38.69 -5.18
N CYS I 42 27.14 -38.32 -4.45
CA CYS I 42 26.64 -39.04 -3.29
C CYS I 42 25.14 -39.30 -3.38
N ASP I 43 24.63 -39.99 -2.36
CA ASP I 43 23.22 -40.31 -2.23
C ASP I 43 22.41 -39.06 -1.92
N LEU I 44 21.16 -39.02 -2.38
CA LEU I 44 20.18 -38.02 -1.92
C LEU I 44 19.20 -38.65 -0.97
N ASP I 45 19.42 -38.44 0.33
CA ASP I 45 18.54 -39.01 1.36
C ASP I 45 18.38 -40.51 1.15
N GLY I 46 19.51 -41.21 1.24
CA GLY I 46 19.55 -42.66 1.21
C GLY I 46 19.37 -43.34 -0.13
N VAL I 47 19.27 -42.56 -1.20
CA VAL I 47 18.93 -43.10 -2.50
C VAL I 47 20.13 -43.08 -3.46
N LYS I 48 20.48 -44.27 -3.94
CA LYS I 48 21.65 -44.48 -4.81
C LYS I 48 21.33 -43.81 -6.16
N PRO I 49 22.17 -42.89 -6.65
CA PRO I 49 21.95 -42.42 -8.01
C PRO I 49 22.37 -43.43 -9.08
N LEU I 50 21.69 -43.42 -10.20
CA LEU I 50 21.97 -44.33 -11.31
C LEU I 50 23.16 -43.78 -12.11
N ILE I 51 24.33 -44.42 -11.98
CA ILE I 51 25.53 -43.95 -12.67
C ILE I 51 25.75 -44.78 -13.94
N LEU I 52 25.78 -44.11 -15.08
CA LEU I 52 26.03 -44.75 -16.36
C LEU I 52 27.37 -44.25 -16.89
N ARG I 53 28.35 -45.14 -16.92
CA ARG I 53 29.71 -44.75 -17.19
C ARG I 53 29.87 -44.55 -18.70
N ASP I 54 29.97 -45.66 -19.43
CA ASP I 54 30.26 -45.63 -20.87
C ASP I 54 28.97 -45.79 -21.66
N CYS I 55 27.85 -45.43 -21.03
CA CYS I 55 26.55 -45.77 -21.58
C CYS I 55 25.59 -44.61 -21.36
N SER I 56 24.67 -44.45 -22.31
CA SER I 56 23.60 -43.46 -22.23
C SER I 56 22.35 -44.14 -21.77
N VAL I 57 21.27 -43.36 -21.60
CA VAL I 57 19.99 -43.89 -21.15
C VAL I 57 19.37 -44.77 -22.22
N ALA I 58 19.40 -44.30 -23.47
CA ALA I 58 18.87 -45.08 -24.58
C ALA I 58 19.50 -46.49 -24.64
N GLY I 59 20.82 -46.55 -24.59
CA GLY I 59 21.55 -47.82 -24.66
C GLY I 59 21.40 -48.71 -23.45
N TRP I 60 20.97 -48.12 -22.34
CA TRP I 60 20.74 -48.84 -21.10
C TRP I 60 19.37 -49.49 -21.03
N LEU I 61 18.35 -48.79 -21.55
CA LEU I 61 17.00 -49.36 -21.65
C LEU I 61 16.94 -50.51 -22.65
N LEU I 62 17.58 -50.30 -23.79
CA LEU I 62 17.74 -51.34 -24.78
C LEU I 62 19.00 -52.08 -24.37
N GLY I 63 19.30 -53.21 -25.00
CA GLY I 63 20.41 -54.06 -24.56
C GLY I 63 21.71 -53.80 -25.29
N ASN I 64 22.27 -52.60 -25.19
CA ASN I 64 23.50 -52.28 -25.92
C ASN I 64 24.57 -53.23 -25.43
N PRO I 65 25.17 -54.02 -26.34
CA PRO I 65 26.16 -54.99 -25.90
C PRO I 65 27.44 -54.39 -25.31
N MET I 66 27.89 -53.24 -25.81
CA MET I 66 29.21 -52.69 -25.46
C MET I 66 29.34 -52.26 -24.00
N CYS I 67 28.29 -51.65 -23.47
CA CYS I 67 28.16 -51.44 -22.01
C CYS I 67 27.32 -52.61 -21.47
N ASP I 68 27.15 -52.67 -20.14
CA ASP I 68 26.40 -53.79 -19.51
C ASP I 68 25.12 -53.32 -18.80
N GLU I 69 24.08 -54.14 -18.89
CA GLU I 69 22.76 -53.88 -18.27
C GLU I 69 22.57 -54.75 -17.02
N PHE I 70 23.68 -54.98 -16.30
CA PHE I 70 23.69 -55.72 -15.03
C PHE I 70 23.21 -54.87 -13.85
N ILE I 71 22.99 -53.58 -14.08
CA ILE I 71 22.51 -52.67 -13.05
C ILE I 71 21.07 -53.10 -12.67
N ASN I 72 20.98 -53.93 -11.64
CA ASN I 72 19.69 -54.31 -11.04
C ASN I 72 19.47 -53.51 -9.75
N VAL I 73 19.65 -52.20 -9.83
CA VAL I 73 19.29 -51.28 -8.76
C VAL I 73 17.82 -50.98 -9.03
N PRO I 74 16.93 -51.18 -8.01
CA PRO I 74 15.50 -51.05 -8.20
C PRO I 74 14.93 -49.68 -7.79
N GLU I 75 15.79 -48.71 -7.54
CA GLU I 75 15.37 -47.40 -7.05
C GLU I 75 16.49 -46.38 -7.16
N TRP I 76 16.17 -45.18 -7.65
CA TRP I 76 17.18 -44.11 -7.72
C TRP I 76 16.61 -42.68 -7.68
N SER I 77 17.53 -41.73 -7.43
CA SER I 77 17.20 -40.31 -7.27
C SER I 77 17.46 -39.41 -8.45
N TYR I 78 18.55 -39.68 -9.15
CA TYR I 78 18.89 -38.95 -10.35
C TYR I 78 19.83 -39.78 -11.19
N ILE I 79 19.87 -39.49 -12.47
CA ILE I 79 20.72 -40.20 -13.39
C ILE I 79 22.00 -39.39 -13.62
N VAL I 80 23.10 -40.09 -13.92
CA VAL I 80 24.39 -39.46 -14.20
C VAL I 80 24.98 -40.01 -15.47
N GLU I 81 24.82 -39.29 -16.59
CA GLU I 81 25.52 -39.62 -17.82
C GLU I 81 26.86 -38.90 -17.80
N LYS I 82 27.66 -39.12 -18.84
CA LYS I 82 28.81 -38.29 -19.11
C LYS I 82 28.54 -37.37 -20.29
N ALA I 83 29.43 -36.41 -20.49
CA ALA I 83 29.32 -35.39 -21.53
C ALA I 83 28.81 -35.96 -22.85
N ASN I 84 29.67 -36.75 -23.50
CA ASN I 84 29.33 -37.52 -24.69
C ASN I 84 29.56 -39.00 -24.34
N PRO I 85 28.49 -39.75 -24.03
CA PRO I 85 28.66 -41.15 -23.64
C PRO I 85 29.01 -41.98 -24.86
N VAL I 86 29.96 -42.90 -24.71
CA VAL I 86 30.56 -43.57 -25.87
C VAL I 86 29.62 -44.53 -26.62
N ASN I 87 28.61 -45.07 -25.92
CA ASN I 87 27.65 -46.02 -26.51
C ASN I 87 26.19 -45.57 -26.40
N ASP I 88 25.74 -44.73 -27.34
CA ASP I 88 24.34 -44.27 -27.40
C ASP I 88 23.50 -45.36 -28.07
N LEU I 89 23.81 -45.66 -29.32
CA LEU I 89 23.09 -46.66 -30.10
C LEU I 89 24.06 -47.32 -31.06
N CYS I 90 24.28 -48.62 -30.91
CA CYS I 90 25.18 -49.35 -31.80
C CYS I 90 24.66 -49.29 -33.24
N TYR I 91 23.37 -49.62 -33.42
CA TYR I 91 22.69 -49.45 -34.71
C TYR I 91 22.11 -48.05 -34.75
N PRO I 92 22.55 -47.22 -35.71
CA PRO I 92 22.19 -45.80 -35.71
C PRO I 92 20.72 -45.58 -35.92
N GLY I 93 20.24 -44.46 -35.40
CA GLY I 93 18.85 -44.14 -35.51
C GLY I 93 18.42 -42.94 -34.72
N ASP I 94 17.26 -43.06 -34.11
CA ASP I 94 16.61 -41.97 -33.42
C ASP I 94 15.69 -42.59 -32.35
N PHE I 95 15.44 -41.85 -31.28
CA PHE I 95 14.52 -42.27 -30.21
C PHE I 95 13.46 -41.16 -30.11
N ASN I 96 12.18 -41.54 -30.09
CA ASN I 96 11.06 -40.57 -30.15
C ASN I 96 10.63 -40.11 -28.75
N ASP I 97 10.59 -38.78 -28.55
CA ASP I 97 10.38 -38.16 -27.22
C ASP I 97 11.41 -38.60 -26.17
N TYR I 98 12.66 -38.75 -26.62
CA TYR I 98 13.79 -39.26 -25.81
C TYR I 98 14.02 -38.46 -24.57
N GLU I 99 13.86 -37.15 -24.71
CA GLU I 99 14.17 -36.24 -23.64
C GLU I 99 13.09 -36.36 -22.58
N GLU I 100 11.85 -36.52 -23.01
CA GLU I 100 10.74 -36.66 -22.07
C GLU I 100 10.77 -37.98 -21.33
N LEU I 101 11.20 -39.01 -22.01
CA LEU I 101 11.36 -40.33 -21.41
C LEU I 101 12.51 -40.27 -20.42
N LYS I 102 13.56 -39.53 -20.78
CA LYS I 102 14.68 -39.27 -19.88
C LYS I 102 14.20 -38.66 -18.57
N HIS I 103 13.37 -37.64 -18.68
CA HIS I 103 12.84 -36.96 -17.51
C HIS I 103 11.96 -37.91 -16.70
N LEU I 104 11.16 -38.74 -17.38
CA LEU I 104 10.29 -39.69 -16.70
C LEU I 104 11.08 -40.69 -15.89
N LEU I 105 12.16 -41.20 -16.47
CA LEU I 105 12.99 -42.20 -15.82
C LEU I 105 14.01 -41.64 -14.88
N SER I 106 14.10 -40.32 -14.78
CA SER I 106 15.12 -39.69 -13.93
C SER I 106 15.03 -40.06 -12.46
N ARG I 107 13.81 -40.30 -11.97
CA ARG I 107 13.58 -40.64 -10.57
C ARG I 107 12.48 -41.67 -10.37
N ILE I 108 12.92 -42.87 -10.01
CA ILE I 108 12.02 -44.00 -9.94
C ILE I 108 12.03 -44.54 -8.54
N ASN I 109 10.86 -45.03 -8.13
CA ASN I 109 10.68 -45.61 -6.83
C ASN I 109 10.88 -47.12 -6.87
N HIS I 110 10.20 -47.81 -7.79
CA HIS I 110 10.31 -49.28 -7.92
C HIS I 110 10.52 -49.74 -9.37
N PHE I 111 11.44 -50.66 -9.59
CA PHE I 111 11.98 -50.91 -10.93
C PHE I 111 12.53 -52.32 -11.08
N GLU I 112 12.02 -53.06 -12.07
CA GLU I 112 12.59 -54.37 -12.46
C GLU I 112 12.23 -54.76 -13.89
N LYS I 113 13.08 -55.58 -14.48
CA LYS I 113 12.92 -56.06 -15.86
C LYS I 113 11.96 -57.26 -15.85
N ILE I 114 11.09 -57.38 -16.88
CA ILE I 114 10.09 -58.48 -16.97
C ILE I 114 9.99 -59.10 -18.38
N GLN I 115 9.74 -60.40 -18.44
CA GLN I 115 9.43 -61.11 -19.69
C GLN I 115 7.99 -60.81 -20.10
N ILE I 116 7.81 -60.19 -21.27
CA ILE I 116 6.49 -59.96 -21.85
C ILE I 116 6.20 -61.04 -22.88
N ILE I 117 7.10 -61.17 -23.86
CA ILE I 117 7.05 -62.26 -24.84
C ILE I 117 8.47 -62.74 -25.15
N PRO I 118 8.79 -64.01 -24.82
CA PRO I 118 10.17 -64.46 -25.03
C PRO I 118 10.60 -64.57 -26.49
N LYS I 119 11.90 -64.79 -26.68
CA LYS I 119 12.47 -65.03 -28.01
C LYS I 119 11.94 -66.35 -28.58
N SER I 120 11.74 -67.32 -27.70
CA SER I 120 11.25 -68.66 -28.04
C SER I 120 9.88 -68.69 -28.72
N SER I 121 8.98 -67.81 -28.31
CA SER I 121 7.58 -67.84 -28.75
C SER I 121 7.34 -67.47 -30.22
N TRP I 122 8.33 -66.90 -30.90
CA TRP I 122 8.25 -66.61 -32.33
C TRP I 122 8.63 -67.84 -33.16
N SER I 123 7.63 -68.70 -33.40
CA SER I 123 7.82 -69.96 -34.14
C SER I 123 7.64 -69.74 -35.65
N SER I 124 6.62 -68.97 -36.01
CA SER I 124 6.35 -68.65 -37.42
C SER I 124 7.35 -67.67 -38.06
N HIS I 125 8.14 -66.96 -37.23
CA HIS I 125 9.16 -66.00 -37.71
C HIS I 125 10.53 -66.23 -37.07
N GLU I 126 11.59 -65.99 -37.84
CA GLU I 126 12.97 -66.30 -37.43
C GLU I 126 13.60 -65.19 -36.60
N ALA I 127 13.68 -65.42 -35.29
CA ALA I 127 14.24 -64.47 -34.33
C ALA I 127 15.72 -64.70 -34.00
N SER I 128 16.25 -65.85 -34.42
CA SER I 128 17.62 -66.21 -34.06
C SER I 128 18.63 -65.30 -34.77
N LEU I 129 18.88 -65.53 -36.06
CA LEU I 129 19.80 -64.70 -36.84
C LEU I 129 19.08 -63.40 -37.25
N GLY I 130 19.00 -62.50 -36.29
CA GLY I 130 18.44 -61.17 -36.49
C GLY I 130 19.41 -60.14 -35.93
N VAL I 131 20.56 -60.03 -36.59
CA VAL I 131 21.63 -59.08 -36.20
C VAL I 131 22.23 -58.43 -37.45
N SER I 132 23.26 -57.60 -37.26
CA SER I 132 24.12 -57.20 -38.37
C SER I 132 25.47 -56.70 -37.89
N SER I 133 26.37 -56.52 -38.86
CA SER I 133 27.74 -56.08 -38.61
C SER I 133 27.77 -54.65 -38.05
N ALA I 134 27.64 -54.55 -36.72
CA ALA I 134 27.50 -53.27 -36.07
C ALA I 134 27.69 -53.33 -34.56
N CYS I 135 26.95 -54.22 -33.89
CA CYS I 135 26.96 -54.34 -32.42
C CYS I 135 27.71 -55.60 -31.96
N PRO I 136 29.01 -55.47 -31.60
CA PRO I 136 29.79 -56.65 -31.18
C PRO I 136 29.66 -57.01 -29.70
N TYR I 137 29.19 -58.22 -29.39
CA TYR I 137 29.09 -58.66 -28.01
C TYR I 137 30.43 -59.20 -27.50
N GLN I 138 30.90 -60.33 -28.06
CA GLN I 138 32.19 -60.93 -27.69
C GLN I 138 33.08 -61.09 -28.92
N GLY I 139 33.04 -60.08 -29.79
CA GLY I 139 33.64 -60.13 -31.13
C GLY I 139 32.60 -60.38 -32.21
N LYS I 140 31.81 -61.44 -32.02
CA LYS I 140 30.84 -61.91 -33.01
C LYS I 140 29.60 -61.00 -33.09
N SER I 141 29.07 -60.85 -34.31
CA SER I 141 27.97 -59.90 -34.59
C SER I 141 26.72 -60.18 -33.76
N SER I 142 26.30 -59.17 -33.00
CA SER I 142 25.12 -59.24 -32.13
C SER I 142 24.19 -58.05 -32.40
N PHE I 143 23.18 -57.89 -31.54
CA PHE I 143 22.15 -56.84 -31.64
C PHE I 143 21.63 -56.53 -30.24
N PHE I 144 20.81 -55.48 -30.11
CA PHE I 144 20.13 -55.10 -28.85
C PHE I 144 19.49 -56.28 -28.14
N ARG I 145 20.01 -56.57 -26.94
CA ARG I 145 19.62 -57.73 -26.14
C ARG I 145 18.26 -57.61 -25.41
N ASN I 146 17.55 -56.48 -25.56
CA ASN I 146 16.19 -56.31 -24.99
C ASN I 146 15.06 -56.08 -26.00
N VAL I 147 15.39 -56.17 -27.28
CA VAL I 147 14.39 -56.08 -28.37
C VAL I 147 14.83 -57.05 -29.51
N VAL I 148 13.88 -57.78 -30.07
CA VAL I 148 14.15 -58.83 -31.04
C VAL I 148 13.89 -58.30 -32.46
N TRP I 149 14.80 -58.61 -33.39
CA TRP I 149 14.67 -58.23 -34.80
C TRP I 149 14.13 -59.40 -35.63
N LEU I 150 12.96 -59.19 -36.24
CA LEU I 150 12.22 -60.25 -36.91
C LEU I 150 12.54 -60.40 -38.41
N ILE I 151 12.73 -61.66 -38.85
CA ILE I 151 13.10 -62.03 -40.23
C ILE I 151 12.10 -63.09 -40.75
N LYS I 152 11.93 -63.15 -42.07
CA LYS I 152 11.07 -64.16 -42.73
C LYS I 152 11.57 -65.60 -42.50
N LYS I 153 10.63 -66.56 -42.46
CA LYS I 153 10.99 -67.98 -42.40
C LYS I 153 10.81 -68.65 -43.76
N ASN I 154 11.74 -69.56 -44.08
CA ASN I 154 11.78 -70.27 -45.37
C ASN I 154 11.85 -69.22 -46.51
N SER I 155 10.72 -68.71 -46.96
CA SER I 155 10.70 -67.49 -47.80
C SER I 155 9.33 -66.75 -47.79
N THR I 156 8.63 -66.79 -46.65
CA THR I 156 7.31 -66.17 -46.50
C THR I 156 7.28 -65.48 -45.13
N TYR I 157 6.62 -64.32 -45.08
CA TYR I 157 6.49 -63.51 -43.85
C TYR I 157 5.02 -63.39 -43.41
N PRO I 158 4.59 -64.25 -42.45
CA PRO I 158 3.22 -64.16 -41.93
C PRO I 158 2.95 -62.82 -41.25
N THR I 159 1.69 -62.38 -41.29
CA THR I 159 1.25 -61.18 -40.56
C THR I 159 1.17 -61.51 -39.06
N ILE I 160 1.87 -60.73 -38.24
CA ILE I 160 1.87 -60.91 -36.79
C ILE I 160 0.67 -60.21 -36.19
N LYS I 161 0.13 -60.81 -35.13
CA LYS I 161 -1.04 -60.28 -34.46
C LYS I 161 -1.13 -60.87 -33.06
N ARG I 162 -0.38 -60.26 -32.14
CA ARG I 162 -0.30 -60.69 -30.76
C ARG I 162 -0.56 -59.49 -29.84
N SER I 163 -0.68 -59.75 -28.54
CA SER I 163 -0.98 -58.71 -27.53
C SER I 163 -0.58 -59.12 -26.12
N TYR I 164 -0.65 -58.17 -25.19
CA TYR I 164 -0.26 -58.37 -23.77
C TYR I 164 -1.16 -57.63 -22.79
N ASN I 165 -2.02 -58.36 -22.08
CA ASN I 165 -2.77 -57.83 -20.93
C ASN I 165 -1.82 -57.76 -19.76
N ASN I 166 -1.96 -56.70 -18.96
CA ASN I 166 -1.11 -56.48 -17.82
C ASN I 166 -1.69 -57.14 -16.57
N THR I 167 -1.29 -58.40 -16.36
CA THR I 167 -1.63 -59.13 -15.13
C THR I 167 -0.94 -58.52 -13.90
N ASN I 168 0.22 -57.89 -14.11
CA ASN I 168 0.94 -57.18 -13.03
C ASN I 168 0.12 -55.98 -12.59
N GLN I 169 0.28 -55.63 -11.31
CA GLN I 169 -0.47 -54.52 -10.67
C GLN I 169 0.33 -53.21 -10.58
N GLU I 170 1.66 -53.32 -10.63
CA GLU I 170 2.52 -52.15 -10.80
C GLU I 170 2.39 -51.69 -12.26
N ASP I 171 2.60 -50.41 -12.49
CA ASP I 171 2.54 -49.83 -13.84
C ASP I 171 3.79 -50.26 -14.62
N LEU I 172 3.71 -50.36 -15.95
CA LEU I 172 4.91 -50.66 -16.78
C LEU I 172 4.97 -49.88 -18.10
N LEU I 173 6.16 -49.86 -18.70
CA LEU I 173 6.35 -49.25 -20.02
C LEU I 173 6.94 -50.28 -20.99
N VAL I 174 6.56 -50.13 -22.25
CA VAL I 174 7.04 -50.98 -23.32
C VAL I 174 7.81 -50.10 -24.27
N LEU I 175 8.79 -50.71 -24.92
CA LEU I 175 9.55 -50.06 -25.96
C LEU I 175 9.48 -50.91 -27.21
N TRP I 176 9.43 -50.27 -28.37
CA TRP I 176 9.51 -50.98 -29.64
C TRP I 176 10.12 -50.06 -30.68
N GLY I 177 10.13 -50.50 -31.95
CA GLY I 177 10.60 -49.64 -33.03
C GLY I 177 10.33 -50.13 -34.43
N ILE I 178 11.06 -49.53 -35.38
CA ILE I 178 10.94 -49.86 -36.80
C ILE I 178 12.34 -49.92 -37.43
N HIS I 179 12.59 -50.93 -38.28
CA HIS I 179 13.77 -50.95 -39.14
C HIS I 179 13.46 -50.26 -40.48
N HIS I 180 14.18 -49.17 -40.76
CA HIS I 180 14.06 -48.46 -42.02
C HIS I 180 15.12 -48.97 -42.99
N PRO I 181 14.70 -49.55 -44.13
CA PRO I 181 15.71 -50.07 -45.05
C PRO I 181 16.38 -49.01 -45.92
N ASN I 182 17.48 -49.39 -46.55
CA ASN I 182 18.19 -48.51 -47.48
C ASN I 182 17.49 -48.41 -48.85
N ASP I 183 17.05 -49.54 -49.43
CA ASP I 183 16.34 -49.56 -50.74
C ASP I 183 15.30 -50.70 -50.88
N ALA I 184 14.52 -50.64 -51.97
CA ALA I 184 13.49 -51.66 -52.26
C ALA I 184 14.05 -53.07 -52.46
N ALA I 185 15.34 -53.18 -52.82
CA ALA I 185 16.03 -54.48 -52.93
C ALA I 185 16.24 -55.15 -51.57
N GLU I 186 16.58 -54.35 -50.55
CA GLU I 186 16.74 -54.87 -49.17
C GLU I 186 15.38 -55.15 -48.51
N GLN I 187 14.31 -54.54 -49.01
CA GLN I 187 12.94 -54.88 -48.59
C GLN I 187 12.60 -56.34 -48.82
N THR I 188 12.82 -56.80 -50.05
CA THR I 188 12.55 -58.18 -50.43
C THR I 188 13.63 -59.20 -49.97
N LYS I 189 14.78 -58.74 -49.47
CA LYS I 189 15.82 -59.65 -48.93
C LYS I 189 15.51 -60.12 -47.50
N LEU I 190 15.19 -59.17 -46.63
CA LEU I 190 14.88 -59.48 -45.23
C LEU I 190 13.45 -59.97 -45.09
N TYR I 191 12.52 -59.27 -45.74
CA TYR I 191 11.09 -59.56 -45.65
C TYR I 191 10.58 -59.88 -47.03
N GLN I 192 9.35 -60.33 -47.11
CA GLN I 192 8.75 -60.70 -48.39
C GLN I 192 7.51 -59.84 -48.59
N ASN I 193 7.68 -58.53 -48.41
CA ASN I 193 6.58 -57.60 -48.59
C ASN I 193 7.13 -56.34 -49.24
N PRO I 194 6.33 -55.69 -50.13
CA PRO I 194 6.69 -54.36 -50.61
C PRO I 194 6.21 -53.25 -49.66
N THR I 195 4.89 -53.14 -49.46
CA THR I 195 4.29 -52.18 -48.53
C THR I 195 4.10 -52.85 -47.18
N THR I 196 4.34 -52.11 -46.11
CA THR I 196 4.33 -52.64 -44.74
C THR I 196 3.66 -51.65 -43.78
N TYR I 197 2.99 -52.18 -42.75
CA TYR I 197 2.35 -51.39 -41.71
C TYR I 197 2.66 -52.00 -40.35
N ILE I 198 2.92 -51.14 -39.36
CA ILE I 198 3.08 -51.52 -37.94
C ILE I 198 2.17 -50.66 -37.09
N SER I 199 1.21 -51.29 -36.44
CA SER I 199 0.20 -50.58 -35.68
C SER I 199 0.22 -51.06 -34.24
N VAL I 200 0.14 -50.09 -33.33
CA VAL I 200 0.10 -50.37 -31.89
C VAL I 200 -1.10 -49.67 -31.29
N GLY I 201 -1.73 -50.38 -30.35
CA GLY I 201 -3.00 -49.96 -29.74
C GLY I 201 -3.06 -50.24 -28.25
N THR I 202 -3.47 -49.21 -27.51
CA THR I 202 -3.66 -49.24 -26.06
C THR I 202 -4.87 -48.35 -25.76
N SER I 203 -5.37 -48.37 -24.52
CA SER I 203 -6.41 -47.42 -24.08
C SER I 203 -6.21 -45.98 -24.57
N THR I 204 -4.95 -45.51 -24.56
CA THR I 204 -4.61 -44.16 -25.00
C THR I 204 -4.10 -44.16 -26.44
N LEU I 205 -3.04 -44.92 -26.66
CA LEU I 205 -2.24 -44.82 -27.87
C LEU I 205 -3.03 -45.27 -29.10
N ASN I 206 -2.69 -44.67 -30.23
CA ASN I 206 -3.26 -45.05 -31.50
C ASN I 206 -2.35 -44.61 -32.64
N GLN I 207 -1.46 -45.51 -33.08
CA GLN I 207 -0.52 -45.21 -34.16
C GLN I 207 -0.47 -46.25 -35.27
N ARG I 208 -0.04 -45.77 -36.44
CA ARG I 208 0.08 -46.54 -37.67
C ARG I 208 1.35 -46.01 -38.32
N LEU I 209 2.41 -46.82 -38.28
CA LEU I 209 3.72 -46.39 -38.73
C LEU I 209 4.13 -47.08 -40.02
N VAL I 210 4.58 -46.28 -40.99
CA VAL I 210 5.03 -46.78 -42.29
C VAL I 210 6.53 -46.56 -42.38
N PRO I 211 7.31 -47.60 -42.74
CA PRO I 211 8.75 -47.38 -42.87
C PRO I 211 9.09 -46.50 -44.09
N ARG I 212 10.01 -45.58 -43.89
CA ARG I 212 10.53 -44.71 -44.93
C ARG I 212 11.71 -45.36 -45.61
N ILE I 213 11.69 -45.36 -46.95
CA ILE I 213 12.80 -45.86 -47.75
C ILE I 213 13.43 -44.62 -48.40
N ALA I 214 14.75 -44.49 -48.28
CA ALA I 214 15.49 -43.32 -48.82
C ALA I 214 17.01 -43.58 -48.77
N THR I 215 17.76 -42.91 -49.65
CA THR I 215 19.21 -43.06 -49.71
C THR I 215 19.79 -42.32 -48.50
N ARG I 216 20.60 -43.02 -47.72
CA ARG I 216 21.18 -42.50 -46.47
C ARG I 216 22.66 -42.28 -46.64
N SER I 217 23.35 -41.97 -45.55
CA SER I 217 24.81 -42.15 -45.46
C SER I 217 25.10 -43.27 -44.45
N LYS I 218 26.24 -43.90 -44.60
CA LYS I 218 26.66 -45.02 -43.75
C LYS I 218 27.13 -44.48 -42.39
N VAL I 219 26.70 -45.15 -41.31
CA VAL I 219 27.18 -44.87 -39.96
C VAL I 219 27.34 -46.17 -39.19
N ASN I 220 28.48 -46.33 -38.52
CA ASN I 220 28.85 -47.55 -37.80
C ASN I 220 28.65 -48.84 -38.62
N GLY I 221 28.82 -48.72 -39.93
CA GLY I 221 28.54 -49.81 -40.87
C GLY I 221 27.25 -49.60 -41.64
N GLN I 222 26.12 -49.77 -40.96
CA GLN I 222 24.83 -49.95 -41.64
C GLN I 222 24.19 -48.60 -42.02
N SER I 223 23.54 -48.56 -43.19
CA SER I 223 23.06 -47.32 -43.82
C SER I 223 21.71 -46.90 -43.32
N GLY I 224 20.78 -47.85 -43.30
CA GLY I 224 19.42 -47.61 -42.83
C GLY I 224 19.35 -47.35 -41.31
N ARG I 225 18.24 -46.77 -40.88
CA ARG I 225 18.05 -46.30 -39.49
C ARG I 225 17.08 -47.19 -38.69
N MET I 226 16.96 -46.88 -37.40
CA MET I 226 16.19 -47.65 -36.43
C MET I 226 15.43 -46.76 -35.43
N GLU I 227 14.21 -46.33 -35.79
CA GLU I 227 13.39 -45.44 -34.94
C GLU I 227 12.69 -46.22 -33.85
N PHE I 228 12.95 -45.86 -32.59
CA PHE I 228 12.27 -46.46 -31.43
C PHE I 228 11.15 -45.58 -30.92
N PHE I 229 10.23 -46.20 -30.20
CA PHE I 229 9.05 -45.54 -29.64
C PHE I 229 8.73 -46.17 -28.29
N TRP I 230 7.79 -45.55 -27.57
CA TRP I 230 7.42 -45.98 -26.20
C TRP I 230 6.11 -45.37 -25.74
N THR I 231 5.41 -46.09 -24.85
CA THR I 231 4.40 -45.49 -23.93
C THR I 231 4.36 -46.31 -22.65
N ILE I 232 3.58 -45.83 -21.69
CA ILE I 232 3.36 -46.50 -20.41
C ILE I 232 1.96 -47.13 -20.40
N LEU I 233 1.92 -48.42 -20.06
CA LEU I 233 0.70 -49.21 -20.06
C LEU I 233 0.13 -49.22 -18.66
N LYS I 234 -1.15 -48.89 -18.53
CA LYS I 234 -1.84 -48.86 -17.24
C LYS I 234 -1.83 -50.22 -16.54
N PRO I 235 -1.99 -50.25 -15.21
CA PRO I 235 -1.88 -51.52 -14.47
C PRO I 235 -2.89 -52.60 -14.91
N ASN I 236 -4.07 -52.19 -15.34
CA ASN I 236 -5.12 -53.12 -15.78
C ASN I 236 -5.56 -52.77 -17.20
N ASP I 237 -4.65 -52.96 -18.15
CA ASP I 237 -4.93 -52.70 -19.58
C ASP I 237 -4.05 -53.56 -20.51
N ALA I 238 -4.48 -53.67 -21.77
CA ALA I 238 -3.80 -54.45 -22.80
C ALA I 238 -3.21 -53.60 -23.92
N ILE I 239 -1.97 -53.90 -24.27
CA ILE I 239 -1.33 -53.40 -25.49
C ILE I 239 -1.52 -54.44 -26.61
N ASN I 240 -1.94 -53.98 -27.79
CA ASN I 240 -2.21 -54.85 -28.94
C ASN I 240 -1.31 -54.43 -30.10
N PHE I 241 -0.58 -55.39 -30.68
CA PHE I 241 0.28 -55.14 -31.84
C PHE I 241 -0.30 -55.75 -33.10
N GLU I 242 0.17 -55.26 -34.25
CA GLU I 242 -0.16 -55.84 -35.55
C GLU I 242 0.88 -55.37 -36.57
N SER I 243 1.56 -56.30 -37.23
CA SER I 243 2.67 -55.98 -38.15
C SER I 243 2.73 -56.88 -39.39
N ASN I 244 2.89 -56.22 -40.55
CA ASN I 244 3.15 -56.92 -41.80
C ASN I 244 4.64 -57.23 -41.97
N GLY I 245 5.50 -56.40 -41.37
CA GLY I 245 6.95 -56.59 -41.42
C GLY I 245 7.70 -55.35 -40.93
N ASN I 246 8.97 -55.22 -41.29
CA ASN I 246 9.81 -54.07 -40.93
C ASN I 246 9.70 -53.68 -39.44
N PHE I 247 9.70 -54.67 -38.57
CA PHE I 247 9.32 -54.48 -37.16
C PHE I 247 10.32 -55.07 -36.21
N ILE I 248 10.48 -54.43 -35.04
CA ILE I 248 11.32 -54.92 -33.95
C ILE I 248 10.57 -54.91 -32.62
N ALA I 249 10.15 -56.10 -32.19
CA ALA I 249 9.26 -56.27 -31.06
C ALA I 249 10.03 -56.37 -29.75
N PRO I 250 9.37 -56.00 -28.63
CA PRO I 250 9.99 -56.10 -27.31
C PRO I 250 10.14 -57.54 -26.82
N GLU I 251 11.28 -57.84 -26.19
CA GLU I 251 11.43 -59.09 -25.43
C GLU I 251 11.09 -58.74 -23.97
N TYR I 252 11.91 -57.85 -23.39
CA TYR I 252 11.75 -57.42 -22.02
C TYR I 252 11.07 -56.06 -21.98
N ALA I 253 10.52 -55.75 -20.81
CA ALA I 253 9.94 -54.42 -20.50
C ALA I 253 10.01 -54.20 -19.01
N TYR I 254 9.89 -52.92 -18.62
CA TYR I 254 10.22 -52.50 -17.24
C TYR I 254 8.98 -52.15 -16.40
N LYS I 255 9.01 -52.56 -15.13
CA LYS I 255 8.02 -52.15 -14.12
C LYS I 255 8.44 -50.81 -13.53
N ILE I 256 7.54 -49.82 -13.60
CA ILE I 256 7.80 -48.45 -13.17
C ILE I 256 6.78 -48.05 -12.11
N VAL I 257 7.26 -47.61 -10.96
CA VAL I 257 6.43 -46.85 -10.01
C VAL I 257 7.08 -45.50 -9.86
N LYS I 258 6.45 -44.50 -10.48
CA LYS I 258 6.97 -43.14 -10.52
C LYS I 258 6.29 -42.31 -9.45
N LYS I 259 7.10 -41.55 -8.71
CA LYS I 259 6.63 -40.54 -7.75
C LYS I 259 7.73 -39.49 -7.67
N GLY I 260 7.45 -38.31 -8.18
CA GLY I 260 8.42 -37.23 -8.14
C GLY I 260 9.43 -37.34 -9.28
N ASP I 261 10.06 -36.20 -9.57
CA ASP I 261 10.88 -35.99 -10.75
C ASP I 261 12.23 -35.41 -10.31
N SER I 262 13.23 -35.53 -11.17
CA SER I 262 14.53 -34.90 -10.93
C SER I 262 15.12 -34.61 -12.29
N THR I 263 16.39 -34.98 -12.53
CA THR I 263 16.95 -34.84 -13.87
C THR I 263 18.24 -35.63 -14.10
N ILE I 264 18.86 -35.39 -15.26
CA ILE I 264 20.06 -36.08 -15.63
C ILE I 264 21.22 -35.13 -15.43
N MET I 265 21.93 -35.32 -14.33
CA MET I 265 23.09 -34.50 -14.03
C MET I 265 24.26 -34.90 -14.91
N LYS I 266 24.91 -33.93 -15.51
CA LYS I 266 26.06 -34.21 -16.32
C LYS I 266 27.35 -34.04 -15.53
N SER I 267 27.97 -35.16 -15.15
CA SER I 267 29.25 -35.16 -14.43
C SER I 267 30.14 -36.32 -14.81
N GLU I 268 31.44 -36.08 -14.74
CA GLU I 268 32.44 -37.09 -15.05
C GLU I 268 32.66 -38.05 -13.87
N LEU I 269 32.39 -37.58 -12.65
CA LEU I 269 32.77 -38.32 -11.44
C LEU I 269 32.10 -39.69 -11.26
N GLU I 270 32.62 -40.44 -10.28
CA GLU I 270 32.09 -41.74 -9.85
C GLU I 270 31.73 -41.68 -8.35
N TYR I 271 30.95 -42.66 -7.93
CA TYR I 271 30.27 -42.74 -6.60
C TYR I 271 31.24 -42.63 -5.42
N GLY I 272 30.92 -41.78 -4.44
CA GLY I 272 31.73 -41.61 -3.23
C GLY I 272 31.26 -42.20 -1.91
N ASN I 273 30.34 -43.16 -1.97
CA ASN I 273 29.81 -43.92 -0.80
C ASN I 273 29.53 -43.06 0.44
N CYS I 274 28.71 -42.05 0.24
CA CYS I 274 28.37 -41.08 1.27
C CYS I 274 26.88 -40.70 1.11
N ASN I 275 26.44 -39.61 1.75
CA ASN I 275 25.06 -39.12 1.69
C ASN I 275 25.01 -37.62 1.95
N THR I 276 24.36 -36.87 1.05
CA THR I 276 24.14 -35.43 1.23
C THR I 276 22.72 -35.03 0.91
N LYS I 277 22.42 -33.80 1.33
CA LYS I 277 21.14 -33.20 1.14
C LYS I 277 21.04 -32.56 -0.22
N CYS I 278 22.18 -32.28 -0.84
CA CYS I 278 22.17 -31.88 -2.25
C CYS I 278 23.49 -32.11 -2.99
N GLN I 279 23.41 -32.09 -4.33
CA GLN I 279 24.46 -32.54 -5.20
C GLN I 279 24.76 -31.53 -6.29
N THR I 280 26.00 -31.59 -6.78
CA THR I 280 26.48 -30.80 -7.90
C THR I 280 27.47 -31.62 -8.70
N PRO I 281 27.56 -31.38 -10.02
CA PRO I 281 28.57 -32.03 -10.84
C PRO I 281 30.01 -32.00 -10.30
N MET I 282 30.40 -30.90 -9.67
CA MET I 282 31.74 -30.74 -9.09
C MET I 282 31.86 -31.66 -7.91
N GLY I 283 30.93 -31.56 -6.98
CA GLY I 283 30.94 -32.40 -5.78
C GLY I 283 29.60 -32.49 -5.07
N ALA I 284 29.63 -32.41 -3.74
CA ALA I 284 28.41 -32.38 -2.94
C ALA I 284 28.57 -31.32 -1.88
N ILE I 285 27.45 -30.76 -1.42
CA ILE I 285 27.47 -29.61 -0.54
C ILE I 285 26.80 -29.93 0.78
N ASN I 286 27.24 -29.29 1.84
CA ASN I 286 26.67 -29.45 3.18
C ASN I 286 25.29 -28.77 3.29
N SER I 287 25.22 -27.48 2.88
CA SER I 287 23.96 -26.74 2.84
C SER I 287 23.37 -26.31 4.20
N SER I 288 24.26 -25.93 5.14
CA SER I 288 23.84 -25.32 6.40
C SER I 288 23.62 -23.85 6.13
N MET I 289 24.67 -23.19 5.62
CA MET I 289 24.64 -21.77 5.30
C MET I 289 23.77 -21.53 4.05
N PRO I 290 23.34 -20.28 3.81
CA PRO I 290 22.34 -20.00 2.80
C PRO I 290 22.83 -19.62 1.41
N PHE I 291 24.12 -19.49 1.17
CA PHE I 291 24.57 -19.24 -0.21
C PHE I 291 25.74 -20.16 -0.59
N HIS I 292 25.83 -20.55 -1.86
CA HIS I 292 27.02 -21.25 -2.36
C HIS I 292 27.51 -20.66 -3.67
N ASN I 293 28.70 -21.07 -4.09
CA ASN I 293 29.32 -20.56 -5.30
C ASN I 293 30.00 -21.66 -6.07
N ILE I 294 29.46 -22.86 -5.95
CA ILE I 294 30.10 -24.05 -6.47
C ILE I 294 29.77 -24.24 -7.94
N HIS I 295 28.53 -24.55 -8.24
CA HIS I 295 28.12 -24.81 -9.60
C HIS I 295 26.68 -24.43 -9.73
N PRO I 296 26.33 -23.85 -10.87
CA PRO I 296 24.96 -23.40 -10.97
C PRO I 296 23.94 -24.52 -10.99
N LEU I 297 24.20 -25.63 -11.68
CA LEU I 297 23.16 -26.68 -11.82
C LEU I 297 23.23 -27.84 -10.82
N THR I 298 22.34 -27.77 -9.83
CA THR I 298 22.39 -28.61 -8.67
C THR I 298 21.17 -29.50 -8.63
N ILE I 299 21.23 -30.52 -7.79
CA ILE I 299 20.11 -31.44 -7.59
C ILE I 299 19.86 -31.51 -6.10
N GLY I 300 18.69 -31.06 -5.68
CA GLY I 300 18.25 -31.17 -4.29
C GLY I 300 18.00 -29.86 -3.58
N GLU I 301 17.97 -29.92 -2.25
CA GLU I 301 17.68 -28.76 -1.39
C GLU I 301 18.95 -27.95 -1.17
N CYS I 302 19.47 -27.37 -2.26
CA CYS I 302 20.69 -26.61 -2.14
C CYS I 302 20.36 -25.21 -1.64
N PRO I 303 21.37 -24.47 -1.10
CA PRO I 303 21.21 -23.07 -0.83
C PRO I 303 21.14 -22.31 -2.14
N LYS I 304 21.24 -20.97 -2.09
CA LYS I 304 21.10 -20.14 -3.29
C LYS I 304 22.44 -19.89 -3.99
N TYR I 305 22.50 -20.14 -5.31
CA TYR I 305 23.73 -20.01 -6.08
C TYR I 305 23.97 -18.53 -6.29
N VAL I 306 25.15 -18.09 -5.90
CA VAL I 306 25.51 -16.70 -5.93
C VAL I 306 26.86 -16.51 -6.59
N LYS I 307 26.98 -15.52 -7.48
CA LYS I 307 28.24 -15.28 -8.17
C LYS I 307 29.10 -14.32 -7.35
N SER I 308 29.68 -14.84 -6.27
CA SER I 308 30.65 -14.06 -5.48
C SER I 308 31.59 -14.97 -4.68
N ASN I 309 32.75 -14.43 -4.32
CA ASN I 309 33.75 -15.20 -3.63
C ASN I 309 33.72 -15.02 -2.13
N ARG I 310 33.12 -13.92 -1.66
CA ARG I 310 33.19 -13.58 -0.23
C ARG I 310 31.89 -13.00 0.26
N LEU I 311 31.35 -13.59 1.32
CA LEU I 311 30.23 -13.00 2.07
C LEU I 311 30.52 -13.21 3.52
N VAL I 312 31.22 -12.26 4.12
CA VAL I 312 31.62 -12.38 5.51
C VAL I 312 30.89 -11.33 6.31
N LEU I 313 30.45 -11.77 7.49
CA LEU I 313 29.53 -11.02 8.30
C LEU I 313 30.25 -10.60 9.55
N ALA I 314 29.94 -9.38 10.01
CA ALA I 314 30.64 -8.82 11.13
C ALA I 314 29.92 -9.25 12.37
N THR I 315 30.72 -9.58 13.40
CA THR I 315 30.21 -9.93 14.72
C THR I 315 30.82 -9.06 15.81
N GLY I 316 32.15 -8.98 15.84
CA GLY I 316 32.88 -8.11 16.80
C GLY I 316 32.79 -6.64 16.44
N LEU I 317 33.84 -5.86 16.74
CA LEU I 317 33.87 -4.42 16.42
C LEU I 317 35.21 -3.99 15.82
N ARG I 318 35.38 -2.70 15.53
CA ARG I 318 36.63 -2.23 14.91
C ARG I 318 37.89 -2.53 15.76
N ASN I 319 38.82 -3.24 15.14
CA ASN I 319 40.07 -3.59 15.78
C ASN I 319 41.06 -2.46 15.52
N SER I 320 41.61 -1.88 16.58
CA SER I 320 42.52 -0.74 16.46
C SER I 320 43.94 -1.18 16.88
N PRO I 321 44.97 -0.92 16.04
CA PRO I 321 46.35 -1.14 16.49
C PRO I 321 47.03 0.16 16.91
N GLY J 1 15.38 14.47 12.69
CA GLY J 1 16.74 14.17 13.25
C GLY J 1 16.71 13.07 14.30
N LEU J 2 17.46 11.99 14.08
CA LEU J 2 17.58 10.92 15.06
C LEU J 2 18.44 11.34 16.22
N PHE J 3 19.53 12.03 15.92
CA PHE J 3 20.47 12.41 16.96
C PHE J 3 20.16 13.77 17.57
N GLY J 4 19.13 14.44 17.03
CA GLY J 4 18.62 15.68 17.62
C GLY J 4 19.52 16.83 17.32
N ALA J 5 20.17 16.76 16.16
CA ALA J 5 21.07 17.78 15.72
C ALA J 5 20.28 18.74 14.84
N ILE J 6 19.88 18.25 13.68
CA ILE J 6 19.51 19.12 12.59
C ILE J 6 18.08 19.66 12.72
N ALA J 7 17.10 18.78 12.83
CA ALA J 7 15.74 19.24 13.15
C ALA J 7 15.68 19.83 14.57
N GLY J 8 16.51 19.28 15.46
CA GLY J 8 16.43 19.52 16.91
C GLY J 8 17.06 20.80 17.38
N PHE J 9 18.12 20.70 18.18
CA PHE J 9 18.63 21.88 18.86
C PHE J 9 19.36 22.93 17.99
N ILE J 10 19.73 22.56 16.77
CA ILE J 10 20.31 23.53 15.83
C ILE J 10 19.25 23.91 14.78
N GLU J 11 18.21 24.61 15.20
CA GLU J 11 17.07 24.92 14.29
C GLU J 11 17.57 25.70 13.07
N GLY J 12 17.59 25.08 11.89
CA GLY J 12 18.11 25.70 10.64
C GLY J 12 19.62 25.59 10.47
N GLY J 13 20.10 25.82 9.26
CA GLY J 13 21.52 25.66 8.91
C GLY J 13 22.17 26.91 8.36
N TRP J 14 23.44 27.13 8.70
CA TRP J 14 24.20 28.29 8.22
C TRP J 14 24.30 28.26 6.67
N GLN J 15 23.69 29.24 6.01
CA GLN J 15 23.71 29.32 4.55
C GLN J 15 24.96 30.00 4.00
N GLY J 16 25.58 30.84 4.82
CA GLY J 16 26.79 31.56 4.43
C GLY J 16 28.05 30.70 4.39
N MET J 17 28.05 29.58 5.10
CA MET J 17 29.11 28.59 4.99
C MET J 17 28.94 27.85 3.67
N VAL J 18 29.96 27.89 2.81
CA VAL J 18 29.94 27.14 1.55
C VAL J 18 31.30 26.47 1.31
N ASP J 19 31.99 26.10 2.38
CA ASP J 19 33.27 25.38 2.29
C ASP J 19 33.06 23.88 2.48
N GLY J 20 32.23 23.51 3.46
CA GLY J 20 31.98 22.11 3.84
C GLY J 20 30.54 21.87 4.28
N TRP J 21 30.26 20.70 4.82
CA TRP J 21 28.92 20.34 5.29
C TRP J 21 28.72 20.75 6.71
N TYR J 22 29.76 20.63 7.53
CA TYR J 22 29.66 20.94 8.95
C TYR J 22 30.66 22.03 9.34
N GLY J 23 30.31 22.91 10.28
CA GLY J 23 31.24 23.98 10.67
C GLY J 23 30.89 24.97 11.77
N TYR J 24 31.74 25.98 11.90
CA TYR J 24 31.74 26.90 13.03
C TYR J 24 31.50 28.37 12.66
N HIS J 25 30.96 29.13 13.61
CA HIS J 25 30.70 30.57 13.45
C HIS J 25 31.31 31.32 14.61
N HIS J 26 32.48 31.92 14.38
CA HIS J 26 33.15 32.75 15.39
C HIS J 26 32.66 34.20 15.30
N SER J 27 32.42 34.81 16.47
CA SER J 27 32.13 36.25 16.61
C SER J 27 32.83 36.81 17.85
N ASN J 28 34.12 37.10 17.69
CA ASN J 28 34.99 37.62 18.75
C ASN J 28 35.30 39.10 18.50
N GLU J 29 36.23 39.66 19.30
CA GLU J 29 36.57 41.08 19.21
C GLU J 29 37.09 41.57 17.84
N GLN J 30 37.82 40.71 17.13
CA GLN J 30 38.39 41.05 15.80
C GLN J 30 37.35 41.14 14.67
N GLY J 31 36.33 40.29 14.74
CA GLY J 31 35.26 40.30 13.77
C GLY J 31 34.47 39.00 13.81
N SER J 32 33.50 38.89 12.89
CA SER J 32 32.72 37.67 12.69
C SER J 32 33.16 36.95 11.42
N GLY J 33 32.71 35.71 11.28
CA GLY J 33 33.05 34.87 10.13
C GLY J 33 32.70 33.40 10.32
N TYR J 34 32.38 32.73 9.21
CA TYR J 34 32.18 31.29 9.17
C TYR J 34 33.49 30.61 8.81
N ALA J 35 33.65 29.38 9.28
CA ALA J 35 34.84 28.59 9.01
C ALA J 35 34.49 27.10 9.12
N ALA J 36 34.58 26.38 7.99
CA ALA J 36 34.09 24.99 7.92
C ALA J 36 35.15 23.99 8.33
N ASP J 37 34.71 22.93 9.03
CA ASP J 37 35.60 21.83 9.46
C ASP J 37 35.70 20.84 8.32
N LYS J 38 36.81 20.92 7.61
CA LYS J 38 36.98 20.14 6.39
C LYS J 38 37.29 18.69 6.70
N GLU J 39 37.89 18.39 7.84
CA GLU J 39 38.30 17.03 8.15
C GLU J 39 37.14 16.07 8.41
N SER J 40 36.14 16.53 9.14
CA SER J 40 34.93 15.72 9.41
C SER J 40 34.04 15.64 8.17
N THR J 41 33.98 16.72 7.42
CA THR J 41 33.27 16.76 6.15
C THR J 41 33.85 15.77 5.15
N GLN J 42 35.17 15.59 5.17
CA GLN J 42 35.83 14.69 4.23
C GLN J 42 35.46 13.24 4.50
N LYS J 43 35.34 12.88 5.77
CA LYS J 43 34.97 11.51 6.15
C LYS J 43 33.57 11.18 5.79
N ALA J 44 32.70 12.18 5.90
CA ALA J 44 31.33 12.04 5.45
C ALA J 44 31.27 11.79 3.96
N ILE J 45 31.98 12.59 3.18
CA ILE J 45 31.96 12.44 1.74
C ILE J 45 32.60 11.11 1.35
N ASP J 46 33.71 10.75 1.99
CA ASP J 46 34.33 9.45 1.74
C ASP J 46 33.32 8.33 1.97
N GLY J 47 32.53 8.46 3.04
CA GLY J 47 31.46 7.51 3.33
C GLY J 47 30.35 7.48 2.29
N VAL J 48 29.74 8.63 2.03
CA VAL J 48 28.64 8.71 1.06
C VAL J 48 29.13 8.28 -0.32
N THR J 49 30.32 8.73 -0.75
CA THR J 49 30.85 8.34 -2.05
C THR J 49 30.92 6.82 -2.12
N ASN J 50 31.24 6.20 -0.99
CA ASN J 50 31.33 4.76 -0.92
C ASN J 50 29.98 4.01 -0.86
N LYS J 51 28.96 4.61 -0.27
CA LYS J 51 27.62 4.02 -0.27
C LYS J 51 27.14 3.89 -1.70
N VAL J 52 27.12 5.02 -2.38
CA VAL J 52 26.58 5.12 -3.71
C VAL J 52 27.33 4.20 -4.65
N ASN J 53 28.66 4.20 -4.53
CA ASN J 53 29.50 3.23 -5.25
C ASN J 53 29.04 1.80 -4.95
N SER J 54 28.88 1.46 -3.67
CA SER J 54 28.54 0.08 -3.31
C SER J 54 27.17 -0.36 -3.83
N ILE J 55 26.20 0.54 -3.91
CA ILE J 55 24.88 0.19 -4.45
C ILE J 55 24.88 -0.08 -5.95
N ILE J 56 25.82 0.48 -6.67
CA ILE J 56 25.95 0.22 -8.11
C ILE J 56 26.92 -0.94 -8.41
N ASP J 57 28.08 -0.88 -7.76
CA ASP J 57 29.19 -1.81 -8.00
C ASP J 57 28.84 -3.28 -7.69
N LYS J 58 27.98 -3.51 -6.70
CA LYS J 58 27.63 -4.89 -6.30
C LYS J 58 26.70 -5.60 -7.26
N MET J 59 26.02 -4.85 -8.11
CA MET J 59 25.11 -5.46 -9.04
C MET J 59 25.74 -5.82 -10.36
N ASN J 60 27.06 -5.58 -10.49
CA ASN J 60 27.91 -5.98 -11.67
C ASN J 60 27.51 -7.31 -12.37
N THR J 61 26.90 -8.23 -11.62
CA THR J 61 26.29 -9.41 -12.19
C THR J 61 25.12 -8.95 -13.04
N GLN J 62 25.44 -8.81 -14.34
CA GLN J 62 24.48 -8.78 -15.45
C GLN J 62 25.15 -9.38 -16.70
N PHE J 63 24.37 -10.09 -17.51
CA PHE J 63 24.88 -10.78 -18.72
C PHE J 63 24.10 -10.41 -20.02
N GLU J 64 24.22 -11.26 -21.01
CA GLU J 64 23.31 -11.26 -22.13
C GLU J 64 21.82 -11.49 -21.80
N ALA J 65 21.03 -11.07 -22.78
CA ALA J 65 19.60 -10.96 -22.64
C ALA J 65 18.92 -10.78 -24.02
N VAL J 66 17.58 -10.85 -24.04
CA VAL J 66 16.75 -10.94 -25.25
C VAL J 66 15.26 -10.43 -25.13
N GLY J 67 14.51 -10.54 -26.22
CA GLY J 67 13.04 -10.38 -26.28
C GLY J 67 12.30 -11.61 -26.79
N ARG J 68 11.16 -11.42 -27.46
CA ARG J 68 10.15 -12.50 -27.64
C ARG J 68 10.01 -13.08 -29.04
N GLU J 69 9.74 -14.40 -29.09
CA GLU J 69 10.04 -15.28 -30.24
C GLU J 69 9.20 -16.59 -30.34
N PHE J 70 7.90 -16.52 -30.06
CA PHE J 70 7.01 -17.69 -30.19
C PHE J 70 5.80 -17.42 -31.05
N ASN J 71 5.31 -18.46 -31.74
CA ASN J 71 4.14 -18.37 -32.63
C ASN J 71 2.84 -18.53 -31.84
N ASN J 72 1.72 -18.20 -32.46
CA ASN J 72 0.43 -18.21 -31.74
C ASN J 72 -0.18 -19.61 -31.59
N LEU J 73 0.56 -20.68 -31.93
CA LEU J 73 0.24 -22.04 -31.48
C LEU J 73 1.12 -22.49 -30.30
N GLU J 74 1.85 -21.56 -29.70
CA GLU J 74 2.61 -21.80 -28.46
C GLU J 74 2.41 -20.63 -27.49
N ARG J 75 1.17 -20.20 -27.32
CA ARG J 75 0.85 -19.07 -26.45
C ARG J 75 1.06 -19.41 -24.99
N ARG J 76 1.02 -20.70 -24.65
CA ARG J 76 1.27 -21.20 -23.28
C ARG J 76 2.67 -20.91 -22.80
N ILE J 77 3.64 -21.16 -23.67
CA ILE J 77 5.04 -20.89 -23.38
C ILE J 77 5.29 -19.38 -23.36
N GLU J 78 4.60 -18.64 -24.22
CA GLU J 78 4.73 -17.16 -24.25
C GLU J 78 4.20 -16.57 -22.97
N ASN J 79 3.17 -17.21 -22.40
CA ASN J 79 2.62 -16.81 -21.10
C ASN J 79 3.59 -17.16 -19.98
N LEU J 80 4.31 -18.27 -20.09
CA LEU J 80 5.39 -18.56 -19.13
C LEU J 80 6.53 -17.55 -19.17
N ASN J 81 6.83 -17.02 -20.34
CA ASN J 81 7.82 -15.96 -20.46
C ASN J 81 7.32 -14.77 -19.70
N LYS J 82 6.10 -14.34 -20.02
CA LYS J 82 5.47 -13.15 -19.41
C LYS J 82 5.49 -13.24 -17.88
N LYS J 83 5.16 -14.40 -17.33
CA LYS J 83 5.12 -14.58 -15.88
C LYS J 83 6.46 -14.30 -15.24
N MET J 84 7.50 -14.82 -15.86
CA MET J 84 8.85 -14.67 -15.36
C MET J 84 9.31 -13.25 -15.51
N GLU J 85 9.09 -12.68 -16.68
CA GLU J 85 9.58 -11.35 -17.03
C GLU J 85 8.87 -10.29 -16.18
N ASP J 86 7.55 -10.40 -16.09
CA ASP J 86 6.79 -9.54 -15.19
C ASP J 86 7.23 -9.80 -13.74
N GLY J 87 7.43 -11.07 -13.37
CA GLY J 87 7.88 -11.40 -12.03
C GLY J 87 9.16 -10.67 -11.59
N PHE J 88 10.18 -10.62 -12.45
CA PHE J 88 11.44 -9.99 -12.10
C PHE J 88 11.29 -8.49 -12.01
N LEU J 89 10.65 -7.93 -13.00
CA LEU J 89 10.26 -6.54 -12.97
C LEU J 89 9.59 -6.12 -11.65
N ASP J 90 8.76 -6.99 -11.09
CA ASP J 90 8.11 -6.67 -9.81
C ASP J 90 9.17 -6.66 -8.73
N VAL J 91 10.03 -7.67 -8.69
CA VAL J 91 11.03 -7.80 -7.62
C VAL J 91 12.02 -6.67 -7.64
N TRP J 92 12.62 -6.44 -8.80
CA TRP J 92 13.60 -5.37 -8.95
C TRP J 92 13.07 -3.97 -8.66
N THR J 93 11.87 -3.70 -9.11
CA THR J 93 11.27 -2.42 -8.83
C THR J 93 11.11 -2.27 -7.34
N TYR J 94 10.49 -3.26 -6.71
CA TYR J 94 10.28 -3.22 -5.26
C TYR J 94 11.58 -3.09 -4.47
N ASN J 95 12.55 -3.91 -4.79
CA ASN J 95 13.84 -3.93 -4.09
C ASN J 95 14.54 -2.63 -4.32
N ALA J 96 14.47 -2.10 -5.53
CA ALA J 96 15.13 -0.84 -5.78
C ALA J 96 14.39 0.25 -5.00
N GLU J 97 13.11 0.42 -5.28
CA GLU J 97 12.34 1.48 -4.64
C GLU J 97 12.55 1.56 -3.12
N LEU J 98 12.55 0.42 -2.45
CA LEU J 98 12.77 0.37 -1.01
C LEU J 98 14.18 0.65 -0.60
N LEU J 99 15.13 0.14 -1.36
CA LEU J 99 16.54 0.37 -1.05
C LEU J 99 16.84 1.86 -0.97
N VAL J 100 16.31 2.60 -1.93
CA VAL J 100 16.41 4.02 -1.89
C VAL J 100 15.79 4.54 -0.61
N LEU J 101 14.51 4.27 -0.39
CA LEU J 101 13.85 4.75 0.82
C LEU J 101 14.60 4.40 2.10
N MET J 102 15.25 3.23 2.17
CA MET J 102 15.91 2.85 3.40
C MET J 102 17.24 3.58 3.54
N GLU J 103 18.06 3.53 2.49
CA GLU J 103 19.35 4.18 2.53
C GLU J 103 19.26 5.69 2.55
N ASN J 104 18.11 6.26 2.21
CA ASN J 104 17.96 7.69 2.34
C ASN J 104 17.68 8.10 3.76
N GLU J 105 16.98 7.27 4.54
CA GLU J 105 16.77 7.69 5.91
C GLU J 105 18.11 7.69 6.63
N ARG J 106 18.86 6.59 6.50
CA ARG J 106 20.12 6.45 7.24
C ARG J 106 21.20 7.46 6.80
N THR J 107 21.18 7.83 5.52
CA THR J 107 22.10 8.83 4.97
C THR J 107 21.86 10.16 5.65
N LEU J 108 20.59 10.57 5.79
CA LEU J 108 20.27 11.81 6.47
C LEU J 108 20.67 11.78 7.95
N ASP J 109 20.49 10.62 8.58
CA ASP J 109 20.81 10.44 9.99
C ASP J 109 22.30 10.36 10.24
N PHE J 110 23.05 9.81 9.30
CA PHE J 110 24.51 9.89 9.35
C PHE J 110 25.01 11.36 9.47
N HIS J 111 24.33 12.30 8.82
CA HIS J 111 24.71 13.71 8.93
C HIS J 111 24.39 14.26 10.31
N ASP J 112 23.16 14.05 10.77
CA ASP J 112 22.82 14.33 12.17
C ASP J 112 23.90 13.82 13.10
N SER J 113 24.26 12.57 12.93
CA SER J 113 25.29 11.94 13.78
C SER J 113 26.61 12.70 13.77
N ASN J 114 27.10 13.03 12.58
CA ASN J 114 28.34 13.77 12.47
C ASN J 114 28.30 15.15 13.13
N VAL J 115 27.15 15.82 13.04
CA VAL J 115 27.03 17.14 13.62
C VAL J 115 26.94 17.06 15.14
N LYS J 116 26.20 16.10 15.67
CA LYS J 116 26.11 15.96 17.13
C LYS J 116 27.46 15.54 17.72
N ASN J 117 28.25 14.79 16.98
CA ASN J 117 29.59 14.40 17.44
C ASN J 117 30.61 15.53 17.39
N LEU J 118 30.43 16.43 16.43
CA LEU J 118 31.26 17.60 16.34
C LEU J 118 30.99 18.57 17.51
N TYR J 119 29.73 18.92 17.73
CA TYR J 119 29.27 19.66 18.92
C TYR J 119 29.74 19.02 20.22
N ASP J 120 29.71 17.69 20.32
CA ASP J 120 30.22 16.99 21.50
C ASP J 120 31.75 17.07 21.64
N LYS J 121 32.47 17.11 20.51
CA LYS J 121 33.94 17.21 20.55
C LYS J 121 34.39 18.57 21.08
N VAL J 122 33.66 19.62 20.71
CA VAL J 122 33.90 20.95 21.24
C VAL J 122 33.52 21.01 22.73
N ARG J 123 32.32 20.53 23.05
CA ARG J 123 31.81 20.55 24.43
C ARG J 123 32.75 19.90 25.45
N LEU J 124 33.39 18.79 25.08
CA LEU J 124 34.26 18.07 26.03
C LEU J 124 35.63 18.74 26.27
N GLN J 125 36.13 19.49 25.29
CA GLN J 125 37.38 20.24 25.47
C GLN J 125 37.23 21.39 26.49
N LEU J 126 36.15 22.15 26.38
CA LEU J 126 35.91 23.31 27.23
C LEU J 126 34.71 23.07 28.16
N ARG J 127 34.99 22.55 29.34
CA ARG J 127 33.95 22.01 30.21
C ARG J 127 33.22 23.16 30.90
N ASP J 128 33.92 23.85 31.81
CA ASP J 128 33.35 25.01 32.53
C ASP J 128 33.89 26.36 32.04
N ASN J 129 34.75 26.31 31.01
CA ASN J 129 35.33 27.53 30.44
C ASN J 129 34.38 28.22 29.46
N ALA J 130 33.23 27.61 29.18
CA ALA J 130 32.18 28.24 28.37
C ALA J 130 30.79 27.81 28.83
N LYS J 131 29.79 28.46 28.25
CA LYS J 131 28.40 28.32 28.68
C LYS J 131 27.60 27.70 27.53
N GLU J 132 26.97 26.54 27.79
CA GLU J 132 26.07 25.87 26.82
C GLU J 132 24.79 26.65 26.63
N LEU J 133 24.66 27.37 25.51
CA LEU J 133 23.45 28.14 25.28
C LEU J 133 22.22 27.24 25.11
N GLY J 134 22.32 26.24 24.25
CA GLY J 134 21.17 25.40 23.87
C GLY J 134 20.68 25.60 22.45
N ASN J 135 21.10 26.70 21.83
CA ASN J 135 21.03 26.93 20.38
C ASN J 135 22.27 26.31 19.72
N GLY J 136 23.04 25.53 20.48
CA GLY J 136 24.20 24.87 19.95
C GLY J 136 25.39 25.78 19.89
N CYS J 137 25.37 26.88 20.64
CA CYS J 137 26.49 27.82 20.69
C CYS J 137 27.19 27.73 22.03
N PHE J 138 28.36 28.39 22.09
CA PHE J 138 29.17 28.43 23.29
C PHE J 138 29.66 29.85 23.62
N GLU J 139 29.10 30.45 24.68
CA GLU J 139 29.55 31.74 25.17
C GLU J 139 30.78 31.52 26.06
N PHE J 140 31.89 32.16 25.70
CA PHE J 140 33.10 32.13 26.51
C PHE J 140 32.99 33.03 27.73
N TYR J 141 33.53 32.55 28.85
CA TYR J 141 33.71 33.36 30.04
C TYR J 141 34.95 34.27 29.94
N HIS J 142 35.95 33.84 29.16
CA HIS J 142 37.19 34.59 28.98
C HIS J 142 37.31 35.08 27.54
N LYS J 143 38.24 36.01 27.32
CA LYS J 143 38.51 36.52 25.99
C LYS J 143 39.35 35.52 25.21
N CYS J 144 38.86 35.12 24.03
CA CYS J 144 39.55 34.18 23.13
C CYS J 144 39.61 34.78 21.70
N ASP J 145 40.80 35.23 21.31
CA ASP J 145 41.04 35.89 20.01
C ASP J 145 41.10 34.89 18.84
N ASN J 146 41.33 35.38 17.62
CA ASN J 146 41.39 34.52 16.43
C ASN J 146 42.49 33.44 16.48
N GLU J 147 43.62 33.75 17.10
CA GLU J 147 44.71 32.75 17.29
C GLU J 147 44.37 31.70 18.37
N CYS J 148 43.58 32.09 19.37
CA CYS J 148 43.08 31.16 20.41
C CYS J 148 42.06 30.16 19.85
N MET J 149 41.21 30.59 18.92
CA MET J 149 40.10 29.76 18.39
C MET J 149 40.51 28.67 17.41
N GLU J 150 41.62 28.85 16.70
CA GLU J 150 42.20 27.78 15.90
C GLU J 150 42.46 26.53 16.74
N SER J 151 42.80 26.73 18.03
CA SER J 151 43.01 25.63 18.98
C SER J 151 41.75 24.81 19.23
N VAL J 152 40.59 25.45 19.19
CA VAL J 152 39.30 24.75 19.34
C VAL J 152 39.01 23.89 18.12
N ARG J 153 39.13 24.48 16.93
CA ARG J 153 38.99 23.78 15.64
C ARG J 153 40.02 22.65 15.46
N ASN J 154 41.30 22.97 15.65
CA ASN J 154 42.41 22.01 15.60
C ASN J 154 42.21 20.92 16.65
N GLY J 155 41.67 21.32 17.80
CA GLY J 155 41.45 20.41 18.92
C GLY J 155 42.64 20.33 19.86
N THR J 156 43.37 21.44 19.98
CA THR J 156 44.56 21.54 20.85
C THR J 156 44.31 22.59 21.95
N TYR J 157 43.09 22.67 22.46
CA TYR J 157 42.69 23.74 23.38
C TYR J 157 43.09 23.41 24.82
N ASP J 158 43.88 24.30 25.43
CA ASP J 158 44.34 24.13 26.82
C ASP J 158 43.27 24.57 27.81
N TYR J 159 42.77 23.63 28.59
CA TYR J 159 41.97 23.92 29.75
C TYR J 159 42.73 24.74 30.83
N PRO J 160 43.94 24.29 31.23
CA PRO J 160 44.61 25.00 32.34
C PRO J 160 45.00 26.46 32.07
N GLN J 161 45.24 26.82 30.80
CA GLN J 161 45.63 28.19 30.43
C GLN J 161 44.60 29.25 30.80
N TYR J 162 43.33 28.97 30.52
CA TYR J 162 42.25 29.93 30.74
C TYR J 162 41.29 29.50 31.86
N SER J 163 41.78 28.71 32.82
CA SER J 163 40.91 28.14 33.86
C SER J 163 40.50 29.18 34.90
N GLU J 164 41.47 29.88 35.48
CA GLU J 164 41.21 30.89 36.53
C GLU J 164 40.45 32.14 36.02
N GLU J 165 40.61 32.46 34.74
CA GLU J 165 39.97 33.64 34.12
C GLU J 165 38.45 33.50 34.10
N ALA J 166 38.00 32.29 33.80
CA ALA J 166 36.59 31.95 33.74
C ALA J 166 36.00 31.69 35.13
N ARG J 167 36.69 30.84 35.90
CA ARG J 167 36.27 30.45 37.24
C ARG J 167 35.94 31.63 38.15
N LEU J 168 36.79 32.66 38.08
CA LEU J 168 36.62 33.87 38.89
C LEU J 168 35.74 34.94 38.19
N LYS J 169 35.44 34.75 36.91
CA LYS J 169 34.36 35.48 36.22
C LYS J 169 32.96 34.95 36.59
N ARG J 170 32.90 33.69 37.02
CA ARG J 170 31.66 32.99 37.34
C ARG J 170 30.97 33.50 38.63
N GLU J 171 31.76 33.76 39.66
CA GLU J 171 31.22 34.27 40.94
C GLU J 171 30.76 35.75 40.87
N GLU J 172 31.29 36.51 39.90
CA GLU J 172 30.91 37.92 39.69
C GLU J 172 29.44 38.07 39.30
N ILE J 173 28.97 37.18 38.43
CA ILE J 173 27.57 37.14 38.01
C ILE J 173 26.70 36.50 39.11
N SER J 174 27.23 35.47 39.78
CA SER J 174 26.52 34.82 40.89
C SER J 174 26.52 35.69 42.17
N SER J 175 25.56 36.60 42.26
CA SER J 175 25.48 37.54 43.38
C SER J 175 24.22 37.29 44.18
N GLN K 3 -31.01 23.33 -22.34
CA GLN K 3 -30.27 24.26 -23.28
C GLN K 3 -30.33 23.92 -24.79
N LEU K 4 -30.55 22.66 -25.15
CA LEU K 4 -30.76 22.29 -26.56
C LEU K 4 -32.18 21.73 -26.77
N VAL K 5 -32.75 22.01 -27.94
CA VAL K 5 -34.12 21.61 -28.25
C VAL K 5 -34.23 21.04 -29.65
N GLN K 6 -34.95 19.93 -29.78
CA GLN K 6 -35.12 19.27 -31.06
C GLN K 6 -36.60 19.24 -31.43
N SER K 7 -36.87 19.01 -32.72
CA SER K 7 -38.26 18.92 -33.24
C SER K 7 -39.02 17.67 -32.71
N GLY K 8 -40.29 17.53 -33.10
CA GLY K 8 -41.12 16.39 -32.66
C GLY K 8 -40.94 15.13 -33.51
N ALA K 9 -41.61 14.06 -33.09
CA ALA K 9 -41.60 12.81 -33.83
C ALA K 9 -42.24 12.97 -35.19
N GLU K 10 -41.67 12.31 -36.19
CA GLU K 10 -42.21 12.29 -37.56
C GLU K 10 -42.17 10.82 -38.06
N VAL K 11 -43.16 10.42 -38.85
CA VAL K 11 -43.28 9.08 -39.37
C VAL K 11 -43.28 9.12 -40.90
N LYS K 12 -42.20 8.67 -41.55
CA LYS K 12 -42.13 8.69 -43.02
C LYS K 12 -42.09 7.30 -43.67
N LYS K 13 -42.47 7.24 -44.94
CA LYS K 13 -42.41 6.02 -45.71
C LYS K 13 -40.98 5.84 -46.24
N PRO K 14 -40.55 4.60 -46.53
CA PRO K 14 -39.19 4.34 -46.98
C PRO K 14 -38.91 4.91 -48.37
N GLY K 15 -37.83 5.70 -48.49
CA GLY K 15 -37.54 6.48 -49.68
C GLY K 15 -37.76 7.96 -49.47
N SER K 16 -38.84 8.30 -48.74
CA SER K 16 -39.16 9.66 -48.33
C SER K 16 -38.09 10.22 -47.38
N SER K 17 -37.86 11.53 -47.45
CA SER K 17 -36.79 12.21 -46.68
C SER K 17 -37.28 12.91 -45.41
N VAL K 18 -36.34 13.12 -44.49
CA VAL K 18 -36.64 13.67 -43.16
C VAL K 18 -35.64 14.73 -42.76
N LYS K 19 -36.19 15.87 -42.33
CA LYS K 19 -35.42 17.03 -41.83
C LYS K 19 -35.70 17.22 -40.35
N VAL K 20 -34.63 17.29 -39.57
CA VAL K 20 -34.69 17.44 -38.09
C VAL K 20 -33.90 18.66 -37.66
N SER K 21 -34.51 19.43 -36.77
CA SER K 21 -34.00 20.73 -36.37
C SER K 21 -33.59 20.66 -34.92
N CYS K 22 -32.37 21.10 -34.64
CA CYS K 22 -31.84 21.24 -33.29
C CYS K 22 -31.49 22.69 -33.10
N ARG K 23 -32.34 23.41 -32.37
CA ARG K 23 -32.08 24.81 -32.01
C ARG K 23 -31.28 24.86 -30.73
N ALA K 24 -30.05 25.32 -30.87
CA ALA K 24 -29.16 25.53 -29.70
C ALA K 24 -29.47 26.88 -29.12
N SER K 25 -28.94 27.14 -27.93
CA SER K 25 -29.16 28.41 -27.26
C SER K 25 -28.21 28.65 -26.09
N GLY K 26 -27.40 29.71 -26.12
CA GLY K 26 -27.24 30.63 -27.24
C GLY K 26 -28.27 31.76 -27.36
N GLY K 27 -27.92 32.95 -26.88
CA GLY K 27 -28.69 34.15 -27.19
C GLY K 27 -28.41 34.72 -28.58
N ILE K 28 -27.23 34.46 -29.11
CA ILE K 28 -26.65 35.23 -30.22
C ILE K 28 -26.34 34.27 -31.34
N PHE K 29 -25.53 34.70 -32.32
CA PHE K 29 -24.95 33.78 -33.32
C PHE K 29 -24.13 32.72 -32.61
N ARG K 30 -24.16 31.50 -33.16
CA ARG K 30 -23.54 30.38 -32.44
C ARG K 30 -22.04 30.34 -32.59
N SER K 31 -21.46 29.79 -31.54
CA SER K 31 -20.05 29.74 -31.31
C SER K 31 -19.59 28.27 -31.20
N ASN K 32 -20.51 27.32 -31.42
CA ASN K 32 -20.29 25.91 -31.08
C ASN K 32 -20.66 24.98 -32.24
N ALA K 33 -19.87 23.95 -32.43
CA ALA K 33 -20.08 23.07 -33.54
C ALA K 33 -21.10 21.99 -33.21
N ILE K 34 -22.27 22.02 -33.82
CA ILE K 34 -23.26 21.00 -33.57
C ILE K 34 -22.87 19.70 -34.30
N SER K 35 -22.94 18.58 -33.58
CA SER K 35 -22.80 17.25 -34.15
C SER K 35 -24.11 16.48 -34.01
N TRP K 36 -24.16 15.29 -34.60
CA TRP K 36 -25.38 14.52 -34.64
C TRP K 36 -25.10 13.06 -34.39
N VAL K 37 -25.81 12.48 -33.42
CA VAL K 37 -25.63 11.08 -33.05
C VAL K 37 -26.98 10.36 -32.96
N ARG K 38 -27.14 9.31 -33.77
CA ARG K 38 -28.37 8.51 -33.76
C ARG K 38 -28.24 7.24 -32.91
N GLN K 39 -29.38 6.59 -32.66
CA GLN K 39 -29.43 5.41 -31.80
C GLN K 39 -30.67 4.54 -32.06
N ALA K 40 -30.50 3.46 -32.82
CA ALA K 40 -31.61 2.51 -33.11
C ALA K 40 -31.96 1.78 -31.82
N PRO K 41 -33.25 1.77 -31.42
CA PRO K 41 -33.59 1.43 -30.01
C PRO K 41 -32.91 0.13 -29.53
N GLY K 42 -32.39 0.14 -28.30
CA GLY K 42 -31.68 -1.02 -27.76
C GLY K 42 -30.19 -0.98 -28.05
N GLN K 43 -29.81 -1.13 -29.33
CA GLN K 43 -28.39 -1.05 -29.70
C GLN K 43 -27.81 0.37 -29.43
N GLY K 44 -26.48 0.51 -29.55
CA GLY K 44 -25.74 1.69 -29.05
C GLY K 44 -25.74 2.92 -29.93
N LEU K 45 -24.76 3.79 -29.71
CA LEU K 45 -24.66 5.10 -30.37
C LEU K 45 -23.82 5.11 -31.62
N GLU K 46 -24.33 5.77 -32.66
CA GLU K 46 -23.65 5.91 -33.94
C GLU K 46 -23.58 7.39 -34.29
N TRP K 47 -22.36 7.91 -34.34
CA TRP K 47 -22.09 9.30 -34.75
C TRP K 47 -22.40 9.45 -36.22
N MET K 48 -22.91 10.61 -36.63
CA MET K 48 -23.30 10.81 -38.03
C MET K 48 -22.46 11.86 -38.75
N GLY K 49 -22.50 13.08 -38.21
CA GLY K 49 -21.84 14.23 -38.83
C GLY K 49 -21.81 15.41 -37.90
N ASN K 50 -20.81 16.28 -38.10
CA ASN K 50 -20.69 17.52 -37.33
C ASN K 50 -20.63 18.71 -38.28
N ILE K 51 -21.06 19.88 -37.79
CA ILE K 51 -21.13 21.12 -38.58
C ILE K 51 -20.54 22.27 -37.76
N ILE K 52 -19.40 22.79 -38.18
CA ILE K 52 -18.72 23.87 -37.42
C ILE K 52 -19.47 25.16 -37.43
N ALA K 53 -19.19 25.98 -36.42
CA ALA K 53 -20.01 27.11 -36.11
C ALA K 53 -20.08 28.23 -37.17
N VAL K 54 -18.98 28.92 -37.35
CA VAL K 54 -19.04 30.25 -37.95
C VAL K 54 -19.08 30.21 -39.47
N PHE K 55 -18.54 29.15 -40.05
CA PHE K 55 -18.29 29.06 -41.50
C PHE K 55 -19.28 28.22 -42.29
N GLY K 56 -19.92 27.28 -41.61
CA GLY K 56 -21.01 26.47 -42.18
C GLY K 56 -20.54 25.20 -42.87
N THR K 57 -19.24 24.95 -42.82
CA THR K 57 -18.66 23.76 -43.45
C THR K 57 -18.96 22.51 -42.61
N ALA K 58 -19.49 21.47 -43.22
CA ALA K 58 -19.86 20.24 -42.52
C ALA K 58 -18.84 19.16 -42.80
N ASN K 59 -18.75 18.16 -41.93
CA ASN K 59 -18.01 16.90 -42.23
C ASN K 59 -18.91 15.72 -41.88
N TYR K 60 -19.06 14.78 -42.82
CA TYR K 60 -19.88 13.58 -42.59
C TYR K 60 -19.00 12.34 -42.50
N ALA K 61 -19.60 11.23 -42.07
CA ALA K 61 -18.95 9.92 -42.03
C ALA K 61 -19.00 9.26 -43.40
N GLN K 62 -17.99 8.46 -43.73
CA GLN K 62 -17.94 7.72 -45.00
C GLN K 62 -19.10 6.71 -45.14
N LYS K 63 -19.71 6.34 -44.01
CA LYS K 63 -20.86 5.43 -43.93
C LYS K 63 -22.12 5.97 -44.61
N PHE K 64 -22.39 7.26 -44.43
CA PHE K 64 -23.57 7.90 -45.03
C PHE K 64 -23.19 8.69 -46.28
N GLN K 65 -22.32 9.68 -46.07
CA GLN K 65 -21.88 10.70 -47.06
C GLN K 65 -22.92 11.16 -48.10
N GLY K 66 -23.19 10.33 -49.09
CA GLY K 66 -23.95 10.72 -50.26
C GLY K 66 -25.43 10.97 -50.06
N ARG K 67 -25.97 10.59 -48.89
CA ARG K 67 -27.42 10.68 -48.63
C ARG K 67 -27.83 11.42 -47.35
N VAL K 68 -26.91 12.20 -46.78
CA VAL K 68 -27.20 13.01 -45.60
C VAL K 68 -26.54 14.37 -45.73
N THR K 69 -27.27 15.42 -45.35
CA THR K 69 -26.73 16.78 -45.36
C THR K 69 -27.23 17.54 -44.14
N ILE K 70 -26.31 18.27 -43.49
CA ILE K 70 -26.61 19.09 -42.29
C ILE K 70 -26.27 20.55 -42.53
N THR K 71 -27.29 21.39 -42.41
CA THR K 71 -27.18 22.81 -42.66
C THR K 71 -27.19 23.56 -41.34
N ALA K 72 -26.86 24.84 -41.44
CA ALA K 72 -26.61 25.69 -40.29
C ALA K 72 -27.15 27.09 -40.56
N ASP K 73 -28.02 27.52 -39.66
CA ASP K 73 -28.75 28.75 -39.77
C ASP K 73 -28.19 29.63 -38.65
N GLU K 74 -27.44 30.66 -39.03
CA GLU K 74 -26.57 31.35 -38.07
C GLU K 74 -27.30 32.29 -37.10
N SER K 75 -28.19 33.14 -37.63
CA SER K 75 -28.98 34.08 -36.83
C SER K 75 -29.57 33.44 -35.58
N THR K 76 -30.49 32.50 -35.76
CA THR K 76 -31.19 31.85 -34.62
C THR K 76 -30.34 30.79 -33.93
N SER K 77 -29.19 30.44 -34.53
CA SER K 77 -28.24 29.47 -33.95
C SER K 77 -28.81 28.04 -33.95
N THR K 78 -29.42 27.67 -35.08
CA THR K 78 -30.08 26.38 -35.28
C THR K 78 -29.34 25.54 -36.33
N ALA K 79 -29.16 24.27 -36.01
CA ALA K 79 -28.64 23.31 -36.96
C ALA K 79 -29.79 22.47 -37.48
N TYR K 80 -29.64 21.95 -38.70
CA TYR K 80 -30.64 21.09 -39.31
C TYR K 80 -29.96 19.80 -39.75
N MET K 81 -30.76 18.76 -39.95
CA MET K 81 -30.28 17.43 -40.38
C MET K 81 -31.22 16.76 -41.39
N GLU K 82 -30.81 16.74 -42.66
CA GLU K 82 -31.62 16.13 -43.72
C GLU K 82 -31.06 14.77 -44.10
N LEU K 83 -31.96 13.80 -44.25
CA LEU K 83 -31.63 12.42 -44.54
C LEU K 83 -32.42 11.94 -45.76
N SER K 84 -31.73 11.29 -46.70
CA SER K 84 -32.29 10.94 -48.02
C SER K 84 -32.40 9.42 -48.26
N SER K 85 -33.46 9.00 -48.94
CA SER K 85 -33.72 7.59 -49.27
C SER K 85 -33.67 6.73 -48.01
N LEU K 86 -34.68 6.85 -47.17
CA LEU K 86 -34.68 6.18 -45.86
C LEU K 86 -35.03 4.70 -45.97
N ARG K 87 -34.30 3.89 -45.21
CA ARG K 87 -34.50 2.44 -45.15
C ARG K 87 -35.30 2.08 -43.89
N SER K 88 -35.60 0.79 -43.74
CA SER K 88 -36.27 0.27 -42.53
C SER K 88 -35.40 0.40 -41.28
N GLU K 89 -34.09 0.23 -41.45
CA GLU K 89 -33.12 0.22 -40.34
C GLU K 89 -32.67 1.61 -39.84
N ASP K 90 -32.96 2.66 -40.62
CA ASP K 90 -32.77 4.06 -40.19
C ASP K 90 -33.72 4.47 -39.06
N THR K 91 -34.80 3.70 -38.86
CA THR K 91 -35.70 3.84 -37.71
C THR K 91 -34.92 3.92 -36.42
N ALA K 92 -35.01 5.07 -35.75
CA ALA K 92 -34.09 5.37 -34.63
C ALA K 92 -34.49 6.61 -33.83
N VAL K 93 -33.70 6.92 -32.79
CA VAL K 93 -33.74 8.19 -32.04
C VAL K 93 -32.51 9.01 -32.39
N TYR K 94 -32.71 10.23 -32.88
CA TYR K 94 -31.61 11.09 -33.35
C TYR K 94 -31.35 12.22 -32.35
N TYR K 95 -30.11 12.34 -31.89
CA TYR K 95 -29.67 13.35 -30.92
C TYR K 95 -28.72 14.34 -31.55
N CYS K 96 -28.87 15.61 -31.20
CA CYS K 96 -27.88 16.63 -31.55
C CYS K 96 -27.07 16.96 -30.32
N ALA K 97 -25.84 17.36 -30.52
CA ALA K 97 -24.92 17.61 -29.41
C ALA K 97 -23.96 18.68 -29.82
N ARG K 98 -23.76 19.62 -28.93
CA ARG K 98 -23.19 20.89 -29.32
C ARG K 98 -21.68 20.98 -29.23
N GLY K 99 -21.08 20.46 -28.16
CA GLY K 99 -19.63 20.60 -27.97
C GLY K 99 -19.12 22.02 -27.65
N PRO K 100 -17.99 22.12 -26.92
CA PRO K 100 -17.60 23.31 -26.17
C PRO K 100 -17.06 24.44 -27.03
N TYR K 101 -16.63 24.15 -28.24
CA TYR K 101 -16.32 25.19 -29.19
C TYR K 101 -16.43 24.71 -30.62
N TYR K 102 -16.36 25.68 -31.56
CA TYR K 102 -16.39 25.38 -32.98
C TYR K 102 -15.11 24.58 -33.26
N TYR K 103 -15.23 23.36 -33.78
CA TYR K 103 -14.05 22.63 -34.22
C TYR K 103 -14.39 21.53 -35.23
N GLY K 104 -15.17 20.47 -34.91
CA GLY K 104 -15.73 20.11 -33.58
C GLY K 104 -14.98 18.90 -33.02
N ASN K 105 -14.80 18.90 -31.70
CA ASN K 105 -13.99 17.90 -30.96
C ASN K 105 -14.78 17.33 -29.73
N SER K 106 -14.50 17.68 -28.45
CA SER K 106 -15.24 16.94 -27.34
C SER K 106 -16.77 17.17 -27.40
N HIS K 107 -17.61 16.45 -26.65
CA HIS K 107 -19.04 16.88 -26.47
C HIS K 107 -19.31 17.27 -25.05
N ASP K 109 -20.46 17.88 -24.79
CA ASP K 109 -20.79 18.43 -23.44
C ASP K 109 -22.27 18.62 -23.13
N PHE K 110 -23.02 19.16 -24.08
CA PHE K 110 -24.42 19.40 -23.90
C PHE K 110 -25.21 18.72 -24.99
N TRP K 111 -26.12 17.85 -24.59
CA TRP K 111 -26.81 16.97 -25.48
C TRP K 111 -28.26 17.40 -25.57
N GLY K 112 -28.90 17.09 -26.69
CA GLY K 112 -30.29 17.41 -26.94
C GLY K 112 -31.31 16.62 -26.14
N GLN K 113 -32.45 16.41 -26.76
CA GLN K 113 -33.50 15.60 -26.20
C GLN K 113 -33.66 14.34 -27.03
N GLY K 114 -33.81 14.53 -28.35
CA GLY K 114 -33.96 13.43 -29.30
C GLY K 114 -35.26 13.53 -30.09
N THR K 115 -35.37 12.68 -31.11
CA THR K 115 -36.51 12.68 -32.01
C THR K 115 -36.76 11.27 -32.58
N MET K 116 -37.90 10.67 -32.23
CA MET K 116 -38.27 9.36 -32.77
C MET K 116 -38.66 9.47 -34.25
N VAL K 117 -37.99 8.69 -35.09
CA VAL K 117 -38.32 8.62 -36.52
C VAL K 117 -38.54 7.17 -36.95
N THR K 118 -39.79 6.85 -37.27
CA THR K 118 -40.19 5.53 -37.68
C THR K 118 -40.30 5.48 -39.22
N VAL K 119 -39.74 4.43 -39.80
CA VAL K 119 -39.78 4.21 -41.24
C VAL K 119 -40.28 2.79 -41.49
N SER K 120 -41.61 2.62 -41.54
CA SER K 120 -42.21 1.31 -41.96
C SER K 120 -43.35 1.35 -42.99
N SER K 121 -43.95 2.53 -43.21
CA SER K 121 -45.12 2.69 -44.10
C SER K 121 -46.32 1.84 -43.68
N ALA K 122 -46.99 2.29 -42.62
CA ALA K 122 -48.17 1.61 -42.12
C ALA K 122 -49.28 2.59 -41.82
N SER K 123 -50.51 2.10 -41.81
CA SER K 123 -51.68 2.88 -41.45
C SER K 123 -51.70 3.10 -39.93
N THR K 124 -52.25 4.24 -39.50
CA THR K 124 -52.45 4.52 -38.08
C THR K 124 -53.70 3.79 -37.53
N LYS K 125 -53.61 2.47 -37.41
CA LYS K 125 -54.75 1.64 -36.96
C LYS K 125 -54.70 1.53 -35.43
N GLY K 126 -55.87 1.55 -34.79
CA GLY K 126 -55.97 1.40 -33.35
C GLY K 126 -55.57 0.02 -32.86
N PRO K 127 -55.24 -0.10 -31.57
CA PRO K 127 -54.84 -1.39 -30.98
C PRO K 127 -56.02 -2.26 -30.57
N SER K 128 -56.03 -3.52 -31.02
CA SER K 128 -57.08 -4.46 -30.66
C SER K 128 -56.81 -5.04 -29.25
N VAL K 129 -57.63 -4.63 -28.28
CA VAL K 129 -57.50 -5.12 -26.89
C VAL K 129 -58.36 -6.38 -26.68
N PHE K 130 -57.72 -7.50 -26.32
CA PHE K 130 -58.40 -8.77 -26.09
C PHE K 130 -58.23 -9.27 -24.65
N PRO K 131 -59.30 -9.78 -24.00
CA PRO K 131 -59.21 -10.18 -22.60
C PRO K 131 -58.52 -11.55 -22.38
N LEU K 132 -57.40 -11.57 -21.63
CA LEU K 132 -56.71 -12.82 -21.26
C LEU K 132 -57.15 -13.33 -19.89
N ALA K 133 -57.30 -14.65 -19.76
CA ALA K 133 -57.80 -15.28 -18.53
C ALA K 133 -56.69 -16.05 -17.78
N PRO K 134 -56.79 -16.13 -16.43
CA PRO K 134 -55.82 -16.87 -15.62
C PRO K 134 -56.10 -18.37 -15.49
N SER K 135 -55.10 -19.20 -15.82
CA SER K 135 -55.21 -20.67 -15.80
C SER K 135 -54.65 -21.25 -14.50
N SER K 136 -55.40 -22.14 -13.85
CA SER K 136 -54.86 -22.99 -12.77
C SER K 136 -54.59 -24.41 -13.28
N GLY K 141 -51.87 -19.53 -4.64
CA GLY K 141 -51.20 -18.34 -4.15
C GLY K 141 -51.32 -17.16 -5.09
N THR K 142 -50.23 -16.86 -5.80
CA THR K 142 -50.13 -15.67 -6.67
C THR K 142 -50.30 -16.05 -8.14
N ALA K 143 -51.20 -15.36 -8.85
CA ALA K 143 -51.47 -15.57 -10.27
C ALA K 143 -51.26 -14.29 -11.08
N ALA K 144 -51.31 -14.41 -12.41
CA ALA K 144 -51.16 -13.30 -13.35
C ALA K 144 -52.27 -13.25 -14.41
N LEU K 145 -52.75 -12.04 -14.70
CA LEU K 145 -53.76 -11.80 -15.75
C LEU K 145 -53.56 -10.41 -16.37
N GLY K 146 -53.90 -10.25 -17.64
CA GLY K 146 -53.72 -8.95 -18.29
C GLY K 146 -54.33 -8.78 -19.66
N CYS K 147 -54.01 -7.64 -20.28
CA CYS K 147 -54.57 -7.20 -21.55
C CYS K 147 -53.58 -7.45 -22.68
N LEU K 148 -54.05 -8.12 -23.74
CA LEU K 148 -53.26 -8.35 -24.95
C LEU K 148 -53.54 -7.22 -25.94
N VAL K 149 -52.47 -6.50 -26.35
CA VAL K 149 -52.57 -5.34 -27.25
C VAL K 149 -51.82 -5.61 -28.56
N LYS K 150 -52.57 -5.97 -29.61
CA LYS K 150 -52.01 -6.45 -30.88
C LYS K 150 -52.37 -5.53 -32.04
N ASP K 151 -51.48 -5.49 -33.03
CA ASP K 151 -51.69 -4.80 -34.32
C ASP K 151 -52.07 -3.31 -34.16
N TYR K 152 -51.05 -2.49 -33.95
CA TYR K 152 -51.19 -1.04 -33.87
C TYR K 152 -49.95 -0.34 -34.41
N PHE K 153 -50.06 0.97 -34.63
CA PHE K 153 -49.00 1.79 -35.23
C PHE K 153 -49.32 3.27 -35.01
N PRO K 154 -48.38 4.10 -34.53
CA PRO K 154 -47.10 3.72 -33.98
C PRO K 154 -47.05 4.03 -32.48
N GLU K 155 -45.85 4.11 -31.90
CA GLU K 155 -45.64 4.34 -30.46
C GLU K 155 -46.14 5.72 -30.02
N PRO K 156 -46.53 5.91 -28.75
CA PRO K 156 -46.50 4.93 -27.66
C PRO K 156 -47.89 4.35 -27.32
N VAL K 157 -47.93 3.52 -26.28
CA VAL K 157 -49.18 2.93 -25.79
C VAL K 157 -49.15 2.79 -24.26
N THR K 158 -49.51 3.86 -23.57
CA THR K 158 -49.56 3.88 -22.10
C THR K 158 -50.85 3.22 -21.62
N VAL K 159 -50.74 2.43 -20.55
CA VAL K 159 -51.86 1.62 -20.02
C VAL K 159 -52.20 1.95 -18.56
N SER K 160 -53.39 2.50 -18.33
CA SER K 160 -53.92 2.83 -16.99
C SER K 160 -54.78 1.68 -16.45
N TRP K 161 -54.19 0.84 -15.58
CA TRP K 161 -54.93 -0.22 -14.91
C TRP K 161 -55.86 0.34 -13.83
N ASN K 162 -57.17 0.18 -14.05
CA ASN K 162 -58.21 0.73 -13.16
C ASN K 162 -58.11 2.26 -12.93
N SER K 163 -57.63 2.99 -13.94
CA SER K 163 -57.35 4.44 -13.84
C SER K 163 -56.41 4.80 -12.67
N GLY K 164 -55.31 4.05 -12.54
CA GLY K 164 -54.30 4.26 -11.50
C GLY K 164 -54.57 3.64 -10.13
N ALA K 165 -55.64 2.86 -10.00
CA ALA K 165 -56.03 2.23 -8.72
C ALA K 165 -55.18 1.01 -8.37
N LEU K 166 -54.74 0.26 -9.39
CA LEU K 166 -53.84 -0.87 -9.22
C LEU K 166 -52.62 -0.70 -10.13
N THR K 167 -51.51 -0.23 -9.56
CA THR K 167 -50.26 0.05 -10.27
C THR K 167 -48.98 -0.58 -9.65
N SER K 168 -49.12 -1.44 -8.64
CA SER K 168 -47.94 -2.07 -7.95
C SER K 168 -47.61 -3.49 -8.46
N GLY K 169 -46.49 -3.64 -9.16
CA GLY K 169 -46.11 -4.89 -9.81
C GLY K 169 -46.59 -5.05 -11.26
N VAL K 170 -46.97 -3.94 -11.89
CA VAL K 170 -47.33 -3.94 -13.33
C VAL K 170 -46.06 -3.83 -14.16
N HIS K 171 -45.93 -4.69 -15.16
CA HIS K 171 -44.77 -4.73 -16.03
C HIS K 171 -45.22 -4.53 -17.49
N THR K 172 -44.91 -3.37 -18.05
CA THR K 172 -45.19 -3.09 -19.46
C THR K 172 -43.97 -3.42 -20.31
N PHE K 173 -44.12 -4.41 -21.17
CA PHE K 173 -43.02 -4.89 -22.02
C PHE K 173 -42.90 -3.99 -23.23
N PRO K 174 -41.67 -3.68 -23.67
CA PRO K 174 -41.49 -3.00 -24.97
C PRO K 174 -41.91 -3.87 -26.17
N ALA K 175 -42.51 -3.26 -27.18
CA ALA K 175 -43.13 -3.97 -28.30
C ALA K 175 -42.13 -4.57 -29.28
N VAL K 176 -42.64 -5.21 -30.33
CA VAL K 176 -41.82 -5.77 -31.40
C VAL K 176 -42.47 -5.55 -32.77
N LEU K 177 -41.64 -5.36 -33.80
CA LEU K 177 -42.09 -5.30 -35.18
C LEU K 177 -42.32 -6.73 -35.68
N GLN K 178 -43.54 -7.01 -36.14
CA GLN K 178 -43.89 -8.31 -36.72
C GLN K 178 -43.41 -8.42 -38.18
N SER K 179 -43.42 -9.64 -38.72
CA SER K 179 -43.23 -9.88 -40.16
C SER K 179 -44.29 -9.11 -40.96
N SER K 180 -45.51 -9.07 -40.42
CA SER K 180 -46.62 -8.24 -40.91
C SER K 180 -46.24 -6.74 -41.02
N GLY K 181 -45.49 -6.25 -40.05
CA GLY K 181 -45.01 -4.85 -40.04
C GLY K 181 -45.82 -3.96 -39.14
N LEU K 182 -46.28 -4.51 -38.02
CA LEU K 182 -47.16 -3.80 -37.05
C LEU K 182 -46.62 -4.08 -35.65
N TYR K 183 -46.72 -3.09 -34.77
CA TYR K 183 -46.24 -3.21 -33.39
C TYR K 183 -47.22 -4.05 -32.57
N SER K 184 -46.71 -4.71 -31.52
CA SER K 184 -47.53 -5.55 -30.64
C SER K 184 -46.80 -5.86 -29.34
N LEU K 185 -47.48 -5.67 -28.20
CA LEU K 185 -46.91 -5.94 -26.87
C LEU K 185 -47.91 -6.55 -25.91
N SER K 186 -47.40 -7.02 -24.77
CA SER K 186 -48.24 -7.53 -23.69
C SER K 186 -48.04 -6.68 -22.42
N SER K 187 -49.02 -6.80 -21.49
CA SER K 187 -48.91 -6.16 -20.16
C SER K 187 -49.69 -6.99 -19.13
N VAL K 188 -49.02 -7.23 -17.99
CA VAL K 188 -49.53 -8.15 -16.97
C VAL K 188 -49.28 -7.62 -15.55
N VAL K 189 -50.03 -8.16 -14.60
CA VAL K 189 -49.96 -7.72 -13.20
C VAL K 189 -50.18 -8.93 -12.29
N THR K 190 -49.35 -9.05 -11.25
CA THR K 190 -49.48 -10.12 -10.27
C THR K 190 -50.42 -9.69 -9.14
N VAL K 191 -51.36 -10.56 -8.79
CA VAL K 191 -52.38 -10.28 -7.75
C VAL K 191 -52.72 -11.56 -6.96
N PRO K 192 -53.01 -11.46 -5.64
CA PRO K 192 -53.42 -12.66 -4.88
C PRO K 192 -54.78 -13.24 -5.32
N SER K 193 -54.99 -14.53 -5.02
CA SER K 193 -56.27 -15.19 -5.29
C SER K 193 -57.44 -14.70 -4.40
N SER K 194 -57.13 -13.97 -3.33
CA SER K 194 -58.14 -13.33 -2.45
C SER K 194 -59.15 -12.43 -3.16
N SER K 195 -58.70 -11.76 -4.23
CA SER K 195 -59.58 -10.89 -5.03
C SER K 195 -59.43 -11.19 -6.54
N LEU K 196 -59.53 -12.47 -6.91
CA LEU K 196 -59.50 -12.91 -8.30
C LEU K 196 -60.90 -12.90 -8.91
N GLY K 197 -61.83 -13.57 -8.21
CA GLY K 197 -63.24 -13.57 -8.59
C GLY K 197 -64.08 -12.64 -7.75
N THR K 198 -63.51 -11.50 -7.31
CA THR K 198 -64.22 -10.48 -6.50
C THR K 198 -64.12 -9.06 -7.12
N GLN K 199 -62.89 -8.56 -7.25
CA GLN K 199 -62.61 -7.23 -7.85
C GLN K 199 -62.34 -7.40 -9.35
N THR K 200 -63.28 -6.92 -10.18
CA THR K 200 -63.12 -6.96 -11.65
C THR K 200 -62.08 -5.91 -12.07
N TYR K 201 -61.06 -6.37 -12.80
CA TYR K 201 -59.96 -5.51 -13.27
C TYR K 201 -60.11 -5.18 -14.76
N ILE K 202 -60.08 -3.88 -15.05
CA ILE K 202 -60.33 -3.34 -16.41
C ILE K 202 -59.17 -2.40 -16.75
N CYS K 203 -58.60 -2.55 -17.94
CA CYS K 203 -57.49 -1.70 -18.40
C CYS K 203 -57.94 -0.65 -19.42
N ASN K 204 -57.29 0.52 -19.37
CA ASN K 204 -57.56 1.65 -20.26
C ASN K 204 -56.39 1.86 -21.23
N VAL K 205 -56.48 1.24 -22.41
CA VAL K 205 -55.45 1.44 -23.45
C VAL K 205 -55.74 2.77 -24.16
N ASN K 206 -54.68 3.56 -24.36
CA ASN K 206 -54.82 4.93 -24.89
C ASN K 206 -54.58 5.00 -26.41
N HIS K 207 -53.32 4.88 -26.83
CA HIS K 207 -52.88 5.15 -28.21
C HIS K 207 -53.30 6.54 -28.69
N LYS K 208 -52.37 7.48 -28.61
CA LYS K 208 -52.64 8.88 -28.92
C LYS K 208 -52.90 9.18 -30.41
N PRO K 209 -52.08 8.61 -31.34
CA PRO K 209 -52.22 9.00 -32.76
C PRO K 209 -53.47 8.51 -33.55
N SER K 210 -54.31 7.66 -32.95
CA SER K 210 -55.64 7.33 -33.52
C SER K 210 -56.84 7.77 -32.65
N ASN K 211 -56.59 8.16 -31.39
CA ASN K 211 -57.63 8.48 -30.38
C ASN K 211 -58.50 7.27 -29.97
N THR K 212 -57.97 6.06 -30.13
CA THR K 212 -58.77 4.82 -29.91
C THR K 212 -58.94 4.52 -28.43
N LYS K 213 -60.14 4.82 -27.91
CA LYS K 213 -60.49 4.60 -26.52
C LYS K 213 -61.52 3.47 -26.39
N VAL K 214 -61.03 2.23 -26.24
CA VAL K 214 -61.88 1.05 -26.02
C VAL K 214 -61.33 0.24 -24.84
N ASP K 215 -62.06 0.24 -23.72
CA ASP K 215 -61.70 -0.53 -22.51
C ASP K 215 -62.07 -2.01 -22.68
N LYS K 216 -61.64 -2.86 -21.74
CA LYS K 216 -61.97 -4.29 -21.79
C LYS K 216 -61.91 -4.99 -20.41
N LYS K 217 -63.03 -5.61 -20.03
CA LYS K 217 -63.16 -6.38 -18.80
C LYS K 217 -62.26 -7.63 -18.85
N VAL K 218 -61.76 -8.04 -17.69
CA VAL K 218 -60.97 -9.26 -17.54
C VAL K 218 -61.62 -10.17 -16.50
N GLU K 219 -62.06 -11.35 -16.93
CA GLU K 219 -62.73 -12.33 -16.06
C GLU K 219 -62.13 -13.73 -16.21
N PRO K 220 -62.20 -14.57 -15.16
CA PRO K 220 -61.87 -16.00 -15.30
C PRO K 220 -62.98 -16.80 -16.00
N LYS K 221 -62.59 -17.81 -16.80
CA LYS K 221 -63.55 -18.54 -17.64
C LYS K 221 -64.53 -19.39 -16.84
N GLN L 3 42.39 7.44 -16.07
CA GLN L 3 41.37 7.91 -15.02
C GLN L 3 40.91 9.39 -15.15
N LEU L 4 41.75 10.28 -15.69
CA LEU L 4 41.31 11.62 -16.08
C LEU L 4 41.43 11.81 -17.58
N VAL L 5 40.50 12.60 -18.13
CA VAL L 5 40.46 12.85 -19.57
C VAL L 5 40.23 14.34 -19.85
N GLN L 6 40.98 14.86 -20.81
CA GLN L 6 40.86 16.25 -21.19
C GLN L 6 40.43 16.33 -22.66
N SER L 7 39.89 17.49 -23.05
CA SER L 7 39.44 17.75 -24.43
C SER L 7 40.60 17.77 -25.44
N GLY L 8 40.29 17.95 -26.73
CA GLY L 8 41.32 17.97 -27.80
C GLY L 8 41.96 19.33 -28.00
N ALA L 9 42.92 19.39 -28.92
CA ALA L 9 43.59 20.67 -29.22
C ALA L 9 42.60 21.67 -29.83
N GLU L 10 42.74 22.93 -29.42
CA GLU L 10 41.93 24.03 -29.94
C GLU L 10 42.88 25.20 -30.27
N VAL L 11 42.58 25.90 -31.37
CA VAL L 11 43.47 26.93 -31.92
C VAL L 11 42.67 28.22 -32.02
N LYS L 12 42.94 29.20 -31.15
CA LYS L 12 42.19 30.46 -31.17
C LYS L 12 43.04 31.67 -31.52
N LYS L 13 42.36 32.72 -32.00
CA LYS L 13 43.01 33.99 -32.32
C LYS L 13 43.15 34.79 -31.01
N PRO L 14 44.13 35.71 -30.94
CA PRO L 14 44.36 36.47 -29.70
C PRO L 14 43.24 37.43 -29.35
N GLY L 15 42.73 37.33 -28.12
CA GLY L 15 41.51 38.04 -27.70
C GLY L 15 40.34 37.09 -27.52
N SER L 16 40.22 36.13 -28.46
CA SER L 16 39.22 35.06 -28.39
C SER L 16 39.45 34.17 -27.16
N SER L 17 38.36 33.63 -26.60
CA SER L 17 38.38 32.83 -25.36
C SER L 17 38.35 31.32 -25.60
N VAL L 18 38.81 30.58 -24.59
CA VAL L 18 38.97 29.13 -24.66
C VAL L 18 38.47 28.44 -23.42
N LYS L 19 37.63 27.41 -23.63
CA LYS L 19 37.09 26.53 -22.59
C LYS L 19 37.69 25.13 -22.75
N VAL L 20 38.25 24.61 -21.66
CA VAL L 20 38.86 23.27 -21.61
C VAL L 20 38.20 22.43 -20.52
N SER L 21 37.89 21.19 -20.88
CA SER L 21 37.13 20.29 -20.05
C SER L 21 38.00 19.15 -19.60
N CYS L 22 37.97 18.90 -18.28
CA CYS L 22 38.64 17.76 -17.67
C CYS L 22 37.56 16.95 -16.99
N ARG L 23 37.19 15.84 -17.61
CA ARG L 23 36.19 14.91 -17.06
C ARG L 23 36.93 13.89 -16.21
N ALA L 24 36.69 13.96 -14.90
CA ALA L 24 37.21 12.99 -13.95
C ALA L 24 36.30 11.80 -13.95
N SER L 25 36.74 10.72 -13.31
CA SER L 25 35.98 9.47 -13.28
C SER L 25 36.48 8.48 -12.25
N GLY L 26 35.65 8.09 -11.28
CA GLY L 26 34.32 8.62 -11.01
C GLY L 26 33.18 8.04 -11.84
N GLY L 27 32.43 7.11 -11.26
CA GLY L 27 31.07 6.80 -11.78
C GLY L 27 30.01 7.83 -11.38
N ILE L 28 30.23 8.55 -10.28
CA ILE L 28 29.19 9.23 -9.54
C ILE L 28 29.51 10.70 -9.45
N PHE L 29 28.84 11.45 -8.58
CA PHE L 29 29.23 12.83 -8.25
C PHE L 29 30.64 12.83 -7.69
N ARG L 30 31.39 13.88 -8.03
CA ARG L 30 32.82 13.89 -7.71
C ARG L 30 33.08 14.23 -6.26
N SER L 31 34.19 13.67 -5.80
CA SER L 31 34.61 13.72 -4.45
C SER L 31 35.97 14.41 -4.32
N ASN L 32 36.49 14.94 -5.42
CA ASN L 32 37.89 15.37 -5.50
C ASN L 32 38.02 16.77 -6.11
N ALA L 33 38.93 17.55 -5.57
CA ALA L 33 39.06 18.92 -6.01
C ALA L 33 39.97 19.01 -7.23
N ILE L 34 39.43 19.34 -8.39
CA ILE L 34 40.26 19.48 -9.57
C ILE L 34 41.04 20.82 -9.50
N SER L 35 42.34 20.74 -9.78
CA SER L 35 43.19 21.92 -9.97
C SER L 35 43.67 21.97 -11.41
N TRP L 36 44.34 23.06 -11.76
CA TRP L 36 44.75 23.29 -13.14
C TRP L 36 46.17 23.85 -13.21
N VAL L 37 47.01 23.19 -14.00
CA VAL L 37 48.41 23.58 -14.13
C VAL L 37 48.81 23.63 -15.60
N ARG L 38 49.25 24.80 -16.05
CA ARG L 38 49.70 24.97 -17.44
C ARG L 38 51.23 24.89 -17.56
N GLN L 39 51.69 24.79 -18.81
CA GLN L 39 53.11 24.65 -19.09
C GLN L 39 53.48 25.11 -20.52
N ALA L 40 53.99 26.34 -20.64
CA ALA L 40 54.42 26.89 -21.94
C ALA L 40 55.66 26.13 -22.39
N PRO L 41 55.67 25.61 -23.64
CA PRO L 41 56.73 24.68 -24.05
C PRO L 41 58.15 25.11 -23.64
N GLY L 42 58.94 24.16 -23.13
CA GLY L 42 60.29 24.44 -22.66
C GLY L 42 60.32 24.80 -21.19
N GLN L 43 59.78 25.97 -20.83
CA GLN L 43 59.73 26.38 -19.43
C GLN L 43 58.85 25.44 -18.59
N GLY L 44 58.91 25.59 -17.25
CA GLY L 44 58.31 24.64 -16.30
C GLY L 44 56.83 24.86 -16.01
N LEU L 45 56.39 24.40 -14.83
CA LEU L 45 54.96 24.37 -14.46
C LEU L 45 54.48 25.60 -13.73
N GLU L 46 53.29 26.06 -14.12
CA GLU L 46 52.62 27.19 -13.48
C GLU L 46 51.22 26.77 -13.07
N TRP L 47 51.00 26.75 -11.75
CA TRP L 47 49.66 26.46 -11.19
C TRP L 47 48.73 27.60 -11.52
N MET L 48 47.46 27.32 -11.75
CA MET L 48 46.50 28.35 -12.13
C MET L 48 45.40 28.57 -11.10
N GLY L 49 44.64 27.51 -10.83
CA GLY L 49 43.48 27.58 -9.95
C GLY L 49 42.98 26.19 -9.59
N ASN L 50 42.33 26.08 -8.44
CA ASN L 50 41.70 24.84 -8.00
C ASN L 50 40.22 25.07 -7.70
N ILE L 51 39.42 24.00 -7.83
CA ILE L 51 37.96 24.07 -7.66
C ILE L 51 37.51 22.88 -6.80
N ILE L 52 37.05 23.16 -5.58
CA ILE L 52 36.64 22.06 -4.66
C ILE L 52 35.43 21.33 -5.11
N ALA L 53 35.31 20.10 -4.62
CA ALA L 53 34.36 19.14 -5.16
C ALA L 53 32.88 19.50 -5.02
N VAL L 54 32.37 19.48 -3.80
CA VAL L 54 30.94 19.35 -3.62
C VAL L 54 30.19 20.67 -3.74
N PHE L 55 30.89 21.77 -3.46
CA PHE L 55 30.25 23.09 -3.28
C PHE L 55 30.41 24.05 -4.44
N GLY L 56 31.45 23.85 -5.24
CA GLY L 56 31.64 24.56 -6.51
C GLY L 56 32.42 25.85 -6.39
N THR L 57 32.88 26.15 -5.18
CA THR L 57 33.65 27.36 -4.90
C THR L 57 35.08 27.18 -5.42
N ALA L 58 35.57 28.15 -6.19
CA ALA L 58 36.90 28.09 -6.79
C ALA L 58 37.84 29.00 -6.03
N ASN L 59 39.16 28.76 -6.13
CA ASN L 59 40.18 29.76 -5.73
C ASN L 59 41.18 29.90 -6.87
N TYR L 60 41.46 31.13 -7.28
CA TYR L 60 42.44 31.41 -8.35
C TYR L 60 43.69 32.08 -7.78
N ALA L 61 44.73 32.15 -8.61
CA ALA L 61 45.95 32.89 -8.29
C ALA L 61 45.77 34.38 -8.61
N GLN L 62 46.43 35.24 -7.83
CA GLN L 62 46.40 36.69 -8.06
C GLN L 62 46.99 37.09 -9.43
N LYS L 63 47.78 36.20 -10.03
CA LYS L 63 48.42 36.38 -11.34
C LYS L 63 47.41 36.45 -12.49
N PHE L 64 46.37 35.62 -12.44
CA PHE L 64 45.34 35.60 -13.47
C PHE L 64 44.10 36.36 -13.02
N GLN L 65 43.50 35.87 -11.92
CA GLN L 65 42.23 36.33 -11.32
C GLN L 65 41.12 36.83 -12.26
N GLY L 66 41.31 38.03 -12.79
CA GLY L 66 40.25 38.75 -13.48
C GLY L 66 39.83 38.21 -14.83
N ARG L 67 40.63 37.30 -15.40
CA ARG L 67 40.40 36.81 -16.77
C ARG L 67 40.37 35.27 -16.92
N VAL L 68 40.20 34.56 -15.80
CA VAL L 68 40.07 33.11 -15.82
C VAL L 68 38.99 32.66 -14.84
N THR L 69 38.17 31.70 -15.28
CA THR L 69 37.13 31.13 -14.43
C THR L 69 37.01 29.64 -14.67
N ILE L 70 36.92 28.87 -13.56
CA ILE L 70 36.79 27.40 -13.60
C ILE L 70 35.49 26.95 -12.92
N THR L 71 34.67 26.28 -13.70
CA THR L 71 33.36 25.84 -13.27
C THR L 71 33.38 24.34 -13.03
N ALA L 72 32.31 23.86 -12.44
CA ALA L 72 32.19 22.49 -11.97
C ALA L 72 30.77 21.98 -12.22
N ASP L 73 30.71 20.87 -12.94
CA ASP L 73 29.48 20.26 -13.37
C ASP L 73 29.40 18.95 -12.58
N GLU L 74 28.47 18.88 -11.63
CA GLU L 74 28.53 17.87 -10.58
C GLU L 74 28.10 16.46 -11.04
N SER L 75 26.96 16.38 -11.71
CA SER L 75 26.42 15.11 -12.24
C SER L 75 27.49 14.27 -12.92
N THR L 76 28.03 14.76 -14.04
CA THR L 76 29.01 13.99 -14.82
C THR L 76 30.42 14.02 -14.21
N SER L 77 30.62 14.86 -13.19
CA SER L 77 31.89 14.96 -12.45
C SER L 77 33.01 15.56 -13.32
N THR L 78 32.66 16.62 -14.04
CA THR L 78 33.54 17.30 -14.98
C THR L 78 33.85 18.73 -14.49
N ALA L 79 35.12 19.08 -14.56
CA ALA L 79 35.54 20.45 -14.30
C ALA L 79 35.81 21.13 -15.64
N TYR L 80 35.64 22.44 -15.66
CA TYR L 80 35.90 23.23 -16.86
C TYR L 80 36.88 24.34 -16.53
N MET L 81 37.51 24.87 -17.59
CA MET L 81 38.48 25.97 -17.45
C MET L 81 38.35 27.02 -18.57
N GLU L 82 37.79 28.18 -18.25
CA GLU L 82 37.59 29.24 -19.24
C GLU L 82 38.64 30.33 -19.05
N LEU L 83 39.20 30.77 -20.17
CA LEU L 83 40.28 31.74 -20.21
C LEU L 83 39.90 32.91 -21.16
N SER L 84 40.10 34.15 -20.70
CA SER L 84 39.62 35.34 -21.40
C SER L 84 40.74 36.26 -21.88
N SER L 85 40.54 36.87 -23.06
CA SER L 85 41.50 37.79 -23.69
C SER L 85 42.88 37.15 -23.78
N LEU L 86 43.02 36.20 -24.68
CA LEU L 86 44.25 35.40 -24.79
C LEU L 86 45.35 36.13 -25.51
N ARG L 87 46.57 36.03 -24.95
CA ARG L 87 47.77 36.64 -25.54
C ARG L 87 48.57 35.59 -26.30
N SER L 88 49.68 36.03 -26.92
CA SER L 88 50.62 35.13 -27.61
C SER L 88 51.31 34.16 -26.63
N GLU L 89 51.59 34.64 -25.42
CA GLU L 89 52.33 33.87 -24.41
C GLU L 89 51.51 32.83 -23.60
N ASP L 90 50.18 32.93 -23.68
CA ASP L 90 49.27 31.91 -23.12
C ASP L 90 49.32 30.58 -23.87
N THR L 91 49.88 30.60 -25.09
CA THR L 91 50.19 29.39 -25.87
C THR L 91 50.93 28.38 -25.02
N ALA L 92 50.30 27.24 -24.77
CA ALA L 92 50.82 26.30 -23.77
C ALA L 92 50.12 24.94 -23.81
N VAL L 93 50.56 24.03 -22.91
CA VAL L 93 49.88 22.76 -22.62
C VAL L 93 49.23 22.86 -21.24
N TYR L 94 47.92 22.64 -21.17
CA TYR L 94 47.16 22.81 -19.92
C TYR L 94 46.77 21.43 -19.35
N TYR L 95 47.16 21.19 -18.09
CA TYR L 95 46.89 19.94 -17.37
C TYR L 95 45.89 20.17 -16.25
N CYS L 96 44.98 19.24 -16.08
CA CYS L 96 44.13 19.18 -14.89
C CYS L 96 44.65 18.08 -14.00
N ALA L 97 44.46 18.27 -12.71
CA ALA L 97 45.00 17.35 -11.72
C ALA L 97 44.06 17.32 -10.55
N ARG L 98 43.74 16.11 -10.13
CA ARG L 98 42.55 15.92 -9.33
C ARG L 98 42.78 16.00 -7.82
N GLY L 99 43.87 15.44 -7.31
CA GLY L 99 44.08 15.41 -5.86
C GLY L 99 43.15 14.50 -5.05
N PRO L 100 43.62 13.99 -3.90
CA PRO L 100 43.07 12.81 -3.24
C PRO L 100 41.77 13.07 -2.51
N TYR L 101 41.47 14.32 -2.20
CA TYR L 101 40.14 14.65 -1.72
C TYR L 101 39.80 16.11 -1.98
N TYR L 102 38.54 16.45 -1.75
CA TYR L 102 38.05 17.82 -1.89
C TYR L 102 38.80 18.66 -0.84
N TYR L 103 39.53 19.68 -1.26
CA TYR L 103 40.15 20.58 -0.31
C TYR L 103 40.50 21.93 -0.93
N GLY L 104 41.39 22.05 -1.94
CA GLY L 104 42.31 21.02 -2.48
C GLY L 104 43.73 21.28 -2.00
N ASN L 105 44.48 20.19 -1.76
CA ASN L 105 45.85 20.24 -1.18
C ASN L 105 46.83 19.36 -2.00
N SER L 106 47.29 18.16 -1.59
CA SER L 106 48.31 17.43 -2.43
C SER L 106 47.75 17.08 -3.83
N HIS L 107 48.60 16.64 -4.79
CA HIS L 107 48.08 16.06 -6.06
C HIS L 107 48.43 14.60 -6.16
N ASP L 109 47.88 13.90 -7.16
CA ASP L 109 48.04 12.41 -7.26
C ASP L 109 47.81 11.81 -8.63
N PHE L 110 46.75 12.24 -9.29
CA PHE L 110 46.40 11.77 -10.62
C PHE L 110 46.32 12.97 -11.53
N TRP L 111 47.11 12.91 -12.60
CA TRP L 111 47.26 14.01 -13.52
C TRP L 111 46.60 13.63 -14.82
N GLY L 112 46.16 14.64 -15.56
CA GLY L 112 45.40 14.39 -16.80
C GLY L 112 46.28 13.96 -17.96
N GLN L 113 45.93 14.40 -19.15
CA GLN L 113 46.72 14.14 -20.33
C GLN L 113 47.32 15.44 -20.83
N GLY L 114 46.46 16.46 -20.98
CA GLY L 114 46.85 17.78 -21.44
C GLY L 114 46.11 18.19 -22.70
N THR L 115 46.27 19.45 -23.05
CA THR L 115 45.57 20.05 -24.20
C THR L 115 46.44 21.17 -24.81
N MET L 116 46.88 20.97 -26.05
CA MET L 116 47.63 22.04 -26.76
C MET L 116 46.69 23.17 -27.14
N VAL L 117 47.02 24.39 -26.72
CA VAL L 117 46.26 25.58 -27.08
C VAL L 117 47.19 26.64 -27.68
N THR L 118 47.04 26.85 -28.99
CA THR L 118 47.91 27.73 -29.74
C THR L 118 47.17 29.05 -29.97
N VAL L 119 47.87 30.17 -29.72
CA VAL L 119 47.31 31.50 -29.90
C VAL L 119 48.28 32.31 -30.75
N SER L 120 48.17 32.17 -32.08
CA SER L 120 48.95 32.97 -33.04
C SER L 120 48.17 33.53 -34.26
N SER L 121 46.94 33.05 -34.50
CA SER L 121 46.12 33.49 -35.64
C SER L 121 46.79 33.25 -37.00
N ALA L 122 46.80 32.00 -37.42
CA ALA L 122 47.43 31.60 -38.68
C ALA L 122 46.56 30.61 -39.41
N SER L 123 46.74 30.58 -40.73
CA SER L 123 46.04 29.61 -41.58
C SER L 123 46.65 28.23 -41.41
N THR L 124 45.82 27.19 -41.57
CA THR L 124 46.26 25.80 -41.53
C THR L 124 46.91 25.38 -42.87
N LYS L 125 48.12 25.89 -43.13
CA LYS L 125 48.83 25.63 -44.39
C LYS L 125 49.68 24.36 -44.24
N GLY L 126 49.73 23.57 -45.30
CA GLY L 126 50.53 22.35 -45.31
C GLY L 126 52.03 22.63 -45.28
N PRO L 127 52.83 21.63 -44.87
CA PRO L 127 54.29 21.77 -44.80
C PRO L 127 54.99 21.56 -46.15
N SER L 128 55.85 22.51 -46.53
CA SER L 128 56.64 22.39 -47.75
C SER L 128 57.85 21.47 -47.49
N VAL L 129 57.82 20.26 -48.07
CA VAL L 129 58.93 19.29 -47.95
C VAL L 129 59.95 19.46 -49.08
N PHE L 130 61.20 19.77 -48.72
CA PHE L 130 62.27 19.99 -49.70
C PHE L 130 63.42 18.99 -49.51
N PRO L 131 63.97 18.42 -50.61
CA PRO L 131 65.05 17.43 -50.48
C PRO L 131 66.43 18.04 -50.18
N LEU L 132 67.04 17.68 -49.05
CA LEU L 132 68.42 18.07 -48.68
C LEU L 132 69.44 17.01 -49.12
N ALA L 133 70.59 17.48 -49.62
CA ALA L 133 71.62 16.61 -50.21
C ALA L 133 72.88 16.56 -49.34
N PRO L 134 73.63 15.43 -49.38
CA PRO L 134 74.92 15.32 -48.67
C PRO L 134 76.12 15.88 -49.46
N SER L 135 76.87 16.79 -48.85
CA SER L 135 78.04 17.45 -49.49
C SER L 135 79.34 16.76 -49.04
N SER L 136 80.21 16.43 -50.01
CA SER L 136 81.49 15.76 -49.72
C SER L 136 82.64 16.74 -49.94
N GLY L 141 83.24 7.97 -44.79
CA GLY L 141 82.60 7.02 -43.87
C GLY L 141 81.12 7.26 -43.72
N THR L 142 80.71 7.87 -42.59
CA THR L 142 79.32 8.13 -42.26
C THR L 142 78.89 9.58 -42.59
N ALA L 143 77.78 9.70 -43.31
CA ALA L 143 77.21 10.99 -43.74
C ALA L 143 75.77 11.15 -43.26
N ALA L 144 75.20 12.34 -43.46
CA ALA L 144 73.82 12.67 -43.05
C ALA L 144 73.02 13.33 -44.18
N LEU L 145 71.75 12.92 -44.32
CA LEU L 145 70.81 13.47 -45.31
C LEU L 145 69.37 13.37 -44.79
N GLY L 146 68.52 14.31 -45.18
CA GLY L 146 67.13 14.32 -44.70
C GLY L 146 66.16 15.30 -45.31
N CYS L 147 64.98 15.37 -44.70
CA CYS L 147 63.85 16.17 -45.19
C CYS L 147 63.69 17.46 -44.41
N LEU L 148 63.65 18.59 -45.13
CA LEU L 148 63.41 19.91 -44.53
C LEU L 148 61.92 20.21 -44.61
N VAL L 149 61.30 20.46 -43.46
CA VAL L 149 59.86 20.74 -43.33
C VAL L 149 59.62 22.18 -42.81
N LYS L 150 59.29 23.09 -43.73
CA LYS L 150 59.20 24.53 -43.44
C LYS L 150 57.78 25.07 -43.65
N ASP L 151 57.44 26.08 -42.86
CA ASP L 151 56.19 26.85 -43.00
C ASP L 151 54.92 25.97 -42.95
N TYR L 152 54.53 25.64 -41.72
CA TYR L 152 53.30 24.89 -41.47
C TYR L 152 52.70 25.31 -40.13
N PHE L 153 51.45 24.91 -39.92
CA PHE L 153 50.65 25.31 -38.76
C PHE L 153 49.45 24.39 -38.61
N PRO L 154 49.19 23.82 -37.43
CA PRO L 154 50.05 23.82 -36.25
C PRO L 154 50.52 22.36 -35.97
N GLU L 155 50.95 22.05 -34.74
CA GLU L 155 51.47 20.73 -34.38
C GLU L 155 50.40 19.62 -34.46
N PRO L 156 50.76 18.35 -34.68
CA PRO L 156 52.12 17.84 -34.82
C PRO L 156 52.52 17.51 -36.28
N VAL L 157 53.71 16.95 -36.45
CA VAL L 157 54.21 16.50 -37.77
C VAL L 157 55.06 15.24 -37.61
N THR L 158 54.40 14.09 -37.60
CA THR L 158 55.11 12.80 -37.49
C THR L 158 55.68 12.39 -38.85
N VAL L 159 56.91 11.84 -38.84
CA VAL L 159 57.65 11.50 -40.07
C VAL L 159 58.03 10.02 -40.15
N SER L 160 57.43 9.30 -41.12
CA SER L 160 57.72 7.88 -41.39
C SER L 160 58.79 7.73 -42.46
N TRP L 161 60.04 7.48 -42.05
CA TRP L 161 61.14 7.22 -42.99
C TRP L 161 61.01 5.83 -43.60
N ASN L 162 60.77 5.79 -44.92
CA ASN L 162 60.52 4.54 -45.69
C ASN L 162 59.37 3.68 -45.14
N SER L 163 58.35 4.35 -44.58
CA SER L 163 57.22 3.69 -43.90
C SER L 163 57.66 2.73 -42.78
N GLY L 164 58.58 3.21 -41.92
CA GLY L 164 59.10 2.44 -40.78
C GLY L 164 60.24 1.46 -41.06
N ALA L 165 60.75 1.44 -42.29
CA ALA L 165 61.82 0.51 -42.70
C ALA L 165 63.21 0.90 -42.20
N LEU L 166 63.45 2.22 -42.12
CA LEU L 166 64.71 2.76 -41.56
C LEU L 166 64.36 3.79 -40.48
N THR L 167 64.43 3.35 -39.21
CA THR L 167 64.12 4.18 -38.03
C THR L 167 65.21 4.20 -36.93
N SER L 168 66.40 3.63 -37.20
CA SER L 168 67.53 3.59 -36.23
C SER L 168 68.57 4.69 -36.44
N GLY L 169 68.64 5.63 -35.49
CA GLY L 169 69.50 6.82 -35.58
C GLY L 169 68.83 8.04 -36.18
N VAL L 170 67.50 8.04 -36.27
CA VAL L 170 66.73 9.21 -36.75
C VAL L 170 66.51 10.16 -35.58
N HIS L 171 66.79 11.44 -35.82
CA HIS L 171 66.65 12.49 -34.81
C HIS L 171 65.69 13.56 -35.32
N THR L 172 64.49 13.60 -34.76
CA THR L 172 63.49 14.63 -35.11
C THR L 172 63.60 15.77 -34.10
N PHE L 173 63.96 16.94 -34.61
CA PHE L 173 64.16 18.13 -33.80
C PHE L 173 62.81 18.78 -33.50
N PRO L 174 62.61 19.29 -32.27
CA PRO L 174 61.42 20.08 -31.98
C PRO L 174 61.39 21.43 -32.71
N ALA L 175 60.20 21.84 -33.17
CA ALA L 175 60.06 23.02 -34.04
C ALA L 175 60.27 24.34 -33.32
N VAL L 176 60.24 25.43 -34.09
CA VAL L 176 60.40 26.78 -33.56
C VAL L 176 59.44 27.76 -34.23
N LEU L 177 58.95 28.71 -33.44
CA LEU L 177 58.07 29.77 -33.96
C LEU L 177 58.95 30.83 -34.61
N GLN L 178 58.69 31.12 -35.90
CA GLN L 178 59.42 32.15 -36.64
C GLN L 178 58.87 33.55 -36.32
N SER L 179 59.62 34.58 -36.70
CA SER L 179 59.12 35.97 -36.68
C SER L 179 57.86 36.09 -37.56
N SER L 180 57.86 35.36 -38.67
CA SER L 180 56.70 35.16 -39.55
C SER L 180 55.45 34.65 -38.79
N GLY L 181 55.67 33.72 -37.86
CA GLY L 181 54.60 33.15 -37.03
C GLY L 181 54.15 31.79 -37.52
N LEU L 182 55.12 31.01 -38.04
CA LEU L 182 54.88 29.69 -38.59
C LEU L 182 55.91 28.72 -38.03
N TYR L 183 55.47 27.48 -37.80
CA TYR L 183 56.34 26.45 -37.23
C TYR L 183 57.27 25.91 -38.34
N SER L 184 58.43 25.41 -37.93
CA SER L 184 59.42 24.86 -38.88
C SER L 184 60.45 24.01 -38.14
N LEU L 185 60.70 22.80 -38.65
CA LEU L 185 61.71 21.88 -38.07
C LEU L 185 62.48 21.11 -39.13
N SER L 186 63.55 20.45 -38.69
CA SER L 186 64.36 19.59 -39.55
C SER L 186 64.33 18.14 -39.06
N SER L 187 64.81 17.20 -39.86
CA SER L 187 64.95 15.79 -39.51
C SER L 187 66.02 15.13 -40.37
N VAL L 188 66.91 14.38 -39.72
CA VAL L 188 68.09 13.78 -40.36
C VAL L 188 68.33 12.35 -39.87
N VAL L 189 69.09 11.60 -40.65
CA VAL L 189 69.44 10.21 -40.35
C VAL L 189 70.87 9.93 -40.82
N THR L 190 71.66 9.28 -39.97
CA THR L 190 73.03 8.90 -40.31
C THR L 190 73.05 7.53 -40.97
N VAL L 191 73.76 7.42 -42.09
CA VAL L 191 73.81 6.18 -42.88
C VAL L 191 75.21 6.04 -43.53
N PRO L 192 75.76 4.80 -43.67
CA PRO L 192 77.04 4.64 -44.36
C PRO L 192 77.01 4.97 -45.86
N SER L 193 78.18 5.30 -46.43
CA SER L 193 78.30 5.58 -47.86
C SER L 193 78.13 4.34 -48.75
N SER L 194 78.16 3.14 -48.15
CA SER L 194 77.89 1.86 -48.87
C SER L 194 76.56 1.82 -49.61
N SER L 195 75.54 2.49 -49.07
CA SER L 195 74.22 2.56 -49.70
C SER L 195 73.70 4.01 -49.77
N LEU L 196 74.53 4.92 -50.28
CA LEU L 196 74.18 6.33 -50.50
C LEU L 196 73.55 6.51 -51.87
N GLY L 197 74.25 6.04 -52.90
CA GLY L 197 73.73 6.04 -54.27
C GLY L 197 73.22 4.68 -54.71
N THR L 198 72.64 3.90 -53.79
CA THR L 198 72.07 2.57 -54.07
C THR L 198 70.61 2.42 -53.61
N GLN L 199 70.39 2.58 -52.29
CA GLN L 199 69.04 2.52 -51.68
C GLN L 199 68.47 3.95 -51.58
N THR L 200 67.45 4.24 -52.41
CA THR L 200 66.80 5.56 -52.40
C THR L 200 65.93 5.69 -51.15
N TYR L 201 66.17 6.76 -50.37
CA TYR L 201 65.45 7.01 -49.12
C TYR L 201 64.43 8.13 -49.30
N ILE L 202 63.17 7.83 -48.94
CA ILE L 202 62.02 8.72 -49.15
C ILE L 202 61.27 8.85 -47.82
N CYS L 203 60.92 10.08 -47.42
CA CYS L 203 60.19 10.33 -46.18
C CYS L 203 58.70 10.64 -46.42
N ASN L 204 57.87 10.24 -45.46
CA ASN L 204 56.41 10.44 -45.49
C ASN L 204 55.97 11.46 -44.45
N VAL L 205 55.91 12.73 -44.82
CA VAL L 205 55.45 13.78 -43.90
C VAL L 205 53.91 13.75 -43.86
N ASN L 206 53.34 13.79 -42.66
CA ASN L 206 51.89 13.64 -42.46
C ASN L 206 51.15 14.98 -42.36
N HIS L 207 51.31 15.68 -41.23
CA HIS L 207 50.48 16.86 -40.87
C HIS L 207 48.98 16.55 -40.92
N LYS L 208 48.42 16.27 -39.76
CA LYS L 208 47.03 15.85 -39.64
C LYS L 208 46.00 16.95 -39.95
N PRO L 209 46.18 18.18 -39.41
CA PRO L 209 45.12 19.20 -39.57
C PRO L 209 44.90 19.84 -40.97
N SER L 210 45.75 19.54 -41.96
CA SER L 210 45.49 19.89 -43.37
C SER L 210 45.30 18.69 -44.32
N ASN L 211 45.63 17.48 -43.85
CA ASN L 211 45.64 16.24 -44.68
C ASN L 211 46.69 16.23 -45.80
N THR L 212 47.77 17.03 -45.65
CA THR L 212 48.76 17.23 -46.72
C THR L 212 49.71 16.03 -46.84
N LYS L 213 49.47 15.20 -47.85
CA LYS L 213 50.27 14.01 -48.12
C LYS L 213 51.10 14.18 -49.40
N VAL L 214 52.33 14.67 -49.23
CA VAL L 214 53.30 14.83 -50.34
C VAL L 214 54.66 14.24 -49.91
N ASP L 215 55.04 13.12 -50.51
CA ASP L 215 56.36 12.49 -50.26
C ASP L 215 57.46 13.20 -51.04
N LYS L 216 58.72 12.86 -50.76
CA LYS L 216 59.86 13.49 -51.45
C LYS L 216 61.12 12.61 -51.47
N LYS L 217 61.62 12.33 -52.67
CA LYS L 217 62.86 11.56 -52.90
C LYS L 217 64.06 12.36 -52.39
N VAL L 218 65.08 11.65 -51.92
CA VAL L 218 66.33 12.25 -51.44
C VAL L 218 67.52 11.66 -52.21
N GLU L 219 68.19 12.49 -53.00
CA GLU L 219 69.27 12.09 -53.90
C GLU L 219 70.49 13.02 -53.75
N PRO L 220 71.71 12.52 -54.06
CA PRO L 220 72.88 13.40 -54.19
C PRO L 220 72.88 14.18 -55.54
N LYS L 221 73.38 15.42 -55.51
CA LYS L 221 73.27 16.34 -56.66
C LYS L 221 74.10 15.89 -57.87
N ILE M 2 53.94 32.87 -1.95
CA ILE M 2 55.16 32.15 -1.51
C ILE M 2 55.90 31.63 -2.72
N VAL M 3 57.04 32.22 -3.05
CA VAL M 3 57.80 31.79 -4.24
C VAL M 3 58.78 30.70 -3.79
N LEU M 4 58.75 29.57 -4.48
CA LEU M 4 59.72 28.49 -4.26
C LEU M 4 60.79 28.49 -5.32
N THR M 5 62.03 28.31 -4.86
CA THR M 5 63.20 28.24 -5.73
C THR M 5 63.82 26.85 -5.56
N GLN M 6 64.06 26.15 -6.67
CA GLN M 6 64.76 24.87 -6.66
C GLN M 6 66.22 25.07 -7.02
N SER M 7 67.04 24.11 -6.59
CA SER M 7 68.45 24.07 -6.97
C SER M 7 69.04 22.69 -6.71
N PRO M 8 69.89 22.17 -7.59
CA PRO M 8 70.36 22.86 -8.79
C PRO M 8 69.45 22.62 -9.98
N GLY M 9 69.43 23.60 -10.88
CA GLY M 9 68.63 23.56 -12.11
C GLY M 9 68.94 22.41 -13.07
N THR M 10 70.18 21.94 -13.04
CA THR M 10 70.58 20.75 -13.81
C THR M 10 71.63 19.97 -13.02
N LEU M 11 71.35 18.69 -12.76
CA LEU M 11 72.32 17.75 -12.20
C LEU M 11 72.87 16.86 -13.29
N SER M 12 74.17 16.61 -13.26
CA SER M 12 74.81 15.70 -14.21
C SER M 12 75.40 14.54 -13.42
N LEU M 13 74.62 13.46 -13.29
CA LEU M 13 74.99 12.33 -12.45
C LEU M 13 74.90 10.99 -13.17
N SER M 14 75.76 10.06 -12.77
CA SER M 14 75.86 8.74 -13.40
C SER M 14 74.87 7.77 -12.81
N PRO M 15 74.51 6.71 -13.57
CA PRO M 15 73.62 5.68 -13.02
C PRO M 15 74.21 4.91 -11.82
N GLY M 16 73.59 5.07 -10.64
CA GLY M 16 74.09 4.50 -9.38
C GLY M 16 74.24 5.50 -8.25
N GLU M 17 74.71 6.72 -8.57
CA GLU M 17 75.03 7.76 -7.58
C GLU M 17 73.78 8.30 -6.86
N ARG M 18 73.97 9.18 -5.86
CA ARG M 18 72.85 9.88 -5.18
C ARG M 18 72.67 11.31 -5.71
N ALA M 19 71.41 11.66 -5.98
CA ALA M 19 71.01 13.03 -6.34
C ALA M 19 70.36 13.73 -5.16
N THR M 20 70.58 15.03 -5.04
CA THR M 20 70.11 15.80 -3.88
C THR M 20 69.54 17.15 -4.32
N LEU M 21 68.23 17.17 -4.54
CA LEU M 21 67.50 18.33 -4.99
C LEU M 21 67.06 19.18 -3.81
N SER M 22 67.23 20.49 -3.91
CA SER M 22 66.84 21.42 -2.85
C SER M 22 65.57 22.18 -3.26
N CYS M 23 64.87 22.72 -2.25
CA CYS M 23 63.68 23.56 -2.45
C CYS M 23 63.58 24.56 -1.28
N ARG M 24 63.95 25.81 -1.53
CA ARG M 24 63.87 26.87 -0.51
C ARG M 24 62.62 27.71 -0.73
N ALA M 25 62.01 28.13 0.37
CA ALA M 25 60.73 28.87 0.36
C ALA M 25 60.92 30.30 0.82
N SER M 26 60.37 31.26 0.06
CA SER M 26 60.47 32.69 0.38
C SER M 26 60.03 32.99 1.81
N GLN M 27 59.01 32.27 2.26
CA GLN M 27 58.58 32.27 3.66
C GLN M 27 58.12 30.87 4.00
N SER M 28 57.76 30.81 6.58
CA SER M 28 57.75 29.36 6.72
C SER M 28 56.62 28.75 5.88
N VAL M 29 56.79 27.46 5.52
CA VAL M 29 55.76 26.69 4.80
C VAL M 29 54.80 26.03 5.78
N SER M 30 53.54 26.45 5.66
CA SER M 30 52.49 26.16 6.64
C SER M 30 52.31 24.63 6.88
N SER M 31 52.87 24.15 7.99
CA SER M 31 52.66 22.79 8.54
C SER M 31 53.23 21.59 7.74
N ASN M 32 54.30 21.81 6.97
CA ASN M 32 54.95 20.77 6.14
C ASN M 32 54.04 20.18 5.06
N TYR M 33 53.37 21.06 4.32
CA TYR M 33 52.59 20.67 3.14
C TYR M 33 53.35 21.06 1.87
N LEU M 34 54.34 20.23 1.55
CA LEU M 34 55.12 20.40 0.35
C LEU M 34 55.13 19.09 -0.37
N ALA M 35 55.19 19.15 -1.69
CA ALA M 35 55.16 17.93 -2.50
C ALA M 35 56.15 18.00 -3.63
N TRP M 36 56.59 16.81 -4.05
CA TRP M 36 57.50 16.64 -5.17
C TRP M 36 56.77 15.91 -6.30
N PHE M 37 57.10 16.22 -7.54
CA PHE M 37 56.48 15.56 -8.70
C PHE M 37 57.57 15.26 -9.76
N GLN M 38 57.36 14.23 -10.57
CA GLN M 38 58.31 13.84 -11.63
C GLN M 38 57.66 13.86 -13.01
N GLN M 39 58.25 14.58 -13.97
CA GLN M 39 57.71 14.68 -15.32
C GLN M 39 58.75 14.24 -16.33
N LYS M 40 58.41 13.22 -17.14
CA LYS M 40 59.23 12.87 -18.30
C LYS M 40 58.81 13.65 -19.56
N PRO M 41 59.69 13.67 -20.58
CA PRO M 41 59.31 14.39 -21.82
C PRO M 41 58.14 13.71 -22.54
N GLY M 42 57.13 14.49 -22.91
CA GLY M 42 55.94 13.97 -23.62
C GLY M 42 54.80 13.48 -22.73
N GLN M 43 55.09 13.15 -21.48
CA GLN M 43 54.08 12.65 -20.51
C GLN M 43 53.64 13.77 -19.56
N ALA M 44 52.68 13.45 -18.70
CA ALA M 44 52.24 14.33 -17.64
C ALA M 44 53.01 14.02 -16.36
N PRO M 45 52.92 14.89 -15.32
CA PRO M 45 53.55 14.61 -14.04
C PRO M 45 53.03 13.37 -13.27
N ARG M 46 53.91 12.79 -12.46
CA ARG M 46 53.58 11.77 -11.46
C ARG M 46 53.73 12.38 -10.10
N LEU M 47 52.99 11.86 -9.12
CA LEU M 47 53.26 12.23 -7.74
C LEU M 47 54.40 11.40 -7.21
N LEU M 48 55.30 12.03 -6.48
CA LEU M 48 56.37 11.33 -5.78
C LEU M 48 56.18 11.33 -4.29
N ILE M 49 56.06 12.51 -3.70
CA ILE M 49 56.05 12.65 -2.25
C ILE M 49 55.20 13.82 -1.84
N TYR M 50 54.38 13.61 -0.82
CA TYR M 50 53.54 14.65 -0.22
C TYR M 50 53.82 14.74 1.27
N GLY M 51 53.37 15.84 1.86
CA GLY M 51 53.58 16.10 3.28
C GLY M 51 55.05 16.09 3.67
N ALA M 52 55.88 16.68 2.82
CA ALA M 52 57.34 16.77 3.02
C ALA M 52 58.11 15.46 2.79
N SER M 53 57.70 14.39 3.46
CA SER M 53 58.45 13.12 3.48
C SER M 53 57.66 11.81 3.24
N ASN M 54 56.33 11.86 3.16
CA ASN M 54 55.51 10.64 2.97
C ASN M 54 55.46 10.21 1.51
N ARG M 55 55.94 8.99 1.24
CA ARG M 55 55.91 8.42 -0.11
C ARG M 55 54.47 8.19 -0.57
N ALA M 56 54.24 8.31 -1.86
CA ALA M 56 52.95 7.93 -2.45
C ALA M 56 52.97 6.47 -2.85
N THR M 57 51.79 5.96 -3.14
CA THR M 57 51.60 4.56 -3.46
C THR M 57 52.15 4.20 -4.84
N GLY M 58 52.92 3.12 -4.88
CA GLY M 58 53.57 2.65 -6.11
C GLY M 58 54.88 3.34 -6.38
N ILE M 59 55.71 3.47 -5.34
CA ILE M 59 56.97 4.22 -5.44
C ILE M 59 58.08 3.52 -4.64
N PRO M 60 59.26 3.31 -5.28
CA PRO M 60 60.43 2.74 -4.59
C PRO M 60 60.87 3.49 -3.32
N ASP M 61 61.57 2.79 -2.43
CA ASP M 61 62.09 3.40 -1.20
C ASP M 61 63.28 4.35 -1.44
N ARG M 62 63.89 4.29 -2.62
CA ARG M 62 65.03 5.17 -2.93
C ARG M 62 64.66 6.65 -3.00
N PHE M 63 63.43 6.95 -3.39
CA PHE M 63 62.87 8.30 -3.31
C PHE M 63 62.50 8.60 -1.85
N SER M 64 63.06 9.65 -1.27
CA SER M 64 62.76 10.02 0.11
C SER M 64 62.95 11.51 0.34
N GLY M 65 62.03 12.07 1.14
CA GLY M 65 61.99 13.51 1.38
C GLY M 65 62.33 13.87 2.80
N SER M 66 62.61 15.16 3.01
CA SER M 66 62.99 15.65 4.33
C SER M 66 62.96 17.17 4.36
N GLY M 67 63.17 17.71 5.57
CA GLY M 67 63.22 19.13 5.82
C GLY M 67 61.99 19.60 6.56
N SER M 68 61.97 20.89 6.86
CA SER M 68 60.80 21.56 7.42
C SER M 68 61.02 23.08 7.46
N GLY M 69 59.95 23.80 7.71
CA GLY M 69 60.00 25.26 7.86
C GLY M 69 60.17 26.00 6.54
N THR M 70 61.42 26.27 6.18
CA THR M 70 61.74 26.98 4.94
C THR M 70 62.59 26.16 3.95
N ASP M 71 63.35 25.18 4.45
CA ASP M 71 64.28 24.38 3.63
C ASP M 71 63.79 22.93 3.50
N PHE M 72 63.73 22.44 2.25
CA PHE M 72 63.29 21.06 1.94
C PHE M 72 64.19 20.39 0.90
N THR M 73 64.33 19.08 1.05
CA THR M 73 65.29 18.29 0.29
C THR M 73 64.68 16.95 -0.14
N LEU M 74 64.81 16.62 -1.42
CA LEU M 74 64.40 15.33 -1.98
C LEU M 74 65.66 14.60 -2.40
N ALA M 75 65.81 13.36 -1.92
CA ALA M 75 66.99 12.55 -2.21
C ALA M 75 66.63 11.25 -2.91
N ILE M 76 67.45 10.88 -3.88
CA ILE M 76 67.31 9.62 -4.63
C ILE M 76 68.62 8.86 -4.46
N SER M 77 68.55 7.65 -3.92
CA SER M 77 69.76 6.91 -3.49
C SER M 77 70.54 6.27 -4.64
N ARG M 78 69.87 5.38 -5.39
CA ARG M 78 70.47 4.66 -6.54
C ARG M 78 69.76 5.03 -7.82
N LEU M 79 70.29 6.01 -8.54
CA LEU M 79 69.73 6.44 -9.82
C LEU M 79 69.76 5.29 -10.83
N GLU M 80 68.66 5.17 -11.58
CA GLU M 80 68.49 4.11 -12.59
C GLU M 80 67.92 4.76 -13.86
N PRO M 81 68.03 4.09 -15.02
CA PRO M 81 67.67 4.73 -16.30
C PRO M 81 66.33 5.49 -16.31
N GLU M 82 65.34 4.95 -15.61
CA GLU M 82 64.00 5.53 -15.59
C GLU M 82 63.85 6.85 -14.84
N ASP M 83 64.78 7.20 -13.95
CA ASP M 83 64.64 8.39 -13.08
C ASP M 83 65.07 9.73 -13.70
N PHE M 84 65.75 9.66 -14.83
CA PHE M 84 66.27 10.89 -15.43
C PHE M 84 65.13 11.65 -16.07
N ALA M 85 64.74 12.74 -15.42
CA ALA M 85 63.62 13.61 -15.85
C ALA M 85 63.62 14.91 -15.01
N VAL M 86 62.59 15.74 -15.17
CA VAL M 86 62.48 17.01 -14.41
C VAL M 86 61.74 16.74 -13.09
N TYR M 87 62.08 17.50 -12.05
CA TYR M 87 61.50 17.32 -10.71
C TYR M 87 61.05 18.64 -10.13
N TYR M 88 59.77 18.73 -9.83
CA TYR M 88 59.15 19.96 -9.40
C TYR M 88 58.74 19.81 -7.95
N CYS M 89 59.11 20.75 -7.09
CA CYS M 89 58.48 20.84 -5.79
C CYS M 89 57.33 21.85 -5.86
N GLN M 90 56.27 21.60 -5.09
CA GLN M 90 55.20 22.59 -4.89
C GLN M 90 54.85 22.70 -3.42
N GLN M 91 54.48 23.89 -2.99
CA GLN M 91 53.85 24.09 -1.69
C GLN M 91 52.37 24.22 -1.96
N TYR M 92 51.58 23.69 -1.04
CA TYR M 92 50.13 23.74 -1.09
C TYR M 92 49.54 24.07 0.29
N GLY M 93 50.31 24.79 1.12
CA GLY M 93 49.87 25.19 2.45
C GLY M 93 48.83 26.30 2.39
N THR M 94 49.00 27.20 1.43
CA THR M 94 48.09 28.33 1.25
C THR M 94 47.97 28.69 -0.23
N SER M 95 46.82 29.24 -0.61
CA SER M 95 46.63 29.82 -1.94
C SER M 95 47.45 31.12 -2.05
N PRO M 96 48.10 31.41 -3.19
CA PRO M 96 48.22 30.52 -4.33
C PRO M 96 49.30 29.49 -4.09
N ARG M 97 49.10 28.32 -4.70
CA ARG M 97 49.94 27.13 -4.52
C ARG M 97 50.93 27.13 -5.66
N THR M 98 52.21 27.27 -5.35
CA THR M 98 53.20 27.54 -6.39
C THR M 98 54.13 26.36 -6.59
N PHE M 99 54.77 26.36 -7.75
CA PHE M 99 55.76 25.35 -8.11
C PHE M 99 57.16 25.94 -8.16
N GLY M 100 58.14 25.08 -7.93
CA GLY M 100 59.52 25.42 -8.23
C GLY M 100 59.70 25.42 -9.74
N GLN M 101 60.77 26.04 -10.20
CA GLN M 101 61.04 26.11 -11.63
C GLN M 101 62.12 25.09 -11.95
N GLY M 102 61.66 23.84 -12.06
CA GLY M 102 62.40 22.73 -12.69
C GLY M 102 63.86 22.43 -12.38
N THR M 103 64.11 21.43 -11.54
CA THR M 103 65.48 20.92 -11.31
C THR M 103 65.69 19.61 -12.07
N LYS M 104 66.20 19.70 -13.31
CA LYS M 104 66.43 18.51 -14.17
C LYS M 104 67.61 17.64 -13.74
N VAL M 105 67.50 16.34 -14.03
CA VAL M 105 68.54 15.35 -13.78
C VAL M 105 68.86 14.65 -15.09
N GLU M 106 70.10 14.78 -15.56
CA GLU M 106 70.59 14.13 -16.79
C GLU M 106 71.76 13.17 -16.54
N ILE M 107 71.98 12.28 -17.49
CA ILE M 107 73.05 11.29 -17.41
C ILE M 107 74.42 11.96 -17.64
N LYS M 108 75.43 11.55 -16.87
CA LYS M 108 76.82 11.97 -17.05
C LYS M 108 77.51 10.99 -18.00
N ARG M 109 78.39 11.52 -18.85
CA ARG M 109 79.01 10.74 -19.94
C ARG M 109 80.45 11.22 -20.22
N THR M 110 81.23 10.37 -20.88
CA THR M 110 82.51 10.76 -21.46
C THR M 110 82.29 11.84 -22.51
N VAL M 111 83.12 12.88 -22.49
CA VAL M 111 82.93 14.03 -23.39
C VAL M 111 83.20 13.58 -24.83
N ALA M 112 82.13 13.48 -25.62
CA ALA M 112 82.23 13.16 -27.06
C ALA M 112 82.01 14.42 -27.88
N ALA M 113 82.65 14.48 -29.05
CA ALA M 113 82.61 15.67 -29.91
C ALA M 113 81.50 15.55 -30.97
N PRO M 114 81.04 16.71 -31.51
CA PRO M 114 79.97 16.70 -32.51
C PRO M 114 80.46 16.51 -33.95
N SER M 115 79.86 15.53 -34.64
CA SER M 115 80.11 15.32 -36.07
C SER M 115 79.37 16.42 -36.87
N VAL M 116 80.08 17.52 -37.20
CA VAL M 116 79.44 18.69 -37.83
C VAL M 116 79.22 18.46 -39.33
N PHE M 117 78.01 18.79 -39.79
CA PHE M 117 77.64 18.78 -41.22
C PHE M 117 76.98 20.12 -41.60
N ILE M 118 76.75 20.31 -42.89
CA ILE M 118 76.06 21.50 -43.40
C ILE M 118 75.26 21.18 -44.67
N PHE M 119 74.10 21.82 -44.80
CA PHE M 119 73.18 21.61 -45.93
C PHE M 119 72.83 22.94 -46.60
N PRO M 120 73.20 23.11 -47.89
CA PRO M 120 72.72 24.27 -48.64
C PRO M 120 71.20 24.23 -48.89
N PRO M 121 70.61 25.39 -49.27
CA PRO M 121 69.17 25.39 -49.58
C PRO M 121 68.92 24.66 -50.88
N SER M 122 67.85 23.86 -50.88
CA SER M 122 67.49 23.06 -52.06
C SER M 122 67.06 23.95 -53.23
N ASP M 123 67.26 23.45 -54.45
CA ASP M 123 66.90 24.18 -55.67
C ASP M 123 65.38 24.43 -55.75
N GLU M 124 64.61 23.48 -55.24
CA GLU M 124 63.17 23.57 -55.21
C GLU M 124 62.61 24.56 -54.17
N GLN M 125 63.40 24.84 -53.13
CA GLN M 125 63.05 25.83 -52.11
C GLN M 125 63.25 27.27 -52.60
N LEU M 126 64.33 27.50 -53.34
CA LEU M 126 64.59 28.79 -53.98
C LEU M 126 63.50 29.18 -54.99
N LYS M 127 62.82 28.20 -55.59
CA LYS M 127 61.65 28.46 -56.46
C LYS M 127 60.54 29.23 -55.74
N SER M 128 60.39 29.00 -54.43
CA SER M 128 59.41 29.72 -53.59
C SER M 128 59.91 31.04 -52.95
N GLY M 129 61.14 31.46 -53.28
CA GLY M 129 61.67 32.76 -52.86
C GLY M 129 62.39 32.85 -51.53
N THR M 130 62.37 31.78 -50.74
CA THR M 130 63.04 31.73 -49.42
C THR M 130 64.18 30.71 -49.47
N ALA M 131 65.25 31.00 -48.73
CA ALA M 131 66.44 30.16 -48.67
C ALA M 131 66.79 29.79 -47.22
N SER M 132 66.84 28.48 -46.95
CA SER M 132 67.19 27.94 -45.63
C SER M 132 68.52 27.18 -45.71
N VAL M 133 69.48 27.61 -44.89
CA VAL M 133 70.77 26.94 -44.74
C VAL M 133 70.82 26.27 -43.38
N VAL M 134 70.96 24.94 -43.37
CA VAL M 134 70.94 24.16 -42.12
C VAL M 134 72.37 23.76 -41.73
N CYS M 135 72.67 23.85 -40.44
CA CYS M 135 73.96 23.41 -39.88
C CYS M 135 73.75 22.48 -38.68
N LEU M 136 74.04 21.20 -38.89
CA LEU M 136 73.71 20.14 -37.94
C LEU M 136 74.93 19.78 -37.09
N LEU M 137 74.69 19.53 -35.80
CA LEU M 137 75.68 18.95 -34.88
C LEU M 137 75.10 17.64 -34.35
N ASN M 138 75.82 16.53 -34.53
CA ASN M 138 75.25 15.20 -34.31
C ASN M 138 75.99 14.37 -33.23
N ASN M 139 75.23 13.99 -32.20
CA ASN M 139 75.66 13.06 -31.13
C ASN M 139 76.87 13.53 -30.34
N PHE M 140 76.63 14.49 -29.44
CA PHE M 140 77.66 15.07 -28.58
C PHE M 140 77.21 15.18 -27.12
N TYR M 141 78.15 15.56 -26.26
CA TYR M 141 77.87 15.80 -24.84
C TYR M 141 78.94 16.76 -24.27
N PRO M 142 78.58 17.74 -23.44
CA PRO M 142 77.24 18.01 -22.93
C PRO M 142 76.35 18.89 -23.83
N GLU M 144 75.19 21.79 -24.17
CA GLU M 144 75.66 23.17 -24.39
C GLU M 144 76.60 23.24 -25.58
N ALA M 145 76.46 24.29 -26.40
CA ALA M 145 77.34 24.56 -27.54
C ALA M 145 77.13 25.98 -28.07
N LYS M 146 78.00 26.41 -28.98
CA LYS M 146 77.87 27.71 -29.67
C LYS M 146 78.03 27.54 -31.18
N VAL M 147 77.00 27.95 -31.91
CA VAL M 147 76.98 27.88 -33.38
C VAL M 147 76.82 29.31 -33.89
N GLN M 148 77.75 29.72 -34.74
CA GLN M 148 77.77 31.08 -35.31
C GLN M 148 77.82 30.96 -36.83
N TRP M 149 77.08 31.84 -37.49
CA TRP M 149 77.02 31.85 -38.93
C TRP M 149 77.96 32.93 -39.51
N LYS M 150 78.55 32.60 -40.67
CA LYS M 150 79.42 33.51 -41.40
C LYS M 150 79.09 33.49 -42.90
N VAL M 151 78.64 34.64 -43.40
CA VAL M 151 78.35 34.85 -44.82
C VAL M 151 79.38 35.84 -45.39
N ASP M 152 80.24 35.33 -46.27
CA ASP M 152 81.45 36.05 -46.73
C ASP M 152 82.27 36.54 -45.54
N ASN M 153 82.55 35.60 -44.61
CA ASN M 153 83.31 35.84 -43.38
C ASN M 153 82.83 37.03 -42.53
N ALA M 154 81.51 37.28 -42.56
CA ALA M 154 80.87 38.35 -41.80
C ALA M 154 79.90 37.70 -40.79
N LEU M 155 80.09 38.01 -39.51
CA LEU M 155 79.38 37.35 -38.40
C LEU M 155 77.90 37.76 -38.29
N GLN M 156 76.99 36.79 -38.46
CA GLN M 156 75.54 37.04 -38.44
C GLN M 156 74.93 36.98 -37.04
N SER M 157 73.78 37.63 -36.88
CA SER M 157 72.99 37.60 -35.63
C SER M 157 71.59 38.18 -35.86
N GLY M 158 70.56 37.51 -35.29
CA GLY M 158 69.16 37.94 -35.41
C GLY M 158 68.33 37.35 -36.55
N ASN M 159 68.94 36.54 -37.41
CA ASN M 159 68.26 35.89 -38.56
C ASN M 159 68.36 34.34 -38.55
N SER M 160 68.62 33.78 -37.36
CA SER M 160 68.80 32.34 -37.18
C SER M 160 68.22 31.85 -35.84
N GLN M 161 67.68 30.63 -35.86
CA GLN M 161 67.17 29.96 -34.65
C GLN M 161 67.68 28.53 -34.63
N GLU M 162 67.72 27.96 -33.43
CA GLU M 162 68.28 26.62 -33.22
C GLU M 162 67.42 25.76 -32.29
N SER M 163 67.48 24.46 -32.51
CA SER M 163 66.70 23.48 -31.77
C SER M 163 67.60 22.35 -31.31
N VAL M 164 67.30 21.83 -30.12
CA VAL M 164 68.11 20.79 -29.43
C VAL M 164 67.22 19.56 -29.15
N THR M 165 67.73 18.35 -29.38
CA THR M 165 66.96 17.11 -29.10
C THR M 165 67.01 16.75 -27.64
N GLU M 166 66.25 15.73 -27.26
CA GLU M 166 66.30 15.22 -25.88
C GLU M 166 67.48 14.25 -25.81
N GLN M 167 68.00 14.08 -24.59
CA GLN M 167 69.13 13.20 -24.33
C GLN M 167 68.77 11.80 -24.78
N ASP M 168 69.64 11.19 -25.57
CA ASP M 168 69.29 9.97 -26.30
C ASP M 168 69.17 8.77 -25.37
N SER M 169 68.42 7.76 -25.84
CA SER M 169 68.12 6.56 -25.05
C SER M 169 69.34 5.69 -24.78
N LYS M 170 70.12 5.44 -25.83
CA LYS M 170 71.17 4.41 -25.82
C LYS M 170 72.58 4.96 -25.51
N ASP M 171 72.97 6.08 -26.14
CA ASP M 171 74.33 6.66 -25.96
C ASP M 171 74.40 7.93 -25.09
N SER M 172 73.25 8.50 -24.73
CA SER M 172 73.15 9.68 -23.86
C SER M 172 73.85 10.92 -24.43
N THR M 173 73.59 11.20 -25.71
CA THR M 173 74.13 12.37 -26.40
C THR M 173 73.01 13.29 -26.91
N TYR M 174 73.37 14.56 -27.10
CA TYR M 174 72.48 15.58 -27.64
C TYR M 174 72.77 15.79 -29.14
N SER M 175 71.78 16.32 -29.85
CA SER M 175 71.93 16.76 -31.24
C SER M 175 71.29 18.15 -31.41
N LEU M 176 71.84 18.96 -32.33
CA LEU M 176 71.43 20.36 -32.51
C LEU M 176 71.26 20.70 -34.01
N SER M 177 70.32 21.59 -34.34
CA SER M 177 70.08 22.00 -35.73
C SER M 177 69.77 23.50 -35.85
N SER M 178 70.79 24.28 -36.17
CA SER M 178 70.63 25.72 -36.43
C SER M 178 70.20 25.94 -37.88
N THR M 179 69.33 26.93 -38.08
CA THR M 179 68.73 27.19 -39.39
C THR M 179 68.77 28.68 -39.69
N LEU M 180 69.50 29.07 -40.73
CA LEU M 180 69.60 30.47 -41.18
C LEU M 180 68.57 30.72 -42.28
N THR M 181 67.73 31.75 -42.10
CA THR M 181 66.65 32.06 -43.03
C THR M 181 66.90 33.40 -43.73
N LEU M 182 66.88 33.38 -45.05
CA LEU M 182 67.04 34.59 -45.86
C LEU M 182 66.12 34.55 -47.09
N SER M 183 65.90 35.72 -47.67
CA SER M 183 65.22 35.85 -48.97
C SER M 183 66.20 35.46 -50.10
N LYS M 184 65.65 35.12 -51.27
CA LYS M 184 66.49 34.80 -52.44
C LYS M 184 67.34 36.01 -52.89
N ALA M 185 66.85 37.21 -52.63
CA ALA M 185 67.60 38.46 -52.87
C ALA M 185 68.90 38.55 -52.05
N ASP M 186 68.83 38.20 -50.77
CA ASP M 186 70.00 38.19 -49.87
C ASP M 186 70.86 36.91 -49.93
N TYR M 187 70.35 35.84 -50.57
CA TYR M 187 71.10 34.59 -50.72
C TYR M 187 72.09 34.65 -51.91
N GLU M 188 71.56 35.01 -53.09
CA GLU M 188 72.38 35.19 -54.30
C GLU M 188 73.29 36.43 -54.27
N LYS M 189 73.11 37.29 -53.26
CA LYS M 189 74.03 38.40 -52.96
C LYS M 189 75.47 37.95 -52.63
N HIS M 190 75.60 36.93 -51.79
CA HIS M 190 76.90 36.43 -51.32
C HIS M 190 77.26 35.05 -51.93
N LYS M 191 78.50 34.60 -51.70
CA LYS M 191 79.01 33.30 -52.22
C LYS M 191 79.41 32.30 -51.12
N VAL M 192 80.28 32.72 -50.20
CA VAL M 192 80.84 31.81 -49.16
C VAL M 192 79.90 31.75 -47.94
N TYR M 193 79.41 30.55 -47.62
CA TYR M 193 78.52 30.31 -46.45
C TYR M 193 79.17 29.33 -45.47
N ALA M 194 79.52 29.82 -44.27
CA ALA M 194 80.30 29.05 -43.30
C ALA M 194 79.64 28.99 -41.94
N CYS M 195 79.77 27.84 -41.28
CA CYS M 195 79.16 27.56 -39.98
C CYS M 195 80.25 27.11 -38.98
N GLU M 196 80.56 27.97 -38.01
CA GLU M 196 81.63 27.71 -37.03
C GLU M 196 81.07 27.21 -35.68
N VAL M 197 81.43 25.98 -35.30
CA VAL M 197 80.98 25.36 -34.04
C VAL M 197 82.06 25.48 -32.96
N THR M 198 81.67 25.86 -31.74
CA THR M 198 82.54 25.86 -30.55
C THR M 198 81.98 24.90 -29.50
N HIS M 199 82.84 24.07 -28.93
CA HIS M 199 82.43 23.01 -28.00
C HIS M 199 83.57 22.70 -27.03
N GLN M 200 83.26 22.00 -25.94
CA GLN M 200 84.29 21.56 -24.99
C GLN M 200 85.20 20.47 -25.56
N GLY M 201 84.58 19.42 -26.10
CA GLY M 201 85.29 18.26 -26.68
C GLY M 201 86.18 18.52 -27.89
N LEU M 202 86.03 19.67 -28.55
CA LEU M 202 86.93 20.10 -29.62
C LEU M 202 88.08 20.94 -29.06
N SER M 203 89.31 20.69 -29.53
CA SER M 203 90.49 21.45 -29.08
C SER M 203 90.43 22.90 -29.56
N SER M 204 90.01 23.12 -30.81
CA SER M 204 89.79 24.46 -31.40
C SER M 204 88.45 24.50 -32.16
N PRO M 205 87.98 25.71 -32.57
CA PRO M 205 86.68 25.78 -33.31
C PRO M 205 86.67 25.19 -34.75
N VAL M 206 85.89 24.12 -34.97
CA VAL M 206 85.73 23.49 -36.30
C VAL M 206 84.82 24.36 -37.17
N THR M 207 85.12 24.42 -38.47
CA THR M 207 84.31 25.17 -39.44
C THR M 207 84.00 24.29 -40.66
N LYS M 208 82.72 24.18 -41.00
CA LYS M 208 82.26 23.57 -42.26
C LYS M 208 81.60 24.64 -43.14
N SER M 209 81.80 24.53 -44.46
CA SER M 209 81.30 25.52 -45.41
C SER M 209 81.13 24.99 -46.82
N PHE M 210 80.53 25.82 -47.67
CA PHE M 210 80.39 25.56 -49.10
C PHE M 210 80.28 26.90 -49.82
N ASN M 211 80.61 26.92 -51.11
CA ASN M 211 80.40 28.09 -51.96
C ASN M 211 79.16 27.86 -52.84
N ARG M 212 78.47 28.95 -53.16
CA ARG M 212 77.17 28.91 -53.85
C ARG M 212 77.30 28.48 -55.31
N GLY M 213 76.71 27.33 -55.63
CA GLY M 213 76.68 26.79 -57.01
C GLY M 213 77.90 25.95 -57.35
N GLU M 214 78.21 24.98 -56.49
CA GLU M 214 79.42 24.13 -56.60
C GLU M 214 79.07 22.63 -56.65
N CYS M 215 79.92 21.88 -57.37
CA CYS M 215 79.81 20.42 -57.58
C CYS M 215 81.15 19.76 -57.15
N ASP N 1 27.25 35.43 -22.89
CA ASP N 1 26.50 36.56 -22.30
C ASP N 1 25.08 36.61 -22.87
N GLN N 2 24.13 37.06 -22.04
CA GLN N 2 22.73 37.32 -22.47
C GLN N 2 22.09 38.57 -21.84
N ILE N 3 21.24 39.24 -22.63
CA ILE N 3 20.29 40.29 -22.15
C ILE N 3 18.93 40.03 -22.73
N CYS N 4 17.96 39.84 -21.85
CA CYS N 4 16.61 39.44 -22.21
C CYS N 4 15.63 40.45 -21.61
N ILE N 5 14.55 40.77 -22.36
CA ILE N 5 13.51 41.75 -21.97
C ILE N 5 12.27 41.06 -21.40
N GLY N 6 11.66 41.72 -20.43
CA GLY N 6 10.37 41.28 -19.90
C GLY N 6 9.64 42.29 -19.06
N TYR N 7 8.59 41.81 -18.42
CA TYR N 7 7.62 42.63 -17.73
C TYR N 7 7.33 42.04 -16.34
N HIS N 8 6.99 42.94 -15.42
CA HIS N 8 6.77 42.62 -14.01
C HIS N 8 5.64 41.61 -13.82
N ALA N 9 5.66 40.92 -12.70
CA ALA N 9 4.49 40.20 -12.23
C ALA N 9 4.74 39.86 -10.77
N ASN N 10 3.70 39.89 -9.96
CA ASN N 10 3.85 39.67 -8.52
C ASN N 10 2.79 38.68 -8.05
N ASN N 11 2.40 38.77 -6.78
CA ASN N 11 1.44 37.84 -6.17
C ASN N 11 0.02 38.41 -6.03
N SER N 12 -0.38 39.34 -6.90
CA SER N 12 -1.71 39.95 -6.77
C SER N 12 -2.81 39.06 -7.29
N THR N 13 -3.96 39.18 -6.66
CA THR N 13 -5.14 38.41 -7.01
C THR N 13 -6.19 39.24 -7.75
N GLU N 14 -6.05 40.57 -7.78
CA GLU N 14 -7.15 41.46 -8.23
C GLU N 14 -7.52 41.26 -9.69
N GLN N 15 -8.66 40.60 -9.90
CA GLN N 15 -9.22 40.37 -11.22
C GLN N 15 -9.94 41.62 -11.72
N VAL N 16 -9.89 41.83 -13.03
CA VAL N 16 -10.49 42.97 -13.70
C VAL N 16 -11.11 42.49 -14.97
N ASP N 17 -12.37 42.81 -15.20
CA ASP N 17 -13.04 42.48 -16.46
C ASP N 17 -12.57 43.43 -17.56
N THR N 18 -12.46 42.89 -18.77
CA THR N 18 -12.30 43.69 -19.98
C THR N 18 -13.40 43.29 -20.98
N ILE N 19 -13.46 44.03 -22.08
CA ILE N 19 -14.54 43.88 -23.04
C ILE N 19 -14.48 42.49 -23.70
N MET N 20 -13.26 42.04 -24.04
CA MET N 20 -13.06 40.77 -24.73
C MET N 20 -12.70 39.58 -23.85
N GLU N 21 -12.18 39.84 -22.67
CA GLU N 21 -11.82 38.78 -21.72
C GLU N 21 -12.53 39.10 -20.39
N LYS N 22 -12.95 38.06 -19.68
CA LYS N 22 -13.53 38.25 -18.34
C LYS N 22 -12.59 37.63 -17.29
N ASN N 23 -12.66 38.11 -16.05
CA ASN N 23 -11.84 37.59 -14.94
C ASN N 23 -10.36 37.51 -15.28
N VAL N 24 -9.72 38.66 -15.50
CA VAL N 24 -8.31 38.68 -15.85
C VAL N 24 -7.51 39.14 -14.68
N THR N 25 -6.52 38.35 -14.28
CA THR N 25 -5.75 38.61 -13.08
C THR N 25 -4.67 39.65 -13.40
N VAL N 26 -4.70 40.78 -12.69
CA VAL N 26 -3.86 41.93 -13.01
C VAL N 26 -3.03 42.40 -11.83
N THR N 27 -1.81 42.88 -12.14
CA THR N 27 -0.80 43.33 -11.18
C THR N 27 -1.22 44.35 -10.14
N HIS N 28 -1.86 45.41 -10.62
CA HIS N 28 -2.37 46.50 -9.78
C HIS N 28 -3.73 47.01 -10.28
N ALA N 29 -4.37 47.86 -9.50
CA ALA N 29 -5.74 48.25 -9.81
C ALA N 29 -6.22 49.41 -8.98
N GLN N 30 -7.39 49.93 -9.37
CA GLN N 30 -8.04 51.03 -8.70
C GLN N 30 -9.55 50.82 -8.68
N ASP N 31 -10.15 50.95 -7.51
CA ASP N 31 -11.62 50.92 -7.37
C ASP N 31 -12.16 52.30 -7.73
N ILE N 32 -13.27 52.32 -8.48
CA ILE N 32 -13.96 53.55 -8.87
C ILE N 32 -15.31 53.64 -8.19
N LEU N 33 -15.73 52.62 -7.45
CA LEU N 33 -17.08 52.56 -6.97
C LEU N 33 -17.06 52.67 -5.45
N GLU N 34 -17.86 53.59 -4.92
CA GLU N 34 -17.97 53.79 -3.49
C GLU N 34 -18.99 52.85 -2.88
N LYS N 35 -18.53 51.91 -2.06
CA LYS N 35 -19.36 50.82 -1.59
C LYS N 35 -19.76 50.96 -0.14
N LYS N 36 -19.18 51.93 0.56
CA LYS N 36 -19.23 51.96 2.01
C LYS N 36 -19.88 53.23 2.53
N HIS N 37 -20.49 53.13 3.71
CA HIS N 37 -21.16 54.24 4.37
C HIS N 37 -21.00 54.12 5.87
N ASN N 38 -20.99 55.26 6.57
CA ASN N 38 -20.75 55.30 8.03
C ASN N 38 -21.98 54.94 8.86
N GLY N 39 -23.12 54.90 8.21
CA GLY N 39 -24.34 54.35 8.77
C GLY N 39 -24.96 55.17 9.87
N LYS N 40 -24.72 56.48 9.85
CA LYS N 40 -25.24 57.36 10.86
C LYS N 40 -25.37 58.73 10.20
N LEU N 41 -26.55 59.33 10.21
CA LEU N 41 -26.81 60.53 9.41
C LEU N 41 -26.29 61.78 10.06
N CYS N 42 -25.73 62.66 9.22
CA CYS N 42 -24.77 63.69 9.60
C CYS N 42 -25.15 65.06 9.06
N ASP N 43 -24.33 66.04 9.39
CA ASP N 43 -24.50 67.43 8.94
C ASP N 43 -24.18 67.54 7.45
N LEU N 44 -24.85 68.48 6.78
CA LEU N 44 -24.46 68.92 5.43
C LEU N 44 -23.77 70.25 5.48
N ASP N 45 -22.44 70.24 5.42
CA ASP N 45 -21.65 71.47 5.47
C ASP N 45 -22.05 72.31 6.68
N GLY N 46 -21.83 71.73 7.86
CA GLY N 46 -22.03 72.40 9.14
C GLY N 46 -23.45 72.59 9.61
N VAL N 47 -24.43 72.07 8.89
CA VAL N 47 -25.83 72.35 9.16
C VAL N 47 -26.57 71.15 9.73
N LYS N 48 -27.11 71.34 10.93
CA LYS N 48 -27.78 70.27 11.69
C LYS N 48 -29.07 69.93 10.93
N PRO N 49 -29.29 68.67 10.58
CA PRO N 49 -30.61 68.33 10.05
C PRO N 49 -31.69 68.27 11.13
N LEU N 50 -32.92 68.60 10.75
CA LEU N 50 -34.06 68.59 11.65
C LEU N 50 -34.58 67.16 11.82
N ILE N 51 -34.32 66.53 12.97
CA ILE N 51 -34.74 65.14 13.17
C ILE N 51 -36.04 65.09 13.98
N LEU N 52 -37.08 64.50 13.41
CA LEU N 52 -38.35 64.31 14.07
C LEU N 52 -38.56 62.82 14.30
N ARG N 53 -38.53 62.41 15.56
CA ARG N 53 -38.51 61.01 15.91
C ARG N 53 -39.94 60.48 15.79
N ASP N 54 -40.79 60.79 16.79
CA ASP N 54 -42.12 60.22 16.88
C ASP N 54 -43.14 61.22 16.36
N CYS N 55 -42.67 62.13 15.50
CA CYS N 55 -43.50 63.27 15.12
C CYS N 55 -43.30 63.56 13.64
N SER N 56 -44.36 64.06 13.00
CA SER N 56 -44.35 64.46 11.60
C SER N 56 -44.19 65.96 11.54
N VAL N 57 -44.13 66.50 10.33
CA VAL N 57 -43.99 67.95 10.13
C VAL N 57 -45.26 68.67 10.54
N ALA N 58 -46.40 68.14 10.15
CA ALA N 58 -47.69 68.73 10.52
C ALA N 58 -47.82 68.90 12.03
N GLY N 59 -47.55 67.82 12.77
CA GLY N 59 -47.64 67.81 14.23
C GLY N 59 -46.60 68.66 14.94
N TRP N 60 -45.51 68.98 14.23
CA TRP N 60 -44.44 69.81 14.74
C TRP N 60 -44.69 71.29 14.58
N LEU N 61 -45.28 71.68 13.46
CA LEU N 61 -45.69 73.08 13.24
C LEU N 61 -46.82 73.48 14.17
N LEU N 62 -47.80 72.60 14.31
CA LEU N 62 -48.87 72.76 15.26
C LEU N 62 -48.34 72.17 16.57
N GLY N 63 -49.05 72.35 17.67
CA GLY N 63 -48.53 71.92 18.98
C GLY N 63 -48.99 70.55 19.42
N ASN N 64 -48.63 69.50 18.68
CA ASN N 64 -49.09 68.16 19.02
C ASN N 64 -48.55 67.83 20.40
N PRO N 65 -49.45 67.53 21.35
CA PRO N 65 -48.99 67.27 22.72
C PRO N 65 -48.11 66.02 22.88
N MET N 66 -48.38 64.96 22.11
CA MET N 66 -47.75 63.65 22.35
C MET N 66 -46.24 63.64 22.07
N CYS N 67 -45.81 64.33 21.02
CA CYS N 67 -44.38 64.65 20.80
C CYS N 67 -44.15 66.05 21.40
N ASP N 68 -42.90 66.51 21.39
CA ASP N 68 -42.54 67.83 21.98
C ASP N 68 -42.01 68.82 20.93
N GLU N 69 -42.38 70.10 21.10
CA GLU N 69 -41.98 71.18 20.19
C GLU N 69 -40.86 72.05 20.81
N PHE N 70 -40.01 71.39 21.60
CA PHE N 70 -38.86 72.02 22.26
C PHE N 70 -37.67 72.22 21.30
N ILE N 71 -37.76 71.68 20.09
CA ILE N 71 -36.71 71.83 19.10
C ILE N 71 -36.64 73.31 18.69
N ASN N 72 -35.75 74.06 19.37
CA ASN N 72 -35.45 75.44 19.00
C ASN N 72 -34.17 75.54 18.20
N VAL N 73 -34.06 74.71 17.14
CA VAL N 73 -32.96 74.81 16.19
C VAL N 73 -33.43 75.85 15.18
N PRO N 74 -32.62 76.90 14.92
CA PRO N 74 -33.00 78.00 14.06
C PRO N 74 -32.53 77.90 12.61
N GLU N 75 -32.00 76.74 12.22
CA GLU N 75 -31.43 76.56 10.89
C GLU N 75 -31.22 75.09 10.58
N TRP N 76 -31.60 74.65 9.39
CA TRP N 76 -31.37 73.25 8.99
C TRP N 76 -31.25 73.01 7.48
N SER N 77 -30.73 71.81 7.14
CA SER N 77 -30.44 71.41 5.76
C SER N 77 -31.45 70.47 5.10
N TYR N 78 -31.97 69.57 5.89
CA TYR N 78 -33.00 68.66 5.44
C TYR N 78 -33.76 68.13 6.64
N ILE N 79 -34.96 67.68 6.40
CA ILE N 79 -35.79 67.14 7.46
C ILE N 79 -35.70 65.61 7.43
N VAL N 80 -35.89 64.98 8.59
CA VAL N 80 -35.86 63.53 8.72
C VAL N 80 -37.08 63.02 9.49
N GLU N 81 -38.11 62.57 8.78
CA GLU N 81 -39.23 61.88 9.38
C GLU N 81 -38.90 60.41 9.46
N LYS N 82 -39.82 59.63 10.01
CA LYS N 82 -39.78 58.18 9.86
C LYS N 82 -40.86 57.72 8.88
N ALA N 83 -40.77 56.46 8.49
CA ALA N 83 -41.69 55.82 7.54
C ALA N 83 -43.15 56.24 7.80
N ASN N 84 -43.69 55.75 8.93
CA ASN N 84 -44.95 56.16 9.46
C ASN N 84 -44.69 56.77 10.84
N PRO N 85 -44.71 58.12 10.95
CA PRO N 85 -44.54 58.75 12.26
C PRO N 85 -45.78 58.55 13.11
N VAL N 86 -45.59 58.25 14.39
CA VAL N 86 -46.71 57.84 15.25
C VAL N 86 -47.72 58.97 15.54
N ASN N 87 -47.27 60.24 15.49
CA ASN N 87 -48.14 61.40 15.78
C ASN N 87 -48.25 62.43 14.65
N ASP N 88 -49.13 62.16 13.68
CA ASP N 88 -49.37 63.11 12.55
C ASP N 88 -50.32 64.21 13.05
N LEU N 89 -51.52 63.82 13.44
CA LEU N 89 -52.55 64.76 13.90
C LEU N 89 -53.41 64.06 14.95
N CYS N 90 -53.38 64.57 16.18
CA CYS N 90 -54.18 63.98 17.26
C CYS N 90 -55.67 64.07 16.91
N TYR N 91 -56.12 65.26 16.54
CA TYR N 91 -57.49 65.47 16.04
C TYR N 91 -57.45 65.26 14.53
N PRO N 92 -58.22 64.27 14.03
CA PRO N 92 -58.12 63.86 12.64
C PRO N 92 -58.55 64.96 11.68
N GLY N 93 -58.00 64.90 10.49
CA GLY N 93 -58.26 65.90 9.49
C GLY N 93 -57.27 65.82 8.35
N ASP N 94 -56.92 67.00 7.85
CA ASP N 94 -56.23 67.13 6.59
C ASP N 94 -55.49 68.48 6.63
N PHE N 95 -54.39 68.58 5.89
CA PHE N 95 -53.58 69.79 5.81
C PHE N 95 -53.53 70.14 4.31
N ASN N 96 -53.77 71.41 3.97
CA ASN N 96 -53.90 71.82 2.57
C ASN N 96 -52.57 72.26 1.94
N ASP N 97 -52.22 71.66 0.80
CA ASP N 97 -50.89 71.81 0.16
C ASP N 97 -49.74 71.40 1.08
N TYR N 98 -49.96 70.34 1.86
CA TYR N 98 -49.03 69.85 2.91
C TYR N 98 -47.68 69.51 2.35
N GLU N 99 -47.70 68.94 1.15
CA GLU N 99 -46.48 68.45 0.53
C GLU N 99 -45.66 69.63 0.08
N GLU N 100 -46.32 70.66 -0.43
CA GLU N 100 -45.61 71.86 -0.88
C GLU N 100 -45.04 72.66 0.26
N LEU N 101 -45.76 72.68 1.37
CA LEU N 101 -45.28 73.34 2.58
C LEU N 101 -44.11 72.56 3.12
N LYS N 102 -44.18 71.24 3.05
CA LYS N 102 -43.08 70.36 3.42
C LYS N 102 -41.81 70.72 2.64
N HIS N 103 -41.95 70.87 1.34
CA HIS N 103 -40.82 71.23 0.49
C HIS N 103 -40.29 72.60 0.84
N LEU N 104 -41.18 73.54 1.13
CA LEU N 104 -40.79 74.91 1.49
C LEU N 104 -39.98 74.94 2.76
N LEU N 105 -40.42 74.16 3.75
CA LEU N 105 -39.77 74.13 5.06
C LEU N 105 -38.59 73.17 5.11
N SER N 106 -38.31 72.45 4.04
CA SER N 106 -37.24 71.46 4.04
C SER N 106 -35.86 72.03 4.33
N ARG N 107 -35.61 73.26 3.90
CA ARG N 107 -34.31 73.91 4.08
C ARG N 107 -34.41 75.39 4.38
N ILE N 108 -34.14 75.72 5.64
CA ILE N 108 -34.36 77.04 6.15
C ILE N 108 -33.08 77.61 6.65
N ASN N 109 -32.95 78.92 6.50
CA ASN N 109 -31.78 79.64 6.93
C ASN N 109 -31.99 80.22 8.35
N HIS N 110 -33.10 80.92 8.56
CA HIS N 110 -33.40 81.53 9.86
C HIS N 110 -34.84 81.27 10.33
N PHE N 111 -35.02 80.90 11.60
CA PHE N 111 -36.26 80.29 12.07
C PHE N 111 -36.50 80.52 13.56
N GLU N 112 -37.64 81.11 13.91
CA GLU N 112 -38.08 81.20 15.32
C GLU N 112 -39.60 81.39 15.46
N LYS N 113 -40.13 80.97 16.60
CA LYS N 113 -41.56 81.08 16.91
C LYS N 113 -41.86 82.49 17.43
N ILE N 114 -43.03 83.05 17.07
CA ILE N 114 -43.42 84.42 17.49
C ILE N 114 -44.90 84.51 17.95
N GLN N 115 -45.16 85.36 18.95
CA GLN N 115 -46.53 85.72 19.37
C GLN N 115 -47.15 86.68 18.36
N ILE N 116 -48.25 86.26 17.73
CA ILE N 116 -49.02 87.14 16.83
C ILE N 116 -50.20 87.71 17.61
N ILE N 117 -51.01 86.82 18.18
CA ILE N 117 -52.11 87.21 19.07
C ILE N 117 -52.26 86.19 20.20
N PRO N 118 -52.05 86.63 21.47
CA PRO N 118 -52.05 85.65 22.56
C PRO N 118 -53.42 85.02 22.85
N LYS N 119 -53.39 83.99 23.69
CA LYS N 119 -54.61 83.33 24.17
C LYS N 119 -55.46 84.30 25.01
N SER N 120 -54.77 85.17 25.76
CA SER N 120 -55.40 86.14 26.65
C SER N 120 -56.30 87.16 25.95
N SER N 121 -55.93 87.55 24.74
CA SER N 121 -56.63 88.64 24.02
C SER N 121 -58.06 88.35 23.56
N TRP N 122 -58.47 87.08 23.57
CA TRP N 122 -59.84 86.69 23.25
C TRP N 122 -60.74 86.80 24.48
N SER N 123 -61.26 88.00 24.72
CA SER N 123 -62.11 88.31 25.87
C SER N 123 -63.58 88.03 25.57
N SER N 124 -64.02 88.44 24.38
CA SER N 124 -65.41 88.21 23.94
C SER N 124 -65.74 86.74 23.60
N HIS N 125 -64.70 85.90 23.39
CA HIS N 125 -64.87 84.47 23.09
C HIS N 125 -64.05 83.57 24.02
N GLU N 126 -64.60 82.40 24.36
CA GLU N 126 -64.03 81.50 25.37
C GLU N 126 -62.96 80.58 24.79
N ALA N 127 -61.70 80.91 25.09
CA ALA N 127 -60.55 80.17 24.56
C ALA N 127 -59.99 79.12 25.54
N SER N 128 -60.46 79.14 26.78
CA SER N 128 -59.91 78.26 27.81
C SER N 128 -60.29 76.80 27.53
N LEU N 129 -61.54 76.42 27.81
CA LEU N 129 -62.03 75.06 27.53
C LEU N 129 -62.36 74.96 26.04
N GLY N 130 -61.30 74.78 25.26
CA GLY N 130 -61.39 74.54 23.82
C GLY N 130 -60.56 73.33 23.47
N VAL N 131 -60.99 72.16 23.96
CA VAL N 131 -60.32 70.88 23.70
C VAL N 131 -61.37 69.79 23.45
N SER N 132 -60.92 68.55 23.28
CA SER N 132 -61.81 67.39 23.35
C SER N 132 -61.04 66.11 23.62
N SER N 133 -61.80 65.06 23.90
CA SER N 133 -61.27 63.74 24.23
C SER N 133 -60.53 63.12 23.05
N ALA N 134 -59.26 63.48 22.89
CA ALA N 134 -58.49 63.10 21.70
C ALA N 134 -57.00 63.31 21.85
N CYS N 135 -56.58 64.50 22.25
CA CYS N 135 -55.15 64.86 22.40
C CYS N 135 -54.72 64.94 23.87
N PRO N 136 -54.14 63.84 24.41
CA PRO N 136 -53.72 63.85 25.82
C PRO N 136 -52.34 64.45 26.08
N TYR N 137 -52.26 65.50 26.89
CA TYR N 137 -50.97 66.08 27.26
C TYR N 137 -50.26 65.29 28.38
N GLN N 138 -50.84 65.31 29.58
CA GLN N 138 -50.30 64.57 30.73
C GLN N 138 -51.40 63.69 31.34
N GLY N 139 -52.16 63.05 30.44
CA GLY N 139 -53.39 62.33 30.81
C GLY N 139 -54.64 63.11 30.47
N LYS N 140 -54.70 64.35 30.95
CA LYS N 140 -55.91 65.19 30.86
C LYS N 140 -56.11 65.75 29.45
N SER N 141 -57.38 65.86 29.03
CA SER N 141 -57.75 66.26 27.65
C SER N 141 -57.20 67.64 27.26
N SER N 142 -56.41 67.66 26.20
CA SER N 142 -55.76 68.87 25.68
C SER N 142 -56.04 69.02 24.18
N PHE N 143 -55.36 69.99 23.55
CA PHE N 143 -55.49 70.32 22.12
C PHE N 143 -54.18 70.94 21.64
N PHE N 144 -54.06 71.12 20.32
CA PHE N 144 -52.90 71.76 19.67
C PHE N 144 -52.46 73.04 20.36
N ARG N 145 -51.23 73.01 20.89
CA ARG N 145 -50.66 74.08 21.70
C ARG N 145 -50.17 75.31 20.93
N ASN N 146 -50.30 75.34 19.60
CA ASN N 146 -49.96 76.52 18.76
C ASN N 146 -51.13 77.15 17.98
N VAL N 147 -52.34 76.66 18.21
CA VAL N 147 -53.56 77.21 17.59
C VAL N 147 -54.72 77.05 18.61
N VAL N 148 -55.54 78.10 18.74
CA VAL N 148 -56.58 78.16 19.77
C VAL N 148 -57.94 77.81 19.16
N TRP N 149 -58.72 76.99 19.87
CA TRP N 149 -60.08 76.61 19.44
C TRP N 149 -61.14 77.47 20.13
N LEU N 150 -61.91 78.22 19.34
CA LEU N 150 -62.82 79.24 19.86
C LEU N 150 -64.26 78.72 20.08
N ILE N 151 -64.83 79.08 21.25
CA ILE N 151 -66.17 78.65 21.70
C ILE N 151 -67.00 79.90 22.09
N LYS N 152 -68.33 79.78 22.02
CA LYS N 152 -69.26 80.86 22.42
C LYS N 152 -69.15 81.24 23.91
N LYS N 153 -69.41 82.50 24.23
CA LYS N 153 -69.48 82.93 25.63
C LYS N 153 -70.93 83.11 26.08
N ASN N 154 -71.20 82.70 27.32
CA ASN N 154 -72.54 82.69 27.91
C ASN N 154 -73.47 81.84 27.00
N SER N 155 -74.06 82.46 25.98
CA SER N 155 -74.75 81.72 24.91
C SER N 155 -74.89 82.53 23.60
N THR N 156 -73.92 83.39 23.30
CA THR N 156 -73.89 84.20 22.07
C THR N 156 -72.46 84.16 21.51
N TYR N 157 -72.36 84.15 20.18
CA TYR N 157 -71.08 84.11 19.46
C TYR N 157 -70.86 85.39 18.62
N PRO N 158 -70.11 86.38 19.17
CA PRO N 158 -69.82 87.59 18.40
C PRO N 158 -69.02 87.32 17.13
N THR N 159 -69.23 88.16 16.11
CA THR N 159 -68.43 88.10 14.88
C THR N 159 -67.04 88.66 15.14
N ILE N 160 -66.01 87.86 14.84
CA ILE N 160 -64.60 88.26 15.01
C ILE N 160 -64.15 89.07 13.80
N LYS N 161 -63.29 90.04 14.05
CA LYS N 161 -62.72 90.86 12.98
C LYS N 161 -61.44 91.51 13.49
N ARG N 162 -60.34 90.75 13.39
CA ARG N 162 -59.02 91.22 13.79
C ARG N 162 -58.02 91.04 12.66
N SER N 163 -56.81 91.56 12.84
CA SER N 163 -55.76 91.51 11.81
C SER N 163 -54.35 91.70 12.38
N TYR N 164 -53.32 91.49 11.54
CA TYR N 164 -51.90 91.57 11.95
C TYR N 164 -51.00 92.14 10.86
N ASN N 165 -50.55 93.39 11.04
CA ASN N 165 -49.49 93.97 10.20
C ASN N 165 -48.16 93.39 10.65
N ASN N 166 -47.28 93.15 9.68
CA ASN N 166 -46.00 92.57 9.93
C ASN N 166 -44.95 93.66 10.21
N THR N 167 -44.82 93.99 11.50
CA THR N 167 -43.77 94.90 11.97
C THR N 167 -42.38 94.31 11.80
N ASN N 168 -42.28 92.97 11.84
CA ASN N 168 -41.01 92.26 11.61
C ASN N 168 -40.59 92.43 10.17
N GLN N 169 -39.28 92.42 9.94
CA GLN N 169 -38.66 92.60 8.62
C GLN N 169 -38.27 91.29 7.93
N GLU N 170 -38.08 90.23 8.72
CA GLU N 170 -37.96 88.87 8.17
C GLU N 170 -39.35 88.43 7.71
N ASP N 171 -39.38 87.55 6.72
CA ASP N 171 -40.62 87.01 6.20
C ASP N 171 -41.21 86.01 7.21
N LEU N 172 -42.55 85.85 7.24
CA LEU N 172 -43.19 84.85 8.12
C LEU N 172 -44.39 84.12 7.49
N LEU N 173 -44.76 83.00 8.08
CA LEU N 173 -45.95 82.26 7.65
C LEU N 173 -46.89 82.05 8.83
N VAL N 174 -48.19 82.02 8.51
CA VAL N 174 -49.24 81.81 9.50
C VAL N 174 -49.95 80.56 9.13
N LEU N 175 -50.50 79.89 10.14
CA LEU N 175 -51.30 78.70 9.96
C LEU N 175 -52.64 78.93 10.64
N TRP N 176 -53.72 78.41 10.04
CA TRP N 176 -55.03 78.43 10.68
C TRP N 176 -55.85 77.26 10.18
N GLY N 177 -57.14 77.19 10.53
CA GLY N 177 -58.01 76.14 10.00
C GLY N 177 -59.50 76.28 10.27
N ILE N 178 -60.21 75.18 10.12
CA ILE N 178 -61.66 75.12 10.32
C ILE N 178 -62.05 73.84 11.07
N HIS N 179 -62.95 73.95 12.04
CA HIS N 179 -63.60 72.77 12.64
C HIS N 179 -64.85 72.40 11.86
N HIS N 180 -64.87 71.19 11.30
CA HIS N 180 -66.04 70.66 10.59
C HIS N 180 -66.86 69.82 11.56
N PRO N 181 -68.12 70.21 11.83
CA PRO N 181 -68.92 69.43 12.78
C PRO N 181 -69.52 68.16 12.19
N ASN N 182 -69.99 67.30 13.07
CA ASN N 182 -70.66 66.06 12.68
C ASN N 182 -72.10 66.28 12.19
N ASP N 183 -72.89 67.09 12.91
CA ASP N 183 -74.31 67.41 12.53
C ASP N 183 -74.78 68.81 12.97
N ALA N 184 -75.96 69.20 12.49
CA ALA N 184 -76.55 70.51 12.82
C ALA N 184 -76.83 70.70 14.33
N ALA N 185 -76.97 69.60 15.07
CA ALA N 185 -77.11 69.64 16.54
C ALA N 185 -75.83 70.08 17.25
N GLU N 186 -74.68 69.63 16.76
CA GLU N 186 -73.38 70.05 17.32
C GLU N 186 -72.99 71.47 16.87
N GLN N 187 -73.59 71.95 15.78
CA GLN N 187 -73.45 73.35 15.36
C GLN N 187 -73.93 74.33 16.44
N THR N 188 -75.15 74.11 16.92
CA THR N 188 -75.74 74.96 17.95
C THR N 188 -75.24 74.66 19.38
N LYS N 189 -74.49 73.57 19.61
CA LYS N 189 -73.90 73.26 20.94
C LYS N 189 -72.62 74.07 21.20
N LEU N 190 -71.71 74.05 20.25
CA LEU N 190 -70.43 74.76 20.38
C LEU N 190 -70.60 76.24 20.07
N TYR N 191 -71.30 76.52 18.97
CA TYR N 191 -71.50 77.88 18.48
C TYR N 191 -72.97 78.17 18.47
N GLN N 192 -73.32 79.43 18.19
CA GLN N 192 -74.72 79.83 18.13
C GLN N 192 -75.01 80.39 16.77
N ASN N 193 -74.63 79.63 15.74
CA ASN N 193 -74.89 80.05 14.37
C ASN N 193 -75.28 78.83 13.55
N PRO N 194 -76.19 79.00 12.58
CA PRO N 194 -76.44 77.92 11.60
C PRO N 194 -75.45 77.98 10.43
N THR N 195 -75.47 79.08 9.67
CA THR N 195 -74.53 79.30 8.56
C THR N 195 -73.34 80.11 9.07
N THR N 196 -72.16 79.75 8.59
CA THR N 196 -70.89 80.32 9.06
C THR N 196 -69.95 80.60 7.90
N TYR N 197 -69.13 81.65 8.04
CA TYR N 197 -68.10 82.01 7.05
C TYR N 197 -66.80 82.36 7.77
N ILE N 198 -65.68 81.91 7.18
CA ILE N 198 -64.31 82.27 7.62
C ILE N 198 -63.55 82.78 6.41
N SER N 199 -63.15 84.04 6.47
CA SER N 199 -62.49 84.69 5.36
C SER N 199 -61.15 85.22 5.80
N VAL N 200 -60.14 84.99 4.97
CA VAL N 200 -58.78 85.45 5.21
C VAL N 200 -58.30 86.22 3.98
N GLY N 201 -57.57 87.30 4.27
CA GLY N 201 -57.14 88.25 3.27
C GLY N 201 -55.72 88.75 3.49
N THR N 202 -54.95 88.73 2.40
CA THR N 202 -53.56 89.24 2.36
C THR N 202 -53.40 89.87 0.97
N SER N 203 -52.29 90.56 0.73
CA SER N 203 -51.94 91.06 -0.61
C SER N 203 -52.21 90.06 -1.77
N THR N 204 -51.92 88.78 -1.52
CA THR N 204 -52.14 87.71 -2.49
C THR N 204 -53.45 86.97 -2.24
N LEU N 205 -53.56 86.42 -1.02
CA LEU N 205 -54.61 85.48 -0.70
C LEU N 205 -55.99 86.09 -0.73
N ASN N 206 -56.97 85.28 -1.08
CA ASN N 206 -58.36 85.67 -1.08
C ASN N 206 -59.23 84.41 -1.00
N GLN N 207 -59.61 84.05 0.23
CA GLN N 207 -60.44 82.87 0.44
C GLN N 207 -61.67 83.11 1.32
N ARG N 208 -62.67 82.27 1.10
CA ARG N 208 -63.95 82.30 1.79
C ARG N 208 -64.33 80.84 2.01
N LEU N 209 -64.20 80.39 3.25
CA LEU N 209 -64.35 78.98 3.57
C LEU N 209 -65.62 78.70 4.36
N VAL N 210 -66.39 77.72 3.90
CA VAL N 210 -67.65 77.33 4.53
C VAL N 210 -67.46 75.93 5.11
N PRO N 211 -67.82 75.72 6.40
CA PRO N 211 -67.69 74.38 6.94
C PRO N 211 -68.70 73.40 6.34
N ARG N 212 -68.23 72.20 6.02
CA ARG N 212 -69.04 71.11 5.50
C ARG N 212 -69.58 70.28 6.65
N ILE N 213 -70.88 70.01 6.61
CA ILE N 213 -71.54 69.16 7.59
C ILE N 213 -71.90 67.88 6.84
N ALA N 214 -71.53 66.73 7.42
CA ALA N 214 -71.79 65.40 6.81
C ALA N 214 -71.51 64.28 7.81
N THR N 215 -72.17 63.13 7.64
CA THR N 215 -71.99 61.98 8.53
C THR N 215 -70.62 61.37 8.22
N ARG N 216 -69.79 61.23 9.25
CA ARG N 216 -68.40 60.74 9.14
C ARG N 216 -68.29 59.34 9.72
N SER N 217 -67.06 58.85 9.80
CA SER N 217 -66.74 57.73 10.69
C SER N 217 -65.80 58.27 11.79
N LYS N 218 -65.81 57.57 12.93
CA LYS N 218 -65.04 57.99 14.09
C LYS N 218 -63.57 57.62 13.89
N VAL N 219 -62.68 58.54 14.26
CA VAL N 219 -61.23 58.27 14.32
C VAL N 219 -60.63 58.97 15.53
N ASN N 220 -59.80 58.23 16.27
CA ASN N 220 -59.17 58.70 17.52
C ASN N 220 -60.19 59.33 18.50
N GLY N 221 -61.42 58.85 18.47
CA GLY N 221 -62.53 59.41 19.23
C GLY N 221 -63.47 60.23 18.38
N GLN N 222 -63.02 61.41 17.97
CA GLN N 222 -63.93 62.44 17.44
C GLN N 222 -64.26 62.22 15.94
N SER N 223 -65.50 62.51 15.57
CA SER N 223 -66.06 62.15 14.24
C SER N 223 -65.75 63.18 13.19
N GLY N 224 -66.01 64.45 13.54
CA GLY N 224 -65.74 65.57 12.65
C GLY N 224 -64.27 65.82 12.40
N ARG N 225 -63.96 66.56 11.33
CA ARG N 225 -62.58 66.79 10.86
C ARG N 225 -62.08 68.21 11.15
N MET N 226 -60.80 68.43 10.83
CA MET N 226 -60.09 69.69 11.13
C MET N 226 -59.14 70.11 9.99
N GLU N 227 -59.66 70.83 9.00
CA GLU N 227 -58.85 71.27 7.83
C GLU N 227 -58.02 72.48 8.15
N PHE N 228 -56.70 72.37 8.01
CA PHE N 228 -55.76 73.47 8.19
C PHE N 228 -55.35 74.09 6.87
N PHE N 229 -54.88 75.34 6.94
CA PHE N 229 -54.46 76.09 5.76
C PHE N 229 -53.25 76.94 6.15
N TRP N 230 -52.63 77.57 5.16
CA TRP N 230 -51.42 78.39 5.37
C TRP N 230 -51.13 79.29 4.17
N THR N 231 -50.48 80.44 4.44
CA THR N 231 -49.70 81.18 3.42
C THR N 231 -48.55 81.91 4.11
N ILE N 232 -47.68 82.49 3.28
CA ILE N 232 -46.56 83.28 3.75
C ILE N 232 -46.84 84.76 3.55
N LEU N 233 -46.66 85.51 4.63
CA LEU N 233 -46.96 86.94 4.67
C LEU N 233 -45.69 87.71 4.39
N LYS N 234 -45.77 88.64 3.43
CA LYS N 234 -44.61 89.47 3.06
C LYS N 234 -44.10 90.30 4.23
N PRO N 235 -42.83 90.75 4.18
CA PRO N 235 -42.25 91.47 5.32
C PRO N 235 -43.00 92.75 5.72
N ASN N 236 -43.60 93.43 4.74
CA ASN N 236 -44.31 94.67 4.98
C ASN N 236 -45.75 94.56 4.44
N ASP N 237 -46.54 93.69 5.09
CA ASP N 237 -47.94 93.47 4.72
C ASP N 237 -48.79 92.98 5.89
N ALA N 238 -50.11 93.10 5.75
CA ALA N 238 -51.09 92.72 6.78
C ALA N 238 -51.98 91.55 6.34
N ILE N 239 -52.13 90.59 7.24
CA ILE N 239 -53.15 89.55 7.14
C ILE N 239 -54.40 89.98 7.90
N ASN N 240 -55.57 89.83 7.28
CA ASN N 240 -56.85 90.26 7.85
C ASN N 240 -57.78 89.05 7.95
N PHE N 241 -58.34 88.82 9.12
CA PHE N 241 -59.30 87.73 9.35
C PHE N 241 -60.71 88.26 9.56
N GLU N 242 -61.70 87.40 9.35
CA GLU N 242 -63.10 87.68 9.66
C GLU N 242 -63.85 86.36 9.79
N SER N 243 -64.50 86.12 10.93
CA SER N 243 -65.17 84.84 11.20
C SER N 243 -66.50 84.96 11.96
N ASN N 244 -67.51 84.25 11.47
CA ASN N 244 -68.79 84.11 12.17
C ASN N 244 -68.72 82.98 13.20
N GLY N 245 -67.88 81.97 12.94
CA GLY N 245 -67.70 80.84 13.86
C GLY N 245 -66.94 79.71 13.23
N ASN N 246 -67.07 78.49 13.79
CA ASN N 246 -66.41 77.29 13.25
C ASN N 246 -64.94 77.50 12.91
N PHE N 247 -64.21 78.22 13.78
CA PHE N 247 -62.89 78.73 13.43
C PHE N 247 -61.83 78.40 14.48
N ILE N 248 -60.59 78.19 14.03
CA ILE N 248 -59.43 77.97 14.91
C ILE N 248 -58.26 78.88 14.54
N ALA N 249 -58.08 79.91 15.34
CA ALA N 249 -57.14 80.99 15.04
C ALA N 249 -55.73 80.69 15.55
N PRO N 250 -54.71 81.29 14.89
CA PRO N 250 -53.33 81.11 15.31
C PRO N 250 -52.98 81.81 16.61
N GLU N 251 -52.19 81.15 17.46
CA GLU N 251 -51.55 81.83 18.59
C GLU N 251 -50.15 82.23 18.13
N TYR N 252 -49.34 81.22 17.80
CA TYR N 252 -47.97 81.42 17.37
C TYR N 252 -47.86 81.31 15.85
N ALA N 253 -46.78 81.87 15.32
CA ALA N 253 -46.42 81.74 13.91
C ALA N 253 -44.90 81.91 13.76
N TYR N 254 -44.37 81.45 12.63
CA TYR N 254 -42.93 81.25 12.46
C TYR N 254 -42.26 82.27 11.51
N LYS N 255 -41.06 82.71 11.88
CA LYS N 255 -40.20 83.53 11.02
C LYS N 255 -39.40 82.64 10.08
N ILE N 256 -39.51 82.88 8.78
CA ILE N 256 -38.85 82.08 7.74
C ILE N 256 -37.96 82.96 6.88
N VAL N 257 -36.69 82.61 6.78
CA VAL N 257 -35.80 83.13 5.72
C VAL N 257 -35.35 81.94 4.91
N LYS N 258 -35.90 81.81 3.71
CA LYS N 258 -35.65 80.68 2.83
C LYS N 258 -34.53 80.95 1.84
N LYS N 259 -33.63 79.98 1.71
CA LYS N 259 -32.55 80.00 0.74
C LYS N 259 -32.22 78.60 0.30
N GLY N 260 -32.60 78.24 -0.91
CA GLY N 260 -32.37 76.90 -1.43
C GLY N 260 -33.41 75.92 -0.93
N ASP N 261 -33.44 74.77 -1.60
CA ASP N 261 -34.44 73.71 -1.37
C ASP N 261 -33.71 72.39 -1.16
N SER N 262 -34.37 71.46 -0.48
CA SER N 262 -33.86 70.11 -0.32
C SER N 262 -35.06 69.19 -0.25
N THR N 263 -35.11 68.29 0.72
CA THR N 263 -36.31 67.47 0.90
C THR N 263 -36.38 66.75 2.24
N ILE N 264 -37.38 65.88 2.38
CA ILE N 264 -37.62 65.15 3.59
C ILE N 264 -37.12 63.74 3.37
N MET N 265 -35.93 63.47 3.92
CA MET N 265 -35.35 62.15 3.82
C MET N 265 -36.05 61.19 4.74
N LYS N 266 -36.41 60.02 4.24
CA LYS N 266 -37.08 59.03 5.05
C LYS N 266 -36.04 58.02 5.56
N SER N 267 -35.70 58.12 6.85
CA SER N 267 -34.76 57.20 7.50
C SER N 267 -35.10 56.96 8.95
N GLU N 268 -34.79 55.75 9.39
CA GLU N 268 -35.04 55.33 10.76
C GLU N 268 -33.93 55.82 11.69
N LEU N 269 -32.73 56.05 11.16
CA LEU N 269 -31.56 56.35 11.99
C LEU N 269 -31.63 57.63 12.82
N GLU N 270 -30.65 57.75 13.72
CA GLU N 270 -30.48 58.92 14.60
C GLU N 270 -29.10 59.55 14.36
N TYR N 271 -28.97 60.80 14.81
CA TYR N 271 -27.83 61.71 14.56
C TYR N 271 -26.47 61.11 14.99
N GLY N 272 -25.48 61.17 14.11
CA GLY N 272 -24.12 60.68 14.40
C GLY N 272 -23.00 61.67 14.69
N ASN N 273 -23.36 62.92 15.04
CA ASN N 273 -22.42 64.00 15.41
C ASN N 273 -21.15 64.08 14.55
N CYS N 274 -21.37 64.22 13.25
CA CYS N 274 -20.29 64.22 12.26
C CYS N 274 -20.63 65.26 11.16
N ASN N 275 -19.94 65.20 10.01
CA ASN N 275 -20.19 66.11 8.87
C ASN N 275 -19.79 65.46 7.56
N THR N 276 -20.70 65.45 6.58
CA THR N 276 -20.41 64.98 5.21
C THR N 276 -20.92 65.90 4.15
N LYS N 277 -20.44 65.64 2.94
CA LYS N 277 -20.80 66.38 1.76
C LYS N 277 -22.07 65.86 1.16
N CYS N 278 -22.44 64.63 1.49
CA CYS N 278 -23.77 64.13 1.13
C CYS N 278 -24.29 62.99 2.00
N GLN N 279 -25.60 62.77 1.94
CA GLN N 279 -26.32 61.91 2.86
C GLN N 279 -27.21 60.93 2.14
N THR N 280 -27.45 59.81 2.81
CA THR N 280 -28.36 58.76 2.35
C THR N 280 -29.07 58.16 3.57
N PRO N 281 -30.30 57.70 3.40
CA PRO N 281 -31.00 56.97 4.46
C PRO N 281 -30.20 55.86 5.16
N MET N 282 -29.39 55.13 4.40
CA MET N 282 -28.57 54.04 4.95
C MET N 282 -27.49 54.66 5.81
N GLY N 283 -26.74 55.59 5.26
CA GLY N 283 -25.66 56.26 5.98
C GLY N 283 -25.21 57.57 5.38
N ALA N 284 -23.91 57.81 5.32
CA ALA N 284 -23.35 58.99 4.71
C ALA N 284 -22.16 58.60 3.85
N ILE N 285 -21.89 59.37 2.81
CA ILE N 285 -20.90 59.00 1.82
C ILE N 285 -19.83 60.06 1.72
N ASN N 286 -18.59 59.59 1.50
CA ASN N 286 -17.44 60.47 1.31
C ASN N 286 -17.44 61.21 -0.02
N SER N 287 -17.66 60.50 -1.10
CA SER N 287 -17.92 61.15 -2.44
C SER N 287 -16.67 61.71 -3.15
N SER N 288 -15.57 60.97 -3.05
CA SER N 288 -14.35 61.30 -3.81
C SER N 288 -14.50 60.72 -5.21
N MET N 289 -14.75 59.41 -5.25
CA MET N 289 -14.91 58.66 -6.48
C MET N 289 -16.27 59.00 -7.13
N PRO N 290 -16.47 58.68 -8.42
CA PRO N 290 -17.61 59.17 -9.14
C PRO N 290 -18.84 58.28 -9.21
N PHE N 291 -18.83 57.07 -8.67
CA PHE N 291 -20.06 56.27 -8.63
C PHE N 291 -20.30 55.67 -7.24
N HIS N 292 -21.57 55.51 -6.85
CA HIS N 292 -21.90 54.74 -5.63
C HIS N 292 -23.02 53.77 -5.88
N ASN N 293 -23.26 52.89 -4.92
CA ASN N 293 -24.28 51.86 -5.03
C ASN N 293 -25.00 51.67 -3.73
N ILE N 294 -25.10 52.76 -2.97
CA ILE N 294 -25.61 52.72 -1.62
C ILE N 294 -27.13 52.79 -1.60
N HIS N 295 -27.67 53.94 -1.98
CA HIS N 295 -29.11 54.12 -1.95
C HIS N 295 -29.48 55.09 -3.02
N PRO N 296 -30.60 54.84 -3.69
CA PRO N 296 -30.91 55.75 -4.79
C PRO N 296 -31.23 57.16 -4.34
N LEU N 297 -31.98 57.34 -3.24
CA LEU N 297 -32.41 58.70 -2.85
C LEU N 297 -31.54 59.41 -1.81
N THR N 298 -30.73 60.33 -2.31
CA THR N 298 -29.66 60.97 -1.57
C THR N 298 -29.95 62.44 -1.42
N ILE N 299 -29.22 63.08 -0.51
CA ILE N 299 -29.32 64.52 -0.30
C ILE N 299 -27.91 65.08 -0.37
N GLY N 300 -27.67 65.93 -1.35
CA GLY N 300 -26.41 66.68 -1.45
C GLY N 300 -25.61 66.38 -2.71
N GLU N 301 -24.32 66.73 -2.68
CA GLU N 301 -23.43 66.55 -3.83
C GLU N 301 -22.89 65.13 -3.91
N CYS N 302 -23.79 64.18 -4.13
CA CYS N 302 -23.37 62.79 -4.18
C CYS N 302 -22.81 62.49 -5.58
N PRO N 303 -22.03 61.40 -5.71
CA PRO N 303 -21.66 60.89 -7.01
C PRO N 303 -22.87 60.28 -7.69
N LYS N 304 -22.68 59.55 -8.79
CA LYS N 304 -23.80 59.00 -9.55
C LYS N 304 -24.21 57.59 -9.10
N TYR N 305 -25.51 57.40 -8.85
CA TYR N 305 -26.03 56.12 -8.33
C TYR N 305 -26.05 55.16 -9.49
N VAL N 306 -25.40 54.01 -9.29
CA VAL N 306 -25.24 53.00 -10.31
C VAL N 306 -25.63 51.65 -9.77
N LYS N 307 -26.39 50.88 -10.53
CA LYS N 307 -26.78 49.54 -10.08
C LYS N 307 -25.73 48.53 -10.50
N SER N 308 -24.61 48.51 -9.78
CA SER N 308 -23.57 47.50 -9.97
C SER N 308 -22.70 47.34 -8.72
N ASN N 309 -22.09 46.17 -8.61
CA ASN N 309 -21.39 45.78 -7.39
C ASN N 309 -19.91 46.02 -7.46
N ARG N 310 -19.36 46.11 -8.67
CA ARG N 310 -17.91 46.21 -8.88
C ARG N 310 -17.66 47.13 -10.08
N LEU N 311 -16.77 48.10 -9.88
CA LEU N 311 -16.19 48.86 -10.99
C LEU N 311 -14.74 49.03 -10.77
N VAL N 312 -13.95 48.07 -11.22
CA VAL N 312 -12.52 48.08 -10.93
C VAL N 312 -11.76 48.29 -12.21
N LEU N 313 -10.75 49.13 -12.09
CA LEU N 313 -10.06 49.69 -13.23
C LEU N 313 -8.67 49.16 -13.22
N ALA N 314 -8.14 48.89 -14.40
CA ALA N 314 -6.84 48.27 -14.53
C ALA N 314 -5.81 49.37 -14.54
N THR N 315 -4.69 49.10 -13.87
CA THR N 315 -3.51 49.94 -13.88
C THR N 315 -2.27 49.18 -14.32
N GLY N 316 -1.98 48.05 -13.67
CA GLY N 316 -0.82 47.19 -14.03
C GLY N 316 -1.04 46.41 -15.33
N LEU N 317 -0.49 45.20 -15.42
CA LEU N 317 -0.66 44.34 -16.61
C LEU N 317 -0.96 42.88 -16.24
N ARG N 318 -1.10 42.00 -17.22
CA ARG N 318 -1.43 40.60 -16.93
C ARG N 318 -0.42 39.89 -16.01
N ASN N 319 -0.93 39.37 -14.91
CA ASN N 319 -0.12 38.64 -13.95
C ASN N 319 -0.11 37.18 -14.38
N SER N 320 1.09 36.63 -14.58
CA SER N 320 1.23 35.24 -15.03
C SER N 320 1.83 34.38 -13.90
N PRO N 321 1.19 33.25 -13.51
CA PRO N 321 1.70 32.50 -12.36
C PRO N 321 2.42 31.22 -12.77
N GLY O 1 -2.64 39.66 -25.92
CA GLY O 1 -1.78 40.79 -26.36
C GLY O 1 -2.04 41.26 -27.78
N LEU O 2 -2.30 42.55 -27.94
CA LEU O 2 -2.47 43.13 -29.27
C LEU O 2 -1.15 43.25 -30.00
N PHE O 3 -0.12 43.65 -29.28
CA PHE O 3 1.17 43.87 -29.89
C PHE O 3 2.06 42.63 -29.87
N GLY O 4 1.55 41.55 -29.26
CA GLY O 4 2.21 40.25 -29.33
C GLY O 4 3.41 40.17 -28.42
N ALA O 5 3.31 40.92 -27.32
CA ALA O 5 4.37 41.02 -26.36
C ALA O 5 4.08 40.01 -25.28
N ILE O 6 3.03 40.27 -24.51
CA ILE O 6 2.88 39.67 -23.21
C ILE O 6 2.34 38.24 -23.27
N ALA O 7 1.18 38.05 -23.87
CA ALA O 7 0.71 36.68 -24.13
C ALA O 7 1.62 35.97 -25.14
N GLY O 8 2.18 36.76 -26.09
CA GLY O 8 2.84 36.26 -27.29
C GLY O 8 4.26 35.78 -27.09
N PHE O 9 5.23 36.46 -27.71
CA PHE O 9 6.59 35.91 -27.75
C PHE O 9 7.37 35.93 -26.42
N ILE O 10 6.90 36.69 -25.43
CA ILE O 10 7.50 36.66 -24.11
C ILE O 10 6.60 35.86 -23.15
N GLU O 11 6.53 34.55 -23.36
CA GLU O 11 5.60 33.69 -22.59
C GLU O 11 5.91 33.80 -21.09
N GLY O 12 5.01 34.44 -20.33
CA GLY O 12 5.20 34.65 -18.87
C GLY O 12 6.03 35.88 -18.53
N GLY O 13 5.91 36.36 -17.28
CA GLY O 13 6.56 37.61 -16.84
C GLY O 13 7.47 37.41 -15.65
N TRP O 14 8.61 38.13 -15.64
CA TRP O 14 9.61 37.99 -14.57
C TRP O 14 9.01 38.39 -13.22
N GLN O 15 8.91 37.43 -12.30
CA GLN O 15 8.40 37.70 -10.95
C GLN O 15 9.44 38.29 -10.01
N GLY O 16 10.71 38.02 -10.30
CA GLY O 16 11.81 38.50 -9.46
C GLY O 16 12.14 39.97 -9.62
N MET O 17 11.73 40.56 -10.75
CA MET O 17 11.83 42.00 -10.93
C MET O 17 10.72 42.66 -10.13
N VAL O 18 11.07 43.54 -9.20
CA VAL O 18 10.08 44.29 -8.42
C VAL O 18 10.48 45.76 -8.30
N ASP O 19 11.19 46.28 -9.30
CA ASP O 19 11.58 47.70 -9.33
C ASP O 19 10.62 48.52 -10.18
N GLY O 20 10.25 47.97 -11.33
CA GLY O 20 9.37 48.63 -12.32
C GLY O 20 8.47 47.63 -13.03
N TRP O 21 7.79 48.10 -14.07
CA TRP O 21 6.87 47.27 -14.84
C TRP O 21 7.57 46.56 -15.95
N TYR O 22 8.53 47.22 -16.57
CA TYR O 22 9.26 46.65 -17.70
C TYR O 22 10.77 46.59 -17.40
N GLY O 23 11.46 45.58 -17.93
CA GLY O 23 12.91 45.48 -17.69
C GLY O 23 13.70 44.30 -18.24
N TYR O 24 14.94 44.22 -17.78
CA TYR O 24 15.98 43.40 -18.39
C TYR O 24 16.54 42.32 -17.46
N HIS O 25 17.03 41.23 -18.06
CA HIS O 25 17.64 40.11 -17.31
C HIS O 25 19.01 39.81 -17.89
N HIS O 26 20.05 40.30 -17.22
CA HIS O 26 21.43 40.06 -17.63
C HIS O 26 21.96 38.77 -16.99
N SER O 27 22.70 37.98 -17.79
CA SER O 27 23.45 36.80 -17.31
C SER O 27 24.83 36.71 -17.99
N ASN O 28 25.76 37.52 -17.49
CA ASN O 28 27.12 37.65 -18.03
C ASN O 28 28.13 36.97 -17.09
N GLU O 29 29.42 37.17 -17.35
CA GLU O 29 30.51 36.53 -16.58
C GLU O 29 30.50 36.85 -15.06
N GLN O 30 30.10 38.07 -14.69
CA GLN O 30 30.08 38.51 -13.28
C GLN O 30 28.96 37.90 -12.44
N GLY O 31 27.81 37.65 -13.07
CA GLY O 31 26.69 36.99 -12.41
C GLY O 31 25.40 37.21 -13.17
N SER O 32 24.30 36.74 -12.60
CA SER O 32 22.95 37.02 -13.11
C SER O 32 22.25 38.06 -12.25
N GLY O 33 21.14 38.58 -12.77
CA GLY O 33 20.37 39.61 -12.08
C GLY O 33 19.34 40.30 -12.95
N TYR O 34 18.26 40.76 -12.32
CA TYR O 34 17.23 41.57 -12.97
C TYR O 34 17.56 43.03 -12.74
N ALA O 35 17.15 43.87 -13.68
CA ALA O 35 17.37 45.31 -13.59
C ALA O 35 16.30 46.05 -14.40
N ALA O 36 15.46 46.81 -13.72
CA ALA O 36 14.27 47.41 -14.35
C ALA O 36 14.56 48.75 -14.99
N ASP O 37 13.91 49.00 -16.12
CA ASP O 37 14.01 50.28 -16.85
C ASP O 37 13.01 51.25 -16.27
N LYS O 38 13.53 52.16 -15.47
CA LYS O 38 12.68 53.08 -14.72
C LYS O 38 12.09 54.16 -15.59
N GLU O 39 12.77 54.53 -16.68
CA GLU O 39 12.33 55.68 -17.50
C GLU O 39 11.08 55.39 -18.30
N SER O 40 11.00 54.19 -18.88
CA SER O 40 9.80 53.79 -19.64
C SER O 40 8.64 53.46 -18.72
N THR O 41 8.95 52.86 -17.58
CA THR O 41 7.96 52.60 -16.54
C THR O 41 7.34 53.88 -16.01
N GLN O 42 8.12 54.95 -15.92
CA GLN O 42 7.61 56.23 -15.40
C GLN O 42 6.58 56.83 -16.33
N LYS O 43 6.81 56.71 -17.64
CA LYS O 43 5.88 57.26 -18.64
C LYS O 43 4.58 56.52 -18.66
N ALA O 44 4.66 55.21 -18.43
CA ALA O 44 3.47 54.41 -18.29
C ALA O 44 2.66 54.83 -17.08
N ILE O 45 3.32 55.00 -15.95
CA ILE O 45 2.60 55.38 -14.74
C ILE O 45 2.06 56.79 -14.89
N ASP O 46 2.83 57.70 -15.47
CA ASP O 46 2.33 59.05 -15.74
C ASP O 46 1.06 58.97 -16.57
N GLY O 47 1.06 58.10 -17.58
CA GLY O 47 -0.12 57.85 -18.39
C GLY O 47 -1.32 57.28 -17.63
N VAL O 48 -1.12 56.15 -16.99
CA VAL O 48 -2.19 55.50 -16.23
C VAL O 48 -2.69 56.43 -15.12
N THR O 49 -1.80 57.09 -14.39
CA THR O 49 -2.22 58.02 -13.34
C THR O 49 -3.15 59.06 -13.94
N ASN O 50 -2.86 59.45 -15.17
CA ASN O 50 -3.68 60.43 -15.87
C ASN O 50 -5.03 59.91 -16.41
N LYS O 51 -5.08 58.64 -16.80
CA LYS O 51 -6.34 58.04 -17.22
C LYS O 51 -7.31 58.07 -16.07
N VAL O 52 -6.89 57.48 -14.97
CA VAL O 52 -7.72 57.30 -13.80
C VAL O 52 -8.17 58.65 -13.28
N ASN O 53 -7.25 59.60 -13.22
CA ASN O 53 -7.61 60.99 -12.91
C ASN O 53 -8.69 61.50 -13.85
N SER O 54 -8.49 61.34 -15.16
CA SER O 54 -9.44 61.87 -16.14
C SER O 54 -10.83 61.24 -16.04
N ILE O 55 -10.93 59.96 -15.70
CA ILE O 55 -12.25 59.32 -15.54
C ILE O 55 -13.04 59.81 -14.34
N ILE O 56 -12.36 60.31 -13.32
CA ILE O 56 -13.03 60.86 -12.14
C ILE O 56 -13.24 62.39 -12.27
N ASP O 57 -12.16 63.08 -12.66
CA ASP O 57 -12.12 64.54 -12.69
C ASP O 57 -13.12 65.16 -13.68
N LYS O 58 -13.42 64.46 -14.79
CA LYS O 58 -14.32 65.02 -15.80
C LYS O 58 -15.78 65.00 -15.41
N MET O 59 -16.13 64.18 -14.43
CA MET O 59 -17.51 64.13 -14.02
C MET O 59 -17.87 65.09 -12.91
N ASN O 60 -16.90 65.92 -12.50
CA ASN O 60 -17.07 67.01 -11.46
C ASN O 60 -18.44 67.74 -11.47
N THR O 61 -19.09 67.76 -12.64
CA THR O 61 -20.46 68.21 -12.74
C THR O 61 -21.32 67.22 -11.97
N GLN O 62 -21.57 67.61 -10.71
CA GLN O 62 -22.64 67.11 -9.85
C GLN O 62 -23.07 68.25 -8.90
N PHE O 63 -24.38 68.33 -8.63
CA PHE O 63 -24.96 69.39 -7.75
C PHE O 63 -25.80 68.85 -6.59
N GLU O 64 -26.69 69.67 -6.07
CA GLU O 64 -27.78 69.20 -5.25
C GLU O 64 -28.75 68.20 -5.91
N ALA O 65 -29.43 67.50 -5.01
CA ALA O 65 -30.25 66.37 -5.34
C ALA O 65 -31.18 66.00 -4.15
N VAL O 66 -32.14 65.10 -4.41
CA VAL O 66 -33.23 64.74 -3.48
C VAL O 66 -33.86 63.31 -3.68
N GLY O 67 -34.88 63.01 -2.87
CA GLY O 67 -35.77 61.86 -3.00
C GLY O 67 -37.26 62.23 -3.21
N ARG O 68 -38.16 61.34 -2.80
CA ARG O 68 -39.56 61.32 -3.32
C ARG O 68 -40.66 61.77 -2.35
N GLU O 69 -41.67 62.47 -2.87
CA GLU O 69 -42.40 63.53 -2.15
C GLU O 69 -43.79 63.91 -2.72
N PHE O 70 -44.56 62.91 -3.15
CA PHE O 70 -45.94 63.13 -3.66
C PHE O 70 -46.94 62.22 -2.96
N ASN O 71 -48.19 62.69 -2.85
CA ASN O 71 -49.27 61.94 -2.19
C ASN O 71 -49.93 60.96 -3.15
N ASN O 72 -50.72 60.04 -2.62
CA ASN O 72 -51.31 58.99 -3.45
C ASN O 72 -52.53 59.42 -4.30
N LEU O 73 -52.82 60.73 -4.33
CA LEU O 73 -53.71 61.33 -5.34
C LEU O 73 -52.92 62.03 -6.46
N GLU O 74 -51.60 61.83 -6.50
CA GLU O 74 -50.76 62.32 -7.59
C GLU O 74 -49.75 61.25 -8.02
N ARG O 75 -50.24 60.01 -8.17
CA ARG O 75 -49.38 58.88 -8.49
C ARG O 75 -48.83 58.97 -9.90
N ARG O 76 -49.51 59.72 -10.77
CA ARG O 76 -49.07 59.95 -12.16
C ARG O 76 -47.75 60.70 -12.25
N ILE O 77 -47.64 61.75 -11.43
CA ILE O 77 -46.42 62.54 -11.36
C ILE O 77 -45.32 61.73 -10.66
N GLU O 78 -45.69 60.90 -9.68
CA GLU O 78 -44.71 60.04 -9.00
C GLU O 78 -44.16 59.01 -9.94
N ASN O 79 -44.98 58.57 -10.88
CA ASN O 79 -44.57 57.66 -11.95
C ASN O 79 -43.67 58.36 -12.95
N LEU O 80 -43.90 59.65 -13.21
CA LEU O 80 -42.94 60.43 -14.02
C LEU O 80 -41.58 60.60 -13.36
N ASN O 81 -41.56 60.70 -12.04
CA ASN O 81 -40.30 60.73 -11.32
C ASN O 81 -39.59 59.42 -11.55
N LYS O 82 -40.29 58.31 -11.28
CA LYS O 82 -39.72 56.96 -11.40
C LYS O 82 -39.13 56.73 -12.78
N LYS O 83 -39.82 57.16 -13.82
CA LYS O 83 -39.34 56.95 -15.21
C LYS O 83 -37.99 57.60 -15.42
N MET O 84 -37.87 58.83 -14.93
CA MET O 84 -36.65 59.61 -15.08
C MET O 84 -35.55 59.01 -14.24
N GLU O 85 -35.86 58.71 -13.00
CA GLU O 85 -34.86 58.23 -12.03
C GLU O 85 -34.35 56.86 -12.42
N ASP O 86 -35.26 55.97 -12.77
CA ASP O 86 -34.89 54.67 -13.33
C ASP O 86 -34.12 54.88 -14.65
N GLY O 87 -34.59 55.80 -15.50
CA GLY O 87 -33.90 56.10 -16.75
C GLY O 87 -32.42 56.46 -16.60
N PHE O 88 -32.09 57.32 -15.64
CA PHE O 88 -30.70 57.75 -15.44
C PHE O 88 -29.86 56.62 -14.90
N LEU O 89 -30.39 55.96 -13.90
CA LEU O 89 -29.78 54.75 -13.40
C LEU O 89 -29.41 53.75 -14.51
N ASP O 90 -30.25 53.62 -15.51
CA ASP O 90 -29.95 52.72 -16.63
C ASP O 90 -28.75 53.26 -17.40
N VAL O 91 -28.78 54.55 -17.71
CA VAL O 91 -27.74 55.18 -18.54
C VAL O 91 -26.40 55.15 -17.87
N TRP O 92 -26.35 55.64 -16.64
CA TRP O 92 -25.10 55.69 -15.88
C TRP O 92 -24.50 54.32 -15.59
N THR O 93 -25.34 53.35 -15.28
CA THR O 93 -24.83 52.02 -15.09
C THR O 93 -24.20 51.53 -16.35
N TYR O 94 -24.93 51.62 -17.45
CA TYR O 94 -24.41 51.18 -18.75
C TYR O 94 -23.13 51.88 -19.16
N ASN O 95 -23.12 53.20 -19.06
CA ASN O 95 -21.97 54.00 -19.45
C ASN O 95 -20.81 53.69 -18.56
N ALA O 96 -21.07 53.53 -17.27
CA ALA O 96 -19.98 53.23 -16.37
C ALA O 96 -19.47 51.84 -16.70
N GLU O 97 -20.34 50.84 -16.59
CA GLU O 97 -19.93 49.45 -16.80
C GLU O 97 -19.08 49.27 -18.06
N LEU O 98 -19.48 49.88 -19.17
CA LEU O 98 -18.74 49.77 -20.42
C LEU O 98 -17.45 50.54 -20.42
N LEU O 99 -17.46 51.72 -19.83
CA LEU O 99 -16.26 52.53 -19.80
C LEU O 99 -15.11 51.76 -19.14
N VAL O 100 -15.42 51.10 -18.05
CA VAL O 100 -14.46 50.26 -17.42
C VAL O 100 -14.00 49.20 -18.40
N LEU O 101 -14.91 48.38 -18.89
CA LEU O 101 -14.54 47.32 -19.83
C LEU O 101 -13.73 47.83 -21.01
N MET O 102 -13.99 49.03 -21.50
CA MET O 102 -13.26 49.52 -22.67
C MET O 102 -11.89 50.00 -22.29
N GLU O 103 -11.83 50.86 -21.27
CA GLU O 103 -10.54 51.39 -20.83
C GLU O 103 -9.65 50.34 -20.19
N ASN O 104 -10.20 49.20 -19.79
CA ASN O 104 -9.37 48.14 -19.29
C ASN O 104 -8.73 47.37 -20.40
N GLU O 105 -9.36 47.24 -21.56
CA GLU O 105 -8.69 46.54 -22.63
C GLU O 105 -7.51 47.36 -23.08
N ARG O 106 -7.73 48.63 -23.36
CA ARG O 106 -6.67 49.51 -23.88
C ARG O 106 -5.52 49.74 -22.90
N THR O 107 -5.83 49.74 -21.60
CA THR O 107 -4.82 49.86 -20.55
C THR O 107 -3.88 48.67 -20.60
N LEU O 108 -4.42 47.48 -20.72
CA LEU O 108 -3.58 46.26 -20.84
C LEU O 108 -2.74 46.28 -22.11
N ASP O 109 -3.32 46.78 -23.20
CA ASP O 109 -2.65 46.84 -24.50
C ASP O 109 -1.59 47.92 -24.55
N PHE O 110 -1.80 49.02 -23.84
CA PHE O 110 -0.76 50.01 -23.64
C PHE O 110 0.53 49.39 -23.04
N HIS O 111 0.38 48.41 -22.15
CA HIS O 111 1.55 47.74 -21.58
C HIS O 111 2.24 46.86 -22.61
N ASP O 112 1.47 46.02 -23.29
CA ASP O 112 1.98 45.29 -24.46
C ASP O 112 2.77 46.21 -25.35
N SER O 113 2.19 47.35 -25.70
CA SER O 113 2.83 48.32 -26.58
C SER O 113 4.18 48.78 -26.05
N ASN O 114 4.22 49.16 -24.78
CA ASN O 114 5.47 49.60 -24.16
C ASN O 114 6.56 48.52 -24.14
N VAL O 115 6.16 47.27 -23.94
CA VAL O 115 7.11 46.19 -23.90
C VAL O 115 7.63 45.88 -25.29
N LYS O 116 6.78 45.85 -26.30
CA LYS O 116 7.26 45.59 -27.67
C LYS O 116 8.16 46.72 -28.16
N ASN O 117 7.91 47.95 -27.72
CA ASN O 117 8.76 49.09 -28.10
C ASN O 117 10.11 49.10 -27.39
N LEU O 118 10.14 48.58 -26.17
CA LEU O 118 11.37 48.43 -25.43
C LEU O 118 12.28 47.37 -26.09
N TYR O 119 11.74 46.18 -26.33
CA TYR O 119 12.41 45.13 -27.13
C TYR O 119 12.88 45.64 -28.49
N ASP O 120 12.07 46.47 -29.16
CA ASP O 120 12.49 47.08 -30.44
C ASP O 120 13.60 48.13 -30.27
N LYS O 121 13.62 48.84 -29.15
CA LYS O 121 14.67 49.85 -28.89
C LYS O 121 16.03 49.19 -28.68
N VAL O 122 16.04 48.05 -28.01
CA VAL O 122 17.24 47.23 -27.86
C VAL O 122 17.65 46.64 -29.19
N ARG O 123 16.72 46.03 -29.91
CA ARG O 123 16.99 45.40 -31.21
C ARG O 123 17.67 46.33 -32.21
N LEU O 124 17.25 47.60 -32.26
CA LEU O 124 17.80 48.55 -33.25
C LEU O 124 19.21 49.07 -32.92
N GLN O 125 19.57 49.11 -31.65
CA GLN O 125 20.92 49.50 -31.23
C GLN O 125 21.98 48.45 -31.64
N LEU O 126 21.68 47.19 -31.41
CA LEU O 126 22.59 46.08 -31.68
C LEU O 126 22.06 45.20 -32.81
N ARG O 127 22.45 45.53 -34.04
CA ARG O 127 21.82 44.97 -35.22
C ARG O 127 22.33 43.55 -35.45
N ASP O 128 23.60 43.42 -35.82
CA ASP O 128 24.25 42.11 -36.05
C ASP O 128 25.21 41.73 -34.92
N ASN O 129 25.30 42.56 -33.88
CA ASN O 129 26.16 42.30 -32.73
C ASN O 129 25.52 41.31 -31.74
N ALA O 130 24.26 40.93 -31.99
CA ALA O 130 23.60 39.89 -31.19
C ALA O 130 22.63 39.08 -32.04
N LYS O 131 22.08 38.03 -31.43
CA LYS O 131 21.25 37.04 -32.12
C LYS O 131 19.84 37.08 -31.53
N GLU O 132 18.84 37.34 -32.38
CA GLU O 132 17.41 37.32 -31.96
C GLU O 132 16.93 35.91 -31.66
N LEU O 133 16.80 35.56 -30.39
CA LEU O 133 16.41 34.19 -30.03
C LEU O 133 14.97 33.89 -30.46
N GLY O 134 14.03 34.78 -30.11
CA GLY O 134 12.59 34.54 -30.32
C GLY O 134 11.80 34.30 -29.05
N ASN O 135 12.49 33.98 -27.95
CA ASN O 135 11.96 34.07 -26.58
C ASN O 135 12.12 35.49 -26.05
N GLY O 136 12.46 36.42 -26.94
CA GLY O 136 12.59 37.81 -26.57
C GLY O 136 13.92 38.09 -25.93
N CYS O 137 14.92 37.21 -26.15
CA CYS O 137 16.25 37.40 -25.61
C CYS O 137 17.22 37.77 -26.73
N PHE O 138 18.42 38.16 -26.29
CA PHE O 138 19.50 38.50 -27.20
C PHE O 138 20.84 37.84 -26.78
N GLU O 139 21.29 36.85 -27.55
CA GLU O 139 22.59 36.22 -27.33
C GLU O 139 23.65 37.11 -27.98
N PHE O 140 24.61 37.56 -27.16
CA PHE O 140 25.74 38.32 -27.67
C PHE O 140 26.77 37.43 -28.34
N TYR O 141 27.32 37.94 -29.45
CA TYR O 141 28.48 37.32 -30.10
C TYR O 141 29.79 37.67 -29.37
N HIS O 142 29.82 38.83 -28.71
CA HIS O 142 31.02 39.29 -27.98
C HIS O 142 30.76 39.33 -26.49
N LYS O 143 31.86 39.41 -25.74
CA LYS O 143 31.78 39.51 -24.28
C LYS O 143 31.40 40.96 -23.90
N CYS O 144 30.33 41.08 -23.11
CA CYS O 144 29.83 42.38 -22.61
C CYS O 144 29.63 42.32 -21.09
N ASP O 145 30.55 42.97 -20.35
CA ASP O 145 30.55 42.99 -18.87
C ASP O 145 29.47 43.92 -18.29
N ASN O 146 29.38 44.01 -16.96
CA ASN O 146 28.37 44.85 -16.30
C ASN O 146 28.49 46.36 -16.65
N GLU O 147 29.70 46.85 -16.87
CA GLU O 147 29.92 48.26 -17.29
C GLU O 147 29.51 48.48 -18.79
N CYS O 148 29.65 47.45 -19.63
CA CYS O 148 29.20 47.48 -21.02
C CYS O 148 27.67 47.53 -21.14
N MET O 149 26.97 46.80 -20.27
CA MET O 149 25.49 46.64 -20.37
C MET O 149 24.66 47.84 -19.92
N GLU O 150 25.22 48.67 -19.04
CA GLU O 150 24.61 49.96 -18.69
C GLU O 150 24.40 50.80 -19.94
N SER O 151 25.29 50.67 -20.92
CA SER O 151 25.18 51.37 -22.22
C SER O 151 23.95 50.95 -23.02
N VAL O 152 23.55 49.69 -22.88
CA VAL O 152 22.33 49.19 -23.55
C VAL O 152 21.08 49.77 -22.89
N ARG O 153 21.02 49.69 -21.56
CA ARG O 153 19.94 50.30 -20.76
C ARG O 153 19.85 51.83 -20.92
N ASN O 154 20.98 52.50 -20.73
CA ASN O 154 21.12 53.96 -20.92
C ASN O 154 20.77 54.34 -22.37
N GLY O 155 21.14 53.46 -23.30
CA GLY O 155 20.91 53.67 -24.71
C GLY O 155 22.05 54.40 -25.39
N THR O 156 23.27 54.21 -24.89
CA THR O 156 24.49 54.83 -25.42
C THR O 156 25.45 53.76 -25.95
N TYR O 157 24.90 52.70 -26.57
CA TYR O 157 25.69 51.54 -26.97
C TYR O 157 26.38 51.77 -28.31
N ASP O 158 27.72 51.64 -28.31
CA ASP O 158 28.53 51.83 -29.50
C ASP O 158 28.54 50.55 -30.34
N TYR O 159 27.97 50.66 -31.55
CA TYR O 159 28.12 49.64 -32.56
C TYR O 159 29.59 49.46 -33.00
N PRO O 160 30.32 50.56 -33.34
CA PRO O 160 31.67 50.38 -33.87
C PRO O 160 32.70 49.75 -32.91
N GLN O 161 32.50 49.93 -31.60
CA GLN O 161 33.42 49.38 -30.59
C GLN O 161 33.54 47.86 -30.62
N TYR O 162 32.41 47.18 -30.73
CA TYR O 162 32.36 45.71 -30.69
C TYR O 162 31.96 45.10 -32.04
N SER O 163 32.24 45.79 -33.15
CA SER O 163 31.79 45.34 -34.47
C SER O 163 32.59 44.16 -34.99
N GLU O 164 33.91 44.28 -35.01
CA GLU O 164 34.80 43.22 -35.52
C GLU O 164 34.82 41.95 -34.66
N GLU O 165 34.57 42.09 -33.36
CA GLU O 165 34.57 40.96 -32.41
C GLU O 165 33.46 39.95 -32.72
N ALA O 166 32.31 40.50 -33.08
CA ALA O 166 31.12 39.72 -33.43
C ALA O 166 31.17 39.22 -34.86
N ARG O 167 31.45 40.13 -35.78
CA ARG O 167 31.53 39.83 -37.23
C ARG O 167 32.44 38.65 -37.55
N LEU O 168 33.58 38.58 -36.89
CA LEU O 168 34.55 37.49 -37.08
C LEU O 168 34.28 36.27 -36.16
N LYS O 169 33.40 36.44 -35.17
CA LYS O 169 32.81 35.30 -34.43
C LYS O 169 31.70 34.59 -35.24
N ARG O 170 31.11 35.32 -36.19
CA ARG O 170 30.01 34.82 -37.03
C ARG O 170 30.43 33.75 -38.05
N GLU O 171 31.58 33.93 -38.69
CA GLU O 171 32.12 32.97 -39.65
C GLU O 171 32.65 31.67 -39.02
N GLU O 172 33.01 31.73 -37.74
CA GLU O 172 33.50 30.56 -36.98
C GLU O 172 32.43 29.47 -36.87
N ILE O 173 31.19 29.89 -36.61
CA ILE O 173 30.04 28.99 -36.54
C ILE O 173 29.60 28.57 -37.96
N SER O 174 29.63 29.52 -38.90
CA SER O 174 29.28 29.26 -40.30
C SER O 174 30.37 28.45 -41.04
N SER O 175 30.28 27.12 -40.90
CA SER O 175 31.22 26.19 -41.53
C SER O 175 32.07 25.51 -40.48
N ASP P 1 -40.74 -37.15 1.36
CA ASP P 1 -39.43 -37.67 1.90
C ASP P 1 -39.44 -37.64 3.42
N GLN P 2 -38.82 -38.65 4.05
CA GLN P 2 -38.92 -38.90 5.50
C GLN P 2 -37.62 -39.39 6.16
N ILE P 3 -37.43 -39.00 7.43
CA ILE P 3 -36.40 -39.55 8.35
C ILE P 3 -37.02 -39.84 9.70
N CYS P 4 -36.95 -41.10 10.10
CA CYS P 4 -37.50 -41.58 11.34
C CYS P 4 -36.36 -42.23 12.16
N ILE P 5 -36.41 -42.03 13.49
CA ILE P 5 -35.37 -42.44 14.45
C ILE P 5 -35.81 -43.70 15.19
N GLY P 6 -34.85 -44.58 15.51
CA GLY P 6 -35.12 -45.69 16.38
C GLY P 6 -33.91 -46.41 16.93
N TYR P 7 -34.16 -47.59 17.49
CA TYR P 7 -33.20 -48.34 18.29
C TYR P 7 -33.16 -49.79 17.87
N HIS P 8 -32.00 -50.40 18.04
CA HIS P 8 -31.71 -51.77 17.57
C HIS P 8 -32.64 -52.78 18.22
N ALA P 9 -32.79 -53.92 17.57
CA ALA P 9 -33.36 -55.09 18.24
C ALA P 9 -33.03 -56.30 17.42
N ASN P 10 -32.75 -57.43 18.06
CA ASN P 10 -32.35 -58.63 17.33
C ASN P 10 -33.13 -59.82 17.85
N ASN P 11 -32.56 -61.02 17.71
CA ASN P 11 -33.23 -62.26 18.09
C ASN P 11 -32.74 -62.85 19.43
N SER P 12 -32.27 -62.00 20.36
CA SER P 12 -31.76 -62.53 21.64
C SER P 12 -32.86 -62.89 22.59
N THR P 13 -32.59 -63.91 23.40
CA THR P 13 -33.54 -64.38 24.39
C THR P 13 -33.16 -63.98 25.82
N GLU P 14 -31.93 -63.49 26.04
CA GLU P 14 -31.38 -63.34 27.41
C GLU P 14 -32.16 -62.36 28.26
N GLN P 15 -32.89 -62.91 29.21
CA GLN P 15 -33.66 -62.15 30.18
C GLN P 15 -32.75 -61.64 31.30
N VAL P 16 -33.10 -60.46 31.82
CA VAL P 16 -32.37 -59.80 32.88
C VAL P 16 -33.37 -59.20 33.82
N ASP P 17 -33.21 -59.46 35.12
CA ASP P 17 -34.04 -58.83 36.13
C ASP P 17 -33.62 -57.39 36.36
N THR P 18 -34.61 -56.54 36.61
CA THR P 18 -34.39 -55.18 37.12
C THR P 18 -35.22 -55.00 38.40
N ILE P 19 -35.01 -53.87 39.05
CA ILE P 19 -35.59 -53.62 40.35
C ILE P 19 -37.13 -53.53 40.23
N MET P 20 -37.62 -52.89 39.18
CA MET P 20 -39.05 -52.69 38.99
C MET P 20 -39.75 -53.66 38.05
N GLU P 21 -39.00 -54.31 37.19
CA GLU P 21 -39.50 -55.33 36.28
C GLU P 21 -38.71 -56.60 36.43
N LYS P 22 -39.35 -57.76 36.29
CA LYS P 22 -38.62 -59.05 36.32
C LYS P 22 -38.72 -59.70 34.95
N ASN P 23 -37.74 -60.57 34.64
CA ASN P 23 -37.70 -61.33 33.37
C ASN P 23 -37.91 -60.41 32.14
N VAL P 24 -36.97 -59.50 31.91
CA VAL P 24 -37.05 -58.56 30.79
C VAL P 24 -36.10 -58.96 29.72
N THR P 25 -36.59 -59.12 28.50
CA THR P 25 -35.81 -59.64 27.40
C THR P 25 -34.92 -58.52 26.83
N VAL P 26 -33.61 -58.74 26.86
CA VAL P 26 -32.63 -57.69 26.52
C VAL P 26 -31.66 -58.12 25.44
N THR P 27 -31.29 -57.15 24.59
CA THR P 27 -30.44 -57.33 23.41
C THR P 27 -29.11 -58.03 23.62
N HIS P 28 -28.37 -57.56 24.62
CA HIS P 28 -27.05 -58.12 24.99
C HIS P 28 -26.86 -58.14 26.51
N ALA P 29 -25.79 -58.77 26.98
CA ALA P 29 -25.63 -58.99 28.41
C ALA P 29 -24.25 -59.44 28.82
N GLN P 30 -24.03 -59.45 30.13
CA GLN P 30 -22.77 -59.87 30.74
C GLN P 30 -23.05 -60.62 32.04
N ASP P 31 -22.44 -61.80 32.19
CA ASP P 31 -22.51 -62.58 33.43
C ASP P 31 -21.49 -62.02 34.42
N ILE P 32 -21.88 -61.91 35.67
CA ILE P 32 -20.99 -61.44 36.76
C ILE P 32 -20.71 -62.58 37.73
N LEU P 33 -21.30 -63.75 37.55
CA LEU P 33 -21.23 -64.77 38.56
C LEU P 33 -20.48 -65.95 38.00
N GLU P 34 -19.47 -66.41 38.74
CA GLU P 34 -18.65 -67.55 38.32
C GLU P 34 -19.29 -68.86 38.78
N LYS P 35 -19.74 -69.66 37.83
CA LYS P 35 -20.57 -70.80 38.11
C LYS P 35 -19.83 -72.12 37.94
N LYS P 36 -18.62 -72.07 37.40
CA LYS P 36 -17.99 -73.26 36.85
C LYS P 36 -16.66 -73.56 37.52
N HIS P 37 -16.31 -74.84 37.58
CA HIS P 37 -15.04 -75.27 38.18
C HIS P 37 -14.48 -76.47 37.43
N ASN P 38 -13.16 -76.58 37.41
CA ASN P 38 -12.46 -77.66 36.65
C ASN P 38 -12.46 -79.00 37.35
N GLY P 39 -12.83 -78.99 38.63
CA GLY P 39 -13.12 -80.20 39.37
C GLY P 39 -11.91 -81.05 39.70
N LYS P 40 -10.75 -80.43 39.79
CA LYS P 40 -9.52 -81.15 40.08
C LYS P 40 -8.58 -80.14 40.72
N LEU P 41 -8.07 -80.45 41.91
CA LEU P 41 -7.38 -79.44 42.72
C LEU P 41 -5.94 -79.23 42.28
N CYS P 42 -5.53 -77.96 42.29
CA CYS P 42 -4.41 -77.45 41.54
C CYS P 42 -3.44 -76.67 42.38
N ASP P 43 -2.38 -76.20 41.74
CA ASP P 43 -1.34 -75.38 42.38
C ASP P 43 -1.87 -74.00 42.71
N LEU P 44 -1.33 -73.40 43.76
CA LEU P 44 -1.53 -71.97 44.06
C LEU P 44 -0.28 -71.19 43.71
N ASP P 45 -0.27 -70.55 42.55
CA ASP P 45 0.88 -69.78 42.09
C ASP P 45 2.16 -70.63 42.18
N GLY P 46 2.15 -71.70 41.39
CA GLY P 46 3.30 -72.57 41.22
C GLY P 46 3.65 -73.52 42.35
N VAL P 47 2.81 -73.57 43.39
CA VAL P 47 3.14 -74.31 44.60
C VAL P 47 2.27 -75.55 44.75
N LYS P 48 2.95 -76.71 44.82
CA LYS P 48 2.31 -78.02 44.86
C LYS P 48 1.62 -78.12 46.24
N PRO P 49 0.32 -78.40 46.29
CA PRO P 49 -0.26 -78.70 47.60
C PRO P 49 0.11 -80.09 48.12
N LEU P 50 0.19 -80.22 49.43
CA LEU P 50 0.51 -81.47 50.09
C LEU P 50 -0.71 -82.38 50.16
N ILE P 51 -0.78 -83.41 49.34
CA ILE P 51 -1.96 -84.29 49.31
C ILE P 51 -1.71 -85.55 50.12
N LEU P 52 -2.54 -85.79 51.12
CA LEU P 52 -2.44 -86.99 51.95
C LEU P 52 -3.69 -87.83 51.71
N ARG P 53 -3.50 -88.98 51.08
CA ARG P 53 -4.65 -89.76 50.61
C ARG P 53 -5.24 -90.51 51.83
N ASP P 54 -4.59 -91.59 52.24
CA ASP P 54 -5.08 -92.49 53.27
C ASP P 54 -4.43 -92.15 54.62
N CYS P 55 -3.97 -90.92 54.74
CA CYS P 55 -3.14 -90.54 55.86
C CYS P 55 -3.52 -89.15 56.35
N SER P 56 -3.38 -88.95 57.66
CA SER P 56 -3.61 -87.66 58.29
C SER P 56 -2.28 -86.98 58.52
N VAL P 57 -2.31 -85.77 59.06
CA VAL P 57 -1.10 -85.01 59.34
C VAL P 57 -0.29 -85.66 60.46
N ALA P 58 -0.99 -86.06 61.53
CA ALA P 58 -0.31 -86.73 62.64
C ALA P 58 0.50 -87.95 62.16
N GLY P 59 -0.15 -88.82 61.39
CA GLY P 59 0.49 -90.04 60.88
C GLY P 59 1.57 -89.81 59.84
N TRP P 60 1.58 -88.63 59.24
CA TRP P 60 2.56 -88.24 58.25
C TRP P 60 3.84 -87.67 58.87
N LEU P 61 3.69 -86.89 59.94
CA LEU P 61 4.84 -86.39 60.70
C LEU P 61 5.59 -87.51 61.41
N LEU P 62 4.82 -88.40 62.04
CA LEU P 62 5.35 -89.61 62.62
C LEU P 62 5.39 -90.63 61.49
N GLY P 63 6.00 -91.78 61.71
CA GLY P 63 6.19 -92.75 60.62
C GLY P 63 5.13 -93.83 60.54
N ASN P 64 3.88 -93.45 60.29
CA ASN P 64 2.80 -94.44 60.25
C ASN P 64 3.12 -95.41 59.14
N PRO P 65 3.25 -96.71 59.47
CA PRO P 65 3.62 -97.69 58.45
C PRO P 65 2.59 -97.85 57.32
N MET P 66 1.29 -97.77 57.63
CA MET P 66 0.24 -98.13 56.67
C MET P 66 0.14 -97.21 55.46
N CYS P 67 0.32 -95.91 55.68
CA CYS P 67 0.57 -94.94 54.59
C CYS P 67 2.08 -94.79 54.45
N ASP P 68 2.54 -94.02 53.45
CA ASP P 68 3.98 -93.86 53.17
C ASP P 68 4.49 -92.44 53.37
N GLU P 69 5.72 -92.31 53.89
CA GLU P 69 6.38 -91.01 54.13
C GLU P 69 7.45 -90.74 53.07
N PHE P 70 7.16 -91.18 51.84
CA PHE P 70 8.00 -90.93 50.66
C PHE P 70 7.84 -89.51 50.11
N ILE P 71 6.87 -88.76 50.63
CA ILE P 71 6.62 -87.40 50.18
C ILE P 71 7.82 -86.53 50.60
N ASN P 72 8.77 -86.39 49.67
CA ASN P 72 9.91 -85.47 49.84
C ASN P 72 9.67 -84.18 49.05
N VAL P 73 8.48 -83.61 49.21
CA VAL P 73 8.16 -82.30 48.62
C VAL P 73 8.63 -81.31 49.69
N PRO P 74 9.49 -80.34 49.31
CA PRO P 74 10.09 -79.43 50.26
C PRO P 74 9.39 -78.08 50.39
N GLU P 75 8.19 -77.94 49.83
CA GLU P 75 7.47 -76.68 49.81
C GLU P 75 6.01 -76.89 49.42
N TRP P 76 5.08 -76.26 50.15
CA TRP P 76 3.66 -76.35 49.79
C TRP P 76 2.80 -75.17 50.24
N SER P 77 1.60 -75.09 49.64
CA SER P 77 0.64 -73.99 49.85
C SER P 77 -0.51 -74.28 50.79
N TYR P 78 -1.01 -75.51 50.73
CA TYR P 78 -2.06 -75.94 51.62
C TYR P 78 -2.06 -77.46 51.70
N ILE P 79 -2.62 -77.98 52.77
CA ILE P 79 -2.68 -79.41 52.95
C ILE P 79 -4.06 -79.92 52.56
N VAL P 80 -4.14 -81.17 52.12
CA VAL P 80 -5.39 -81.81 51.73
C VAL P 80 -5.55 -83.16 52.39
N GLU P 81 -6.31 -83.22 53.49
CA GLU P 81 -6.71 -84.49 54.09
C GLU P 81 -8.00 -84.94 53.42
N LYS P 82 -8.49 -86.11 53.82
CA LYS P 82 -9.85 -86.52 53.51
C LYS P 82 -10.72 -86.42 54.76
N ALA P 83 -12.03 -86.57 54.52
CA ALA P 83 -13.04 -86.45 55.58
C ALA P 83 -12.62 -87.14 56.88
N ASN P 84 -12.58 -88.47 56.83
CA ASN P 84 -12.05 -89.29 57.92
C ASN P 84 -10.89 -90.10 57.32
N PRO P 85 -9.63 -89.68 57.57
CA PRO P 85 -8.49 -90.39 56.98
C PRO P 85 -8.28 -91.71 57.70
N VAL P 86 -8.00 -92.77 56.95
CA VAL P 86 -8.05 -94.13 57.49
C VAL P 86 -6.93 -94.45 58.50
N ASN P 87 -5.80 -93.74 58.40
CA ASN P 87 -4.64 -93.94 59.30
C ASN P 87 -4.21 -92.67 60.05
N ASP P 88 -4.89 -92.38 61.17
CA ASP P 88 -4.53 -91.26 62.04
C ASP P 88 -3.35 -91.67 62.92
N LEU P 89 -3.56 -92.69 63.75
CA LEU P 89 -2.56 -93.18 64.68
C LEU P 89 -2.77 -94.68 64.83
N CYS P 90 -1.77 -95.48 64.43
CA CYS P 90 -1.86 -96.92 64.57
C CYS P 90 -1.98 -97.31 66.04
N TYR P 91 -1.07 -96.77 66.86
CA TYR P 91 -1.15 -96.91 68.33
C TYR P 91 -2.01 -95.75 68.85
N PRO P 92 -3.15 -96.07 69.50
CA PRO P 92 -4.11 -95.05 69.85
C PRO P 92 -3.59 -94.06 70.87
N GLY P 93 -4.12 -92.85 70.82
CA GLY P 93 -3.67 -91.83 71.73
C GLY P 93 -4.26 -90.48 71.48
N ASP P 94 -3.40 -89.47 71.63
CA ASP P 94 -3.78 -88.08 71.56
C ASP P 94 -2.56 -87.29 71.10
N PHE P 95 -2.78 -86.15 70.44
CA PHE P 95 -1.71 -85.24 70.02
C PHE P 95 -2.02 -83.89 70.65
N ASN P 96 -1.03 -83.26 71.28
CA ASN P 96 -1.24 -82.02 72.07
C ASN P 96 -1.06 -80.77 71.21
N ASP P 97 -2.07 -79.89 71.23
CA ASP P 97 -2.16 -78.71 70.35
C ASP P 97 -2.09 -79.08 68.85
N TYR P 98 -2.74 -80.20 68.51
CA TYR P 98 -2.72 -80.80 67.16
C TYR P 98 -3.20 -79.86 66.10
N GLU P 99 -4.22 -79.10 66.46
CA GLU P 99 -4.88 -78.24 65.51
C GLU P 99 -3.98 -77.06 65.23
N GLU P 100 -3.30 -76.57 66.25
CA GLU P 100 -2.40 -75.43 66.08
C GLU P 100 -1.15 -75.80 65.29
N LEU P 101 -0.68 -77.03 65.49
CA LEU P 101 0.45 -77.53 64.73
C LEU P 101 0.03 -77.73 63.29
N LYS P 102 -1.21 -78.19 63.10
CA LYS P 102 -1.79 -78.30 61.77
C LYS P 102 -1.75 -76.96 61.03
N HIS P 103 -2.17 -75.91 61.72
CA HIS P 103 -2.17 -74.58 61.13
C HIS P 103 -0.75 -74.11 60.83
N LEU P 104 0.19 -74.42 61.73
CA LEU P 104 1.58 -74.03 61.54
C LEU P 104 2.18 -74.68 60.31
N LEU P 105 1.89 -75.97 60.13
CA LEU P 105 2.44 -76.73 59.01
C LEU P 105 1.66 -76.58 57.73
N SER P 106 0.55 -75.85 57.76
CA SER P 106 -0.30 -75.71 56.58
C SER P 106 0.39 -75.11 55.36
N ARG P 107 1.32 -74.20 55.59
CA ARG P 107 2.04 -73.51 54.51
C ARG P 107 3.50 -73.26 54.82
N ILE P 108 4.36 -74.02 54.16
CA ILE P 108 5.76 -74.05 54.45
C ILE P 108 6.54 -73.64 53.23
N ASN P 109 7.65 -72.96 53.47
CA ASN P 109 8.53 -72.52 52.42
C ASN P 109 9.65 -73.54 52.15
N HIS P 110 10.34 -73.96 53.21
CA HIS P 110 11.46 -74.93 53.09
C HIS P 110 11.35 -76.06 54.13
N PHE P 111 11.56 -77.30 53.69
CA PHE P 111 11.18 -78.47 54.47
C PHE P 111 12.02 -79.69 54.12
N GLU P 112 12.67 -80.28 55.13
CA GLU P 112 13.37 -81.57 54.97
C GLU P 112 13.57 -82.31 56.30
N LYS P 113 13.67 -83.63 56.21
CA LYS P 113 13.83 -84.50 57.37
C LYS P 113 15.31 -84.54 57.76
N ILE P 114 15.61 -84.59 59.07
CA ILE P 114 17.02 -84.60 59.57
C ILE P 114 17.24 -85.63 60.71
N GLN P 115 18.43 -86.24 60.73
CA GLN P 115 18.87 -87.09 61.85
C GLN P 115 19.28 -86.20 63.04
N ILE P 116 18.59 -86.36 64.17
CA ILE P 116 18.96 -85.67 65.41
C ILE P 116 19.76 -86.64 66.28
N ILE P 117 19.17 -87.80 66.55
CA ILE P 117 19.87 -88.88 67.26
C ILE P 117 19.44 -90.24 66.68
N PRO P 118 20.38 -91.00 66.07
CA PRO P 118 19.98 -92.24 65.41
C PRO P 118 19.50 -93.34 66.36
N LYS P 119 18.93 -94.39 65.77
CA LYS P 119 18.51 -95.58 66.50
C LYS P 119 19.72 -96.29 67.13
N SER P 120 20.84 -96.25 66.40
CA SER P 120 22.11 -96.89 66.81
C SER P 120 22.69 -96.37 68.12
N SER P 121 22.53 -95.08 68.38
CA SER P 121 23.18 -94.42 69.52
C SER P 121 22.67 -94.82 70.93
N TRP P 122 21.52 -95.49 70.99
CA TRP P 122 20.98 -96.01 72.25
C TRP P 122 21.60 -97.37 72.59
N SER P 123 22.76 -97.33 73.24
CA SER P 123 23.51 -98.54 73.61
C SER P 123 23.08 -99.08 74.96
N SER P 124 22.90 -98.19 75.94
CA SER P 124 22.45 -98.56 77.28
C SER P 124 20.97 -98.99 77.36
N HIS P 125 20.17 -98.65 76.34
CA HIS P 125 18.73 -99.02 76.28
C HIS P 125 18.36 -99.71 74.96
N GLU P 126 17.42 -100.65 75.04
CA GLU P 126 17.05 -101.51 73.90
C GLU P 126 16.01 -100.86 72.99
N ALA P 127 16.47 -100.38 71.85
CA ALA P 127 15.64 -99.70 70.84
C ALA P 127 15.19 -100.62 69.72
N SER P 128 15.75 -101.82 69.64
CA SER P 128 15.40 -102.77 68.60
C SER P 128 13.94 -103.25 68.77
N LEU P 129 13.70 -104.15 69.72
CA LEU P 129 12.36 -104.74 69.91
C LEU P 129 11.53 -103.75 70.73
N GLY P 130 11.06 -102.70 70.07
CA GLY P 130 10.24 -101.66 70.69
C GLY P 130 9.02 -101.40 69.83
N VAL P 131 8.16 -102.42 69.75
CA VAL P 131 6.92 -102.37 68.96
C VAL P 131 5.79 -103.05 69.74
N SER P 132 4.61 -103.15 69.12
CA SER P 132 3.58 -104.05 69.62
C SER P 132 2.57 -104.40 68.53
N SER P 133 1.72 -105.38 68.85
CA SER P 133 0.70 -105.88 67.93
C SER P 133 -0.35 -104.81 67.62
N ALA P 134 -0.04 -103.97 66.63
CA ALA P 134 -0.87 -102.81 66.32
C ALA P 134 -0.57 -102.19 64.97
N CYS P 135 0.71 -101.88 64.71
CA CYS P 135 1.14 -101.20 63.47
C CYS P 135 1.88 -102.16 62.52
N PRO P 136 1.16 -102.74 61.53
CA PRO P 136 1.81 -103.68 60.60
C PRO P 136 2.52 -103.02 59.41
N TYR P 137 3.83 -103.23 59.26
CA TYR P 137 4.56 -102.69 58.10
C TYR P 137 4.38 -103.57 56.85
N GLN P 138 4.92 -104.79 56.89
CA GLN P 138 4.80 -105.75 55.79
C GLN P 138 4.22 -107.07 56.32
N GLY P 139 3.23 -106.94 57.19
CA GLY P 139 2.67 -108.06 57.95
C GLY P 139 3.17 -108.09 59.39
N LYS P 140 4.49 -108.07 59.54
CA LYS P 140 5.15 -108.24 60.85
C LYS P 140 5.03 -106.98 61.72
N SER P 141 4.89 -107.19 63.04
CA SER P 141 4.64 -106.10 64.01
C SER P 141 5.72 -105.02 63.99
N SER P 142 5.30 -103.79 63.71
CA SER P 142 6.17 -102.62 63.64
C SER P 142 5.64 -101.49 64.53
N PHE P 143 6.24 -100.30 64.40
CA PHE P 143 5.89 -99.09 65.17
C PHE P 143 6.24 -97.86 64.34
N PHE P 144 5.85 -96.68 64.81
CA PHE P 144 6.18 -95.38 64.20
C PHE P 144 7.66 -95.25 63.81
N ARG P 145 7.90 -95.14 62.51
CA ARG P 145 9.24 -95.13 61.93
C ARG P 145 10.02 -93.81 62.07
N ASN P 146 9.46 -92.80 62.72
CA ASN P 146 10.18 -91.53 63.02
C ASN P 146 10.35 -91.20 64.52
N VAL P 147 9.96 -92.12 65.39
CA VAL P 147 10.15 -91.99 66.84
C VAL P 147 10.42 -93.41 67.42
N VAL P 148 11.39 -93.49 68.33
CA VAL P 148 11.87 -94.76 68.86
C VAL P 148 11.24 -95.03 70.22
N TRP P 149 10.78 -96.27 70.46
CA TRP P 149 10.20 -96.69 71.74
C TRP P 149 11.24 -97.43 72.59
N LEU P 150 11.55 -96.86 73.76
CA LEU P 150 12.65 -97.35 74.60
C LEU P 150 12.24 -98.39 75.64
N ILE P 151 13.06 -99.45 75.75
CA ILE P 151 12.83 -100.61 76.63
C ILE P 151 14.10 -100.85 77.50
N LYS P 152 13.91 -101.46 78.67
CA LYS P 152 15.02 -101.82 79.57
C LYS P 152 16.00 -102.84 78.95
N LYS P 153 17.28 -102.76 79.32
CA LYS P 153 18.26 -103.77 78.91
C LYS P 153 18.57 -104.73 80.05
N ASN P 154 18.73 -106.02 79.70
CA ASN P 154 18.90 -107.13 80.64
C ASN P 154 17.71 -107.12 81.65
N SER P 155 17.82 -106.34 82.73
CA SER P 155 16.70 -106.05 83.61
C SER P 155 16.88 -104.76 84.45
N THR P 156 17.55 -103.76 83.88
CA THR P 156 17.76 -102.46 84.55
C THR P 156 17.52 -101.36 83.51
N TYR P 157 16.95 -100.24 83.97
CA TYR P 157 16.65 -99.08 83.13
C TYR P 157 17.43 -97.83 83.58
N PRO P 158 18.59 -97.56 82.92
CA PRO P 158 19.36 -96.35 83.25
C PRO P 158 18.59 -95.07 83.01
N THR P 159 18.88 -94.03 83.78
CA THR P 159 18.30 -92.70 83.58
C THR P 159 18.98 -92.06 82.35
N ILE P 160 18.17 -91.64 81.37
CA ILE P 160 18.66 -90.99 80.15
C ILE P 160 18.88 -89.51 80.42
N LYS P 161 19.90 -88.95 79.77
CA LYS P 161 20.23 -87.54 79.91
C LYS P 161 21.08 -87.11 78.72
N ARG P 162 20.39 -86.77 77.63
CA ARG P 162 21.03 -86.35 76.39
C ARG P 162 20.42 -85.02 75.93
N SER P 163 21.01 -84.42 74.90
CA SER P 163 20.55 -83.11 74.38
C SER P 163 21.02 -82.86 72.94
N TYR P 164 20.49 -81.80 72.32
CA TYR P 164 20.78 -81.43 70.92
C TYR P 164 20.86 -79.93 70.69
N ASN P 165 22.08 -79.42 70.50
CA ASN P 165 22.30 -78.04 70.04
C ASN P 165 22.02 -78.00 68.55
N ASN P 166 21.42 -76.89 68.11
CA ASN P 166 21.05 -76.72 66.72
C ASN P 166 22.18 -76.07 65.92
N THR P 167 23.05 -76.93 65.37
CA THR P 167 24.11 -76.48 64.45
C THR P 167 23.54 -75.94 63.14
N ASN P 168 22.36 -76.43 62.74
CA ASN P 168 21.66 -75.93 61.56
C ASN P 168 21.20 -74.50 61.80
N GLN P 169 21.13 -73.73 60.70
CA GLN P 169 20.76 -72.31 60.74
C GLN P 169 19.29 -72.03 60.38
N GLU P 170 18.68 -72.94 59.65
CA GLU P 170 17.21 -72.95 59.47
C GLU P 170 16.57 -73.38 60.79
N ASP P 171 15.36 -72.92 61.02
CA ASP P 171 14.60 -73.26 62.22
C ASP P 171 14.11 -74.71 62.11
N LEU P 172 13.93 -75.41 63.23
CA LEU P 172 13.36 -76.78 63.22
C LEU P 172 12.40 -77.08 64.37
N LEU P 173 11.62 -78.14 64.21
CA LEU P 173 10.73 -78.61 65.27
C LEU P 173 11.02 -80.06 65.61
N VAL P 174 10.81 -80.40 66.88
CA VAL P 174 11.01 -81.75 67.37
C VAL P 174 9.66 -82.24 67.85
N LEU P 175 9.49 -83.56 67.78
CA LEU P 175 8.31 -84.22 68.27
C LEU P 175 8.74 -85.30 69.25
N TRP P 176 7.96 -85.50 70.30
CA TRP P 176 8.20 -86.61 71.23
C TRP P 176 6.89 -87.03 71.86
N GLY P 177 6.94 -87.93 72.84
CA GLY P 177 5.74 -88.30 73.59
C GLY P 177 5.95 -89.14 74.84
N ILE P 178 4.86 -89.76 75.28
CA ILE P 178 4.84 -90.59 76.47
C ILE P 178 4.01 -91.86 76.22
N HIS P 179 4.51 -93.02 76.66
CA HIS P 179 3.70 -94.25 76.73
C HIS P 179 2.99 -94.34 78.08
N HIS P 180 1.66 -94.33 78.04
CA HIS P 180 0.85 -94.50 79.24
C HIS P 180 0.48 -95.97 79.40
N PRO P 181 0.90 -96.61 80.50
CA PRO P 181 0.59 -98.04 80.65
C PRO P 181 -0.83 -98.31 81.14
N ASN P 182 -1.24 -99.57 81.01
CA ASN P 182 -2.54 -100.02 81.48
C ASN P 182 -2.61 -100.19 83.02
N ASP P 183 -1.59 -100.83 83.61
CA ASP P 183 -1.51 -101.04 85.09
C ASP P 183 -0.07 -101.08 85.66
N ALA P 184 0.05 -101.07 86.99
CA ALA P 184 1.35 -101.13 87.66
C ALA P 184 2.17 -102.41 87.36
N ALA P 185 1.48 -103.49 86.96
CA ALA P 185 2.14 -104.74 86.52
C ALA P 185 2.89 -104.57 85.19
N GLU P 186 2.30 -103.82 84.25
CA GLU P 186 2.96 -103.53 82.97
C GLU P 186 4.06 -102.46 83.10
N GLN P 187 4.02 -101.68 84.18
CA GLN P 187 5.11 -100.75 84.53
C GLN P 187 6.43 -101.48 84.74
N THR P 188 6.40 -102.51 85.58
CA THR P 188 7.60 -103.31 85.88
C THR P 188 7.95 -104.35 84.79
N LYS P 189 7.07 -104.60 83.80
CA LYS P 189 7.38 -105.50 82.67
C LYS P 189 8.26 -104.85 81.61
N LEU P 190 7.87 -103.67 81.17
CA LEU P 190 8.61 -102.92 80.14
C LEU P 190 9.80 -102.20 80.73
N TYR P 191 9.58 -101.53 81.86
CA TYR P 191 10.59 -100.73 82.54
C TYR P 191 10.80 -101.29 83.91
N GLN P 192 11.80 -100.78 84.61
CA GLN P 192 12.11 -101.25 85.96
C GLN P 192 12.03 -100.06 86.90
N ASN P 193 10.91 -99.35 86.83
CA ASN P 193 10.70 -98.21 87.70
C ASN P 193 9.23 -98.18 88.11
N PRO P 194 8.92 -97.75 89.35
CA PRO P 194 7.54 -97.46 89.72
C PRO P 194 7.11 -96.05 89.32
N THR P 195 7.76 -95.03 89.88
CA THR P 195 7.50 -93.62 89.55
C THR P 195 8.47 -93.18 88.46
N THR P 196 7.97 -92.37 87.52
CA THR P 196 8.73 -91.96 86.34
C THR P 196 8.51 -90.48 86.04
N TYR P 197 9.55 -89.83 85.50
CA TYR P 197 9.49 -88.43 85.08
C TYR P 197 10.15 -88.27 83.71
N ILE P 198 9.54 -87.44 82.86
CA ILE P 198 10.09 -87.03 81.55
C ILE P 198 10.07 -85.51 81.48
N SER P 199 11.25 -84.92 81.40
CA SER P 199 11.39 -83.47 81.43
C SER P 199 12.10 -83.02 80.17
N VAL P 200 11.56 -81.95 79.58
CA VAL P 200 12.15 -81.34 78.39
C VAL P 200 12.37 -79.86 78.66
N GLY P 201 13.51 -79.37 78.15
CA GLY P 201 13.97 -78.01 78.41
C GLY P 201 14.56 -77.35 77.17
N THR P 202 14.12 -76.12 76.91
CA THR P 202 14.57 -75.27 75.81
C THR P 202 14.54 -73.85 76.35
N SER P 203 15.11 -72.88 75.61
CA SER P 203 15.00 -71.46 75.96
C SER P 203 13.61 -71.01 76.45
N THR P 204 12.56 -71.53 75.80
CA THR P 204 11.17 -71.22 76.16
C THR P 204 10.56 -72.29 77.03
N LEU P 205 10.56 -73.52 76.50
CA LEU P 205 9.77 -74.61 77.05
C LEU P 205 10.27 -75.02 78.42
N ASN P 206 9.34 -75.49 79.25
CA ASN P 206 9.66 -75.97 80.57
C ASN P 206 8.56 -76.89 81.08
N GLN P 207 8.74 -78.20 80.86
CA GLN P 207 7.73 -79.19 81.23
C GLN P 207 8.27 -80.40 81.99
N ARG P 208 7.38 -81.00 82.76
CA ARG P 208 7.66 -82.14 83.62
C ARG P 208 6.41 -83.02 83.52
N LEU P 209 6.53 -84.13 82.80
CA LEU P 209 5.38 -84.96 82.48
C LEU P 209 5.42 -86.29 83.23
N VAL P 210 4.30 -86.62 83.88
CA VAL P 210 4.17 -87.86 84.64
C VAL P 210 3.16 -88.75 83.91
N PRO P 211 3.50 -90.03 83.66
CA PRO P 211 2.54 -90.90 83.00
C PRO P 211 1.36 -91.24 83.92
N ARG P 212 0.16 -91.21 83.36
CA ARG P 212 -1.08 -91.59 84.03
C ARG P 212 -1.33 -93.07 83.87
N ILE P 213 -1.64 -93.73 84.98
CA ILE P 213 -2.00 -95.14 84.98
C ILE P 213 -3.51 -95.17 85.31
N ALA P 214 -4.27 -95.90 84.49
CA ALA P 214 -5.74 -96.02 84.65
C ALA P 214 -6.31 -97.12 83.76
N THR P 215 -7.45 -97.70 84.16
CA THR P 215 -8.08 -98.77 83.37
C THR P 215 -8.71 -98.11 82.15
N ARG P 216 -8.37 -98.63 80.96
CA ARG P 216 -8.81 -98.08 79.68
C ARG P 216 -9.81 -99.03 79.04
N SER P 217 -10.19 -98.75 77.80
CA SER P 217 -10.78 -99.74 76.90
C SER P 217 -9.78 -100.00 75.76
N LYS P 218 -9.90 -101.17 75.15
CA LYS P 218 -9.00 -101.61 74.09
C LYS P 218 -9.36 -100.90 72.78
N VAL P 219 -8.35 -100.44 72.06
CA VAL P 219 -8.51 -99.91 70.69
C VAL P 219 -7.34 -100.37 69.83
N ASN P 220 -7.66 -100.84 68.62
CA ASN P 220 -6.67 -101.38 67.68
C ASN P 220 -5.70 -102.40 68.31
N GLY P 221 -6.20 -103.13 69.31
CA GLY P 221 -5.39 -104.04 70.10
C GLY P 221 -5.07 -103.49 71.48
N GLN P 222 -4.18 -102.52 71.54
CA GLN P 222 -3.51 -102.14 72.79
C GLN P 222 -4.37 -101.17 73.62
N SER P 223 -4.33 -101.33 74.95
CA SER P 223 -5.24 -100.65 75.88
C SER P 223 -4.75 -99.27 76.27
N GLY P 224 -3.47 -99.19 76.64
CA GLY P 224 -2.84 -97.92 77.03
C GLY P 224 -2.67 -96.97 75.86
N ARG P 225 -2.47 -95.68 76.19
CA ARG P 225 -2.42 -94.58 75.21
C ARG P 225 -1.01 -94.04 74.96
N MET P 226 -0.90 -93.12 74.00
CA MET P 226 0.38 -92.57 73.53
C MET P 226 0.28 -91.05 73.24
N GLU P 227 0.49 -90.22 74.26
CA GLU P 227 0.41 -88.75 74.12
C GLU P 227 1.66 -88.16 73.51
N PHE P 228 1.51 -87.48 72.37
CA PHE P 228 2.62 -86.77 71.71
C PHE P 228 2.64 -85.30 72.03
N PHE P 229 3.79 -84.68 71.86
CA PHE P 229 4.00 -83.25 72.15
C PHE P 229 5.00 -82.71 71.13
N TRP P 230 5.17 -81.39 71.13
CA TRP P 230 6.03 -80.69 70.15
C TRP P 230 6.34 -79.25 70.59
N THR P 231 7.51 -78.75 70.15
CA THR P 231 7.76 -77.30 70.02
C THR P 231 8.75 -77.07 68.89
N ILE P 232 8.99 -75.78 68.61
CA ILE P 232 9.95 -75.35 67.61
C ILE P 232 11.20 -74.80 68.29
N LEU P 233 12.35 -75.33 67.86
CA LEU P 233 13.64 -74.99 68.44
C LEU P 233 14.27 -73.88 67.61
N LYS P 234 14.69 -72.81 68.25
CA LYS P 234 15.34 -71.67 67.58
C LYS P 234 16.61 -72.10 66.84
N PRO P 235 17.02 -71.31 65.82
CA PRO P 235 18.19 -71.70 65.01
C PRO P 235 19.50 -71.89 65.80
N ASN P 236 19.68 -71.13 66.86
CA ASN P 236 20.88 -71.17 67.68
C ASN P 236 20.50 -71.44 69.15
N ASP P 237 19.96 -72.64 69.40
CA ASP P 237 19.56 -73.06 70.75
C ASP P 237 19.59 -74.59 70.92
N ALA P 238 19.61 -75.02 72.19
CA ALA P 238 19.65 -76.44 72.56
C ALA P 238 18.39 -76.92 73.27
N ILE P 239 17.89 -78.07 72.82
CA ILE P 239 16.87 -78.83 73.53
C ILE P 239 17.56 -79.87 74.44
N ASN P 240 17.12 -79.96 75.69
CA ASN P 240 17.70 -80.87 76.67
C ASN P 240 16.62 -81.82 77.19
N PHE P 241 16.89 -83.12 77.14
CA PHE P 241 15.95 -84.13 77.65
C PHE P 241 16.48 -84.75 78.94
N GLU P 242 15.57 -85.36 79.70
CA GLU P 242 15.91 -86.17 80.88
C GLU P 242 14.72 -87.09 81.18
N SER P 243 14.97 -88.40 81.23
CA SER P 243 13.91 -89.40 81.43
C SER P 243 14.31 -90.59 82.31
N ASN P 244 13.42 -90.92 83.25
CA ASN P 244 13.54 -92.12 84.06
C ASN P 244 12.97 -93.34 83.32
N GLY P 245 11.99 -93.12 82.47
CA GLY P 245 11.37 -94.18 81.67
C GLY P 245 10.08 -93.71 81.00
N ASN P 246 9.22 -94.66 80.62
CA ASN P 246 7.92 -94.37 79.98
C ASN P 246 8.01 -93.30 78.87
N PHE P 247 9.03 -93.40 78.03
CA PHE P 247 9.40 -92.31 77.11
C PHE P 247 9.59 -92.81 75.69
N ILE P 248 9.26 -91.95 74.73
CA ILE P 248 9.48 -92.22 73.29
C ILE P 248 10.18 -91.05 72.60
N ALA P 249 11.47 -91.22 72.36
CA ALA P 249 12.34 -90.15 71.89
C ALA P 249 12.33 -90.03 70.37
N PRO P 250 12.64 -88.82 69.86
CA PRO P 250 12.71 -88.59 68.42
C PRO P 250 13.91 -89.24 67.75
N GLU P 251 13.72 -89.82 66.57
CA GLU P 251 14.83 -90.21 65.70
C GLU P 251 15.05 -89.05 64.74
N TYR P 252 14.04 -88.78 63.92
CA TYR P 252 14.08 -87.71 62.92
C TYR P 252 13.34 -86.49 63.43
N ALA P 253 13.66 -85.35 62.82
CA ALA P 253 12.95 -84.08 63.04
C ALA P 253 13.09 -83.21 61.80
N TYR P 254 12.20 -82.21 61.69
CA TYR P 254 12.00 -81.48 60.43
C TYR P 254 12.54 -80.05 60.46
N LYS P 255 13.15 -79.63 59.35
CA LYS P 255 13.54 -78.23 59.12
C LYS P 255 12.36 -77.44 58.58
N ILE P 256 12.01 -76.35 59.26
CA ILE P 256 10.86 -75.50 58.92
C ILE P 256 11.32 -74.08 58.66
N VAL P 257 10.99 -73.54 57.49
CA VAL P 257 11.05 -72.10 57.24
C VAL P 257 9.64 -71.66 56.90
N LYS P 258 9.00 -71.00 57.86
CA LYS P 258 7.60 -70.60 57.75
C LYS P 258 7.47 -69.18 57.24
N LYS P 259 6.58 -69.00 56.27
CA LYS P 259 6.23 -67.70 55.69
C LYS P 259 4.79 -67.78 55.21
N GLY P 260 3.90 -67.09 55.91
CA GLY P 260 2.49 -67.12 55.59
C GLY P 260 1.80 -68.35 56.14
N ASP P 261 0.48 -68.27 56.19
CA ASP P 261 -0.40 -69.29 56.75
C ASP P 261 -1.48 -69.62 55.72
N SER P 262 -2.11 -70.77 55.85
CA SER P 262 -3.25 -71.15 55.02
C SER P 262 -4.11 -72.08 55.85
N THR P 263 -4.52 -73.22 55.30
CA THR P 263 -5.22 -74.21 56.11
C THR P 263 -5.31 -75.60 55.47
N ILE P 264 -6.07 -76.48 56.10
CA ILE P 264 -6.21 -77.84 55.68
C ILE P 264 -7.56 -77.96 55.00
N MET P 265 -7.53 -77.98 53.67
CA MET P 265 -8.73 -78.13 52.89
C MET P 265 -9.23 -79.55 52.93
N LYS P 266 -10.51 -79.73 53.19
CA LYS P 266 -11.07 -81.06 53.21
C LYS P 266 -11.73 -81.39 51.89
N SER P 267 -11.06 -82.24 51.09
CA SER P 267 -11.57 -82.70 49.78
C SER P 267 -11.15 -84.11 49.47
N GLU P 268 -11.99 -84.79 48.72
CA GLU P 268 -11.74 -86.17 48.32
C GLU P 268 -10.79 -86.24 47.12
N LEU P 269 -10.75 -85.18 46.31
CA LEU P 269 -10.05 -85.21 45.02
C LEU P 269 -8.54 -85.43 45.10
N GLU P 270 -7.97 -85.70 43.92
CA GLU P 270 -6.53 -85.86 43.70
C GLU P 270 -6.05 -84.83 42.66
N TYR P 271 -4.73 -84.69 42.58
CA TYR P 271 -4.01 -83.62 41.84
C TYR P 271 -4.35 -83.59 40.35
N GLY P 272 -4.65 -82.41 39.81
CA GLY P 272 -4.96 -82.22 38.37
C GLY P 272 -3.90 -81.57 37.48
N ASN P 273 -2.64 -81.54 37.93
CA ASN P 273 -1.48 -80.99 37.18
C ASN P 273 -1.75 -79.69 36.42
N CYS P 274 -2.21 -78.70 37.16
CA CYS P 274 -2.60 -77.41 36.59
C CYS P 274 -2.17 -76.29 37.57
N ASN P 275 -2.70 -75.07 37.39
CA ASN P 275 -2.41 -73.92 38.26
C ASN P 275 -3.55 -72.92 38.26
N THR P 276 -4.03 -72.53 39.46
CA THR P 276 -5.05 -71.48 39.62
C THR P 276 -4.70 -70.50 40.71
N LYS P 277 -5.44 -69.40 40.71
CA LYS P 277 -5.26 -68.33 41.66
C LYS P 277 -6.05 -68.62 42.92
N CYS P 278 -7.04 -69.52 42.83
CA CYS P 278 -7.68 -70.02 44.06
C CYS P 278 -8.36 -71.38 43.91
N GLN P 279 -8.63 -72.00 45.07
CA GLN P 279 -9.03 -73.39 45.14
C GLN P 279 -10.26 -73.58 45.99
N THR P 280 -10.99 -74.66 45.70
CA THR P 280 -12.15 -75.09 46.44
C THR P 280 -12.19 -76.61 46.47
N PRO P 281 -12.72 -77.21 47.53
CA PRO P 281 -12.92 -78.66 47.57
C PRO P 281 -13.57 -79.30 46.34
N MET P 282 -14.53 -78.59 45.74
CA MET P 282 -15.24 -79.09 44.55
C MET P 282 -14.27 -79.08 43.39
N GLY P 283 -13.66 -77.92 43.15
CA GLY P 283 -12.70 -77.79 42.05
C GLY P 283 -11.78 -76.59 42.19
N ALA P 284 -11.54 -75.88 41.09
CA ALA P 284 -10.74 -74.66 41.11
C ALA P 284 -11.43 -73.59 40.28
N ILE P 285 -11.19 -72.33 40.61
CA ILE P 285 -11.93 -71.23 40.03
C ILE P 285 -10.99 -70.29 39.32
N ASN P 286 -11.49 -69.67 38.25
CA ASN P 286 -10.73 -68.67 37.49
C ASN P 286 -10.57 -67.36 38.20
N SER P 287 -11.67 -66.81 38.70
CA SER P 287 -11.64 -65.59 39.59
C SER P 287 -11.35 -64.26 38.88
N SER P 288 -11.92 -64.09 37.69
CA SER P 288 -11.90 -62.81 36.99
C SER P 288 -13.03 -61.97 37.54
N MET P 289 -14.25 -62.53 37.46
CA MET P 289 -15.45 -61.90 37.93
C MET P 289 -15.49 -61.88 39.47
N PRO P 290 -16.35 -61.05 40.08
CA PRO P 290 -16.26 -60.81 41.51
C PRO P 290 -17.18 -61.65 42.40
N PHE P 291 -18.02 -62.52 41.88
CA PHE P 291 -18.80 -63.40 42.77
C PHE P 291 -18.76 -64.87 42.30
N HIS P 292 -18.79 -65.82 43.24
CA HIS P 292 -18.97 -67.23 42.89
C HIS P 292 -20.01 -67.90 43.75
N ASN P 293 -20.40 -69.10 43.37
CA ASN P 293 -21.42 -69.85 44.08
C ASN P 293 -21.06 -71.32 44.18
N ILE P 294 -19.77 -71.58 44.23
CA ILE P 294 -19.24 -72.91 44.17
C ILE P 294 -19.26 -73.59 45.53
N HIS P 295 -18.41 -73.12 46.43
CA HIS P 295 -18.29 -73.73 47.74
C HIS P 295 -17.89 -72.65 48.71
N PRO P 296 -18.42 -72.70 49.91
CA PRO P 296 -18.10 -71.62 50.81
C PRO P 296 -16.65 -71.60 51.24
N LEU P 297 -16.04 -72.74 51.53
CA LEU P 297 -14.66 -72.72 52.09
C LEU P 297 -13.52 -72.92 51.09
N THR P 298 -12.89 -71.81 50.76
CA THR P 298 -11.96 -71.69 49.65
C THR P 298 -10.58 -71.36 50.18
N ILE P 299 -9.58 -71.53 49.32
CA ILE P 299 -8.20 -71.20 49.66
C ILE P 299 -7.67 -70.31 48.57
N GLY P 300 -7.31 -69.08 48.95
CA GLY P 300 -6.61 -68.17 48.02
C GLY P 300 -7.38 -66.89 47.75
N GLU P 301 -7.01 -66.22 46.65
CA GLU P 301 -7.62 -64.93 46.26
C GLU P 301 -8.93 -65.17 45.52
N CYS P 302 -9.92 -65.78 46.20
CA CYS P 302 -11.16 -66.06 45.54
C CYS P 302 -12.03 -64.79 45.52
N PRO P 303 -13.04 -64.76 44.62
CA PRO P 303 -14.05 -63.74 44.66
C PRO P 303 -14.94 -63.98 45.88
N LYS P 304 -16.06 -63.26 45.95
CA LYS P 304 -16.94 -63.35 47.12
C LYS P 304 -18.04 -64.41 46.96
N TYR P 305 -18.16 -65.29 47.97
CA TYR P 305 -19.12 -66.40 47.94
C TYR P 305 -20.49 -65.83 48.17
N VAL P 306 -21.39 -66.12 47.25
CA VAL P 306 -22.73 -65.59 47.26
C VAL P 306 -23.75 -66.69 47.07
N LYS P 307 -24.82 -66.69 47.85
CA LYS P 307 -25.86 -67.71 47.69
C LYS P 307 -26.88 -67.26 46.66
N SER P 308 -26.51 -67.35 45.39
CA SER P 308 -27.43 -67.09 44.30
C SER P 308 -27.00 -67.76 43.01
N ASN P 309 -27.97 -68.01 42.14
CA ASN P 309 -27.76 -68.79 40.94
C ASN P 309 -27.55 -67.93 39.73
N ARG P 310 -27.98 -66.67 39.77
CA ARG P 310 -27.92 -65.81 38.58
C ARG P 310 -27.59 -64.38 38.99
N LEU P 311 -26.56 -63.81 38.34
CA LEU P 311 -26.31 -62.36 38.43
C LEU P 311 -25.96 -61.89 37.07
N VAL P 312 -26.94 -61.53 36.27
CA VAL P 312 -26.69 -61.13 34.89
C VAL P 312 -27.00 -59.67 34.74
N LEU P 313 -26.13 -59.01 34.00
CA LEU P 313 -26.10 -57.58 33.91
C LEU P 313 -26.49 -57.17 32.52
N ALA P 314 -27.21 -56.06 32.44
CA ALA P 314 -27.72 -55.60 31.17
C ALA P 314 -26.66 -54.73 30.55
N THR P 315 -26.54 -54.88 29.23
CA THR P 315 -25.69 -54.04 28.39
C THR P 315 -26.48 -53.39 27.27
N GLY P 316 -27.23 -54.19 26.50
CA GLY P 316 -28.12 -53.68 25.43
C GLY P 316 -29.36 -52.98 25.95
N LEU P 317 -30.48 -53.07 25.22
CA LEU P 317 -31.76 -52.44 25.65
C LEU P 317 -32.94 -53.40 25.43
N ARG P 318 -34.16 -52.94 25.73
CA ARG P 318 -35.35 -53.80 25.58
C ARG P 318 -35.55 -54.34 24.15
N ASN P 319 -35.59 -55.66 24.04
CA ASN P 319 -35.79 -56.32 22.77
C ASN P 319 -37.29 -56.48 22.58
N SER P 320 -37.82 -55.97 21.48
CA SER P 320 -39.28 -56.01 21.22
C SER P 320 -39.57 -56.98 20.06
N PRO P 321 -40.50 -57.94 20.23
CA PRO P 321 -40.93 -58.75 19.10
C PRO P 321 -42.29 -58.28 18.56
N GLY Q 1 -40.04 -47.57 29.79
CA GLY Q 1 -39.12 -46.42 29.46
C GLY Q 1 -39.34 -45.19 30.34
N LEU Q 2 -38.28 -44.71 30.98
CA LEU Q 2 -38.35 -43.50 31.78
C LEU Q 2 -38.46 -42.27 30.93
N PHE Q 3 -37.72 -42.23 29.85
CA PHE Q 3 -37.70 -41.05 29.00
C PHE Q 3 -38.75 -41.09 27.90
N GLY Q 4 -39.47 -42.21 27.83
CA GLY Q 4 -40.64 -42.33 26.95
C GLY Q 4 -40.22 -42.53 25.52
N ALA Q 5 -39.08 -43.18 25.35
CA ALA Q 5 -38.52 -43.45 24.07
C ALA Q 5 -38.98 -44.83 23.65
N ILE Q 6 -38.48 -45.84 24.34
CA ILE Q 6 -38.46 -47.19 23.79
C ILE Q 6 -39.80 -47.91 23.93
N ALA Q 7 -40.29 -48.03 25.14
CA ALA Q 7 -41.67 -48.55 25.32
C ALA Q 7 -42.69 -47.56 24.75
N GLY Q 8 -42.37 -46.26 24.85
CA GLY Q 8 -43.28 -45.13 24.63
C GLY Q 8 -43.55 -44.80 23.19
N PHE Q 9 -43.17 -43.60 22.76
CA PHE Q 9 -43.60 -43.13 21.44
C PHE Q 9 -42.94 -43.82 20.22
N ILE Q 10 -41.86 -44.56 20.44
CA ILE Q 10 -41.26 -45.35 19.35
C ILE Q 10 -41.62 -46.83 19.55
N GLU Q 11 -42.89 -47.16 19.36
CA GLU Q 11 -43.41 -48.52 19.62
C GLU Q 11 -42.63 -49.53 18.75
N GLY Q 12 -41.80 -50.35 19.39
CA GLY Q 12 -40.96 -51.35 18.68
C GLY Q 12 -39.64 -50.79 18.17
N GLY Q 13 -38.67 -51.69 17.94
CA GLY Q 13 -37.30 -51.30 17.54
C GLY Q 13 -36.88 -51.89 16.21
N TRP Q 14 -36.18 -51.09 15.38
CA TRP Q 14 -35.79 -51.50 14.03
C TRP Q 14 -34.87 -52.73 14.09
N GLN Q 15 -35.35 -53.86 13.56
CA GLN Q 15 -34.56 -55.10 13.56
C GLN Q 15 -33.58 -55.19 12.40
N GLY Q 16 -33.86 -54.45 11.32
CA GLY Q 16 -33.01 -54.46 10.14
C GLY Q 16 -31.74 -53.65 10.28
N MET Q 17 -31.70 -52.73 11.23
CA MET Q 17 -30.46 -52.03 11.57
C MET Q 17 -29.59 -52.98 12.39
N VAL Q 18 -28.38 -53.25 11.92
CA VAL Q 18 -27.44 -54.10 12.67
C VAL Q 18 -26.04 -53.49 12.72
N ASP Q 19 -25.95 -52.17 12.63
CA ASP Q 19 -24.65 -51.47 12.71
C ASP Q 19 -24.36 -50.96 14.10
N GLY Q 20 -25.40 -50.39 14.74
CA GLY Q 20 -25.29 -49.77 16.06
C GLY Q 20 -26.54 -50.00 16.90
N TRP Q 21 -26.62 -49.30 18.04
CA TRP Q 21 -27.76 -49.41 18.93
C TRP Q 21 -28.83 -48.43 18.57
N TYR Q 22 -28.44 -47.25 18.13
CA TYR Q 22 -29.38 -46.19 17.81
C TYR Q 22 -29.22 -45.75 16.35
N GLY Q 23 -30.32 -45.35 15.70
CA GLY Q 23 -30.22 -44.89 14.31
C GLY Q 23 -31.47 -44.54 13.53
N TYR Q 24 -31.28 -44.35 12.23
CA TYR Q 24 -32.23 -43.66 11.37
C TYR Q 24 -32.75 -44.52 10.22
N HIS Q 25 -33.95 -44.20 9.75
CA HIS Q 25 -34.59 -44.87 8.60
C HIS Q 25 -35.01 -43.84 7.58
N HIS Q 26 -34.20 -43.69 6.53
CA HIS Q 26 -34.52 -42.80 5.42
C HIS Q 26 -35.38 -43.51 4.38
N SER Q 27 -36.41 -42.80 3.87
CA SER Q 27 -37.26 -43.26 2.76
C SER Q 27 -37.59 -42.07 1.82
N ASN Q 28 -36.63 -41.74 0.97
CA ASN Q 28 -36.70 -40.61 0.05
C ASN Q 28 -36.88 -41.13 -1.39
N GLU Q 29 -36.79 -40.23 -2.37
CA GLU Q 29 -37.00 -40.56 -3.79
C GLU Q 29 -36.06 -41.64 -4.36
N GLN Q 30 -34.81 -41.68 -3.89
CA GLN Q 30 -33.81 -42.66 -4.36
C GLN Q 30 -34.04 -44.09 -3.88
N GLY Q 31 -34.55 -44.22 -2.66
CA GLY Q 31 -34.89 -45.54 -2.10
C GLY Q 31 -35.03 -45.46 -0.60
N SER Q 32 -35.23 -46.62 0.02
CA SER Q 32 -35.26 -46.75 1.47
C SER Q 32 -33.98 -47.41 1.98
N GLY Q 33 -33.78 -47.34 3.29
CA GLY Q 33 -32.60 -47.91 3.94
C GLY Q 33 -32.41 -47.45 5.38
N TYR Q 34 -31.82 -48.33 6.18
CA TYR Q 34 -31.42 -48.03 7.56
C TYR Q 34 -29.98 -47.55 7.56
N ALA Q 35 -29.66 -46.71 8.53
CA ALA Q 35 -28.32 -46.15 8.67
C ALA Q 35 -28.09 -45.75 10.13
N ALA Q 36 -27.14 -46.42 10.78
CA ALA Q 36 -26.95 -46.26 12.24
C ALA Q 36 -26.01 -45.14 12.59
N ASP Q 37 -26.33 -44.43 13.68
CA ASP Q 37 -25.48 -43.33 14.21
C ASP Q 37 -24.43 -43.94 15.10
N LYS Q 38 -23.23 -44.04 14.55
CA LYS Q 38 -22.14 -44.75 15.22
C LYS Q 38 -21.56 -43.92 16.36
N GLU Q 39 -21.63 -42.60 16.27
CA GLU Q 39 -20.97 -41.75 17.26
C GLU Q 39 -21.65 -41.77 18.63
N SER Q 40 -22.99 -41.75 18.64
CA SER Q 40 -23.74 -41.83 19.92
C SER Q 40 -23.72 -43.23 20.47
N THR Q 41 -23.76 -44.22 19.60
CA THR Q 41 -23.61 -45.62 20.00
C THR Q 41 -22.28 -45.89 20.65
N GLN Q 42 -21.23 -45.23 20.19
CA GLN Q 42 -19.88 -45.46 20.75
C GLN Q 42 -19.80 -44.96 22.18
N LYS Q 43 -20.44 -43.83 22.46
CA LYS Q 43 -20.45 -43.24 23.81
C LYS Q 43 -21.20 -44.08 24.79
N ALA Q 44 -22.28 -44.69 24.30
CA ALA Q 44 -23.04 -45.64 25.09
C ALA Q 44 -22.17 -46.84 25.44
N ILE Q 45 -21.50 -47.41 24.46
CA ILE Q 45 -20.69 -48.58 24.71
C ILE Q 45 -19.52 -48.21 25.61
N ASP Q 46 -18.89 -47.06 25.37
CA ASP Q 46 -17.82 -46.60 26.25
C ASP Q 46 -18.33 -46.54 27.69
N GLY Q 47 -19.54 -46.02 27.86
CA GLY Q 47 -20.19 -45.97 29.17
C GLY Q 47 -20.47 -47.32 29.80
N VAL Q 48 -21.20 -48.16 29.09
CA VAL Q 48 -21.55 -49.49 29.59
C VAL Q 48 -20.30 -50.30 29.86
N THR Q 49 -19.32 -50.28 28.93
CA THR Q 49 -18.08 -51.03 29.14
C THR Q 49 -17.45 -50.58 30.45
N ASN Q 50 -17.57 -49.30 30.75
CA ASN Q 50 -17.03 -48.75 31.98
C ASN Q 50 -17.82 -49.04 33.26
N LYS Q 51 -19.13 -49.19 33.17
CA LYS Q 51 -19.95 -49.59 34.33
C LYS Q 51 -19.49 -50.96 34.78
N VAL Q 52 -19.55 -51.90 33.84
CA VAL Q 52 -19.28 -53.29 34.12
C VAL Q 52 -17.86 -53.44 34.64
N ASN Q 53 -16.91 -52.76 34.00
CA ASN Q 53 -15.54 -52.68 34.52
C ASN Q 53 -15.54 -52.19 35.97
N SER Q 54 -16.22 -51.08 36.24
CA SER Q 54 -16.19 -50.48 37.58
C SER Q 54 -16.81 -51.39 38.65
N ILE Q 55 -17.82 -52.18 38.32
CA ILE Q 55 -18.41 -53.11 39.30
C ILE Q 55 -17.49 -54.27 39.67
N ILE Q 56 -16.58 -54.64 38.80
CA ILE Q 56 -15.60 -55.69 39.09
C ILE Q 56 -14.29 -55.14 39.66
N ASP Q 57 -13.79 -54.10 39.01
CA ASP Q 57 -12.47 -53.52 39.31
C ASP Q 57 -12.38 -52.92 40.72
N LYS Q 58 -13.49 -52.41 41.26
CA LYS Q 58 -13.47 -51.77 42.58
C LYS Q 58 -13.38 -52.74 43.74
N MET Q 59 -13.72 -54.01 43.49
CA MET Q 59 -13.67 -54.98 44.54
C MET Q 59 -12.34 -55.71 44.64
N ASN Q 60 -11.36 -55.30 43.82
CA ASN Q 60 -9.94 -55.78 43.86
C ASN Q 60 -9.38 -56.12 45.26
N THR Q 61 -9.92 -55.47 46.30
CA THR Q 61 -9.64 -55.83 47.66
C THR Q 61 -10.23 -57.22 47.88
N GLN Q 62 -9.32 -58.21 47.71
CA GLN Q 62 -9.44 -59.57 48.22
C GLN Q 62 -8.02 -60.11 48.51
N PHE Q 63 -7.89 -60.89 49.58
CA PHE Q 63 -6.59 -61.46 50.02
C PHE Q 63 -6.64 -62.99 50.19
N GLU Q 64 -5.67 -63.52 50.93
CA GLU Q 64 -5.79 -64.86 51.47
C GLU Q 64 -6.97 -65.10 52.44
N ALA Q 65 -7.27 -66.38 52.56
CA ALA Q 65 -8.47 -66.89 53.13
C ALA Q 65 -8.35 -68.40 53.44
N VAL Q 66 -9.37 -68.96 54.11
CA VAL Q 66 -9.36 -70.31 54.70
C VAL Q 66 -10.76 -71.01 54.89
N GLY Q 67 -10.74 -72.22 55.44
CA GLY Q 67 -11.92 -72.97 55.93
C GLY Q 67 -11.84 -73.31 57.42
N ARG Q 68 -12.53 -74.38 57.84
CA ARG Q 68 -12.89 -74.58 59.27
C ARG Q 68 -12.13 -75.70 60.02
N GLU Q 69 -11.80 -75.44 61.29
CA GLU Q 69 -10.54 -75.94 61.92
C GLU Q 69 -10.52 -76.00 63.47
N PHE Q 70 -11.64 -76.36 64.08
CA PHE Q 70 -11.73 -76.48 65.57
C PHE Q 70 -12.29 -77.82 66.00
N ASN Q 71 -11.86 -78.29 67.17
CA ASN Q 71 -12.24 -79.62 67.72
C ASN Q 71 -13.54 -79.54 68.48
N ASN Q 72 -14.12 -80.70 68.83
CA ASN Q 72 -15.43 -80.73 69.48
C ASN Q 72 -15.41 -80.39 70.99
N LEU Q 73 -14.27 -79.94 71.52
CA LEU Q 73 -14.20 -79.26 72.82
C LEU Q 73 -14.09 -77.75 72.68
N GLU Q 74 -14.28 -77.23 71.46
CA GLU Q 74 -14.33 -75.78 71.20
C GLU Q 74 -15.48 -75.45 70.25
N ARG Q 75 -16.65 -76.02 70.49
CA ARG Q 75 -17.80 -75.88 69.58
C ARG Q 75 -18.36 -74.46 69.62
N ARG Q 76 -18.12 -73.75 70.72
CA ARG Q 76 -18.56 -72.35 70.90
C ARG Q 76 -17.86 -71.41 69.93
N ILE Q 77 -16.55 -71.60 69.77
CA ILE Q 77 -15.76 -70.81 68.84
C ILE Q 77 -16.10 -71.21 67.41
N GLU Q 78 -16.41 -72.48 67.16
CA GLU Q 78 -16.82 -72.94 65.82
C GLU Q 78 -18.15 -72.33 65.44
N ASN Q 79 -19.00 -72.11 66.43
CA ASN Q 79 -20.28 -71.41 66.23
C ASN Q 79 -20.05 -69.92 65.98
N LEU Q 80 -19.04 -69.33 66.60
CA LEU Q 80 -18.66 -67.95 66.26
C LEU Q 80 -18.12 -67.80 64.84
N ASN Q 81 -17.44 -68.81 64.34
CA ASN Q 81 -16.99 -68.83 62.95
C ASN Q 81 -18.21 -68.82 62.10
N LYS Q 82 -19.13 -69.77 62.33
CA LYS Q 82 -20.36 -69.91 61.52
C LYS Q 82 -21.14 -68.60 61.46
N LYS Q 83 -21.26 -67.90 62.59
CA LYS Q 83 -22.01 -66.64 62.64
C LYS Q 83 -21.43 -65.60 61.70
N MET Q 84 -20.11 -65.51 61.70
CA MET Q 84 -19.40 -64.56 60.87
C MET Q 84 -19.49 -64.94 59.42
N GLU Q 85 -19.25 -66.20 59.15
CA GLU Q 85 -19.19 -66.71 57.77
C GLU Q 85 -20.59 -66.64 57.12
N ASP Q 86 -21.60 -67.10 57.85
CA ASP Q 86 -22.98 -66.91 57.43
C ASP Q 86 -23.31 -65.43 57.31
N GLY Q 87 -22.87 -64.63 58.26
CA GLY Q 87 -23.09 -63.17 58.23
C GLY Q 87 -22.63 -62.50 56.94
N PHE Q 88 -21.43 -62.83 56.47
CA PHE Q 88 -20.89 -62.19 55.27
C PHE Q 88 -21.63 -62.66 54.03
N LEU Q 89 -21.82 -63.97 53.95
CA LEU Q 89 -22.67 -64.55 52.94
C LEU Q 89 -24.03 -63.83 52.82
N ASP Q 90 -24.62 -63.41 53.92
CA ASP Q 90 -25.89 -62.71 53.86
C ASP Q 90 -25.67 -61.35 53.21
N VAL Q 91 -24.64 -60.63 53.67
CA VAL Q 91 -24.39 -59.26 53.20
C VAL Q 91 -24.06 -59.23 51.74
N TRP Q 92 -23.09 -60.05 51.34
CA TRP Q 92 -22.65 -60.08 49.94
C TRP Q 92 -23.73 -60.53 48.98
N THR Q 93 -24.51 -61.52 49.37
CA THR Q 93 -25.60 -61.95 48.53
C THR Q 93 -26.56 -60.80 48.34
N TYR Q 94 -26.98 -60.19 49.44
CA TYR Q 94 -27.91 -59.07 49.34
C TYR Q 94 -27.40 -57.90 48.51
N ASN Q 95 -26.18 -57.49 48.81
CA ASN Q 95 -25.55 -56.35 48.12
C ASN Q 95 -25.39 -56.70 46.66
N ALA Q 96 -24.99 -57.92 46.37
CA ALA Q 96 -24.81 -58.27 44.99
C ALA Q 96 -26.16 -58.29 44.30
N GLU Q 97 -27.06 -59.13 44.80
CA GLU Q 97 -28.37 -59.31 44.16
C GLU Q 97 -29.03 -57.96 43.82
N LEU Q 98 -29.00 -57.02 44.76
CA LEU Q 98 -29.62 -55.72 44.53
C LEU Q 98 -28.85 -54.85 43.58
N LEU Q 99 -27.54 -54.88 43.68
CA LEU Q 99 -26.71 -54.07 42.80
C LEU Q 99 -27.03 -54.36 41.34
N VAL Q 100 -27.17 -55.63 41.03
CA VAL Q 100 -27.56 -56.01 39.71
C VAL Q 100 -28.91 -55.41 39.41
N LEU Q 101 -29.92 -55.73 40.20
CA LEU Q 101 -31.26 -55.19 39.95
C LEU Q 101 -31.28 -53.68 39.81
N MET Q 102 -30.44 -52.95 40.55
CA MET Q 102 -30.48 -51.48 40.47
C MET Q 102 -29.79 -51.00 39.22
N GLU Q 103 -28.57 -51.47 39.00
CA GLU Q 103 -27.82 -51.05 37.81
C GLU Q 103 -28.41 -51.56 36.51
N ASN Q 104 -29.28 -52.54 36.57
CA ASN Q 104 -29.97 -52.97 35.38
C ASN Q 104 -31.11 -52.05 35.02
N GLU Q 105 -31.78 -51.46 36.00
CA GLU Q 105 -32.84 -50.54 35.64
C GLU Q 105 -32.21 -49.33 34.97
N ARG Q 106 -31.20 -48.75 35.61
CA ARG Q 106 -30.58 -47.52 35.08
C ARG Q 106 -29.87 -47.71 33.73
N THR Q 107 -29.33 -48.91 33.50
CA THR Q 107 -28.69 -49.27 32.23
C THR Q 107 -29.71 -49.22 31.12
N LEU Q 108 -30.89 -49.80 31.34
CA LEU Q 108 -31.96 -49.74 30.34
C LEU Q 108 -32.43 -48.31 30.08
N ASP Q 109 -32.51 -47.52 31.15
CA ASP Q 109 -32.96 -46.14 31.07
C ASP Q 109 -31.94 -45.22 30.42
N PHE Q 110 -30.66 -45.51 30.61
CA PHE Q 110 -29.61 -44.84 29.86
C PHE Q 110 -29.80 -44.95 28.33
N HIS Q 111 -30.32 -46.09 27.86
CA HIS Q 111 -30.59 -46.25 26.43
C HIS Q 111 -31.78 -45.41 26.00
N ASP Q 112 -32.88 -45.52 26.73
CA ASP Q 112 -34.02 -44.59 26.55
C ASP Q 112 -33.52 -43.18 26.43
N SER Q 113 -32.69 -42.76 27.38
CA SER Q 113 -32.15 -41.39 27.40
C SER Q 113 -31.43 -41.03 26.12
N ASN Q 114 -30.53 -41.91 25.68
CA ASN Q 114 -29.78 -41.67 24.45
C ASN Q 114 -30.68 -41.56 23.21
N VAL Q 115 -31.73 -42.36 23.16
CA VAL Q 115 -32.63 -42.34 22.02
C VAL Q 115 -33.47 -41.08 22.03
N LYS Q 116 -33.99 -40.68 23.17
CA LYS Q 116 -34.81 -39.46 23.24
C LYS Q 116 -33.96 -38.23 22.94
N ASN Q 117 -32.68 -38.26 23.31
CA ASN Q 117 -31.77 -37.14 23.00
C ASN Q 117 -31.37 -37.07 21.53
N LEU Q 118 -31.30 -38.22 20.89
CA LEU Q 118 -31.04 -38.28 19.47
C LEU Q 118 -32.21 -37.73 18.66
N TYR Q 119 -33.42 -38.22 18.92
CA TYR Q 119 -34.67 -37.65 18.37
C TYR Q 119 -34.78 -36.14 18.64
N ASP Q 120 -34.39 -35.69 19.82
CA ASP Q 120 -34.38 -34.24 20.13
C ASP Q 120 -33.31 -33.47 19.36
N LYS Q 121 -32.18 -34.09 19.07
CA LYS Q 121 -31.10 -33.43 18.30
C LYS Q 121 -31.52 -33.19 16.86
N VAL Q 122 -32.25 -34.14 16.29
CA VAL Q 122 -32.84 -33.99 14.97
C VAL Q 122 -33.94 -32.94 14.99
N ARG Q 123 -34.85 -33.05 15.94
CA ARG Q 123 -35.98 -32.11 16.08
C ARG Q 123 -35.58 -30.65 16.14
N LEU Q 124 -34.50 -30.34 16.84
CA LEU Q 124 -34.06 -28.94 17.01
C LEU Q 124 -33.41 -28.32 15.78
N GLN Q 125 -32.77 -29.14 14.95
CA GLN Q 125 -32.18 -28.66 13.69
C GLN Q 125 -33.25 -28.22 12.67
N LEU Q 126 -34.29 -29.03 12.51
CA LEU Q 126 -35.36 -28.77 11.55
C LEU Q 126 -36.67 -28.46 12.26
N ARG Q 127 -36.91 -27.17 12.52
CA ARG Q 127 -37.96 -26.75 13.42
C ARG Q 127 -39.31 -26.85 12.69
N ASP Q 128 -39.53 -25.99 11.70
CA ASP Q 128 -40.76 -25.99 10.89
C ASP Q 128 -40.56 -26.55 9.47
N ASN Q 129 -39.34 -27.02 9.20
CA ASN Q 129 -39.01 -27.62 7.91
C ASN Q 129 -39.50 -29.07 7.77
N ALA Q 130 -40.01 -29.64 8.86
CA ALA Q 130 -40.60 -30.98 8.85
C ALA Q 130 -41.75 -31.08 9.85
N LYS Q 131 -42.44 -32.21 9.79
CA LYS Q 131 -43.68 -32.42 10.54
C LYS Q 131 -43.44 -33.55 11.56
N GLU Q 132 -43.63 -33.24 12.85
CA GLU Q 132 -43.48 -34.24 13.93
C GLU Q 132 -44.65 -35.21 13.91
N LEU Q 133 -44.42 -36.44 13.42
CA LEU Q 133 -45.52 -37.38 13.29
C LEU Q 133 -46.08 -37.81 14.64
N GLY Q 134 -45.19 -38.22 15.54
CA GLY Q 134 -45.58 -38.82 16.83
C GLY Q 134 -45.29 -40.31 16.93
N ASN Q 135 -45.01 -40.96 15.81
CA ASN Q 135 -44.38 -42.28 15.72
C ASN Q 135 -42.86 -42.11 15.77
N GLY Q 136 -42.39 -40.89 16.09
CA GLY Q 136 -40.98 -40.61 16.14
C GLY Q 136 -40.37 -40.43 14.79
N CYS Q 137 -41.19 -40.11 13.80
CA CYS Q 137 -40.73 -39.85 12.44
C CYS Q 137 -40.82 -38.37 12.10
N PHE Q 138 -40.24 -38.03 10.96
CA PHE Q 138 -40.27 -36.68 10.43
C PHE Q 138 -40.62 -36.63 8.93
N GLU Q 139 -41.82 -36.14 8.61
CA GLU Q 139 -42.21 -35.89 7.21
C GLU Q 139 -41.63 -34.55 6.80
N PHE Q 140 -40.80 -34.54 5.76
CA PHE Q 140 -40.30 -33.30 5.17
C PHE Q 140 -41.37 -32.60 4.33
N TYR Q 141 -41.40 -31.28 4.43
CA TYR Q 141 -42.20 -30.44 3.54
C TYR Q 141 -41.49 -30.22 2.18
N HIS Q 142 -40.16 -30.29 2.17
CA HIS Q 142 -39.38 -30.15 0.93
C HIS Q 142 -38.69 -31.45 0.55
N LYS Q 143 -38.22 -31.52 -0.68
CA LYS Q 143 -37.48 -32.68 -1.18
C LYS Q 143 -36.06 -32.64 -0.62
N CYS Q 144 -35.65 -33.73 0.04
CA CYS Q 144 -34.30 -33.89 0.61
C CYS Q 144 -33.72 -35.25 0.15
N ASP Q 145 -32.76 -35.18 -0.79
CA ASP Q 145 -32.13 -36.37 -1.39
C ASP Q 145 -31.08 -37.01 -0.46
N ASN Q 146 -30.44 -38.09 -0.92
CA ASN Q 146 -29.43 -38.79 -0.12
C ASN Q 146 -28.22 -37.93 0.30
N GLU Q 147 -27.81 -36.99 -0.53
CA GLU Q 147 -26.72 -36.04 -0.18
C GLU Q 147 -27.17 -34.97 0.84
N CYS Q 148 -28.45 -34.60 0.79
CA CYS Q 148 -29.05 -33.68 1.79
C CYS Q 148 -29.15 -34.31 3.19
N MET Q 149 -29.47 -35.61 3.26
CA MET Q 149 -29.72 -36.29 4.55
C MET Q 149 -28.49 -36.62 5.39
N GLU Q 150 -27.33 -36.76 4.75
CA GLU Q 150 -26.08 -36.88 5.49
C GLU Q 150 -25.89 -35.68 6.42
N SER Q 151 -26.37 -34.50 6.00
CA SER Q 151 -26.33 -33.28 6.80
C SER Q 151 -27.13 -33.37 8.10
N VAL Q 152 -28.24 -34.12 8.06
CA VAL Q 152 -29.05 -34.36 9.25
C VAL Q 152 -28.32 -35.26 10.25
N ARG Q 153 -27.81 -36.39 9.75
CA ARG Q 153 -26.99 -37.32 10.54
C ARG Q 153 -25.70 -36.68 11.08
N ASN Q 154 -24.93 -36.06 10.18
CA ASN Q 154 -23.70 -35.32 10.54
C ASN Q 154 -24.04 -34.19 11.52
N GLY Q 155 -25.19 -33.58 11.34
CA GLY Q 155 -25.64 -32.47 12.16
C GLY Q 155 -25.19 -31.12 11.61
N THR Q 156 -25.07 -31.02 10.28
CA THR Q 156 -24.67 -29.79 9.59
C THR Q 156 -25.82 -29.28 8.69
N TYR Q 157 -27.06 -29.43 9.14
CA TYR Q 157 -28.24 -29.14 8.31
C TYR Q 157 -28.57 -27.65 8.29
N ASP Q 158 -28.62 -27.07 7.10
CA ASP Q 158 -28.94 -25.64 6.92
C ASP Q 158 -30.45 -25.41 6.96
N TYR Q 159 -30.91 -24.69 7.97
CA TYR Q 159 -32.27 -24.17 8.02
C TYR Q 159 -32.56 -23.17 6.87
N PRO Q 160 -31.68 -22.16 6.66
CA PRO Q 160 -32.02 -21.14 5.65
C PRO Q 160 -32.11 -21.63 4.20
N GLN Q 161 -31.39 -22.70 3.86
CA GLN Q 161 -31.38 -23.24 2.49
C GLN Q 161 -32.75 -23.72 2.02
N TYR Q 162 -33.47 -24.43 2.89
CA TYR Q 162 -34.75 -25.03 2.53
C TYR Q 162 -35.93 -24.38 3.28
N SER Q 163 -35.79 -23.12 3.69
CA SER Q 163 -36.79 -22.46 4.53
C SER Q 163 -38.06 -22.09 3.76
N GLU Q 164 -37.89 -21.38 2.64
CA GLU Q 164 -39.04 -20.92 1.82
C GLU Q 164 -39.80 -22.06 1.12
N GLU Q 165 -39.10 -23.16 0.82
CA GLU Q 165 -39.68 -24.31 0.12
C GLU Q 165 -40.77 -24.98 0.94
N ALA Q 166 -40.50 -25.08 2.25
CA ALA Q 166 -41.41 -25.68 3.21
C ALA Q 166 -42.50 -24.72 3.66
N ARG Q 167 -42.07 -23.52 4.06
CA ARG Q 167 -42.98 -22.47 4.56
C ARG Q 167 -44.17 -22.19 3.64
N LEU Q 168 -43.87 -22.14 2.34
CA LEU Q 168 -44.88 -21.87 1.33
C LEU Q 168 -45.58 -23.16 0.80
N LYS Q 169 -45.02 -24.33 1.14
CA LYS Q 169 -45.75 -25.61 1.03
C LYS Q 169 -46.80 -25.81 2.14
N ARG Q 170 -46.59 -25.13 3.26
CA ARG Q 170 -47.44 -25.28 4.46
C ARG Q 170 -48.84 -24.67 4.33
N GLU Q 171 -48.91 -23.47 3.73
CA GLU Q 171 -50.17 -22.76 3.50
C GLU Q 171 -51.02 -23.36 2.39
N GLU Q 172 -50.40 -24.12 1.49
CA GLU Q 172 -51.09 -24.80 0.36
C GLU Q 172 -52.08 -25.85 0.88
N ILE Q 173 -51.65 -26.61 1.90
CA ILE Q 173 -52.49 -27.61 2.57
C ILE Q 173 -53.50 -26.92 3.51
N SER Q 174 -53.05 -25.87 4.20
CA SER Q 174 -53.91 -25.10 5.10
C SER Q 174 -54.91 -24.20 4.34
N SER Q 175 -56.04 -24.78 3.94
CA SER Q 175 -57.06 -24.07 3.16
C SER Q 175 -57.12 -24.60 1.72
N GLN R 3 -1.25 -58.73 24.76
CA GLN R 3 -2.75 -58.49 24.87
C GLN R 3 -3.65 -59.23 23.85
N LEU R 4 -3.12 -59.60 22.69
CA LEU R 4 -3.85 -60.44 21.73
C LEU R 4 -3.14 -61.78 21.54
N VAL R 5 -3.91 -62.84 21.29
CA VAL R 5 -3.38 -64.17 21.08
C VAL R 5 -4.04 -64.87 19.90
N GLN R 6 -3.23 -65.53 19.09
CA GLN R 6 -3.73 -66.22 17.92
C GLN R 6 -3.41 -67.72 18.04
N SER R 7 -4.13 -68.53 17.25
CA SER R 7 -3.92 -70.00 17.22
C SER R 7 -2.54 -70.40 16.64
N GLY R 8 -2.25 -71.70 16.59
CA GLY R 8 -0.98 -72.22 16.03
C GLY R 8 -1.00 -72.43 14.52
N ALA R 9 0.14 -72.86 13.99
CA ALA R 9 0.25 -73.14 12.56
C ALA R 9 -0.66 -74.29 12.13
N GLU R 10 -1.28 -74.14 10.97
CA GLU R 10 -2.13 -75.17 10.37
C GLU R 10 -1.78 -75.32 8.88
N VAL R 11 -1.79 -76.55 8.38
CA VAL R 11 -1.19 -76.86 7.05
C VAL R 11 -2.25 -77.58 6.24
N LYS R 12 -2.86 -76.92 5.26
CA LYS R 12 -3.96 -77.50 4.47
C LYS R 12 -3.65 -77.71 2.99
N LYS R 13 -4.40 -78.61 2.36
CA LYS R 13 -4.30 -78.82 0.92
C LYS R 13 -5.15 -77.76 0.20
N PRO R 14 -4.81 -77.46 -1.06
CA PRO R 14 -5.53 -76.42 -1.82
C PRO R 14 -6.97 -76.80 -2.14
N GLY R 15 -7.90 -75.92 -1.78
CA GLY R 15 -9.34 -76.22 -1.83
C GLY R 15 -9.93 -76.38 -0.43
N SER R 16 -9.18 -77.05 0.45
CA SER R 16 -9.52 -77.20 1.88
C SER R 16 -9.55 -75.84 2.58
N SER R 17 -10.43 -75.69 3.59
CA SER R 17 -10.63 -74.44 4.33
C SER R 17 -9.90 -74.35 5.65
N VAL R 18 -9.70 -73.12 6.12
CA VAL R 18 -8.93 -72.83 7.34
C VAL R 18 -9.60 -71.78 8.21
N LYS R 19 -9.74 -72.13 9.50
CA LYS R 19 -10.29 -71.26 10.54
C LYS R 19 -9.21 -70.86 11.54
N VAL R 20 -9.07 -69.56 11.77
CA VAL R 20 -8.05 -68.98 12.66
C VAL R 20 -8.70 -68.11 13.72
N SER R 21 -8.25 -68.27 14.95
CA SER R 21 -8.87 -67.66 16.12
C SER R 21 -7.93 -66.64 16.72
N CYS R 22 -8.45 -65.45 16.95
CA CYS R 22 -7.75 -64.38 17.65
C CYS R 22 -8.56 -64.05 18.87
N ARG R 23 -8.09 -64.50 20.04
CA ARG R 23 -8.74 -64.16 21.31
C ARG R 23 -8.14 -62.86 21.83
N ALA R 24 -8.97 -61.83 21.85
CA ALA R 24 -8.60 -60.53 22.38
C ALA R 24 -8.81 -60.56 23.85
N SER R 25 -8.32 -59.52 24.53
CA SER R 25 -8.46 -59.41 25.97
C SER R 25 -8.15 -58.01 26.51
N GLY R 26 -9.11 -57.34 27.15
CA GLY R 26 -10.51 -57.79 27.31
C GLY R 26 -10.79 -58.76 28.45
N GLY R 27 -11.20 -58.26 29.62
CA GLY R 27 -11.74 -59.13 30.66
C GLY R 27 -13.18 -59.58 30.43
N ILE R 28 -13.93 -58.78 29.68
CA ILE R 28 -15.38 -58.82 29.63
C ILE R 28 -15.79 -59.03 28.18
N PHE R 29 -17.07 -58.76 27.84
CA PHE R 29 -17.49 -58.68 26.43
C PHE R 29 -16.69 -57.60 25.71
N ARG R 30 -16.39 -57.84 24.44
CA ARG R 30 -15.46 -56.98 23.74
C ARG R 30 -16.10 -55.68 23.28
N SER R 31 -15.23 -54.68 23.24
CA SER R 31 -15.59 -53.33 22.99
C SER R 31 -14.87 -52.81 21.74
N ASN R 32 -14.15 -53.69 21.03
CA ASN R 32 -13.20 -53.28 19.99
C ASN R 32 -13.38 -54.10 18.72
N ALA R 33 -13.24 -53.42 17.59
CA ALA R 33 -13.48 -54.10 16.34
C ALA R 33 -12.23 -54.82 15.84
N ILE R 34 -12.25 -56.14 15.84
CA ILE R 34 -11.09 -56.88 15.34
C ILE R 34 -11.06 -56.80 13.80
N SER R 35 -9.88 -56.49 13.26
CA SER R 35 -9.61 -56.57 11.82
C SER R 35 -8.56 -57.66 11.56
N TRP R 36 -8.32 -57.93 10.29
CA TRP R 36 -7.44 -59.02 9.89
C TRP R 36 -6.54 -58.60 8.75
N VAL R 37 -5.23 -58.79 8.94
CA VAL R 37 -4.25 -58.41 7.95
C VAL R 37 -3.26 -59.54 7.72
N ARG R 38 -3.16 -60.01 6.47
CA ARG R 38 -2.23 -61.07 6.10
C ARG R 38 -0.94 -60.53 5.47
N GLN R 39 0.05 -61.41 5.33
CA GLN R 39 1.35 -61.05 4.81
C GLN R 39 2.13 -62.26 4.23
N ALA R 40 2.09 -62.40 2.91
CA ALA R 40 2.83 -63.49 2.21
C ALA R 40 4.31 -63.21 2.33
N PRO R 41 5.12 -64.19 2.81
CA PRO R 41 6.52 -63.88 3.22
C PRO R 41 7.28 -63.01 2.20
N GLY R 42 8.00 -62.01 2.68
CA GLY R 42 8.75 -61.10 1.81
C GLY R 42 7.93 -59.89 1.41
N GLN R 43 6.90 -60.10 0.59
CA GLN R 43 6.01 -59.00 0.19
C GLN R 43 5.24 -58.39 1.40
N GLY R 44 4.57 -57.27 1.18
CA GLY R 44 4.02 -56.42 2.27
C GLY R 44 2.69 -56.84 2.86
N LEU R 45 2.00 -55.87 3.48
CA LEU R 45 0.74 -56.14 4.22
C LEU R 45 -0.51 -55.94 3.38
N GLU R 46 -1.44 -56.88 3.50
CA GLU R 46 -2.71 -56.83 2.80
C GLU R 46 -3.83 -56.98 3.81
N TRP R 47 -4.64 -55.92 3.94
CA TRP R 47 -5.83 -55.92 4.80
C TRP R 47 -6.87 -56.87 4.22
N MET R 48 -7.62 -57.56 5.07
CA MET R 48 -8.62 -58.51 4.59
C MET R 48 -10.05 -58.13 4.91
N GLY R 49 -10.34 -57.98 6.21
CA GLY R 49 -11.70 -57.72 6.67
C GLY R 49 -11.70 -57.31 8.13
N ASN R 50 -12.72 -56.55 8.53
CA ASN R 50 -12.90 -56.14 9.92
C ASN R 50 -14.29 -56.54 10.40
N ILE R 51 -14.40 -56.75 11.72
CA ILE R 51 -15.66 -57.23 12.35
C ILE R 51 -15.93 -56.38 13.59
N ILE R 52 -16.98 -55.56 13.55
CA ILE R 52 -17.29 -54.67 14.68
C ILE R 52 -17.74 -55.38 15.91
N ALA R 53 -17.57 -54.71 17.04
CA ALA R 53 -17.65 -55.35 18.33
C ALA R 53 -19.01 -55.94 18.72
N VAL R 54 -19.99 -55.07 18.96
CA VAL R 54 -21.14 -55.48 19.75
C VAL R 54 -22.19 -56.22 18.93
N PHE R 55 -22.23 -55.95 17.63
CA PHE R 55 -23.35 -56.39 16.77
C PHE R 55 -23.05 -57.58 15.87
N GLY R 56 -21.77 -57.79 15.58
CA GLY R 56 -21.31 -58.97 14.85
C GLY R 56 -21.30 -58.82 13.34
N THR R 57 -21.65 -57.63 12.87
CA THR R 57 -21.68 -57.35 11.43
C THR R 57 -20.23 -57.16 10.92
N ALA R 58 -19.88 -57.85 9.85
CA ALA R 58 -18.52 -57.81 9.29
C ALA R 58 -18.53 -56.96 8.02
N ASN R 59 -17.37 -56.45 7.62
CA ASN R 59 -17.18 -55.88 6.27
C ASN R 59 -15.91 -56.48 5.68
N TYR R 60 -16.00 -56.99 4.45
CA TYR R 60 -14.84 -57.59 3.77
C TYR R 60 -14.40 -56.73 2.59
N ALA R 61 -13.23 -57.05 2.05
CA ALA R 61 -12.72 -56.40 0.83
C ALA R 61 -13.34 -57.03 -0.43
N GLN R 62 -13.52 -56.23 -1.47
CA GLN R 62 -14.08 -56.73 -2.74
C GLN R 62 -13.17 -57.79 -3.41
N LYS R 63 -11.89 -57.82 -3.00
CA LYS R 63 -10.91 -58.80 -3.48
C LYS R 63 -11.22 -60.25 -3.10
N PHE R 64 -11.69 -60.45 -1.88
CA PHE R 64 -12.04 -61.79 -1.37
C PHE R 64 -13.56 -62.02 -1.45
N GLN R 65 -14.29 -61.17 -0.72
CA GLN R 65 -15.75 -61.24 -0.45
C GLN R 65 -16.39 -62.62 -0.36
N GLY R 66 -16.56 -63.28 -1.50
CA GLY R 66 -17.35 -64.50 -1.58
C GLY R 66 -16.75 -65.74 -0.93
N ARG R 67 -15.46 -65.68 -0.55
CA ARG R 67 -14.74 -66.84 -0.04
C ARG R 67 -14.04 -66.66 1.31
N VAL R 68 -14.41 -65.62 2.05
CA VAL R 68 -13.89 -65.40 3.41
C VAL R 68 -15.02 -64.92 4.32
N THR R 69 -15.06 -65.46 5.54
CA THR R 69 -16.05 -65.04 6.54
C THR R 69 -15.40 -64.98 7.91
N ILE R 70 -15.68 -63.89 8.64
CA ILE R 70 -15.14 -63.67 10.01
C ILE R 70 -16.27 -63.51 11.02
N THR R 71 -16.26 -64.39 12.01
CA THR R 71 -17.29 -64.46 13.03
C THR R 71 -16.75 -63.91 14.32
N ALA R 72 -17.66 -63.73 15.27
CA ALA R 72 -17.41 -63.04 16.53
C ALA R 72 -18.17 -63.72 17.66
N ASP R 73 -17.41 -64.10 18.68
CA ASP R 73 -17.91 -64.85 19.80
C ASP R 73 -17.81 -63.87 20.98
N GLU R 74 -18.95 -63.41 21.47
CA GLU R 74 -18.99 -62.23 22.33
C GLU R 74 -18.53 -62.46 23.76
N SER R 75 -19.04 -63.52 24.40
CA SER R 75 -18.68 -63.85 25.80
C SER R 75 -17.17 -63.80 26.03
N THR R 76 -16.43 -64.68 25.37
CA THR R 76 -14.97 -64.79 25.57
C THR R 76 -14.19 -63.68 24.85
N SER R 77 -14.88 -62.92 23.99
CA SER R 77 -14.29 -61.78 23.28
C SER R 77 -13.25 -62.24 22.23
N THR R 78 -13.62 -63.28 21.48
CA THR R 78 -12.78 -63.91 20.47
C THR R 78 -13.36 -63.70 19.06
N ALA R 79 -12.48 -63.34 18.13
CA ALA R 79 -12.85 -63.25 16.73
C ALA R 79 -12.31 -64.48 16.02
N TYR R 80 -12.97 -64.87 14.94
CA TYR R 80 -12.54 -65.99 14.13
C TYR R 80 -12.40 -65.55 12.69
N MET R 81 -11.65 -66.33 11.90
CA MET R 81 -11.42 -66.04 10.48
C MET R 81 -11.43 -67.30 9.61
N GLU R 82 -12.50 -67.49 8.84
CA GLU R 82 -12.61 -68.66 7.96
C GLU R 82 -12.33 -68.26 6.52
N LEU R 83 -11.55 -69.10 5.85
CA LEU R 83 -11.12 -68.88 4.47
C LEU R 83 -11.45 -70.10 3.61
N SER R 84 -12.03 -69.87 2.43
CA SER R 84 -12.60 -70.94 1.59
C SER R 84 -11.89 -71.09 0.23
N SER R 85 -11.77 -72.33 -0.23
CA SER R 85 -11.12 -72.66 -1.52
C SER R 85 -9.73 -72.03 -1.61
N LEU R 86 -8.79 -72.56 -0.84
CA LEU R 86 -7.47 -71.95 -0.72
C LEU R 86 -6.58 -72.26 -1.91
N ARG R 87 -5.85 -71.24 -2.34
CA ARG R 87 -4.90 -71.33 -3.46
C ARG R 87 -3.48 -71.47 -2.91
N SER R 88 -2.52 -71.64 -3.83
CA SER R 88 -1.09 -71.69 -3.49
C SER R 88 -0.57 -70.37 -2.90
N GLU R 89 -1.10 -69.26 -3.44
CA GLU R 89 -0.63 -67.90 -3.07
C GLU R 89 -1.20 -67.33 -1.76
N ASP R 90 -2.27 -67.96 -1.23
CA ASP R 90 -2.81 -67.67 0.10
C ASP R 90 -1.83 -68.04 1.24
N THR R 91 -0.85 -68.88 0.93
CA THR R 91 0.26 -69.20 1.84
C THR R 91 0.88 -67.95 2.42
N ALA R 92 0.76 -67.77 3.73
CA ALA R 92 1.07 -66.47 4.35
C ALA R 92 1.10 -66.51 5.88
N VAL R 93 1.39 -65.35 6.50
CA VAL R 93 1.25 -65.11 7.94
C VAL R 93 0.06 -64.17 8.17
N TYR R 94 -0.91 -64.61 8.96
CA TYR R 94 -2.15 -63.86 9.19
C TYR R 94 -2.16 -63.22 10.58
N TYR R 95 -2.36 -61.90 10.63
CA TYR R 95 -2.41 -61.10 11.86
C TYR R 95 -3.80 -60.58 12.11
N CYS R 96 -4.21 -60.61 13.39
CA CYS R 96 -5.41 -59.92 13.83
C CYS R 96 -4.98 -58.65 14.55
N ALA R 97 -5.83 -57.64 14.48
CA ALA R 97 -5.50 -56.34 15.02
C ALA R 97 -6.77 -55.69 15.47
N ARG R 98 -6.71 -55.14 16.66
CA ARG R 98 -7.95 -54.87 17.38
C ARG R 98 -8.52 -53.49 17.17
N GLY R 99 -7.70 -52.45 17.14
CA GLY R 99 -8.22 -51.08 17.03
C GLY R 99 -8.96 -50.53 18.26
N PRO R 100 -8.93 -49.21 18.46
CA PRO R 100 -9.20 -48.58 19.76
C PRO R 100 -10.67 -48.53 20.15
N TYR R 101 -11.56 -48.68 19.18
CA TYR R 101 -12.96 -48.86 19.50
C TYR R 101 -13.71 -49.58 18.38
N TYR R 102 -14.95 -49.97 18.68
CA TYR R 102 -15.79 -50.63 17.71
C TYR R 102 -16.06 -49.61 16.59
N TYR R 103 -15.70 -49.92 15.36
CA TYR R 103 -16.04 -49.03 14.25
C TYR R 103 -16.02 -49.75 12.90
N GLY R 104 -14.89 -50.29 12.40
CA GLY R 104 -13.51 -50.17 12.88
C GLY R 104 -12.72 -49.21 11.97
N ASN R 105 -11.81 -48.43 12.57
CA ASN R 105 -11.05 -47.37 11.90
C ASN R 105 -9.53 -47.47 12.24
N SER R 106 -8.89 -46.64 13.09
CA SER R 106 -7.39 -46.77 13.25
C SER R 106 -6.99 -48.17 13.82
N HIS R 107 -5.70 -48.55 13.79
CA HIS R 107 -5.26 -49.75 14.58
C HIS R 107 -4.33 -49.35 15.69
N ASP R 109 -4.03 -50.29 16.59
CA ASP R 109 -3.23 -49.97 17.82
C ASP R 109 -2.52 -51.14 18.47
N PHE R 110 -3.22 -52.26 18.61
CA PHE R 110 -2.66 -53.44 19.23
C PHE R 110 -2.77 -54.61 18.26
N TRP R 111 -1.63 -55.21 17.98
CA TRP R 111 -1.51 -56.20 16.93
C TRP R 111 -1.26 -57.54 17.58
N GLY R 112 -1.65 -58.61 16.89
CA GLY R 112 -1.48 -59.97 17.38
C GLY R 112 -0.07 -60.51 17.34
N GLN R 113 0.03 -61.80 17.14
CA GLN R 113 1.30 -62.47 17.01
C GLN R 113 1.43 -62.99 15.60
N GLY R 114 0.42 -63.71 15.12
CA GLY R 114 0.39 -64.24 13.75
C GLY R 114 0.25 -65.75 13.70
N THR R 115 0.03 -66.27 12.51
CA THR R 115 -0.23 -67.69 12.29
C THR R 115 0.23 -68.15 10.89
N MET R 116 1.23 -69.03 10.84
CA MET R 116 1.69 -69.58 9.55
C MET R 116 0.67 -70.54 8.96
N VAL R 117 0.24 -70.28 7.72
CA VAL R 117 -0.67 -71.16 7.00
C VAL R 117 -0.09 -71.53 5.63
N THR R 118 0.31 -72.79 5.49
CA THR R 118 0.95 -73.28 4.28
C THR R 118 -0.08 -74.05 3.43
N VAL R 119 -0.13 -73.75 2.14
CA VAL R 119 -1.03 -74.41 1.20
C VAL R 119 -0.24 -74.92 0.01
N SER R 120 0.35 -76.11 0.13
CA SER R 120 1.01 -76.77 -1.05
C SER R 120 0.68 -78.26 -1.32
N SER R 121 0.07 -78.94 -0.34
CA SER R 121 -0.20 -80.39 -0.43
C SER R 121 1.04 -81.24 -0.62
N ALA R 122 1.81 -81.38 0.47
CA ALA R 122 3.00 -82.19 0.50
C ALA R 122 3.01 -83.03 1.77
N SER R 123 3.78 -84.12 1.71
CA SER R 123 3.96 -84.99 2.87
C SER R 123 4.90 -84.32 3.87
N THR R 124 4.71 -84.62 5.16
CA THR R 124 5.62 -84.16 6.23
C THR R 124 6.91 -85.02 6.26
N LYS R 125 7.76 -84.87 5.25
CA LYS R 125 8.99 -85.67 5.12
C LYS R 125 10.12 -84.93 5.84
N GLY R 126 10.99 -85.69 6.50
CA GLY R 126 12.16 -85.12 7.18
C GLY R 126 13.18 -84.53 6.21
N PRO R 127 14.05 -83.64 6.72
CA PRO R 127 15.08 -83.00 5.90
C PRO R 127 16.33 -83.86 5.72
N SER R 128 16.75 -84.04 4.47
CA SER R 128 17.97 -84.81 4.17
C SER R 128 19.19 -83.91 4.38
N VAL R 129 19.96 -84.18 5.44
CA VAL R 129 21.19 -83.43 5.75
C VAL R 129 22.41 -84.07 5.07
N PHE R 130 23.09 -83.32 4.20
CA PHE R 130 24.26 -83.81 3.45
C PHE R 130 25.51 -82.96 3.77
N PRO R 131 26.68 -83.61 3.96
CA PRO R 131 27.90 -82.86 4.31
C PRO R 131 28.56 -82.14 3.11
N LEU R 132 28.69 -80.81 3.19
CA LEU R 132 29.40 -79.99 2.20
C LEU R 132 30.86 -79.76 2.58
N ALA R 133 31.74 -79.81 1.57
CA ALA R 133 33.18 -79.59 1.75
C ALA R 133 33.63 -78.27 1.12
N PRO R 134 34.73 -77.67 1.62
CA PRO R 134 35.36 -76.49 1.02
C PRO R 134 36.35 -76.83 -0.13
N SER R 135 36.13 -76.19 -1.29
CA SER R 135 36.99 -76.35 -2.48
C SER R 135 38.07 -75.24 -2.55
N SER R 136 39.32 -75.64 -2.79
CA SER R 136 40.45 -74.71 -2.92
C SER R 136 40.88 -74.61 -4.38
N GLY R 141 43.30 -68.70 4.20
CA GLY R 141 42.90 -67.69 5.19
C GLY R 141 41.60 -68.05 5.91
N THR R 142 40.51 -67.40 5.50
CA THR R 142 39.16 -67.71 6.00
C THR R 142 38.39 -68.59 4.98
N ALA R 143 37.82 -69.68 5.47
CA ALA R 143 37.01 -70.59 4.65
C ALA R 143 35.60 -70.76 5.22
N ALA R 144 34.72 -71.34 4.39
CA ALA R 144 33.32 -71.59 4.78
C ALA R 144 32.91 -73.05 4.50
N LEU R 145 32.20 -73.65 5.46
CA LEU R 145 31.71 -75.04 5.35
C LEU R 145 30.40 -75.18 6.14
N GLY R 146 29.51 -76.07 5.68
CA GLY R 146 28.22 -76.21 6.32
C GLY R 146 27.35 -77.36 5.87
N CYS R 147 26.12 -77.36 6.40
CA CYS R 147 25.13 -78.42 6.20
C CYS R 147 24.09 -78.02 5.15
N LEU R 148 23.89 -78.88 4.16
CA LEU R 148 22.86 -78.69 3.14
C LEU R 148 21.60 -79.43 3.58
N VAL R 149 20.49 -78.70 3.69
CA VAL R 149 19.19 -79.23 4.15
C VAL R 149 18.13 -79.14 3.03
N LYS R 150 17.90 -80.27 2.36
CA LYS R 150 17.08 -80.34 1.14
C LYS R 150 15.85 -81.21 1.34
N ASP R 151 14.78 -80.86 0.62
CA ASP R 151 13.54 -81.64 0.55
C ASP R 151 12.92 -81.94 1.92
N TYR R 152 12.20 -80.94 2.44
CA TYR R 152 11.47 -81.07 3.69
C TYR R 152 10.21 -80.21 3.63
N PHE R 153 9.32 -80.44 4.61
CA PHE R 153 8.01 -79.78 4.66
C PHE R 153 7.39 -79.97 6.05
N PRO R 154 6.90 -78.94 6.72
CA PRO R 154 7.04 -77.53 6.37
C PRO R 154 7.92 -76.81 7.41
N GLU R 155 7.84 -75.47 7.47
CA GLU R 155 8.65 -74.65 8.38
C GLU R 155 8.32 -74.91 9.86
N PRO R 156 9.24 -74.71 10.80
CA PRO R 156 10.60 -74.18 10.60
C PRO R 156 11.69 -75.27 10.70
N VAL R 157 12.95 -74.83 10.62
CA VAL R 157 14.12 -75.73 10.74
C VAL R 157 15.27 -75.00 11.44
N THR R 158 15.25 -75.02 12.76
CA THR R 158 16.31 -74.40 13.56
C THR R 158 17.54 -75.30 13.64
N VAL R 159 18.73 -74.69 13.55
CA VAL R 159 20.00 -75.43 13.46
C VAL R 159 20.99 -75.07 14.60
N SER R 160 21.26 -76.05 15.46
CA SER R 160 22.23 -75.92 16.57
C SER R 160 23.61 -76.44 16.16
N TRP R 161 24.51 -75.52 15.80
CA TRP R 161 25.89 -75.86 15.47
C TRP R 161 26.68 -76.22 16.72
N ASN R 162 27.10 -77.49 16.83
CA ASN R 162 27.80 -78.04 18.00
C ASN R 162 27.03 -77.86 19.34
N SER R 163 25.70 -77.88 19.26
CA SER R 163 24.80 -77.61 20.41
C SER R 163 25.08 -76.24 21.08
N GLY R 164 25.20 -75.21 20.25
CA GLY R 164 25.45 -73.83 20.72
C GLY R 164 26.89 -73.43 21.01
N ALA R 165 27.84 -74.33 20.73
CA ALA R 165 29.28 -74.09 21.01
C ALA R 165 29.95 -73.15 20.00
N LEU R 166 29.50 -73.20 18.74
CA LEU R 166 29.92 -72.26 17.70
C LEU R 166 28.67 -71.62 17.06
N THR R 167 28.38 -70.39 17.49
CA THR R 167 27.24 -69.60 16.97
C THR R 167 27.58 -68.17 16.46
N SER R 168 28.88 -67.82 16.38
CA SER R 168 29.36 -66.50 15.90
C SER R 168 29.74 -66.48 14.41
N GLY R 169 28.96 -65.76 13.60
CA GLY R 169 29.13 -65.72 12.15
C GLY R 169 28.33 -66.76 11.38
N VAL R 170 27.33 -67.40 12.02
CA VAL R 170 26.44 -68.35 11.35
C VAL R 170 25.33 -67.58 10.66
N HIS R 171 25.09 -67.93 9.39
CA HIS R 171 24.05 -67.28 8.58
C HIS R 171 23.08 -68.38 8.10
N THR R 172 21.86 -68.39 8.66
CA THR R 172 20.81 -69.28 8.21
C THR R 172 19.93 -68.54 7.20
N PHE R 173 19.94 -69.05 5.97
CA PHE R 173 19.23 -68.42 4.86
C PHE R 173 17.77 -68.87 4.91
N PRO R 174 16.83 -67.97 4.61
CA PRO R 174 15.42 -68.38 4.44
C PRO R 174 15.23 -69.28 3.20
N ALA R 175 14.35 -70.28 3.33
CA ALA R 175 14.18 -71.31 2.30
C ALA R 175 13.45 -70.82 1.06
N VAL R 176 13.29 -71.73 0.09
CA VAL R 176 12.56 -71.45 -1.14
C VAL R 176 11.68 -72.64 -1.55
N LEU R 177 10.53 -72.34 -2.16
CA LEU R 177 9.66 -73.35 -2.73
C LEU R 177 10.23 -73.77 -4.10
N GLN R 178 10.50 -75.06 -4.26
CA GLN R 178 10.99 -75.62 -5.53
C GLN R 178 9.85 -75.82 -6.53
N SER R 179 10.20 -76.06 -7.80
CA SER R 179 9.24 -76.51 -8.82
C SER R 179 8.59 -77.83 -8.36
N SER R 180 9.39 -78.69 -7.73
CA SER R 180 8.94 -79.90 -7.04
C SER R 180 7.82 -79.64 -6.01
N GLY R 181 7.95 -78.54 -5.26
CA GLY R 181 6.98 -78.14 -4.25
C GLY R 181 7.40 -78.51 -2.83
N LEU R 182 8.71 -78.43 -2.58
CA LEU R 182 9.31 -78.78 -1.27
C LEU R 182 10.27 -77.68 -0.88
N TYR R 183 10.36 -77.40 0.42
CA TYR R 183 11.25 -76.35 0.94
C TYR R 183 12.70 -76.85 0.96
N SER R 184 13.64 -75.91 0.85
CA SER R 184 15.06 -76.24 0.85
C SER R 184 15.91 -75.00 1.11
N LEU R 185 16.86 -75.11 2.05
CA LEU R 185 17.76 -74.00 2.41
C LEU R 185 19.18 -74.47 2.69
N SER R 186 20.09 -73.50 2.79
CA SER R 186 21.48 -73.74 3.14
C SER R 186 21.83 -73.04 4.47
N SER R 187 22.96 -73.44 5.05
CA SER R 187 23.49 -72.81 6.27
C SER R 187 25.00 -73.00 6.35
N VAL R 188 25.72 -71.91 6.61
CA VAL R 188 27.19 -71.89 6.57
C VAL R 188 27.76 -71.07 7.73
N VAL R 189 29.04 -71.30 8.01
CA VAL R 189 29.77 -70.61 9.08
C VAL R 189 31.21 -70.36 8.64
N THR R 190 31.70 -69.14 8.84
CA THR R 190 33.08 -68.79 8.52
C THR R 190 33.98 -69.07 9.73
N VAL R 191 35.11 -69.74 9.46
CA VAL R 191 36.06 -70.16 10.50
C VAL R 191 37.51 -70.07 9.96
N PRO R 192 38.50 -69.73 10.82
CA PRO R 192 39.90 -69.72 10.35
C PRO R 192 40.45 -71.13 10.02
N SER R 193 41.50 -71.18 9.20
CA SER R 193 42.20 -72.44 8.88
C SER R 193 42.95 -73.08 10.07
N SER R 194 43.15 -72.30 11.15
CA SER R 194 43.75 -72.79 12.41
C SER R 194 43.07 -74.02 13.01
N SER R 195 41.75 -74.11 12.86
CA SER R 195 40.98 -75.25 13.36
C SER R 195 40.03 -75.82 12.28
N LEU R 196 40.57 -76.06 11.09
CA LEU R 196 39.82 -76.67 9.97
C LEU R 196 39.91 -78.19 10.02
N GLY R 197 41.13 -78.69 10.10
CA GLY R 197 41.39 -80.12 10.28
C GLY R 197 41.76 -80.49 11.71
N THR R 198 41.17 -79.79 12.70
CA THR R 198 41.41 -80.06 14.15
C THR R 198 40.09 -80.28 14.93
N GLN R 199 39.24 -79.26 14.94
CA GLN R 199 37.91 -79.32 15.58
C GLN R 199 36.85 -79.76 14.56
N THR R 200 36.34 -80.99 14.71
CA THR R 200 35.29 -81.52 13.82
C THR R 200 33.97 -80.82 14.16
N TYR R 201 33.32 -80.23 13.16
CA TYR R 201 32.08 -79.48 13.32
C TYR R 201 30.86 -80.29 12.83
N ILE R 202 29.87 -80.44 13.71
CA ILE R 202 28.69 -81.28 13.47
C ILE R 202 27.44 -80.42 13.77
N CYS R 203 26.46 -80.44 12.88
CA CYS R 203 25.21 -79.67 13.06
C CYS R 203 24.03 -80.55 13.49
N ASN R 204 23.14 -79.96 14.29
CA ASN R 204 21.93 -80.63 14.80
C ASN R 204 20.67 -80.02 14.16
N VAL R 205 20.22 -80.62 13.06
CA VAL R 205 18.99 -80.18 12.41
C VAL R 205 17.79 -80.76 13.18
N ASN R 206 16.79 -79.93 13.44
CA ASN R 206 15.64 -80.29 14.27
C ASN R 206 14.43 -80.78 13.44
N HIS R 207 13.75 -79.85 12.77
CA HIS R 207 12.44 -80.09 12.13
C HIS R 207 11.42 -80.69 13.11
N LYS R 208 10.57 -79.83 13.64
CA LYS R 208 9.62 -80.22 14.67
C LYS R 208 8.48 -81.12 14.18
N PRO R 209 7.85 -80.82 13.02
CA PRO R 209 6.65 -81.60 12.61
C PRO R 209 6.85 -83.06 12.13
N SER R 210 8.08 -83.53 11.98
CA SER R 210 8.37 -84.97 11.76
C SER R 210 9.17 -85.65 12.88
N ASN R 211 9.73 -84.86 13.81
CA ASN R 211 10.65 -85.33 14.88
C ASN R 211 11.99 -85.89 14.37
N THR R 212 12.41 -85.49 13.18
CA THR R 212 13.60 -86.07 12.51
C THR R 212 14.90 -85.56 13.12
N LYS R 213 15.52 -86.40 13.95
CA LYS R 213 16.79 -86.07 14.61
C LYS R 213 17.93 -86.94 14.03
N VAL R 214 18.59 -86.43 12.99
CA VAL R 214 19.75 -87.08 12.35
C VAL R 214 20.86 -86.02 12.17
N ASP R 215 21.95 -86.17 12.94
CA ASP R 215 23.12 -85.29 12.86
C ASP R 215 24.01 -85.67 11.67
N LYS R 216 25.02 -84.86 11.38
CA LYS R 216 25.96 -85.14 10.28
C LYS R 216 27.33 -84.46 10.45
N LYS R 217 28.40 -85.26 10.42
CA LYS R 217 29.80 -84.79 10.44
C LYS R 217 30.11 -83.99 9.17
N VAL R 218 30.99 -83.00 9.31
CA VAL R 218 31.44 -82.17 8.19
C VAL R 218 32.97 -82.24 8.08
N GLU R 219 33.46 -82.81 6.97
CA GLU R 219 34.90 -83.00 6.76
C GLU R 219 35.38 -82.48 5.40
N PRO R 220 36.64 -82.03 5.30
CA PRO R 220 37.20 -81.59 4.02
C PRO R 220 37.60 -82.76 3.11
N LYS R 221 37.43 -82.60 1.79
CA LYS R 221 37.67 -83.69 0.84
C LYS R 221 39.15 -84.09 0.73
N GLN S 3 -0.40 70.12 0.78
CA GLN S 3 -0.53 68.80 0.09
C GLN S 3 -0.12 67.53 0.87
N LEU S 4 0.79 67.65 1.84
CA LEU S 4 1.19 66.51 2.67
C LEU S 4 0.84 66.75 4.13
N VAL S 5 0.46 65.67 4.83
CA VAL S 5 0.02 65.78 6.23
C VAL S 5 0.63 64.66 7.07
N GLN S 6 1.11 65.02 8.25
CA GLN S 6 1.73 64.06 9.15
C GLN S 6 0.93 63.98 10.44
N SER S 7 1.14 62.90 11.20
CA SER S 7 0.47 62.66 12.50
C SER S 7 0.90 63.69 13.58
N GLY S 8 0.30 63.59 14.76
CA GLY S 8 0.62 64.50 15.89
C GLY S 8 1.82 64.07 16.71
N ALA S 9 2.21 64.92 17.66
CA ALA S 9 3.32 64.61 18.55
C ALA S 9 3.02 63.39 19.41
N GLU S 10 4.04 62.56 19.62
CA GLU S 10 3.95 61.40 20.50
C GLU S 10 5.21 61.37 21.39
N VAL S 11 5.06 60.93 22.64
CA VAL S 11 6.14 60.89 23.61
C VAL S 11 6.34 59.46 24.09
N LYS S 12 7.44 58.81 23.69
CA LYS S 12 7.70 57.42 24.11
C LYS S 12 8.92 57.24 25.02
N LYS S 13 8.93 56.14 25.76
CA LYS S 13 10.06 55.79 26.63
C LYS S 13 11.13 55.11 25.78
N PRO S 14 12.41 55.18 26.21
CA PRO S 14 13.50 54.59 25.42
C PRO S 14 13.45 53.08 25.34
N GLY S 15 13.49 52.54 24.12
CA GLY S 15 13.26 51.11 23.87
C GLY S 15 11.91 50.88 23.18
N SER S 16 10.89 51.62 23.62
CA SER S 16 9.55 51.62 23.01
C SER S 16 9.62 52.14 21.56
N SER S 17 8.74 51.63 20.70
CA SER S 17 8.73 51.95 19.25
C SER S 17 7.69 53.00 18.87
N VAL S 18 7.95 53.63 17.71
CA VAL S 18 7.13 54.75 17.22
C VAL S 18 6.82 54.61 15.75
N LYS S 19 5.53 54.74 15.43
CA LYS S 19 5.00 54.73 14.06
C LYS S 19 4.45 56.12 13.70
N VAL S 20 4.92 56.65 12.57
CA VAL S 20 4.53 57.98 12.08
C VAL S 20 3.97 57.86 10.67
N SER S 21 2.86 58.56 10.45
CA SER S 21 2.09 58.45 9.22
C SER S 21 2.16 59.76 8.47
N CYS S 22 2.49 59.67 7.19
CA CYS S 22 2.47 60.79 6.27
C CYS S 22 1.50 60.45 5.18
N ARG S 23 0.32 61.05 5.23
CA ARG S 23 -0.71 60.86 4.19
C ARG S 23 -0.49 61.91 3.11
N ALA S 24 -0.11 61.41 1.94
CA ALA S 24 0.06 62.26 0.77
C ALA S 24 -1.28 62.41 0.12
N SER S 25 -1.36 63.33 -0.84
CA SER S 25 -2.61 63.60 -1.54
C SER S 25 -2.43 64.42 -2.81
N GLY S 26 -2.79 63.90 -3.97
CA GLY S 26 -3.26 62.52 -4.19
C GLY S 26 -4.73 62.23 -3.91
N GLY S 27 -5.56 62.24 -4.95
CA GLY S 27 -6.90 61.68 -4.87
C GLY S 27 -6.95 60.16 -4.93
N ILE S 28 -5.96 59.55 -5.57
CA ILE S 28 -6.05 58.17 -6.06
C ILE S 28 -4.90 57.38 -5.45
N PHE S 29 -4.59 56.20 -6.01
CA PHE S 29 -3.34 55.50 -5.67
C PHE S 29 -2.15 56.37 -6.00
N ARG S 30 -1.11 56.28 -5.15
CA ARG S 30 0.00 57.20 -5.27
C ARG S 30 0.95 56.87 -6.39
N SER S 31 1.55 57.95 -6.88
CA SER S 31 2.38 57.96 -8.03
C SER S 31 3.79 58.46 -7.66
N ASN S 32 4.05 58.69 -6.37
CA ASN S 32 5.24 59.41 -5.92
C ASN S 32 5.96 58.69 -4.79
N ALA S 33 7.27 58.72 -4.82
CA ALA S 33 8.03 57.99 -3.83
C ALA S 33 8.23 58.82 -2.57
N ILE S 34 7.61 58.43 -1.47
CA ILE S 34 7.80 59.17 -0.23
C ILE S 34 9.18 58.82 0.36
N SER S 35 9.91 59.86 0.77
CA SER S 35 11.14 59.71 1.55
C SER S 35 10.95 60.31 2.94
N TRP S 36 11.95 60.13 3.80
CA TRP S 36 11.84 60.55 5.19
C TRP S 36 13.13 61.21 5.65
N VAL S 37 13.01 62.41 6.23
CA VAL S 37 14.16 63.14 6.71
C VAL S 37 13.91 63.68 8.12
N ARG S 38 14.76 63.30 9.07
CA ARG S 38 14.65 63.77 10.45
C ARG S 38 15.60 64.94 10.75
N GLN S 39 15.39 65.57 11.89
CA GLN S 39 16.16 66.74 12.30
C GLN S 39 16.14 66.97 13.83
N ALA S 40 17.21 66.53 14.51
CA ALA S 40 17.34 66.74 15.97
C ALA S 40 17.55 68.22 16.22
N PRO S 41 16.74 68.84 17.12
CA PRO S 41 16.69 70.33 17.18
C PRO S 41 18.09 70.98 17.20
N GLY S 42 18.24 72.05 16.43
CA GLY S 42 19.52 72.75 16.32
C GLY S 42 20.38 72.20 15.20
N GLN S 43 20.87 70.98 15.35
CA GLN S 43 21.67 70.34 14.29
C GLN S 43 20.85 70.13 13.00
N GLY S 44 21.52 69.74 11.91
CA GLY S 44 20.95 69.77 10.55
C GLY S 44 20.09 68.57 10.15
N LEU S 45 19.96 68.36 8.84
CA LEU S 45 19.07 67.32 8.28
C LEU S 45 19.76 66.01 8.03
N GLU S 46 19.07 64.92 8.41
CA GLU S 46 19.56 63.57 8.21
C GLU S 46 18.48 62.78 7.47
N TRP S 47 18.82 62.36 6.25
CA TRP S 47 17.94 61.50 5.44
C TRP S 47 17.86 60.14 6.07
N MET S 48 16.70 59.49 5.99
CA MET S 48 16.52 58.18 6.62
C MET S 48 16.31 57.04 5.64
N GLY S 49 15.23 57.17 4.85
CA GLY S 49 14.82 56.12 3.92
C GLY S 49 13.78 56.62 2.95
N ASN S 50 13.72 55.99 1.77
CA ASN S 50 12.70 56.30 0.77
C ASN S 50 11.94 55.02 0.39
N ILE S 51 10.69 55.19 -0.06
CA ILE S 51 9.79 54.06 -0.39
C ILE S 51 9.09 54.36 -1.71
N ILE S 52 9.42 53.61 -2.76
CA ILE S 52 8.81 53.88 -4.10
C ILE S 52 7.36 53.59 -4.17
N ALA S 53 6.72 54.21 -5.14
CA ALA S 53 5.27 54.29 -5.18
C ALA S 53 4.53 52.97 -5.36
N VAL S 54 4.65 52.38 -6.54
CA VAL S 54 3.65 51.40 -6.96
C VAL S 54 3.90 50.01 -6.41
N PHE S 55 5.16 49.72 -6.11
CA PHE S 55 5.62 48.34 -5.82
C PHE S 55 5.88 48.04 -4.35
N GLY S 56 6.13 49.08 -3.57
CA GLY S 56 6.21 48.99 -2.11
C GLY S 56 7.59 48.66 -1.58
N THR S 57 8.55 48.55 -2.47
CA THR S 57 9.94 48.24 -2.11
C THR S 57 10.60 49.49 -1.52
N ALA S 58 11.22 49.35 -0.35
CA ALA S 58 11.87 50.45 0.35
C ALA S 58 13.38 50.36 0.19
N ASN S 59 14.09 51.47 0.39
CA ASN S 59 15.56 51.45 0.58
C ASN S 59 15.89 52.30 1.80
N TYR S 60 16.69 51.76 2.72
CA TYR S 60 17.11 52.47 3.93
C TYR S 60 18.60 52.81 3.88
N ALA S 61 19.02 53.65 4.82
CA ALA S 61 20.44 53.99 5.01
C ALA S 61 21.16 52.91 5.83
N GLN S 62 22.43 52.69 5.55
CA GLN S 62 23.23 51.69 6.29
C GLN S 62 23.38 52.07 7.78
N LYS S 63 23.14 53.34 8.11
CA LYS S 63 23.19 53.86 9.49
C LYS S 63 22.11 53.27 10.41
N PHE S 64 20.91 53.09 9.89
CA PHE S 64 19.80 52.56 10.68
C PHE S 64 19.58 51.08 10.36
N GLN S 65 19.27 50.82 9.08
CA GLN S 65 18.87 49.51 8.52
C GLN S 65 18.04 48.57 9.41
N GLY S 66 18.70 47.95 10.39
CA GLY S 66 18.10 46.86 11.16
C GLY S 66 16.98 47.25 12.12
N ARG S 67 16.80 48.55 12.36
CA ARG S 67 15.83 49.03 13.36
C ARG S 67 14.81 50.07 12.86
N VAL S 68 14.67 50.20 11.55
CA VAL S 68 13.67 51.10 10.96
C VAL S 68 13.02 50.44 9.76
N THR S 69 11.69 50.59 9.65
CA THR S 69 10.95 50.06 8.51
C THR S 69 9.86 51.05 8.10
N ILE S 70 9.75 51.28 6.78
CA ILE S 70 8.73 52.18 6.20
C ILE S 70 7.83 51.44 5.23
N THR S 71 6.54 51.46 5.55
CA THR S 71 5.53 50.75 4.79
C THR S 71 4.73 51.75 3.98
N ALA S 72 3.94 51.19 3.08
CA ALA S 72 3.19 51.93 2.09
C ALA S 72 1.79 51.30 1.94
N ASP S 73 0.80 52.16 2.11
CA ASP S 73 -0.59 51.77 2.09
C ASP S 73 -1.14 52.43 0.81
N GLU S 74 -1.43 51.63 -0.20
CA GLU S 74 -1.61 52.14 -1.56
C GLU S 74 -2.95 52.87 -1.79
N SER S 75 -4.05 52.24 -1.36
CA SER S 75 -5.40 52.82 -1.49
C SER S 75 -5.45 54.29 -1.09
N THR S 76 -5.22 54.57 0.19
CA THR S 76 -5.31 55.94 0.70
C THR S 76 -4.09 56.80 0.36
N SER S 77 -3.04 56.17 -0.17
CA SER S 77 -1.81 56.86 -0.61
C SER S 77 -1.03 57.43 0.58
N THR S 78 -0.90 56.61 1.62
CA THR S 78 -0.24 56.97 2.87
C THR S 78 1.04 56.13 3.07
N ALA S 79 2.10 56.82 3.48
CA ALA S 79 3.33 56.15 3.86
C ALA S 79 3.40 56.14 5.39
N TYR S 80 4.09 55.13 5.92
CA TYR S 80 4.28 55.01 7.35
C TYR S 80 5.77 54.89 7.64
N MET S 81 6.14 55.16 8.89
CA MET S 81 7.54 55.10 9.34
C MET S 81 7.66 54.52 10.76
N GLU S 82 8.13 53.28 10.86
CA GLU S 82 8.28 52.62 12.16
C GLU S 82 9.75 52.60 12.57
N LEU S 83 9.98 52.92 13.83
CA LEU S 83 11.31 53.03 14.41
C LEU S 83 11.41 52.17 15.68
N SER S 84 12.49 51.39 15.79
CA SER S 84 12.63 50.36 16.85
C SER S 84 13.80 50.63 17.80
N SER S 85 13.60 50.30 19.08
CA SER S 85 14.60 50.49 20.15
C SER S 85 15.13 51.93 20.14
N LEU S 86 14.29 52.84 20.61
CA LEU S 86 14.60 54.27 20.54
C LEU S 86 15.56 54.70 21.64
N ARG S 87 16.52 55.55 21.25
CA ARG S 87 17.53 56.10 22.17
C ARG S 87 17.13 57.52 22.57
N SER S 88 17.94 58.12 23.45
CA SER S 88 17.75 59.53 23.86
C SER S 88 17.97 60.51 22.70
N GLU S 89 18.93 60.18 21.82
CA GLU S 89 19.33 61.06 20.70
C GLU S 89 18.43 61.01 19.45
N ASP S 90 17.56 59.99 19.37
CA ASP S 90 16.51 59.92 18.34
C ASP S 90 15.43 60.99 18.50
N THR S 91 15.37 61.61 19.69
CA THR S 91 14.53 62.79 19.95
C THR S 91 14.73 63.84 18.88
N ALA S 92 13.68 64.13 18.11
CA ALA S 92 13.82 64.92 16.89
C ALA S 92 12.49 65.34 16.27
N VAL S 93 12.57 66.08 15.15
CA VAL S 93 11.42 66.40 14.27
C VAL S 93 11.56 65.60 12.98
N TYR S 94 10.56 64.80 12.65
CA TYR S 94 10.62 63.90 11.48
C TYR S 94 9.72 64.42 10.35
N TYR S 95 10.32 64.62 9.17
CA TYR S 95 9.62 65.13 7.97
C TYR S 95 9.52 64.05 6.91
N CYS S 96 8.37 64.00 6.24
CA CYS S 96 8.21 63.18 5.04
C CYS S 96 8.23 64.11 3.84
N ALA S 97 8.69 63.59 2.71
CA ALA S 97 8.87 64.39 1.53
C ALA S 97 8.67 63.52 0.33
N ARG S 98 7.87 64.02 -0.61
CA ARG S 98 7.26 63.15 -1.59
C ARG S 98 8.05 62.96 -2.86
N GLY S 99 8.64 64.02 -3.40
CA GLY S 99 9.34 63.90 -4.70
C GLY S 99 8.46 63.68 -5.93
N PRO S 100 8.93 64.14 -7.10
CA PRO S 100 8.08 64.39 -8.27
C PRO S 100 7.65 63.15 -9.02
N TYR S 101 8.33 62.04 -8.81
CA TYR S 101 7.83 60.77 -9.31
C TYR S 101 8.38 59.61 -8.51
N TYR S 102 7.81 58.42 -8.77
CA TYR S 102 8.27 57.19 -8.14
C TYR S 102 9.71 56.96 -8.64
N TYR S 103 10.68 56.87 -7.74
CA TYR S 103 12.02 56.50 -8.15
C TYR S 103 12.86 55.93 -7.00
N GLY S 104 13.18 56.68 -5.93
CA GLY S 104 12.96 58.13 -5.71
C GLY S 104 14.29 58.89 -5.83
N ASN S 105 14.20 60.11 -6.38
CA ASN S 105 15.39 60.94 -6.69
C ASN S 105 15.18 62.40 -6.15
N SER S 106 14.93 63.45 -6.96
CA SER S 106 14.85 64.85 -6.36
C SER S 106 13.69 64.96 -5.33
N HIS S 107 13.63 66.05 -4.54
CA HIS S 107 12.42 66.34 -3.72
C HIS S 107 11.72 67.58 -4.21
N ASP S 109 10.52 67.86 -3.67
CA ASP S 109 9.69 69.00 -4.13
C ASP S 109 8.63 69.51 -3.16
N PHE S 110 7.91 68.58 -2.53
CA PHE S 110 6.87 68.93 -1.58
C PHE S 110 7.16 68.24 -0.26
N TRP S 111 7.24 69.05 0.78
CA TRP S 111 7.67 68.60 2.08
C TRP S 111 6.48 68.64 3.01
N GLY S 112 6.50 67.79 4.03
CA GLY S 112 5.40 67.68 4.98
C GLY S 112 5.31 68.84 5.97
N GLN S 113 4.86 68.51 7.17
CA GLN S 113 4.79 69.47 8.25
C GLN S 113 5.82 69.12 9.31
N GLY S 114 5.79 67.86 9.76
CA GLY S 114 6.71 67.34 10.76
C GLY S 114 5.99 66.79 11.98
N THR S 115 6.76 66.14 12.85
CA THR S 115 6.22 65.46 14.02
C THR S 115 7.26 65.43 15.16
N MET S 116 6.97 66.13 16.26
CA MET S 116 7.87 66.09 17.43
C MET S 116 7.77 64.73 18.12
N VAL S 117 8.93 64.08 18.29
CA VAL S 117 9.01 62.82 19.04
C VAL S 117 10.07 62.92 20.13
N THR S 118 9.63 62.94 21.38
CA THR S 118 10.49 63.05 22.52
C THR S 118 10.73 61.66 23.15
N VAL S 119 11.99 61.34 23.45
CA VAL S 119 12.36 60.08 24.07
C VAL S 119 13.22 60.37 25.30
N SER S 120 12.57 60.63 26.44
CA SER S 120 13.28 60.78 27.74
C SER S 120 12.67 60.06 28.96
N SER S 121 11.42 59.59 28.86
CA SER S 121 10.72 58.91 29.96
C SER S 121 10.56 59.79 31.21
N ALA S 122 9.66 60.76 31.13
CA ALA S 122 9.41 61.68 32.23
C ALA S 122 7.94 61.90 32.44
N SER S 123 7.58 62.29 33.65
CA SER S 123 6.20 62.62 34.00
C SER S 123 5.80 63.97 33.38
N THR S 124 4.51 64.11 33.05
CA THR S 124 3.97 65.37 32.56
C THR S 124 3.70 66.36 33.73
N LYS S 125 4.77 66.88 34.33
CA LYS S 125 4.65 67.77 35.50
C LYS S 125 4.54 69.21 35.01
N GLY S 126 3.72 70.01 35.69
CA GLY S 126 3.56 71.41 35.35
C GLY S 126 4.81 72.23 35.64
N PRO S 127 4.94 73.42 35.00
CA PRO S 127 6.10 74.29 35.21
C PRO S 127 5.99 75.18 36.46
N SER S 128 7.03 75.15 37.30
CA SER S 128 7.06 75.98 38.51
C SER S 128 7.47 77.41 38.14
N VAL S 129 6.52 78.35 38.22
CA VAL S 129 6.79 79.78 37.93
C VAL S 129 7.20 80.53 39.19
N PHE S 130 8.42 81.09 39.19
CA PHE S 130 8.96 81.84 40.34
C PHE S 130 9.26 83.31 39.98
N PRO S 131 8.89 84.27 40.86
CA PRO S 131 9.10 85.68 40.53
C PRO S 131 10.54 86.18 40.68
N LEU S 132 11.15 86.66 39.59
CA LEU S 132 12.50 87.27 39.63
C LEU S 132 12.45 88.79 39.80
N ALA S 133 13.37 89.33 40.60
CA ALA S 133 13.43 90.77 40.89
C ALA S 133 14.68 91.40 40.25
N PRO S 134 14.64 92.72 39.94
CA PRO S 134 15.83 93.49 39.57
C PRO S 134 16.65 94.03 40.76
N SER S 135 17.95 93.71 40.78
CA SER S 135 18.86 94.05 41.89
C SER S 135 19.65 95.34 41.62
N SER S 136 19.67 96.24 42.60
CA SER S 136 20.43 97.50 42.53
C SER S 136 21.65 97.39 43.44
N GLY S 141 18.43 104.03 33.66
CA GLY S 141 17.87 103.90 32.32
C GLY S 141 17.01 102.65 32.15
N THR S 142 17.54 101.66 31.45
CA THR S 142 16.80 100.45 31.05
C THR S 142 17.16 99.26 31.95
N ALA S 143 16.13 98.60 32.49
CA ALA S 143 16.28 97.42 33.36
C ALA S 143 15.51 96.22 32.79
N ALA S 144 15.71 95.05 33.40
CA ALA S 144 15.08 93.79 32.99
C ALA S 144 14.48 93.04 34.18
N LEU S 145 13.29 92.46 33.97
CA LEU S 145 12.62 91.59 34.96
C LEU S 145 11.75 90.55 34.26
N GLY S 146 11.60 89.38 34.87
CA GLY S 146 10.84 88.30 34.23
C GLY S 146 10.53 87.08 35.07
N CYS S 147 9.92 86.10 34.41
CA CYS S 147 9.42 84.87 35.04
C CYS S 147 10.37 83.70 34.77
N LEU S 148 10.78 83.01 35.85
CA LEU S 148 11.61 81.81 35.75
C LEU S 148 10.71 80.58 35.70
N VAL S 149 10.86 79.78 34.62
CA VAL S 149 10.02 78.59 34.38
C VAL S 149 10.86 77.31 34.39
N LYS S 150 10.84 76.59 35.52
CA LYS S 150 11.73 75.45 35.77
C LYS S 150 10.97 74.15 35.94
N ASP S 151 11.62 73.05 35.55
CA ASP S 151 11.14 71.68 35.77
C ASP S 151 9.73 71.43 35.19
N TYR S 152 9.70 71.17 33.89
CA TYR S 152 8.46 70.81 33.17
C TYR S 152 8.78 69.85 32.04
N PHE S 153 7.71 69.25 31.49
CA PHE S 153 7.82 68.24 30.42
C PHE S 153 6.44 68.03 29.80
N PRO S 154 6.29 68.04 28.46
CA PRO S 154 7.31 68.43 27.49
C PRO S 154 6.88 69.72 26.77
N GLU S 155 7.47 70.01 25.61
CA GLU S 155 7.21 71.25 24.84
C GLU S 155 5.76 71.31 24.33
N PRO S 156 5.18 72.50 24.10
CA PRO S 156 5.82 73.81 24.24
C PRO S 156 5.35 74.57 25.50
N VAL S 157 5.81 75.81 25.64
CA VAL S 157 5.43 76.69 26.76
C VAL S 157 5.35 78.14 26.30
N THR S 158 4.19 78.52 25.75
CA THR S 158 3.95 79.88 25.28
C THR S 158 3.61 80.79 26.46
N VAL S 159 4.15 82.02 26.44
CA VAL S 159 4.02 82.98 27.55
C VAL S 159 3.36 84.30 27.12
N SER S 160 2.15 84.55 27.65
CA SER S 160 1.39 85.80 27.44
C SER S 160 1.70 86.82 28.54
N TRP S 161 2.57 87.77 28.25
CA TRP S 161 2.87 88.88 29.17
C TRP S 161 1.71 89.88 29.20
N ASN S 162 1.05 89.98 30.36
CA ASN S 162 -0.15 90.83 30.56
C ASN S 162 -1.30 90.54 29.56
N SER S 163 -1.43 89.27 29.14
CA SER S 163 -2.39 88.85 28.11
C SER S 163 -2.25 89.62 26.78
N GLY S 164 -1.00 89.76 26.32
CA GLY S 164 -0.69 90.45 25.06
C GLY S 164 -0.57 91.97 25.11
N ALA S 165 -0.64 92.56 26.30
CA ALA S 165 -0.58 94.03 26.48
C ALA S 165 0.84 94.59 26.36
N LEU S 166 1.83 93.81 26.79
CA LEU S 166 3.25 94.16 26.64
C LEU S 166 3.98 93.00 25.96
N THR S 167 4.20 93.15 24.65
CA THR S 167 4.88 92.14 23.81
C THR S 167 6.07 92.65 22.96
N SER S 168 6.49 93.92 23.15
CA SER S 168 7.63 94.52 22.38
C SER S 168 8.97 94.47 23.13
N GLY S 169 9.90 93.66 22.62
CA GLY S 169 11.19 93.42 23.28
C GLY S 169 11.22 92.23 24.23
N VAL S 170 10.23 91.34 24.13
CA VAL S 170 10.19 90.07 24.88
C VAL S 170 11.03 89.04 24.15
N HIS S 171 11.92 88.37 24.89
CA HIS S 171 12.79 87.35 24.34
C HIS S 171 12.56 86.04 25.08
N THR S 172 11.94 85.07 24.40
CA THR S 172 11.73 83.74 24.94
C THR S 172 12.86 82.83 24.46
N PHE S 173 13.66 82.36 25.43
CA PHE S 173 14.83 81.55 25.14
C PHE S 173 14.39 80.09 24.93
N PRO S 174 15.00 79.38 23.98
CA PRO S 174 14.76 77.93 23.87
C PRO S 174 15.31 77.14 25.07
N ALA S 175 14.58 76.11 25.51
CA ALA S 175 14.89 75.39 26.75
C ALA S 175 16.12 74.48 26.62
N VAL S 176 16.46 73.83 27.73
CA VAL S 176 17.57 72.88 27.78
C VAL S 176 17.23 71.66 28.64
N LEU S 177 17.75 70.50 28.23
CA LEU S 177 17.60 69.26 28.99
C LEU S 177 18.61 69.27 30.13
N GLN S 178 18.14 69.14 31.37
CA GLN S 178 19.00 69.07 32.54
C GLN S 178 19.58 67.65 32.73
N SER S 179 20.59 67.53 33.59
CA SER S 179 21.07 66.21 34.05
C SER S 179 19.93 65.43 34.70
N SER S 180 19.08 66.15 35.44
CA SER S 180 17.81 65.65 35.98
C SER S 180 16.90 65.00 34.91
N GLY S 181 16.85 65.62 33.73
CA GLY S 181 16.06 65.11 32.60
C GLY S 181 14.74 65.83 32.42
N LEU S 182 14.74 67.13 32.71
CA LEU S 182 13.55 67.97 32.66
C LEU S 182 13.90 69.26 31.93
N TYR S 183 12.94 69.79 31.17
CA TYR S 183 13.14 71.02 30.40
C TYR S 183 13.07 72.23 31.34
N SER S 184 13.75 73.32 30.96
CA SER S 184 13.76 74.55 31.76
C SER S 184 14.26 75.73 30.92
N LEU S 185 13.54 76.84 30.96
CA LEU S 185 13.91 78.07 30.23
C LEU S 185 13.61 79.33 31.02
N SER S 186 14.12 80.46 30.50
CA SER S 186 13.85 81.78 31.07
C SER S 186 13.11 82.67 30.06
N SER S 187 12.51 83.74 30.56
CA SER S 187 11.87 84.76 29.69
C SER S 187 11.89 86.13 30.37
N VAL S 188 12.33 87.14 29.62
CA VAL S 188 12.58 88.49 30.14
C VAL S 188 12.10 89.57 29.18
N VAL S 189 11.92 90.77 29.72
CA VAL S 189 11.46 91.92 28.94
C VAL S 189 12.17 93.19 29.45
N THR S 190 12.66 93.99 28.52
CA THR S 190 13.32 95.25 28.84
C THR S 190 12.28 96.38 28.87
N VAL S 191 12.32 97.18 29.93
CA VAL S 191 11.33 98.26 30.17
C VAL S 191 12.03 99.47 30.84
N PRO S 192 11.58 100.71 30.54
CA PRO S 192 12.16 101.88 31.24
C PRO S 192 11.86 101.94 32.75
N SER S 193 12.69 102.66 33.49
CA SER S 193 12.48 102.85 34.94
C SER S 193 11.26 103.72 35.29
N SER S 194 10.72 104.44 34.29
CA SER S 194 9.48 105.24 34.41
C SER S 194 8.27 104.47 34.96
N SER S 195 8.17 103.18 34.60
CA SER S 195 7.09 102.31 35.07
C SER S 195 7.61 100.98 35.62
N LEU S 196 8.60 101.05 36.52
CA LEU S 196 9.19 99.86 37.16
C LEU S 196 8.42 99.52 38.43
N GLY S 197 8.28 100.51 39.30
CA GLY S 197 7.47 100.37 40.52
C GLY S 197 6.10 101.02 40.41
N THR S 198 5.50 100.99 39.21
CA THR S 198 4.19 101.65 38.96
C THR S 198 3.17 100.69 38.31
N GLN S 199 3.52 100.17 37.12
CA GLN S 199 2.72 99.17 36.40
C GLN S 199 3.20 97.77 36.77
N THR S 200 2.37 97.03 37.52
CA THR S 200 2.70 95.66 37.93
C THR S 200 2.57 94.73 36.72
N TYR S 201 3.64 93.99 36.42
CA TYR S 201 3.70 93.07 35.28
C TYR S 201 3.56 91.62 35.75
N ILE S 202 2.60 90.92 35.13
CA ILE S 202 2.24 89.55 35.51
C ILE S 202 2.23 88.69 34.23
N CYS S 203 2.86 87.51 34.28
CA CYS S 203 2.94 86.61 33.12
C CYS S 203 1.97 85.42 33.25
N ASN S 204 1.47 84.97 32.09
CA ASN S 204 0.54 83.83 32.00
C ASN S 204 1.23 82.64 31.32
N VAL S 205 1.82 81.76 32.12
CA VAL S 205 2.44 80.54 31.59
C VAL S 205 1.34 79.51 31.31
N ASN S 206 1.39 78.88 30.14
CA ASN S 206 0.34 77.97 29.68
C ASN S 206 0.65 76.49 29.98
N HIS S 207 1.57 75.90 29.22
CA HIS S 207 1.84 74.44 29.20
C HIS S 207 0.55 73.64 28.93
N LYS S 208 0.40 73.24 27.67
CA LYS S 208 -0.81 72.56 27.22
C LYS S 208 -1.00 71.13 27.76
N PRO S 209 0.07 70.29 27.76
CA PRO S 209 -0.14 68.86 28.14
C PRO S 209 -0.41 68.53 29.62
N SER S 210 -0.34 69.50 30.53
CA SER S 210 -0.82 69.33 31.92
C SER S 210 -2.02 70.23 32.31
N ASN S 211 -2.35 71.22 31.48
CA ASN S 211 -3.37 72.27 31.75
C ASN S 211 -3.03 73.20 32.94
N THR S 212 -1.74 73.34 33.26
CA THR S 212 -1.30 74.07 34.45
C THR S 212 -1.39 75.59 34.26
N LYS S 213 -2.42 76.19 34.84
CA LYS S 213 -2.66 77.64 34.76
C LYS S 213 -2.44 78.30 36.12
N VAL S 214 -1.21 78.76 36.36
CA VAL S 214 -0.84 79.49 37.59
C VAL S 214 -0.04 80.75 37.20
N ASP S 215 -0.64 81.93 37.39
CA ASP S 215 0.02 83.23 37.13
C ASP S 215 0.97 83.60 38.27
N LYS S 216 1.77 84.67 38.08
CA LYS S 216 2.70 85.13 39.12
C LYS S 216 3.08 86.62 38.99
N LYS S 217 2.83 87.37 40.06
CA LYS S 217 3.18 88.81 40.15
C LYS S 217 4.70 88.99 40.16
N VAL S 218 5.16 90.09 39.60
CA VAL S 218 6.58 90.45 39.61
C VAL S 218 6.77 91.83 40.25
N GLU S 219 7.47 91.87 41.39
CA GLU S 219 7.73 93.12 42.11
C GLU S 219 9.22 93.27 42.47
N PRO S 220 9.72 94.52 42.58
CA PRO S 220 11.08 94.75 43.09
C PRO S 220 11.18 94.61 44.62
N LYS S 221 12.31 94.11 45.12
CA LYS S 221 12.50 93.86 46.56
C LYS S 221 12.53 95.16 47.39
N GLU T 1 29.11 55.36 2.59
CA GLU T 1 28.28 56.50 2.08
C GLU T 1 29.16 57.59 1.44
N ILE T 2 28.56 58.36 0.53
CA ILE T 2 29.13 59.60 -0.01
C ILE T 2 28.88 60.75 0.97
N VAL T 3 29.94 61.22 1.63
CA VAL T 3 29.78 62.29 2.62
C VAL T 3 29.91 63.63 1.89
N LEU T 4 28.93 64.51 2.08
CA LEU T 4 28.98 65.88 1.57
C LEU T 4 29.36 66.85 2.67
N THR T 5 30.28 67.76 2.32
CA THR T 5 30.74 68.81 3.24
C THR T 5 30.36 70.15 2.62
N GLN T 6 29.69 71.00 3.39
CA GLN T 6 29.38 72.37 2.98
C GLN T 6 30.37 73.34 3.56
N SER T 7 30.51 74.49 2.91
CA SER T 7 31.34 75.58 3.41
C SER T 7 30.98 76.88 2.70
N PRO T 8 30.94 78.01 3.41
CA PRO T 8 31.26 78.10 4.84
C PRO T 8 30.05 77.84 5.72
N GLY T 9 30.31 77.33 6.93
CA GLY T 9 29.27 76.99 7.90
C GLY T 9 28.43 78.16 8.40
N THR T 10 29.00 79.36 8.36
CA THR T 10 28.27 80.60 8.65
C THR T 10 28.82 81.73 7.78
N LEU T 11 27.93 82.36 7.01
CA LEU T 11 28.23 83.59 6.27
C LEU T 11 27.66 84.78 6.98
N SER T 12 28.44 85.86 7.04
CA SER T 12 27.98 87.13 7.61
C SER T 12 27.95 88.18 6.51
N LEU T 13 26.79 88.34 5.88
CA LEU T 13 26.65 89.22 4.72
C LEU T 13 25.50 90.21 4.87
N SER T 14 25.65 91.38 4.25
CA SER T 14 24.65 92.46 4.34
C SER T 14 23.58 92.29 3.28
N PRO T 15 22.39 92.89 3.50
CA PRO T 15 21.33 92.85 2.48
C PRO T 15 21.68 93.56 1.16
N GLY T 16 21.81 92.80 0.08
CA GLY T 16 22.24 93.33 -1.22
C GLY T 16 23.40 92.55 -1.85
N GLU T 17 24.36 92.13 -1.03
CA GLU T 17 25.59 91.47 -1.50
C GLU T 17 25.33 90.07 -2.11
N ARG T 18 26.38 89.43 -2.65
CA ARG T 18 26.29 88.03 -3.14
C ARG T 18 26.85 87.02 -2.12
N ALA T 19 26.10 85.93 -1.92
CA ALA T 19 26.53 84.78 -1.11
C ALA T 19 26.94 83.64 -2.02
N THR T 20 27.94 82.87 -1.60
CA THR T 20 28.51 81.79 -2.43
C THR T 20 28.80 80.55 -1.57
N LEU T 21 27.81 79.65 -1.54
CA LEU T 21 27.86 78.42 -0.77
C LEU T 21 28.50 77.31 -1.57
N SER T 22 29.40 76.56 -0.93
CA SER T 22 30.09 75.45 -1.58
C SER T 22 29.52 74.12 -1.08
N CYS T 23 29.72 73.06 -1.88
CA CYS T 23 29.35 71.69 -1.53
C CYS T 23 30.32 70.72 -2.21
N ARG T 24 31.26 70.17 -1.45
CA ARG T 24 32.23 69.21 -1.97
C ARG T 24 31.81 67.79 -1.61
N ALA T 25 32.05 66.86 -2.53
CA ALA T 25 31.63 65.47 -2.40
C ALA T 25 32.81 64.54 -2.23
N SER T 26 32.73 63.64 -1.24
CA SER T 26 33.81 62.69 -0.95
C SER T 26 34.23 61.89 -2.20
N GLN T 27 33.23 61.57 -3.02
CA GLN T 27 33.45 61.00 -4.35
C GLN T 27 32.38 61.56 -5.29
N SER T 28 33.14 60.90 -7.70
CA SER T 28 32.30 61.86 -8.41
C SER T 28 30.81 61.63 -8.08
N VAL T 29 30.00 62.67 -8.24
CA VAL T 29 28.54 62.59 -8.04
C VAL T 29 27.85 62.19 -9.34
N SER T 30 27.20 61.03 -9.28
CA SER T 30 26.67 60.31 -10.43
C SER T 30 25.68 61.19 -11.24
N SER T 31 26.17 61.74 -12.36
CA SER T 31 25.35 62.42 -13.41
C SER T 31 24.69 63.77 -13.05
N ASN T 32 25.29 64.50 -12.11
CA ASN T 32 24.78 65.83 -11.67
C ASN T 32 23.39 65.78 -11.04
N TYR T 33 23.20 64.84 -10.10
CA TYR T 33 21.98 64.76 -9.29
C TYR T 33 22.26 65.28 -7.89
N LEU T 34 22.33 66.60 -7.78
CA LEU T 34 22.53 67.25 -6.50
C LEU T 34 21.45 68.29 -6.35
N ALA T 35 21.03 68.54 -5.12
CA ALA T 35 19.96 69.50 -4.87
C ALA T 35 20.26 70.38 -3.68
N TRP T 36 19.68 71.57 -3.70
CA TRP T 36 19.79 72.54 -2.62
C TRP T 36 18.43 72.74 -1.98
N PHE T 37 18.39 73.00 -0.67
CA PHE T 37 17.12 73.23 0.04
C PHE T 37 17.29 74.38 1.05
N GLN T 38 16.21 75.11 1.35
CA GLN T 38 16.24 76.26 2.29
C GLN T 38 15.29 76.04 3.47
N GLN T 39 15.79 76.19 4.70
CA GLN T 39 14.97 76.03 5.91
C GLN T 39 15.06 77.27 6.77
N LYS T 40 13.93 77.90 7.05
CA LYS T 40 13.87 78.98 8.04
C LYS T 40 13.59 78.47 9.45
N PRO T 41 13.79 79.30 10.49
CA PRO T 41 13.46 78.84 11.84
C PRO T 41 11.95 78.62 12.03
N GLY T 42 11.58 77.47 12.58
CA GLY T 42 10.17 77.11 12.84
C GLY T 42 9.44 76.42 11.68
N GLN T 43 9.90 76.61 10.45
CA GLN T 43 9.25 76.06 9.26
C GLN T 43 9.93 74.79 8.75
N ALA T 44 9.30 74.18 7.75
CA ALA T 44 9.86 73.00 7.09
C ALA T 44 10.68 73.43 5.87
N PRO T 45 11.51 72.54 5.32
CA PRO T 45 12.35 72.90 4.16
C PRO T 45 11.59 73.22 2.87
N ARG T 46 12.20 74.06 2.03
CA ARG T 46 11.75 74.33 0.66
C ARG T 46 12.72 73.73 -0.31
N LEU T 47 12.24 73.37 -1.50
CA LEU T 47 13.15 73.04 -2.58
C LEU T 47 13.63 74.32 -3.24
N LEU T 48 14.92 74.37 -3.53
CA LEU T 48 15.48 75.48 -4.30
C LEU T 48 15.89 75.05 -5.70
N ILE T 49 16.76 74.05 -5.78
CA ILE T 49 17.38 73.69 -7.04
C ILE T 49 17.66 72.19 -7.06
N TYR T 50 17.34 71.57 -8.19
CA TYR T 50 17.64 70.16 -8.44
C TYR T 50 18.44 70.01 -9.73
N GLY T 51 19.04 68.85 -9.90
CA GLY T 51 19.86 68.54 -11.07
C GLY T 51 21.01 69.51 -11.23
N ALA T 52 21.64 69.88 -10.11
CA ALA T 52 22.77 70.81 -10.06
C ALA T 52 22.41 72.29 -10.25
N SER T 53 21.71 72.61 -11.35
CA SER T 53 21.44 74.00 -11.75
C SER T 53 19.99 74.37 -12.16
N ASN T 54 19.08 73.40 -12.24
CA ASN T 54 17.68 73.67 -12.66
C ASN T 54 16.83 74.21 -11.51
N ARG T 55 16.30 75.43 -11.69
CA ARG T 55 15.43 76.05 -10.69
C ARG T 55 14.13 75.28 -10.56
N ALA T 56 13.55 75.29 -9.37
CA ALA T 56 12.20 74.76 -9.16
C ALA T 56 11.19 75.85 -9.37
N THR T 57 9.93 75.43 -9.50
CA THR T 57 8.84 76.32 -9.84
C THR T 57 8.46 77.24 -8.68
N GLY T 58 8.34 78.53 -8.98
CA GLY T 58 8.02 79.55 -7.98
C GLY T 58 9.24 80.03 -7.22
N ILE T 59 10.32 80.33 -7.96
CA ILE T 59 11.60 80.71 -7.35
C ILE T 59 12.26 81.82 -8.17
N PRO T 60 12.70 82.91 -7.50
CA PRO T 60 13.43 84.00 -8.17
C PRO T 60 14.68 83.58 -8.96
N ASP T 61 15.07 84.39 -9.93
CA ASP T 61 16.25 84.10 -10.75
C ASP T 61 17.58 84.33 -10.01
N ARG T 62 17.54 85.01 -8.86
CA ARG T 62 18.76 85.28 -8.08
C ARG T 62 19.39 84.01 -7.49
N PHE T 63 18.56 83.00 -7.20
CA PHE T 63 19.05 81.67 -6.83
C PHE T 63 19.51 80.95 -8.08
N SER T 64 20.76 80.51 -8.12
CA SER T 64 21.29 79.79 -9.28
C SER T 64 22.43 78.86 -8.89
N GLY T 65 22.44 77.69 -9.51
CA GLY T 65 23.38 76.62 -9.17
C GLY T 65 24.36 76.34 -10.29
N SER T 66 25.43 75.63 -9.94
CA SER T 66 26.49 75.31 -10.90
C SER T 66 27.44 74.26 -10.34
N GLY T 67 28.35 73.83 -11.20
CA GLY T 67 29.38 72.85 -10.86
C GLY T 67 29.09 71.52 -11.53
N SER T 68 30.00 70.57 -11.31
CA SER T 68 29.82 69.18 -11.71
C SER T 68 30.92 68.31 -11.12
N GLY T 69 30.71 67.00 -11.23
CA GLY T 69 31.71 66.02 -10.77
C GLY T 69 31.78 65.88 -9.26
N THR T 70 32.67 66.65 -8.65
CA THR T 70 32.87 66.61 -7.19
C THR T 70 32.59 67.95 -6.48
N ASP T 71 32.70 69.07 -7.22
CA ASP T 71 32.53 70.41 -6.66
C ASP T 71 31.25 71.07 -7.18
N PHE T 72 30.44 71.61 -6.24
CA PHE T 72 29.17 72.29 -6.57
C PHE T 72 28.99 73.56 -5.76
N THR T 73 28.33 74.54 -6.40
CA THR T 73 28.23 75.90 -5.88
C THR T 73 26.82 76.46 -6.09
N LEU T 74 26.23 77.02 -5.04
CA LEU T 74 24.95 77.72 -5.09
C LEU T 74 25.22 79.18 -4.83
N ALA T 75 24.73 80.05 -5.72
CA ALA T 75 24.95 81.49 -5.61
C ALA T 75 23.64 82.25 -5.52
N ILE T 76 23.61 83.27 -4.66
CA ILE T 76 22.48 84.16 -4.49
C ILE T 76 22.99 85.58 -4.76
N SER T 77 22.38 86.25 -5.74
CA SER T 77 22.91 87.53 -6.25
C SER T 77 22.63 88.73 -5.34
N ARG T 78 21.35 89.01 -5.09
CA ARG T 78 20.90 90.12 -4.25
C ARG T 78 20.16 89.60 -3.03
N LEU T 79 20.89 89.44 -1.92
CA LEU T 79 20.29 88.98 -0.67
C LEU T 79 19.23 89.97 -0.20
N GLU T 80 18.12 89.42 0.31
CA GLU T 80 16.97 90.18 0.79
C GLU T 80 16.52 89.60 2.13
N PRO T 81 15.73 90.34 2.93
CA PRO T 81 15.40 89.88 4.29
C PRO T 81 14.97 88.42 4.43
N GLU T 82 14.25 87.93 3.44
CA GLU T 82 13.68 86.58 3.50
C GLU T 82 14.70 85.45 3.30
N ASP T 83 15.87 85.73 2.73
CA ASP T 83 16.83 84.68 2.35
C ASP T 83 17.79 84.26 3.48
N PHE T 84 17.80 84.99 4.58
CA PHE T 84 18.66 84.63 5.70
C PHE T 84 18.08 83.42 6.40
N ALA T 85 18.73 82.27 6.17
CA ALA T 85 18.30 80.98 6.72
C ALA T 85 19.39 79.91 6.50
N VAL T 86 19.11 78.65 6.83
CA VAL T 86 20.08 77.56 6.63
C VAL T 86 19.88 76.97 5.23
N TYR T 87 20.97 76.49 4.62
CA TYR T 87 20.95 75.95 3.26
C TYR T 87 21.65 74.62 3.19
N TYR T 88 20.93 73.59 2.77
CA TYR T 88 21.43 72.25 2.78
C TYR T 88 21.59 71.78 1.34
N CYS T 89 22.74 71.23 0.98
CA CYS T 89 22.84 70.49 -0.27
C CYS T 89 22.64 69.01 0.03
N GLN T 90 22.04 68.28 -0.91
CA GLN T 90 21.99 66.82 -0.85
C GLN T 90 22.37 66.23 -2.21
N GLN T 91 23.01 65.06 -2.17
CA GLN T 91 23.16 64.23 -3.37
C GLN T 91 22.12 63.16 -3.27
N TYR T 92 21.59 62.79 -4.43
CA TYR T 92 20.60 61.72 -4.56
C TYR T 92 20.92 60.82 -5.76
N GLY T 93 22.21 60.72 -6.13
CA GLY T 93 22.66 59.88 -7.22
C GLY T 93 22.60 58.40 -6.87
N THR T 94 22.89 58.08 -5.61
CA THR T 94 22.91 56.72 -5.13
C THR T 94 22.46 56.67 -3.66
N SER T 95 21.86 55.54 -3.26
CA SER T 95 21.58 55.27 -1.85
C SER T 95 22.90 54.98 -1.12
N PRO T 96 23.11 55.47 0.12
CA PRO T 96 22.21 56.38 0.82
C PRO T 96 22.40 57.80 0.33
N ARG T 97 21.32 58.56 0.39
CA ARG T 97 21.25 59.94 -0.14
C ARG T 97 21.50 60.86 1.02
N THR T 98 22.60 61.61 0.99
CA THR T 98 23.06 62.30 2.18
C THR T 98 22.93 63.80 2.02
N PHE T 99 22.95 64.48 3.17
CA PHE T 99 22.88 65.93 3.23
C PHE T 99 24.19 66.52 3.70
N GLY T 100 24.44 67.76 3.29
CA GLY T 100 25.49 68.57 3.89
C GLY T 100 25.04 68.98 5.28
N GLN T 101 25.99 69.39 6.10
CA GLN T 101 25.68 69.79 7.47
C GLN T 101 25.69 71.32 7.50
N GLY T 102 24.57 71.89 7.05
CA GLY T 102 24.17 73.27 7.29
C GLY T 102 25.13 74.46 7.10
N THR T 103 25.00 75.16 5.97
CA THR T 103 25.73 76.41 5.75
C THR T 103 24.79 77.63 5.97
N LYS T 104 24.76 78.16 7.20
CA LYS T 104 23.88 79.29 7.55
C LYS T 104 24.32 80.64 6.99
N VAL T 105 23.33 81.51 6.74
CA VAL T 105 23.53 82.88 6.27
C VAL T 105 22.85 83.83 7.25
N GLU T 106 23.64 84.70 7.89
CA GLU T 106 23.12 85.72 8.85
C GLU T 106 23.45 87.15 8.40
N ILE T 107 22.72 88.11 8.97
CA ILE T 107 22.89 89.53 8.64
C ILE T 107 24.19 90.06 9.28
N LYS T 108 24.92 90.91 8.54
CA LYS T 108 26.10 91.63 9.06
C LYS T 108 25.65 92.97 9.66
N ARG T 109 26.33 93.36 10.73
CA ARG T 109 25.95 94.55 11.52
C ARG T 109 27.17 95.24 12.14
N THR T 110 26.99 96.51 12.51
CA THR T 110 27.96 97.23 13.35
C THR T 110 28.07 96.53 14.71
N VAL T 111 29.30 96.37 15.19
CA VAL T 111 29.54 95.66 16.46
C VAL T 111 28.94 96.45 17.63
N ALA T 112 27.83 95.96 18.17
CA ALA T 112 27.20 96.52 19.38
C ALA T 112 27.50 95.65 20.60
N ALA T 113 27.54 96.28 21.77
CA ALA T 113 27.94 95.61 23.01
C ALA T 113 26.72 95.12 23.80
N PRO T 114 26.91 94.10 24.68
CA PRO T 114 25.79 93.56 25.45
C PRO T 114 25.49 94.31 26.75
N SER T 115 24.23 94.68 26.95
CA SER T 115 23.75 95.24 28.22
C SER T 115 23.64 94.11 29.26
N VAL T 116 24.67 93.93 30.08
CA VAL T 116 24.74 92.81 31.03
C VAL T 116 23.88 93.08 32.28
N PHE T 117 23.10 92.08 32.68
CA PHE T 117 22.29 92.10 33.92
C PHE T 117 22.53 90.79 34.71
N ILE T 118 22.02 90.73 35.94
CA ILE T 118 22.12 89.52 36.77
C ILE T 118 20.91 89.42 37.72
N PHE T 119 20.45 88.18 37.94
CA PHE T 119 19.27 87.89 38.77
C PHE T 119 19.61 86.86 39.85
N PRO T 120 19.51 87.23 41.14
CA PRO T 120 19.63 86.22 42.19
C PRO T 120 18.45 85.22 42.22
N PRO T 121 18.62 84.08 42.92
CA PRO T 121 17.52 83.12 43.01
C PRO T 121 16.40 83.65 43.87
N SER T 122 15.17 83.45 43.42
CA SER T 122 13.99 83.91 44.15
C SER T 122 13.82 83.19 45.49
N ASP T 123 13.20 83.89 46.45
CA ASP T 123 12.97 83.34 47.79
C ASP T 123 12.05 82.13 47.75
N GLU T 124 11.11 82.14 46.82
CA GLU T 124 10.15 81.05 46.63
C GLU T 124 10.78 79.79 45.98
N GLN T 125 11.88 79.98 45.24
CA GLN T 125 12.63 78.87 44.64
C GLN T 125 13.49 78.12 45.66
N LEU T 126 14.11 78.87 46.58
CA LEU T 126 14.87 78.29 47.69
C LEU T 126 13.99 77.42 48.62
N LYS T 127 12.68 77.71 48.70
CA LYS T 127 11.72 76.85 49.42
C LYS T 127 11.70 75.41 48.91
N SER T 128 11.93 75.22 47.60
CA SER T 128 12.01 73.89 46.98
C SER T 128 13.41 73.25 46.97
N GLY T 129 14.40 73.89 47.60
CA GLY T 129 15.73 73.31 47.80
C GLY T 129 16.78 73.55 46.72
N THR T 130 16.38 74.11 45.58
CA THR T 130 17.29 74.40 44.46
C THR T 130 17.43 75.91 44.26
N ALA T 131 18.62 76.34 43.84
CA ALA T 131 18.92 77.76 43.64
C ALA T 131 19.47 77.99 42.23
N SER T 132 18.79 78.87 41.48
CA SER T 132 19.18 79.26 40.13
C SER T 132 19.59 80.72 40.07
N VAL T 133 20.82 80.97 39.62
CA VAL T 133 21.35 82.32 39.40
C VAL T 133 21.45 82.56 37.89
N VAL T 134 20.72 83.56 37.40
CA VAL T 134 20.65 83.86 35.96
C VAL T 134 21.53 85.07 35.64
N CYS T 135 22.25 84.99 34.52
CA CYS T 135 23.07 86.10 33.99
C CYS T 135 22.77 86.36 32.53
N LEU T 136 22.12 87.48 32.26
CA LEU T 136 21.57 87.81 30.94
C LEU T 136 22.52 88.74 30.18
N LEU T 137 22.65 88.51 28.87
CA LEU T 137 23.32 89.43 27.93
C LEU T 137 22.29 89.83 26.88
N ASN T 138 22.05 91.13 26.70
CA ASN T 138 20.91 91.61 25.91
C ASN T 138 21.30 92.48 24.70
N ASN T 139 20.89 92.03 23.51
CA ASN T 139 21.02 92.77 22.24
C ASN T 139 22.45 93.14 21.84
N PHE T 140 23.18 92.14 21.37
CA PHE T 140 24.57 92.29 20.94
C PHE T 140 24.84 91.63 19.59
N TYR T 141 26.02 91.85 19.05
CA TYR T 141 26.48 91.21 17.83
C TYR T 141 28.02 91.19 17.80
N PRO T 142 28.68 90.10 17.37
CA PRO T 142 28.07 88.86 16.85
C PRO T 142 27.67 87.82 17.89
N GLU T 144 28.96 85.13 18.96
CA GLU T 144 30.07 84.64 19.77
C GLU T 144 30.23 85.43 21.07
N ALA T 145 30.48 84.72 22.17
CA ALA T 145 30.69 85.34 23.49
C ALA T 145 31.19 84.31 24.52
N LYS T 146 31.66 84.80 25.67
CA LYS T 146 32.11 83.94 26.77
C LYS T 146 31.56 84.43 28.10
N VAL T 147 30.83 83.57 28.80
CA VAL T 147 30.28 83.87 30.12
C VAL T 147 30.89 82.88 31.12
N GLN T 148 31.50 83.43 32.18
CA GLN T 148 32.17 82.63 33.22
C GLN T 148 31.60 83.03 34.57
N TRP T 149 31.36 82.03 35.42
CA TRP T 149 30.81 82.25 36.74
C TRP T 149 31.91 82.28 37.80
N LYS T 150 31.71 83.14 38.82
CA LYS T 150 32.65 83.26 39.95
C LYS T 150 31.87 83.33 41.27
N VAL T 151 32.09 82.32 42.11
CA VAL T 151 31.51 82.24 43.46
C VAL T 151 32.64 82.39 44.49
N ASP T 152 32.62 83.51 45.21
CA ASP T 152 33.74 83.96 46.07
C ASP T 152 35.05 83.98 45.27
N ASN T 153 34.99 84.63 44.10
CA ASN T 153 36.12 84.78 43.16
C ASN T 153 36.82 83.45 42.79
N ALA T 154 36.03 82.37 42.73
CA ALA T 154 36.51 81.03 42.35
C ALA T 154 35.80 80.61 41.07
N LEU T 155 36.58 80.30 40.04
CA LEU T 155 36.07 80.05 38.68
C LEU T 155 35.33 78.71 38.55
N GLN T 156 34.03 78.76 38.20
CA GLN T 156 33.18 77.57 38.10
C GLN T 156 33.22 76.89 36.72
N SER T 157 32.90 75.59 36.70
CA SER T 157 32.81 74.81 35.45
C SER T 157 32.08 73.48 35.67
N GLY T 158 31.19 73.13 34.75
CA GLY T 158 30.41 71.87 34.82
C GLY T 158 29.03 71.94 35.45
N ASN T 159 28.65 73.10 36.03
CA ASN T 159 27.36 73.26 36.73
C ASN T 159 26.49 74.40 36.15
N SER T 160 26.76 74.77 34.89
CA SER T 160 26.03 75.87 34.21
C SER T 160 25.79 75.56 32.72
N GLN T 161 24.63 76.00 32.23
CA GLN T 161 24.22 75.84 30.83
C GLN T 161 23.65 77.16 30.33
N GLU T 162 23.69 77.35 29.01
CA GLU T 162 23.35 78.63 28.39
C GLU T 162 22.54 78.46 27.12
N SER T 163 21.71 79.46 26.83
CA SER T 163 20.80 79.44 25.68
C SER T 163 20.89 80.77 24.93
N VAL T 164 20.78 80.70 23.60
CA VAL T 164 20.94 81.84 22.69
C VAL T 164 19.67 82.02 21.84
N THR T 165 19.22 83.27 21.65
CA THR T 165 18.01 83.54 20.83
C THR T 165 18.33 83.52 19.34
N GLU T 166 17.31 83.65 18.50
CA GLU T 166 17.49 83.80 17.08
C GLU T 166 17.80 85.26 16.78
N GLN T 167 18.49 85.49 15.66
CA GLN T 167 18.86 86.84 15.23
C GLN T 167 17.59 87.65 15.07
N ASP T 168 17.57 88.84 15.67
CA ASP T 168 16.33 89.61 15.83
C ASP T 168 15.85 90.18 14.49
N SER T 169 14.57 90.48 14.43
CA SER T 169 13.90 90.96 13.20
C SER T 169 14.36 92.36 12.78
N LYS T 170 14.38 93.27 13.74
CA LYS T 170 14.51 94.72 13.47
C LYS T 170 15.96 95.25 13.59
N ASP T 171 16.68 94.87 14.64
CA ASP T 171 18.07 95.34 14.87
C ASP T 171 19.19 94.32 14.57
N SER T 172 18.82 93.06 14.32
CA SER T 172 19.78 91.99 13.96
C SER T 172 20.83 91.71 15.05
N THR T 173 20.35 91.59 16.29
CA THR T 173 21.20 91.27 17.45
C THR T 173 20.79 89.98 18.12
N TYR T 174 21.76 89.38 18.82
CA TYR T 174 21.55 88.16 19.60
C TYR T 174 21.35 88.49 21.09
N SER T 175 20.72 87.56 21.81
CA SER T 175 20.62 87.64 23.28
C SER T 175 20.94 86.26 23.89
N LEU T 176 21.50 86.26 25.10
CA LEU T 176 22.01 85.04 25.75
C LEU T 176 21.58 84.97 27.24
N SER T 177 21.35 83.76 27.76
CA SER T 177 20.96 83.56 29.17
C SER T 177 21.61 82.34 29.81
N SER T 178 22.71 82.57 30.53
CA SER T 178 23.39 81.52 31.27
C SER T 178 22.72 81.33 32.65
N THR T 179 22.65 80.08 33.10
CA THR T 179 21.95 79.73 34.34
C THR T 179 22.82 78.78 35.17
N LEU T 180 23.23 79.23 36.37
CA LEU T 180 24.01 78.42 37.31
C LEU T 180 23.07 77.73 38.29
N THR T 181 23.19 76.40 38.39
CA THR T 181 22.30 75.59 39.23
C THR T 181 23.06 74.97 40.40
N LEU T 182 22.56 75.20 41.61
CA LEU T 182 23.13 74.63 42.83
C LEU T 182 22.02 74.24 43.82
N SER T 183 22.38 73.38 44.77
CA SER T 183 21.52 73.07 45.93
C SER T 183 21.55 74.23 46.94
N LYS T 184 20.54 74.30 47.79
CA LYS T 184 20.50 75.31 48.86
C LYS T 184 21.67 75.17 49.85
N ALA T 185 22.17 73.95 50.00
CA ALA T 185 23.39 73.68 50.80
C ALA T 185 24.63 74.39 50.27
N ASP T 186 24.83 74.34 48.96
CA ASP T 186 25.96 75.00 48.27
C ASP T 186 25.74 76.49 47.96
N TYR T 187 24.50 76.97 48.05
CA TYR T 187 24.18 78.39 47.83
C TYR T 187 24.48 79.25 49.06
N GLU T 188 23.92 78.86 50.21
CA GLU T 188 24.17 79.54 51.49
C GLU T 188 25.58 79.33 52.06
N LYS T 189 26.35 78.43 51.43
CA LYS T 189 27.79 78.25 51.70
C LYS T 189 28.63 79.51 51.41
N HIS T 190 28.39 80.15 50.26
CA HIS T 190 29.16 81.32 49.80
C HIS T 190 28.33 82.62 49.88
N LYS T 191 29.00 83.76 49.66
CA LYS T 191 28.38 85.10 49.73
C LYS T 191 28.43 85.89 48.41
N VAL T 192 29.62 86.05 47.83
CA VAL T 192 29.82 86.87 46.60
C VAL T 192 29.56 86.03 45.34
N TYR T 193 28.58 86.45 44.53
CA TYR T 193 28.22 85.76 43.26
C TYR T 193 28.42 86.71 42.07
N ALA T 194 29.39 86.41 41.21
CA ALA T 194 29.80 87.31 40.12
C ALA T 194 29.79 86.61 38.76
N CYS T 195 29.38 87.37 37.73
CA CYS T 195 29.25 86.89 36.36
C CYS T 195 30.06 87.78 35.41
N GLU T 196 31.16 87.24 34.88
CA GLU T 196 32.09 87.98 34.01
C GLU T 196 31.86 87.67 32.52
N VAL T 197 31.48 88.69 31.74
CA VAL T 197 31.23 88.56 30.29
C VAL T 197 32.44 89.04 29.49
N THR T 198 32.85 88.27 28.47
CA THR T 198 33.90 88.67 27.52
C THR T 198 33.30 88.73 26.10
N HIS T 199 33.60 89.81 25.39
CA HIS T 199 33.00 90.08 24.09
C HIS T 199 33.97 90.92 23.25
N GLN T 200 33.73 90.98 21.94
CA GLN T 200 34.54 91.81 21.04
C GLN T 200 34.29 93.31 21.25
N GLY T 201 33.02 93.70 21.24
CA GLY T 201 32.60 95.11 21.41
C GLY T 201 32.95 95.80 22.73
N LEU T 202 33.30 95.03 23.76
CA LEU T 202 33.79 95.59 25.01
C LEU T 202 35.32 95.71 24.99
N SER T 203 35.85 96.83 25.49
CA SER T 203 37.30 97.05 25.56
C SER T 203 37.98 96.10 26.54
N SER T 204 37.36 95.88 27.70
CA SER T 204 37.82 94.89 28.70
C SER T 204 36.62 94.05 29.22
N PRO T 205 36.87 92.95 29.97
CA PRO T 205 35.75 92.14 30.50
C PRO T 205 34.87 92.80 31.61
N VAL T 206 33.59 93.03 31.31
CA VAL T 206 32.62 93.61 32.28
C VAL T 206 32.19 92.54 33.27
N THR T 207 31.99 92.94 34.53
CA THR T 207 31.54 92.04 35.60
C THR T 207 30.34 92.66 36.34
N LYS T 208 29.26 91.89 36.46
CA LYS T 208 28.12 92.22 37.33
C LYS T 208 28.00 91.20 38.46
N SER T 209 27.61 91.67 39.65
CA SER T 209 27.55 90.81 40.84
C SER T 209 26.60 91.32 41.92
N PHE T 210 26.40 90.49 42.93
CA PHE T 210 25.62 90.83 44.13
C PHE T 210 26.12 89.96 45.29
N ASN T 211 25.91 90.43 46.52
CA ASN T 211 26.21 89.61 47.71
C ASN T 211 24.89 89.06 48.28
N ARG T 212 24.97 87.88 48.88
CA ARG T 212 23.79 87.12 49.33
C ARG T 212 23.14 87.76 50.56
N GLY T 213 21.90 88.23 50.39
CA GLY T 213 21.11 88.81 51.49
C GLY T 213 21.35 90.31 51.67
N GLU T 214 21.24 91.05 50.56
CA GLU T 214 21.50 92.49 50.51
C GLU T 214 20.30 93.31 50.00
N CYS T 215 20.24 94.59 50.42
CA CYS T 215 19.29 95.58 49.89
C CYS T 215 19.96 96.95 49.72
N GLU U 1 40.38 -23.83 47.76
CA GLU U 1 39.04 -24.12 47.17
C GLU U 1 37.94 -24.17 48.23
N ILE U 2 36.71 -23.90 47.81
CA ILE U 2 35.51 -24.10 48.64
C ILE U 2 35.08 -25.56 48.58
N VAL U 3 35.24 -26.30 49.66
CA VAL U 3 34.90 -27.72 49.67
C VAL U 3 33.43 -27.85 50.09
N LEU U 4 32.65 -28.56 49.30
CA LEU U 4 31.25 -28.86 49.62
C LEU U 4 31.10 -30.26 50.13
N THR U 5 30.32 -30.40 51.20
CA THR U 5 30.01 -31.69 51.82
C THR U 5 28.49 -31.90 51.71
N GLN U 6 28.09 -33.05 51.18
CA GLN U 6 26.68 -33.45 51.15
C GLN U 6 26.37 -34.38 52.30
N SER U 7 25.09 -34.43 52.68
CA SER U 7 24.60 -35.36 53.68
C SER U 7 23.08 -35.47 53.61
N PRO U 8 22.53 -36.68 53.76
CA PRO U 8 23.27 -37.91 54.04
C PRO U 8 23.73 -38.60 52.76
N GLY U 9 24.84 -39.34 52.87
CA GLY U 9 25.42 -40.08 51.75
C GLY U 9 24.55 -41.16 51.13
N THR U 10 23.63 -41.71 51.92
CA THR U 10 22.63 -42.66 51.41
C THR U 10 21.33 -42.48 52.18
N LEU U 11 20.24 -42.21 51.44
CA LEU U 11 18.88 -42.19 51.99
C LEU U 11 18.16 -43.47 51.63
N SER U 12 17.42 -44.03 52.58
CA SER U 12 16.61 -45.22 52.35
C SER U 12 15.15 -44.86 52.56
N LEU U 13 14.47 -44.49 51.47
CA LEU U 13 13.10 -43.98 51.55
C LEU U 13 12.15 -44.68 50.60
N SER U 14 10.88 -44.76 50.97
CA SER U 14 9.85 -45.48 50.20
C SER U 14 9.25 -44.56 49.15
N PRO U 15 8.66 -45.15 48.08
CA PRO U 15 7.97 -44.34 47.07
C PRO U 15 6.73 -43.58 47.60
N GLY U 16 6.81 -42.25 47.63
CA GLY U 16 5.77 -41.38 48.19
C GLY U 16 6.28 -40.37 49.21
N GLU U 17 7.24 -40.79 50.05
CA GLU U 17 7.77 -39.96 51.16
C GLU U 17 8.57 -38.73 50.66
N ARG U 18 9.00 -37.87 51.59
CA ARG U 18 9.89 -36.73 51.25
C ARG U 18 11.36 -37.03 51.58
N ALA U 19 12.24 -36.68 50.64
CA ALA U 19 13.70 -36.72 50.81
C ALA U 19 14.25 -35.33 51.04
N THR U 20 15.29 -35.21 51.86
CA THR U 20 15.84 -33.90 52.24
C THR U 20 17.38 -33.96 52.25
N LEU U 21 17.97 -33.59 51.11
CA LEU U 21 19.41 -33.60 50.92
C LEU U 21 20.01 -32.28 51.36
N SER U 22 21.13 -32.35 52.08
CA SER U 22 21.82 -31.17 52.57
C SER U 22 23.10 -30.94 51.75
N CYS U 23 23.58 -29.68 51.79
CA CYS U 23 24.84 -29.28 51.14
C CYS U 23 25.44 -28.12 51.94
N ARG U 24 26.47 -28.41 52.74
CA ARG U 24 27.16 -27.39 53.54
C ARG U 24 28.44 -26.97 52.84
N ALA U 25 28.76 -25.68 52.93
CA ALA U 25 29.91 -25.09 52.26
C ALA U 25 30.97 -24.65 53.24
N SER U 26 32.24 -25.02 52.98
CA SER U 26 33.37 -24.67 53.86
C SER U 26 33.43 -23.18 54.17
N GLN U 27 33.08 -22.37 53.17
CA GLN U 27 32.88 -20.94 53.33
C GLN U 27 31.73 -20.53 52.40
N SER U 28 31.12 -18.08 53.06
CA SER U 28 29.82 -18.04 52.42
C SER U 28 29.94 -18.31 50.91
N VAL U 29 28.85 -18.80 50.31
CA VAL U 29 28.77 -19.04 48.86
C VAL U 29 28.30 -17.79 48.12
N SER U 30 29.20 -17.30 47.27
CA SER U 30 29.08 -15.99 46.61
C SER U 30 27.74 -15.83 45.84
N SER U 31 26.80 -15.12 46.48
CA SER U 31 25.53 -14.64 45.85
C SER U 31 24.47 -15.70 45.46
N ASN U 32 24.46 -16.83 46.16
CA ASN U 32 23.52 -17.95 45.91
C ASN U 32 23.65 -18.56 44.52
N TYR U 33 24.89 -18.87 44.12
CA TYR U 33 25.18 -19.61 42.88
C TYR U 33 25.56 -21.04 43.22
N LEU U 34 24.53 -21.83 43.51
CA LEU U 34 24.70 -23.24 43.79
C LEU U 34 23.73 -23.98 42.92
N ALA U 35 24.11 -25.19 42.51
CA ALA U 35 23.27 -25.98 41.63
C ALA U 35 23.23 -27.43 42.05
N TRP U 36 22.12 -28.08 41.70
CA TRP U 36 21.90 -29.50 41.95
C TRP U 36 21.84 -30.24 40.62
N PHE U 37 22.33 -31.48 40.58
CA PHE U 37 22.28 -32.29 39.36
C PHE U 37 21.90 -33.74 39.71
N GLN U 38 21.29 -34.45 38.75
CA GLN U 38 20.83 -35.85 38.96
C GLN U 38 21.50 -36.79 37.95
N GLN U 39 22.10 -37.88 38.44
CA GLN U 39 22.74 -38.87 37.57
C GLN U 39 22.13 -40.25 37.86
N LYS U 40 21.56 -40.86 36.83
CA LYS U 40 21.16 -42.28 36.90
C LYS U 40 22.29 -43.20 36.45
N PRO U 41 22.18 -44.52 36.75
CA PRO U 41 23.23 -45.43 36.28
C PRO U 41 23.26 -45.56 34.74
N GLY U 42 24.46 -45.43 34.16
CA GLY U 42 24.63 -45.55 32.72
C GLY U 42 24.47 -44.26 31.91
N GLN U 43 23.73 -43.28 32.44
CA GLN U 43 23.44 -42.03 31.74
C GLN U 43 24.33 -40.89 32.20
N ALA U 44 24.22 -39.77 31.47
CA ALA U 44 24.94 -38.55 31.80
C ALA U 44 24.07 -37.67 32.69
N PRO U 45 24.67 -36.66 33.35
CA PRO U 45 23.91 -35.85 34.33
C PRO U 45 22.79 -34.98 33.75
N ARG U 46 21.78 -34.71 34.58
CA ARG U 46 20.71 -33.75 34.26
C ARG U 46 20.90 -32.54 35.15
N LEU U 47 20.48 -31.38 34.64
CA LEU U 47 20.36 -30.23 35.53
C LEU U 47 19.04 -30.31 36.25
N LEU U 48 19.05 -30.01 37.55
CA LEU U 48 17.83 -29.91 38.33
C LEU U 48 17.52 -28.49 38.70
N ILE U 49 18.45 -27.83 39.38
CA ILE U 49 18.19 -26.52 39.97
C ILE U 49 19.46 -25.71 39.97
N TYR U 50 19.32 -24.44 39.58
CA TYR U 50 20.41 -23.46 39.60
C TYR U 50 19.98 -22.24 40.41
N GLY U 51 20.96 -21.43 40.78
CA GLY U 51 20.73 -20.24 41.57
C GLY U 51 20.04 -20.54 42.89
N ALA U 52 20.45 -21.63 43.53
CA ALA U 52 19.91 -22.08 44.82
C ALA U 52 18.51 -22.73 44.75
N SER U 53 17.54 -22.02 44.16
CA SER U 53 16.13 -22.42 44.17
C SER U 53 15.35 -22.37 42.83
N ASN U 54 15.96 -21.86 41.74
CA ASN U 54 15.26 -21.75 40.44
C ASN U 54 15.27 -23.08 39.68
N ARG U 55 14.08 -23.60 39.39
CA ARG U 55 13.94 -24.83 38.61
C ARG U 55 14.42 -24.63 37.19
N ALA U 56 14.96 -25.67 36.58
CA ALA U 56 15.28 -25.67 35.15
C ALA U 56 14.09 -26.13 34.36
N THR U 57 14.15 -25.90 33.05
CA THR U 57 13.03 -26.16 32.16
C THR U 57 12.82 -27.66 31.92
N GLY U 58 11.58 -28.10 32.05
CA GLY U 58 11.22 -29.51 31.90
C GLY U 58 11.43 -30.31 33.18
N ILE U 59 10.98 -29.76 34.31
CA ILE U 59 11.20 -30.37 35.61
C ILE U 59 9.95 -30.20 36.49
N PRO U 60 9.48 -31.31 37.10
CA PRO U 60 8.33 -31.27 38.04
C PRO U 60 8.49 -30.28 39.21
N ASP U 61 7.36 -29.85 39.78
CA ASP U 61 7.38 -28.93 40.91
C ASP U 61 7.81 -29.59 42.24
N ARG U 62 7.83 -30.93 42.29
CA ARG U 62 8.24 -31.64 43.50
C ARG U 62 9.71 -31.42 43.87
N PHE U 63 10.56 -31.22 42.86
CA PHE U 63 11.95 -30.80 43.08
C PHE U 63 11.96 -29.31 43.43
N SER U 64 12.53 -28.96 44.59
CA SER U 64 12.61 -27.57 45.00
C SER U 64 13.79 -27.33 45.94
N GLY U 65 14.43 -26.18 45.76
CA GLY U 65 15.65 -25.84 46.46
C GLY U 65 15.45 -24.68 47.41
N SER U 66 16.42 -24.53 48.32
CA SER U 66 16.35 -23.49 49.34
C SER U 66 17.69 -23.33 50.05
N GLY U 67 17.74 -22.29 50.89
CA GLY U 67 18.92 -21.98 51.69
C GLY U 67 19.61 -20.75 51.17
N SER U 68 20.67 -20.37 51.88
CA SER U 68 21.58 -19.31 51.45
C SER U 68 22.80 -19.26 52.36
N GLY U 69 23.80 -18.50 51.92
CA GLY U 69 25.03 -18.30 52.69
C GLY U 69 25.95 -19.50 52.69
N THR U 70 25.80 -20.36 53.69
CA THR U 70 26.64 -21.56 53.83
C THR U 70 25.85 -22.88 53.79
N ASP U 71 24.55 -22.84 54.12
CA ASP U 71 23.70 -24.04 54.19
C ASP U 71 22.67 -24.05 53.07
N PHE U 72 22.58 -25.18 52.34
CA PHE U 72 21.64 -25.35 51.23
C PHE U 72 20.98 -26.72 51.27
N THR U 73 19.71 -26.75 50.83
CA THR U 73 18.84 -27.91 50.96
C THR U 73 18.02 -28.12 49.69
N LEU U 74 18.03 -29.36 49.20
CA LEU U 74 17.19 -29.77 48.06
C LEU U 74 16.16 -30.75 48.59
N ALA U 75 14.89 -30.49 48.30
CA ALA U 75 13.79 -31.31 48.79
C ALA U 75 12.97 -31.88 47.63
N ILE U 76 12.58 -33.14 47.78
CA ILE U 76 11.71 -33.84 46.83
C ILE U 76 10.49 -34.30 47.61
N SER U 77 9.30 -33.87 47.19
CA SER U 77 8.07 -34.06 47.97
C SER U 77 7.49 -35.47 47.89
N ARG U 78 7.16 -35.91 46.67
CA ARG U 78 6.61 -37.23 46.40
C ARG U 78 7.56 -38.05 45.53
N LEU U 79 8.40 -38.85 46.17
CA LEU U 79 9.33 -39.72 45.45
C LEU U 79 8.57 -40.71 44.57
N GLU U 80 9.10 -40.92 43.38
CA GLU U 80 8.51 -41.82 42.36
C GLU U 80 9.63 -42.68 41.77
N PRO U 81 9.28 -43.82 41.12
CA PRO U 81 10.32 -44.77 40.68
C PRO U 81 11.52 -44.16 39.96
N GLU U 82 11.29 -43.12 39.17
CA GLU U 82 12.32 -42.50 38.35
C GLU U 82 13.35 -41.67 39.12
N ASP U 83 13.03 -41.24 40.34
CA ASP U 83 13.90 -40.30 41.09
C ASP U 83 15.04 -40.96 41.88
N PHE U 84 15.03 -42.28 42.01
CA PHE U 84 16.05 -42.96 42.77
C PHE U 84 17.35 -42.97 41.97
N ALA U 85 18.29 -42.14 42.40
CA ALA U 85 19.59 -41.96 41.72
C ALA U 85 20.54 -41.12 42.60
N VAL U 86 21.72 -40.75 42.08
CA VAL U 86 22.68 -39.94 42.83
C VAL U 86 22.39 -38.46 42.59
N TYR U 87 22.66 -37.62 43.59
CA TYR U 87 22.38 -36.18 43.51
C TYR U 87 23.57 -35.38 43.98
N TYR U 88 24.08 -34.53 43.09
CA TYR U 88 25.30 -33.79 43.34
C TYR U 88 24.94 -32.32 43.45
N CYS U 89 25.40 -31.64 44.50
CA CYS U 89 25.38 -30.19 44.50
C CYS U 89 26.73 -29.68 44.01
N GLN U 90 26.74 -28.54 43.32
CA GLN U 90 27.98 -27.82 42.99
C GLN U 90 27.81 -26.34 43.30
N GLN U 91 28.90 -25.70 43.71
CA GLN U 91 28.97 -24.24 43.76
C GLN U 91 29.74 -23.82 42.53
N TYR U 92 29.33 -22.68 41.98
CA TYR U 92 29.97 -22.07 40.83
C TYR U 92 30.12 -20.54 41.01
N GLY U 93 30.23 -20.11 42.28
CA GLY U 93 30.40 -18.70 42.61
C GLY U 93 31.80 -18.20 42.29
N THR U 94 32.79 -19.07 42.48
CA THR U 94 34.18 -18.75 42.20
C THR U 94 34.92 -20.00 41.69
N SER U 95 35.94 -19.78 40.88
CA SER U 95 36.87 -20.85 40.48
C SER U 95 37.75 -21.22 41.69
N PRO U 96 38.06 -22.49 41.93
CA PRO U 96 37.53 -23.64 41.21
C PRO U 96 36.13 -23.98 41.69
N ARG U 97 35.33 -24.51 40.78
CA ARG U 97 33.92 -24.81 40.98
C ARG U 97 33.83 -26.27 41.36
N THR U 98 33.37 -26.56 42.57
CA THR U 98 33.52 -27.91 43.12
C THR U 98 32.18 -28.59 43.27
N PHE U 99 32.22 -29.90 43.38
CA PHE U 99 31.04 -30.73 43.58
C PHE U 99 31.02 -31.35 44.97
N GLY U 100 29.81 -31.63 45.46
CA GLY U 100 29.64 -32.49 46.62
C GLY U 100 29.95 -33.92 46.21
N GLN U 101 30.21 -34.77 47.19
CA GLN U 101 30.53 -36.17 46.91
C GLN U 101 29.29 -37.00 47.19
N GLY U 102 28.39 -36.98 46.22
CA GLY U 102 27.29 -37.96 46.07
C GLY U 102 26.39 -38.34 47.24
N THR U 103 25.19 -37.77 47.29
CA THR U 103 24.14 -38.19 48.24
C THR U 103 23.10 -39.08 47.51
N LYS U 104 23.29 -40.40 47.55
CA LYS U 104 22.39 -41.36 46.87
C LYS U 104 21.03 -41.54 47.58
N VAL U 105 20.01 -41.85 46.77
CA VAL U 105 18.65 -42.15 47.24
C VAL U 105 18.26 -43.52 46.72
N GLU U 106 18.00 -44.47 47.63
CA GLU U 106 17.55 -45.84 47.27
C GLU U 106 16.19 -46.20 47.88
N ILE U 107 15.55 -47.22 47.31
CA ILE U 107 14.24 -47.68 47.75
C ILE U 107 14.36 -48.41 49.11
N LYS U 108 13.40 -48.19 50.00
CA LYS U 108 13.27 -48.93 51.27
C LYS U 108 12.40 -50.16 51.05
N ARG U 109 12.75 -51.25 51.74
CA ARG U 109 12.10 -52.55 51.55
C ARG U 109 12.07 -53.36 52.86
N THR U 110 11.19 -54.36 52.91
CA THR U 110 11.20 -55.40 53.95
C THR U 110 12.53 -56.15 53.91
N VAL U 111 13.12 -56.38 55.08
CA VAL U 111 14.44 -57.03 55.16
C VAL U 111 14.33 -58.49 54.69
N ALA U 112 14.85 -58.77 53.49
CA ALA U 112 14.91 -60.13 52.95
C ALA U 112 16.34 -60.67 53.05
N ALA U 113 16.47 -61.99 53.19
CA ALA U 113 17.76 -62.64 53.41
C ALA U 113 18.38 -63.14 52.09
N PRO U 114 19.71 -63.32 52.05
CA PRO U 114 20.39 -63.76 50.82
C PRO U 114 20.41 -65.28 50.63
N SER U 115 19.98 -65.74 49.46
CA SER U 115 20.11 -67.16 49.07
C SER U 115 21.58 -67.45 48.72
N VAL U 116 22.35 -67.95 49.68
CA VAL U 116 23.80 -68.14 49.50
C VAL U 116 24.11 -69.42 48.69
N PHE U 117 24.99 -69.28 47.69
CA PHE U 117 25.50 -70.41 46.89
C PHE U 117 27.04 -70.34 46.82
N ILE U 118 27.66 -71.38 46.25
CA ILE U 118 29.12 -71.42 46.07
C ILE U 118 29.50 -72.22 44.81
N PHE U 119 30.56 -71.78 44.12
CA PHE U 119 31.04 -72.43 42.90
C PHE U 119 32.54 -72.75 43.01
N PRO U 120 32.90 -74.05 42.94
CA PRO U 120 34.33 -74.39 42.85
C PRO U 120 34.96 -73.98 41.50
N PRO U 121 36.30 -73.95 41.43
CA PRO U 121 36.95 -73.59 40.18
C PRO U 121 36.79 -74.71 39.15
N SER U 122 36.49 -74.33 37.91
CA SER U 122 36.30 -75.28 36.84
C SER U 122 37.59 -76.05 36.50
N ASP U 123 37.44 -77.28 36.01
CA ASP U 123 38.57 -78.13 35.63
C ASP U 123 39.37 -77.52 34.49
N GLU U 124 38.68 -76.83 33.59
CA GLU U 124 39.31 -76.16 32.46
C GLU U 124 40.09 -74.88 32.84
N GLN U 125 39.74 -74.27 33.97
CA GLN U 125 40.46 -73.11 34.51
C GLN U 125 41.78 -73.49 35.17
N LEU U 126 41.77 -74.61 35.90
CA LEU U 126 43.01 -75.17 36.50
C LEU U 126 44.06 -75.55 35.44
N LYS U 127 43.62 -75.88 34.21
CA LYS U 127 44.55 -76.11 33.07
C LYS U 127 45.45 -74.89 32.79
N SER U 128 44.93 -73.69 33.01
CA SER U 128 45.70 -72.44 32.86
C SER U 128 46.48 -71.97 34.12
N GLY U 129 46.46 -72.77 35.19
CA GLY U 129 47.29 -72.52 36.38
C GLY U 129 46.70 -71.65 37.49
N THR U 130 45.54 -71.04 37.25
CA THR U 130 44.86 -70.18 38.23
C THR U 130 43.53 -70.81 38.66
N ALA U 131 43.17 -70.60 39.93
CA ALA U 131 41.95 -71.16 40.51
C ALA U 131 41.09 -70.05 41.12
N SER U 132 39.85 -69.94 40.64
CA SER U 132 38.87 -68.97 41.13
C SER U 132 37.70 -69.67 41.81
N VAL U 133 37.47 -69.32 43.09
CA VAL U 133 36.34 -69.83 43.87
C VAL U 133 35.35 -68.68 44.07
N VAL U 134 34.12 -68.85 43.55
CA VAL U 134 33.10 -67.80 43.60
C VAL U 134 32.08 -68.11 44.70
N CYS U 135 31.67 -67.07 45.43
CA CYS U 135 30.63 -67.18 46.46
C CYS U 135 29.57 -66.10 46.26
N LEU U 136 28.38 -66.54 45.84
CA LEU U 136 27.30 -65.65 45.41
C LEU U 136 26.29 -65.44 46.54
N LEU U 137 25.79 -64.21 46.65
CA LEU U 137 24.65 -63.85 47.51
C LEU U 137 23.57 -63.26 46.61
N ASN U 138 22.36 -63.84 46.63
CA ASN U 138 21.33 -63.52 45.63
C ASN U 138 20.03 -62.93 46.22
N ASN U 139 19.69 -61.72 45.76
CA ASN U 139 18.42 -61.03 46.07
C ASN U 139 18.16 -60.78 47.56
N PHE U 140 18.86 -59.78 48.09
CA PHE U 140 18.76 -59.40 49.50
C PHE U 140 18.63 -57.88 49.67
N TYR U 141 18.37 -57.46 50.90
CA TYR U 141 18.32 -56.06 51.28
C TYR U 141 18.60 -55.91 52.78
N PRO U 142 19.38 -54.93 53.23
CA PRO U 142 20.01 -53.87 52.41
C PRO U 142 21.33 -54.20 51.76
N GLU U 144 24.39 -53.61 52.33
CA GLU U 144 25.45 -53.93 53.26
C GLU U 144 25.52 -55.42 53.55
N ALA U 145 26.73 -55.96 53.61
CA ALA U 145 26.97 -57.37 53.99
C ALA U 145 28.46 -57.62 54.28
N LYS U 146 28.76 -58.78 54.85
CA LYS U 146 30.14 -59.21 55.09
C LYS U 146 30.36 -60.65 54.62
N VAL U 147 31.32 -60.83 53.72
CA VAL U 147 31.67 -62.15 53.20
C VAL U 147 33.13 -62.41 53.57
N GLN U 148 33.37 -63.54 54.25
CA GLN U 148 34.69 -63.95 54.71
C GLN U 148 34.98 -65.35 54.20
N TRP U 149 36.23 -65.54 53.76
CA TRP U 149 36.66 -66.83 53.22
C TRP U 149 37.39 -67.65 54.28
N LYS U 150 37.21 -68.97 54.21
CA LYS U 150 37.88 -69.92 55.11
C LYS U 150 38.39 -71.12 54.33
N VAL U 151 39.72 -71.28 54.31
CA VAL U 151 40.41 -72.42 53.68
C VAL U 151 41.04 -73.28 54.80
N ASP U 152 40.49 -74.50 54.97
CA ASP U 152 40.77 -75.36 56.13
C ASP U 152 40.54 -74.60 57.44
N ASN U 153 39.37 -73.97 57.53
CA ASN U 153 38.93 -73.17 58.68
C ASN U 153 39.94 -72.09 59.14
N ALA U 154 40.68 -71.52 58.18
CA ALA U 154 41.66 -70.47 58.42
C ALA U 154 41.21 -69.20 57.68
N LEU U 155 41.05 -68.11 58.42
CA LEU U 155 40.42 -66.87 57.90
C LEU U 155 41.33 -66.09 56.93
N GLN U 156 40.87 -65.94 55.68
CA GLN U 156 41.64 -65.27 54.62
C GLN U 156 41.41 -63.74 54.58
N SER U 157 42.38 -63.03 54.01
CA SER U 157 42.28 -61.58 53.79
C SER U 157 43.38 -61.09 52.82
N GLY U 158 43.02 -60.21 51.88
CA GLY U 158 43.97 -59.64 50.91
C GLY U 158 44.08 -60.35 49.56
N ASN U 159 43.39 -61.48 49.38
CA ASN U 159 43.41 -62.26 48.12
C ASN U 159 42.01 -62.45 47.50
N SER U 160 41.07 -61.57 47.88
CA SER U 160 39.67 -61.64 47.40
C SER U 160 39.08 -60.25 47.17
N GLN U 161 38.24 -60.15 46.14
CA GLN U 161 37.55 -58.92 45.75
C GLN U 161 36.10 -59.25 45.45
N GLU U 162 35.24 -58.24 45.56
CA GLU U 162 33.78 -58.44 45.48
C GLU U 162 33.11 -57.34 44.67
N SER U 163 31.99 -57.71 44.05
CA SER U 163 31.21 -56.81 43.18
C SER U 163 29.74 -56.90 43.54
N VAL U 164 29.05 -55.75 43.44
CA VAL U 164 27.65 -55.58 43.85
C VAL U 164 26.82 -55.08 42.66
N THR U 165 25.60 -55.63 42.46
CA THR U 165 24.72 -55.18 41.35
C THR U 165 23.99 -53.90 41.70
N GLU U 166 23.26 -53.35 40.73
CA GLU U 166 22.41 -52.19 40.99
C GLU U 166 21.11 -52.68 41.60
N GLN U 167 20.46 -51.81 42.37
CA GLN U 167 19.19 -52.14 43.02
C GLN U 167 18.18 -52.51 41.93
N ASP U 168 17.52 -53.65 42.13
CA ASP U 168 16.76 -54.28 41.06
C ASP U 168 15.50 -53.50 40.71
N SER U 169 15.00 -53.71 39.50
CA SER U 169 13.85 -53.01 38.94
C SER U 169 12.55 -53.34 39.65
N LYS U 170 12.30 -54.64 39.85
CA LYS U 170 10.99 -55.15 40.28
C LYS U 170 10.87 -55.39 41.80
N ASP U 171 11.88 -56.02 42.41
CA ASP U 171 11.84 -56.36 43.85
C ASP U 171 12.72 -55.49 44.77
N SER U 172 13.57 -54.63 44.19
CA SER U 172 14.43 -53.70 44.93
C SER U 172 15.43 -54.40 45.88
N THR U 173 16.10 -55.43 45.36
CA THR U 173 17.12 -56.17 46.09
C THR U 173 18.49 -56.09 45.42
N TYR U 174 19.53 -56.30 46.23
CA TYR U 174 20.91 -56.32 45.76
C TYR U 174 21.39 -57.77 45.59
N SER U 175 22.43 -57.93 44.77
CA SER U 175 23.13 -59.22 44.63
C SER U 175 24.65 -58.96 44.68
N LEU U 176 25.40 -59.94 45.18
CA LEU U 176 26.86 -59.79 45.43
C LEU U 176 27.65 -61.03 44.98
N SER U 177 28.88 -60.84 44.49
CA SER U 177 29.73 -61.96 44.03
C SER U 177 31.20 -61.77 44.44
N SER U 178 31.58 -62.40 45.54
CA SER U 178 32.98 -62.40 45.99
C SER U 178 33.76 -63.51 45.26
N THR U 179 35.02 -63.22 44.93
CA THR U 179 35.85 -64.13 44.14
C THR U 179 37.23 -64.25 44.79
N LEU U 180 37.57 -65.47 45.22
CA LEU U 180 38.90 -65.77 45.80
C LEU U 180 39.82 -66.29 44.71
N THR U 181 41.00 -65.66 44.57
CA THR U 181 41.96 -66.01 43.52
C THR U 181 43.23 -66.60 44.11
N LEU U 182 43.61 -67.78 43.62
CA LEU U 182 44.84 -68.47 44.05
C LEU U 182 45.48 -69.17 42.87
N SER U 183 46.77 -69.49 43.02
CA SER U 183 47.50 -70.35 42.08
C SER U 183 47.10 -71.82 42.30
N LYS U 184 47.33 -72.66 41.28
CA LYS U 184 47.05 -74.11 41.41
C LYS U 184 47.91 -74.77 42.50
N ALA U 185 49.09 -74.21 42.75
CA ALA U 185 49.97 -74.65 43.86
C ALA U 185 49.31 -74.49 45.25
N ASP U 186 48.68 -73.34 45.47
CA ASP U 186 47.97 -73.04 46.73
C ASP U 186 46.52 -73.58 46.82
N TYR U 187 45.96 -74.03 45.68
CA TYR U 187 44.62 -74.61 45.64
C TYR U 187 44.63 -76.09 46.06
N GLU U 188 45.47 -76.89 45.40
CA GLU U 188 45.64 -78.31 45.72
C GLU U 188 46.38 -78.56 47.06
N LYS U 189 46.91 -77.50 47.66
CA LYS U 189 47.46 -77.52 49.04
C LYS U 189 46.41 -77.90 50.10
N HIS U 190 45.22 -77.29 50.02
CA HIS U 190 44.15 -77.48 51.02
C HIS U 190 42.97 -78.31 50.46
N LYS U 191 42.03 -78.67 51.33
CA LYS U 191 40.85 -79.48 50.97
C LYS U 191 39.50 -78.77 51.20
N VAL U 192 39.27 -78.28 52.42
CA VAL U 192 37.98 -77.67 52.82
C VAL U 192 37.94 -76.18 52.44
N TYR U 193 36.98 -75.78 51.59
CA TYR U 193 36.79 -74.38 51.16
C TYR U 193 35.41 -73.86 51.57
N ALA U 194 35.38 -72.91 52.49
CA ALA U 194 34.13 -72.44 53.11
C ALA U 194 33.96 -70.92 53.01
N CYS U 195 32.71 -70.49 52.81
CA CYS U 195 32.34 -69.09 52.62
C CYS U 195 31.26 -68.70 53.62
N GLU U 196 31.63 -67.87 54.60
CA GLU U 196 30.71 -67.45 55.68
C GLU U 196 30.11 -66.04 55.44
N VAL U 197 28.79 -65.97 55.29
CA VAL U 197 28.07 -64.71 55.06
C VAL U 197 27.46 -64.18 56.36
N THR U 198 27.63 -62.89 56.63
CA THR U 198 26.98 -62.19 57.78
C THR U 198 26.06 -61.09 57.24
N HIS U 199 24.83 -61.05 57.77
CA HIS U 199 23.79 -60.16 57.26
C HIS U 199 22.81 -59.81 58.38
N GLN U 200 22.02 -58.76 58.17
CA GLN U 200 21.00 -58.36 59.15
C GLN U 200 19.83 -59.35 59.21
N GLY U 201 19.27 -59.68 58.04
CA GLY U 201 18.14 -60.60 57.91
C GLY U 201 18.32 -62.05 58.38
N LEU U 202 19.57 -62.48 58.55
CA LEU U 202 19.89 -63.78 59.12
C LEU U 202 20.07 -63.67 60.65
N SER U 203 19.52 -64.63 61.39
CA SER U 203 19.65 -64.67 62.85
C SER U 203 21.09 -64.91 63.29
N SER U 204 21.79 -65.83 62.61
CA SER U 204 23.23 -66.10 62.83
C SER U 204 23.96 -66.20 61.47
N PRO U 205 25.32 -66.23 61.47
CA PRO U 205 26.07 -66.36 60.19
C PRO U 205 25.95 -67.73 59.45
N VAL U 206 25.36 -67.73 58.24
CA VAL U 206 25.25 -68.94 57.39
C VAL U 206 26.60 -69.25 56.74
N THR U 207 26.91 -70.54 56.60
CA THR U 207 28.14 -71.00 55.95
C THR U 207 27.79 -72.06 54.88
N LYS U 208 28.30 -71.85 53.66
CA LYS U 208 28.26 -72.87 52.59
C LYS U 208 29.69 -73.27 52.23
N SER U 209 29.89 -74.55 51.88
CA SER U 209 31.23 -75.08 51.60
C SER U 209 31.20 -76.33 50.71
N PHE U 210 32.39 -76.75 50.31
CA PHE U 210 32.62 -78.00 49.58
C PHE U 210 34.06 -78.47 49.86
N ASN U 211 34.30 -79.76 49.69
CA ASN U 211 35.65 -80.33 49.73
C ASN U 211 36.17 -80.59 48.32
N ARG U 212 37.50 -80.49 48.16
CA ARG U 212 38.13 -80.52 46.83
C ARG U 212 38.06 -81.90 46.17
N GLY U 213 37.35 -81.97 45.04
CA GLY U 213 37.22 -83.20 44.26
C GLY U 213 36.08 -84.10 44.72
N GLU U 214 34.89 -83.53 44.85
CA GLU U 214 33.69 -84.21 45.37
C GLU U 214 32.50 -84.13 44.39
N CYS U 215 31.63 -85.15 44.47
CA CYS U 215 30.36 -85.22 43.72
C CYS U 215 29.28 -85.87 44.57
N GLU V 1 -18.59 25.52 29.51
CA GLU V 1 -18.21 25.57 28.07
C GLU V 1 -17.99 27.01 27.59
N ILE V 2 -17.16 27.15 26.56
CA ILE V 2 -16.99 28.42 25.82
C ILE V 2 -18.10 28.54 24.78
N VAL V 3 -19.03 29.46 24.98
CA VAL V 3 -20.16 29.61 24.05
C VAL V 3 -19.75 30.61 22.96
N LEU V 4 -19.91 30.19 21.71
CA LEU V 4 -19.66 31.05 20.56
C LEU V 4 -20.95 31.56 19.97
N THR V 5 -20.96 32.86 19.67
CA THR V 5 -22.11 33.54 19.07
C THR V 5 -21.67 34.05 17.71
N GLN V 6 -22.42 33.74 16.67
CA GLN V 6 -22.20 34.30 15.32
C GLN V 6 -23.12 35.46 15.06
N SER V 7 -22.71 36.33 14.16
CA SER V 7 -23.54 37.46 13.71
C SER V 7 -23.02 38.02 12.40
N PRO V 8 -23.90 38.38 11.48
CA PRO V 8 -25.35 38.31 11.61
C PRO V 8 -25.90 36.94 11.21
N GLY V 9 -27.03 36.57 11.82
CA GLY V 9 -27.69 35.29 11.55
C GLY V 9 -28.17 35.07 10.12
N THR V 10 -28.45 36.16 9.40
CA THR V 10 -28.79 36.10 7.98
C THR V 10 -28.26 37.34 7.26
N LEU V 11 -27.42 37.13 6.25
CA LEU V 11 -26.97 38.20 5.35
C LEU V 11 -27.72 38.14 4.04
N SER V 12 -28.10 39.31 3.54
CA SER V 12 -28.81 39.42 2.27
C SER V 12 -27.93 40.21 1.31
N LEU V 13 -27.12 39.49 0.52
CA LEU V 13 -26.13 40.12 -0.35
C LEU V 13 -26.21 39.63 -1.79
N SER V 14 -25.83 40.51 -2.73
CA SER V 14 -25.90 40.20 -4.16
C SER V 14 -24.64 39.51 -4.63
N PRO V 15 -24.70 38.76 -5.74
CA PRO V 15 -23.49 38.12 -6.30
C PRO V 15 -22.42 39.12 -6.78
N GLY V 16 -21.27 39.14 -6.12
CA GLY V 16 -20.20 40.10 -6.38
C GLY V 16 -19.71 40.83 -5.14
N GLU V 17 -20.62 41.19 -4.23
CA GLU V 17 -20.31 42.00 -3.04
C GLU V 17 -19.43 41.24 -2.02
N ARG V 18 -19.02 41.92 -0.93
CA ARG V 18 -18.29 41.27 0.18
C ARG V 18 -19.23 40.95 1.37
N ALA V 19 -19.08 39.74 1.90
CA ALA V 19 -19.76 39.30 3.12
C ALA V 19 -18.78 39.30 4.29
N THR V 20 -19.27 39.63 5.49
CA THR V 20 -18.42 39.77 6.67
C THR V 20 -19.09 39.15 7.91
N LEU V 21 -18.76 37.88 8.14
CA LEU V 21 -19.32 37.10 9.25
C LEU V 21 -18.48 37.28 10.50
N SER V 22 -19.15 37.46 11.63
CA SER V 22 -18.46 37.63 12.91
C SER V 22 -18.61 36.36 13.75
N CYS V 23 -17.71 36.20 14.73
CA CYS V 23 -17.73 35.09 15.70
C CYS V 23 -17.10 35.59 17.01
N ARG V 24 -17.93 35.88 18.01
CA ARG V 24 -17.47 36.33 19.33
C ARG V 24 -17.48 35.16 20.31
N ALA V 25 -16.49 35.14 21.19
CA ALA V 25 -16.29 34.06 22.15
C ALA V 25 -16.53 34.52 23.58
N SER V 26 -17.31 33.75 24.33
CA SER V 26 -17.64 34.06 25.74
C SER V 26 -16.39 34.34 26.57
N GLN V 27 -15.34 33.58 26.28
CA GLN V 27 -14.01 33.82 26.82
C GLN V 27 -13.00 33.47 25.74
N SER V 28 -10.70 34.34 26.62
CA SER V 28 -10.01 34.32 25.33
C SER V 28 -10.00 32.90 24.75
N VAL V 29 -9.88 32.80 23.43
CA VAL V 29 -9.76 31.51 22.72
C VAL V 29 -8.31 31.07 22.65
N SER V 30 -8.05 29.93 23.28
CA SER V 30 -6.70 29.44 23.58
C SER V 30 -5.86 29.29 22.28
N SER V 31 -4.97 30.26 22.04
CA SER V 31 -3.91 30.20 21.01
C SER V 31 -4.35 30.25 19.51
N ASN V 32 -5.50 30.86 19.24
CA ASN V 32 -6.03 31.00 17.87
C ASN V 32 -6.36 29.66 17.20
N TYR V 33 -7.07 28.80 17.93
CA TYR V 33 -7.60 27.55 17.40
C TYR V 33 -9.09 27.68 17.15
N LEU V 34 -9.43 28.36 16.07
CA LEU V 34 -10.81 28.53 15.66
C LEU V 34 -10.91 28.13 14.23
N ALA V 35 -12.05 27.59 13.84
CA ALA V 35 -12.24 27.13 12.47
C ALA V 35 -13.60 27.52 11.93
N TRP V 36 -13.66 27.65 10.61
CA TRP V 36 -14.88 27.97 9.89
C TRP V 36 -15.25 26.77 9.02
N PHE V 37 -16.54 26.53 8.82
CA PHE V 37 -17.01 25.44 7.96
C PHE V 37 -18.20 25.92 7.10
N GLN V 38 -18.39 25.32 5.93
CA GLN V 38 -19.50 25.69 5.01
C GLN V 38 -20.41 24.48 4.73
N GLN V 39 -21.72 24.65 4.90
CA GLN V 39 -22.69 23.58 4.69
C GLN V 39 -23.77 24.05 3.74
N LYS V 40 -23.95 23.33 2.63
CA LYS V 40 -25.10 23.56 1.74
C LYS V 40 -26.33 22.73 2.15
N PRO V 41 -27.51 23.08 1.61
CA PRO V 41 -28.69 22.24 1.90
C PRO V 41 -28.55 20.82 1.31
N GLY V 42 -28.80 19.79 2.13
CA GLY V 42 -28.69 18.40 1.69
C GLY V 42 -27.32 17.74 1.81
N GLN V 43 -26.26 18.55 1.85
CA GLN V 43 -24.87 18.04 1.93
C GLN V 43 -24.32 18.12 3.35
N ALA V 44 -23.11 17.61 3.53
CA ALA V 44 -22.38 17.68 4.80
C ALA V 44 -21.48 18.91 4.78
N PRO V 45 -20.90 19.29 5.93
CA PRO V 45 -19.93 20.38 5.99
C PRO V 45 -18.64 20.18 5.18
N ARG V 46 -18.07 21.31 4.74
CA ARG V 46 -16.70 21.40 4.20
C ARG V 46 -15.87 22.16 5.20
N LEU V 47 -14.57 21.88 5.22
CA LEU V 47 -13.65 22.76 5.95
C LEU V 47 -13.33 23.95 5.11
N LEU V 48 -13.32 25.13 5.72
CA LEU V 48 -12.88 26.35 5.07
C LEU V 48 -11.55 26.84 5.60
N ILE V 49 -11.49 27.07 6.90
CA ILE V 49 -10.33 27.73 7.50
C ILE V 49 -10.11 27.20 8.90
N TYR V 50 -8.85 26.92 9.21
CA TYR V 50 -8.43 26.50 10.55
C TYR V 50 -7.33 27.44 11.05
N GLY V 51 -7.09 27.39 12.35
CA GLY V 51 -6.08 28.21 12.99
C GLY V 51 -6.34 29.70 12.78
N ALA V 52 -7.61 30.09 12.86
CA ALA V 52 -8.05 31.47 12.67
C ALA V 52 -8.04 31.99 11.23
N SER V 53 -6.90 31.87 10.54
CA SER V 53 -6.68 32.45 9.21
C SER V 53 -6.06 31.57 8.11
N ASN V 54 -5.62 30.34 8.44
CA ASN V 54 -4.98 29.45 7.44
C ASN V 54 -6.01 28.74 6.58
N ARG V 55 -5.96 28.96 5.28
CA ARG V 55 -6.84 28.27 4.32
C ARG V 55 -6.55 26.78 4.30
N ALA V 56 -7.58 25.97 4.05
CA ALA V 56 -7.41 24.53 3.83
C ALA V 56 -7.18 24.27 2.36
N THR V 57 -6.76 23.05 2.06
CA THR V 57 -6.35 22.69 0.71
C THR V 57 -7.56 22.54 -0.23
N GLY V 58 -7.46 23.16 -1.40
CA GLY V 58 -8.53 23.15 -2.39
C GLY V 58 -9.58 24.23 -2.13
N ILE V 59 -9.12 25.45 -1.85
CA ILE V 59 -10.01 26.55 -1.50
C ILE V 59 -9.56 27.86 -2.13
N PRO V 60 -10.49 28.58 -2.80
CA PRO V 60 -10.19 29.92 -3.37
C PRO V 60 -9.62 30.94 -2.38
N ASP V 61 -8.88 31.91 -2.91
CA ASP V 61 -8.28 32.96 -2.07
C ASP V 61 -9.32 33.98 -1.54
N ARG V 62 -10.52 33.99 -2.11
CA ARG V 62 -11.57 34.92 -1.66
C ARG V 62 -12.05 34.66 -0.23
N PHE V 63 -12.00 33.41 0.20
CA PHE V 63 -12.24 33.04 1.59
C PHE V 63 -11.00 33.39 2.41
N SER V 64 -11.14 34.21 3.43
CA SER V 64 -10.02 34.59 4.29
C SER V 64 -10.47 34.95 5.69
N GLY V 65 -9.68 34.54 6.68
CA GLY V 65 -10.01 34.67 8.08
C GLY V 65 -9.09 35.64 8.79
N SER V 66 -9.52 36.06 9.97
CA SER V 66 -8.76 37.03 10.77
C SER V 66 -9.31 37.11 12.19
N GLY V 67 -8.59 37.87 13.01
CA GLY V 67 -8.95 38.13 14.39
C GLY V 67 -8.02 37.39 15.33
N SER V 68 -8.26 37.61 16.62
CA SER V 68 -7.59 36.85 17.69
C SER V 68 -8.24 37.17 19.03
N GLY V 69 -7.88 36.37 20.03
CA GLY V 69 -8.35 36.56 21.40
C GLY V 69 -9.79 36.16 21.62
N THR V 70 -10.70 37.13 21.47
CA THR V 70 -12.12 36.91 21.65
C THR V 70 -12.98 37.16 20.39
N ASP V 71 -12.48 38.00 19.48
CA ASP V 71 -13.21 38.41 18.27
C ASP V 71 -12.57 37.82 17.01
N PHE V 72 -13.38 37.18 16.17
CA PHE V 72 -12.95 36.55 14.90
C PHE V 72 -13.91 36.85 13.76
N THR V 73 -13.34 36.97 12.56
CA THR V 73 -14.04 37.44 11.38
C THR V 73 -13.64 36.63 10.14
N LEU V 74 -14.64 36.16 9.40
CA LEU V 74 -14.45 35.47 8.12
C LEU V 74 -15.00 36.36 7.04
N ALA V 75 -14.19 36.62 6.01
CA ALA V 75 -14.57 37.49 4.92
C ALA V 75 -14.52 36.78 3.57
N ILE V 76 -15.51 37.06 2.73
CA ILE V 76 -15.59 36.54 1.37
C ILE V 76 -15.66 37.74 0.43
N SER V 77 -14.70 37.83 -0.50
CA SER V 77 -14.52 39.05 -1.31
C SER V 77 -15.54 39.20 -2.44
N ARG V 78 -15.57 38.22 -3.35
CA ARG V 78 -16.48 38.19 -4.50
C ARG V 78 -17.39 36.98 -4.38
N LEU V 79 -18.59 37.21 -3.83
CA LEU V 79 -19.59 36.16 -3.71
C LEU V 79 -20.00 35.67 -5.10
N GLU V 80 -20.17 34.35 -5.21
CA GLU V 80 -20.53 33.66 -6.46
C GLU V 80 -21.63 32.66 -6.15
N PRO V 81 -22.37 32.19 -7.18
CA PRO V 81 -23.55 31.35 -6.92
C PRO V 81 -23.36 30.21 -5.91
N GLU V 82 -22.18 29.61 -5.92
CA GLU V 82 -21.88 28.44 -5.09
C GLU V 82 -21.72 28.75 -3.58
N ASP V 83 -21.45 30.01 -3.22
CA ASP V 83 -21.12 30.34 -1.82
C ASP V 83 -22.31 30.62 -0.92
N PHE V 84 -23.51 30.73 -1.49
CA PHE V 84 -24.69 30.97 -0.68
C PHE V 84 -25.05 29.71 0.08
N ALA V 85 -24.76 29.72 1.39
CA ALA V 85 -25.01 28.58 2.28
C ALA V 85 -24.82 29.01 3.75
N VAL V 86 -24.87 28.06 4.70
CA VAL V 86 -24.68 28.36 6.13
C VAL V 86 -23.19 28.26 6.46
N TYR V 87 -22.74 29.07 7.42
CA TYR V 87 -21.33 29.13 7.81
C TYR V 87 -21.19 29.06 9.32
N TYR V 88 -20.47 28.05 9.78
CA TYR V 88 -20.36 27.77 11.19
C TYR V 88 -18.92 28.03 11.61
N CYS V 89 -18.72 28.80 12.68
CA CYS V 89 -17.41 28.82 13.32
C CYS V 89 -17.42 27.83 14.47
N GLN V 90 -16.27 27.21 14.74
CA GLN V 90 -16.08 26.40 15.95
C GLN V 90 -14.75 26.76 16.61
N GLN V 91 -14.71 26.68 17.93
CA GLN V 91 -13.45 26.70 18.67
C GLN V 91 -13.15 25.27 19.03
N TYR V 92 -11.86 24.95 19.01
CA TYR V 92 -11.35 23.63 19.38
C TYR V 92 -10.11 23.75 20.27
N GLY V 93 -10.00 24.85 21.02
CA GLY V 93 -8.88 25.09 21.94
C GLY V 93 -8.95 24.20 23.17
N THR V 94 -10.17 23.95 23.64
CA THR V 94 -10.41 23.12 24.81
C THR V 94 -11.72 22.35 24.66
N SER V 95 -11.80 21.19 25.30
CA SER V 95 -13.06 20.45 25.43
C SER V 95 -13.98 21.20 26.41
N PRO V 96 -15.30 21.28 26.16
CA PRO V 96 -15.95 20.83 24.94
C PRO V 96 -15.77 21.84 23.83
N ARG V 97 -15.74 21.34 22.60
CA ARG V 97 -15.46 22.11 21.38
C ARG V 97 -16.79 22.49 20.79
N THR V 98 -17.10 23.77 20.74
CA THR V 98 -18.46 24.21 20.44
C THR V 98 -18.54 24.90 19.12
N PHE V 99 -19.75 24.96 18.59
CA PHE V 99 -20.04 25.63 17.32
C PHE V 99 -20.86 26.90 17.54
N GLY V 100 -20.71 27.82 16.61
CA GLY V 100 -21.64 28.95 16.51
C GLY V 100 -22.96 28.43 15.97
N GLN V 101 -24.03 29.19 16.16
CA GLN V 101 -25.34 28.81 15.69
C GLN V 101 -25.62 29.58 14.42
N GLY V 102 -25.05 29.07 13.32
CA GLY V 102 -25.43 29.39 11.94
C GLY V 102 -25.64 30.82 11.46
N THR V 103 -24.64 31.37 10.76
CA THR V 103 -24.79 32.66 10.05
C THR V 103 -25.01 32.41 8.55
N LYS V 104 -26.28 32.35 8.13
CA LYS V 104 -26.63 32.09 6.71
C LYS V 104 -26.38 33.29 5.77
N VAL V 105 -26.09 32.98 4.51
CA VAL V 105 -25.89 33.96 3.44
C VAL V 105 -26.87 33.63 2.31
N GLU V 106 -27.78 34.54 2.01
CA GLU V 106 -28.77 34.39 0.91
C GLU V 106 -28.67 35.50 -0.14
N ILE V 107 -29.23 35.24 -1.32
CA ILE V 107 -29.19 36.18 -2.44
C ILE V 107 -30.17 37.35 -2.17
N LYS V 108 -29.74 38.57 -2.53
CA LYS V 108 -30.60 39.77 -2.46
C LYS V 108 -31.34 39.93 -3.80
N ARG V 109 -32.59 40.41 -3.71
CA ARG V 109 -33.49 40.50 -4.84
C ARG V 109 -34.46 41.69 -4.70
N THR V 110 -35.06 42.11 -5.82
CA THR V 110 -36.19 43.02 -5.83
C THR V 110 -37.36 42.40 -5.08
N VAL V 111 -38.01 43.18 -4.22
CA VAL V 111 -39.14 42.70 -3.44
C VAL V 111 -40.31 42.33 -4.36
N ALA V 112 -40.55 41.02 -4.53
CA ALA V 112 -41.70 40.51 -5.28
C ALA V 112 -42.76 40.00 -4.32
N ALA V 113 -44.03 40.07 -4.75
CA ALA V 113 -45.16 39.70 -3.92
C ALA V 113 -45.59 38.26 -4.17
N PRO V 114 -46.29 37.63 -3.18
CA PRO V 114 -46.71 36.23 -3.30
C PRO V 114 -48.04 36.05 -4.05
N SER V 115 -48.04 35.19 -5.07
CA SER V 115 -49.27 34.79 -5.76
C SER V 115 -50.03 33.79 -4.84
N VAL V 116 -50.99 34.30 -4.07
CA VAL V 116 -51.70 33.50 -3.06
C VAL V 116 -52.78 32.62 -3.73
N PHE V 117 -52.82 31.34 -3.34
CA PHE V 117 -53.86 30.38 -3.75
C PHE V 117 -54.42 29.66 -2.51
N ILE V 118 -55.50 28.89 -2.72
CA ILE V 118 -56.10 28.10 -1.65
C ILE V 118 -56.75 26.82 -2.19
N PHE V 119 -56.64 25.73 -1.43
CA PHE V 119 -57.12 24.40 -1.83
C PHE V 119 -58.03 23.81 -0.76
N PRO V 120 -59.32 23.58 -1.08
CA PRO V 120 -60.18 22.86 -0.14
C PRO V 120 -59.78 21.39 0.05
N PRO V 121 -60.29 20.72 1.11
CA PRO V 121 -60.00 19.31 1.29
C PRO V 121 -60.71 18.47 0.26
N SER V 122 -60.00 17.48 -0.27
CA SER V 122 -60.55 16.58 -1.29
C SER V 122 -61.70 15.73 -0.74
N ASP V 123 -62.63 15.35 -1.62
CA ASP V 123 -63.77 14.50 -1.24
C ASP V 123 -63.33 13.13 -0.75
N GLU V 124 -62.25 12.63 -1.33
CA GLU V 124 -61.68 11.34 -0.96
C GLU V 124 -60.96 11.34 0.41
N GLN V 125 -60.50 12.52 0.84
CA GLN V 125 -59.87 12.69 2.15
C GLN V 125 -60.90 12.72 3.29
N LEU V 126 -62.04 13.38 3.05
CA LEU V 126 -63.15 13.38 4.01
C LEU V 126 -63.72 11.98 4.26
N LYS V 127 -63.60 11.06 3.30
CA LYS V 127 -63.96 9.64 3.49
C LYS V 127 -63.20 8.99 4.66
N SER V 128 -61.95 9.41 4.89
CA SER V 128 -61.14 8.93 6.02
C SER V 128 -61.29 9.72 7.33
N GLY V 129 -62.21 10.69 7.37
CA GLY V 129 -62.55 11.41 8.61
C GLY V 129 -61.76 12.66 8.96
N THR V 130 -60.67 12.93 8.23
CA THR V 130 -59.82 14.11 8.46
C THR V 130 -59.91 15.07 7.27
N ALA V 131 -59.83 16.37 7.56
CA ALA V 131 -59.95 17.43 6.55
C ALA V 131 -58.74 18.36 6.61
N SER V 132 -58.04 18.47 5.47
CA SER V 132 -56.88 19.35 5.32
C SER V 132 -57.16 20.48 4.33
N VAL V 133 -57.02 21.72 4.80
CA VAL V 133 -57.16 22.92 3.96
C VAL V 133 -55.78 23.53 3.77
N VAL V 134 -55.33 23.63 2.52
CA VAL V 134 -53.98 24.13 2.20
C VAL V 134 -54.07 25.56 1.68
N CYS V 135 -53.13 26.40 2.11
CA CYS V 135 -53.01 27.79 1.65
C CYS V 135 -51.57 28.09 1.22
N LEU V 136 -51.38 28.24 -0.09
CA LEU V 136 -50.07 28.33 -0.71
C LEU V 136 -49.71 29.78 -0.99
N LEU V 137 -48.43 30.13 -0.77
CA LEU V 137 -47.84 31.41 -1.18
C LEU V 137 -46.68 31.08 -2.12
N ASN V 138 -46.72 31.62 -3.34
CA ASN V 138 -45.82 31.15 -4.42
C ASN V 138 -44.91 32.24 -4.99
N ASN V 139 -43.59 31.99 -4.89
CA ASN V 139 -42.53 32.81 -5.49
C ASN V 139 -42.51 34.27 -5.02
N PHE V 140 -42.00 34.46 -3.80
CA PHE V 140 -41.89 35.78 -3.17
C PHE V 140 -40.52 35.99 -2.54
N TYR V 141 -40.29 37.22 -2.09
CA TYR V 141 -39.07 37.58 -1.37
C TYR V 141 -39.34 38.81 -0.50
N PRO V 142 -38.83 38.88 0.74
CA PRO V 142 -37.95 37.87 1.37
C PRO V 142 -38.73 36.73 2.10
N GLU V 144 -39.65 35.74 4.96
CA GLU V 144 -40.48 36.18 6.10
C GLU V 144 -41.90 36.52 5.63
N ALA V 145 -42.89 36.11 6.43
CA ALA V 145 -44.32 36.30 6.12
C ALA V 145 -45.21 35.92 7.30
N LYS V 146 -46.50 36.24 7.20
CA LYS V 146 -47.50 35.86 8.23
C LYS V 146 -48.77 35.32 7.56
N VAL V 147 -49.15 34.09 7.91
CA VAL V 147 -50.36 33.47 7.40
C VAL V 147 -51.28 33.16 8.59
N GLN V 148 -52.51 33.65 8.51
CA GLN V 148 -53.53 33.47 9.54
C GLN V 148 -54.77 32.85 8.92
N TRP V 149 -55.39 31.93 9.65
CA TRP V 149 -56.58 31.24 9.19
C TRP V 149 -57.84 31.87 9.80
N LYS V 150 -58.92 31.89 9.01
CA LYS V 150 -60.22 32.41 9.45
C LYS V 150 -61.35 31.48 9.00
N VAL V 151 -62.03 30.90 9.99
CA VAL V 151 -63.19 30.01 9.76
C VAL V 151 -64.45 30.72 10.29
N ASP V 152 -65.34 31.10 9.37
CA ASP V 152 -66.47 32.00 9.65
C ASP V 152 -65.98 33.28 10.37
N ASN V 153 -64.97 33.91 9.78
CA ASN V 153 -64.36 35.15 10.28
C ASN V 153 -63.92 35.09 11.76
N ALA V 154 -63.48 33.89 12.19
CA ALA V 154 -62.99 33.66 13.56
C ALA V 154 -61.53 33.22 13.47
N LEU V 155 -60.64 33.96 14.13
CA LEU V 155 -59.19 33.80 14.00
C LEU V 155 -58.66 32.53 14.69
N GLN V 156 -58.07 31.62 13.90
CA GLN V 156 -57.58 30.32 14.41
C GLN V 156 -56.12 30.39 14.92
N SER V 157 -55.79 29.45 15.82
CA SER V 157 -54.43 29.33 16.37
C SER V 157 -54.25 27.98 17.08
N GLY V 158 -53.11 27.32 16.85
CA GLY V 158 -52.79 26.03 17.47
C GLY V 158 -53.14 24.76 16.70
N ASN V 159 -53.82 24.89 15.57
CA ASN V 159 -54.26 23.74 14.74
C ASN V 159 -53.72 23.77 13.29
N SER V 160 -52.63 24.52 13.08
CA SER V 160 -52.02 24.71 11.76
C SER V 160 -50.49 24.76 11.84
N GLN V 161 -49.84 24.20 10.83
CA GLN V 161 -48.39 24.17 10.68
C GLN V 161 -48.01 24.53 9.25
N GLU V 162 -46.79 25.04 9.09
CA GLU V 162 -46.35 25.62 7.81
C GLU V 162 -44.92 25.25 7.47
N SER V 163 -44.64 25.20 6.18
CA SER V 163 -43.34 24.77 5.65
C SER V 163 -42.88 25.73 4.58
N VAL V 164 -41.56 25.96 4.51
CA VAL V 164 -40.92 26.93 3.62
C VAL V 164 -39.89 26.22 2.71
N THR V 165 -39.86 26.55 1.42
CA THR V 165 -38.88 25.93 0.48
C THR V 165 -37.51 26.59 0.59
N GLU V 166 -36.55 26.02 -0.11
CA GLU V 166 -35.22 26.64 -0.19
C GLU V 166 -35.26 27.71 -1.28
N GLN V 167 -34.37 28.69 -1.14
CA GLN V 167 -34.27 29.79 -2.09
C GLN V 167 -34.03 29.23 -3.49
N ASP V 168 -34.82 29.67 -4.45
CA ASP V 168 -34.92 29.01 -5.75
C ASP V 168 -33.65 29.22 -6.58
N SER V 169 -33.43 28.34 -7.53
CA SER V 169 -32.24 28.30 -8.38
C SER V 169 -32.15 29.49 -9.33
N LYS V 170 -33.26 29.78 -10.01
CA LYS V 170 -33.26 30.72 -11.15
C LYS V 170 -33.71 32.14 -10.77
N ASP V 171 -34.78 32.28 -10.00
CA ASP V 171 -35.33 33.61 -9.63
C ASP V 171 -35.07 34.09 -8.19
N SER V 172 -34.54 33.20 -7.34
CA SER V 172 -34.17 33.52 -5.94
C SER V 172 -35.36 33.96 -5.07
N THR V 173 -36.45 33.21 -5.16
CA THR V 173 -37.67 33.44 -4.37
C THR V 173 -38.01 32.25 -3.47
N TYR V 174 -38.76 32.53 -2.41
CA TYR V 174 -39.25 31.53 -1.48
C TYR V 174 -40.70 31.14 -1.80
N SER V 175 -41.10 29.96 -1.35
CA SER V 175 -42.50 29.52 -1.40
C SER V 175 -42.89 28.91 -0.04
N LEU V 176 -44.18 29.03 0.32
CA LEU V 176 -44.67 28.63 1.65
C LEU V 176 -46.00 27.85 1.54
N SER V 177 -46.23 26.88 2.43
CA SER V 177 -47.47 26.08 2.42
C SER V 177 -48.00 25.78 3.82
N SER V 178 -48.96 26.60 4.25
CA SER V 178 -49.65 26.38 5.54
C SER V 178 -50.78 25.36 5.35
N THR V 179 -50.99 24.51 6.36
CA THR V 179 -51.96 23.43 6.30
C THR V 179 -52.78 23.40 7.59
N LEU V 180 -54.09 23.61 7.48
CA LEU V 180 -55.02 23.56 8.61
C LEU V 180 -55.63 22.17 8.70
N THR V 181 -55.52 21.54 9.88
CA THR V 181 -56.01 20.17 10.08
C THR V 181 -57.18 20.15 11.05
N LEU V 182 -58.29 19.54 10.62
CA LEU V 182 -59.49 19.37 11.46
C LEU V 182 -60.14 18.01 11.19
N SER V 183 -60.98 17.59 12.14
CA SER V 183 -61.87 16.44 11.96
C SER V 183 -63.05 16.81 11.05
N LYS V 184 -63.69 15.80 10.46
CA LYS V 184 -64.88 16.01 9.63
C LYS V 184 -66.05 16.63 10.43
N ALA V 185 -66.08 16.35 11.73
CA ALA V 185 -67.04 16.98 12.66
C ALA V 185 -66.91 18.51 12.74
N ASP V 186 -65.67 18.99 12.84
CA ASP V 186 -65.36 20.43 12.88
C ASP V 186 -65.27 21.12 11.50
N TYR V 187 -65.21 20.34 10.42
CA TYR V 187 -65.17 20.89 9.05
C TYR V 187 -66.57 21.26 8.55
N GLU V 188 -67.49 20.29 8.60
CA GLU V 188 -68.89 20.50 8.21
C GLU V 188 -69.69 21.39 9.19
N LYS V 189 -69.09 21.71 10.35
CA LYS V 189 -69.60 22.71 11.29
C LYS V 189 -69.72 24.11 10.69
N HIS V 190 -68.67 24.57 9.99
CA HIS V 190 -68.61 25.92 9.41
C HIS V 190 -68.76 25.91 7.88
N LYS V 191 -68.90 27.11 7.29
CA LYS V 191 -69.06 27.29 5.83
C LYS V 191 -67.93 28.10 5.16
N VAL V 192 -67.67 29.31 5.66
CA VAL V 192 -66.67 30.23 5.06
C VAL V 192 -65.26 29.92 5.59
N TYR V 193 -64.33 29.57 4.68
CA TYR V 193 -62.92 29.27 5.01
C TYR V 193 -61.97 30.24 4.30
N ALA V 194 -61.29 31.09 5.07
CA ALA V 194 -60.49 32.19 4.53
C ALA V 194 -59.06 32.19 5.05
N CYS V 195 -58.12 32.56 4.18
CA CYS V 195 -56.69 32.57 4.46
C CYS V 195 -56.10 33.96 4.17
N GLU V 196 -55.74 34.68 5.22
CA GLU V 196 -55.21 36.06 5.11
C GLU V 196 -53.67 36.11 5.19
N VAL V 197 -53.02 36.57 4.11
CA VAL V 197 -51.55 36.68 4.04
C VAL V 197 -51.11 38.13 4.30
N THR V 198 -50.08 38.31 5.13
CA THR V 198 -49.42 39.61 5.33
C THR V 198 -47.96 39.53 4.90
N HIS V 199 -47.50 40.53 4.14
CA HIS V 199 -46.16 40.53 3.54
C HIS V 199 -45.71 41.98 3.35
N GLN V 200 -44.41 42.17 3.12
CA GLN V 200 -43.84 43.49 2.88
C GLN V 200 -44.25 44.06 1.51
N GLY V 201 -44.07 43.25 0.45
CA GLY V 201 -44.41 43.64 -0.93
C GLY V 201 -45.87 43.95 -1.25
N LEU V 202 -46.80 43.55 -0.38
CA LEU V 202 -48.20 43.90 -0.49
C LEU V 202 -48.50 45.20 0.27
N SER V 203 -49.28 46.08 -0.34
CA SER V 203 -49.67 47.34 0.30
C SER V 203 -50.59 47.11 1.51
N SER V 204 -51.55 46.19 1.38
CA SER V 204 -52.43 45.75 2.48
C SER V 204 -52.56 44.21 2.48
N PRO V 205 -53.14 43.62 3.55
CA PRO V 205 -53.31 42.14 3.59
C PRO V 205 -54.30 41.50 2.58
N VAL V 206 -53.78 40.68 1.66
CA VAL V 206 -54.61 39.92 0.68
C VAL V 206 -55.31 38.76 1.37
N THR V 207 -56.54 38.48 0.95
CA THR V 207 -57.34 37.35 1.48
C THR V 207 -57.90 36.53 0.31
N LYS V 208 -57.67 35.21 0.34
CA LYS V 208 -58.35 34.27 -0.56
C LYS V 208 -59.23 33.32 0.26
N SER V 209 -60.38 32.92 -0.30
CA SER V 209 -61.34 32.07 0.40
C SER V 209 -62.24 31.26 -0.53
N PHE V 210 -63.03 30.38 0.08
CA PHE V 210 -64.06 29.61 -0.61
C PHE V 210 -65.15 29.23 0.42
N ASN V 211 -66.36 28.96 -0.05
CA ASN V 211 -67.44 28.44 0.80
C ASN V 211 -67.60 26.93 0.56
N ARG V 212 -68.00 26.21 1.61
CA ARG V 212 -68.04 24.75 1.60
C ARG V 212 -69.15 24.20 0.71
N GLY V 213 -68.76 23.48 -0.35
CA GLY V 213 -69.70 22.82 -1.26
C GLY V 213 -70.18 23.71 -2.39
N GLU V 214 -69.22 24.35 -3.09
CA GLU V 214 -69.52 25.35 -4.14
C GLU V 214 -68.94 24.98 -5.52
N CYS V 215 -69.63 25.43 -6.57
CA CYS V 215 -69.26 25.18 -7.98
C CYS V 215 -69.58 26.41 -8.84
N GLU W 1 -10.95 -49.23 -5.04
CA GLU W 1 -10.14 -49.00 -3.81
C GLU W 1 -9.22 -47.79 -3.97
N ILE W 2 -8.88 -47.17 -2.83
CA ILE W 2 -7.85 -46.12 -2.76
C ILE W 2 -6.48 -46.77 -2.66
N VAL W 3 -5.66 -46.69 -3.70
CA VAL W 3 -4.34 -47.34 -3.68
C VAL W 3 -3.34 -46.32 -3.13
N LEU W 4 -2.59 -46.74 -2.12
CA LEU W 4 -1.50 -45.94 -1.56
C LEU W 4 -0.16 -46.41 -2.06
N THR W 5 0.68 -45.44 -2.44
CA THR W 5 2.03 -45.70 -2.93
C THR W 5 2.99 -45.04 -1.96
N GLN W 6 3.97 -45.80 -1.46
CA GLN W 6 5.03 -45.25 -0.60
C GLN W 6 6.27 -45.00 -1.40
N SER W 7 7.11 -44.09 -0.90
CA SER W 7 8.40 -43.79 -1.50
C SER W 7 9.30 -43.05 -0.53
N PRO W 8 10.59 -43.38 -0.49
CA PRO W 8 11.24 -44.38 -1.32
C PRO W 8 11.15 -45.78 -0.71
N GLY W 9 11.14 -46.78 -1.59
CA GLY W 9 11.06 -48.18 -1.21
C GLY W 9 12.21 -48.70 -0.36
N THR W 10 13.38 -48.08 -0.48
CA THR W 10 14.52 -48.39 0.39
C THR W 10 15.34 -47.12 0.64
N LEU W 11 15.50 -46.76 1.91
CA LEU W 11 16.41 -45.68 2.32
C LEU W 11 17.68 -46.26 2.89
N SER W 12 18.82 -45.68 2.53
CA SER W 12 20.11 -46.08 3.03
C SER W 12 20.71 -44.94 3.84
N LEU W 13 20.48 -44.96 5.15
CA LEU W 13 20.85 -43.84 6.02
C LEU W 13 21.65 -44.29 7.23
N SER W 14 22.53 -43.42 7.72
CA SER W 14 23.41 -43.70 8.86
C SER W 14 22.71 -43.39 10.16
N PRO W 15 23.17 -44.00 11.28
CA PRO W 15 22.61 -43.68 12.59
C PRO W 15 22.85 -42.21 13.05
N GLY W 16 21.77 -41.44 13.16
CA GLY W 16 21.82 -40.01 13.48
C GLY W 16 21.05 -39.12 12.53
N GLU W 17 21.07 -39.45 11.23
CA GLU W 17 20.47 -38.62 10.16
C GLU W 17 18.93 -38.57 10.24
N ARG W 18 18.29 -37.76 9.38
CA ARG W 18 16.81 -37.77 9.25
C ARG W 18 16.33 -38.58 8.05
N ALA W 19 15.30 -39.41 8.28
CA ALA W 19 14.61 -40.16 7.24
C ALA W 19 13.27 -39.50 6.93
N THR W 20 12.85 -39.55 5.67
CA THR W 20 11.63 -38.85 5.23
C THR W 20 10.82 -39.71 4.25
N LEU W 21 9.88 -40.45 4.82
CA LEU W 21 9.03 -41.38 4.08
C LEU W 21 7.79 -40.66 3.53
N SER W 22 7.46 -40.93 2.28
CA SER W 22 6.30 -40.33 1.64
C SER W 22 5.18 -41.38 1.52
N CYS W 23 3.94 -40.88 1.36
CA CYS W 23 2.75 -41.73 1.14
C CYS W 23 1.74 -40.93 0.32
N ARG W 24 1.65 -41.22 -0.98
CA ARG W 24 0.71 -40.54 -1.89
C ARG W 24 -0.52 -41.43 -2.08
N ALA W 25 -1.69 -40.79 -2.17
CA ALA W 25 -2.98 -41.45 -2.29
C ALA W 25 -3.60 -41.25 -3.65
N SER W 26 -4.07 -42.34 -4.27
CA SER W 26 -4.71 -42.29 -5.59
C SER W 26 -5.84 -41.26 -5.65
N GLN W 27 -6.57 -41.14 -4.55
CA GLN W 27 -7.54 -40.06 -4.35
C GLN W 27 -7.51 -39.69 -2.88
N SER W 28 -8.94 -37.53 -2.65
CA SER W 28 -8.44 -37.13 -1.34
C SER W 28 -8.72 -38.23 -0.30
N VAL W 29 -7.92 -38.24 0.76
CA VAL W 29 -8.11 -39.16 1.90
C VAL W 29 -9.06 -38.57 2.93
N SER W 30 -10.17 -39.27 3.11
CA SER W 30 -11.35 -38.77 3.83
C SER W 30 -10.99 -38.34 5.28
N SER W 31 -10.85 -37.02 5.48
CA SER W 31 -10.73 -36.37 6.81
C SER W 31 -9.45 -36.62 7.64
N ASN W 32 -8.34 -36.92 6.95
CA ASN W 32 -7.03 -37.20 7.59
C ASN W 32 -7.03 -38.42 8.50
N TYR W 33 -7.57 -39.53 7.99
CA TYR W 33 -7.52 -40.83 8.67
C TYR W 33 -6.50 -41.72 7.97
N LEU W 34 -5.24 -41.44 8.27
CA LEU W 34 -4.13 -42.22 7.75
C LEU W 34 -3.27 -42.60 8.91
N ALA W 35 -2.64 -43.76 8.82
CA ALA W 35 -1.82 -44.26 9.90
C ALA W 35 -0.52 -44.85 9.40
N TRP W 36 0.49 -44.82 10.26
CA TRP W 36 1.80 -45.40 10.00
C TRP W 36 2.01 -46.58 10.94
N PHE W 37 2.73 -47.60 10.50
CA PHE W 37 3.04 -48.78 11.36
C PHE W 37 4.51 -49.20 11.12
N GLN W 38 5.13 -49.80 12.14
CA GLN W 38 6.54 -50.25 12.06
C GLN W 38 6.63 -51.76 12.31
N GLN W 39 7.29 -52.48 11.39
CA GLN W 39 7.46 -53.93 11.52
C GLN W 39 8.94 -54.26 11.46
N LYS W 40 9.44 -54.88 12.54
CA LYS W 40 10.80 -55.42 12.56
C LYS W 40 10.84 -56.87 12.07
N PRO W 41 12.05 -57.38 11.74
CA PRO W 41 12.12 -58.78 11.27
C PRO W 41 11.75 -59.78 12.38
N GLY W 42 10.85 -60.72 12.06
CA GLY W 42 10.42 -61.74 13.02
C GLY W 42 9.24 -61.37 13.92
N GLN W 43 8.98 -60.07 14.11
CA GLN W 43 7.92 -59.58 14.98
C GLN W 43 6.69 -59.14 14.18
N ALA W 44 5.65 -58.74 14.90
CA ALA W 44 4.43 -58.21 14.31
C ALA W 44 4.52 -56.69 14.25
N PRO W 45 3.58 -56.03 13.55
CA PRO W 45 3.55 -54.57 13.51
C PRO W 45 3.30 -53.85 14.85
N ARG W 46 3.84 -52.64 14.95
CA ARG W 46 3.56 -51.67 16.02
C ARG W 46 2.77 -50.54 15.41
N LEU W 47 1.94 -49.88 16.21
CA LEU W 47 1.37 -48.62 15.77
C LEU W 47 2.36 -47.51 16.02
N LEU W 48 2.48 -46.61 15.06
CA LEU W 48 3.28 -45.40 15.22
C LEU W 48 2.45 -44.16 15.33
N ILE W 49 1.63 -43.91 14.32
CA ILE W 49 0.91 -42.64 14.21
C ILE W 49 -0.43 -42.87 13.57
N TYR W 50 -1.46 -42.26 14.14
CA TYR W 50 -2.83 -42.29 13.60
C TYR W 50 -3.32 -40.85 13.42
N GLY W 51 -4.39 -40.71 12.64
CA GLY W 51 -4.98 -39.41 12.34
C GLY W 51 -3.98 -38.47 11.69
N ALA W 52 -3.16 -39.00 10.79
CA ALA W 52 -2.13 -38.24 10.06
C ALA W 52 -0.88 -37.89 10.88
N SER W 53 -1.09 -37.23 12.03
CA SER W 53 0.00 -36.67 12.85
C SER W 53 0.01 -36.94 14.36
N ASN W 54 -1.03 -37.58 14.90
CA ASN W 54 -1.12 -37.86 16.36
C ASN W 54 -0.30 -39.09 16.75
N ARG W 55 0.69 -38.90 17.62
CA ARG W 55 1.51 -40.01 18.12
C ARG W 55 0.66 -40.96 18.96
N ALA W 56 1.00 -42.24 18.93
CA ALA W 56 0.40 -43.21 19.85
C ALA W 56 1.17 -43.28 21.13
N THR W 57 0.55 -43.87 22.14
CA THR W 57 1.11 -43.88 23.49
C THR W 57 2.29 -44.83 23.60
N GLY W 58 3.38 -44.33 24.20
CA GLY W 58 4.63 -45.10 24.32
C GLY W 58 5.49 -45.00 23.08
N ILE W 59 5.66 -43.78 22.57
CA ILE W 59 6.43 -43.53 21.36
C ILE W 59 7.24 -42.25 21.48
N PRO W 60 8.55 -42.31 21.13
CA PRO W 60 9.42 -41.12 21.12
C PRO W 60 8.92 -39.93 20.30
N ASP W 61 9.38 -38.73 20.64
CA ASP W 61 8.99 -37.51 19.92
C ASP W 61 9.65 -37.39 18.55
N ARG W 62 10.70 -38.18 18.29
CA ARG W 62 11.40 -38.14 17.01
C ARG W 62 10.54 -38.61 15.82
N PHE W 63 9.63 -39.53 16.09
CA PHE W 63 8.60 -39.93 15.12
C PHE W 63 7.53 -38.84 15.04
N SER W 64 7.29 -38.30 13.86
CA SER W 64 6.27 -37.27 13.68
C SER W 64 5.71 -37.27 12.27
N GLY W 65 4.40 -37.05 12.18
CA GLY W 65 3.65 -37.15 10.94
C GLY W 65 3.12 -35.82 10.49
N SER W 66 2.73 -35.75 9.22
CA SER W 66 2.24 -34.50 8.63
C SER W 66 1.61 -34.76 7.27
N GLY W 67 1.01 -33.69 6.73
CA GLY W 67 0.36 -33.70 5.43
C GLY W 67 -1.14 -33.66 5.58
N SER W 68 -1.80 -33.62 4.43
CA SER W 68 -3.26 -33.74 4.33
C SER W 68 -3.69 -33.90 2.88
N GLY W 69 -4.95 -34.26 2.69
CA GLY W 69 -5.55 -34.41 1.37
C GLY W 69 -5.11 -35.65 0.64
N THR W 70 -4.06 -35.51 -0.16
CA THR W 70 -3.52 -36.61 -0.96
C THR W 70 -2.06 -36.98 -0.63
N ASP W 71 -1.30 -36.04 -0.07
CA ASP W 71 0.13 -36.23 0.24
C ASP W 71 0.37 -36.28 1.75
N PHE W 72 1.08 -37.31 2.19
CA PHE W 72 1.42 -37.53 3.61
C PHE W 72 2.88 -37.94 3.80
N THR W 73 3.45 -37.49 4.91
CA THR W 73 4.88 -37.61 5.19
C THR W 73 5.13 -38.00 6.66
N LEU W 74 5.95 -39.03 6.86
CA LEU W 74 6.40 -39.45 8.19
C LEU W 74 7.88 -39.16 8.28
N ALA W 75 8.28 -38.46 9.33
CA ALA W 75 9.68 -38.06 9.51
C ALA W 75 10.25 -38.57 10.83
N ILE W 76 11.49 -39.03 10.79
CA ILE W 76 12.23 -39.53 11.96
C ILE W 76 13.49 -38.69 12.07
N SER W 77 13.68 -38.01 13.20
CA SER W 77 14.75 -37.00 13.33
C SER W 77 16.15 -37.57 13.53
N ARG W 78 16.32 -38.33 14.60
CA ARG W 78 17.60 -38.96 14.97
C ARG W 78 17.46 -40.48 14.94
N LEU W 79 17.81 -41.08 13.81
CA LEU W 79 17.76 -42.53 13.66
C LEU W 79 18.70 -43.20 14.66
N GLU W 80 18.22 -44.30 15.24
CA GLU W 80 18.93 -45.09 16.24
C GLU W 80 18.81 -46.58 15.88
N PRO W 81 19.69 -47.43 16.43
CA PRO W 81 19.71 -48.84 16.00
C PRO W 81 18.35 -49.54 15.89
N GLU W 82 17.43 -49.20 16.80
CA GLU W 82 16.14 -49.85 16.87
C GLU W 82 15.15 -49.50 15.75
N ASP W 83 15.37 -48.37 15.06
CA ASP W 83 14.39 -47.85 14.08
C ASP W 83 14.54 -48.41 12.67
N PHE W 84 15.61 -49.14 12.40
CA PHE W 84 15.81 -49.72 11.08
C PHE W 84 14.87 -50.89 10.91
N ALA W 85 13.83 -50.67 10.12
CA ALA W 85 12.77 -51.66 9.85
C ALA W 85 11.88 -51.20 8.69
N VAL W 86 10.80 -51.94 8.42
CA VAL W 86 9.85 -51.58 7.34
C VAL W 86 8.78 -50.66 7.92
N TYR W 87 8.26 -49.75 7.11
CA TYR W 87 7.25 -48.77 7.53
C TYR W 87 6.11 -48.72 6.56
N TYR W 88 4.91 -49.00 7.05
CA TYR W 88 3.74 -49.11 6.22
C TYR W 88 2.80 -47.96 6.57
N CYS W 89 2.32 -47.23 5.58
CA CYS W 89 1.18 -46.34 5.80
C CYS W 89 -0.09 -47.09 5.41
N GLN W 90 -1.19 -46.79 6.10
CA GLN W 90 -2.52 -47.27 5.69
C GLN W 90 -3.52 -46.11 5.77
N GLN W 91 -4.50 -46.12 4.87
CA GLN W 91 -5.67 -45.27 5.00
C GLN W 91 -6.78 -46.15 5.54
N TYR W 92 -7.61 -45.54 6.36
CA TYR W 92 -8.78 -46.20 6.94
C TYR W 92 -10.01 -45.26 6.92
N GLY W 93 -10.05 -44.35 5.95
CA GLY W 93 -11.15 -43.41 5.77
C GLY W 93 -12.40 -44.11 5.24
N THR W 94 -12.18 -45.07 4.35
CA THR W 94 -13.26 -45.83 3.72
C THR W 94 -12.85 -47.27 3.47
N SER W 95 -13.82 -48.18 3.47
CA SER W 95 -13.58 -49.57 3.04
C SER W 95 -13.39 -49.58 1.50
N PRO W 96 -12.48 -50.39 0.96
CA PRO W 96 -11.51 -51.19 1.71
C PRO W 96 -10.35 -50.34 2.18
N ARG W 97 -9.78 -50.74 3.31
CA ARG W 97 -8.71 -49.99 4.00
C ARG W 97 -7.40 -50.60 3.56
N THR W 98 -6.57 -49.83 2.87
CA THR W 98 -5.43 -50.41 2.17
C THR W 98 -4.13 -49.95 2.79
N PHE W 99 -3.08 -50.70 2.47
CA PHE W 99 -1.73 -50.40 2.94
C PHE W 99 -0.83 -49.97 1.79
N GLY W 100 0.19 -49.18 2.12
CA GLY W 100 1.31 -48.94 1.22
C GLY W 100 2.14 -50.21 1.14
N GLN W 101 2.95 -50.32 0.09
CA GLN W 101 3.81 -51.47 -0.08
C GLN W 101 5.21 -51.13 0.35
N GLY W 102 5.41 -51.15 1.65
CA GLY W 102 6.72 -51.18 2.31
C GLY W 102 7.87 -50.24 1.90
N THR W 103 8.08 -49.18 2.69
CA THR W 103 9.25 -48.31 2.55
C THR W 103 10.30 -48.66 3.61
N LYS W 104 11.25 -49.55 3.29
CA LYS W 104 12.30 -50.01 4.23
C LYS W 104 13.40 -48.97 4.49
N VAL W 105 13.95 -49.02 5.71
CA VAL W 105 15.07 -48.19 6.15
C VAL W 105 16.20 -49.11 6.61
N GLU W 106 17.35 -49.05 5.93
CA GLU W 106 18.54 -49.84 6.27
C GLU W 106 19.76 -48.97 6.59
N ILE W 107 20.73 -49.58 7.28
CA ILE W 107 21.95 -48.89 7.69
C ILE W 107 22.87 -48.65 6.46
N LYS W 108 23.50 -47.47 6.40
CA LYS W 108 24.51 -47.13 5.39
C LYS W 108 25.88 -47.54 5.91
N ARG W 109 26.73 -48.03 5.01
CA ARG W 109 28.04 -48.60 5.34
C ARG W 109 29.07 -48.34 4.22
N THR W 110 30.35 -48.46 4.57
CA THR W 110 31.44 -48.52 3.60
C THR W 110 31.24 -49.74 2.70
N VAL W 111 31.41 -49.57 1.39
CA VAL W 111 31.23 -50.66 0.43
C VAL W 111 32.29 -51.75 0.66
N ALA W 112 31.86 -52.88 1.22
CA ALA W 112 32.71 -54.06 1.40
C ALA W 112 32.37 -55.12 0.35
N ALA W 113 33.37 -55.91 -0.03
CA ALA W 113 33.23 -56.91 -1.09
C ALA W 113 32.87 -58.29 -0.53
N PRO W 114 32.25 -59.16 -1.35
CA PRO W 114 31.84 -60.49 -0.90
C PRO W 114 32.94 -61.55 -1.01
N SER W 115 33.21 -62.26 0.10
CA SER W 115 34.11 -63.41 0.10
C SER W 115 33.41 -64.61 -0.59
N VAL W 116 33.66 -64.78 -1.89
CA VAL W 116 32.96 -65.80 -2.69
C VAL W 116 33.55 -67.20 -2.44
N PHE W 117 32.66 -68.18 -2.22
CA PHE W 117 33.02 -69.61 -2.10
C PHE W 117 32.10 -70.45 -3.00
N ILE W 118 32.39 -71.75 -3.12
CA ILE W 118 31.55 -72.67 -3.88
C ILE W 118 31.61 -74.10 -3.29
N PHE W 119 30.50 -74.81 -3.34
CA PHE W 119 30.35 -76.16 -2.78
C PHE W 119 29.82 -77.13 -3.83
N PRO W 120 30.61 -78.17 -4.20
CA PRO W 120 30.05 -79.22 -5.06
C PRO W 120 28.97 -80.07 -4.36
N PRO W 121 28.19 -80.84 -5.14
CA PRO W 121 27.18 -81.70 -4.52
C PRO W 121 27.83 -82.85 -3.81
N SER W 122 27.32 -83.17 -2.61
CA SER W 122 27.84 -84.26 -1.81
C SER W 122 27.63 -85.62 -2.47
N ASP W 123 28.53 -86.56 -2.17
CA ASP W 123 28.46 -87.92 -2.71
C ASP W 123 27.20 -88.64 -2.25
N GLU W 124 26.78 -88.35 -1.03
CA GLU W 124 25.58 -88.93 -0.45
C GLU W 124 24.26 -88.38 -1.04
N GLN W 125 24.32 -87.18 -1.61
CA GLN W 125 23.17 -86.56 -2.29
C GLN W 125 22.94 -87.15 -3.69
N LEU W 126 24.04 -87.41 -4.41
CA LEU W 126 23.98 -88.09 -5.71
C LEU W 126 23.39 -89.51 -5.61
N LYS W 127 23.51 -90.17 -4.45
CA LYS W 127 22.84 -91.46 -4.19
C LYS W 127 21.33 -91.39 -4.36
N SER W 128 20.73 -90.24 -4.02
CA SER W 128 19.28 -90.01 -4.19
C SER W 128 18.86 -89.44 -5.57
N GLY W 129 19.81 -89.31 -6.51
CA GLY W 129 19.51 -88.92 -7.90
C GLY W 129 19.49 -87.45 -8.25
N THR W 130 19.57 -86.56 -7.25
CA THR W 130 19.57 -85.11 -7.45
C THR W 130 20.91 -84.52 -7.04
N ALA W 131 21.33 -83.47 -7.75
CA ALA W 131 22.61 -82.81 -7.53
C ALA W 131 22.41 -81.31 -7.30
N SER W 132 22.86 -80.82 -6.14
CA SER W 132 22.81 -79.41 -5.77
C SER W 132 24.20 -78.79 -5.67
N VAL W 133 24.42 -77.74 -6.45
CA VAL W 133 25.67 -76.96 -6.42
C VAL W 133 25.39 -75.61 -5.78
N VAL W 134 26.05 -75.32 -4.65
CA VAL W 134 25.82 -74.10 -3.89
C VAL W 134 26.94 -73.10 -4.14
N CYS W 135 26.57 -71.83 -4.29
CA CYS W 135 27.54 -70.72 -4.45
C CYS W 135 27.24 -69.58 -3.49
N LEU W 136 28.12 -69.43 -2.50
CA LEU W 136 27.90 -68.52 -1.36
C LEU W 136 28.63 -67.20 -1.57
N LEU W 137 27.99 -66.11 -1.16
CA LEU W 137 28.60 -64.77 -1.05
C LEU W 137 28.46 -64.32 0.40
N ASN W 138 29.57 -63.99 1.05
CA ASN W 138 29.58 -63.79 2.51
C ASN W 138 30.03 -62.39 2.97
N ASN W 139 29.14 -61.71 3.70
CA ASN W 139 29.41 -60.41 4.37
C ASN W 139 29.81 -59.27 3.43
N PHE W 140 28.81 -58.74 2.73
CA PHE W 140 28.98 -57.65 1.77
C PHE W 140 27.94 -56.55 1.95
N TYR W 141 28.13 -55.46 1.21
CA TYR W 141 27.18 -54.35 1.18
C TYR W 141 27.35 -53.57 -0.14
N PRO W 142 26.27 -53.15 -0.81
CA PRO W 142 24.87 -53.30 -0.41
C PRO W 142 24.20 -54.61 -0.83
N GLU W 144 22.19 -55.75 -2.98
CA GLU W 144 22.09 -55.97 -4.42
C GLU W 144 23.31 -56.69 -4.98
N ALA W 145 23.08 -57.63 -5.89
CA ALA W 145 24.15 -58.40 -6.55
C ALA W 145 23.60 -59.20 -7.73
N LYS W 146 24.51 -59.78 -8.53
CA LYS W 146 24.16 -60.67 -9.63
C LYS W 146 25.03 -61.94 -9.60
N VAL W 147 24.36 -63.09 -9.52
CA VAL W 147 25.04 -64.39 -9.54
C VAL W 147 24.55 -65.16 -10.78
N GLN W 148 25.50 -65.59 -11.61
CA GLN W 148 25.22 -66.33 -12.84
C GLN W 148 25.98 -67.65 -12.82
N TRP W 149 25.33 -68.70 -13.29
CA TRP W 149 25.92 -70.03 -13.35
C TRP W 149 26.47 -70.33 -14.74
N LYS W 150 27.58 -71.06 -14.78
CA LYS W 150 28.22 -71.50 -16.03
C LYS W 150 28.64 -72.97 -15.93
N VAL W 151 28.03 -73.81 -16.77
CA VAL W 151 28.35 -75.23 -16.88
C VAL W 151 29.00 -75.48 -18.25
N ASP W 152 30.30 -75.81 -18.23
CA ASP W 152 31.16 -75.84 -19.43
C ASP W 152 31.06 -74.51 -20.20
N ASN W 153 31.24 -73.41 -19.45
CA ASN W 153 31.19 -72.03 -19.97
C ASN W 153 29.91 -71.71 -20.78
N ALA W 154 28.79 -72.31 -20.39
CA ALA W 154 27.49 -72.08 -21.02
C ALA W 154 26.55 -71.48 -19.96
N LEU W 155 26.00 -70.31 -20.27
CA LEU W 155 25.24 -69.49 -19.30
C LEU W 155 23.85 -70.08 -18.98
N GLN W 156 23.61 -70.44 -17.71
CA GLN W 156 22.35 -71.07 -17.27
C GLN W 156 21.26 -70.05 -16.89
N SER W 157 20.01 -70.50 -16.97
CA SER W 157 18.84 -69.69 -16.55
C SER W 157 17.58 -70.55 -16.40
N GLY W 158 16.82 -70.32 -15.34
CA GLY W 158 15.56 -71.06 -15.05
C GLY W 158 15.66 -72.29 -14.16
N ASN W 159 16.88 -72.69 -13.77
CA ASN W 159 17.10 -73.89 -12.93
C ASN W 159 17.84 -73.59 -11.60
N SER W 160 17.79 -72.33 -11.17
CA SER W 160 18.46 -71.86 -9.95
C SER W 160 17.62 -70.82 -9.19
N GLN W 161 17.70 -70.87 -7.86
CA GLN W 161 17.07 -69.91 -6.96
C GLN W 161 18.06 -69.46 -5.91
N GLU W 162 17.81 -68.29 -5.33
CA GLU W 162 18.74 -67.66 -4.39
C GLU W 162 18.02 -67.06 -3.18
N SER W 163 18.73 -67.01 -2.06
CA SER W 163 18.23 -66.52 -0.79
C SER W 163 19.21 -65.54 -0.17
N VAL W 164 18.66 -64.51 0.48
CA VAL W 164 19.43 -63.39 1.06
C VAL W 164 19.14 -63.27 2.56
N THR W 165 20.17 -63.04 3.39
CA THR W 165 19.97 -62.90 4.86
C THR W 165 19.48 -61.49 5.21
N GLU W 166 19.14 -61.30 6.48
CA GLU W 166 18.86 -59.99 7.01
C GLU W 166 20.14 -59.24 7.30
N GLN W 167 20.05 -57.91 7.26
CA GLN W 167 21.20 -57.04 7.53
C GLN W 167 21.69 -57.36 8.92
N ASP W 168 23.00 -57.59 9.03
CA ASP W 168 23.58 -58.14 10.25
C ASP W 168 23.56 -57.11 11.40
N SER W 169 23.62 -57.60 12.63
CA SER W 169 23.52 -56.76 13.84
C SER W 169 24.73 -55.84 14.03
N LYS W 170 25.92 -56.43 13.90
CA LYS W 170 27.17 -55.81 14.32
C LYS W 170 27.94 -55.12 13.18
N ASP W 171 28.06 -55.76 12.01
CA ASP W 171 28.80 -55.15 10.86
C ASP W 171 27.93 -54.57 9.72
N SER W 172 26.62 -54.83 9.77
CA SER W 172 25.64 -54.31 8.79
C SER W 172 25.90 -54.78 7.35
N THR W 173 26.16 -56.07 7.19
CA THR W 173 26.40 -56.69 5.88
C THR W 173 25.36 -57.77 5.58
N TYR W 174 25.18 -58.02 4.28
CA TYR W 174 24.29 -59.05 3.76
C TYR W 174 25.08 -60.30 3.36
N SER W 175 24.40 -61.45 3.31
CA SER W 175 24.96 -62.70 2.77
C SER W 175 23.94 -63.36 1.83
N LEU W 176 24.43 -64.10 0.83
CA LEU W 176 23.60 -64.67 -0.25
C LEU W 176 23.98 -66.13 -0.55
N SER W 177 23.01 -66.97 -0.93
CA SER W 177 23.26 -68.39 -1.26
C SER W 177 22.43 -68.86 -2.45
N SER W 178 23.04 -68.85 -3.64
CA SER W 178 22.39 -69.39 -4.85
C SER W 178 22.60 -70.89 -4.92
N THR W 179 21.58 -71.61 -5.40
CA THR W 179 21.58 -73.08 -5.44
C THR W 179 21.10 -73.56 -6.81
N LEU W 180 21.98 -74.24 -7.54
CA LEU W 180 21.64 -74.82 -8.86
C LEU W 180 21.22 -76.28 -8.67
N THR W 181 20.05 -76.63 -9.20
CA THR W 181 19.48 -77.97 -9.06
C THR W 181 19.42 -78.70 -10.40
N LEU W 182 19.99 -79.90 -10.44
CA LEU W 182 19.97 -80.76 -11.63
C LEU W 182 19.82 -82.22 -11.24
N SER W 183 19.40 -83.03 -12.21
CA SER W 183 19.39 -84.50 -12.08
C SER W 183 20.83 -85.04 -12.21
N LYS W 184 21.05 -86.25 -11.70
CA LYS W 184 22.37 -86.92 -11.83
C LYS W 184 22.73 -87.17 -13.31
N ALA W 185 21.72 -87.34 -14.16
CA ALA W 185 21.91 -87.46 -15.61
C ALA W 185 22.55 -86.22 -16.24
N ASP W 186 22.07 -85.04 -15.86
CA ASP W 186 22.61 -83.75 -16.34
C ASP W 186 23.85 -83.24 -15.58
N TYR W 187 24.17 -83.83 -14.43
CA TYR W 187 25.36 -83.47 -13.65
C TYR W 187 26.63 -84.13 -14.20
N GLU W 188 26.58 -85.46 -14.34
CA GLU W 188 27.70 -86.23 -14.90
C GLU W 188 27.88 -86.04 -16.42
N LYS W 189 26.94 -85.35 -17.06
CA LYS W 189 27.06 -84.89 -18.46
C LYS W 189 28.24 -83.93 -18.69
N HIS W 190 28.40 -82.95 -17.80
CA HIS W 190 29.43 -81.90 -17.91
C HIS W 190 30.56 -82.07 -16.88
N LYS W 191 31.62 -81.27 -17.03
CA LYS W 191 32.80 -81.31 -16.14
C LYS W 191 33.08 -80.01 -15.37
N VAL W 192 33.19 -78.88 -16.09
CA VAL W 192 33.52 -77.57 -15.48
C VAL W 192 32.28 -76.86 -14.95
N TYR W 193 32.25 -76.58 -13.65
CA TYR W 193 31.12 -75.86 -12.99
C TYR W 193 31.62 -74.55 -12.37
N ALA W 194 31.16 -73.42 -12.92
CA ALA W 194 31.66 -72.09 -12.54
C ALA W 194 30.55 -71.13 -12.13
N CYS W 195 30.85 -70.30 -11.13
CA CYS W 195 29.90 -69.35 -10.53
C CYS W 195 30.49 -67.94 -10.56
N GLU W 196 29.93 -67.08 -11.43
CA GLU W 196 30.43 -65.71 -11.63
C GLU W 196 29.60 -64.67 -10.87
N VAL W 197 30.23 -63.96 -9.93
CA VAL W 197 29.58 -62.92 -9.10
C VAL W 197 29.90 -61.52 -9.66
N THR W 198 28.87 -60.67 -9.78
CA THR W 198 29.04 -59.24 -10.15
C THR W 198 28.53 -58.36 -9.01
N HIS W 199 29.31 -57.36 -8.63
CA HIS W 199 29.03 -56.52 -7.46
C HIS W 199 29.65 -55.14 -7.66
N GLN W 200 29.23 -54.17 -6.85
CA GLN W 200 29.78 -52.82 -6.91
C GLN W 200 31.22 -52.75 -6.38
N GLY W 201 31.43 -53.31 -5.18
CA GLY W 201 32.76 -53.35 -4.52
C GLY W 201 33.89 -54.10 -5.21
N LEU W 202 33.56 -54.94 -6.19
CA LEU W 202 34.57 -55.61 -7.03
C LEU W 202 34.86 -54.76 -8.28
N SER W 203 36.13 -54.63 -8.65
CA SER W 203 36.53 -53.88 -9.84
C SER W 203 36.05 -54.56 -11.14
N SER W 204 36.19 -55.89 -11.20
CA SER W 204 35.68 -56.72 -12.30
C SER W 204 34.96 -57.97 -11.75
N PRO W 205 34.23 -58.73 -12.60
CA PRO W 205 33.52 -59.94 -12.08
C PRO W 205 34.42 -61.14 -11.65
N VAL W 206 34.39 -61.48 -10.35
CA VAL W 206 35.14 -62.63 -9.79
C VAL W 206 34.43 -63.93 -10.15
N THR W 207 35.21 -64.98 -10.41
CA THR W 207 34.69 -66.31 -10.74
C THR W 207 35.37 -67.37 -9.85
N LYS W 208 34.57 -68.22 -9.20
CA LYS W 208 35.05 -69.43 -8.52
C LYS W 208 34.48 -70.67 -9.20
N SER W 209 35.28 -71.74 -9.26
CA SER W 209 34.88 -72.97 -9.96
C SER W 209 35.60 -74.22 -9.45
N PHE W 210 35.15 -75.37 -9.94
CA PHE W 210 35.78 -76.67 -9.71
C PHE W 210 35.44 -77.58 -10.89
N ASN W 211 36.26 -78.60 -11.11
CA ASN W 211 35.98 -79.66 -12.10
C ASN W 211 35.48 -80.92 -11.37
N ARG W 212 34.62 -81.68 -12.05
CA ARG W 212 33.91 -82.80 -11.44
C ARG W 212 34.84 -83.99 -11.15
N GLY W 213 34.99 -84.31 -9.85
CA GLY W 213 35.78 -85.45 -9.40
C GLY W 213 37.26 -85.17 -9.22
N GLU W 214 37.57 -84.08 -8.50
CA GLU W 214 38.95 -83.57 -8.36
C GLU W 214 39.40 -83.43 -6.90
N CYS W 215 40.72 -83.52 -6.68
CA CYS W 215 41.36 -83.32 -5.36
C CYS W 215 42.69 -82.56 -5.52
N GLU X 1 -11.65 4.15 -40.78
CA GLU X 1 -12.03 4.67 -39.43
C GLU X 1 -11.27 3.97 -38.32
N ILE X 2 -11.09 4.68 -37.20
CA ILE X 2 -10.57 4.10 -35.95
C ILE X 2 -11.71 3.44 -35.18
N VAL X 3 -11.71 2.12 -35.11
CA VAL X 3 -12.81 1.40 -34.43
C VAL X 3 -12.41 1.24 -32.96
N LEU X 4 -13.31 1.65 -32.08
CA LEU X 4 -13.13 1.45 -30.63
C LEU X 4 -13.96 0.27 -30.14
N THR X 5 -13.35 -0.54 -29.30
CA THR X 5 -14.00 -1.68 -28.66
C THR X 5 -13.98 -1.45 -27.16
N GLN X 6 -15.14 -1.55 -26.51
CA GLN X 6 -15.23 -1.48 -25.04
C GLN X 6 -15.29 -2.86 -24.45
N SER X 7 -14.91 -2.95 -23.18
CA SER X 7 -14.96 -4.21 -22.43
C SER X 7 -14.87 -3.95 -20.93
N PRO X 8 -15.67 -4.64 -20.12
CA PRO X 8 -16.61 -5.66 -20.53
C PRO X 8 -17.97 -5.07 -20.92
N GLY X 9 -18.66 -5.76 -21.84
CA GLY X 9 -19.97 -5.34 -22.32
C GLY X 9 -21.08 -5.28 -21.27
N THR X 10 -20.94 -6.07 -20.20
CA THR X 10 -21.84 -6.00 -19.06
C THR X 10 -21.05 -6.29 -17.77
N LEU X 11 -21.10 -5.36 -16.84
CA LEU X 11 -20.57 -5.54 -15.48
C LEU X 11 -21.71 -5.82 -14.52
N SER X 12 -21.49 -6.78 -13.62
CA SER X 12 -22.45 -7.12 -12.59
C SER X 12 -21.83 -6.80 -11.23
N LEU X 13 -22.10 -5.60 -10.73
CA LEU X 13 -21.47 -5.12 -9.50
C LEU X 13 -22.47 -4.60 -8.48
N SER X 14 -22.11 -4.74 -7.20
CA SER X 14 -22.96 -4.31 -6.08
C SER X 14 -22.73 -2.86 -5.75
N PRO X 15 -23.70 -2.19 -5.12
CA PRO X 15 -23.52 -0.77 -4.71
C PRO X 15 -22.43 -0.56 -3.66
N GLY X 16 -21.36 0.13 -4.04
CA GLY X 16 -20.18 0.34 -3.17
C GLY X 16 -18.86 -0.01 -3.83
N GLU X 17 -18.86 -1.08 -4.64
CA GLU X 17 -17.63 -1.62 -5.26
C GLU X 17 -17.02 -0.68 -6.31
N ARG X 18 -15.85 -1.03 -6.86
CA ARG X 18 -15.25 -0.28 -7.99
C ARG X 18 -15.53 -0.97 -9.34
N ALA X 19 -15.92 -0.15 -10.33
CA ALA X 19 -16.09 -0.59 -11.72
C ALA X 19 -14.90 -0.09 -12.55
N THR X 20 -14.49 -0.90 -13.53
CA THR X 20 -13.31 -0.62 -14.34
C THR X 20 -13.57 -0.95 -15.82
N LEU X 21 -13.99 0.08 -16.55
CA LEU X 21 -14.34 -0.02 -17.96
C LEU X 21 -13.13 0.19 -18.83
N SER X 22 -12.97 -0.63 -19.85
CA SER X 22 -11.84 -0.51 -20.76
C SER X 22 -12.32 0.05 -22.11
N CYS X 23 -11.36 0.60 -22.88
CA CYS X 23 -11.60 1.11 -24.24
C CYS X 23 -10.31 0.96 -25.05
N ARG X 24 -10.25 -0.04 -25.93
CA ARG X 24 -9.08 -0.28 -26.79
C ARG X 24 -9.34 0.27 -28.18
N ALA X 25 -8.29 0.83 -28.80
CA ALA X 25 -8.38 1.50 -30.08
C ALA X 25 -7.64 0.74 -31.17
N SER X 26 -8.30 0.55 -32.32
CA SER X 26 -7.73 -0.17 -33.47
C SER X 26 -6.35 0.36 -33.86
N GLN X 27 -6.19 1.68 -33.75
CA GLN X 27 -4.91 2.35 -33.88
C GLN X 27 -4.90 3.51 -32.91
N SER X 28 -2.47 4.43 -32.86
CA SER X 28 -2.59 5.22 -31.65
C SER X 28 -3.70 6.26 -31.80
N VAL X 29 -4.27 6.69 -30.66
CA VAL X 29 -5.28 7.76 -30.62
C VAL X 29 -4.61 9.12 -30.50
N SER X 30 -4.84 9.93 -31.54
CA SER X 30 -4.12 11.18 -31.78
C SER X 30 -4.22 12.15 -30.58
N SER X 31 -3.14 12.19 -29.79
CA SER X 31 -2.91 13.20 -28.71
C SER X 31 -3.83 13.16 -27.46
N ASN X 32 -4.35 11.98 -27.14
CA ASN X 32 -5.25 11.78 -25.96
C ASN X 32 -6.56 12.56 -26.03
N TYR X 33 -7.22 12.49 -27.18
CA TYR X 33 -8.55 13.06 -27.38
C TYR X 33 -9.59 11.95 -27.38
N LEU X 34 -9.90 11.46 -26.17
CA LEU X 34 -10.90 10.44 -25.99
C LEU X 34 -11.83 10.93 -24.92
N ALA X 35 -13.09 10.55 -25.02
CA ALA X 35 -14.09 11.00 -24.05
C ALA X 35 -15.00 9.87 -23.65
N TRP X 36 -15.56 10.01 -22.44
CA TRP X 36 -16.51 9.07 -21.88
C TRP X 36 -17.86 9.76 -21.73
N PHE X 37 -18.96 9.03 -21.88
CA PHE X 37 -20.31 9.59 -21.72
C PHE X 37 -21.21 8.57 -20.96
N GLN X 38 -22.22 9.06 -20.25
CA GLN X 38 -23.15 8.21 -19.47
C GLN X 38 -24.60 8.39 -19.93
N GLN X 39 -25.31 7.31 -20.23
CA GLN X 39 -26.71 7.37 -20.70
C GLN X 39 -27.57 6.45 -19.86
N LYS X 40 -28.62 6.97 -19.27
CA LYS X 40 -29.66 6.11 -18.62
C LYS X 40 -30.77 5.71 -19.62
N PRO X 41 -31.59 4.72 -19.27
CA PRO X 41 -32.70 4.39 -20.19
C PRO X 41 -33.74 5.51 -20.28
N GLY X 42 -34.11 5.89 -21.50
CA GLY X 42 -35.10 6.96 -21.73
C GLY X 42 -34.56 8.38 -21.81
N GLN X 43 -33.36 8.62 -21.26
CA GLN X 43 -32.70 9.94 -21.31
C GLN X 43 -31.64 10.03 -22.42
N ALA X 44 -31.07 11.21 -22.58
CA ALA X 44 -29.95 11.43 -23.52
C ALA X 44 -28.66 11.30 -22.76
N PRO X 45 -27.51 11.20 -23.48
CA PRO X 45 -26.20 11.15 -22.82
C PRO X 45 -25.78 12.38 -22.03
N ARG X 46 -24.94 12.16 -21.02
CA ARG X 46 -24.21 13.21 -20.27
C ARG X 46 -22.76 13.11 -20.62
N LEU X 47 -22.04 14.22 -20.52
CA LEU X 47 -20.57 14.17 -20.60
C LEU X 47 -20.02 13.77 -19.27
N LEU X 48 -19.03 12.88 -19.26
CA LEU X 48 -18.29 12.54 -18.05
C LEU X 48 -16.88 13.08 -18.07
N ILE X 49 -16.11 12.71 -19.09
CA ILE X 49 -14.68 13.01 -19.11
C ILE X 49 -14.22 13.22 -20.54
N TYR X 50 -13.40 14.26 -20.72
CA TYR X 50 -12.77 14.55 -22.02
C TYR X 50 -11.25 14.61 -21.84
N GLY X 51 -10.55 14.56 -22.96
CA GLY X 51 -9.08 14.60 -22.96
C GLY X 51 -8.47 13.48 -22.15
N ALA X 52 -9.06 12.29 -22.26
CA ALA X 52 -8.63 11.08 -21.54
C ALA X 52 -8.98 11.05 -20.05
N SER X 53 -8.56 12.09 -19.31
CA SER X 53 -8.66 12.15 -17.84
C SER X 53 -9.25 13.41 -17.18
N ASN X 54 -9.54 14.46 -17.95
CA ASN X 54 -10.08 15.72 -17.38
C ASN X 54 -11.58 15.63 -17.13
N ARG X 55 -11.99 15.79 -15.86
CA ARG X 55 -13.42 15.79 -15.49
C ARG X 55 -14.11 16.99 -16.11
N ALA X 56 -15.39 16.82 -16.43
CA ALA X 56 -16.24 17.95 -16.83
C ALA X 56 -16.87 18.58 -15.62
N THR X 57 -17.41 19.77 -15.83
CA THR X 57 -17.94 20.59 -14.73
C THR X 57 -19.27 20.04 -14.21
N GLY X 58 -19.38 19.90 -12.90
CA GLY X 58 -20.56 19.33 -12.26
C GLY X 58 -20.54 17.81 -12.22
N ILE X 59 -19.40 17.25 -11.80
CA ILE X 59 -19.20 15.81 -11.76
C ILE X 59 -18.43 15.38 -10.51
N PRO X 60 -18.92 14.38 -9.78
CA PRO X 60 -18.20 13.80 -8.62
C PRO X 60 -16.76 13.35 -8.89
N ASP X 61 -15.94 13.33 -7.84
CA ASP X 61 -14.54 12.91 -7.97
C ASP X 61 -14.37 11.40 -8.17
N ARG X 62 -15.41 10.62 -7.90
CA ARG X 62 -15.35 9.16 -8.06
C ARG X 62 -15.16 8.70 -9.52
N PHE X 63 -15.69 9.50 -10.45
CA PHE X 63 -15.43 9.29 -11.88
C PHE X 63 -14.03 9.81 -12.20
N SER X 64 -13.17 8.96 -12.75
CA SER X 64 -11.82 9.37 -13.12
C SER X 64 -11.26 8.51 -14.26
N GLY X 65 -10.53 9.15 -15.17
CA GLY X 65 -10.06 8.51 -16.41
C GLY X 65 -8.55 8.38 -16.44
N SER X 66 -8.06 7.56 -17.36
CA SER X 66 -6.63 7.32 -17.50
C SER X 66 -6.32 6.57 -18.79
N GLY X 67 -5.02 6.40 -19.04
CA GLY X 67 -4.50 5.68 -20.20
C GLY X 67 -3.89 6.64 -21.19
N SER X 68 -3.35 6.06 -22.26
CA SER X 68 -2.86 6.82 -23.42
C SER X 68 -2.50 5.87 -24.56
N GLY X 69 -2.28 6.46 -25.74
CA GLY X 69 -1.87 5.69 -26.92
C GLY X 69 -3.01 4.89 -27.54
N THR X 70 -3.11 3.64 -27.12
CA THR X 70 -4.13 2.72 -27.64
C THR X 70 -5.11 2.19 -26.57
N ASP X 71 -4.68 2.18 -25.30
CA ASP X 71 -5.47 1.64 -24.18
C ASP X 71 -5.94 2.75 -23.25
N PHE X 72 -7.26 2.76 -22.95
CA PHE X 72 -7.89 3.75 -22.06
C PHE X 72 -8.86 3.10 -21.08
N THR X 73 -8.93 3.68 -19.88
CA THR X 73 -9.65 3.10 -18.75
C THR X 73 -10.41 4.18 -17.97
N LEU X 74 -11.68 3.93 -17.70
CA LEU X 74 -12.53 4.80 -16.86
C LEU X 74 -12.85 4.02 -15.61
N ALA X 75 -12.61 4.65 -14.45
CA ALA X 75 -12.84 4.01 -13.16
C ALA X 75 -13.83 4.79 -12.30
N ILE X 76 -14.71 4.06 -11.61
CA ILE X 76 -15.68 4.62 -10.69
C ILE X 76 -15.44 3.95 -9.34
N SER X 77 -15.18 4.75 -8.31
CA SER X 77 -14.75 4.23 -7.01
C SER X 77 -15.85 3.60 -6.15
N ARG X 78 -16.86 4.40 -5.82
CA ARG X 78 -18.00 3.97 -5.00
C ARG X 78 -19.28 4.07 -5.82
N LEU X 79 -19.68 2.94 -6.40
CA LEU X 79 -20.93 2.89 -7.16
C LEU X 79 -22.11 3.19 -6.26
N GLU X 80 -23.06 3.97 -6.80
CA GLU X 80 -24.25 4.41 -6.09
C GLU X 80 -25.47 4.20 -7.00
N PRO X 81 -26.69 4.21 -6.45
CA PRO X 81 -27.88 3.84 -7.26
C PRO X 81 -27.96 4.51 -8.65
N GLU X 82 -27.53 5.77 -8.71
CA GLU X 82 -27.63 6.56 -9.92
C GLU X 82 -26.68 6.17 -11.05
N ASP X 83 -25.59 5.47 -10.74
CA ASP X 83 -24.53 5.21 -11.73
C ASP X 83 -24.74 3.97 -12.58
N PHE X 84 -25.74 3.15 -12.27
CA PHE X 84 -26.05 1.99 -13.09
C PHE X 84 -26.68 2.46 -14.39
N ALA X 85 -25.90 2.40 -15.46
CA ALA X 85 -26.32 2.83 -16.80
C ALA X 85 -25.29 2.39 -17.86
N VAL X 86 -25.47 2.81 -19.11
CA VAL X 86 -24.52 2.46 -20.19
C VAL X 86 -23.45 3.54 -20.25
N TYR X 87 -22.24 3.15 -20.64
CA TYR X 87 -21.08 4.06 -20.70
C TYR X 87 -20.37 3.91 -22.02
N TYR X 88 -20.28 5.01 -22.75
CA TYR X 88 -19.73 5.00 -24.08
C TYR X 88 -18.42 5.78 -24.08
N CYS X 89 -17.36 5.20 -24.63
CA CYS X 89 -16.18 5.99 -24.95
C CYS X 89 -16.29 6.42 -26.41
N GLN X 90 -15.76 7.61 -26.72
CA GLN X 90 -15.58 8.04 -28.11
C GLN X 90 -14.19 8.63 -28.29
N GLN X 91 -13.62 8.44 -29.48
CA GLN X 91 -12.45 9.17 -29.91
C GLN X 91 -12.94 10.28 -30.82
N TYR X 92 -12.27 11.41 -30.72
CA TYR X 92 -12.55 12.59 -31.55
C TYR X 92 -11.25 13.23 -32.07
N GLY X 93 -10.19 12.42 -32.20
CA GLY X 93 -8.90 12.89 -32.69
C GLY X 93 -8.92 13.18 -34.18
N THR X 94 -9.67 12.36 -34.92
CA THR X 94 -9.79 12.50 -36.37
C THR X 94 -11.19 12.10 -36.82
N SER X 95 -11.65 12.71 -37.91
CA SER X 95 -12.90 12.29 -38.56
C SER X 95 -12.66 10.94 -39.26
N PRO X 96 -13.61 9.99 -39.24
CA PRO X 96 -14.85 10.08 -38.49
C PRO X 96 -14.61 9.74 -37.03
N ARG X 97 -15.44 10.34 -36.17
CA ARG X 97 -15.31 10.26 -34.71
C ARG X 97 -16.25 9.17 -34.26
N THR X 98 -15.70 8.10 -33.69
CA THR X 98 -16.49 6.89 -33.47
C THR X 98 -16.72 6.65 -32.00
N PHE X 99 -17.72 5.83 -31.72
CA PHE X 99 -18.07 5.43 -30.37
C PHE X 99 -17.76 3.96 -30.13
N GLY X 100 -17.51 3.63 -28.88
CA GLY X 100 -17.50 2.24 -28.43
C GLY X 100 -18.93 1.74 -28.43
N GLN X 101 -19.07 0.41 -28.42
CA GLN X 101 -20.40 -0.19 -28.43
C GLN X 101 -20.71 -0.65 -27.03
N GLY X 102 -21.13 0.32 -26.21
CA GLY X 102 -21.81 0.10 -24.94
C GLY X 102 -21.32 -0.90 -23.89
N THR X 103 -20.64 -0.40 -22.85
CA THR X 103 -20.28 -1.21 -21.67
C THR X 103 -21.26 -0.93 -20.52
N LYS X 104 -22.34 -1.72 -20.42
CA LYS X 104 -23.36 -1.54 -19.36
C LYS X 104 -22.92 -1.98 -17.96
N VAL X 105 -23.48 -1.32 -16.95
CA VAL X 105 -23.28 -1.64 -15.54
C VAL X 105 -24.64 -1.91 -14.90
N GLU X 106 -24.84 -3.14 -14.40
CA GLU X 106 -26.09 -3.55 -13.72
C GLU X 106 -25.83 -4.01 -12.27
N ILE X 107 -26.90 -4.04 -11.48
CA ILE X 107 -26.82 -4.42 -10.07
C ILE X 107 -26.63 -5.97 -9.97
N LYS X 108 -25.77 -6.39 -9.01
CA LYS X 108 -25.59 -7.81 -8.70
C LYS X 108 -26.59 -8.25 -7.62
N ARG X 109 -27.06 -9.48 -7.73
CA ARG X 109 -28.13 -10.01 -6.88
C ARG X 109 -27.97 -11.53 -6.65
N THR X 110 -28.62 -12.02 -5.59
CA THR X 110 -28.81 -13.46 -5.37
C THR X 110 -29.63 -14.05 -6.52
N VAL X 111 -29.21 -15.20 -7.02
CA VAL X 111 -29.90 -15.87 -8.13
C VAL X 111 -31.32 -16.28 -7.71
N ALA X 112 -32.32 -15.56 -8.21
CA ALA X 112 -33.73 -15.91 -8.00
C ALA X 112 -34.32 -16.53 -9.27
N ALA X 113 -35.30 -17.40 -9.09
CA ALA X 113 -35.89 -18.18 -10.19
C ALA X 113 -37.17 -17.50 -10.73
N PRO X 114 -37.54 -17.79 -11.99
CA PRO X 114 -38.72 -17.18 -12.61
C PRO X 114 -40.04 -17.88 -12.29
N SER X 115 -41.03 -17.13 -11.82
CA SER X 115 -42.40 -17.62 -11.64
C SER X 115 -43.07 -17.74 -13.03
N VAL X 116 -43.03 -18.93 -13.63
CA VAL X 116 -43.53 -19.14 -15.00
C VAL X 116 -45.07 -19.23 -15.04
N PHE X 117 -45.67 -18.51 -15.99
CA PHE X 117 -47.12 -18.56 -16.28
C PHE X 117 -47.35 -18.75 -17.78
N ILE X 118 -48.60 -18.99 -18.19
CA ILE X 118 -48.97 -19.15 -19.61
C ILE X 118 -50.41 -18.70 -19.86
N PHE X 119 -50.64 -18.09 -21.02
CA PHE X 119 -51.96 -17.54 -21.40
C PHE X 119 -52.40 -18.06 -22.77
N PRO X 120 -53.52 -18.79 -22.84
CA PRO X 120 -54.08 -19.14 -24.14
C PRO X 120 -54.63 -17.93 -24.93
N PRO X 121 -54.86 -18.10 -26.24
CA PRO X 121 -55.43 -17.00 -27.03
C PRO X 121 -56.88 -16.77 -26.66
N SER X 122 -57.27 -15.52 -26.54
CA SER X 122 -58.64 -15.14 -26.22
C SER X 122 -59.64 -15.55 -27.31
N ASP X 123 -60.87 -15.82 -26.91
CA ASP X 123 -61.94 -16.22 -27.83
C ASP X 123 -62.26 -15.11 -28.83
N GLU X 124 -62.13 -13.87 -28.37
CA GLU X 124 -62.38 -12.69 -29.21
C GLU X 124 -61.27 -12.42 -30.24
N GLN X 125 -60.06 -12.91 -29.97
CA GLN X 125 -58.93 -12.82 -30.90
C GLN X 125 -59.04 -13.81 -32.05
N LEU X 126 -59.49 -15.04 -31.75
CA LEU X 126 -59.77 -16.04 -32.78
C LEU X 126 -60.86 -15.61 -33.78
N LYS X 127 -61.78 -14.74 -33.36
CA LYS X 127 -62.77 -14.13 -34.27
C LYS X 127 -62.12 -13.37 -35.44
N SER X 128 -60.95 -12.77 -35.19
CA SER X 128 -60.17 -12.07 -36.24
C SER X 128 -59.17 -12.96 -37.03
N GLY X 129 -59.17 -14.27 -36.77
CA GLY X 129 -58.37 -15.22 -37.56
C GLY X 129 -56.95 -15.51 -37.12
N THR X 130 -56.42 -14.75 -36.15
CA THR X 130 -55.06 -14.95 -35.63
C THR X 130 -55.12 -15.42 -34.17
N ALA X 131 -54.16 -16.25 -33.78
CA ALA X 131 -54.07 -16.81 -32.43
C ALA X 131 -52.70 -16.53 -31.82
N SER X 132 -52.71 -15.85 -30.66
CA SER X 132 -51.50 -15.53 -29.91
C SER X 132 -51.46 -16.26 -28.56
N VAL X 133 -50.40 -17.05 -28.36
CA VAL X 133 -50.16 -17.75 -27.10
C VAL X 133 -48.98 -17.09 -26.38
N VAL X 134 -49.23 -16.57 -25.18
CA VAL X 134 -48.21 -15.83 -24.42
C VAL X 134 -47.64 -16.70 -23.30
N CYS X 135 -46.32 -16.63 -23.11
CA CYS X 135 -45.63 -17.33 -22.01
C CYS X 135 -44.72 -16.38 -21.23
N LEU X 136 -45.10 -16.08 -20.00
CA LEU X 136 -44.47 -15.05 -19.17
C LEU X 136 -43.47 -15.67 -18.19
N LEU X 137 -42.35 -14.99 -17.99
CA LEU X 137 -41.37 -15.30 -16.93
C LEU X 137 -41.25 -14.06 -16.05
N ASN X 138 -41.51 -14.19 -14.74
CA ASN X 138 -41.68 -13.01 -13.87
C ASN X 138 -40.69 -12.92 -12.70
N ASN X 139 -39.94 -11.83 -12.66
CA ASN X 139 -39.03 -11.46 -11.55
C ASN X 139 -37.92 -12.47 -11.27
N PHE X 140 -36.92 -12.46 -12.15
CA PHE X 140 -35.75 -13.36 -12.05
C PHE X 140 -34.45 -12.62 -12.25
N TYR X 141 -33.34 -13.33 -12.04
CA TYR X 141 -31.99 -12.81 -12.28
C TYR X 141 -31.03 -13.98 -12.50
N PRO X 142 -30.09 -13.89 -13.45
CA PRO X 142 -29.82 -12.70 -14.32
C PRO X 142 -30.68 -12.70 -15.63
N GLU X 144 -30.63 -13.29 -18.76
CA GLU X 144 -30.43 -14.41 -19.69
C GLU X 144 -31.37 -15.57 -19.37
N ALA X 145 -31.92 -16.19 -20.42
CA ALA X 145 -32.84 -17.33 -20.31
C ALA X 145 -33.11 -17.96 -21.70
N LYS X 146 -33.77 -19.13 -21.70
CA LYS X 146 -34.17 -19.82 -22.93
C LYS X 146 -35.63 -20.28 -22.83
N VAL X 147 -36.46 -19.84 -23.78
CA VAL X 147 -37.86 -20.23 -23.85
C VAL X 147 -38.08 -20.95 -25.18
N GLN X 148 -38.63 -22.16 -25.10
CA GLN X 148 -38.92 -23.00 -26.26
C GLN X 148 -40.38 -23.41 -26.24
N TRP X 149 -41.00 -23.39 -27.42
CA TRP X 149 -42.40 -23.74 -27.57
C TRP X 149 -42.57 -25.20 -28.04
N LYS X 150 -43.62 -25.85 -27.55
CA LYS X 150 -43.96 -27.22 -27.93
C LYS X 150 -45.46 -27.37 -28.20
N VAL X 151 -45.79 -27.68 -29.45
CA VAL X 151 -47.17 -27.93 -29.89
C VAL X 151 -47.31 -29.42 -30.23
N ASP X 152 -48.10 -30.15 -29.42
CA ASP X 152 -48.15 -31.61 -29.43
C ASP X 152 -46.74 -32.22 -29.34
N ASN X 153 -46.00 -31.75 -28.33
CA ASN X 153 -44.62 -32.17 -28.04
C ASN X 153 -43.66 -32.10 -29.26
N ALA X 154 -43.89 -31.12 -30.13
CA ALA X 154 -43.07 -30.89 -31.33
C ALA X 154 -42.42 -29.50 -31.21
N LEU X 155 -41.09 -29.47 -31.27
CA LEU X 155 -40.31 -28.25 -30.96
C LEU X 155 -40.39 -27.18 -32.06
N GLN X 156 -40.92 -26.01 -31.72
CA GLN X 156 -41.13 -24.89 -32.67
C GLN X 156 -39.89 -23.97 -32.75
N SER X 157 -39.78 -23.26 -33.87
CA SER X 157 -38.73 -22.25 -34.09
C SER X 157 -39.04 -21.40 -35.33
N GLY X 158 -38.84 -20.08 -35.24
CA GLY X 158 -39.09 -19.13 -36.34
C GLY X 158 -40.46 -18.47 -36.42
N ASN X 159 -41.38 -18.84 -35.52
CA ASN X 159 -42.73 -18.26 -35.45
C ASN X 159 -43.05 -17.60 -34.08
N SER X 160 -42.00 -17.25 -33.34
CA SER X 160 -42.10 -16.65 -32.00
C SER X 160 -41.03 -15.58 -31.77
N GLN X 161 -41.42 -14.54 -31.03
CA GLN X 161 -40.53 -13.42 -30.67
C GLN X 161 -40.73 -13.10 -29.18
N GLU X 162 -39.72 -12.50 -28.57
CA GLU X 162 -39.70 -12.28 -27.13
C GLU X 162 -39.15 -10.91 -26.75
N SER X 163 -39.59 -10.41 -25.59
CA SER X 163 -39.24 -9.07 -25.11
C SER X 163 -38.87 -9.13 -23.64
N VAL X 164 -37.91 -8.29 -23.23
CA VAL X 164 -37.33 -8.28 -21.89
C VAL X 164 -37.48 -6.88 -21.25
N THR X 165 -37.84 -6.81 -19.96
CA THR X 165 -37.97 -5.50 -19.26
C THR X 165 -36.63 -4.95 -18.81
N GLU X 166 -36.64 -3.73 -18.29
CA GLU X 166 -35.45 -3.14 -17.69
C GLU X 166 -35.34 -3.66 -16.26
N GLN X 167 -34.10 -3.65 -15.74
CA GLN X 167 -33.83 -4.10 -14.37
C GLN X 167 -34.66 -3.29 -13.42
N ASP X 168 -35.37 -3.97 -12.52
CA ASP X 168 -36.37 -3.33 -11.68
C ASP X 168 -35.70 -2.44 -10.62
N SER X 169 -36.48 -1.47 -10.12
CA SER X 169 -35.98 -0.46 -9.18
C SER X 169 -35.64 -1.03 -7.81
N LYS X 170 -36.55 -1.83 -7.28
CA LYS X 170 -36.55 -2.21 -5.85
C LYS X 170 -35.93 -3.59 -5.58
N ASP X 171 -36.26 -4.61 -6.40
CA ASP X 171 -35.68 -5.97 -6.23
C ASP X 171 -34.57 -6.37 -7.23
N SER X 172 -34.35 -5.55 -8.26
CA SER X 172 -33.28 -5.77 -9.25
C SER X 172 -33.44 -7.06 -10.04
N THR X 173 -34.65 -7.33 -10.52
CA THR X 173 -34.97 -8.52 -11.33
C THR X 173 -35.49 -8.16 -12.71
N TYR X 174 -35.34 -9.09 -13.63
CA TYR X 174 -35.80 -8.97 -15.02
C TYR X 174 -37.12 -9.74 -15.20
N SER X 175 -37.88 -9.37 -16.23
CA SER X 175 -39.10 -10.11 -16.64
C SER X 175 -39.11 -10.27 -18.16
N LEU X 176 -39.73 -11.35 -18.66
CA LEU X 176 -39.69 -11.73 -20.08
C LEU X 176 -41.07 -12.18 -20.60
N SER X 177 -41.38 -11.91 -21.88
CA SER X 177 -42.67 -12.31 -22.48
C SER X 177 -42.55 -12.81 -23.92
N SER X 178 -42.48 -14.12 -24.09
CA SER X 178 -42.47 -14.74 -25.42
C SER X 178 -43.90 -14.88 -25.95
N THR X 179 -44.06 -14.68 -27.26
CA THR X 179 -45.38 -14.70 -27.90
C THR X 179 -45.32 -15.54 -29.18
N LEU X 180 -46.10 -16.63 -29.22
CA LEU X 180 -46.20 -17.51 -30.39
C LEU X 180 -47.40 -17.07 -31.24
N THR X 181 -47.16 -16.84 -32.53
CA THR X 181 -48.21 -16.40 -33.45
C THR X 181 -48.53 -17.47 -34.50
N LEU X 182 -49.82 -17.81 -34.61
CA LEU X 182 -50.31 -18.73 -35.63
C LEU X 182 -51.66 -18.28 -36.17
N SER X 183 -52.02 -18.81 -37.34
CA SER X 183 -53.37 -18.66 -37.90
C SER X 183 -54.36 -19.58 -37.17
N LYS X 184 -55.65 -19.27 -37.26
CA LYS X 184 -56.70 -20.11 -36.66
C LYS X 184 -56.72 -21.52 -37.28
N ALA X 185 -56.30 -21.64 -38.55
CA ALA X 185 -56.14 -22.94 -39.22
C ALA X 185 -55.11 -23.84 -38.54
N ASP X 186 -53.96 -23.27 -38.17
CA ASP X 186 -52.88 -24.00 -37.48
C ASP X 186 -53.05 -24.11 -35.95
N TYR X 187 -53.97 -23.33 -35.37
CA TYR X 187 -54.25 -23.39 -33.93
C TYR X 187 -55.19 -24.55 -33.57
N GLU X 188 -56.34 -24.61 -34.25
CA GLU X 188 -57.32 -25.70 -34.06
C GLU X 188 -56.86 -27.05 -34.64
N LYS X 189 -55.75 -27.05 -35.38
CA LYS X 189 -55.04 -28.27 -35.83
C LYS X 189 -54.56 -29.15 -34.67
N HIS X 190 -53.94 -28.54 -33.66
CA HIS X 190 -53.34 -29.25 -32.51
C HIS X 190 -54.14 -29.04 -31.21
N LYS X 191 -53.78 -29.80 -30.16
CA LYS X 191 -54.46 -29.74 -28.84
C LYS X 191 -53.55 -29.30 -27.69
N VAL X 192 -52.41 -29.98 -27.51
CA VAL X 192 -51.49 -29.71 -26.36
C VAL X 192 -50.51 -28.58 -26.70
N TYR X 193 -50.54 -27.49 -25.91
CA TYR X 193 -49.65 -26.33 -26.07
C TYR X 193 -48.78 -26.12 -24.82
N ALA X 194 -47.47 -26.33 -24.97
CA ALA X 194 -46.54 -26.33 -23.83
C ALA X 194 -45.37 -25.37 -24.03
N CYS X 195 -44.95 -24.74 -22.92
CA CYS X 195 -43.89 -23.74 -22.90
C CYS X 195 -42.81 -24.12 -21.88
N GLU X 196 -41.64 -24.52 -22.38
CA GLU X 196 -40.53 -24.99 -21.53
C GLU X 196 -39.46 -23.90 -21.30
N VAL X 197 -39.27 -23.50 -20.04
CA VAL X 197 -38.27 -22.48 -19.65
C VAL X 197 -37.00 -23.14 -19.10
N THR X 198 -35.83 -22.66 -19.54
CA THR X 198 -34.51 -23.06 -18.99
C THR X 198 -33.81 -21.84 -18.40
N HIS X 199 -33.26 -21.99 -17.21
CA HIS X 199 -32.64 -20.88 -16.46
C HIS X 199 -31.52 -21.43 -15.56
N GLN X 200 -30.68 -20.55 -15.04
CA GLN X 200 -29.63 -20.94 -14.09
C GLN X 200 -30.19 -21.37 -12.72
N GLY X 201 -31.04 -20.52 -12.14
CA GLY X 201 -31.67 -20.77 -10.84
C GLY X 201 -32.58 -21.97 -10.70
N LEU X 202 -33.03 -22.55 -11.81
CA LEU X 202 -33.79 -23.81 -11.81
C LEU X 202 -32.83 -25.00 -11.95
N SER X 203 -33.07 -26.06 -11.16
CA SER X 203 -32.24 -27.27 -11.22
C SER X 203 -32.42 -28.02 -12.55
N SER X 204 -33.67 -28.11 -13.03
CA SER X 204 -34.00 -28.66 -14.35
C SER X 204 -35.03 -27.76 -15.05
N PRO X 205 -35.27 -27.98 -16.37
CA PRO X 205 -36.27 -27.18 -17.10
C PRO X 205 -37.77 -27.34 -16.70
N VAL X 206 -38.38 -26.28 -16.18
CA VAL X 206 -39.81 -26.24 -15.81
C VAL X 206 -40.67 -26.11 -17.06
N THR X 207 -41.83 -26.76 -17.06
CA THR X 207 -42.80 -26.70 -18.18
C THR X 207 -44.20 -26.36 -17.67
N LYS X 208 -44.84 -25.36 -18.28
CA LYS X 208 -46.27 -25.06 -18.08
C LYS X 208 -47.03 -25.26 -19.39
N SER X 209 -48.28 -25.73 -19.29
CA SER X 209 -49.09 -26.05 -20.48
C SER X 209 -50.60 -26.02 -20.23
N PHE X 210 -51.36 -26.15 -21.31
CA PHE X 210 -52.81 -26.30 -21.28
C PHE X 210 -53.27 -27.04 -22.54
N ASN X 211 -54.44 -27.66 -22.48
CA ASN X 211 -55.05 -28.29 -23.67
C ASN X 211 -56.16 -27.37 -24.20
N ARG X 212 -56.36 -27.41 -25.52
CA ARG X 212 -57.28 -26.51 -26.22
C ARG X 212 -58.74 -26.84 -25.93
N GLY X 213 -59.44 -25.90 -25.29
CA GLY X 213 -60.88 -26.03 -24.99
C GLY X 213 -61.16 -26.75 -23.68
N GLU X 214 -60.50 -26.26 -22.61
CA GLU X 214 -60.58 -26.89 -21.27
C GLU X 214 -61.11 -25.93 -20.18
N CYS X 215 -61.77 -26.52 -19.17
CA CYS X 215 -62.45 -25.79 -18.08
C CYS X 215 -62.29 -26.55 -16.77
C1 NAG Y . -12.01 -8.42 3.32
C2 NAG Y . -12.89 -7.26 2.87
C3 NAG Y . -13.89 -7.06 3.99
C4 NAG Y . -14.71 -8.35 4.15
C5 NAG Y . -13.93 -9.70 3.99
C6 NAG Y . -14.75 -10.83 3.34
C7 NAG Y . -11.84 -5.31 1.67
C8 NAG Y . -10.98 -4.07 1.81
N2 NAG Y . -12.10 -6.02 2.78
O3 NAG Y . -14.70 -5.94 3.64
O4 NAG Y . -15.37 -8.34 5.47
O5 NAG Y . -12.71 -9.65 3.22
O6 NAG Y . -14.10 -11.35 2.14
O7 NAG Y . -12.26 -5.63 0.55
C1 NAG Y . -16.28 -7.22 5.88
C2 NAG Y . -15.52 -6.36 6.89
C3 NAG Y . -15.84 -4.85 6.68
C4 NAG Y . -17.33 -4.63 6.41
C5 NAG Y . -17.83 -5.51 5.23
C6 NAG Y . -18.19 -4.68 4.00
C7 NAG Y . -16.14 -8.06 8.65
C8 NAG Y . -16.81 -8.21 10.00
N2 NAG Y . -16.07 -6.80 8.18
O3 NAG Y . -15.16 -4.22 5.59
O4 NAG Y . -17.92 -4.82 7.72
O5 NAG Y . -16.86 -6.49 4.79
O6 NAG Y . -17.07 -3.87 3.60
O7 NAG Y . -15.71 -9.05 8.07
C1 MAN Y . -19.35 -4.73 7.93
C2 MAN Y . -20.03 -3.46 7.36
C3 MAN Y . -19.94 -2.19 8.24
C4 MAN Y . -20.01 -2.49 9.73
C5 MAN Y . -19.21 -3.73 10.10
C6 MAN Y . -19.33 -4.07 11.59
O2 MAN Y . -21.41 -3.77 7.08
O3 MAN Y . -21.00 -1.25 7.89
O4 MAN Y . -19.51 -1.37 10.44
O5 MAN Y . -19.62 -4.85 9.33
O6 MAN Y . -18.25 -3.23 12.01
C1 MAN Y . -20.73 -0.44 6.70
C2 MAN Y . -21.57 0.80 6.51
C3 MAN Y . -22.82 0.52 5.65
C4 MAN Y . -22.49 -0.24 4.37
C5 MAN Y . -21.81 -1.53 4.77
C6 MAN Y . -21.51 -2.49 3.60
O2 MAN Y . -20.65 1.73 5.95
O3 MAN Y . -23.53 1.71 5.26
O4 MAN Y . -23.70 -0.46 3.62
O5 MAN Y . -20.60 -1.14 5.45
O6 MAN Y . -22.28 -2.27 2.41
C1 NAG Z . -16.02 -15.14 -50.43
C2 NAG Z . -15.16 -14.01 -49.86
C3 NAG Z . -15.42 -12.57 -50.25
C4 NAG Z . -16.04 -12.48 -51.65
C5 NAG Z . -17.15 -13.53 -51.87
C6 NAG Z . -17.88 -13.41 -53.23
C7 NAG Z . -14.92 -14.04 -47.56
C8 NAG Z . -15.73 -14.07 -46.30
N2 NAG Z . -15.71 -13.98 -48.56
O3 NAG Z . -14.15 -11.92 -50.08
O4 NAG Z . -16.56 -11.13 -51.83
O5 NAG Z . -16.57 -14.86 -51.73
O6 NAG Z . -19.22 -13.93 -53.20
O7 NAG Z . -13.72 -14.06 -47.71
C1 NAG Z . -15.66 -10.27 -52.62
C2 NAG Z . -16.23 -8.94 -53.12
C3 NAG Z . -15.38 -7.76 -52.60
C4 NAG Z . -13.87 -7.88 -52.80
C5 NAG Z . -13.43 -9.36 -52.73
C6 NAG Z . -12.03 -9.54 -52.13
C7 NAG Z . -17.24 -9.28 -55.38
C8 NAG Z . -17.03 -9.18 -56.86
N2 NAG Z . -16.20 -8.93 -54.60
O3 NAG Z . -15.63 -7.60 -51.20
O4 NAG Z . -13.45 -7.28 -54.04
O5 NAG Z . -14.39 -10.09 -51.96
O6 NAG Z . -11.75 -10.91 -51.81
O7 NAG Z . -18.31 -9.66 -54.94
C1 MAN Z . -12.70 -6.03 -53.92
C2 MAN Z . -13.58 -4.88 -53.37
C3 MAN Z . -13.46 -3.48 -54.02
C4 MAN Z . -12.89 -3.46 -55.45
C5 MAN Z . -12.84 -4.87 -56.06
C6 MAN Z . -12.20 -4.82 -57.45
O2 MAN Z . -13.34 -4.77 -51.96
O3 MAN Z . -12.69 -2.57 -53.21
O4 MAN Z . -13.68 -2.57 -56.26
O5 MAN Z . -12.09 -5.71 -55.18
O6 MAN Z . -11.82 -6.13 -57.90
C1 NAG AA . 8.06 -17.41 20.93
C2 NAG AA . 8.53 -18.77 21.46
C3 NAG AA . 7.66 -19.99 21.06
C4 NAG AA . 6.18 -19.65 20.83
C5 NAG AA . 6.02 -18.29 20.11
C6 NAG AA . 4.59 -17.83 19.86
C7 NAG AA . 10.95 -19.18 21.50
C8 NAG AA . 12.16 -19.50 20.67
N2 NAG AA . 9.82 -19.07 20.83
O3 NAG AA . 7.86 -21.00 22.08
O4 NAG AA . 5.53 -20.69 20.03
O5 NAG AA . 6.64 -17.31 20.91
O6 NAG AA . 4.57 -16.60 19.10
O7 NAG AA . 11.01 -19.01 22.71
C1 NAG AA . 5.20 -21.90 20.81
C2 NAG AA . 3.69 -22.21 20.99
C3 NAG AA . 3.49 -23.36 22.00
C4 NAG AA . 4.34 -24.58 21.64
C5 NAG AA . 5.81 -24.24 21.33
C6 NAG AA . 6.57 -25.39 20.66
C7 NAG AA . 2.31 -20.07 20.90
C8 NAG AA . 1.80 -18.90 21.73
N2 NAG AA . 3.07 -20.99 21.54
O3 NAG AA . 2.12 -23.81 22.10
O4 NAG AA . 4.22 -25.49 22.76
O5 NAG AA . 5.94 -23.09 20.47
O6 NAG AA . 6.93 -25.10 19.30
O7 NAG AA . 2.02 -20.15 19.70
C1 NAG BA . 2.51 28.14 26.04
C2 NAG BA . 1.25 28.94 25.61
C3 NAG BA . 1.07 30.25 26.40
C4 NAG BA . 1.34 30.09 27.90
C5 NAG BA . 2.64 29.30 28.13
C6 NAG BA . 2.85 29.04 29.61
C7 NAG BA . 0.78 28.78 23.13
C8 NAG BA . 0.95 29.42 21.78
N2 NAG BA . 1.31 29.41 24.21
O3 NAG BA . -0.25 30.79 26.23
O4 NAG BA . 1.42 31.45 28.47
O5 NAG BA . 2.70 28.03 27.45
O6 NAG BA . 2.89 30.27 30.34
O7 NAG BA . 0.21 27.71 23.20
C1 NAG BA . 0.34 31.93 29.35
C2 NAG BA . 0.75 33.00 30.38
C3 NAG BA . -0.20 34.21 30.57
C4 NAG BA . -1.69 33.94 30.29
C5 NAG BA . -1.95 32.59 29.62
C6 NAG BA . -3.33 32.60 28.96
C7 NAG BA . 1.51 32.77 32.73
C8 NAG BA . 1.45 31.95 33.98
N2 NAG BA . 0.81 32.32 31.68
O3 NAG BA . 0.27 35.29 29.75
O4 NAG BA . -2.44 33.99 31.51
O5 NAG BA . -0.89 32.28 28.68
O6 NAG BA . -4.33 32.99 29.90
O7 NAG BA . 2.15 33.81 32.69
C1 NAG CA . -68.24 47.60 10.70
C2 NAG CA . -67.80 48.57 11.79
C3 NAG CA . -66.63 47.97 12.55
C4 NAG CA . -66.96 46.55 13.02
C5 NAG CA . -67.76 45.63 12.10
C6 NAG CA . -68.48 44.56 12.95
C7 NAG CA . -67.18 51.01 11.75
C8 NAG CA . -66.82 52.13 10.81
N2 NAG CA . -67.41 49.83 11.14
O3 NAG CA . -66.28 48.74 13.71
O4 NAG CA . -65.71 45.86 13.24
O5 NAG CA . -68.67 46.37 11.30
O6 NAG CA . -69.12 43.51 12.22
O7 NAG CA . -67.24 51.17 12.97
C1 NAG CA . -65.35 45.81 14.64
C2 NAG CA . -64.42 44.68 15.09
C3 NAG CA . -63.21 45.11 15.95
C4 NAG CA . -63.53 46.31 16.88
C5 NAG CA . -64.76 47.18 16.50
C6 NAG CA . -64.68 48.66 16.92
C7 NAG CA . -65.70 42.59 15.52
C8 NAG CA . -66.50 41.85 16.55
N2 NAG CA . -65.23 43.78 15.93
O3 NAG CA . -62.11 45.37 15.08
O4 NAG CA . -63.71 45.77 18.20
O5 NAG CA . -64.94 47.11 15.09
O6 NAG CA . -64.81 49.57 15.81
O7 NAG CA . -65.50 42.13 14.40
C1 NAG DA . 32.19 -36.62 -47.96
C2 NAG DA . 32.13 -38.13 -47.49
C3 NAG DA . 33.35 -38.59 -46.68
C4 NAG DA . 34.68 -38.09 -47.24
C5 NAG DA . 34.60 -36.59 -47.49
C6 NAG DA . 35.88 -35.99 -48.07
C7 NAG DA . 30.17 -39.39 -46.57
C8 NAG DA . 29.20 -39.46 -45.42
N2 NAG DA . 31.06 -38.39 -46.51
O3 NAG DA . 33.41 -40.02 -46.57
O4 NAG DA . 35.66 -38.43 -46.21
O5 NAG DA . 33.48 -36.28 -48.36
O6 NAG DA . 36.88 -35.90 -47.06
O7 NAG DA . 30.12 -40.19 -47.50
C1 NAG DA . 36.80 -39.24 -46.59
C2 NAG DA . 37.99 -39.04 -45.62
C3 NAG DA . 38.54 -40.33 -44.97
C4 NAG DA . 38.47 -41.63 -45.81
C5 NAG DA . 37.71 -41.38 -47.12
C6 NAG DA . 37.36 -42.70 -47.83
C7 NAG DA . 39.73 -37.31 -45.98
C8 NAG DA . 40.82 -36.83 -46.91
N2 NAG DA . 39.07 -38.41 -46.38
O3 NAG DA . 37.82 -40.53 -43.74
O4 NAG DA . 39.80 -42.17 -46.06
O5 NAG DA . 36.53 -40.61 -46.87
O6 NAG DA . 36.92 -43.70 -46.92
O7 NAG DA . 39.47 -36.72 -44.93
C1 NAG EA . 20.26 30.66 -5.03
C2 NAG EA . 19.56 31.85 -5.81
C3 NAG EA . 19.56 33.22 -5.04
C4 NAG EA . 20.46 33.35 -3.78
C5 NAG EA . 21.36 32.15 -3.57
C6 NAG EA . 22.17 32.07 -2.27
C7 NAG EA . 19.55 32.89 -8.12
C8 NAG EA . 20.31 32.99 -9.41
N2 NAG EA . 20.12 32.10 -7.17
O3 NAG EA . 18.23 33.64 -4.68
O4 NAG EA . 21.28 34.54 -3.98
O5 NAG EA . 20.49 31.03 -3.66
O6 NAG EA . 23.58 31.97 -2.57
O7 NAG EA . 18.48 33.49 -7.99
C1 NAG EA . 21.58 35.30 -2.78
C2 NAG EA . 22.92 36.07 -2.83
C3 NAG EA . 22.70 37.60 -2.78
C4 NAG EA . 21.54 38.05 -1.87
C5 NAG EA . 20.83 36.90 -1.16
C6 NAG EA . 19.68 37.28 -0.21
C7 NAG EA . 24.81 34.89 -1.62
C8 NAG EA . 25.36 34.67 -0.23
N2 NAG EA . 23.71 35.67 -1.65
O3 NAG EA . 22.45 38.06 -4.13
O4 NAG EA . 22.03 38.90 -0.84
O5 NAG EA . 20.46 36.01 -2.22
O6 NAG EA . 18.76 38.21 -0.76
O7 NAG EA . 25.32 34.39 -2.61
C1 NAG FA . 9.28 -74.06 -47.80
C2 NAG FA . 7.81 -74.26 -48.22
C3 NAG FA . 7.20 -75.53 -47.64
C4 NAG FA . 8.14 -76.74 -47.73
C5 NAG FA . 9.54 -76.42 -47.18
C6 NAG FA . 10.51 -77.60 -47.36
C7 NAG FA . 5.96 -72.55 -48.33
C8 NAG FA . 5.22 -71.47 -47.59
N2 NAG FA . 6.98 -73.17 -47.67
O3 NAG FA . 5.99 -75.86 -48.32
O4 NAG FA . 7.50 -77.80 -46.94
O5 NAG FA . 10.09 -75.25 -47.80
O6 NAG FA . 10.89 -78.18 -46.11
O7 NAG FA . 5.63 -72.82 -49.46
C1 NAG FA . 6.98 -78.96 -47.66
C2 NAG FA . 6.31 -80.03 -46.80
C3 NAG FA . 5.50 -81.02 -47.64
C4 NAG FA . 6.01 -81.12 -49.07
C5 NAG FA . 6.12 -79.74 -49.74
C6 NAG FA . 4.98 -79.54 -50.74
C7 NAG FA . 7.63 -80.92 -44.90
C8 NAG FA . 8.87 -81.67 -44.53
N2 NAG FA . 7.44 -80.74 -46.20
O3 NAG FA . 4.12 -80.61 -47.69
O4 NAG FA . 7.30 -81.75 -49.08
O5 NAG FA . 6.13 -78.66 -48.77
O6 NAG FA . 3.70 -79.78 -50.13
O7 NAG FA . 6.86 -80.51 -44.04
C1 NAG GA . 29.79 -31.60 4.86
C2 NAG GA . 31.28 -31.20 4.82
C3 NAG GA . 32.09 -32.03 5.77
C4 NAG GA . 31.58 -31.81 7.19
C5 NAG GA . 30.05 -31.85 7.32
C6 NAG GA . 29.58 -31.13 8.59
C7 NAG GA . 32.42 -30.42 2.87
C8 NAG GA . 32.98 -30.73 1.54
N2 NAG GA . 31.85 -31.44 3.51
O3 NAG GA . 33.47 -31.67 5.65
O4 NAG GA . 32.17 -32.92 7.97
O5 NAG GA . 29.31 -31.32 6.20
O6 NAG GA . 29.92 -31.85 9.78
O7 NAG GA . 32.49 -29.29 3.33
C1 NAG GA . 32.78 -32.70 9.29
C2 NAG GA . 33.42 -33.95 9.86
C3 NAG GA . 34.89 -33.69 10.20
C4 NAG GA . 35.19 -32.47 11.07
C5 NAG GA . 34.24 -31.35 10.62
C6 NAG GA . 34.89 -29.96 10.60
C7 NAG GA . 31.40 -34.91 10.82
C8 NAG GA . 30.62 -35.25 12.04
N2 NAG GA . 32.59 -34.30 11.01
O3 NAG GA . 35.51 -33.47 8.94
O4 NAG GA . 35.10 -32.91 12.45
O5 NAG GA . 33.74 -31.64 9.30
O6 NAG GA . 35.14 -29.47 9.27
O7 NAG GA . 30.96 -35.20 9.73
C1 MAN GA . 35.81 -32.27 13.57
C2 MAN GA . 37.33 -31.95 13.50
C3 MAN GA . 38.33 -32.94 14.17
C4 MAN GA . 37.72 -33.89 15.21
C5 MAN GA . 36.31 -34.32 14.80
C6 MAN GA . 35.65 -35.33 15.80
O2 MAN GA . 37.51 -30.65 14.11
O3 MAN GA . 39.43 -32.25 14.84
O4 MAN GA . 38.60 -35.00 15.37
O5 MAN GA . 35.56 -33.10 14.72
O6 MAN GA . 34.43 -35.97 15.44
C1 MAN GA . 40.70 -32.23 14.09
C2 MAN GA . 41.85 -33.12 14.62
C3 MAN GA . 42.76 -32.43 15.64
C4 MAN GA . 43.09 -30.99 15.26
C5 MAN GA . 41.86 -30.21 14.78
C6 MAN GA . 42.22 -28.80 14.30
O2 MAN GA . 42.68 -33.61 13.55
O3 MAN GA . 44.01 -33.15 15.76
O4 MAN GA . 43.68 -30.38 16.42
O5 MAN GA . 41.20 -30.93 13.73
O6 MAN GA . 42.13 -28.66 12.86
C1 MAN GA . 35.49 -36.78 15.16
C2 MAN GA . 35.12 -37.60 13.89
C3 MAN GA . 33.65 -38.07 13.91
C4 MAN GA . 33.02 -38.02 15.32
C5 MAN GA . 33.68 -36.93 16.17
C6 MAN GA . 33.04 -36.71 17.56
O2 MAN GA . 36.04 -38.69 13.67
O3 MAN GA . 33.50 -39.38 13.33
O4 MAN GA . 31.63 -37.76 15.21
O5 MAN GA . 35.01 -37.43 16.28
O6 MAN GA . 32.37 -37.86 18.09
C1 NAG HA . -6.92 -57.76 -18.24
C2 NAG HA . -8.39 -57.55 -18.62
C3 NAG HA . -9.23 -57.51 -17.34
C4 NAG HA . -9.19 -58.88 -16.66
C5 NAG HA . -7.75 -59.53 -16.78
C6 NAG HA . -7.84 -61.03 -17.12
C7 NAG HA . -8.19 -55.76 -20.32
C8 NAG HA . -8.62 -54.35 -20.61
N2 NAG HA . -8.62 -56.22 -19.16
O3 NAG HA . -10.57 -57.07 -17.64
O4 NAG HA . -9.68 -58.72 -15.24
O5 NAG HA . -6.77 -59.03 -17.76
O6 NAG HA . -8.52 -61.78 -16.11
O7 NAG HA . -7.51 -56.40 -21.10
C1 NAG HA . -11.05 -59.08 -14.73
C2 NAG HA . -11.69 -58.02 -13.77
C3 NAG HA . -12.83 -57.24 -14.49
C4 NAG HA . -13.92 -58.19 -15.04
C5 NAG HA . -13.34 -59.59 -15.34
C6 NAG HA . -14.20 -60.49 -16.27
C7 NAG HA . -11.98 -59.51 -11.66
C8 NAG HA . -12.97 -59.85 -10.57
N2 NAG HA . -12.38 -58.58 -12.57
O3 NAG HA . -12.26 -56.41 -15.51
O4 NAG HA . -15.04 -58.30 -14.13
O5 NAG HA . -11.96 -59.44 -15.80
O6 NAG HA . -14.63 -59.85 -17.47
O7 NAG HA . -10.90 -60.07 -11.71
C1 NAG IA . -38.96 35.65 -30.80
C2 NAG IA . -39.22 36.07 -32.25
C3 NAG IA . -39.99 34.95 -32.95
C4 NAG IA . -39.29 33.60 -32.67
C5 NAG IA . -39.14 33.33 -31.16
C6 NAG IA . -38.58 31.91 -30.91
C7 NAG IA . -40.46 38.03 -33.22
C8 NAG IA . -41.33 39.20 -32.84
N2 NAG IA . -40.06 37.27 -32.20
O3 NAG IA . -40.09 35.17 -34.38
O4 NAG IA . -40.13 32.60 -33.31
O5 NAG IA . -38.34 34.38 -30.60
O6 NAG IA . -38.30 31.64 -29.53
O7 NAG IA . -40.18 37.83 -34.37
C1 NAG IA . -39.49 31.43 -33.91
C2 NAG IA . -40.54 30.49 -34.47
C3 NAG IA . -40.03 29.64 -35.64
C4 NAG IA . -38.51 29.50 -35.80
C5 NAG IA . -37.66 30.61 -35.18
C6 NAG IA . -36.52 31.05 -36.09
C7 NAG IA . -42.03 30.16 -32.45
C8 NAG IA . -42.43 29.25 -31.32
N2 NAG IA . -41.05 29.73 -33.29
O3 NAG IA . -40.52 30.23 -36.86
O4 NAG IA . -38.17 28.29 -35.17
O5 NAG IA . -38.48 31.73 -34.88
O6 NAG IA . -36.98 31.38 -37.41
O7 NAG IA . -42.61 31.23 -32.55
C1 MAN IA . -37.19 27.47 -35.83
C2 MAN IA . -37.73 26.70 -37.04
C3 MAN IA . -38.26 25.25 -36.77
C4 MAN IA . -37.94 24.60 -35.39
C5 MAN IA . -37.80 25.73 -34.38
C6 MAN IA . -37.56 25.48 -32.82
O2 MAN IA . -36.65 26.75 -37.99
O3 MAN IA . -37.80 24.38 -37.85
O4 MAN IA . -38.97 23.70 -34.93
O5 MAN IA . -36.72 26.53 -34.90
O6 MAN IA . -37.32 26.76 -32.22
C1 MAN IA . -38.50 24.62 -39.11
C2 MAN IA . -38.75 23.37 -39.98
C3 MAN IA . -37.84 23.31 -41.23
C4 MAN IA . -37.62 24.69 -41.87
C5 MAN IA . -37.06 25.63 -40.81
C6 MAN IA . -36.55 26.97 -41.34
O2 MAN IA . -40.13 23.32 -40.33
O3 MAN IA . -38.37 22.39 -42.19
O4 MAN IA . -36.70 24.65 -42.97
O5 MAN IA . -38.11 25.80 -39.86
O6 MAN IA . -37.16 27.32 -42.59
C1 BMA IA . -38.69 26.41 -32.30
C2 BMA IA . -39.74 25.91 -31.27
C3 BMA IA . -39.09 25.31 -30.00
C4 BMA IA . -37.60 25.82 -29.91
C5 BMA IA . -37.31 27.10 -30.81
C6 BMA IA . -36.63 28.31 -30.09
O2 BMA IA . -40.61 24.92 -31.89
O3 BMA IA . -39.20 23.88 -30.11
O4 BMA IA . -37.53 26.18 -28.49
O5 BMA IA . -38.06 27.56 -31.92
O6 BMA IA . -35.55 28.11 -29.14
C1 NAG JA . -22.43 32.13 -50.52
C2 NAG JA . -23.51 33.19 -50.14
C3 NAG JA . -24.93 32.61 -50.22
C4 NAG JA . -25.05 31.54 -51.31
C5 NAG JA . -23.78 31.25 -52.18
C6 NAG JA . -24.05 31.46 -53.68
C7 NAG JA . -23.83 34.85 -48.32
C8 NAG JA . -23.53 35.24 -46.90
N2 NAG JA . -23.32 33.70 -48.77
O3 NAG JA . -25.89 33.65 -50.47
O4 NAG JA . -25.44 30.32 -50.57
O5 NAG JA . -22.57 31.98 -51.85
O6 NAG JA . -22.99 30.88 -54.47
O7 NAG JA . -24.54 35.58 -49.02
C1 NAG JA . -26.72 29.60 -50.78
C2 NAG JA . -27.62 29.67 -49.55
C3 NAG JA . -29.09 29.95 -49.94
C4 NAG JA . -29.52 29.17 -51.21
C5 NAG JA . -28.41 29.08 -52.29
C6 NAG JA . -28.82 29.25 -53.75
C7 NAG JA . -27.86 27.96 -47.73
C8 NAG JA . -27.70 26.49 -47.45
N2 NAG JA . -27.56 28.31 -48.99
O3 NAG JA . -29.24 31.36 -50.10
O4 NAG JA . -29.93 27.86 -50.75
O5 NAG JA . -27.36 30.03 -51.98
O6 NAG JA . -29.95 30.13 -53.93
O7 NAG JA . -28.24 28.73 -46.88
C1 MAN JA . -30.55 26.92 -51.67
C2 MAN JA . -31.86 27.49 -52.27
C3 MAN JA . -33.07 26.53 -52.34
C4 MAN JA . -33.00 25.40 -51.31
C5 MAN JA . -31.95 25.63 -50.22
C6 MAN JA . -32.14 24.57 -49.06
O2 MAN JA . -31.61 27.98 -53.59
O3 MAN JA . -33.19 25.97 -53.66
O4 MAN JA . -34.18 25.22 -50.49
O5 MAN JA . -30.73 25.67 -50.96
O6 MAN JA . -31.98 25.31 -47.82
C1 BMA JA . -33.68 24.67 -49.22
C2 BMA JA . -34.83 24.40 -48.21
C3 BMA JA . -34.32 23.76 -46.90
C4 BMA JA . -33.15 22.78 -47.15
C5 BMA JA . -32.14 23.22 -48.26
C6 BMA JA . -31.29 21.95 -48.53
O2 BMA JA . -35.86 23.59 -48.81
O3 BMA JA . -35.40 23.09 -46.25
O4 BMA JA . -32.55 22.49 -45.87
O5 BMA JA . -32.85 23.55 -49.43
O6 BMA JA . -30.58 21.51 -47.36
C1 NAG KA . 26.15 8.38 -22.91
C2 NAG KA . 24.98 9.35 -23.22
C3 NAG KA . 25.44 10.65 -23.84
C4 NAG KA . 26.62 11.24 -23.08
C5 NAG KA . 27.74 10.26 -22.63
C6 NAG KA . 28.31 10.66 -21.26
C7 NAG KA . 23.09 7.96 -24.11
C8 NAG KA . 22.48 7.42 -25.38
N2 NAG KA . 24.18 8.70 -24.28
O3 NAG KA . 24.39 11.64 -23.88
O4 NAG KA . 27.18 12.13 -24.06
O5 NAG KA . 27.36 8.91 -22.41
O6 NAG KA . 29.33 9.73 -20.88
O7 NAG KA . 22.59 7.71 -23.02
C1 NAG KA . 28.09 13.05 -23.45
C2 NAG KA . 29.49 13.04 -24.06
C3 NAG KA . 30.04 14.46 -24.21
C4 NAG KA . 29.74 15.37 -23.01
C5 NAG KA . 28.38 15.11 -22.34
C6 NAG KA . 27.70 16.43 -21.92
C7 NAG KA . 31.16 11.34 -23.48
C8 NAG KA . 31.99 10.72 -22.39
N2 NAG KA . 30.35 12.35 -23.12
O3 NAG KA . 29.43 15.02 -25.38
O4 NAG KA . 30.69 15.21 -21.95
O5 NAG KA . 27.56 14.35 -23.21
O6 NAG KA . 27.75 17.46 -22.92
O7 NAG KA . 31.23 10.93 -24.63
C1 MAN KA . 32.07 15.58 -22.19
C2 MAN KA . 32.23 16.92 -22.85
C3 MAN KA . 33.29 16.99 -23.97
C4 MAN KA . 34.57 16.13 -23.71
C5 MAN KA . 34.33 14.78 -22.93
C6 MAN KA . 35.07 15.07 -21.62
O2 MAN KA . 32.47 17.86 -21.78
O3 MAN KA . 33.54 18.43 -24.20
O4 MAN KA . 35.29 15.83 -24.92
O5 MAN KA . 32.88 14.60 -22.90
O6 MAN KA . 34.44 14.09 -20.84
C1 MAN KA . 32.32 19.29 -24.29
C2 MAN KA . 32.45 20.53 -25.20
C3 MAN KA . 31.51 21.73 -24.86
C4 MAN KA . 30.27 21.34 -24.07
C5 MAN KA . 30.76 20.68 -22.80
C6 MAN KA . 29.57 20.39 -21.92
O2 MAN KA . 32.25 20.05 -26.53
O3 MAN KA . 31.10 22.45 -26.04
O4 MAN KA . 29.43 22.47 -23.75
O5 MAN KA . 31.57 19.52 -23.06
O6 MAN KA . 29.27 21.60 -21.20
C1 NAG LA . -13.66 58.29 3.06
C2 NAG LA . -13.09 57.11 3.90
C3 NAG LA . -11.59 57.35 4.14
C4 NAG LA . -11.22 58.67 4.87
C5 NAG LA . -12.21 59.78 4.45
C6 NAG LA . -11.66 61.22 4.40
C7 NAG LA . -14.10 55.74 5.77
C8 NAG LA . -14.48 55.74 7.22
N2 NAG LA . -13.60 56.88 5.28
O3 NAG LA . -10.93 57.34 2.86
O4 NAG LA . -11.15 58.44 6.33
O5 NAG LA . -12.74 59.43 3.14
O6 NAG LA . -12.66 62.14 4.89
O7 NAG LA . -14.28 54.73 5.10
C1 NAG LA . -9.80 58.12 6.84
C2 NAG LA . -9.47 58.37 8.33
C3 NAG LA . -8.81 57.17 9.05
C4 NAG LA . -7.76 56.34 8.25
C5 NAG LA . -7.95 56.60 6.74
C6 NAG LA . -7.46 55.47 5.81
C7 NAG LA . -8.89 60.76 8.66
C8 NAG LA . -7.80 61.77 8.62
N2 NAG LA . -8.53 59.50 8.35
O3 NAG LA . -9.88 56.29 9.45
O4 NAG LA . -6.44 56.56 8.81
O5 NAG LA . -9.35 56.80 6.52
O6 NAG LA . -8.52 54.90 5.02
O7 NAG LA . -10.02 61.12 8.97
C1 MAN LA . -5.19 56.26 8.09
C2 MAN LA . -4.33 55.02 8.54
C3 MAN LA . -3.98 55.19 10.04
C4 MAN LA . -3.39 56.57 10.35
C5 MAN LA . -4.05 57.73 9.59
C6 MAN LA . -3.11 58.90 9.42
O2 MAN LA . -3.12 54.69 7.72
O3 MAN LA . -3.05 54.16 10.50
O4 MAN LA . -3.52 56.83 11.75
O5 MAN LA . -4.40 57.42 8.24
O6 MAN LA . -2.87 59.52 10.70
C1 MAN LA . -3.65 52.86 10.84
C2 MAN LA . -2.92 52.12 11.98
C3 MAN LA . -2.11 50.88 11.52
C4 MAN LA . -2.38 50.28 10.12
C5 MAN LA . -2.93 51.28 9.12
C6 MAN LA . -3.37 50.64 7.80
O2 MAN LA . -3.88 51.83 13.01
O3 MAN LA . -2.26 49.82 12.49
O4 MAN LA . -1.17 49.80 9.53
O5 MAN LA . -4.02 51.98 9.75
O6 MAN LA . -4.30 49.58 8.00
C1 BMA LA . -3.85 60.50 11.06
C2 BMA LA . -4.14 60.44 12.54
C3 BMA LA . -5.24 61.42 12.90
C4 BMA LA . -4.99 62.81 12.34
C5 BMA LA . -4.50 62.78 10.90
C6 BMA LA . -3.96 64.15 10.51
O2 BMA LA . -2.91 60.68 13.24
O3 BMA LA . -5.37 61.49 14.33
O4 BMA LA . -6.20 63.55 12.30
O5 BMA LA . -3.47 61.81 10.69
O6 BMA LA . -2.80 64.45 11.29
C1 NAG MA . -47.45 98.19 8.28
C2 NAG MA . -48.17 98.86 7.11
C3 NAG MA . -47.20 99.67 6.26
C4 NAG MA . -46.50 100.72 7.10
C5 NAG MA . -45.82 100.05 8.29
C6 NAG MA . -45.41 101.09 9.33
C7 NAG MA . -50.01 97.68 5.98
C8 NAG MA . -50.37 96.72 4.90
N2 NAG MA . -48.70 97.91 6.14
O3 NAG MA . -47.86 100.30 5.15
O4 NAG MA . -45.51 101.37 6.24
O5 NAG MA . -46.65 99.12 8.99
O6 NAG MA . -45.06 100.44 10.57
O7 NAG MA . -50.89 98.18 6.65
C1 NAG MA . -45.29 102.82 6.46
C2 NAG MA . -43.80 103.22 6.48
C3 NAG MA . -43.32 104.35 5.53
C4 NAG MA . -44.37 105.42 5.15
C5 NAG MA . -45.71 105.15 5.85
C6 NAG MA . -46.82 106.08 5.34
C7 NAG MA . -42.72 103.40 8.71
C8 NAG MA . -42.80 104.15 10.00
N2 NAG MA . -43.63 103.78 7.82
O3 NAG MA . -42.80 103.76 4.32
O4 NAG MA . -43.85 106.74 5.46
O5 NAG MA . -46.07 103.75 5.68
O6 NAG MA . -47.64 105.42 4.37
O7 NAG MA . -41.90 102.51 8.50
C1 NAG NA . 25.09 55.74 -19.36
C2 NAG NA . 25.17 54.60 -18.35
C3 NAG NA . 26.61 54.63 -17.80
C4 NAG NA . 27.74 54.67 -18.85
C5 NAG NA . 27.39 55.38 -20.17
C6 NAG NA . 28.14 54.73 -21.32
C7 NAG NA . 23.15 54.09 -16.88
C8 NAG NA . 22.30 54.67 -15.78
N2 NAG NA . 24.17 54.87 -17.29
O3 NAG NA . 26.89 53.47 -17.02
O4 NAG NA . 28.90 55.37 -18.29
O5 NAG NA . 25.96 55.39 -20.46
O6 NAG NA . 28.42 55.70 -22.33
O7 NAG NA . 22.89 52.98 -17.34
C1 NAG NA . 30.14 54.62 -18.01
C2 NAG NA . 31.43 55.45 -18.07
C3 NAG NA . 32.00 55.74 -16.66
C4 NAG NA . 32.35 54.46 -15.92
C5 NAG NA . 31.32 53.36 -16.21
C6 NAG NA . 30.94 52.62 -14.93
C7 NAG NA . 32.59 54.84 -20.20
C8 NAG NA . 33.75 54.08 -20.78
N2 NAG NA . 32.47 54.78 -18.87
O3 NAG NA . 31.04 56.46 -15.86
O4 NAG NA . 33.68 54.04 -16.24
O5 NAG NA . 30.09 53.86 -16.78
O6 NAG NA . 30.23 53.50 -14.04
O7 NAG NA . 31.81 55.44 -20.93
C1 NAG OA . -11.25 -70.65 33.08
C2 NAG OA . -12.14 -71.60 32.30
C3 NAG OA . -11.36 -71.91 31.02
C4 NAG OA . -10.93 -70.61 30.30
C5 NAG OA . -10.89 -69.31 31.16
C6 NAG OA . -11.61 -68.17 30.42
C7 NAG OA . -12.90 -72.93 34.18
C8 NAG OA . -12.76 -74.30 34.77
N2 NAG OA . -12.19 -72.83 33.07
O3 NAG OA . -12.13 -72.79 30.19
O4 NAG OA . -9.59 -70.80 29.71
O5 NAG OA . -11.43 -69.43 32.51
O6 NAG OA . -11.10 -66.89 30.79
O7 NAG OA . -13.57 -72.03 34.67
C1 NAG OA . -9.35 -70.80 28.24
C2 NAG OA . -8.72 -72.12 27.80
C3 NAG OA . -9.59 -72.84 26.74
C4 NAG OA . -10.29 -71.94 25.70
C5 NAG OA . -10.72 -70.58 26.24
C6 NAG OA . -12.17 -70.22 25.88
C7 NAG OA . -6.29 -72.61 27.30
C8 NAG OA . -5.07 -72.15 26.53
N2 NAG OA . -7.41 -71.87 27.16
O3 NAG OA . -10.55 -73.62 27.49
O4 NAG OA . -9.42 -71.75 24.55
O5 NAG OA . -10.62 -70.53 27.66
O6 NAG OA . -13.08 -70.84 26.80
O7 NAG OA . -6.24 -73.61 28.01
C1 MAN OA . -10.02 -71.47 23.24
C2 MAN OA . -10.48 -72.78 22.56
C3 MAN OA . -10.33 -72.76 21.03
C4 MAN OA . -8.93 -72.27 20.60
C5 MAN OA . -8.15 -71.60 21.73
C6 MAN OA . -6.90 -70.86 21.24
O2 MAN OA . -11.83 -73.04 22.95
O3 MAN OA . -11.42 -72.03 20.40
O4 MAN OA . -8.09 -73.35 20.16
O5 MAN OA . -9.10 -70.75 22.40
O6 MAN OA . -5.82 -71.09 22.17
C1 MAN OA . -12.63 -72.86 20.25
C2 MAN OA . -12.74 -73.59 18.88
C3 MAN OA . -13.87 -72.96 18.07
C4 MAN OA . -15.19 -72.96 18.85
C5 MAN OA . -15.08 -72.19 20.17
C6 MAN OA . -16.27 -72.47 21.07
O2 MAN OA . -12.97 -75.00 19.02
O3 MAN OA . -14.00 -73.66 16.83
O4 MAN OA . -16.25 -72.36 18.11
O5 MAN OA . -13.86 -72.44 20.90
O6 MAN OA . -17.49 -72.18 20.39
C1 NAG PA . 25.48 -74.07 70.29
C2 NAG PA . 25.45 -73.26 71.60
C3 NAG PA . 25.85 -71.82 71.30
C4 NAG PA . 27.30 -71.81 70.83
C5 NAG PA . 27.51 -72.74 69.61
C6 NAG PA . 28.99 -73.16 69.45
C7 NAG PA . 23.82 -73.12 73.43
C8 NAG PA . 22.38 -73.05 73.80
N2 NAG PA . 24.09 -73.20 72.12
O3 NAG PA . 25.69 -70.94 72.43
O4 NAG PA . 27.64 -70.42 70.50
O5 NAG PA . 26.73 -73.95 69.63
O6 NAG PA . 29.13 -74.58 69.32
O7 NAG PA . 24.68 -73.08 74.29
C1 NAG PA . 29.06 -70.04 70.51
C2 NAG PA . 29.40 -68.77 69.70
C3 NAG PA . 29.86 -67.63 70.62
C4 NAG PA . 31.08 -68.01 71.49
C5 NAG PA . 31.00 -69.49 71.91
C6 NAG PA . 31.52 -69.73 73.33
C7 NAG PA . 30.45 -68.82 67.42
C8 NAG PA . 31.73 -69.16 66.69
N2 NAG PA . 30.49 -69.03 68.75
O3 NAG PA . 28.79 -67.24 71.48
O4 NAG PA . 32.25 -67.67 70.70
O5 NAG PA . 29.64 -69.97 71.83
O6 NAG PA . 30.61 -69.21 74.31
O7 NAG PA . 29.47 -68.41 66.81
C1 MAN PA . 33.58 -67.75 71.28
C2 MAN PA . 33.82 -66.91 72.54
C3 MAN PA . 33.93 -65.41 72.24
C4 MAN PA . 34.84 -65.11 71.05
C5 MAN PA . 34.47 -66.00 69.87
C6 MAN PA . 35.34 -65.75 68.64
O2 MAN PA . 35.03 -67.38 73.17
O3 MAN PA . 34.41 -64.69 73.43
O4 MAN PA . 34.71 -63.73 70.68
O5 MAN PA . 34.55 -67.37 70.28
O6 MAN PA . 34.58 -65.08 67.62
C1 MAN PA . 33.35 -64.23 74.32
C2 MAN PA . 33.67 -63.14 75.34
C3 MAN PA . 34.57 -63.71 76.44
C4 MAN PA . 33.96 -64.94 77.08
C5 MAN PA . 33.46 -65.94 76.04
C6 MAN PA . 32.61 -67.04 76.68
O2 MAN PA . 32.43 -62.67 75.89
O3 MAN PA . 34.81 -62.73 77.46
O4 MAN PA . 34.96 -65.57 77.90
O5 MAN PA . 32.68 -65.29 75.03
O6 MAN PA . 31.32 -66.53 77.02
C1 NAG QA . -7.25 -4.30 28.35
C2 NAG QA . -8.20 -3.04 28.47
C3 NAG QA . -9.36 -3.05 27.42
C4 NAG QA . -9.03 -3.76 26.09
C5 NAG QA . -8.55 -5.17 26.42
C6 NAG QA . -8.39 -6.14 25.22
C7 NAG QA . -8.60 -2.38 30.95
C8 NAG QA . -9.65 -2.41 32.03
N2 NAG QA . -8.96 -2.92 29.77
O3 NAG QA . -9.82 -1.73 27.07
O4 NAG QA . -10.19 -3.72 25.24
O5 NAG QA . -7.28 -5.01 27.07
O6 NAG QA . -8.56 -7.50 25.63
O7 NAG QA . -7.49 -1.89 31.19
C1 BMA RA . -19.44 -4.67 13.00
C2 BMA RA . -19.04 -4.28 14.41
C3 BMA RA . -18.70 -5.42 15.34
C4 BMA RA . -19.88 -6.38 15.38
C5 BMA RA . -20.34 -6.78 13.96
C6 BMA RA . -21.66 -7.59 13.96
O2 BMA RA . -20.15 -3.53 14.93
O3 BMA RA . -18.38 -4.88 16.63
O4 BMA RA . -19.54 -7.55 16.12
O5 BMA RA . -20.48 -5.66 13.07
O6 BMA RA . -22.37 -7.62 15.21
C1 NAG SA . -23.79 53.39 -48.44
C2 NAG SA . -23.76 54.71 -49.25
C3 NAG SA . -25.15 55.34 -49.50
C4 NAG SA . -26.12 54.31 -50.09
C5 NAG SA . -26.12 53.03 -49.22
C6 NAG SA . -26.76 51.89 -50.00
C7 NAG SA . -21.78 56.16 -48.77
C8 NAG SA . -21.22 57.20 -47.84
N2 NAG SA . -23.02 55.73 -48.49
O3 NAG SA . -25.09 56.45 -50.41
O4 NAG SA . -27.42 54.94 -50.22
O5 NAG SA . -24.84 52.50 -48.83
O6 NAG SA . -26.63 50.71 -49.22
O7 NAG SA . -21.11 55.76 -49.71
C1 NAG TA . 3.02 18.79 -33.04
C2 NAG TA . 2.44 17.40 -32.61
C3 NAG TA . 2.76 16.24 -33.58
C4 NAG TA . 3.67 16.66 -34.73
C5 NAG TA . 4.77 17.53 -34.12
C6 NAG TA . 6.00 17.62 -35.01
C7 NAG TA . 2.50 15.97 -30.55
C8 NAG TA . 3.28 15.63 -29.31
N2 NAG TA . 3.02 16.93 -31.34
O3 NAG TA . 1.55 15.65 -34.07
O4 NAG TA . 4.19 15.49 -35.40
O5 NAG TA . 4.20 18.83 -33.86
O6 NAG TA . 6.66 16.33 -35.03
O7 NAG TA . 1.44 15.39 -30.81
C1 NAG UA . 9.86 -32.52 -77.71
C2 NAG UA . 10.19 -33.08 -79.11
C3 NAG UA . 11.56 -32.54 -79.58
C4 NAG UA . 11.63 -31.00 -79.43
C5 NAG UA . 11.27 -30.53 -78.01
C6 NAG UA . 11.18 -29.00 -77.88
C7 NAG UA . 9.76 -35.29 -80.14
C8 NAG UA . 9.69 -36.77 -79.91
N2 NAG UA . 10.08 -34.54 -79.07
O3 NAG UA . 11.77 -32.92 -80.96
O4 NAG UA . 12.93 -30.45 -79.77
O5 NAG UA . 10.00 -31.08 -77.64
O6 NAG UA . 12.45 -28.47 -77.47
O7 NAG UA . 9.56 -34.83 -81.24
C1 NAG VA . 5.53 15.48 -3.80
C2 NAG VA . 4.00 15.53 -3.87
C3 NAG VA . 3.45 15.47 -5.30
C4 NAG VA . 4.23 16.37 -6.29
C5 NAG VA . 5.77 16.22 -6.21
C6 NAG VA . 6.45 17.40 -6.92
C7 NAG VA . 2.99 14.31 -1.90
C8 NAG VA . 2.64 12.94 -1.37
N2 NAG VA . 3.54 14.34 -3.11
O3 NAG VA . 2.04 15.80 -5.32
O4 NAG VA . 3.80 16.11 -7.65
O5 NAG VA . 6.25 16.17 -4.85
O6 NAG VA . 7.44 16.98 -7.87
O7 NAG VA . 2.76 15.31 -1.22
C1 NAG WA . 47.17 -14.23 18.19
C2 NAG WA . 47.17 -14.92 19.60
C3 NAG WA . 47.57 -16.42 19.40
C4 NAG WA . 46.93 -17.10 18.16
C5 NAG WA . 46.88 -16.21 16.90
C6 NAG WA . 46.00 -16.77 15.80
C7 NAG WA . 47.98 -13.29 21.49
C8 NAG WA . 49.21 -12.77 22.18
N2 NAG WA . 48.16 -14.20 20.48
O3 NAG WA . 47.26 -17.28 20.52
O4 NAG WA . 47.68 -18.30 17.87
O5 NAG WA . 46.35 -14.93 17.24
O6 NAG WA . 46.71 -17.76 15.04
O7 NAG WA . 46.89 -12.87 21.87
C1 NAG XA . 41.20 -4.46 -0.07
C2 NAG XA . 41.64 -3.51 -1.20
C3 NAG XA . 42.35 -4.17 -2.40
C4 NAG XA . 43.33 -5.27 -2.03
C5 NAG XA . 42.80 -6.17 -0.89
C6 NAG XA . 43.93 -7.07 -0.31
C7 NAG XA . 40.16 -1.59 -1.68
C8 NAG XA . 38.85 -1.18 -2.31
N2 NAG XA . 40.42 -2.90 -1.74
O3 NAG XA . 43.10 -3.20 -3.17
O4 NAG XA . 43.73 -5.98 -3.24
O5 NAG XA . 42.23 -5.40 0.20
O6 NAG XA . 43.48 -8.18 0.48
O7 NAG XA . 40.90 -0.77 -1.15
C1 NAG YA . 0.43 39.26 -0.11
C2 NAG YA . 1.54 40.25 0.22
C3 NAG YA . 1.50 40.78 1.67
C4 NAG YA . 0.16 40.65 2.43
C5 NAG YA . -0.94 39.81 1.77
C6 NAG YA . -2.35 40.28 2.17
C7 NAG YA . 3.87 39.95 -0.63
C8 NAG YA . 5.08 39.05 -0.61
N2 NAG YA . 2.82 39.54 0.09
O3 NAG YA . 1.84 42.18 1.64
O4 NAG YA . 0.44 40.08 3.73
O5 NAG YA . -0.79 39.82 0.35
O6 NAG YA . -2.89 39.50 3.24
O7 NAG YA . 3.88 40.98 -1.29
C1 NAG ZA . -39.19 -65.95 35.09
C2 NAG ZA . -40.45 -66.56 35.76
C3 NAG ZA . -40.30 -67.98 36.38
C4 NAG ZA . -39.36 -68.90 35.56
C5 NAG ZA . -38.11 -68.12 35.07
C6 NAG ZA . -37.20 -68.93 34.14
C7 NAG ZA . -41.26 -64.58 37.03
C8 NAG ZA . -41.25 -63.97 38.43
N2 NAG ZA . -40.63 -65.75 36.96
O3 NAG ZA . -41.60 -68.59 36.61
O4 NAG ZA . -39.04 -70.08 36.36
O5 NAG ZA . -38.48 -66.94 34.32
O6 NAG ZA . -36.38 -69.88 34.87
O7 NAG ZA . -41.79 -64.06 36.06
#